data_7KDV
#
_entry.id   7KDV
#
_cell.length_a   1.00
_cell.length_b   1.00
_cell.length_c   1.00
_cell.angle_alpha   90.00
_cell.angle_beta   90.00
_cell.angle_gamma   90.00
#
_symmetry.space_group_name_H-M   'P 1'
#
loop_
_entity.id
_entity.type
_entity.pdbx_description
1 polymer Beta-galactosidase
2 polymer 'Lysosomal protective protein'
3 branched 2-acetamido-2-deoxy-beta-D-glucopyranose-(1-4)-2-acetamido-2-deoxy-beta-D-glucopyranose
4 branched beta-D-mannopyranose-(1-4)-2-acetamido-2-deoxy-beta-D-glucopyranose-(1-4)-2-acetamido-2-deoxy-beta-D-glucopyranose
5 non-polymer 2-acetamido-2-deoxy-beta-D-glucopyranose
#
loop_
_entity_poly.entity_id
_entity_poly.type
_entity_poly.pdbx_seq_one_letter_code
_entity_poly.pdbx_strand_id
1 'polypeptide(L)'
;DRHHHHHHGSVTQRTFKLDYSRDRFLKDGQPFRYISGSIHYFRIPRFYWEDRLLKMKMAGLNAIQMYVPWNFHEPQPGQY
EFSGDRDVEHFIQLAHELGLLVILRPGPYICAEWDMGGLPAWLLEKQSIVLRSSDPDYLVAVDKWLAVLLPKMKPLLYQN
GGPIITVQVENEYGSYFACDYDYLRFLVHRFRYHLGNDVILFTTDGASEKMLKCGTLQDLYATVDFGTGNNITQAFLVQR
KFEPKGPLINSEFYTGWLDHWGKPHSTVKTKTLATSLYNLLARGANVNLYMFIGGTNFAYWNGANTPYEPQPTSYDYDAP
LSEAGDLTKKYFALREVIQMFKEVPEGPIPPSTPKFAYGKVALRKFKTVAEALGILCPNGPVKSLYPLTFTQVKQYFGYV
LYRTTLPQDCSNPKPIFSSPFNGVRDRAYVSVDGVPQGILDRNLMTALNIQGKAGATLDILVENMGRVNYGRFINDFKGL
ISNMTINSTVLTNWTVFPLDTEAMVRNHLWGREASDGGHLDGRSTSNSSDLILPTFYVGNFSIPSGIPDLPQDTFIQFPG
WSKGQVWINGFNLGRYWPTMGPQKTLFVPRNILTTSAPNNITVLELEFAPCSEGTPELCTVEFVDTPVIS
;
A,C,E,G,I,K
2 'polypeptide(L)'
;DRHHHHHHGSAPDQDEIDALPGLAKQPSFRQYSGYLRASDSKHFHYWFVESQNDPKNSPVVLWLNGGPGCSSLDGLLTEH
GPFLIQPDGVTLEYNPYAWNLIANVLYIESPAGVGFSYSDDKMYVTNDTEVAENNYEALKDFFRLFPEYKDNKLFLTGES
YAGIYIPTLAVLVMQDPSMNLQGLAVGNGLASYEQNDNSLVYFAYYHGLLGNRLWTSLQTHCCAQNKCNFYDNKDPECVN
NLLEVSRIVGKSGLNIYNLYAPCAGGVPGRHRYEDTLVVQDFGNIFTRLPLKRRFPEALMRSGDKVRLDPPCTNTTAPSN
YLNNPYVRKALHIPESLPRWDMCNFLVNLQYRRLYQSMNSQYLKLLSSQKYQILLYNGDVDMACNFMGDEWFVDSLNQKM
EVQRRPWLVDYGESGEQVAGFVKECSHITFLTIKGAGHMVPTDKPRAAFTMFSRFLNKEPY
;
B,D,F,H,J,L
#
# COMPACT_ATOMS: atom_id res chain seq x y z
N THR A 12 56.93 -16.84 -42.43
CA THR A 12 56.28 -17.48 -41.30
C THR A 12 57.07 -17.26 -40.02
N GLN A 13 58.19 -16.53 -40.13
CA GLN A 13 59.00 -16.24 -38.97
C GLN A 13 58.26 -15.30 -38.02
N ARG A 14 58.44 -15.52 -36.72
CA ARG A 14 57.68 -14.80 -35.71
C ARG A 14 58.45 -13.54 -35.33
N THR A 15 57.96 -12.40 -35.80
CA THR A 15 58.63 -11.11 -35.62
C THR A 15 57.73 -10.24 -34.76
N PHE A 16 57.97 -10.26 -33.46
CA PHE A 16 57.28 -9.38 -32.52
C PHE A 16 58.21 -8.26 -32.08
N LYS A 17 57.75 -7.03 -32.24
CA LYS A 17 58.54 -5.90 -31.76
C LYS A 17 57.65 -4.67 -31.64
N LEU A 18 58.09 -3.74 -30.79
CA LEU A 18 57.32 -2.52 -30.57
C LEU A 18 57.37 -1.64 -31.82
N ASP A 19 56.20 -1.09 -32.19
CA ASP A 19 56.08 -0.19 -33.33
C ASP A 19 55.99 1.23 -32.79
N TYR A 20 57.16 1.88 -32.74
CA TYR A 20 57.23 3.26 -32.25
C TYR A 20 56.45 4.20 -33.17
N SER A 21 56.59 4.02 -34.49
CA SER A 21 55.87 4.82 -35.45
C SER A 21 54.37 4.85 -35.16
N ARG A 22 53.77 3.69 -34.95
CA ARG A 22 52.32 3.63 -34.82
C ARG A 22 51.88 3.32 -33.39
N ASP A 23 52.75 3.57 -32.41
CA ASP A 23 52.40 3.50 -31.00
C ASP A 23 51.72 2.19 -30.61
N ARG A 24 52.34 1.07 -30.96
CA ARG A 24 51.66 -0.19 -30.70
C ARG A 24 52.68 -1.32 -30.61
N PHE A 25 52.21 -2.56 -30.65
CA PHE A 25 53.07 -3.69 -30.90
C PHE A 25 52.85 -4.16 -32.33
N LEU A 26 53.83 -4.86 -32.88
CA LEU A 26 53.65 -5.56 -34.13
C LEU A 26 53.96 -7.03 -33.90
N LYS A 27 53.00 -7.89 -34.24
CA LYS A 27 53.13 -9.33 -34.18
C LYS A 27 52.99 -9.88 -35.59
N ASP A 28 54.07 -10.49 -36.10
CA ASP A 28 54.13 -10.96 -37.47
C ASP A 28 53.67 -9.89 -38.45
N GLY A 29 54.13 -8.66 -38.22
CA GLY A 29 53.81 -7.58 -39.12
C GLY A 29 52.43 -6.98 -38.94
N GLN A 30 51.65 -7.47 -38.01
CA GLN A 30 50.30 -6.99 -37.84
C GLN A 30 50.20 -6.14 -36.59
N PRO A 31 49.40 -5.08 -36.60
CA PRO A 31 49.25 -4.28 -35.39
C PRO A 31 48.68 -5.14 -34.29
N PHE A 32 49.11 -4.87 -33.07
CA PHE A 32 48.71 -5.72 -31.97
C PHE A 32 48.69 -4.89 -30.71
N ARG A 33 47.67 -5.12 -29.90
CA ARG A 33 47.67 -4.73 -28.52
C ARG A 33 47.04 -5.84 -27.70
N TYR A 34 47.54 -6.02 -26.49
CA TYR A 34 47.15 -7.13 -25.63
C TYR A 34 46.17 -6.69 -24.56
N ILE A 35 45.28 -7.60 -24.20
CA ILE A 35 44.32 -7.44 -23.12
C ILE A 35 44.55 -8.65 -22.24
N SER A 36 45.22 -8.43 -21.12
CA SER A 36 45.78 -9.50 -20.29
C SER A 36 45.13 -9.52 -18.91
N GLY A 37 45.29 -10.64 -18.23
CA GLY A 37 44.94 -10.73 -16.82
C GLY A 37 46.05 -11.42 -16.06
N SER A 38 46.28 -10.96 -14.83
CA SER A 38 47.25 -11.58 -13.96
C SER A 38 46.72 -12.89 -13.38
N ILE A 39 47.57 -13.92 -13.40
CA ILE A 39 47.30 -15.18 -12.72
C ILE A 39 48.61 -15.65 -12.11
N HIS A 40 48.60 -15.93 -10.82
CA HIS A 40 49.78 -16.46 -10.15
C HIS A 40 49.65 -17.97 -10.03
N TYR A 41 50.46 -18.69 -10.81
CA TYR A 41 50.41 -20.15 -10.76
C TYR A 41 50.71 -20.68 -9.38
N PHE A 42 51.36 -19.88 -8.55
CA PHE A 42 51.81 -20.30 -7.23
C PHE A 42 50.78 -20.04 -6.14
N ARG A 43 49.94 -19.02 -6.29
CA ARG A 43 48.85 -18.86 -5.35
C ARG A 43 47.66 -19.75 -5.66
N ILE A 44 47.74 -20.57 -6.71
CA ILE A 44 46.70 -21.56 -6.98
C ILE A 44 47.36 -22.90 -7.18
N PRO A 45 46.80 -23.98 -6.68
CA PRO A 45 47.43 -25.29 -6.87
C PRO A 45 47.47 -25.71 -8.33
N ARG A 46 48.53 -26.40 -8.70
CA ARG A 46 48.71 -26.84 -10.09
C ARG A 46 47.55 -27.69 -10.57
N PHE A 47 46.94 -28.47 -9.68
CA PHE A 47 45.76 -29.25 -10.00
C PHE A 47 44.73 -28.42 -10.75
N TYR A 48 44.62 -27.14 -10.42
CA TYR A 48 43.62 -26.22 -10.95
C TYR A 48 44.16 -25.21 -11.95
N TRP A 49 45.45 -25.25 -12.29
CA TRP A 49 45.99 -24.24 -13.21
C TRP A 49 45.20 -24.16 -14.49
N GLU A 50 45.16 -25.26 -15.25
CA GLU A 50 44.41 -25.30 -16.49
C GLU A 50 43.08 -24.58 -16.33
N ASP A 51 42.35 -24.93 -15.27
CA ASP A 51 41.01 -24.40 -15.07
C ASP A 51 40.99 -22.89 -15.17
N ARG A 52 41.80 -22.24 -14.33
CA ARG A 52 41.79 -20.79 -14.33
C ARG A 52 42.23 -20.26 -15.69
N LEU A 53 43.26 -20.87 -16.26
CA LEU A 53 43.77 -20.37 -17.52
C LEU A 53 42.72 -20.51 -18.60
N LEU A 54 42.02 -21.65 -18.63
CA LEU A 54 40.95 -21.77 -19.60
C LEU A 54 39.88 -20.71 -19.37
N LYS A 55 39.51 -20.46 -18.11
CA LYS A 55 38.56 -19.39 -17.86
C LYS A 55 39.13 -18.07 -18.38
N MET A 56 40.42 -17.88 -18.18
CA MET A 56 41.04 -16.66 -18.68
C MET A 56 40.90 -16.58 -20.19
N LYS A 57 41.18 -17.67 -20.90
CA LYS A 57 40.93 -17.66 -22.33
C LYS A 57 39.47 -17.39 -22.62
N MET A 58 38.57 -18.03 -21.87
CA MET A 58 37.17 -17.80 -22.16
C MET A 58 36.76 -16.38 -21.86
N ALA A 59 37.52 -15.68 -21.02
CA ALA A 59 37.18 -14.28 -20.80
C ALA A 59 37.57 -13.40 -21.98
N GLY A 60 38.39 -13.92 -22.88
CA GLY A 60 38.84 -13.20 -24.05
C GLY A 60 40.23 -12.61 -23.94
N LEU A 61 40.92 -12.84 -22.84
CA LEU A 61 42.31 -12.40 -22.72
C LEU A 61 43.19 -13.18 -23.69
N ASN A 62 44.16 -12.49 -24.29
CA ASN A 62 45.12 -13.11 -25.19
C ASN A 62 46.52 -13.20 -24.61
N ALA A 63 46.73 -12.76 -23.38
CA ALA A 63 48.02 -12.82 -22.72
C ALA A 63 47.80 -12.90 -21.21
N ILE A 64 48.80 -13.40 -20.50
CA ILE A 64 48.79 -13.27 -19.06
C ILE A 64 50.02 -12.53 -18.58
N GLN A 65 49.89 -11.92 -17.40
CA GLN A 65 50.97 -11.21 -16.71
C GLN A 65 51.18 -11.88 -15.36
N MET A 66 52.32 -12.56 -15.20
CA MET A 66 52.54 -13.35 -14.00
C MET A 66 53.93 -13.06 -13.44
N TYR A 67 54.06 -13.29 -12.14
CA TYR A 67 55.30 -13.09 -11.43
C TYR A 67 56.02 -14.42 -11.23
N VAL A 68 57.34 -14.37 -11.23
CA VAL A 68 58.13 -15.54 -10.83
C VAL A 68 58.69 -15.24 -9.46
N PRO A 69 58.14 -15.79 -8.39
CA PRO A 69 58.69 -15.55 -7.05
C PRO A 69 59.96 -16.35 -6.81
N TRP A 70 61.07 -15.64 -6.67
CA TRP A 70 62.37 -16.28 -6.50
C TRP A 70 62.35 -17.23 -5.30
N ASN A 71 61.76 -16.79 -4.20
CA ASN A 71 61.68 -17.57 -2.98
C ASN A 71 60.85 -18.83 -3.14
N PHE A 72 59.93 -18.86 -4.10
CA PHE A 72 59.13 -20.06 -4.32
C PHE A 72 59.97 -21.20 -4.89
N HIS A 73 61.03 -20.89 -5.62
CA HIS A 73 61.84 -21.93 -6.25
C HIS A 73 63.17 -22.18 -5.54
N GLU A 74 63.68 -21.26 -4.74
CA GLU A 74 64.95 -21.46 -4.05
C GLU A 74 64.80 -21.12 -2.58
N PRO A 75 64.21 -22.02 -1.79
CA PRO A 75 64.00 -21.71 -0.38
C PRO A 75 65.31 -21.61 0.38
N GLN A 76 66.32 -22.35 -0.04
CA GLN A 76 67.66 -22.36 0.54
C GLN A 76 68.68 -22.14 -0.57
N PRO A 77 69.77 -21.43 -0.28
CA PRO A 77 70.70 -21.03 -1.35
C PRO A 77 71.24 -22.24 -2.11
N GLY A 78 71.06 -22.22 -3.43
CA GLY A 78 71.57 -23.28 -4.25
C GLY A 78 70.67 -24.49 -4.33
N GLN A 79 69.56 -24.48 -3.60
CA GLN A 79 68.56 -25.54 -3.70
C GLN A 79 67.36 -25.04 -4.51
N TYR A 80 67.06 -25.73 -5.60
CA TYR A 80 66.06 -25.29 -6.56
C TYR A 80 64.98 -26.36 -6.70
N GLU A 81 63.74 -25.92 -6.79
CA GLU A 81 62.60 -26.83 -6.98
C GLU A 81 61.82 -26.37 -8.20
N PHE A 82 61.65 -27.26 -9.17
CA PHE A 82 61.03 -26.89 -10.43
C PHE A 82 60.13 -27.98 -11.02
N SER A 83 59.69 -28.95 -10.23
CA SER A 83 58.93 -30.06 -10.74
C SER A 83 57.55 -30.11 -10.08
N GLY A 84 56.57 -30.60 -10.85
CA GLY A 84 55.21 -30.71 -10.33
C GLY A 84 54.65 -29.36 -9.98
N ASP A 85 54.23 -29.21 -8.72
CA ASP A 85 53.74 -27.91 -8.24
C ASP A 85 54.80 -26.83 -8.39
N ARG A 86 56.05 -27.21 -8.48
CA ARG A 86 57.15 -26.27 -8.64
C ARG A 86 57.51 -26.01 -10.11
N ASP A 87 56.77 -26.59 -11.05
CA ASP A 87 57.19 -26.56 -12.45
C ASP A 87 56.57 -25.37 -13.19
N VAL A 88 57.18 -24.20 -13.00
CA VAL A 88 56.68 -22.99 -13.65
C VAL A 88 56.73 -23.16 -15.16
N GLU A 89 57.80 -23.79 -15.65
CA GLU A 89 57.99 -23.93 -17.09
C GLU A 89 56.83 -24.72 -17.69
N HIS A 90 56.37 -25.75 -16.98
CA HIS A 90 55.18 -26.47 -17.42
C HIS A 90 53.96 -25.55 -17.45
N PHE A 91 53.86 -24.63 -16.50
CA PHE A 91 52.73 -23.71 -16.48
C PHE A 91 52.73 -22.83 -17.72
N ILE A 92 53.90 -22.30 -18.07
CA ILE A 92 54.02 -21.49 -19.28
C ILE A 92 53.69 -22.32 -20.50
N GLN A 93 54.20 -23.55 -20.55
CA GLN A 93 53.92 -24.42 -21.70
C GLN A 93 52.42 -24.68 -21.81
N LEU A 94 51.75 -24.89 -20.68
CA LEU A 94 50.31 -25.12 -20.69
C LEU A 94 49.57 -23.90 -21.23
N ALA A 95 49.96 -22.71 -20.77
CA ALA A 95 49.36 -21.49 -21.29
C ALA A 95 49.53 -21.41 -22.81
N HIS A 96 50.74 -21.67 -23.30
CA HIS A 96 50.97 -21.69 -24.74
C HIS A 96 50.06 -22.70 -25.43
N GLU A 97 49.89 -23.86 -24.82
CA GLU A 97 49.04 -24.87 -25.42
C GLU A 97 47.60 -24.41 -25.50
N LEU A 98 47.18 -23.55 -24.57
CA LEU A 98 45.84 -22.99 -24.64
C LEU A 98 45.70 -21.84 -25.63
N GLY A 99 46.78 -21.42 -26.27
CA GLY A 99 46.72 -20.31 -27.20
C GLY A 99 46.79 -18.95 -26.55
N LEU A 100 47.34 -18.89 -25.34
CA LEU A 100 47.50 -17.65 -24.60
C LEU A 100 48.94 -17.18 -24.68
N LEU A 101 49.13 -15.87 -24.82
CA LEU A 101 50.50 -15.37 -24.78
C LEU A 101 50.88 -15.09 -23.33
N VAL A 102 52.16 -14.88 -23.07
CA VAL A 102 52.63 -14.68 -21.71
C VAL A 102 53.49 -13.43 -21.58
N ILE A 103 53.18 -12.60 -20.60
CA ILE A 103 54.02 -11.51 -20.14
C ILE A 103 54.69 -12.00 -18.87
N LEU A 104 56.01 -12.18 -18.90
CA LEU A 104 56.72 -12.73 -17.75
C LEU A 104 57.29 -11.61 -16.90
N ARG A 105 57.12 -11.71 -15.59
CA ARG A 105 57.60 -10.72 -14.64
C ARG A 105 58.47 -11.41 -13.59
N PRO A 106 59.75 -11.64 -13.90
CA PRO A 106 60.59 -12.47 -13.02
C PRO A 106 61.27 -11.72 -11.88
N GLY A 107 60.94 -10.46 -11.66
CA GLY A 107 61.43 -9.74 -10.50
C GLY A 107 62.83 -9.21 -10.75
N PRO A 108 63.74 -9.42 -9.79
CA PRO A 108 63.69 -10.39 -8.71
C PRO A 108 62.78 -10.00 -7.54
N TYR A 109 62.35 -8.74 -7.47
CA TYR A 109 61.36 -8.34 -6.48
C TYR A 109 60.02 -8.20 -7.19
N ILE A 110 58.97 -8.77 -6.60
CA ILE A 110 57.66 -8.76 -7.23
C ILE A 110 56.61 -8.06 -6.40
N CYS A 111 56.91 -7.72 -5.14
CA CYS A 111 55.92 -7.13 -4.23
C CYS A 111 54.78 -8.12 -4.05
N ALA A 112 53.64 -7.83 -4.68
CA ALA A 112 52.62 -8.82 -4.97
C ALA A 112 51.94 -9.33 -3.72
N GLU A 113 52.09 -8.62 -2.60
CA GLU A 113 51.60 -9.10 -1.31
C GLU A 113 52.09 -10.52 -1.06
N TRP A 114 53.35 -10.73 -1.43
CA TRP A 114 54.01 -12.03 -1.33
C TRP A 114 55.25 -11.88 -0.48
N ASP A 115 55.68 -12.96 0.15
CA ASP A 115 56.67 -12.85 1.22
C ASP A 115 57.97 -12.23 0.72
N MET A 116 58.39 -11.16 1.40
CA MET A 116 59.68 -10.49 1.17
C MET A 116 59.86 -10.11 -0.29
N GLY A 117 58.75 -9.88 -0.98
CA GLY A 117 58.79 -9.51 -2.39
C GLY A 117 59.47 -10.54 -3.25
N GLY A 118 59.44 -11.80 -2.84
CA GLY A 118 60.00 -12.87 -3.61
C GLY A 118 61.44 -13.20 -3.27
N LEU A 119 62.11 -12.33 -2.54
CA LEU A 119 63.51 -12.52 -2.22
C LEU A 119 63.68 -13.55 -1.11
N PRO A 120 64.66 -14.43 -1.23
CA PRO A 120 64.83 -15.48 -0.22
C PRO A 120 65.34 -14.90 1.10
N ALA A 121 64.77 -15.41 2.19
CA ALA A 121 65.10 -14.87 3.51
C ALA A 121 66.55 -15.08 3.87
N TRP A 122 67.19 -16.13 3.34
CA TRP A 122 68.58 -16.37 3.64
C TRP A 122 69.52 -15.29 3.12
N LEU A 123 69.04 -14.41 2.23
CA LEU A 123 69.82 -13.24 1.88
C LEU A 123 70.17 -12.44 3.13
N LEU A 124 69.28 -12.44 4.11
CA LEU A 124 69.46 -11.69 5.35
C LEU A 124 70.51 -12.30 6.27
N GLU A 125 71.17 -13.39 5.86
CA GLU A 125 72.26 -13.92 6.68
C GLU A 125 73.41 -12.93 6.81
N LYS A 126 73.58 -12.03 5.85
CA LYS A 126 74.39 -10.83 6.04
C LYS A 126 73.51 -9.76 6.66
N GLN A 127 73.81 -9.40 7.91
CA GLN A 127 72.88 -8.59 8.70
C GLN A 127 72.66 -7.23 8.07
N SER A 128 73.71 -6.58 7.58
CA SER A 128 73.59 -5.24 7.04
C SER A 128 73.43 -5.22 5.53
N ILE A 129 73.28 -6.38 4.89
CA ILE A 129 73.15 -6.45 3.44
C ILE A 129 71.98 -5.55 3.02
N VAL A 130 72.02 -5.05 1.79
CA VAL A 130 70.96 -4.19 1.28
C VAL A 130 70.33 -4.88 0.07
N LEU A 131 69.01 -4.98 0.09
CA LEU A 131 68.27 -5.53 -1.04
C LEU A 131 67.90 -4.43 -2.02
N ARG A 132 67.76 -4.81 -3.29
CA ARG A 132 67.37 -3.90 -4.36
C ARG A 132 68.30 -2.69 -4.40
N SER A 133 69.60 -2.99 -4.46
CA SER A 133 70.64 -1.97 -4.54
C SER A 133 71.84 -2.58 -5.26
N SER A 134 72.93 -1.82 -5.32
CA SER A 134 74.17 -2.29 -5.91
C SER A 134 75.05 -3.05 -4.93
N ASP A 135 74.52 -3.43 -3.78
CA ASP A 135 75.22 -4.30 -2.85
C ASP A 135 75.85 -5.49 -3.58
N PRO A 136 77.17 -5.64 -3.53
CA PRO A 136 77.82 -6.67 -4.36
C PRO A 136 77.29 -8.06 -4.10
N ASP A 137 76.94 -8.38 -2.85
CA ASP A 137 76.45 -9.71 -2.53
C ASP A 137 75.03 -9.88 -3.03
N TYR A 138 74.24 -8.81 -2.96
CA TYR A 138 72.89 -8.83 -3.51
C TYR A 138 72.96 -9.02 -5.01
N LEU A 139 73.81 -8.25 -5.67
CA LEU A 139 73.90 -8.32 -7.13
C LEU A 139 74.37 -9.69 -7.55
N VAL A 140 75.32 -10.26 -6.81
CA VAL A 140 75.81 -11.60 -7.12
C VAL A 140 74.69 -12.63 -7.00
N ALA A 141 73.92 -12.55 -5.91
CA ALA A 141 72.85 -13.52 -5.72
C ALA A 141 71.76 -13.38 -6.77
N VAL A 142 71.35 -12.14 -7.04
CA VAL A 142 70.44 -11.86 -8.14
C VAL A 142 70.97 -12.45 -9.45
N ASP A 143 72.24 -12.18 -9.76
CA ASP A 143 72.81 -12.69 -11.01
C ASP A 143 72.72 -14.20 -11.07
N LYS A 144 73.02 -14.88 -9.95
CA LYS A 144 73.00 -16.33 -9.95
C LYS A 144 71.58 -16.85 -10.16
N TRP A 145 70.62 -16.21 -9.51
CA TRP A 145 69.22 -16.58 -9.68
C TRP A 145 68.80 -16.40 -11.13
N LEU A 146 69.12 -15.25 -11.73
CA LEU A 146 68.81 -15.03 -13.13
C LEU A 146 69.47 -16.08 -14.02
N ALA A 147 70.76 -16.36 -13.77
CA ALA A 147 71.46 -17.35 -14.56
C ALA A 147 70.85 -18.73 -14.45
N VAL A 148 70.09 -18.97 -13.39
CA VAL A 148 69.36 -20.24 -13.25
C VAL A 148 68.00 -20.17 -13.91
N LEU A 149 67.22 -19.15 -13.59
CA LEU A 149 65.84 -19.02 -14.06
C LEU A 149 65.73 -18.70 -15.54
N LEU A 150 66.44 -17.68 -16.01
CA LEU A 150 66.26 -17.20 -17.38
C LEU A 150 66.57 -18.23 -18.46
N PRO A 151 67.58 -19.09 -18.36
CA PRO A 151 67.72 -20.12 -19.41
C PRO A 151 66.55 -21.06 -19.49
N LYS A 152 65.83 -21.29 -18.40
CA LYS A 152 64.58 -22.03 -18.49
C LYS A 152 63.52 -21.26 -19.29
N MET A 153 63.50 -19.94 -19.19
CA MET A 153 62.53 -19.14 -19.91
C MET A 153 62.90 -18.93 -21.37
N LYS A 154 64.18 -19.00 -21.70
CA LYS A 154 64.65 -18.74 -23.06
C LYS A 154 63.89 -19.52 -24.13
N PRO A 155 63.72 -20.84 -24.04
CA PRO A 155 62.99 -21.52 -25.12
C PRO A 155 61.53 -21.14 -25.15
N LEU A 156 61.01 -20.57 -24.08
CA LEU A 156 59.62 -20.14 -24.02
C LEU A 156 59.42 -18.72 -24.56
N LEU A 157 60.48 -18.07 -25.02
CA LEU A 157 60.34 -16.73 -25.59
C LEU A 157 59.64 -16.79 -26.94
N TYR A 158 58.88 -15.74 -27.25
CA TYR A 158 58.08 -15.73 -28.47
C TYR A 158 58.94 -15.99 -29.69
N GLN A 159 60.13 -15.41 -29.73
CA GLN A 159 60.94 -15.52 -30.93
C GLN A 159 61.58 -16.89 -31.04
N ASN A 160 61.52 -17.69 -29.99
CA ASN A 160 61.98 -19.07 -30.01
C ASN A 160 60.82 -20.03 -30.11
N GLY A 161 59.60 -19.52 -30.28
CA GLY A 161 58.42 -20.30 -30.51
C GLY A 161 57.52 -20.50 -29.31
N GLY A 162 57.80 -19.83 -28.19
CA GLY A 162 56.96 -19.93 -27.03
C GLY A 162 56.03 -18.75 -26.85
N PRO A 163 55.37 -18.68 -25.70
CA PRO A 163 54.37 -17.64 -25.44
C PRO A 163 54.88 -16.36 -24.78
N ILE A 164 56.19 -16.19 -24.57
CA ILE A 164 56.69 -15.06 -23.80
C ILE A 164 56.97 -13.90 -24.75
N ILE A 165 56.26 -12.79 -24.55
CA ILE A 165 56.34 -11.66 -25.47
C ILE A 165 57.01 -10.44 -24.86
N THR A 166 56.85 -10.20 -23.57
CA THR A 166 57.49 -9.08 -22.89
C THR A 166 57.92 -9.52 -21.50
N VAL A 167 58.88 -8.79 -20.93
CA VAL A 167 59.45 -9.14 -19.64
C VAL A 167 59.59 -7.90 -18.77
N GLN A 168 59.01 -7.95 -17.57
CA GLN A 168 59.15 -6.90 -16.58
C GLN A 168 60.48 -7.07 -15.85
N VAL A 169 61.17 -5.95 -15.60
CA VAL A 169 62.39 -6.00 -14.80
C VAL A 169 62.20 -5.60 -13.34
N GLU A 170 61.18 -4.82 -13.01
CA GLU A 170 61.03 -4.41 -11.61
C GLU A 170 59.55 -4.29 -11.27
N ASN A 171 59.25 -3.55 -10.21
CA ASN A 171 57.87 -3.33 -9.81
C ASN A 171 57.83 -2.10 -8.92
N GLU A 172 57.25 -1.02 -9.40
CA GLU A 172 57.20 0.25 -8.69
C GLU A 172 58.55 0.59 -8.08
N TYR A 173 59.60 0.52 -8.90
CA TYR A 173 60.94 0.77 -8.38
C TYR A 173 61.06 2.19 -7.85
N GLY A 174 60.22 3.09 -8.34
CA GLY A 174 60.20 4.47 -7.91
C GLY A 174 59.75 4.66 -6.48
N SER A 175 59.13 3.64 -5.91
CA SER A 175 58.70 3.66 -4.53
C SER A 175 59.81 3.25 -3.57
N TYR A 176 60.91 2.71 -4.08
CA TYR A 176 61.98 2.24 -3.22
C TYR A 176 62.94 3.40 -2.97
N PHE A 177 63.56 3.38 -1.79
CA PHE A 177 64.37 4.52 -1.37
C PHE A 177 65.66 4.67 -2.18
N ALA A 178 66.19 3.57 -2.72
CA ALA A 178 67.56 3.58 -3.22
C ALA A 178 67.73 4.47 -4.44
N CYS A 179 66.76 4.46 -5.36
CA CYS A 179 66.88 5.22 -6.61
C CYS A 179 68.19 4.90 -7.32
N ASP A 180 68.55 3.62 -7.32
CA ASP A 180 69.80 3.17 -7.91
C ASP A 180 69.56 2.88 -9.37
N TYR A 181 70.22 3.64 -10.23
CA TYR A 181 70.19 3.35 -11.66
C TYR A 181 71.33 2.43 -12.08
N ASP A 182 72.39 2.35 -11.28
CA ASP A 182 73.41 1.33 -11.52
C ASP A 182 72.81 -0.06 -11.33
N TYR A 183 71.94 -0.21 -10.33
CA TYR A 183 71.29 -1.49 -10.05
C TYR A 183 70.44 -1.93 -11.24
N LEU A 184 69.58 -1.02 -11.71
CA LEU A 184 68.77 -1.29 -12.88
C LEU A 184 69.62 -1.59 -14.10
N ARG A 185 70.67 -0.79 -14.34
CA ARG A 185 71.57 -1.10 -15.45
C ARG A 185 72.17 -2.50 -15.31
N PHE A 186 72.53 -2.90 -14.09
CA PHE A 186 73.12 -4.22 -13.90
C PHE A 186 72.11 -5.31 -14.24
N LEU A 187 70.89 -5.17 -13.74
CA LEU A 187 69.82 -6.09 -14.11
C LEU A 187 69.63 -6.13 -15.62
N VAL A 188 69.58 -4.97 -16.26
CA VAL A 188 69.28 -4.95 -17.68
C VAL A 188 70.39 -5.61 -18.48
N HIS A 189 71.65 -5.35 -18.11
CA HIS A 189 72.76 -6.02 -18.79
C HIS A 189 72.64 -7.53 -18.64
N ARG A 190 72.35 -8.00 -17.41
CA ARG A 190 72.27 -9.45 -17.22
C ARG A 190 71.08 -10.05 -17.96
N PHE A 191 69.95 -9.34 -18.00
CA PHE A 191 68.81 -9.85 -18.74
C PHE A 191 69.11 -9.92 -20.23
N ARG A 192 69.72 -8.87 -20.79
CA ARG A 192 70.10 -8.91 -22.19
C ARG A 192 71.07 -10.05 -22.46
N TYR A 193 72.01 -10.27 -21.54
CA TYR A 193 73.03 -11.30 -21.74
C TYR A 193 72.42 -12.69 -21.77
N HIS A 194 71.59 -13.00 -20.78
CA HIS A 194 71.03 -14.34 -20.72
C HIS A 194 69.88 -14.56 -21.71
N LEU A 195 69.09 -13.53 -22.00
CA LEU A 195 67.90 -13.71 -22.81
C LEU A 195 68.04 -13.25 -24.25
N GLY A 196 69.02 -12.43 -24.55
CA GLY A 196 69.22 -11.98 -25.92
C GLY A 196 68.62 -10.61 -26.17
N ASN A 197 69.14 -9.92 -27.18
CA ASN A 197 68.65 -8.58 -27.47
C ASN A 197 67.22 -8.59 -28.01
N ASP A 198 66.71 -9.75 -28.43
CA ASP A 198 65.42 -9.76 -29.12
C ASP A 198 64.27 -9.49 -28.16
N VAL A 199 64.39 -9.94 -26.91
CA VAL A 199 63.36 -9.78 -25.89
C VAL A 199 62.87 -8.35 -25.79
N ILE A 200 61.60 -8.18 -25.45
CA ILE A 200 61.03 -6.87 -25.17
C ILE A 200 60.96 -6.71 -23.67
N LEU A 201 61.63 -5.68 -23.16
CA LEU A 201 61.75 -5.44 -21.73
C LEU A 201 61.00 -4.18 -21.35
N PHE A 202 60.27 -4.24 -20.24
CA PHE A 202 59.46 -3.11 -19.82
C PHE A 202 59.51 -2.99 -18.31
N THR A 203 59.08 -1.83 -17.81
CA THR A 203 58.94 -1.59 -16.38
C THR A 203 57.49 -1.22 -16.07
N THR A 204 57.17 -1.36 -14.78
CA THR A 204 55.88 -0.92 -14.27
C THR A 204 56.11 -0.07 -13.03
N ASP A 205 55.44 1.08 -12.97
CA ASP A 205 55.55 1.95 -11.81
C ASP A 205 54.21 2.62 -11.54
N GLY A 206 54.09 3.19 -10.35
CA GLY A 206 52.92 3.98 -10.03
C GLY A 206 52.73 5.12 -11.00
N ALA A 207 51.48 5.49 -11.24
CA ALA A 207 51.16 6.44 -12.30
C ALA A 207 51.35 7.86 -11.78
N SER A 208 52.63 8.21 -11.64
CA SER A 208 53.05 9.57 -11.33
C SER A 208 54.52 9.68 -11.71
N GLU A 209 54.86 10.78 -12.37
CA GLU A 209 56.21 10.91 -12.91
C GLU A 209 57.28 10.78 -11.85
N LYS A 210 56.94 11.11 -10.59
CA LYS A 210 57.92 11.04 -9.51
C LYS A 210 58.48 9.64 -9.38
N MET A 211 57.64 8.62 -9.56
CA MET A 211 58.11 7.25 -9.46
C MET A 211 58.91 6.85 -10.70
N LEU A 212 58.44 7.24 -11.89
CA LEU A 212 59.20 6.88 -13.08
C LEU A 212 60.58 7.51 -13.05
N LYS A 213 60.72 8.64 -12.36
CA LYS A 213 62.00 9.32 -12.24
C LYS A 213 63.07 8.34 -11.82
N CYS A 214 62.78 7.50 -10.85
CA CYS A 214 63.72 6.55 -10.30
C CYS A 214 63.48 5.15 -10.84
N GLY A 215 62.42 4.93 -11.60
CA GLY A 215 62.13 3.59 -12.09
C GLY A 215 62.59 3.31 -13.50
N THR A 216 62.43 4.28 -14.41
CA THR A 216 62.70 4.01 -15.82
C THR A 216 64.19 3.81 -16.06
N LEU A 217 64.53 3.54 -17.32
CA LEU A 217 65.91 3.33 -17.72
C LEU A 217 66.01 3.27 -19.24
N GLN A 218 67.07 3.85 -19.79
CA GLN A 218 67.38 3.70 -21.20
C GLN A 218 67.42 2.23 -21.62
N ASP A 219 67.14 2.00 -22.90
CA ASP A 219 67.19 0.67 -23.50
C ASP A 219 66.23 -0.27 -22.78
N LEU A 220 65.17 0.28 -22.23
CA LEU A 220 64.17 -0.50 -21.52
C LEU A 220 62.86 0.28 -21.56
N TYR A 221 61.80 -0.38 -22.04
CA TYR A 221 60.55 0.32 -22.23
C TYR A 221 59.95 0.64 -20.86
N ALA A 222 59.18 1.72 -20.80
CA ALA A 222 58.63 2.21 -19.54
C ALA A 222 57.12 2.15 -19.58
N THR A 223 56.53 1.57 -18.52
CA THR A 223 55.08 1.57 -18.36
C THR A 223 54.73 1.91 -16.92
N VAL A 224 53.45 2.22 -16.73
CA VAL A 224 52.90 2.62 -15.45
C VAL A 224 51.77 1.67 -15.08
N ASP A 225 51.33 1.75 -13.82
CA ASP A 225 50.09 1.13 -13.41
C ASP A 225 49.20 2.15 -12.72
N PHE A 226 47.90 1.92 -12.77
CA PHE A 226 46.92 2.77 -12.13
C PHE A 226 45.55 2.12 -12.19
N GLY A 227 44.74 2.42 -11.18
CA GLY A 227 43.37 1.93 -11.13
C GLY A 227 42.35 2.99 -11.46
N THR A 228 41.14 2.84 -10.91
CA THR A 228 40.02 3.68 -11.31
C THR A 228 40.07 5.06 -10.67
N GLY A 229 40.93 5.26 -9.67
CA GLY A 229 41.04 6.53 -8.99
C GLY A 229 42.22 7.37 -9.48
N ASN A 230 42.51 7.29 -10.78
CA ASN A 230 43.56 8.07 -11.39
C ASN A 230 43.05 8.69 -12.67
N ASN A 231 43.45 9.93 -12.94
CA ASN A 231 43.13 10.53 -14.23
C ASN A 231 43.83 9.75 -15.34
N ILE A 232 43.02 9.13 -16.21
CA ILE A 232 43.59 8.27 -17.24
C ILE A 232 44.43 9.08 -18.21
N THR A 233 43.88 10.20 -18.68
CA THR A 233 44.63 11.14 -19.51
C THR A 233 45.94 11.53 -18.86
N GLN A 234 45.88 11.92 -17.59
CA GLN A 234 47.09 12.33 -16.89
C GLN A 234 48.07 11.17 -16.78
N ALA A 235 47.56 9.97 -16.51
CA ALA A 235 48.44 8.80 -16.38
C ALA A 235 49.18 8.52 -17.67
N PHE A 236 48.47 8.48 -18.79
CA PHE A 236 49.15 8.17 -20.04
C PHE A 236 50.00 9.34 -20.52
N LEU A 237 49.62 10.58 -20.20
CA LEU A 237 50.52 11.70 -20.42
C LEU A 237 51.81 11.51 -19.66
N VAL A 238 51.71 11.05 -18.41
CA VAL A 238 52.89 10.78 -17.62
C VAL A 238 53.75 9.72 -18.29
N GLN A 239 53.12 8.64 -18.78
CA GLN A 239 53.87 7.62 -19.49
C GLN A 239 54.56 8.21 -20.72
N ARG A 240 53.81 8.98 -21.51
CA ARG A 240 54.33 9.51 -22.77
C ARG A 240 55.47 10.47 -22.54
N LYS A 241 55.49 11.15 -21.39
CA LYS A 241 56.62 11.97 -21.04
C LYS A 241 57.90 11.15 -20.93
N PHE A 242 57.78 9.85 -20.67
CA PHE A 242 58.91 8.94 -20.64
C PHE A 242 59.01 8.03 -21.84
N GLU A 243 57.90 7.78 -22.53
CA GLU A 243 57.87 7.03 -23.79
C GLU A 243 57.08 7.83 -24.80
N PRO A 244 57.72 8.77 -25.50
CA PRO A 244 56.99 9.56 -26.49
C PRO A 244 56.34 8.72 -27.57
N LYS A 245 56.94 7.58 -27.91
CA LYS A 245 56.45 6.72 -28.97
C LYS A 245 56.30 5.29 -28.47
N GLY A 246 55.28 4.62 -28.96
CA GLY A 246 54.99 3.26 -28.56
C GLY A 246 53.64 3.09 -27.88
N PRO A 247 53.27 1.86 -27.61
CA PRO A 247 51.95 1.59 -27.04
C PRO A 247 51.83 2.15 -25.64
N LEU A 248 50.65 2.68 -25.33
CA LEU A 248 50.31 3.00 -23.95
C LEU A 248 50.05 1.70 -23.20
N ILE A 249 50.61 1.58 -21.99
CA ILE A 249 50.44 0.34 -21.24
C ILE A 249 50.22 0.61 -19.77
N ASN A 250 49.15 0.03 -19.22
CA ASN A 250 48.90 -0.06 -17.78
C ASN A 250 49.09 -1.52 -17.42
N SER A 251 50.20 -1.82 -16.74
CA SER A 251 50.52 -3.23 -16.46
C SER A 251 49.73 -3.80 -15.30
N GLU A 252 49.18 -2.95 -14.44
CA GLU A 252 48.38 -3.42 -13.31
C GLU A 252 47.25 -2.42 -13.13
N PHE A 253 46.20 -2.59 -13.91
CA PHE A 253 44.97 -1.83 -13.73
C PHE A 253 44.15 -2.54 -12.68
N TYR A 254 44.07 -1.97 -11.48
CA TYR A 254 43.54 -2.69 -10.34
C TYR A 254 42.02 -2.81 -10.45
N THR A 255 41.56 -4.06 -10.46
CA THR A 255 40.14 -4.43 -10.52
C THR A 255 39.52 -4.52 -9.15
N GLY A 256 40.33 -4.47 -8.10
CA GLY A 256 39.92 -4.69 -6.74
C GLY A 256 41.07 -4.20 -5.89
N TRP A 257 41.28 -4.77 -4.71
CA TRP A 257 42.41 -4.33 -3.91
C TRP A 257 42.75 -5.42 -2.91
N LEU A 258 43.93 -5.28 -2.32
CA LEU A 258 44.36 -6.24 -1.33
C LEU A 258 43.61 -5.98 -0.02
N ASP A 259 43.70 -6.96 0.88
CA ASP A 259 43.13 -6.85 2.21
C ASP A 259 44.23 -6.84 3.26
N HIS A 260 43.85 -6.43 4.45
CA HIS A 260 44.64 -6.66 5.64
C HIS A 260 43.75 -7.25 6.72
N TRP A 261 44.34 -8.09 7.57
CA TRP A 261 43.63 -8.55 8.75
C TRP A 261 43.07 -7.35 9.52
N GLY A 262 41.83 -7.50 9.97
CA GLY A 262 41.22 -6.41 10.73
C GLY A 262 40.66 -5.30 9.88
N LYS A 263 41.43 -4.84 8.90
CA LYS A 263 40.92 -3.84 7.98
C LYS A 263 39.74 -4.43 7.22
N PRO A 264 38.66 -3.67 7.02
CA PRO A 264 37.51 -4.23 6.30
C PRO A 264 37.90 -4.65 4.91
N HIS A 265 37.26 -5.70 4.43
CA HIS A 265 37.52 -6.17 3.07
C HIS A 265 37.25 -5.06 2.06
N SER A 266 38.23 -4.81 1.19
CA SER A 266 38.06 -3.80 0.17
C SER A 266 37.11 -4.31 -0.88
N THR A 267 36.15 -3.48 -1.28
CA THR A 267 35.25 -3.81 -2.38
C THR A 267 35.14 -2.61 -3.30
N VAL A 268 35.30 -2.87 -4.60
CA VAL A 268 35.11 -1.87 -5.64
C VAL A 268 33.99 -2.36 -6.54
N LYS A 269 33.05 -1.47 -6.84
CA LYS A 269 31.90 -1.86 -7.64
C LYS A 269 32.34 -2.40 -9.00
N THR A 270 31.72 -3.51 -9.39
CA THR A 270 31.97 -4.13 -10.69
C THR A 270 31.90 -3.14 -11.83
N LYS A 271 30.73 -2.52 -12.02
CA LYS A 271 30.50 -1.73 -13.22
C LYS A 271 31.38 -0.48 -13.27
N THR A 272 31.84 0.02 -12.12
CA THR A 272 32.82 1.11 -12.14
C THR A 272 34.12 0.64 -12.79
N LEU A 273 34.59 -0.53 -12.39
CA LEU A 273 35.74 -1.13 -13.05
C LEU A 273 35.47 -1.36 -14.53
N ALA A 274 34.25 -1.78 -14.86
CA ALA A 274 33.92 -2.02 -16.27
C ALA A 274 34.01 -0.74 -17.08
N THR A 275 33.43 0.34 -16.57
CA THR A 275 33.47 1.62 -17.27
C THR A 275 34.92 2.08 -17.45
N SER A 276 35.72 1.99 -16.39
CA SER A 276 37.11 2.42 -16.50
C SER A 276 37.84 1.57 -17.52
N LEU A 277 37.60 0.25 -17.52
CA LEU A 277 38.26 -0.63 -18.47
C LEU A 277 37.91 -0.24 -19.89
N TYR A 278 36.62 0.02 -20.14
CA TYR A 278 36.21 0.48 -21.46
C TYR A 278 36.95 1.75 -21.86
N ASN A 279 37.07 2.70 -20.92
CA ASN A 279 37.78 3.94 -21.21
C ASN A 279 39.23 3.66 -21.61
N LEU A 280 39.91 2.81 -20.84
CA LEU A 280 41.28 2.45 -21.16
C LEU A 280 41.38 1.81 -22.53
N LEU A 281 40.46 0.89 -22.82
CA LEU A 281 40.50 0.17 -24.09
C LEU A 281 40.29 1.13 -25.26
N ALA A 282 39.38 2.08 -25.09
CA ALA A 282 39.10 3.05 -26.15
C ALA A 282 40.33 3.86 -26.55
N ARG A 283 41.31 4.04 -25.66
CA ARG A 283 42.52 4.69 -26.11
C ARG A 283 43.43 3.78 -26.93
N GLY A 284 43.13 2.50 -27.01
CA GLY A 284 43.97 1.60 -27.75
C GLY A 284 45.17 1.10 -26.98
N ALA A 285 45.23 1.36 -25.68
CA ALA A 285 46.38 0.98 -24.87
C ALA A 285 46.42 -0.53 -24.66
N ASN A 286 47.45 -0.96 -23.93
CA ASN A 286 47.57 -2.33 -23.45
C ASN A 286 47.31 -2.36 -21.96
N VAL A 287 46.37 -3.19 -21.53
CA VAL A 287 45.98 -3.26 -20.14
C VAL A 287 46.03 -4.70 -19.67
N ASN A 288 46.51 -4.88 -18.44
CA ASN A 288 46.48 -6.15 -17.73
C ASN A 288 45.64 -5.97 -16.48
N LEU A 289 44.68 -6.86 -16.26
CA LEU A 289 43.84 -6.80 -15.08
C LEU A 289 44.50 -7.53 -13.91
N TYR A 290 44.95 -6.75 -12.93
CA TYR A 290 45.55 -7.23 -11.69
C TYR A 290 44.53 -7.09 -10.57
N MET A 291 44.12 -8.18 -9.94
CA MET A 291 44.37 -9.55 -10.34
C MET A 291 43.17 -10.03 -11.13
N PHE A 292 43.37 -11.05 -11.97
CA PHE A 292 42.26 -11.73 -12.61
C PHE A 292 41.75 -12.91 -11.77
N ILE A 293 42.68 -13.72 -11.29
CA ILE A 293 42.45 -14.59 -10.14
C ILE A 293 43.49 -14.26 -9.07
N GLY A 294 43.04 -14.24 -7.82
CA GLY A 294 43.92 -14.02 -6.71
C GLY A 294 44.50 -15.30 -6.13
N GLY A 295 43.69 -16.33 -5.95
CA GLY A 295 44.25 -17.52 -5.36
C GLY A 295 44.44 -17.48 -3.87
N THR A 296 45.58 -17.95 -3.38
CA THR A 296 45.70 -18.28 -1.97
C THR A 296 47.06 -17.87 -1.43
N ASN A 297 47.03 -17.43 -0.18
CA ASN A 297 48.17 -17.14 0.68
C ASN A 297 48.47 -18.35 1.52
N PHE A 298 49.41 -19.17 1.05
CA PHE A 298 49.74 -20.42 1.72
C PHE A 298 50.55 -20.10 2.97
N ALA A 299 50.81 -21.15 3.76
CA ALA A 299 51.51 -21.08 5.03
C ALA A 299 52.28 -19.81 5.31
N TYR A 300 53.41 -19.54 4.68
CA TYR A 300 54.05 -18.30 5.07
C TYR A 300 54.26 -17.36 3.90
N TRP A 301 53.47 -17.50 2.84
CA TRP A 301 53.71 -16.74 1.64
C TRP A 301 53.20 -15.31 1.70
N ASN A 302 52.47 -14.94 2.75
CA ASN A 302 51.93 -13.59 2.82
C ASN A 302 53.06 -12.58 3.01
N GLY A 303 52.77 -11.34 2.60
CA GLY A 303 53.65 -10.22 2.81
C GLY A 303 53.17 -9.32 3.92
N ALA A 304 53.66 -8.08 3.90
CA ALA A 304 53.30 -7.11 4.92
C ALA A 304 53.60 -5.71 4.40
N ASN A 305 52.90 -4.74 4.96
CA ASN A 305 53.16 -3.33 4.73
C ASN A 305 53.76 -2.70 5.98
N THR A 306 53.94 -1.38 5.94
CA THR A 306 54.33 -0.61 7.11
C THR A 306 53.42 0.61 7.20
N PRO A 307 52.87 0.92 8.38
CA PRO A 307 53.06 0.23 9.66
C PRO A 307 52.47 -1.17 9.63
N TYR A 308 53.12 -2.08 10.35
CA TYR A 308 52.97 -3.52 10.10
C TYR A 308 51.51 -3.90 9.97
N GLU A 309 51.18 -4.61 8.90
CA GLU A 309 49.81 -5.07 8.71
C GLU A 309 49.81 -6.25 7.75
N PRO A 310 49.88 -7.48 8.26
CA PRO A 310 49.99 -8.63 7.37
C PRO A 310 48.73 -8.86 6.57
N GLN A 311 48.91 -9.35 5.35
CA GLN A 311 47.80 -9.74 4.49
C GLN A 311 47.27 -11.10 4.92
N PRO A 312 45.98 -11.34 4.78
CA PRO A 312 45.41 -12.60 5.24
C PRO A 312 45.66 -13.75 4.27
N THR A 313 45.13 -14.92 4.67
CA THR A 313 45.23 -16.12 3.85
C THR A 313 44.51 -15.96 2.52
N SER A 314 43.27 -15.48 2.58
CA SER A 314 42.54 -15.25 1.35
C SER A 314 43.24 -14.18 0.52
N TYR A 315 43.41 -14.46 -0.76
CA TYR A 315 43.84 -13.45 -1.71
C TYR A 315 42.75 -13.24 -2.76
N ASP A 316 41.49 -13.39 -2.34
CA ASP A 316 40.36 -13.21 -3.25
C ASP A 316 40.49 -11.94 -4.09
N TYR A 317 40.92 -10.85 -3.47
CA TYR A 317 41.26 -9.60 -4.12
C TYR A 317 40.03 -8.89 -4.68
N ASP A 318 38.83 -9.46 -4.52
CA ASP A 318 37.66 -9.07 -5.31
C ASP A 318 37.94 -9.22 -6.80
N ALA A 319 38.75 -10.21 -7.16
CA ALA A 319 39.14 -10.43 -8.54
C ALA A 319 37.97 -10.94 -9.37
N PRO A 320 38.08 -10.85 -10.71
CA PRO A 320 37.00 -11.37 -11.57
C PRO A 320 36.72 -12.84 -11.34
N LEU A 321 37.75 -13.63 -11.06
CA LEU A 321 37.58 -14.99 -10.59
C LEU A 321 37.78 -15.02 -9.09
N SER A 322 36.83 -15.62 -8.38
CA SER A 322 36.91 -15.66 -6.93
C SER A 322 38.05 -16.60 -6.51
N GLU A 323 38.37 -16.56 -5.21
CA GLU A 323 39.47 -17.37 -4.72
C GLU A 323 39.34 -18.81 -5.18
N ALA A 324 38.14 -19.36 -5.11
CA ALA A 324 37.92 -20.73 -5.54
C ALA A 324 37.59 -20.82 -7.01
N GLY A 325 37.70 -19.71 -7.74
CA GLY A 325 37.56 -19.75 -9.17
C GLY A 325 36.16 -19.54 -9.69
N ASP A 326 35.23 -19.07 -8.85
CA ASP A 326 33.86 -18.91 -9.29
C ASP A 326 33.73 -17.82 -10.33
N LEU A 327 32.85 -18.06 -11.30
CA LEU A 327 32.44 -16.99 -12.21
C LEU A 327 31.55 -16.01 -11.45
N THR A 328 31.99 -14.75 -11.40
CA THR A 328 31.27 -13.71 -10.69
C THR A 328 30.64 -12.76 -11.68
N LYS A 329 29.73 -11.93 -11.19
CA LYS A 329 29.14 -10.90 -12.05
C LYS A 329 30.23 -10.07 -12.70
N LYS A 330 31.33 -9.85 -11.97
CA LYS A 330 32.46 -9.11 -12.53
C LYS A 330 33.04 -9.82 -13.75
N TYR A 331 33.16 -11.14 -13.68
CA TYR A 331 33.71 -11.90 -14.80
C TYR A 331 32.91 -11.67 -16.07
N PHE A 332 31.59 -11.92 -16.02
CA PHE A 332 30.77 -11.71 -17.21
C PHE A 332 30.76 -10.26 -17.66
N ALA A 333 30.77 -9.31 -16.71
CA ALA A 333 30.85 -7.90 -17.11
C ALA A 333 32.13 -7.62 -17.88
N LEU A 334 33.24 -8.16 -17.43
CA LEU A 334 34.51 -7.86 -18.08
C LEU A 334 34.61 -8.57 -19.43
N ARG A 335 34.16 -9.82 -19.50
CA ARG A 335 34.01 -10.50 -20.79
C ARG A 335 33.18 -9.68 -21.77
N GLU A 336 32.06 -9.14 -21.30
CA GLU A 336 31.21 -8.33 -22.17
C GLU A 336 31.97 -7.10 -22.66
N VAL A 337 32.70 -6.44 -21.76
CA VAL A 337 33.46 -5.27 -22.16
C VAL A 337 34.53 -5.64 -23.18
N ILE A 338 35.26 -6.72 -22.92
CA ILE A 338 36.37 -7.11 -23.78
C ILE A 338 35.88 -7.49 -25.16
N GLN A 339 34.75 -8.21 -25.24
CA GLN A 339 34.17 -8.57 -26.52
C GLN A 339 33.89 -7.36 -27.40
N MET A 340 33.91 -6.15 -26.85
CA MET A 340 33.81 -4.97 -27.71
C MET A 340 35.00 -4.85 -28.64
N PHE A 341 36.19 -5.17 -28.15
CA PHE A 341 37.43 -4.92 -28.90
C PHE A 341 38.10 -6.16 -29.45
N LYS A 342 37.57 -7.35 -29.18
CA LYS A 342 38.10 -8.55 -29.80
C LYS A 342 37.06 -9.64 -29.74
N GLU A 343 37.03 -10.48 -30.78
CA GLU A 343 36.22 -11.67 -30.75
C GLU A 343 36.63 -12.53 -29.55
N VAL A 344 35.65 -13.07 -28.85
CA VAL A 344 35.95 -13.87 -27.67
C VAL A 344 35.88 -15.35 -28.09
N PRO A 345 36.64 -16.23 -27.46
CA PRO A 345 36.65 -17.63 -27.90
C PRO A 345 35.26 -18.23 -27.93
N GLU A 346 35.06 -19.17 -28.83
CA GLU A 346 33.76 -19.84 -28.91
C GLU A 346 33.69 -20.96 -27.87
N GLY A 347 32.46 -21.32 -27.53
CA GLY A 347 32.20 -22.43 -26.65
C GLY A 347 31.84 -22.02 -25.23
N PRO A 348 31.25 -22.96 -24.51
CA PRO A 348 30.87 -22.71 -23.11
C PRO A 348 32.08 -22.52 -22.21
N ILE A 349 31.88 -21.72 -21.17
CA ILE A 349 32.96 -21.39 -20.25
C ILE A 349 32.99 -22.41 -19.12
N PRO A 350 34.15 -22.90 -18.71
CA PRO A 350 34.22 -23.82 -17.57
C PRO A 350 33.55 -23.21 -16.35
N PRO A 351 32.84 -24.01 -15.58
CA PRO A 351 31.97 -23.45 -14.54
C PRO A 351 32.73 -23.16 -13.26
N SER A 352 32.03 -22.45 -12.37
CA SER A 352 32.42 -22.40 -10.98
C SER A 352 32.49 -23.81 -10.44
N THR A 353 33.50 -24.10 -9.63
CA THR A 353 33.67 -25.46 -9.18
C THR A 353 32.52 -25.81 -8.23
N PRO A 354 32.16 -27.09 -8.15
CA PRO A 354 31.24 -27.53 -7.11
C PRO A 354 31.83 -27.37 -5.72
N LYS A 355 30.97 -27.03 -4.77
CA LYS A 355 31.36 -26.91 -3.38
C LYS A 355 30.55 -27.87 -2.52
N PHE A 356 31.20 -28.41 -1.49
CA PHE A 356 30.61 -29.43 -0.62
C PHE A 356 30.79 -29.09 0.85
N ALA A 357 29.71 -29.21 1.61
CA ALA A 357 29.77 -28.94 3.04
C ALA A 357 30.00 -30.27 3.74
N TYR A 358 31.26 -30.59 4.03
CA TYR A 358 31.51 -31.81 4.78
C TYR A 358 31.01 -31.73 6.22
N GLY A 359 30.72 -30.54 6.71
CA GLY A 359 30.10 -30.43 8.02
C GLY A 359 31.12 -30.36 9.15
N LYS A 360 30.66 -30.70 10.35
CA LYS A 360 31.51 -30.55 11.53
C LYS A 360 32.46 -31.73 11.70
N VAL A 361 33.73 -31.42 11.95
CA VAL A 361 34.78 -32.40 12.23
C VAL A 361 35.44 -32.02 13.55
N ALA A 362 35.57 -32.99 14.45
CA ALA A 362 36.15 -32.72 15.76
C ALA A 362 37.66 -32.88 15.76
N LEU A 363 38.30 -32.28 16.76
CA LEU A 363 39.74 -32.39 16.97
C LEU A 363 40.02 -32.83 18.39
N ARG A 364 41.31 -32.91 18.73
CA ARG A 364 41.73 -33.37 20.05
C ARG A 364 43.14 -32.87 20.32
N LYS A 365 43.36 -32.32 21.51
CA LYS A 365 44.67 -31.87 21.92
C LYS A 365 45.72 -32.95 21.74
N PHE A 366 46.72 -32.69 20.90
CA PHE A 366 47.81 -33.62 20.71
C PHE A 366 49.01 -33.28 21.60
N LYS A 367 49.62 -32.12 21.40
CA LYS A 367 50.82 -31.73 22.12
C LYS A 367 51.16 -30.29 21.76
N THR A 368 51.70 -29.56 22.74
CA THR A 368 52.26 -28.26 22.45
C THR A 368 53.57 -28.40 21.67
N VAL A 369 53.97 -27.31 21.03
CA VAL A 369 55.26 -27.24 20.38
C VAL A 369 56.38 -27.58 21.35
N ALA A 370 56.32 -27.03 22.57
CA ALA A 370 57.41 -27.23 23.51
C ALA A 370 57.62 -28.72 23.82
N GLU A 371 56.53 -29.44 24.03
CA GLU A 371 56.60 -30.85 24.41
C GLU A 371 56.89 -31.77 23.23
N ALA A 372 57.20 -31.21 22.06
CA ALA A 372 57.42 -32.04 20.87
C ALA A 372 58.56 -31.52 20.01
N LEU A 373 59.43 -30.67 20.57
CA LEU A 373 60.48 -30.04 19.76
C LEU A 373 61.37 -31.09 19.11
N GLY A 374 61.70 -32.15 19.83
CA GLY A 374 62.51 -33.21 19.23
C GLY A 374 61.86 -33.77 17.99
N ILE A 375 60.57 -34.05 18.07
CA ILE A 375 59.86 -34.50 16.88
C ILE A 375 59.78 -33.37 15.87
N LEU A 376 59.63 -32.14 16.36
CA LEU A 376 59.59 -30.98 15.49
C LEU A 376 60.97 -30.63 14.93
N CYS A 377 62.03 -30.93 15.66
CA CYS A 377 63.38 -30.50 15.27
C CYS A 377 64.36 -31.65 15.41
N PRO A 378 64.21 -32.69 14.60
CA PRO A 378 64.96 -33.94 14.86
C PRO A 378 66.44 -33.82 14.59
N ASN A 379 66.86 -32.84 13.77
CA ASN A 379 68.29 -32.59 13.61
C ASN A 379 68.90 -32.11 14.92
N GLY A 380 68.22 -31.21 15.61
CA GLY A 380 68.65 -30.75 16.91
C GLY A 380 68.49 -29.26 17.06
N PRO A 381 68.60 -28.77 18.29
CA PRO A 381 68.32 -27.36 18.54
C PRO A 381 69.52 -26.46 18.33
N VAL A 382 69.35 -25.17 18.59
CA VAL A 382 70.40 -24.17 18.43
C VAL A 382 70.64 -23.49 19.77
N LYS A 383 71.90 -23.17 20.05
CA LYS A 383 72.26 -22.48 21.27
C LYS A 383 72.99 -21.18 20.93
N SER A 384 72.73 -20.14 21.72
CA SER A 384 73.32 -18.83 21.44
C SER A 384 73.39 -18.01 22.73
N LEU A 385 74.45 -17.21 22.84
CA LEU A 385 74.61 -16.32 23.99
C LEU A 385 73.44 -15.34 24.09
N TYR A 386 73.13 -14.65 23.00
CA TYR A 386 71.98 -13.75 22.98
C TYR A 386 70.98 -14.30 21.97
N PRO A 387 69.73 -13.86 21.96
CA PRO A 387 68.77 -14.45 21.03
C PRO A 387 69.18 -14.17 19.59
N LEU A 388 68.85 -15.11 18.71
CA LEU A 388 69.02 -14.98 17.28
C LEU A 388 67.68 -14.79 16.58
N THR A 389 67.69 -14.12 15.43
CA THR A 389 66.48 -13.89 14.66
C THR A 389 66.10 -15.16 13.90
N PHE A 390 64.88 -15.14 13.35
CA PHE A 390 64.43 -16.20 12.45
C PHE A 390 65.48 -16.51 11.39
N THR A 391 66.00 -15.48 10.72
CA THR A 391 67.03 -15.72 9.74
C THR A 391 68.31 -16.24 10.40
N GLN A 392 68.71 -15.62 11.52
CA GLN A 392 69.93 -16.02 12.20
C GLN A 392 69.89 -17.48 12.62
N VAL A 393 68.70 -18.04 12.83
CA VAL A 393 68.60 -19.44 13.22
C VAL A 393 68.29 -20.33 12.01
N LYS A 394 68.34 -19.76 10.80
CA LYS A 394 68.24 -20.53 9.56
C LYS A 394 66.86 -21.18 9.46
N GLN A 395 65.84 -20.48 9.91
CA GLN A 395 64.46 -20.87 9.66
C GLN A 395 63.78 -19.72 8.95
N TYR A 396 63.48 -19.92 7.67
CA TYR A 396 63.00 -18.87 6.79
C TYR A 396 61.53 -18.57 6.96
N PHE A 397 60.79 -19.44 7.63
CA PHE A 397 59.35 -19.28 7.81
C PHE A 397 58.99 -19.86 9.18
N GLY A 398 57.72 -20.19 9.36
CA GLY A 398 57.33 -20.95 10.53
C GLY A 398 57.40 -20.14 11.81
N TYR A 399 57.67 -20.85 12.90
CA TYR A 399 57.73 -20.28 14.24
C TYR A 399 58.99 -20.77 14.92
N VAL A 400 59.45 -20.01 15.91
CA VAL A 400 60.71 -20.31 16.56
C VAL A 400 60.53 -20.28 18.08
N LEU A 401 61.09 -21.28 18.74
CA LEU A 401 61.02 -21.37 20.20
C LEU A 401 62.27 -20.76 20.82
N TYR A 402 62.08 -19.78 21.70
CA TYR A 402 63.17 -19.16 22.45
C TYR A 402 63.08 -19.62 23.90
N ARG A 403 64.16 -20.14 24.43
CA ARG A 403 64.14 -20.69 25.78
C ARG A 403 65.26 -20.07 26.58
N THR A 404 64.96 -19.69 27.81
CA THR A 404 66.00 -19.29 28.75
C THR A 404 65.58 -19.68 30.17
N THR A 405 66.36 -19.25 31.15
CA THR A 405 66.08 -19.49 32.56
C THR A 405 65.82 -18.13 33.22
N LEU A 406 64.88 -18.09 34.15
CA LEU A 406 64.63 -16.85 34.87
C LEU A 406 65.77 -16.54 35.84
N PRO A 407 66.40 -15.37 35.75
CA PRO A 407 67.54 -15.07 36.62
C PRO A 407 67.13 -14.54 37.99
N GLN A 408 65.86 -14.18 38.15
CA GLN A 408 65.34 -13.60 39.38
C GLN A 408 64.03 -14.29 39.74
N ASP A 409 63.74 -14.34 41.03
CA ASP A 409 62.42 -14.78 41.49
C ASP A 409 61.35 -13.82 40.98
N CYS A 410 60.29 -14.38 40.42
CA CYS A 410 59.18 -13.56 39.96
C CYS A 410 57.88 -14.00 40.63
N SER A 411 57.91 -14.18 41.95
CA SER A 411 56.70 -14.49 42.68
C SER A 411 55.67 -13.37 42.55
N ASN A 412 56.12 -12.12 42.63
CA ASN A 412 55.28 -11.01 42.24
C ASN A 412 55.41 -10.75 40.74
N PRO A 413 54.31 -10.40 40.06
CA PRO A 413 54.35 -10.27 38.60
C PRO A 413 55.38 -9.25 38.15
N LYS A 414 56.39 -9.72 37.47
CA LYS A 414 57.42 -8.83 36.97
C LYS A 414 57.15 -8.48 35.51
N PRO A 415 57.51 -7.27 35.09
CA PRO A 415 57.15 -6.80 33.74
C PRO A 415 58.13 -7.27 32.67
N ILE A 416 57.64 -8.11 31.76
CA ILE A 416 58.27 -8.23 30.45
C ILE A 416 57.99 -6.95 29.68
N PHE A 417 59.05 -6.33 29.18
CA PHE A 417 58.97 -4.93 28.76
C PHE A 417 59.91 -4.73 27.59
N SER A 418 60.26 -3.47 27.34
CA SER A 418 61.09 -3.07 26.21
C SER A 418 62.36 -3.91 26.11
N SER A 419 62.87 -4.00 24.88
CA SER A 419 64.23 -4.43 24.59
C SER A 419 64.95 -3.17 24.12
N PRO A 420 66.25 -3.20 23.85
CA PRO A 420 66.96 -1.94 23.59
C PRO A 420 66.40 -1.11 22.45
N PHE A 421 65.87 -1.72 21.39
CA PHE A 421 65.30 -0.91 20.32
C PHE A 421 64.00 -1.49 19.79
N ASN A 422 63.16 -2.04 20.67
CA ASN A 422 61.79 -2.39 20.30
C ASN A 422 61.78 -3.35 19.11
N GLY A 423 62.49 -4.46 19.27
CA GLY A 423 62.73 -5.40 18.20
C GLY A 423 62.16 -6.80 18.35
N VAL A 424 61.00 -6.92 18.99
CA VAL A 424 60.22 -8.15 18.93
C VAL A 424 59.21 -8.05 17.79
N ARG A 425 59.30 -8.98 16.84
CA ARG A 425 58.45 -9.00 15.65
C ARG A 425 58.16 -10.44 15.26
N ASP A 426 56.89 -10.75 14.97
CA ASP A 426 55.81 -9.78 15.04
C ASP A 426 54.87 -10.11 16.19
N ARG A 427 54.94 -11.34 16.69
CA ARG A 427 54.03 -11.76 17.75
C ARG A 427 54.74 -12.84 18.56
N ALA A 428 54.61 -12.76 19.88
CA ALA A 428 55.18 -13.75 20.78
C ALA A 428 54.17 -14.24 21.80
N TYR A 429 54.03 -15.55 21.93
CA TYR A 429 53.23 -16.17 22.97
C TYR A 429 54.17 -16.60 24.10
N VAL A 430 53.95 -16.06 25.30
CA VAL A 430 54.91 -16.17 26.39
C VAL A 430 54.41 -17.17 27.42
N SER A 431 55.30 -18.03 27.92
CA SER A 431 54.91 -19.00 28.93
C SER A 431 56.15 -19.42 29.70
N VAL A 432 55.91 -20.07 30.85
CA VAL A 432 56.96 -20.60 31.70
C VAL A 432 56.58 -22.01 32.12
N ASP A 433 57.39 -22.98 31.72
CA ASP A 433 57.15 -24.40 32.04
C ASP A 433 55.72 -24.81 31.74
N GLY A 434 55.22 -24.39 30.58
CA GLY A 434 53.89 -24.80 30.17
C GLY A 434 52.77 -24.05 30.84
N VAL A 435 53.04 -22.85 31.34
CA VAL A 435 52.00 -22.00 31.90
C VAL A 435 51.88 -20.76 31.02
N PRO A 436 50.89 -20.71 30.13
CA PRO A 436 50.79 -19.58 29.19
C PRO A 436 50.56 -18.27 29.94
N GLN A 437 51.28 -17.24 29.50
CA GLN A 437 51.26 -15.95 30.17
C GLN A 437 50.60 -14.85 29.37
N GLY A 438 50.36 -15.07 28.08
CA GLY A 438 49.73 -14.07 27.25
C GLY A 438 50.55 -13.78 26.01
N ILE A 439 50.25 -12.62 25.40
CA ILE A 439 50.69 -12.30 24.05
C ILE A 439 51.53 -11.03 24.07
N LEU A 440 52.30 -10.86 23.00
CA LEU A 440 53.07 -9.65 22.76
C LEU A 440 53.10 -9.42 21.26
N ASP A 441 53.08 -8.15 20.84
CA ASP A 441 53.12 -7.84 19.42
C ASP A 441 53.62 -6.43 19.21
N ARG A 442 53.97 -6.13 17.96
CA ARG A 442 54.58 -4.85 17.62
C ARG A 442 53.51 -3.79 17.40
N ASN A 443 53.71 -2.64 18.05
CA ASN A 443 52.84 -1.46 17.99
C ASN A 443 51.56 -1.67 18.79
N LEU A 444 51.34 -2.86 19.33
CA LEU A 444 50.10 -3.15 20.04
C LEU A 444 50.35 -3.46 21.51
N MET A 445 51.16 -4.47 21.83
CA MET A 445 51.38 -4.89 23.21
C MET A 445 52.83 -5.33 23.36
N THR A 446 53.62 -4.56 24.12
CA THR A 446 55.00 -4.91 24.40
C THR A 446 55.29 -5.10 25.89
N ALA A 447 54.29 -4.89 26.76
CA ALA A 447 54.46 -5.05 28.20
C ALA A 447 53.48 -6.09 28.71
N LEU A 448 53.95 -6.93 29.63
CA LEU A 448 53.11 -8.01 30.16
C LEU A 448 53.70 -8.48 31.48
N ASN A 449 52.86 -8.53 32.51
CA ASN A 449 53.30 -9.06 33.80
C ASN A 449 53.32 -10.58 33.78
N ILE A 450 54.40 -11.16 34.30
CA ILE A 450 54.60 -12.61 34.30
C ILE A 450 54.95 -13.04 35.71
N GLN A 451 54.81 -14.35 35.97
CA GLN A 451 55.06 -14.89 37.29
C GLN A 451 55.75 -16.26 37.18
N GLY A 452 56.79 -16.45 37.98
CA GLY A 452 57.42 -17.75 38.08
C GLY A 452 58.59 -17.69 39.04
N LYS A 453 59.02 -18.88 39.46
CA LYS A 453 60.14 -18.97 40.39
C LYS A 453 61.47 -18.74 39.67
N ALA A 454 62.46 -18.29 40.44
CA ALA A 454 63.81 -18.14 39.91
C ALA A 454 64.33 -19.46 39.36
N GLY A 455 64.97 -19.39 38.20
CA GLY A 455 65.48 -20.56 37.52
C GLY A 455 64.46 -21.31 36.69
N ALA A 456 63.20 -20.86 36.68
CA ALA A 456 62.18 -21.49 35.85
C ALA A 456 62.48 -21.29 34.37
N THR A 457 62.10 -22.30 33.58
CA THR A 457 62.32 -22.27 32.14
C THR A 457 61.28 -21.36 31.50
N LEU A 458 61.73 -20.29 30.85
CA LEU A 458 60.87 -19.37 30.13
C LEU A 458 60.92 -19.72 28.65
N ASP A 459 59.76 -20.07 28.09
CA ASP A 459 59.61 -20.37 26.68
C ASP A 459 58.76 -19.32 25.98
N ILE A 460 59.29 -18.77 24.90
CA ILE A 460 58.63 -17.75 24.09
C ILE A 460 58.48 -18.32 22.68
N LEU A 461 57.24 -18.38 22.19
CA LEU A 461 56.98 -18.86 20.84
C LEU A 461 56.76 -17.66 19.93
N VAL A 462 57.66 -17.46 18.98
CA VAL A 462 57.65 -16.29 18.13
C VAL A 462 57.15 -16.71 16.76
N GLU A 463 56.13 -16.00 16.27
CA GLU A 463 55.53 -16.23 14.97
C GLU A 463 56.02 -15.21 13.96
N ASN A 464 56.44 -15.68 12.79
CA ASN A 464 56.67 -14.80 11.66
C ASN A 464 55.33 -14.55 11.00
N MET A 465 54.80 -13.34 11.16
CA MET A 465 53.51 -13.00 10.60
C MET A 465 53.60 -12.55 9.16
N GLY A 466 54.79 -12.57 8.58
CA GLY A 466 55.02 -12.19 7.18
C GLY A 466 56.06 -11.09 7.03
N ARG A 467 57.04 -11.37 6.18
CA ARG A 467 58.07 -10.36 5.91
C ARG A 467 57.48 -9.27 5.02
N VAL A 468 57.73 -8.02 5.40
CA VAL A 468 57.21 -6.89 4.65
C VAL A 468 57.58 -7.01 3.18
N ASN A 469 56.60 -6.74 2.32
CA ASN A 469 56.76 -6.91 0.88
C ASN A 469 56.79 -5.60 0.13
N TYR A 470 56.63 -4.47 0.79
CA TYR A 470 56.56 -3.17 0.13
C TYR A 470 57.12 -2.10 1.04
N GLY A 471 57.88 -1.19 0.45
CA GLY A 471 58.38 -0.04 1.16
C GLY A 471 59.88 -0.14 1.37
N ARG A 472 60.37 0.56 2.39
CA ARG A 472 61.78 0.48 2.73
C ARG A 472 62.06 -0.67 3.69
N PHE A 473 61.12 -0.94 4.60
CA PHE A 473 61.40 -1.85 5.71
C PHE A 473 61.45 -3.29 5.25
N ILE A 474 62.46 -3.62 4.45
CA ILE A 474 62.75 -5.00 4.08
C ILE A 474 63.71 -5.67 5.05
N ASN A 475 64.40 -4.90 5.89
CA ASN A 475 65.23 -5.46 6.94
C ASN A 475 64.38 -5.91 8.13
N ASP A 476 63.55 -6.90 7.86
CA ASP A 476 62.44 -7.30 8.74
C ASP A 476 62.98 -8.55 9.44
N PHE A 477 63.54 -8.33 10.63
CA PHE A 477 64.28 -9.39 11.32
C PHE A 477 63.41 -10.59 11.66
N LYS A 478 62.26 -10.39 12.32
CA LYS A 478 61.39 -11.52 12.69
C LYS A 478 61.81 -12.22 13.97
N GLY A 479 61.27 -11.78 15.10
CA GLY A 479 61.65 -12.34 16.38
C GLY A 479 62.49 -11.49 17.30
N LEU A 480 63.26 -12.14 18.16
CA LEU A 480 64.28 -11.45 18.94
C LEU A 480 65.57 -11.29 18.17
N ILE A 481 66.01 -10.05 18.04
CA ILE A 481 67.37 -9.71 17.61
C ILE A 481 68.19 -9.15 18.76
N SER A 482 67.63 -8.20 19.49
CA SER A 482 68.36 -7.49 20.52
C SER A 482 68.32 -8.25 21.85
N ASN A 483 69.08 -7.74 22.81
CA ASN A 483 69.20 -8.40 24.10
C ASN A 483 67.84 -8.41 24.77
N MET A 484 67.22 -9.58 24.91
CA MET A 484 65.90 -9.64 25.51
C MET A 484 65.97 -9.21 26.96
N THR A 485 65.06 -8.33 27.36
CA THR A 485 65.08 -7.72 28.68
C THR A 485 63.72 -7.87 29.34
N ILE A 486 63.73 -8.18 30.63
CA ILE A 486 62.53 -8.19 31.45
C ILE A 486 62.74 -7.16 32.55
N ASN A 487 61.85 -6.17 32.61
CA ASN A 487 61.99 -5.04 33.53
C ASN A 487 63.39 -4.42 33.39
N SER A 488 63.79 -4.22 32.14
CA SER A 488 65.11 -3.67 31.82
C SER A 488 66.24 -4.47 32.45
N THR A 489 66.11 -5.80 32.41
CA THR A 489 67.14 -6.70 32.90
C THR A 489 67.50 -7.69 31.81
N VAL A 490 68.79 -7.75 31.48
CA VAL A 490 69.29 -8.49 30.32
C VAL A 490 69.05 -9.98 30.50
N LEU A 491 69.20 -10.74 29.41
CA LEU A 491 68.98 -12.19 29.45
C LEU A 491 69.95 -12.85 28.48
N THR A 492 70.76 -13.77 28.98
CA THR A 492 71.72 -14.52 28.18
C THR A 492 71.32 -16.00 28.17
N ASN A 493 72.19 -16.82 27.58
CA ASN A 493 72.06 -18.29 27.59
C ASN A 493 70.73 -18.73 26.97
N TRP A 494 70.58 -18.45 25.69
CA TRP A 494 69.34 -18.73 24.98
C TRP A 494 69.47 -20.01 24.16
N THR A 495 68.39 -20.79 24.12
CA THR A 495 68.29 -21.95 23.24
C THR A 495 67.11 -21.74 22.30
N VAL A 496 67.39 -21.70 21.01
CA VAL A 496 66.34 -21.51 20.01
C VAL A 496 66.04 -22.84 19.35
N PHE A 497 64.81 -22.97 18.87
CA PHE A 497 64.32 -24.23 18.28
C PHE A 497 63.59 -23.92 16.98
N PRO A 498 64.24 -24.16 15.84
CA PRO A 498 63.54 -24.16 14.55
C PRO A 498 62.59 -25.34 14.45
N LEU A 499 61.42 -25.13 13.86
CA LEU A 499 60.38 -26.14 13.85
C LEU A 499 60.15 -26.64 12.43
N ASP A 500 60.41 -27.92 12.20
CA ASP A 500 60.10 -28.60 10.93
C ASP A 500 58.64 -29.00 10.94
N THR A 501 57.76 -27.99 10.84
CA THR A 501 56.33 -28.25 10.90
C THR A 501 55.84 -29.06 9.70
N GLU A 502 56.47 -28.91 8.54
CA GLU A 502 55.94 -29.57 7.35
C GLU A 502 56.19 -31.07 7.39
N ALA A 503 57.44 -31.48 7.58
CA ALA A 503 57.72 -32.90 7.69
C ALA A 503 57.01 -33.50 8.89
N MET A 504 56.92 -32.75 9.99
CA MET A 504 56.25 -33.25 11.18
C MET A 504 54.79 -33.57 10.88
N VAL A 505 54.11 -32.69 10.16
CA VAL A 505 52.72 -32.97 9.83
C VAL A 505 52.63 -34.13 8.85
N ARG A 506 53.53 -34.17 7.86
CA ARG A 506 53.48 -35.24 6.87
C ARG A 506 53.82 -36.61 7.45
N ASN A 507 54.47 -36.68 8.61
CA ASN A 507 54.83 -37.95 9.21
C ASN A 507 53.94 -38.34 10.39
N HIS A 508 53.69 -37.39 11.30
CA HIS A 508 52.89 -37.63 12.50
C HIS A 508 53.48 -38.75 13.36
N LEU A 509 54.80 -38.70 13.56
CA LEU A 509 55.53 -39.69 14.35
C LEU A 509 55.28 -41.11 13.82
N TRP A 510 55.25 -41.26 12.51
CA TRP A 510 54.98 -42.56 11.91
C TRP A 510 56.07 -42.93 10.92
N ASP A 530 43.13 -17.19 30.37
CA ASP A 530 42.76 -18.56 30.02
C ASP A 530 43.20 -18.91 28.61
N LEU A 531 44.11 -18.10 28.06
CA LEU A 531 44.64 -18.38 26.73
C LEU A 531 45.44 -19.67 26.75
N ILE A 532 45.15 -20.55 25.81
CA ILE A 532 45.74 -21.88 25.78
C ILE A 532 47.06 -21.84 25.03
N LEU A 533 48.09 -22.42 25.63
CA LEU A 533 49.42 -22.60 25.06
C LEU A 533 49.29 -23.07 23.61
N PRO A 534 50.15 -22.59 22.72
CA PRO A 534 50.16 -23.11 21.34
C PRO A 534 50.29 -24.62 21.31
N THR A 535 49.25 -25.27 20.78
CA THR A 535 49.11 -26.71 20.87
C THR A 535 48.49 -27.23 19.58
N PHE A 536 48.69 -28.52 19.32
CA PHE A 536 48.20 -29.15 18.11
C PHE A 536 46.96 -30.00 18.42
N TYR A 537 45.93 -29.82 17.60
CA TYR A 537 44.67 -30.55 17.69
C TYR A 537 44.47 -31.26 16.37
N VAL A 538 44.46 -32.58 16.42
CA VAL A 538 44.40 -33.43 15.24
C VAL A 538 43.02 -34.07 15.19
N GLY A 539 42.34 -33.90 14.07
CA GLY A 539 41.07 -34.57 13.84
C GLY A 539 41.09 -35.26 12.49
N ASN A 540 40.18 -36.21 12.35
CA ASN A 540 40.08 -36.95 11.11
C ASN A 540 38.69 -36.79 10.52
N PHE A 541 38.62 -36.93 9.20
CA PHE A 541 37.32 -37.11 8.56
C PHE A 541 37.51 -38.00 7.34
N SER A 542 36.46 -38.73 7.02
CA SER A 542 36.48 -39.68 5.93
C SER A 542 35.57 -39.16 4.82
N ILE A 543 35.89 -39.54 3.58
CA ILE A 543 35.09 -39.15 2.43
C ILE A 543 34.76 -40.42 1.69
N PRO A 544 33.52 -40.64 1.30
CA PRO A 544 33.18 -41.90 0.66
C PRO A 544 33.83 -42.00 -0.72
N SER A 545 34.18 -43.22 -1.07
CA SER A 545 34.74 -43.56 -2.37
C SER A 545 33.64 -43.80 -3.39
N GLY A 546 34.02 -43.76 -4.66
CA GLY A 546 33.09 -44.09 -5.70
C GLY A 546 32.04 -43.04 -5.99
N ILE A 547 32.25 -41.81 -5.54
CA ILE A 547 31.32 -40.73 -5.88
C ILE A 547 32.01 -39.85 -6.91
N PRO A 548 31.56 -39.85 -8.16
CA PRO A 548 32.29 -39.16 -9.23
C PRO A 548 32.61 -37.71 -8.90
N ASP A 549 31.67 -37.05 -8.23
CA ASP A 549 31.78 -35.63 -7.93
C ASP A 549 32.21 -35.37 -6.50
N LEU A 550 32.84 -36.35 -5.85
CA LEU A 550 33.52 -36.19 -4.58
C LEU A 550 34.93 -36.72 -4.72
N PRO A 551 35.92 -36.07 -4.10
CA PRO A 551 35.89 -34.88 -3.25
C PRO A 551 35.66 -33.59 -4.03
N GLN A 552 35.15 -32.56 -3.36
CA GLN A 552 35.03 -31.24 -3.93
C GLN A 552 35.78 -30.20 -3.10
N ASP A 553 36.10 -29.08 -3.75
CA ASP A 553 36.63 -27.93 -3.05
C ASP A 553 35.72 -27.56 -1.90
N THR A 554 36.28 -26.94 -0.86
CA THR A 554 35.47 -26.57 0.29
C THR A 554 36.10 -25.39 1.01
N PHE A 555 35.45 -24.96 2.10
CA PHE A 555 35.92 -23.83 2.90
C PHE A 555 35.87 -24.25 4.36
N ILE A 556 36.96 -24.04 5.09
CA ILE A 556 37.03 -24.42 6.49
C ILE A 556 36.84 -23.22 7.39
N GLN A 557 36.00 -23.40 8.42
CA GLN A 557 35.67 -22.36 9.37
C GLN A 557 36.04 -22.85 10.77
N PHE A 558 36.37 -21.89 11.64
CA PHE A 558 36.91 -22.17 12.96
C PHE A 558 36.13 -21.42 14.03
N PRO A 559 34.84 -21.72 14.20
CA PRO A 559 34.07 -20.97 15.20
C PRO A 559 34.56 -21.30 16.59
N GLY A 560 34.88 -20.27 17.36
CA GLY A 560 35.38 -20.45 18.70
C GLY A 560 36.89 -20.51 18.82
N TRP A 561 37.59 -20.74 17.71
CA TRP A 561 39.04 -20.66 17.70
C TRP A 561 39.48 -19.21 17.60
N SER A 562 40.78 -18.98 17.82
CA SER A 562 41.31 -17.62 17.77
C SER A 562 42.29 -17.42 16.63
N LYS A 563 43.35 -18.21 16.54
CA LYS A 563 44.41 -17.94 15.58
C LYS A 563 45.41 -19.09 15.49
N GLY A 564 45.71 -19.55 14.29
CA GLY A 564 46.78 -20.52 14.14
C GLY A 564 46.99 -20.93 12.70
N GLN A 565 47.58 -22.12 12.56
CA GLN A 565 47.99 -22.67 11.27
C GLN A 565 47.25 -23.99 11.10
N VAL A 566 46.93 -24.33 9.86
CA VAL A 566 46.18 -25.56 9.58
C VAL A 566 46.79 -26.31 8.41
N TRP A 567 46.90 -27.63 8.56
CA TRP A 567 47.36 -28.50 7.50
C TRP A 567 46.30 -29.57 7.26
N ILE A 568 46.13 -29.97 6.01
CA ILE A 568 45.40 -31.19 5.69
C ILE A 568 46.29 -32.12 4.88
N ASN A 569 46.43 -33.36 5.34
CA ASN A 569 47.31 -34.34 4.72
C ASN A 569 48.69 -33.75 4.44
N GLY A 570 49.17 -32.92 5.37
CA GLY A 570 50.48 -32.35 5.27
C GLY A 570 50.58 -31.11 4.42
N PHE A 571 49.52 -30.72 3.73
CA PHE A 571 49.54 -29.50 2.94
C PHE A 571 49.09 -28.35 3.83
N ASN A 572 49.99 -27.37 4.01
CA ASN A 572 49.76 -26.22 4.86
C ASN A 572 48.84 -25.22 4.16
N LEU A 573 47.59 -25.14 4.61
CA LEU A 573 46.61 -24.31 3.92
C LEU A 573 46.78 -22.83 4.23
N GLY A 574 47.53 -22.48 5.27
CA GLY A 574 47.77 -21.10 5.62
C GLY A 574 47.29 -20.69 7.01
N ARG A 575 47.14 -19.40 7.24
CA ARG A 575 46.83 -18.90 8.58
C ARG A 575 45.36 -18.58 8.69
N TYR A 576 44.77 -18.88 9.85
CA TYR A 576 43.41 -18.48 10.14
C TYR A 576 43.38 -17.51 11.30
N TRP A 577 42.39 -16.63 11.29
CA TRP A 577 42.23 -15.64 12.34
C TRP A 577 40.81 -15.10 12.34
N PRO A 578 39.80 -15.94 12.58
CA PRO A 578 38.41 -15.44 12.52
C PRO A 578 38.14 -14.33 13.51
N THR A 579 38.69 -14.42 14.71
CA THR A 579 38.42 -13.40 15.73
C THR A 579 38.98 -12.04 15.33
N MET A 580 39.95 -12.01 14.42
CA MET A 580 40.44 -10.74 13.89
C MET A 580 39.74 -10.37 12.59
N GLY A 581 39.43 -11.35 11.76
CA GLY A 581 38.83 -11.12 10.46
C GLY A 581 39.70 -10.25 9.58
N PRO A 582 39.18 -9.87 8.40
CA PRO A 582 37.83 -10.07 7.87
C PRO A 582 37.67 -11.46 7.27
N GLN A 583 38.78 -12.11 7.00
CA GLN A 583 38.76 -13.47 6.51
C GLN A 583 38.27 -14.42 7.61
N LYS A 584 37.30 -15.25 7.27
CA LYS A 584 36.85 -16.33 8.14
C LYS A 584 37.15 -17.69 7.56
N THR A 585 36.65 -17.96 6.36
CA THR A 585 36.82 -19.27 5.74
C THR A 585 38.20 -19.39 5.12
N LEU A 586 38.69 -20.62 5.01
CA LEU A 586 39.90 -20.91 4.27
C LEU A 586 39.58 -21.80 3.08
N PHE A 587 40.16 -21.47 1.92
CA PHE A 587 39.98 -22.28 0.73
C PHE A 587 40.68 -23.63 0.84
N VAL A 588 39.94 -24.70 0.57
CA VAL A 588 40.50 -26.05 0.55
C VAL A 588 40.33 -26.60 -0.86
N PRO A 589 41.41 -26.71 -1.64
CA PRO A 589 41.30 -27.32 -2.96
C PRO A 589 41.13 -28.82 -2.85
N ARG A 590 40.28 -29.38 -3.71
CA ARG A 590 39.93 -30.79 -3.60
C ARG A 590 41.10 -31.72 -3.85
N ASN A 591 42.21 -31.22 -4.39
CA ASN A 591 43.34 -32.07 -4.71
C ASN A 591 43.90 -32.78 -3.49
N ILE A 592 43.78 -32.16 -2.32
CA ILE A 592 44.43 -32.67 -1.12
C ILE A 592 43.60 -33.70 -0.36
N LEU A 593 42.34 -33.91 -0.74
CA LEU A 593 41.52 -34.91 -0.09
C LEU A 593 41.66 -36.25 -0.78
N THR A 594 41.74 -37.31 0.01
CA THR A 594 41.90 -38.67 -0.51
C THR A 594 40.78 -39.54 0.05
N THR A 595 40.01 -40.13 -0.86
CA THR A 595 38.92 -41.01 -0.48
C THR A 595 39.44 -42.38 -0.06
N SER A 596 38.62 -43.07 0.73
CA SER A 596 39.01 -44.24 1.52
C SER A 596 40.11 -43.94 2.54
N ALA A 597 41.22 -43.37 2.11
CA ALA A 597 42.29 -43.09 3.05
C ALA A 597 41.86 -41.97 3.98
N PRO A 598 42.07 -42.09 5.29
CA PRO A 598 41.57 -41.09 6.23
C PRO A 598 42.17 -39.71 5.98
N ASN A 599 41.31 -38.69 6.08
CA ASN A 599 41.77 -37.30 6.04
C ASN A 599 42.18 -36.87 7.44
N ASN A 600 43.39 -36.32 7.57
CA ASN A 600 44.01 -36.05 8.86
C ASN A 600 44.35 -34.56 8.96
N ILE A 601 43.42 -33.78 9.51
CA ILE A 601 43.60 -32.35 9.71
C ILE A 601 44.40 -32.12 10.98
N THR A 602 45.39 -31.22 10.90
CA THR A 602 46.19 -30.81 12.05
C THR A 602 46.07 -29.30 12.19
N VAL A 603 45.69 -28.85 13.38
CA VAL A 603 45.59 -27.43 13.69
C VAL A 603 46.61 -27.09 14.78
N LEU A 604 47.45 -26.10 14.51
CA LEU A 604 48.31 -25.51 15.53
C LEU A 604 47.63 -24.22 15.97
N GLU A 605 47.03 -24.26 17.15
CA GLU A 605 46.35 -23.11 17.72
C GLU A 605 47.26 -22.36 18.67
N LEU A 606 47.33 -21.05 18.49
CA LEU A 606 48.26 -20.21 19.20
C LEU A 606 47.63 -19.48 20.37
N GLU A 607 46.31 -19.32 20.37
CA GLU A 607 45.70 -18.44 21.36
C GLU A 607 44.62 -19.12 22.19
N PHE A 608 43.74 -19.88 21.57
CA PHE A 608 42.56 -20.37 22.29
C PHE A 608 41.86 -21.50 21.55
N ALA A 609 41.52 -22.58 22.25
CA ALA A 609 40.74 -23.66 21.67
C ALA A 609 39.58 -24.02 22.57
N PRO A 610 38.43 -24.36 21.99
CA PRO A 610 37.24 -24.71 22.78
C PRO A 610 37.23 -26.17 23.22
N CYS A 611 38.29 -26.59 23.91
CA CYS A 611 38.56 -28.02 24.01
C CYS A 611 38.99 -28.46 25.40
N SER A 612 38.89 -27.60 26.41
CA SER A 612 39.26 -27.99 27.76
C SER A 612 38.12 -28.67 28.51
N GLU A 613 36.90 -28.15 28.36
CA GLU A 613 35.76 -28.61 29.14
C GLU A 613 35.23 -29.92 28.55
N GLY A 614 34.08 -30.37 29.06
CA GLY A 614 33.47 -31.61 28.66
C GLY A 614 32.56 -31.52 27.46
N THR A 615 32.51 -30.37 26.78
CA THR A 615 31.68 -30.24 25.59
C THR A 615 32.53 -30.54 24.36
N PRO A 616 32.32 -31.66 23.69
CA PRO A 616 33.14 -31.99 22.52
C PRO A 616 32.69 -31.29 21.25
N GLU A 617 31.39 -31.02 21.16
CA GLU A 617 30.84 -30.35 19.98
C GLU A 617 31.52 -29.02 19.72
N LEU A 618 31.96 -28.33 20.78
CA LEU A 618 32.61 -27.04 20.57
C LEU A 618 34.00 -27.22 19.98
N CYS A 619 34.66 -28.33 20.29
CA CYS A 619 36.00 -28.61 19.78
C CYS A 619 35.95 -29.15 18.36
N THR A 620 35.26 -28.45 17.47
CA THR A 620 35.11 -28.89 16.08
C THR A 620 35.31 -27.71 15.13
N VAL A 621 35.88 -28.02 13.98
CA VAL A 621 35.91 -27.11 12.86
C VAL A 621 34.81 -27.53 11.90
N GLU A 622 34.53 -26.70 10.89
CA GLU A 622 33.49 -27.06 9.95
C GLU A 622 33.95 -26.89 8.51
N PHE A 623 33.41 -27.74 7.63
CA PHE A 623 33.54 -27.58 6.20
C PHE A 623 32.22 -27.06 5.64
N VAL A 624 32.31 -25.96 4.89
CA VAL A 624 31.18 -25.26 4.30
C VAL A 624 31.40 -25.16 2.80
N ASP A 625 30.31 -24.88 2.09
CA ASP A 625 30.33 -24.83 0.64
C ASP A 625 30.44 -23.41 0.10
N THR A 626 29.73 -22.45 0.70
CA THR A 626 29.75 -21.07 0.22
C THR A 626 30.71 -20.27 1.08
N PRO A 627 31.73 -19.63 0.49
CA PRO A 627 32.69 -18.89 1.30
C PRO A 627 32.01 -17.71 2.00
N VAL A 628 32.51 -17.39 3.18
CA VAL A 628 32.15 -16.18 3.92
C VAL A 628 33.45 -15.46 4.26
N ILE A 629 33.82 -14.48 3.46
CA ILE A 629 35.04 -13.72 3.69
C ILE A 629 34.80 -12.24 3.92
N SER A 630 33.59 -11.76 3.67
CA SER A 630 33.23 -10.36 3.90
C SER A 630 31.72 -10.16 3.82
N SER B 10 89.44 0.88 -8.74
CA SER B 10 88.98 0.98 -10.13
C SER B 10 88.41 2.36 -10.42
N ALA B 11 87.15 2.40 -10.82
CA ALA B 11 86.50 3.66 -11.14
C ALA B 11 86.33 4.50 -9.87
N PRO B 12 86.34 5.83 -10.00
CA PRO B 12 86.16 6.69 -8.84
C PRO B 12 84.69 6.91 -8.53
N ASP B 13 84.21 6.23 -7.48
CA ASP B 13 82.82 6.33 -7.07
C ASP B 13 82.38 7.77 -6.88
N GLN B 14 83.28 8.64 -6.42
CA GLN B 14 82.91 10.03 -6.21
C GLN B 14 82.68 10.78 -7.51
N ASP B 15 83.06 10.19 -8.64
CA ASP B 15 82.87 10.81 -9.96
C ASP B 15 81.63 10.31 -10.67
N GLU B 16 81.19 9.08 -10.38
CA GLU B 16 80.01 8.51 -11.01
C GLU B 16 78.84 9.48 -10.95
N ILE B 17 78.02 9.46 -11.99
CA ILE B 17 76.85 10.32 -12.07
C ILE B 17 75.64 9.56 -11.55
N ASP B 18 75.08 10.03 -10.44
CA ASP B 18 73.86 9.43 -9.92
C ASP B 18 72.72 9.58 -10.92
N ALA B 19 72.59 10.76 -11.52
CA ALA B 19 71.50 11.06 -12.45
C ALA B 19 71.82 12.38 -13.13
N LEU B 20 71.07 12.66 -14.20
CA LEU B 20 71.15 13.95 -14.87
C LEU B 20 69.75 14.54 -14.97
N PRO B 21 69.50 15.68 -14.36
CA PRO B 21 68.17 16.30 -14.45
C PRO B 21 67.75 16.51 -15.89
N GLY B 22 66.48 16.82 -16.09
CA GLY B 22 66.00 17.08 -17.43
C GLY B 22 65.88 15.85 -18.31
N LEU B 23 66.39 14.71 -17.87
CA LEU B 23 66.31 13.46 -18.59
C LEU B 23 65.21 12.62 -17.98
N ALA B 24 64.28 12.16 -18.81
CA ALA B 24 63.20 11.36 -18.25
C ALA B 24 63.63 9.95 -17.90
N LYS B 25 64.42 9.29 -18.74
CA LYS B 25 64.91 7.95 -18.41
C LYS B 25 66.44 7.94 -18.38
N GLN B 26 66.98 7.47 -17.26
CA GLN B 26 68.41 7.39 -17.02
C GLN B 26 69.16 6.54 -18.05
N PRO B 27 70.41 6.88 -18.33
CA PRO B 27 71.20 6.12 -19.30
C PRO B 27 71.35 4.65 -18.91
N SER B 28 71.51 3.83 -19.94
CA SER B 28 71.68 2.38 -19.79
C SER B 28 73.14 1.98 -19.76
N PHE B 29 74.03 2.96 -19.80
CA PHE B 29 75.46 2.77 -19.81
C PHE B 29 76.02 3.63 -18.68
N ARG B 30 77.20 3.27 -18.19
CA ARG B 30 77.76 4.05 -17.12
C ARG B 30 78.47 5.27 -17.69
N GLN B 31 78.40 6.37 -16.94
CA GLN B 31 79.02 7.61 -17.34
C GLN B 31 79.57 8.33 -16.12
N TYR B 32 80.78 8.85 -16.26
CA TYR B 32 81.47 9.54 -15.20
C TYR B 32 81.76 10.97 -15.62
N SER B 33 81.92 11.82 -14.62
CA SER B 33 82.24 13.23 -14.85
C SER B 33 83.15 13.67 -13.71
N GLY B 34 84.32 14.17 -14.04
CA GLY B 34 85.22 14.57 -12.97
C GLY B 34 86.40 15.38 -13.46
N TYR B 35 87.54 15.25 -12.80
CA TYR B 35 88.71 16.01 -13.21
C TYR B 35 89.92 15.10 -13.35
N LEU B 36 90.74 15.39 -14.34
CA LEU B 36 91.97 14.67 -14.61
C LEU B 36 93.16 15.57 -14.32
N ARG B 37 94.22 14.97 -13.78
CA ARG B 37 95.38 15.75 -13.35
C ARG B 37 96.10 16.29 -14.57
N ALA B 38 95.88 17.57 -14.86
CA ALA B 38 96.77 18.34 -15.71
C ALA B 38 97.94 18.77 -14.85
N SER B 39 98.77 19.70 -15.32
CA SER B 39 99.86 20.22 -14.50
C SER B 39 99.34 20.63 -13.14
N ASP B 40 100.18 20.44 -12.11
CA ASP B 40 99.76 20.38 -10.71
C ASP B 40 98.62 21.34 -10.38
N SER B 41 98.72 22.59 -10.82
CA SER B 41 97.65 23.55 -10.55
C SER B 41 96.44 23.30 -11.42
N LYS B 42 96.65 22.89 -12.67
CA LYS B 42 95.56 22.72 -13.62
C LYS B 42 94.91 21.34 -13.47
N HIS B 43 93.58 21.32 -13.59
CA HIS B 43 92.81 20.08 -13.49
C HIS B 43 91.77 20.10 -14.60
N PHE B 44 91.97 19.26 -15.61
CA PHE B 44 91.06 19.22 -16.75
C PHE B 44 89.71 18.64 -16.33
N HIS B 45 88.65 19.07 -17.00
CA HIS B 45 87.32 18.55 -16.76
C HIS B 45 87.03 17.44 -17.77
N TYR B 46 86.71 16.25 -17.28
CA TYR B 46 86.39 15.14 -18.17
C TYR B 46 84.96 14.70 -18.01
N TRP B 47 84.49 14.03 -19.08
CA TRP B 47 83.16 13.44 -19.13
C TRP B 47 83.28 12.15 -19.94
N PHE B 48 83.32 11.02 -19.26
CA PHE B 48 83.48 9.73 -19.92
C PHE B 48 82.13 9.06 -20.03
N VAL B 49 81.81 8.53 -21.21
CA VAL B 49 80.56 7.82 -21.42
C VAL B 49 80.88 6.43 -21.99
N GLU B 50 80.46 5.40 -21.27
CA GLU B 50 80.73 4.04 -21.71
C GLU B 50 79.84 3.63 -22.87
N SER B 51 80.35 2.70 -23.67
CA SER B 51 79.62 2.14 -24.81
C SER B 51 78.27 1.62 -24.37
N GLN B 52 77.30 1.69 -25.28
CA GLN B 52 75.96 1.21 -24.98
C GLN B 52 75.82 -0.28 -25.24
N ASN B 53 76.89 -0.95 -25.63
CA ASN B 53 76.88 -2.38 -25.90
C ASN B 53 78.27 -2.92 -25.65
N ASP B 54 78.41 -3.79 -24.64
CA ASP B 54 79.69 -4.41 -24.30
C ASP B 54 80.80 -3.38 -24.03
N PRO B 55 80.56 -2.41 -23.13
CA PRO B 55 81.60 -1.41 -22.86
C PRO B 55 82.94 -1.99 -22.43
N LYS B 56 82.95 -3.13 -21.74
CA LYS B 56 84.21 -3.69 -21.26
C LYS B 56 85.19 -3.91 -22.39
N ASN B 57 84.70 -4.24 -23.59
CA ASN B 57 85.56 -4.50 -24.73
C ASN B 57 85.35 -3.48 -25.85
N SER B 58 84.81 -2.33 -25.52
CA SER B 58 84.66 -1.43 -26.66
C SER B 58 85.83 -0.44 -26.70
N PRO B 59 86.26 -0.07 -27.91
CA PRO B 59 87.38 0.88 -28.01
C PRO B 59 87.12 2.19 -27.29
N VAL B 60 88.21 2.82 -26.85
CA VAL B 60 88.17 4.12 -26.20
C VAL B 60 88.53 5.21 -27.20
N VAL B 61 87.62 6.17 -27.37
CA VAL B 61 87.79 7.27 -28.30
C VAL B 61 87.81 8.57 -27.52
N LEU B 62 88.91 9.30 -27.59
CA LEU B 62 89.07 10.59 -26.93
C LEU B 62 88.53 11.66 -27.86
N TRP B 63 87.77 12.61 -27.31
CA TRP B 63 87.26 13.71 -28.11
C TRP B 63 87.66 15.06 -27.55
N LEU B 64 88.23 15.87 -28.44
CA LEU B 64 88.65 17.24 -28.15
C LEU B 64 88.04 18.21 -29.16
N ASN B 65 87.49 19.32 -28.65
CA ASN B 65 86.97 20.35 -29.52
C ASN B 65 88.11 21.32 -29.85
N GLY B 66 87.80 22.39 -30.56
CA GLY B 66 88.88 23.28 -30.92
C GLY B 66 88.88 24.64 -30.29
N GLY B 67 88.81 25.67 -31.11
CA GLY B 67 88.84 27.03 -30.63
C GLY B 67 89.98 27.78 -31.29
N PRO B 68 91.10 27.95 -30.57
CA PRO B 68 91.42 27.50 -29.22
C PRO B 68 90.59 28.20 -28.14
N GLY B 69 90.21 27.47 -27.11
CA GLY B 69 89.41 28.03 -26.04
C GLY B 69 87.96 27.60 -25.99
N CYS B 70 87.59 26.53 -26.69
CA CYS B 70 86.22 26.05 -26.72
C CYS B 70 86.11 24.69 -26.04
N SER B 71 84.93 24.44 -25.49
CA SER B 71 84.67 23.25 -24.70
C SER B 71 84.40 22.01 -25.54
N SER B 72 84.98 20.90 -25.12
CA SER B 72 84.77 19.62 -25.76
C SER B 72 83.41 19.04 -25.43
N LEU B 73 82.65 19.73 -24.59
CA LEU B 73 81.30 19.34 -24.21
C LEU B 73 80.30 19.73 -25.28
N ASP B 74 80.76 20.39 -26.33
CA ASP B 74 79.90 20.75 -27.45
C ASP B 74 79.64 19.53 -28.31
N GLY B 75 80.69 18.77 -28.60
CA GLY B 75 80.50 17.55 -29.36
C GLY B 75 79.60 16.57 -28.64
N LEU B 76 79.63 16.58 -27.31
CA LEU B 76 78.79 15.70 -26.52
C LEU B 76 77.35 16.19 -26.43
N LEU B 77 77.14 17.36 -25.85
CA LEU B 77 75.76 17.81 -25.67
C LEU B 77 75.08 18.24 -26.96
N THR B 78 75.82 18.56 -28.01
CA THR B 78 75.20 19.04 -29.24
C THR B 78 75.58 18.32 -30.52
N GLU B 79 76.63 17.50 -30.55
CA GLU B 79 77.01 16.84 -31.79
C GLU B 79 76.85 15.32 -31.79
N HIS B 80 77.67 14.59 -31.03
CA HIS B 80 77.57 13.14 -31.06
C HIS B 80 77.58 12.50 -29.68
N GLY B 81 77.20 13.24 -28.66
CA GLY B 81 77.13 12.70 -27.32
C GLY B 81 75.96 11.76 -27.17
N PRO B 82 75.92 11.03 -26.06
CA PRO B 82 74.83 10.08 -25.82
C PRO B 82 73.47 10.74 -25.70
N PHE B 83 73.41 12.04 -25.47
CA PHE B 83 72.14 12.73 -25.39
C PHE B 83 72.32 14.14 -25.90
N LEU B 84 71.21 14.74 -26.34
CA LEU B 84 71.25 16.08 -26.91
C LEU B 84 70.21 16.97 -26.24
N ILE B 85 70.58 18.23 -26.11
CA ILE B 85 69.75 19.23 -25.46
C ILE B 85 68.72 19.71 -26.47
N GLN B 86 67.45 19.60 -26.11
CA GLN B 86 66.40 20.07 -26.99
C GLN B 86 66.37 21.60 -26.93
N PRO B 87 65.66 22.23 -27.86
CA PRO B 87 65.60 23.70 -27.84
C PRO B 87 65.13 24.31 -26.53
N ASP B 88 64.33 23.59 -25.74
CA ASP B 88 63.90 24.17 -24.47
C ASP B 88 65.04 24.35 -23.48
N GLY B 89 66.18 23.69 -23.70
CA GLY B 89 67.28 23.81 -22.77
C GLY B 89 66.95 23.25 -21.41
N VAL B 90 66.04 22.30 -21.34
CA VAL B 90 65.63 21.70 -20.07
C VAL B 90 65.59 20.18 -20.22
N THR B 91 65.07 19.73 -21.35
CA THR B 91 64.90 18.32 -21.64
C THR B 91 66.09 17.78 -22.41
N LEU B 92 66.41 16.52 -22.17
CA LEU B 92 67.50 15.85 -22.84
C LEU B 92 66.91 14.64 -23.55
N GLU B 93 67.20 14.50 -24.84
CA GLU B 93 66.70 13.39 -25.60
C GLU B 93 67.84 12.51 -26.08
N TYR B 94 67.66 11.20 -25.96
CA TYR B 94 68.66 10.26 -26.42
C TYR B 94 68.89 10.45 -27.91
N ASN B 95 70.09 10.18 -28.36
CA ASN B 95 70.38 10.40 -29.77
C ASN B 95 70.55 9.05 -30.45
N PRO B 96 69.72 8.75 -31.44
CA PRO B 96 69.83 7.48 -32.14
C PRO B 96 71.09 7.41 -32.96
N TYR B 97 71.75 8.55 -33.16
CA TYR B 97 72.94 8.64 -33.97
C TYR B 97 74.16 8.99 -33.13
N ALA B 98 74.11 8.70 -31.83
CA ALA B 98 75.21 9.04 -30.94
C ALA B 98 76.42 8.14 -31.21
N TRP B 99 77.61 8.72 -31.10
CA TRP B 99 78.85 7.96 -31.23
C TRP B 99 79.02 6.94 -30.12
N ASN B 100 78.41 7.17 -28.98
CA ASN B 100 78.53 6.24 -27.88
C ASN B 100 77.73 4.98 -28.07
N LEU B 101 77.14 4.75 -29.23
CA LEU B 101 76.45 3.49 -29.45
C LEU B 101 77.41 2.32 -29.63
N ILE B 102 78.61 2.58 -30.12
CA ILE B 102 79.56 1.49 -30.36
C ILE B 102 80.94 1.75 -29.77
N ALA B 103 81.09 2.82 -28.99
CA ALA B 103 82.41 3.09 -28.44
C ALA B 103 82.29 3.81 -27.10
N ASN B 104 83.38 3.73 -26.33
CA ASN B 104 83.49 4.42 -25.04
C ASN B 104 84.16 5.75 -25.35
N VAL B 105 83.40 6.84 -25.25
CA VAL B 105 83.93 8.16 -25.61
C VAL B 105 84.27 8.98 -24.37
N LEU B 106 85.47 9.54 -24.37
CA LEU B 106 85.98 10.36 -23.29
C LEU B 106 86.12 11.78 -23.82
N TYR B 107 85.28 12.69 -23.33
CA TYR B 107 85.34 14.09 -23.73
C TYR B 107 86.19 14.87 -22.74
N ILE B 108 87.14 15.66 -23.25
CA ILE B 108 88.05 16.39 -22.36
C ILE B 108 88.00 17.88 -22.67
N GLU B 109 87.58 18.68 -21.69
CA GLU B 109 87.64 20.13 -21.84
C GLU B 109 89.07 20.58 -21.60
N SER B 110 89.76 20.94 -22.67
CA SER B 110 91.16 21.36 -22.59
C SER B 110 91.38 22.55 -23.50
N PRO B 111 92.30 23.46 -23.13
CA PRO B 111 93.14 23.44 -21.93
C PRO B 111 92.44 23.97 -20.68
N ALA B 112 93.22 24.17 -19.61
CA ALA B 112 92.66 24.68 -18.36
C ALA B 112 92.00 26.03 -18.57
N GLY B 113 90.87 26.23 -17.91
CA GLY B 113 90.11 27.45 -18.02
C GLY B 113 88.94 27.36 -18.97
N VAL B 114 88.94 26.36 -19.83
CA VAL B 114 87.87 26.13 -20.79
C VAL B 114 86.80 25.28 -20.13
N GLY B 115 85.57 25.79 -20.11
CA GLY B 115 84.49 25.03 -19.51
C GLY B 115 84.62 24.94 -18.01
N PHE B 116 84.80 23.72 -17.48
CA PHE B 116 84.96 23.52 -16.06
C PHE B 116 86.40 23.25 -15.66
N SER B 117 87.34 23.43 -16.59
CA SER B 117 88.74 23.24 -16.30
C SER B 117 89.25 24.49 -15.59
N TYR B 118 90.30 24.35 -14.81
CA TYR B 118 90.82 25.49 -14.05
C TYR B 118 92.23 25.17 -13.57
N SER B 119 92.79 26.14 -12.84
CA SER B 119 94.12 26.01 -12.27
C SER B 119 94.18 26.78 -10.97
N ASP B 120 94.99 26.28 -10.03
CA ASP B 120 95.16 26.92 -8.74
C ASP B 120 95.57 28.38 -8.92
N ASP B 121 96.59 28.63 -9.74
CA ASP B 121 97.07 29.98 -10.00
C ASP B 121 96.12 30.78 -10.86
N LYS B 122 95.14 30.13 -11.50
CA LYS B 122 94.16 30.80 -12.36
C LYS B 122 94.83 31.49 -13.54
N MET B 123 95.93 30.91 -14.03
CA MET B 123 96.65 31.47 -15.17
C MET B 123 96.08 30.85 -16.44
N TYR B 124 95.03 31.49 -16.97
CA TYR B 124 94.39 30.96 -18.16
C TYR B 124 95.27 31.05 -19.40
N VAL B 125 96.28 31.93 -19.40
CA VAL B 125 97.17 32.05 -20.54
C VAL B 125 97.96 30.74 -20.69
N THR B 126 98.18 30.33 -21.94
CA THR B 126 98.89 29.09 -22.23
C THR B 126 99.34 29.12 -23.68
N ASN B 127 99.83 27.98 -24.16
CA ASN B 127 100.36 27.87 -25.52
C ASN B 127 100.29 26.41 -25.95
N ASP B 128 100.55 26.19 -27.24
CA ASP B 128 100.49 24.86 -27.84
C ASP B 128 101.24 23.80 -27.04
N THR B 129 102.48 24.11 -26.65
CA THR B 129 103.28 23.13 -25.94
C THR B 129 102.69 22.81 -24.57
N GLU B 130 102.27 23.85 -23.83
CA GLU B 130 101.66 23.60 -22.53
C GLU B 130 100.37 22.81 -22.67
N VAL B 131 99.56 23.13 -23.67
CA VAL B 131 98.30 22.41 -23.85
C VAL B 131 98.59 20.94 -24.18
N ALA B 132 99.61 20.69 -25.01
CA ALA B 132 99.94 19.32 -25.35
C ALA B 132 100.44 18.55 -24.14
N GLU B 133 101.30 19.16 -23.33
CA GLU B 133 101.79 18.49 -22.14
C GLU B 133 100.66 18.23 -21.16
N ASN B 134 99.75 19.19 -20.99
CA ASN B 134 98.61 19.01 -20.09
C ASN B 134 97.71 17.89 -20.58
N ASN B 135 97.46 17.83 -21.90
CA ASN B 135 96.66 16.74 -22.45
C ASN B 135 97.32 15.40 -22.20
N TYR B 136 98.63 15.31 -22.39
CA TYR B 136 99.32 14.05 -22.16
C TYR B 136 99.24 13.63 -20.69
N GLU B 137 99.43 14.58 -19.78
CA GLU B 137 99.33 14.26 -18.37
C GLU B 137 97.91 13.87 -17.98
N ALA B 138 96.92 14.47 -18.63
CA ALA B 138 95.53 14.10 -18.36
C ALA B 138 95.26 12.69 -18.85
N LEU B 139 95.79 12.33 -20.01
CA LEU B 139 95.59 10.98 -20.51
C LEU B 139 96.23 9.96 -19.58
N LYS B 140 97.44 10.27 -19.09
CA LYS B 140 98.09 9.37 -18.15
C LYS B 140 97.25 9.22 -16.87
N ASP B 141 96.75 10.34 -16.34
CA ASP B 141 95.90 10.26 -15.16
C ASP B 141 94.67 9.43 -15.45
N PHE B 142 94.02 9.65 -16.59
CA PHE B 142 92.86 8.88 -16.98
C PHE B 142 93.15 7.39 -16.93
N PHE B 143 94.26 6.98 -17.56
CA PHE B 143 94.60 5.57 -17.57
C PHE B 143 94.96 5.06 -16.18
N ARG B 144 95.32 5.95 -15.26
CA ARG B 144 95.60 5.52 -13.90
C ARG B 144 94.34 5.49 -13.04
N LEU B 145 93.31 6.24 -13.43
CA LEU B 145 92.02 6.27 -12.76
C LEU B 145 91.07 5.20 -13.27
N PHE B 146 91.22 4.80 -14.53
CA PHE B 146 90.40 3.77 -15.15
C PHE B 146 91.31 2.74 -15.77
N PRO B 147 92.06 2.01 -14.93
CA PRO B 147 92.97 0.99 -15.46
C PRO B 147 92.28 -0.06 -16.30
N GLU B 148 91.00 -0.30 -16.08
CA GLU B 148 90.31 -1.33 -16.84
C GLU B 148 90.20 -1.01 -18.32
N TYR B 149 90.36 0.25 -18.74
CA TYR B 149 90.25 0.56 -20.15
C TYR B 149 91.60 0.77 -20.82
N LYS B 150 92.71 0.51 -20.13
CA LYS B 150 94.02 0.69 -20.75
C LYS B 150 94.18 -0.22 -21.96
N ASP B 151 93.62 -1.43 -21.90
CA ASP B 151 93.78 -2.40 -22.96
C ASP B 151 92.93 -2.05 -24.18
N ASN B 152 91.82 -1.36 -23.98
CA ASN B 152 90.93 -1.02 -25.08
C ASN B 152 91.64 -0.19 -26.13
N LYS B 153 91.32 -0.47 -27.40
CA LYS B 153 91.90 0.27 -28.51
C LYS B 153 91.62 1.75 -28.33
N LEU B 154 92.64 2.58 -28.42
CA LEU B 154 92.50 4.02 -28.24
C LEU B 154 92.62 4.77 -29.55
N PHE B 155 91.75 5.77 -29.71
CA PHE B 155 91.68 6.65 -30.87
C PHE B 155 91.59 8.09 -30.40
N LEU B 156 92.33 8.98 -31.05
CA LEU B 156 92.31 10.40 -30.72
C LEU B 156 91.54 11.16 -31.79
N THR B 157 90.45 11.81 -31.40
CA THR B 157 89.57 12.53 -32.31
C THR B 157 89.30 13.93 -31.78
N GLY B 158 88.94 14.81 -32.71
CA GLY B 158 88.67 16.18 -32.34
C GLY B 158 88.17 16.95 -33.53
N GLU B 159 88.01 18.25 -33.34
CA GLU B 159 87.48 19.07 -34.42
C GLU B 159 88.07 20.47 -34.40
N SER B 160 88.16 21.06 -35.59
CA SER B 160 88.61 22.44 -35.80
C SER B 160 90.05 22.67 -35.39
N TYR B 161 90.23 23.46 -34.32
CA TYR B 161 91.56 23.74 -33.82
C TYR B 161 92.22 22.50 -33.26
N ALA B 162 91.43 21.49 -32.90
CA ALA B 162 91.97 20.23 -32.43
C ALA B 162 92.75 19.57 -33.56
N GLY B 163 92.77 20.20 -34.73
CA GLY B 163 93.55 19.66 -35.82
C GLY B 163 95.02 19.87 -35.59
N ILE B 164 95.36 20.81 -34.71
CA ILE B 164 96.73 21.07 -34.28
C ILE B 164 96.98 20.24 -33.03
N TYR B 165 96.12 20.42 -32.02
CA TYR B 165 96.20 19.70 -30.76
C TYR B 165 96.44 18.21 -30.93
N ILE B 166 95.55 17.54 -31.65
CA ILE B 166 95.62 16.10 -31.82
C ILE B 166 96.93 15.56 -32.37
N PRO B 167 97.45 16.01 -33.51
CA PRO B 167 98.71 15.40 -33.97
C PRO B 167 99.92 15.68 -33.08
N THR B 168 100.03 16.88 -32.51
CA THR B 168 101.16 17.14 -31.62
C THR B 168 101.06 16.25 -30.40
N LEU B 169 99.84 16.10 -29.89
CA LEU B 169 99.60 15.24 -28.74
C LEU B 169 99.84 13.81 -29.16
N ALA B 170 99.49 13.49 -30.40
CA ALA B 170 99.71 12.15 -30.91
C ALA B 170 101.18 11.80 -30.85
N VAL B 171 102.06 12.77 -31.15
CA VAL B 171 103.49 12.46 -31.09
C VAL B 171 103.86 12.06 -29.68
N LEU B 172 103.20 12.68 -28.70
CA LEU B 172 103.44 12.34 -27.31
C LEU B 172 102.87 10.97 -27.05
N VAL B 173 101.65 10.74 -27.54
CA VAL B 173 101.02 9.44 -27.39
C VAL B 173 101.92 8.37 -28.02
N MET B 174 102.60 8.71 -29.12
CA MET B 174 103.46 7.73 -29.74
C MET B 174 104.65 7.34 -28.86
N GLN B 175 105.02 8.18 -27.91
CA GLN B 175 106.11 7.89 -26.99
C GLN B 175 105.70 7.06 -25.78
N ASP B 176 104.40 6.80 -25.60
CA ASP B 176 103.95 6.00 -24.46
C ASP B 176 103.52 4.59 -24.89
N PRO B 177 104.33 3.57 -24.63
CA PRO B 177 103.94 2.21 -25.01
C PRO B 177 102.71 1.69 -24.27
N SER B 178 102.36 2.30 -23.14
CA SER B 178 101.21 1.87 -22.36
C SER B 178 99.87 2.23 -23.00
N MET B 179 99.86 3.21 -23.91
CA MET B 179 98.62 3.61 -24.56
C MET B 179 98.50 2.84 -25.88
N ASN B 180 97.40 2.12 -26.03
CA ASN B 180 97.15 1.28 -27.20
C ASN B 180 96.61 2.08 -28.39
N LEU B 181 97.42 3.04 -28.83
CA LEU B 181 97.05 3.86 -29.97
C LEU B 181 96.85 2.99 -31.20
N GLN B 182 95.64 2.98 -31.72
CA GLN B 182 95.31 2.18 -32.90
C GLN B 182 95.08 3.02 -34.14
N GLY B 183 94.70 4.28 -33.99
CA GLY B 183 94.47 5.12 -35.14
C GLY B 183 94.08 6.50 -34.67
N LEU B 184 93.83 7.38 -35.64
CA LEU B 184 93.48 8.74 -35.30
C LEU B 184 92.57 9.32 -36.37
N ALA B 185 91.66 10.20 -35.94
CA ALA B 185 90.72 10.84 -36.86
C ALA B 185 90.54 12.29 -36.48
N VAL B 186 90.60 13.17 -37.47
CA VAL B 186 90.46 14.60 -37.23
C VAL B 186 89.40 15.15 -38.18
N GLY B 187 88.40 15.83 -37.60
CA GLY B 187 87.33 16.41 -38.39
C GLY B 187 87.56 17.88 -38.64
N ASN B 188 87.49 18.27 -39.92
CA ASN B 188 87.70 19.64 -40.38
C ASN B 188 88.82 20.35 -39.62
N GLY B 189 90.00 19.76 -39.64
CA GLY B 189 91.13 20.33 -38.92
C GLY B 189 91.89 21.33 -39.76
N LEU B 190 92.57 22.26 -39.08
CA LEU B 190 93.38 23.27 -39.76
C LEU B 190 94.77 22.68 -39.95
N ALA B 191 94.99 22.07 -41.11
CA ALA B 191 96.27 21.43 -41.35
C ALA B 191 97.37 22.44 -41.62
N SER B 192 97.02 23.59 -42.20
CA SER B 192 98.01 24.55 -42.65
C SER B 192 97.33 25.88 -42.86
N TYR B 193 97.79 26.92 -42.15
CA TYR B 193 97.18 28.24 -42.32
C TYR B 193 97.34 28.71 -43.74
N GLU B 194 98.48 28.41 -44.35
CA GLU B 194 98.72 28.83 -45.73
C GLU B 194 97.77 28.10 -46.67
N GLN B 195 97.73 26.78 -46.56
CA GLN B 195 96.86 25.98 -47.42
C GLN B 195 95.40 26.29 -47.12
N ASN B 196 95.09 26.67 -45.88
CA ASN B 196 93.71 26.99 -45.53
C ASN B 196 93.30 28.33 -46.13
N ASP B 197 94.13 29.36 -45.95
CA ASP B 197 93.79 30.67 -46.50
C ASP B 197 93.69 30.61 -48.02
N ASN B 198 94.60 29.89 -48.67
CA ASN B 198 94.53 29.80 -50.13
C ASN B 198 93.25 29.07 -50.55
N SER B 199 93.03 27.88 -50.01
CA SER B 199 91.81 27.16 -50.37
C SER B 199 90.57 27.97 -50.03
N LEU B 200 90.62 28.78 -48.97
CA LEU B 200 89.46 29.60 -48.61
C LEU B 200 89.19 30.65 -49.66
N VAL B 201 90.24 31.29 -50.16
CA VAL B 201 90.04 32.31 -51.20
C VAL B 201 89.44 31.66 -52.44
N TYR B 202 89.96 30.49 -52.82
CA TYR B 202 89.39 29.79 -53.96
C TYR B 202 87.93 29.44 -53.70
N PHE B 203 87.66 28.84 -52.53
CA PHE B 203 86.30 28.48 -52.15
C PHE B 203 85.37 29.68 -52.31
N ALA B 204 85.79 30.82 -51.75
CA ALA B 204 84.99 32.03 -51.80
C ALA B 204 84.69 32.44 -53.23
N TYR B 205 85.69 32.40 -54.12
CA TYR B 205 85.41 32.77 -55.50
C TYR B 205 84.46 31.78 -56.16
N TYR B 206 84.74 30.49 -56.05
CA TYR B 206 83.91 29.49 -56.70
C TYR B 206 82.56 29.29 -56.03
N HIS B 207 82.34 29.88 -54.85
CA HIS B 207 81.05 29.80 -54.18
C HIS B 207 80.30 31.12 -54.26
N GLY B 208 80.72 32.01 -55.15
CA GLY B 208 80.04 33.27 -55.40
C GLY B 208 80.18 34.27 -54.29
N LEU B 209 81.26 34.20 -53.52
CA LEU B 209 81.43 35.12 -52.41
C LEU B 209 82.30 36.31 -52.76
N LEU B 210 83.14 36.20 -53.79
CA LEU B 210 84.07 37.27 -54.15
C LEU B 210 83.59 38.14 -55.30
N GLY B 211 83.26 37.53 -56.44
CA GLY B 211 82.88 38.28 -57.62
C GLY B 211 84.03 38.41 -58.59
N ASN B 212 83.69 38.65 -59.86
CA ASN B 212 84.73 38.72 -60.87
C ASN B 212 85.64 39.93 -60.70
N ARG B 213 85.12 41.04 -60.18
CA ARG B 213 85.97 42.21 -59.97
C ARG B 213 87.02 41.89 -58.93
N LEU B 214 86.58 41.34 -57.80
CA LEU B 214 87.47 40.98 -56.72
C LEU B 214 88.42 39.87 -57.17
N TRP B 215 87.88 38.84 -57.84
CA TRP B 215 88.72 37.75 -58.33
C TRP B 215 89.84 38.27 -59.23
N THR B 216 89.50 39.15 -60.17
CA THR B 216 90.51 39.71 -61.06
C THR B 216 91.56 40.48 -60.27
N SER B 217 91.13 41.32 -59.33
CA SER B 217 92.09 42.08 -58.54
C SER B 217 92.97 41.15 -57.73
N LEU B 218 92.39 40.10 -57.16
CA LEU B 218 93.15 39.14 -56.37
C LEU B 218 94.22 38.47 -57.21
N GLN B 219 93.83 38.00 -58.41
CA GLN B 219 94.81 37.37 -59.27
C GLN B 219 95.91 38.33 -59.68
N THR B 220 95.56 39.61 -59.86
CA THR B 220 96.55 40.60 -60.27
C THR B 220 97.53 40.96 -59.16
N HIS B 221 97.03 41.20 -57.95
CA HIS B 221 97.87 41.66 -56.84
C HIS B 221 98.39 40.57 -55.89
N CYS B 222 97.91 39.34 -55.95
CA CYS B 222 98.34 38.32 -55.01
C CYS B 222 98.95 37.06 -55.63
N CYS B 223 98.97 36.92 -56.95
CA CYS B 223 99.46 35.70 -57.55
C CYS B 223 100.61 35.92 -58.53
N ALA B 224 101.49 34.92 -58.59
CA ALA B 224 102.40 34.68 -59.71
C ALA B 224 101.56 34.03 -60.79
N GLN B 225 102.16 33.39 -61.81
CA GLN B 225 101.29 32.93 -62.88
C GLN B 225 100.33 31.89 -62.31
N ASN B 226 100.71 30.61 -62.19
CA ASN B 226 99.74 29.72 -61.55
C ASN B 226 99.97 29.64 -60.04
N LYS B 227 100.72 30.58 -59.46
CA LYS B 227 100.99 30.59 -58.03
C LYS B 227 100.28 31.74 -57.34
N CYS B 228 99.47 31.46 -56.31
CA CYS B 228 98.82 32.52 -55.54
C CYS B 228 99.38 32.52 -54.13
N ASN B 229 99.59 33.71 -53.57
CA ASN B 229 100.06 33.84 -52.19
C ASN B 229 99.03 34.60 -51.36
N PHE B 230 98.20 33.87 -50.62
CA PHE B 230 97.19 34.47 -49.76
C PHE B 230 97.56 34.35 -48.30
N TYR B 231 98.78 33.90 -48.00
CA TYR B 231 99.27 33.67 -46.65
C TYR B 231 100.03 34.86 -46.06
N ASP B 232 101.10 35.29 -46.72
CA ASP B 232 101.93 36.39 -46.25
C ASP B 232 102.21 37.40 -47.35
N ASN B 233 101.23 37.63 -48.21
CA ASN B 233 101.41 38.59 -49.30
C ASN B 233 101.40 40.00 -48.73
N LYS B 234 102.33 40.83 -49.22
CA LYS B 234 102.48 42.19 -48.75
C LYS B 234 101.94 43.24 -49.72
N ASP B 235 101.63 42.86 -50.96
CA ASP B 235 101.11 43.80 -51.93
C ASP B 235 99.95 44.60 -51.33
N PRO B 236 99.99 45.94 -51.37
CA PRO B 236 99.00 46.73 -50.64
C PRO B 236 97.56 46.45 -51.06
N GLU B 237 97.24 46.61 -52.36
CA GLU B 237 95.88 46.36 -52.77
C GLU B 237 95.51 44.90 -52.59
N CYS B 238 96.49 44.01 -52.59
CA CYS B 238 96.19 42.61 -52.35
C CYS B 238 95.68 42.44 -50.93
N VAL B 239 96.38 43.08 -49.98
CA VAL B 239 95.99 43.01 -48.58
C VAL B 239 94.63 43.66 -48.39
N ASN B 240 94.36 44.75 -49.11
CA ASN B 240 93.05 45.38 -49.02
C ASN B 240 91.95 44.43 -49.50
N ASN B 241 92.20 43.74 -50.61
CA ASN B 241 91.22 42.77 -51.11
C ASN B 241 91.00 41.66 -50.11
N LEU B 242 92.07 41.18 -49.47
CA LEU B 242 91.93 40.12 -48.48
C LEU B 242 91.16 40.62 -47.27
N LEU B 243 91.38 41.87 -46.87
CA LEU B 243 90.61 42.44 -45.77
C LEU B 243 89.14 42.52 -46.11
N GLU B 244 88.82 42.88 -47.35
CA GLU B 244 87.42 42.88 -47.76
C GLU B 244 86.85 41.47 -47.71
N VAL B 245 87.62 40.49 -48.17
CA VAL B 245 87.18 39.10 -48.10
C VAL B 245 86.85 38.70 -46.68
N SER B 246 87.74 39.04 -45.74
CA SER B 246 87.52 38.69 -44.35
C SER B 246 86.32 39.43 -43.77
N ARG B 247 86.12 40.68 -44.16
CA ARG B 247 84.91 41.41 -43.76
C ARG B 247 83.66 40.69 -44.21
N ILE B 248 83.66 40.23 -45.46
CA ILE B 248 82.50 39.53 -46.01
C ILE B 248 82.27 38.22 -45.27
N VAL B 249 83.34 37.47 -45.00
CA VAL B 249 83.17 36.18 -44.34
C VAL B 249 82.73 36.37 -42.89
N GLY B 250 83.31 37.33 -42.19
CA GLY B 250 82.95 37.53 -40.80
C GLY B 250 81.63 38.24 -40.57
N LYS B 251 81.53 39.49 -41.01
CA LYS B 251 80.40 40.31 -40.60
C LYS B 251 79.57 40.83 -41.76
N SER B 252 79.24 39.95 -42.73
CA SER B 252 78.25 40.31 -43.73
C SER B 252 76.99 39.46 -43.63
N GLY B 253 76.94 38.51 -42.71
CA GLY B 253 75.76 37.65 -42.54
C GLY B 253 75.94 36.20 -42.90
N LEU B 254 77.10 35.78 -43.41
CA LEU B 254 77.25 34.37 -43.72
C LEU B 254 77.64 33.59 -42.48
N ASN B 255 77.28 32.30 -42.48
CA ASN B 255 77.61 31.39 -41.39
C ASN B 255 78.90 30.67 -41.77
N ILE B 256 80.02 31.06 -41.17
CA ILE B 256 81.29 30.41 -41.52
C ILE B 256 81.26 28.92 -41.21
N TYR B 257 80.33 28.45 -40.41
CA TYR B 257 80.28 27.02 -40.12
C TYR B 257 79.39 26.25 -41.06
N ASN B 258 78.50 26.92 -41.80
CA ASN B 258 77.60 26.21 -42.71
C ASN B 258 77.01 27.25 -43.66
N LEU B 259 77.60 27.34 -44.86
CA LEU B 259 77.16 28.32 -45.85
C LEU B 259 75.67 28.25 -46.10
N TYR B 260 75.13 27.03 -46.16
CA TYR B 260 73.74 26.75 -46.48
C TYR B 260 72.84 26.63 -45.26
N ALA B 261 73.19 27.24 -44.15
CA ALA B 261 72.34 27.14 -42.99
C ALA B 261 71.96 28.52 -42.45
N PRO B 262 70.88 28.59 -41.69
CA PRO B 262 70.45 29.87 -41.14
C PRO B 262 71.38 30.37 -40.04
N CYS B 263 71.26 31.66 -39.77
CA CYS B 263 72.04 32.33 -38.76
C CYS B 263 71.18 32.54 -37.52
N ALA B 264 71.60 31.96 -36.40
CA ALA B 264 70.89 32.08 -35.14
C ALA B 264 70.80 33.53 -34.67
N GLY B 265 69.58 34.04 -34.65
CA GLY B 265 69.26 35.41 -34.28
C GLY B 265 69.75 36.49 -35.20
N GLY B 266 70.62 36.19 -36.17
CA GLY B 266 71.12 37.23 -37.04
C GLY B 266 72.31 38.02 -36.54
N VAL B 267 73.34 38.11 -37.37
CA VAL B 267 74.55 38.85 -37.07
C VAL B 267 74.58 40.23 -37.74
N PRO B 268 74.12 40.43 -38.98
CA PRO B 268 74.15 41.77 -39.56
C PRO B 268 73.07 42.72 -39.04
N GLY B 269 72.30 42.32 -38.04
CA GLY B 269 71.37 43.24 -37.42
C GLY B 269 72.06 44.07 -36.36
N ARG B 270 71.43 44.24 -35.20
CA ARG B 270 72.10 44.88 -34.08
C ARG B 270 73.22 44.00 -33.55
N HIS B 271 74.31 44.63 -33.12
CA HIS B 271 75.46 43.88 -32.64
C HIS B 271 75.10 43.06 -31.41
N ARG B 272 74.52 43.71 -30.40
CA ARG B 272 74.07 43.03 -29.19
C ARG B 272 72.79 43.68 -28.70
N TYR B 273 72.02 42.92 -27.93
CA TYR B 273 70.76 43.39 -27.36
C TYR B 273 70.86 43.70 -25.88
N GLU B 274 71.93 43.28 -25.22
CA GLU B 274 72.14 43.54 -23.80
C GLU B 274 73.61 43.97 -23.65
N ASP B 275 74.10 44.03 -22.41
CA ASP B 275 75.48 44.42 -22.17
C ASP B 275 76.45 43.24 -22.23
N THR B 276 76.11 42.21 -23.00
CA THR B 276 76.95 41.04 -23.21
C THR B 276 77.40 41.03 -24.66
N LEU B 277 78.71 41.06 -24.88
CA LEU B 277 79.27 41.13 -26.22
C LEU B 277 79.65 39.74 -26.69
N VAL B 278 79.27 39.40 -27.91
CA VAL B 278 79.53 38.09 -28.49
C VAL B 278 80.63 38.22 -29.54
N VAL B 279 81.74 37.55 -29.31
CA VAL B 279 82.89 37.54 -30.20
C VAL B 279 82.91 36.21 -30.93
N GLN B 280 83.21 36.23 -32.22
CA GLN B 280 83.18 35.01 -33.02
C GLN B 280 84.47 34.84 -33.82
N ASP B 281 85.54 35.48 -33.40
CA ASP B 281 86.83 35.39 -34.08
C ASP B 281 87.73 34.52 -33.21
N PHE B 282 88.06 33.32 -33.69
CA PHE B 282 88.99 32.45 -32.99
C PHE B 282 90.43 32.83 -33.28
N GLY B 283 90.64 33.87 -34.07
CA GLY B 283 91.96 34.39 -34.40
C GLY B 283 92.90 33.38 -35.03
N ASN B 284 92.38 32.44 -35.79
CA ASN B 284 93.20 31.42 -36.42
C ASN B 284 93.25 31.60 -37.93
N ILE B 285 92.47 32.53 -38.46
CA ILE B 285 92.32 32.77 -39.90
C ILE B 285 92.87 34.15 -40.22
N PHE B 286 93.63 34.25 -41.30
CA PHE B 286 94.19 35.53 -41.73
C PHE B 286 95.08 36.16 -40.66
N THR B 287 95.77 35.30 -39.90
CA THR B 287 96.62 35.75 -38.81
C THR B 287 97.78 36.62 -39.29
N ARG B 288 98.28 36.38 -40.50
CA ARG B 288 99.41 37.16 -40.99
C ARG B 288 98.99 38.43 -41.70
N LEU B 289 97.70 38.71 -41.77
CA LEU B 289 97.09 39.88 -42.40
C LEU B 289 96.86 40.96 -41.35
N PRO B 290 97.13 42.22 -41.67
CA PRO B 290 96.92 43.27 -40.67
C PRO B 290 95.45 43.60 -40.47
N LEU B 291 94.92 43.09 -39.37
CA LEU B 291 93.53 43.26 -38.97
C LEU B 291 93.33 44.61 -38.30
N LYS B 292 92.07 45.02 -38.18
CA LYS B 292 91.74 46.25 -37.49
C LYS B 292 91.46 45.93 -36.04
N ARG B 293 92.04 46.73 -35.14
CA ARG B 293 91.91 46.50 -33.70
C ARG B 293 90.56 47.02 -33.23
N ARG B 294 89.52 46.22 -33.51
CA ARG B 294 88.19 46.51 -32.99
C ARG B 294 88.03 46.06 -31.55
N PHE B 295 88.93 45.21 -31.06
CA PHE B 295 88.91 44.84 -29.65
C PHE B 295 89.11 46.03 -28.72
N PRO B 296 90.09 46.92 -28.94
CA PRO B 296 90.16 48.14 -28.11
C PRO B 296 88.92 49.02 -28.24
N GLU B 297 88.22 48.97 -29.38
CA GLU B 297 87.01 49.75 -29.54
C GLU B 297 85.94 49.35 -28.54
N ALA B 298 85.88 48.06 -28.19
CA ALA B 298 84.93 47.59 -27.19
C ALA B 298 85.27 48.17 -25.83
N LEU B 299 84.24 48.58 -25.09
CA LEU B 299 84.42 49.18 -23.78
C LEU B 299 85.19 48.25 -22.86
N MET B 300 86.19 48.80 -22.17
CA MET B 300 86.98 48.06 -21.20
C MET B 300 86.56 48.36 -19.76
N ARG B 301 85.44 49.05 -19.57
CA ARG B 301 85.01 49.47 -18.25
C ARG B 301 84.59 48.27 -17.40
N SER B 302 84.64 48.45 -16.09
CA SER B 302 84.29 47.39 -15.17
C SER B 302 82.84 46.95 -15.38
N GLY B 303 82.62 45.64 -15.24
CA GLY B 303 81.31 45.04 -15.42
C GLY B 303 80.90 44.78 -16.86
N ASP B 304 81.81 44.94 -17.82
CA ASP B 304 81.51 44.67 -19.22
C ASP B 304 81.77 43.18 -19.44
N LYS B 305 80.72 42.38 -19.37
CA LYS B 305 80.87 40.95 -19.58
C LYS B 305 81.01 40.63 -21.06
N VAL B 306 81.98 39.77 -21.38
CA VAL B 306 82.30 39.38 -22.74
C VAL B 306 82.31 37.85 -22.77
N ARG B 307 81.76 37.27 -23.83
CA ARG B 307 81.81 35.82 -23.98
C ARG B 307 82.10 35.47 -25.44
N LEU B 308 82.75 34.33 -25.63
CA LEU B 308 83.10 33.83 -26.95
C LEU B 308 82.12 32.74 -27.34
N ASP B 309 81.38 32.97 -28.43
CA ASP B 309 80.44 32.00 -28.96
C ASP B 309 80.70 31.88 -30.46
N PRO B 310 80.40 30.72 -31.06
CA PRO B 310 80.62 30.60 -32.49
C PRO B 310 79.68 31.49 -33.28
N PRO B 311 80.09 31.94 -34.46
CA PRO B 311 79.22 32.80 -35.27
C PRO B 311 77.93 32.11 -35.68
N CYS B 312 76.81 32.79 -35.42
CA CYS B 312 75.47 32.31 -35.79
C CYS B 312 75.11 31.00 -35.09
N THR B 313 75.68 30.74 -33.92
CA THR B 313 75.42 29.51 -33.18
C THR B 313 74.77 29.93 -31.88
N ASN B 314 73.64 29.31 -31.53
CA ASN B 314 72.98 29.67 -30.29
C ASN B 314 73.38 28.69 -29.20
N THR B 315 74.30 29.11 -28.34
CA THR B 315 74.86 28.34 -27.23
C THR B 315 73.99 28.37 -25.99
N THR B 316 72.86 29.10 -26.02
CA THR B 316 72.00 29.24 -24.85
C THR B 316 71.64 27.89 -24.20
N ALA B 317 71.00 27.00 -24.96
CA ALA B 317 70.62 25.68 -24.46
C ALA B 317 71.74 24.96 -23.70
N PRO B 318 72.90 24.71 -24.31
CA PRO B 318 73.95 23.98 -23.57
C PRO B 318 74.38 24.70 -22.31
N SER B 319 74.47 26.02 -22.35
CA SER B 319 74.84 26.77 -21.16
C SER B 319 73.81 26.60 -20.06
N ASN B 320 72.54 26.82 -20.39
CA ASN B 320 71.48 26.69 -19.40
C ASN B 320 71.41 25.29 -18.84
N TYR B 321 71.85 24.30 -19.60
CA TYR B 321 71.89 22.96 -19.02
C TYR B 321 73.08 22.79 -18.07
N LEU B 322 74.29 23.02 -18.56
CA LEU B 322 75.47 22.83 -17.72
C LEU B 322 75.48 23.76 -16.52
N ASN B 323 74.90 24.94 -16.66
CA ASN B 323 74.84 25.93 -15.59
C ASN B 323 73.65 25.72 -14.65
N ASN B 324 72.90 24.64 -14.84
CA ASN B 324 71.76 24.39 -13.98
C ASN B 324 72.26 23.81 -12.66
N PRO B 325 71.99 24.45 -11.53
CA PRO B 325 72.44 23.93 -10.23
C PRO B 325 72.33 22.45 -10.01
N TYR B 326 71.20 21.84 -10.37
CA TYR B 326 71.09 20.40 -10.16
C TYR B 326 72.04 19.61 -11.06
N VAL B 327 72.30 20.10 -12.26
CA VAL B 327 73.23 19.40 -13.14
C VAL B 327 74.66 19.62 -12.67
N ARG B 328 74.98 20.86 -12.29
CA ARG B 328 76.32 21.13 -11.80
C ARG B 328 76.61 20.30 -10.57
N LYS B 329 75.62 20.18 -9.67
CA LYS B 329 75.78 19.37 -8.47
C LYS B 329 76.03 17.92 -8.87
N ALA B 330 75.11 17.35 -9.63
CA ALA B 330 75.24 15.97 -10.07
C ALA B 330 76.59 15.71 -10.73
N LEU B 331 77.07 16.67 -11.53
CA LEU B 331 78.33 16.48 -12.23
C LEU B 331 79.54 16.85 -11.40
N HIS B 332 79.40 16.93 -10.08
CA HIS B 332 80.55 17.06 -9.18
C HIS B 332 81.41 18.27 -9.53
N ILE B 333 80.77 19.38 -9.89
CA ILE B 333 81.48 20.59 -10.30
C ILE B 333 81.53 21.54 -9.11
N PRO B 334 82.71 21.91 -8.62
CA PRO B 334 82.82 22.84 -7.49
C PRO B 334 82.00 24.11 -7.67
N GLU B 335 81.09 24.38 -6.72
CA GLU B 335 80.23 25.56 -6.80
C GLU B 335 81.03 26.86 -6.96
N SER B 336 82.33 26.84 -6.63
CA SER B 336 83.13 28.06 -6.72
C SER B 336 83.23 28.57 -8.15
N LEU B 337 83.41 27.68 -9.11
CA LEU B 337 83.71 28.08 -10.48
C LEU B 337 82.57 28.90 -11.06
N PRO B 338 82.85 29.96 -11.82
CA PRO B 338 81.79 30.78 -12.41
C PRO B 338 81.04 30.13 -13.55
N ARG B 339 80.18 30.93 -14.21
CA ARG B 339 79.26 30.48 -15.24
C ARG B 339 79.97 29.74 -16.37
N TRP B 340 79.20 28.96 -17.13
CA TRP B 340 79.75 28.09 -18.17
C TRP B 340 79.46 28.64 -19.55
N ASP B 341 80.47 28.59 -20.42
CA ASP B 341 80.35 28.99 -21.82
C ASP B 341 81.01 27.94 -22.70
N MET B 342 80.49 27.82 -23.93
CA MET B 342 81.06 26.84 -24.85
C MET B 342 82.49 27.19 -25.23
N CYS B 343 82.81 28.48 -25.33
CA CYS B 343 84.16 28.94 -25.64
C CYS B 343 84.50 30.04 -24.64
N ASN B 344 85.76 30.12 -24.23
CA ASN B 344 86.21 31.17 -23.33
C ASN B 344 86.95 32.27 -24.08
N PHE B 345 86.36 33.46 -24.11
CA PHE B 345 86.96 34.61 -24.78
C PHE B 345 88.39 34.84 -24.29
N LEU B 346 88.55 35.02 -22.97
CA LEU B 346 89.86 35.27 -22.37
C LEU B 346 90.88 34.21 -22.76
N VAL B 347 90.48 32.93 -22.79
CA VAL B 347 91.41 31.88 -23.18
C VAL B 347 91.91 32.11 -24.60
N ASN B 348 90.99 32.40 -25.52
CA ASN B 348 91.37 32.66 -26.90
C ASN B 348 92.29 33.86 -26.99
N LEU B 349 91.90 34.97 -26.36
CA LEU B 349 92.70 36.19 -26.35
C LEU B 349 94.11 35.93 -25.83
N GLN B 350 94.25 35.14 -24.78
CA GLN B 350 95.57 34.91 -24.21
C GLN B 350 96.25 33.69 -24.81
N TYR B 351 95.60 33.00 -25.74
CA TYR B 351 96.20 31.82 -26.34
C TYR B 351 97.41 32.23 -27.16
N ARG B 352 98.43 31.38 -27.15
CA ARG B 352 99.65 31.63 -27.94
C ARG B 352 99.82 30.50 -28.94
N ARG B 353 99.60 30.81 -30.21
CA ARG B 353 99.79 29.83 -31.27
C ARG B 353 101.29 29.66 -31.54
N LEU B 354 101.71 28.41 -31.67
CA LEU B 354 103.13 28.13 -31.87
C LEU B 354 103.41 27.39 -33.16
N TYR B 355 102.58 26.43 -33.52
CA TYR B 355 102.78 25.64 -34.73
C TYR B 355 102.30 26.40 -35.97
N GLN B 356 103.07 26.29 -37.04
CA GLN B 356 102.71 26.90 -38.32
C GLN B 356 101.95 25.92 -39.20
N SER B 357 102.57 24.80 -39.55
CA SER B 357 101.91 23.78 -40.34
C SER B 357 102.01 22.44 -39.63
N MET B 358 101.15 21.51 -40.03
CA MET B 358 101.11 20.19 -39.44
C MET B 358 101.97 19.18 -40.19
N ASN B 359 102.78 19.64 -41.15
CA ASN B 359 103.62 18.75 -41.94
C ASN B 359 104.47 17.82 -41.08
N SER B 360 105.23 18.39 -40.14
CA SER B 360 106.11 17.58 -39.31
C SER B 360 105.34 16.57 -38.48
N GLN B 361 104.19 16.97 -37.94
CA GLN B 361 103.39 16.07 -37.12
C GLN B 361 102.87 14.89 -37.94
N TYR B 362 102.36 15.18 -39.13
CA TYR B 362 101.85 14.10 -39.97
C TYR B 362 102.97 13.22 -40.46
N LEU B 363 104.15 13.79 -40.72
CA LEU B 363 105.27 12.95 -41.14
C LEU B 363 105.68 12.03 -40.00
N LYS B 364 105.64 12.55 -38.77
CA LYS B 364 105.99 11.75 -37.61
C LYS B 364 104.99 10.61 -37.44
N LEU B 365 103.71 10.89 -37.66
CA LEU B 365 102.70 9.84 -37.52
C LEU B 365 102.77 8.83 -38.68
N LEU B 366 103.11 9.28 -39.87
CA LEU B 366 103.18 8.38 -41.02
C LEU B 366 104.41 7.50 -41.01
N SER B 367 105.50 7.97 -40.37
CA SER B 367 106.73 7.18 -40.35
C SER B 367 106.57 5.83 -39.67
N SER B 368 105.72 5.73 -38.64
CA SER B 368 105.55 4.43 -37.99
C SER B 368 104.77 3.46 -38.86
N GLN B 369 103.83 3.95 -39.66
CA GLN B 369 103.00 3.15 -40.56
C GLN B 369 102.22 2.07 -39.80
N LYS B 370 101.87 2.33 -38.55
CA LYS B 370 101.11 1.36 -37.77
C LYS B 370 99.68 1.79 -37.47
N TYR B 371 99.41 3.09 -37.53
CA TYR B 371 98.11 3.67 -37.20
C TYR B 371 97.29 4.00 -38.43
N GLN B 372 95.98 3.83 -38.30
CA GLN B 372 95.01 4.13 -39.34
C GLN B 372 94.50 5.54 -39.06
N ILE B 373 94.73 6.46 -39.99
CA ILE B 373 94.35 7.84 -39.80
C ILE B 373 93.40 8.28 -40.91
N LEU B 374 92.38 9.04 -40.52
CA LEU B 374 91.34 9.56 -41.40
C LEU B 374 91.03 11.00 -41.03
N LEU B 375 91.00 11.85 -42.05
CA LEU B 375 90.64 13.24 -41.93
C LEU B 375 89.36 13.43 -42.73
N TYR B 376 88.32 13.96 -42.10
CA TYR B 376 87.04 14.14 -42.76
C TYR B 376 86.63 15.59 -42.60
N ASN B 377 86.10 16.14 -43.69
CA ASN B 377 85.73 17.53 -43.75
C ASN B 377 84.33 17.72 -44.31
N GLY B 378 83.57 18.60 -43.65
CA GLY B 378 82.25 18.97 -44.12
C GLY B 378 82.40 19.93 -45.29
N ASP B 379 81.73 19.61 -46.40
CA ASP B 379 81.91 20.43 -47.60
C ASP B 379 81.24 21.80 -47.55
N VAL B 380 80.66 22.29 -46.46
CA VAL B 380 80.07 23.62 -46.45
C VAL B 380 80.73 24.51 -45.40
N ASP B 381 81.84 24.06 -44.85
CA ASP B 381 82.60 24.83 -43.86
C ASP B 381 83.60 25.76 -44.54
N MET B 382 83.82 26.91 -43.90
CA MET B 382 84.79 27.88 -44.38
C MET B 382 85.91 28.10 -43.38
N ALA B 383 85.76 27.61 -42.16
CA ALA B 383 86.81 27.77 -41.16
C ALA B 383 87.97 26.82 -41.45
N CYS B 384 87.65 25.60 -41.88
CA CYS B 384 88.63 24.60 -42.26
C CYS B 384 88.08 23.83 -43.47
N ASN B 385 87.83 24.56 -44.55
CA ASN B 385 87.27 24.00 -45.78
C ASN B 385 87.97 22.71 -46.19
N PHE B 386 87.19 21.81 -46.80
CA PHE B 386 87.69 20.51 -47.25
C PHE B 386 88.85 20.62 -48.23
N MET B 387 88.90 21.69 -49.02
CA MET B 387 89.93 21.79 -50.05
C MET B 387 91.30 21.95 -49.42
N GLY B 388 91.44 22.84 -48.45
CA GLY B 388 92.70 22.99 -47.76
C GLY B 388 93.23 21.70 -47.18
N ASP B 389 92.33 20.85 -46.65
CA ASP B 389 92.83 19.61 -46.08
C ASP B 389 93.10 18.58 -47.16
N GLU B 390 92.44 18.67 -48.31
CA GLU B 390 92.77 17.71 -49.34
C GLU B 390 94.08 18.11 -49.97
N TRP B 391 94.33 19.41 -50.09
CA TRP B 391 95.60 19.86 -50.63
C TRP B 391 96.72 19.43 -49.71
N PHE B 392 96.58 19.70 -48.41
CA PHE B 392 97.59 19.29 -47.45
C PHE B 392 97.93 17.81 -47.63
N VAL B 393 96.90 16.96 -47.56
CA VAL B 393 97.11 15.53 -47.69
C VAL B 393 97.75 15.17 -49.01
N ASP B 394 97.43 15.91 -50.08
CA ASP B 394 98.07 15.59 -51.35
C ASP B 394 99.52 16.01 -51.31
N SER B 395 99.81 17.10 -50.62
CA SER B 395 101.16 17.61 -50.47
C SER B 395 102.00 16.68 -49.59
N LEU B 396 101.34 15.73 -48.92
CA LEU B 396 102.09 14.79 -48.12
C LEU B 396 102.84 13.77 -48.97
N ASN B 397 102.51 13.70 -50.27
CA ASN B 397 103.15 12.81 -51.24
C ASN B 397 103.24 11.36 -50.78
N GLN B 398 102.09 10.78 -50.44
CA GLN B 398 102.09 9.40 -49.97
C GLN B 398 101.72 8.47 -51.13
N LYS B 399 101.91 7.18 -50.91
CA LYS B 399 101.56 6.20 -51.93
C LYS B 399 100.04 6.08 -52.03
N MET B 400 99.51 6.23 -53.24
CA MET B 400 98.07 6.13 -53.41
C MET B 400 97.65 4.67 -53.38
N GLU B 401 96.63 4.36 -52.59
CA GLU B 401 96.13 2.99 -52.52
C GLU B 401 94.83 2.79 -53.27
N VAL B 402 94.03 3.84 -53.40
CA VAL B 402 92.74 3.81 -54.08
C VAL B 402 92.49 5.19 -54.67
N GLN B 403 92.17 5.23 -55.95
CA GLN B 403 91.86 6.51 -56.58
C GLN B 403 90.55 7.07 -56.02
N ARG B 404 90.53 8.39 -55.83
CA ARG B 404 89.37 9.09 -55.27
C ARG B 404 88.07 8.62 -55.89
N ARG B 405 87.06 8.45 -55.04
CA ARG B 405 85.76 7.98 -55.46
C ARG B 405 84.75 8.34 -54.38
N PRO B 406 83.46 8.27 -54.68
CA PRO B 406 82.46 8.59 -53.67
C PRO B 406 82.10 7.38 -52.84
N TRP B 407 81.57 7.65 -51.65
CA TRP B 407 81.15 6.61 -50.74
C TRP B 407 79.67 6.80 -50.42
N LEU B 408 78.99 5.67 -50.22
CA LEU B 408 77.55 5.63 -50.03
C LEU B 408 77.14 5.24 -48.61
N VAL B 409 75.91 5.62 -48.29
CA VAL B 409 75.27 5.36 -47.02
C VAL B 409 73.80 5.13 -47.31
N ASP B 410 73.20 4.17 -46.62
CA ASP B 410 71.82 3.78 -46.85
C ASP B 410 70.96 4.25 -45.68
N TYR B 411 69.85 4.92 -45.99
CA TYR B 411 68.90 5.34 -44.99
C TYR B 411 67.65 4.48 -45.09
N GLY B 412 66.97 4.31 -43.94
CA GLY B 412 65.73 3.57 -43.85
C GLY B 412 64.89 3.64 -45.12
N GLU B 413 64.71 2.48 -45.78
CA GLU B 413 63.86 2.36 -46.95
C GLU B 413 63.93 3.57 -47.89
N SER B 414 65.12 4.13 -48.10
CA SER B 414 65.21 5.28 -48.99
C SER B 414 66.37 5.18 -49.98
N GLY B 415 66.82 3.97 -50.29
CA GLY B 415 67.92 3.76 -51.21
C GLY B 415 69.28 4.26 -50.79
N GLU B 416 70.27 3.93 -51.61
CA GLU B 416 71.64 4.38 -51.37
C GLU B 416 71.79 5.86 -51.69
N GLN B 417 72.63 6.55 -50.92
CA GLN B 417 72.86 7.97 -51.11
C GLN B 417 74.35 8.24 -51.01
N VAL B 418 74.78 9.32 -51.65
CA VAL B 418 76.18 9.73 -51.60
C VAL B 418 76.42 10.52 -50.32
N ALA B 419 77.47 10.15 -49.59
CA ALA B 419 77.84 10.90 -48.41
C ALA B 419 79.10 11.73 -48.58
N GLY B 420 79.89 11.46 -49.62
CA GLY B 420 81.11 12.23 -49.84
C GLY B 420 82.04 11.48 -50.78
N PHE B 421 83.29 11.93 -50.78
CA PHE B 421 84.36 11.34 -51.58
C PHE B 421 85.49 10.91 -50.65
N VAL B 422 86.20 9.85 -51.04
CA VAL B 422 87.29 9.32 -50.21
C VAL B 422 88.54 9.06 -51.03
N LYS B 423 89.68 9.51 -50.51
CA LYS B 423 91.01 9.29 -51.07
C LYS B 423 91.75 8.42 -50.06
N GLU B 424 92.25 7.26 -50.49
CA GLU B 424 92.97 6.38 -49.58
C GLU B 424 94.42 6.22 -50.01
N CYS B 425 95.34 6.65 -49.14
CA CYS B 425 96.73 6.25 -49.17
C CYS B 425 96.98 5.37 -47.96
N SER B 426 98.04 4.56 -48.04
CA SER B 426 98.24 3.55 -47.00
C SER B 426 98.42 4.22 -45.64
N HIS B 427 97.52 3.90 -44.71
CA HIS B 427 97.46 4.35 -43.34
C HIS B 427 96.88 5.76 -43.19
N ILE B 428 96.60 6.48 -44.27
CA ILE B 428 95.99 7.80 -44.15
C ILE B 428 94.98 8.04 -45.25
N THR B 429 93.83 8.58 -44.87
CA THR B 429 92.71 8.74 -45.78
C THR B 429 92.07 10.10 -45.59
N PHE B 430 91.59 10.66 -46.70
CA PHE B 430 90.83 11.90 -46.72
C PHE B 430 89.40 11.61 -47.14
N LEU B 431 88.45 12.27 -46.49
CA LEU B 431 87.05 12.01 -46.79
C LEU B 431 86.24 13.28 -46.61
N THR B 432 85.24 13.44 -47.46
CA THR B 432 84.34 14.57 -47.39
C THR B 432 82.97 14.07 -46.95
N ILE B 433 82.23 14.93 -46.27
CA ILE B 433 80.88 14.63 -45.86
C ILE B 433 79.98 15.65 -46.55
N LYS B 434 79.26 15.19 -47.56
CA LYS B 434 78.40 16.06 -48.34
C LYS B 434 77.24 16.59 -47.50
N GLY B 435 77.12 17.92 -47.43
CA GLY B 435 76.06 18.55 -46.67
C GLY B 435 76.35 18.88 -45.22
N ALA B 436 77.52 18.51 -44.71
CA ALA B 436 77.83 18.80 -43.31
C ALA B 436 78.69 20.05 -43.18
N GLY B 437 78.48 20.79 -42.10
CA GLY B 437 79.24 21.97 -41.76
C GLY B 437 80.32 21.68 -40.75
N HIS B 438 80.67 22.71 -39.97
CA HIS B 438 81.72 22.55 -38.97
C HIS B 438 81.38 21.47 -37.97
N MET B 439 80.10 21.39 -37.59
CA MET B 439 79.62 20.39 -36.65
C MET B 439 78.89 19.31 -37.43
N VAL B 440 79.69 18.49 -38.10
CA VAL B 440 79.24 17.39 -38.95
C VAL B 440 78.14 16.57 -38.28
N PRO B 441 78.27 16.20 -37.01
CA PRO B 441 77.18 15.41 -36.40
C PRO B 441 75.85 16.14 -36.37
N THR B 442 75.85 17.46 -36.23
CA THR B 442 74.59 18.19 -36.21
C THR B 442 73.93 18.21 -37.58
N ASP B 443 74.70 18.29 -38.66
CA ASP B 443 74.08 18.38 -39.97
C ASP B 443 73.77 17.02 -40.58
N LYS B 444 74.68 16.05 -40.43
CA LYS B 444 74.48 14.71 -40.99
C LYS B 444 74.76 13.71 -39.88
N PRO B 445 73.86 13.59 -38.92
CA PRO B 445 74.06 12.64 -37.82
C PRO B 445 74.33 11.23 -38.30
N ARG B 446 73.39 10.67 -39.07
CA ARG B 446 73.47 9.26 -39.43
C ARG B 446 74.70 8.98 -40.30
N ALA B 447 74.96 9.85 -41.27
CA ALA B 447 76.15 9.65 -42.10
C ALA B 447 77.41 9.72 -41.24
N ALA B 448 77.43 10.67 -40.30
CA ALA B 448 78.57 10.79 -39.40
C ALA B 448 78.76 9.50 -38.62
N PHE B 449 77.67 8.90 -38.19
CA PHE B 449 77.78 7.67 -37.42
C PHE B 449 78.27 6.52 -38.28
N THR B 450 77.76 6.41 -39.51
CA THR B 450 78.21 5.30 -40.36
C THR B 450 79.69 5.43 -40.69
N MET B 451 80.15 6.64 -41.00
CA MET B 451 81.58 6.82 -41.27
C MET B 451 82.42 6.56 -40.03
N PHE B 452 81.98 7.07 -38.88
CA PHE B 452 82.71 6.84 -37.64
C PHE B 452 82.81 5.36 -37.35
N SER B 453 81.69 4.64 -37.45
CA SER B 453 81.67 3.21 -37.21
C SER B 453 82.61 2.46 -38.15
N ARG B 454 82.60 2.79 -39.44
CA ARG B 454 83.51 2.06 -40.32
C ARG B 454 84.97 2.44 -40.06
N PHE B 455 85.21 3.66 -39.59
CA PHE B 455 86.57 4.05 -39.26
C PHE B 455 87.07 3.24 -38.07
N LEU B 456 86.38 3.39 -36.94
CA LEU B 456 86.74 2.70 -35.71
C LEU B 456 86.92 1.20 -35.95
N ASN B 457 85.99 0.59 -36.69
CA ASN B 457 86.07 -0.83 -36.94
C ASN B 457 87.05 -1.16 -38.06
N LYS B 458 87.69 -0.15 -38.64
CA LYS B 458 88.65 -0.30 -39.74
C LYS B 458 88.07 -1.05 -40.92
N GLU B 459 86.75 -1.11 -41.02
CA GLU B 459 86.14 -1.75 -42.16
C GLU B 459 86.32 -0.84 -43.37
N PRO B 460 86.99 -1.30 -44.43
CA PRO B 460 87.16 -0.45 -45.61
C PRO B 460 85.81 -0.08 -46.20
N TYR B 461 85.73 1.13 -46.72
CA TYR B 461 84.49 1.63 -47.29
C TYR B 461 84.18 0.91 -48.60
N THR C 12 26.06 -65.97 16.95
CA THR C 12 26.38 -64.99 15.92
C THR C 12 25.75 -65.38 14.59
N GLN C 13 25.05 -66.50 14.57
CA GLN C 13 24.39 -66.96 13.36
C GLN C 13 23.25 -66.02 12.99
N ARG C 14 23.08 -65.80 11.69
CA ARG C 14 22.13 -64.81 11.20
C ARG C 14 20.78 -65.49 11.00
N THR C 15 19.84 -65.22 11.91
CA THR C 15 18.54 -65.85 11.92
C THR C 15 17.49 -64.79 11.65
N PHE C 16 17.11 -64.63 10.38
CA PHE C 16 16.04 -63.74 9.99
C PHE C 16 14.80 -64.55 9.65
N LYS C 17 13.68 -64.21 10.29
CA LYS C 17 12.42 -64.88 9.95
C LYS C 17 11.26 -64.06 10.46
N LEU C 18 10.10 -64.26 9.83
CA LEU C 18 8.91 -63.53 10.21
C LEU C 18 8.42 -63.96 11.58
N ASP C 19 8.06 -62.99 12.42
CA ASP C 19 7.54 -63.25 13.77
C ASP C 19 6.02 -63.07 13.72
N TYR C 20 5.33 -64.19 13.52
CA TYR C 20 3.88 -64.19 13.46
C TYR C 20 3.28 -63.76 14.79
N SER C 21 3.84 -64.27 15.89
CA SER C 21 3.38 -63.90 17.22
C SER C 21 3.33 -62.39 17.41
N ARG C 22 4.40 -61.69 17.04
CA ARG C 22 4.49 -60.27 17.33
C ARG C 22 4.40 -59.41 16.07
N ASP C 23 3.83 -59.97 15.00
CA ASP C 23 3.49 -59.22 13.79
C ASP C 23 4.66 -58.40 13.27
N ARG C 24 5.81 -59.04 13.06
CA ARG C 24 6.98 -58.25 12.66
C ARG C 24 7.97 -59.15 11.95
N PHE C 25 9.19 -58.66 11.77
CA PHE C 25 10.31 -59.51 11.41
C PHE C 25 11.18 -59.69 12.64
N LEU C 26 11.97 -60.76 12.65
CA LEU C 26 13.02 -60.92 13.64
C LEU C 26 14.34 -61.07 12.91
N LYS C 27 15.29 -60.22 13.25
CA LYS C 27 16.65 -60.27 12.74
C LYS C 27 17.59 -60.52 13.90
N ASP C 28 18.28 -61.66 13.86
CA ASP C 28 19.13 -62.11 14.97
C ASP C 28 18.41 -62.00 16.30
N GLY C 29 17.14 -62.43 16.32
CA GLY C 29 16.39 -62.44 17.55
C GLY C 29 15.83 -61.09 17.96
N GLN C 30 16.07 -60.05 17.20
CA GLN C 30 15.61 -58.74 17.58
C GLN C 30 14.44 -58.32 16.71
N PRO C 31 13.46 -57.61 17.27
CA PRO C 31 12.35 -57.14 16.45
C PRO C 31 12.88 -56.24 15.37
N PHE C 32 12.24 -56.30 14.21
CA PHE C 32 12.76 -55.57 13.07
C PHE C 32 11.59 -55.21 12.17
N ARG C 33 11.62 -53.99 11.68
CA ARG C 33 10.84 -53.60 10.52
C ARG C 33 11.69 -52.70 9.63
N TYR C 34 11.48 -52.82 8.34
CA TYR C 34 12.31 -52.15 7.35
C TYR C 34 11.63 -50.92 6.79
N ILE C 35 12.44 -49.93 6.45
CA ILE C 35 12.00 -48.70 5.80
C ILE C 35 12.90 -48.62 4.58
N SER C 36 12.33 -48.93 3.42
CA SER C 36 13.08 -49.17 2.19
C SER C 36 12.72 -48.16 1.12
N GLY C 37 13.59 -48.05 0.13
CA GLY C 37 13.28 -47.30 -1.07
C GLY C 37 13.67 -48.11 -2.29
N SER C 38 12.87 -47.98 -3.34
CA SER C 38 13.17 -48.63 -4.61
C SER C 38 14.27 -47.90 -5.36
N ILE C 39 15.21 -48.66 -5.89
CA ILE C 39 16.23 -48.16 -6.80
C ILE C 39 16.45 -49.20 -7.87
N HIS C 40 16.33 -48.81 -9.13
CA HIS C 40 16.60 -49.70 -10.24
C HIS C 40 18.01 -49.47 -10.75
N TYR C 41 18.89 -50.44 -10.50
CA TYR C 41 20.27 -50.31 -10.94
C TYR C 41 20.36 -50.17 -12.45
N PHE C 42 19.32 -50.59 -13.16
CA PHE C 42 19.32 -50.62 -14.61
C PHE C 42 18.80 -49.33 -15.22
N ARG C 43 17.90 -48.61 -14.55
CA ARG C 43 17.53 -47.30 -15.04
C ARG C 43 18.53 -46.22 -14.67
N ILE C 44 19.60 -46.56 -13.97
CA ILE C 44 20.67 -45.60 -13.71
C ILE C 44 21.99 -46.24 -14.11
N PRO C 45 22.91 -45.50 -14.72
CA PRO C 45 24.18 -46.10 -15.12
C PRO C 45 24.99 -46.55 -13.91
N ARG C 46 25.72 -47.64 -14.10
CA ARG C 46 26.54 -48.19 -13.02
C ARG C 46 27.54 -47.18 -12.47
N PHE C 47 28.05 -46.31 -13.35
CA PHE C 47 28.95 -45.25 -12.92
C PHE C 47 28.42 -44.51 -11.70
N TYR C 48 27.09 -44.37 -11.60
CA TYR C 48 26.43 -43.61 -10.56
C TYR C 48 25.73 -44.47 -9.51
N TRP C 49 25.80 -45.80 -9.59
CA TRP C 49 25.09 -46.64 -8.62
C TRP C 49 25.42 -46.25 -7.19
N GLU C 50 26.69 -46.38 -6.81
CA GLU C 50 27.12 -46.03 -5.47
C GLU C 50 26.46 -44.74 -5.02
N ASP C 51 26.51 -43.72 -5.87
CA ASP C 51 26.00 -42.41 -5.51
C ASP C 51 24.58 -42.50 -4.97
N ARG C 52 23.68 -43.05 -5.78
CA ARG C 52 22.30 -43.10 -5.36
C ARG C 52 22.17 -43.94 -4.10
N LEU C 53 22.87 -45.07 -4.06
CA LEU C 53 22.74 -45.95 -2.91
C LEU C 53 23.24 -45.26 -1.66
N LEU C 54 24.36 -44.54 -1.76
CA LEU C 54 24.81 -43.80 -0.60
C LEU C 54 23.79 -42.76 -0.18
N LYS C 55 23.20 -42.05 -1.15
CA LYS C 55 22.14 -41.12 -0.79
C LYS C 55 21.01 -41.86 -0.10
N MET C 56 20.70 -43.06 -0.59
CA MET C 56 19.66 -43.84 0.03
C MET C 56 20.02 -44.16 1.47
N LYS C 57 21.26 -44.59 1.71
CA LYS C 57 21.69 -44.77 3.09
C LYS C 57 21.58 -43.46 3.85
N MET C 58 22.00 -42.36 3.26
CA MET C 58 21.94 -41.12 4.00
C MET C 58 20.51 -40.70 4.25
N ALA C 59 19.56 -41.22 3.48
CA ALA C 59 18.17 -40.89 3.79
C ALA C 59 17.66 -41.64 4.99
N GLY C 60 18.38 -42.68 5.43
CA GLY C 60 18.02 -43.48 6.57
C GLY C 60 17.36 -44.79 6.24
N LEU C 61 17.22 -45.12 4.96
CA LEU C 61 16.72 -46.43 4.58
C LEU C 61 17.70 -47.53 4.98
N ASN C 62 17.18 -48.65 5.44
CA ASN C 62 17.99 -49.79 5.79
C ASN C 62 17.84 -50.97 4.84
N ALA C 63 17.06 -50.82 3.77
CA ALA C 63 16.87 -51.87 2.78
C ALA C 63 16.52 -51.21 1.45
N ILE C 64 16.74 -51.94 0.36
CA ILE C 64 16.18 -51.51 -0.92
C ILE C 64 15.29 -52.59 -1.50
N GLN C 65 14.38 -52.14 -2.35
CA GLN C 65 13.45 -52.99 -3.09
C GLN C 65 13.68 -52.77 -4.58
N MET C 66 14.24 -53.78 -5.25
CA MET C 66 14.63 -53.62 -6.64
C MET C 66 14.13 -54.78 -7.47
N TYR C 67 13.96 -54.52 -8.76
CA TYR C 67 13.50 -55.50 -9.71
C TYR C 67 14.68 -56.08 -10.49
N VAL C 68 14.59 -57.33 -10.86
CA VAL C 68 15.55 -57.92 -11.79
C VAL C 68 14.84 -58.07 -13.13
N PRO C 69 15.08 -57.21 -14.10
CA PRO C 69 14.42 -57.35 -15.40
C PRO C 69 15.07 -58.46 -16.22
N TRP C 70 14.30 -59.51 -16.47
CA TRP C 70 14.81 -60.67 -17.20
C TRP C 70 15.36 -60.26 -18.56
N ASN C 71 14.64 -59.39 -19.26
CA ASN C 71 15.05 -58.92 -20.58
C ASN C 71 16.33 -58.12 -20.56
N PHE C 72 16.68 -57.52 -19.43
CA PHE C 72 17.92 -56.77 -19.34
C PHE C 72 19.14 -57.69 -19.40
N HIS C 73 19.01 -58.92 -18.96
CA HIS C 73 20.14 -59.83 -18.92
C HIS C 73 20.13 -60.88 -20.03
N GLU C 74 18.99 -61.18 -20.64
CA GLU C 74 18.92 -62.18 -21.70
C GLU C 74 18.17 -61.62 -22.90
N PRO C 75 18.83 -60.79 -23.70
CA PRO C 75 18.14 -60.19 -24.85
C PRO C 75 17.75 -61.22 -25.89
N GLN C 76 18.55 -62.27 -26.01
CA GLN C 76 18.32 -63.38 -26.93
C GLN C 76 18.39 -64.69 -26.16
N PRO C 77 17.58 -65.68 -26.52
CA PRO C 77 17.48 -66.91 -25.71
C PRO C 77 18.82 -67.58 -25.54
N GLY C 78 19.20 -67.79 -24.28
CA GLY C 78 20.43 -68.48 -23.98
C GLY C 78 21.65 -67.58 -24.00
N GLN C 79 21.48 -66.31 -24.33
CA GLN C 79 22.56 -65.34 -24.26
C GLN C 79 22.37 -64.45 -23.04
N TYR C 80 23.37 -64.46 -22.16
CA TYR C 80 23.28 -63.80 -20.86
C TYR C 80 24.38 -62.77 -20.72
N GLU C 81 24.04 -61.62 -20.15
CA GLU C 81 25.00 -60.55 -19.90
C GLU C 81 24.96 -60.18 -18.44
N PHE C 82 26.11 -60.27 -17.76
CA PHE C 82 26.15 -60.05 -16.32
C PHE C 82 27.39 -59.32 -15.84
N SER C 83 28.11 -58.62 -16.72
CA SER C 83 29.36 -58.00 -16.35
C SER C 83 29.28 -56.48 -16.55
N GLY C 84 30.00 -55.75 -15.72
CA GLY C 84 30.02 -54.30 -15.83
C GLY C 84 28.65 -53.71 -15.59
N ASP C 85 28.15 -52.96 -16.56
CA ASP C 85 26.81 -52.41 -16.48
C ASP C 85 25.77 -53.51 -16.34
N ARG C 86 26.10 -54.73 -16.74
CA ARG C 86 25.21 -55.85 -16.64
C ARG C 86 25.37 -56.63 -15.34
N ASP C 87 26.23 -56.18 -14.42
CA ASP C 87 26.59 -56.99 -13.26
C ASP C 87 25.70 -56.68 -12.06
N VAL C 88 24.50 -57.25 -12.07
CA VAL C 88 23.56 -57.02 -10.98
C VAL C 88 24.15 -57.52 -9.67
N GLU C 89 24.85 -58.64 -9.72
CA GLU C 89 25.40 -59.23 -8.51
C GLU C 89 26.38 -58.26 -7.85
N HIS C 90 27.17 -57.57 -8.66
CA HIS C 90 28.05 -56.54 -8.12
C HIS C 90 27.23 -55.42 -7.47
N PHE C 91 26.07 -55.09 -8.04
CA PHE C 91 25.24 -54.04 -7.46
C PHE C 91 24.77 -54.45 -6.07
N ILE C 92 24.31 -55.69 -5.94
CA ILE C 92 23.88 -56.20 -4.64
C ILE C 92 25.05 -56.20 -3.68
N GLN C 93 26.21 -56.65 -4.13
CA GLN C 93 27.38 -56.67 -3.26
C GLN C 93 27.74 -55.27 -2.79
N LEU C 94 27.63 -54.29 -3.69
CA LEU C 94 27.91 -52.90 -3.32
C LEU C 94 26.95 -52.41 -2.26
N ALA C 95 25.66 -52.71 -2.44
CA ALA C 95 24.67 -52.35 -1.43
C ALA C 95 25.04 -52.94 -0.08
N HIS C 96 25.37 -54.24 -0.08
CA HIS C 96 25.80 -54.88 1.16
C HIS C 96 27.01 -54.17 1.77
N GLU C 97 27.95 -53.76 0.92
CA GLU C 97 29.14 -53.08 1.43
C GLU C 97 28.76 -51.75 2.06
N LEU C 98 27.70 -51.12 1.59
CA LEU C 98 27.25 -49.88 2.20
C LEU C 98 26.43 -50.09 3.47
N GLY C 99 26.18 -51.33 3.87
CA GLY C 99 25.38 -51.60 5.06
C GLY C 99 23.90 -51.54 4.83
N LEU C 100 23.46 -51.71 3.60
CA LEU C 100 22.05 -51.71 3.24
C LEU C 100 21.56 -53.13 3.02
N LEU C 101 20.35 -53.42 3.48
CA LEU C 101 19.79 -54.73 3.19
C LEU C 101 19.09 -54.67 1.83
N VAL C 102 18.75 -55.84 1.29
CA VAL C 102 18.14 -55.88 -0.03
C VAL C 102 16.87 -56.73 -0.03
N ILE C 103 15.80 -56.18 -0.59
CA ILE C 103 14.60 -56.91 -0.94
C ILE C 103 14.67 -57.15 -2.44
N LEU C 104 14.79 -58.41 -2.85
CA LEU C 104 14.94 -58.73 -4.27
C LEU C 104 13.60 -59.07 -4.88
N ARG C 105 13.32 -58.52 -6.05
CA ARG C 105 12.06 -58.75 -6.77
C ARG C 105 12.39 -59.24 -8.18
N PRO C 106 12.65 -60.54 -8.34
CA PRO C 106 13.14 -61.05 -9.63
C PRO C 106 12.06 -61.40 -10.65
N GLY C 107 10.81 -61.08 -10.39
CA GLY C 107 9.77 -61.25 -11.38
C GLY C 107 9.27 -62.67 -11.40
N PRO C 108 9.15 -63.25 -12.60
CA PRO C 108 9.76 -62.85 -13.86
C PRO C 108 9.09 -61.66 -14.54
N TYR C 109 7.89 -61.28 -14.11
CA TYR C 109 7.25 -60.06 -14.60
C TYR C 109 7.39 -58.99 -13.53
N ILE C 110 7.81 -57.80 -13.92
CA ILE C 110 8.04 -56.73 -12.96
C ILE C 110 7.18 -55.51 -13.21
N CYS C 111 6.47 -55.45 -14.35
CA CYS C 111 5.69 -54.26 -14.70
C CYS C 111 6.62 -53.07 -14.83
N ALA C 112 6.58 -52.19 -13.83
CA ALA C 112 7.66 -51.25 -13.56
C ALA C 112 7.81 -50.21 -14.66
N GLU C 113 6.80 -50.05 -15.50
CA GLU C 113 6.90 -49.19 -16.68
C GLU C 113 8.16 -49.53 -17.45
N TRP C 114 8.43 -50.82 -17.57
CA TRP C 114 9.61 -51.36 -18.22
C TRP C 114 9.15 -52.32 -19.31
N ASP C 115 9.98 -52.49 -20.33
CA ASP C 115 9.53 -53.13 -21.56
C ASP C 115 9.02 -54.54 -21.31
N MET C 116 7.79 -54.79 -21.74
CA MET C 116 7.15 -56.11 -21.72
C MET C 116 7.21 -56.74 -20.32
N GLY C 117 7.24 -55.89 -19.30
CA GLY C 117 7.29 -56.35 -17.92
C GLY C 117 8.50 -57.21 -17.64
N GLY C 118 9.59 -57.01 -18.37
CA GLY C 118 10.81 -57.72 -18.14
C GLY C 118 10.96 -58.97 -18.98
N LEU C 119 9.89 -59.44 -19.57
CA LEU C 119 9.92 -60.68 -20.33
C LEU C 119 10.57 -60.46 -21.69
N PRO C 120 11.40 -61.39 -22.13
CA PRO C 120 12.09 -61.22 -23.41
C PRO C 120 11.14 -61.34 -24.58
N ALA C 121 11.33 -60.46 -25.56
CA ALA C 121 10.42 -60.40 -26.70
C ALA C 121 10.45 -61.68 -27.52
N TRP C 122 11.58 -62.39 -27.53
CA TRP C 122 11.67 -63.63 -28.29
C TRP C 122 10.73 -64.72 -27.76
N LEU C 123 10.18 -64.57 -26.56
CA LEU C 123 9.12 -65.48 -26.13
C LEU C 123 7.98 -65.47 -27.13
N LEU C 124 7.74 -64.34 -27.78
CA LEU C 124 6.65 -64.18 -28.73
C LEU C 124 6.91 -64.89 -30.05
N GLU C 125 8.04 -65.58 -30.19
CA GLU C 125 8.27 -66.37 -31.42
C GLU C 125 7.23 -67.47 -31.58
N LYS C 126 6.65 -67.95 -30.49
CA LYS C 126 5.42 -68.73 -30.55
C LYS C 126 4.25 -67.75 -30.54
N GLN C 127 3.53 -67.69 -31.66
CA GLN C 127 2.57 -66.61 -31.87
C GLN C 127 1.45 -66.64 -30.84
N SER C 128 0.94 -67.83 -30.52
CA SER C 128 -0.18 -67.93 -29.60
C SER C 128 0.24 -68.22 -28.17
N ILE C 129 1.54 -68.20 -27.88
CA ILE C 129 2.04 -68.50 -26.55
C ILE C 129 1.36 -67.55 -25.57
N VAL C 130 1.24 -67.96 -24.30
CA VAL C 130 0.61 -67.16 -23.27
C VAL C 130 1.63 -66.87 -22.20
N LEU C 131 1.80 -65.59 -21.84
CA LEU C 131 2.68 -65.20 -20.76
C LEU C 131 1.93 -65.17 -19.45
N ARG C 132 2.68 -65.40 -18.36
CA ARG C 132 2.13 -65.38 -17.00
C ARG C 132 0.96 -66.35 -16.88
N SER C 133 1.19 -67.59 -17.30
CA SER C 133 0.20 -68.65 -17.24
C SER C 133 0.94 -69.97 -17.11
N SER C 134 0.19 -71.07 -17.15
CA SER C 134 0.75 -72.41 -17.12
C SER C 134 1.15 -72.92 -18.49
N ASP C 135 1.20 -72.06 -19.50
CA ASP C 135 1.72 -72.43 -20.80
C ASP C 135 3.05 -73.18 -20.66
N PRO C 136 3.12 -74.43 -21.14
CA PRO C 136 4.32 -75.24 -20.87
C PRO C 136 5.61 -74.59 -21.36
N ASP C 137 5.54 -73.88 -22.48
CA ASP C 137 6.75 -73.25 -23.03
C ASP C 137 7.12 -72.03 -22.20
N TYR C 138 6.11 -71.31 -21.73
CA TYR C 138 6.36 -70.18 -20.84
C TYR C 138 6.98 -70.67 -19.54
N LEU C 139 6.39 -71.72 -18.96
CA LEU C 139 6.87 -72.22 -17.68
C LEU C 139 8.29 -72.75 -17.84
N VAL C 140 8.58 -73.41 -18.97
CA VAL C 140 9.93 -73.90 -19.21
C VAL C 140 10.92 -72.75 -19.30
N ALA C 141 10.56 -71.70 -20.03
CA ALA C 141 11.48 -70.57 -20.19
C ALA C 141 11.70 -69.86 -18.86
N VAL C 142 10.62 -69.59 -18.13
CA VAL C 142 10.70 -69.06 -16.77
C VAL C 142 11.63 -69.92 -15.93
N ASP C 143 11.42 -71.24 -15.93
CA ASP C 143 12.23 -72.12 -15.11
C ASP C 143 13.70 -71.98 -15.47
N LYS C 144 14.01 -71.91 -16.77
CA LYS C 144 15.40 -71.82 -17.19
C LYS C 144 16.01 -70.52 -16.73
N TRP C 145 15.25 -69.43 -16.86
CA TRP C 145 15.72 -68.14 -16.40
C TRP C 145 15.99 -68.16 -14.90
N LEU C 146 15.05 -68.69 -14.13
CA LEU C 146 15.26 -68.82 -12.68
C LEU C 146 16.49 -69.66 -12.38
N ALA C 147 16.63 -70.80 -13.06
CA ALA C 147 17.78 -71.67 -12.83
C ALA C 147 19.09 -70.98 -13.16
N VAL C 148 19.05 -69.94 -13.98
CA VAL C 148 20.25 -69.15 -14.26
C VAL C 148 20.45 -68.03 -13.23
N LEU C 149 19.40 -67.25 -13.00
CA LEU C 149 19.48 -66.07 -12.13
C LEU C 149 19.62 -66.42 -10.66
N LEU C 150 18.74 -67.28 -10.15
CA LEU C 150 18.69 -67.53 -8.72
C LEU C 150 19.97 -68.09 -8.11
N PRO C 151 20.73 -68.99 -8.75
CA PRO C 151 22.00 -69.38 -8.13
C PRO C 151 22.98 -68.24 -7.99
N LYS C 152 22.91 -67.22 -8.84
CA LYS C 152 23.70 -66.03 -8.59
C LYS C 152 23.25 -65.29 -7.35
N MET C 153 21.96 -65.30 -7.05
CA MET C 153 21.45 -64.62 -5.87
C MET C 153 21.65 -65.41 -4.59
N LYS C 154 21.76 -66.73 -4.68
CA LYS C 154 21.89 -67.58 -3.50
C LYS C 154 22.98 -67.14 -2.54
N PRO C 155 24.22 -66.88 -2.95
CA PRO C 155 25.22 -66.47 -1.96
C PRO C 155 24.93 -65.11 -1.39
N LEU C 156 24.09 -64.32 -2.04
CA LEU C 156 23.72 -63.00 -1.56
C LEU C 156 22.55 -63.03 -0.60
N LEU C 157 21.99 -64.21 -0.30
CA LEU C 157 20.90 -64.29 0.65
C LEU C 157 21.39 -64.03 2.06
N TYR C 158 20.50 -63.43 2.86
CA TYR C 158 20.88 -63.03 4.22
C TYR C 158 21.44 -64.19 5.01
N GLN C 159 20.86 -65.37 4.86
CA GLN C 159 21.28 -66.49 5.68
C GLN C 159 22.59 -67.07 5.20
N ASN C 160 23.05 -66.67 4.03
CA ASN C 160 24.35 -67.05 3.51
C ASN C 160 25.36 -65.93 3.65
N GLY C 161 24.96 -64.85 4.32
CA GLY C 161 25.83 -63.74 4.65
C GLY C 161 25.70 -62.52 3.76
N GLY C 162 24.74 -62.50 2.84
CA GLY C 162 24.52 -61.34 2.00
C GLY C 162 23.38 -60.46 2.47
N PRO C 163 23.01 -59.49 1.63
CA PRO C 163 21.98 -58.51 1.99
C PRO C 163 20.55 -58.87 1.61
N ILE C 164 20.27 -60.05 1.08
CA ILE C 164 18.94 -60.37 0.58
C ILE C 164 18.09 -60.97 1.69
N ILE C 165 17.01 -60.28 2.05
CA ILE C 165 16.20 -60.68 3.19
C ILE C 165 14.82 -61.19 2.80
N THR C 166 14.22 -60.67 1.72
CA THR C 166 12.93 -61.14 1.26
C THR C 166 12.92 -61.12 -0.26
N VAL C 167 12.01 -61.90 -0.85
CA VAL C 167 11.95 -62.05 -2.30
C VAL C 167 10.50 -61.98 -2.77
N GLN C 168 10.23 -61.07 -3.70
CA GLN C 168 8.92 -60.97 -4.35
C GLN C 168 8.81 -62.02 -5.45
N VAL C 169 7.65 -62.66 -5.54
CA VAL C 169 7.41 -63.58 -6.65
C VAL C 169 6.60 -63.00 -7.81
N GLU C 170 5.81 -61.96 -7.59
CA GLU C 170 5.02 -61.43 -8.69
C GLU C 170 4.86 -59.93 -8.53
N ASN C 171 3.86 -59.36 -9.20
CA ASN C 171 3.60 -57.93 -9.09
C ASN C 171 2.17 -57.69 -9.54
N GLU C 172 1.30 -57.32 -8.60
CA GLU C 172 -0.12 -57.13 -8.86
C GLU C 172 -0.68 -58.25 -9.73
N TYR C 173 -0.42 -59.49 -9.31
CA TYR C 173 -0.87 -60.63 -10.09
C TYR C 173 -2.38 -60.66 -10.19
N GLY C 174 -3.07 -60.03 -9.25
CA GLY C 174 -4.51 -59.96 -9.23
C GLY C 174 -5.09 -59.11 -10.33
N SER C 175 -4.26 -58.32 -10.98
CA SER C 175 -4.66 -57.49 -12.11
C SER C 175 -4.59 -58.25 -13.43
N TYR C 176 -3.98 -59.43 -13.44
CA TYR C 176 -3.83 -60.18 -14.66
C TYR C 176 -5.05 -61.07 -14.84
N PHE C 177 -5.41 -61.32 -16.11
CA PHE C 177 -6.66 -62.03 -16.39
C PHE C 177 -6.61 -63.50 -15.98
N ALA C 178 -5.43 -64.10 -15.97
CA ALA C 178 -5.36 -65.57 -15.92
C ALA C 178 -5.86 -66.13 -14.59
N CYS C 179 -5.53 -65.48 -13.47
CA CYS C 179 -5.91 -65.99 -12.15
C CYS C 179 -5.44 -67.43 -11.99
N ASP C 180 -4.24 -67.71 -12.46
CA ASP C 180 -3.69 -69.06 -12.42
C ASP C 180 -2.97 -69.26 -11.10
N TYR C 181 -3.48 -70.17 -10.28
CA TYR C 181 -2.78 -70.55 -9.07
C TYR C 181 -1.83 -71.70 -9.29
N ASP C 182 -2.04 -72.49 -10.34
CA ASP C 182 -1.04 -73.48 -10.72
C ASP C 182 0.26 -72.79 -11.13
N TYR C 183 0.14 -71.66 -11.83
CA TYR C 183 1.33 -70.91 -12.26
C TYR C 183 2.13 -70.42 -11.06
N LEU C 184 1.44 -69.79 -10.12
CA LEU C 184 2.06 -69.34 -8.89
C LEU C 184 2.68 -70.50 -8.12
N ARG C 185 1.93 -71.59 -7.97
CA ARG C 185 2.51 -72.76 -7.33
C ARG C 185 3.78 -73.23 -8.04
N PHE C 186 3.79 -73.20 -9.37
CA PHE C 186 4.97 -73.64 -10.10
C PHE C 186 6.16 -72.74 -9.81
N LEU C 187 5.93 -71.43 -9.87
CA LEU C 187 6.96 -70.48 -9.49
C LEU C 187 7.45 -70.74 -8.07
N VAL C 188 6.53 -70.93 -7.13
CA VAL C 188 6.93 -71.06 -5.74
C VAL C 188 7.76 -72.33 -5.53
N HIS C 189 7.35 -73.43 -6.15
CA HIS C 189 8.14 -74.65 -6.07
C HIS C 189 9.53 -74.43 -6.61
N ARG C 190 9.64 -73.78 -7.77
CA ARG C 190 10.97 -73.57 -8.34
C ARG C 190 11.82 -72.64 -7.50
N PHE C 191 11.20 -71.59 -6.93
CA PHE C 191 11.96 -70.69 -6.06
C PHE C 191 12.44 -71.41 -4.82
N ARG C 192 11.57 -72.20 -4.19
CA ARG C 192 12.01 -72.98 -3.03
C ARG C 192 13.13 -73.93 -3.40
N TYR C 193 13.03 -74.56 -4.58
CA TYR C 193 14.02 -75.54 -4.99
C TYR C 193 15.39 -74.90 -5.20
N HIS C 194 15.44 -73.80 -5.94
CA HIS C 194 16.73 -73.19 -6.22
C HIS C 194 17.27 -72.38 -5.06
N LEU C 195 16.40 -71.76 -4.25
CA LEU C 195 16.87 -70.84 -3.23
C LEU C 195 16.85 -71.41 -1.81
N GLY C 196 16.10 -72.48 -1.58
CA GLY C 196 16.06 -73.10 -0.27
C GLY C 196 14.85 -72.65 0.52
N ASN C 197 14.47 -73.47 1.50
CA ASN C 197 13.30 -73.16 2.31
C ASN C 197 13.52 -71.95 3.20
N ASP C 198 14.78 -71.53 3.41
CA ASP C 198 15.05 -70.50 4.39
C ASP C 198 14.55 -69.13 3.94
N VAL C 199 14.61 -68.86 2.65
CA VAL C 199 14.22 -67.59 2.06
C VAL C 199 12.84 -67.15 2.54
N ILE C 200 12.64 -65.85 2.65
CA ILE C 200 11.33 -65.28 2.94
C ILE C 200 10.73 -64.80 1.63
N LEU C 201 9.57 -65.32 1.27
CA LEU C 201 8.93 -65.03 0.01
C LEU C 201 7.64 -64.26 0.25
N PHE C 202 7.41 -63.24 -0.57
CA PHE C 202 6.24 -62.39 -0.38
C PHE C 202 5.69 -62.00 -1.74
N THR C 203 4.45 -61.51 -1.73
CA THR C 203 3.81 -60.95 -2.91
C THR C 203 3.43 -59.50 -2.68
N THR C 204 3.19 -58.81 -3.79
CA THR C 204 2.67 -57.45 -3.75
C THR C 204 1.50 -57.34 -4.70
N ASP C 205 0.40 -56.74 -4.22
CA ASP C 205 -0.76 -56.54 -5.05
C ASP C 205 -1.42 -55.21 -4.71
N GLY C 206 -2.31 -54.78 -5.59
CA GLY C 206 -3.11 -53.60 -5.30
C GLY C 206 -3.91 -53.76 -4.03
N ALA C 207 -4.13 -52.65 -3.34
CA ALA C 207 -4.72 -52.70 -2.00
C ALA C 207 -6.23 -52.80 -2.13
N SER C 208 -6.67 -53.98 -2.53
CA SER C 208 -8.08 -54.36 -2.54
C SER C 208 -8.13 -55.88 -2.59
N GLU C 209 -9.00 -56.46 -1.76
CA GLU C 209 -9.03 -57.91 -1.62
C GLU C 209 -9.26 -58.60 -2.95
N LYS C 210 -9.93 -57.93 -3.90
CA LYS C 210 -10.22 -58.55 -5.18
C LYS C 210 -8.95 -58.99 -5.88
N MET C 211 -7.89 -58.18 -5.77
CA MET C 211 -6.63 -58.55 -6.40
C MET C 211 -5.91 -59.64 -5.62
N LEU C 212 -5.92 -59.57 -4.29
CA LEU C 212 -5.27 -60.62 -3.52
C LEU C 212 -5.93 -61.96 -3.77
N LYS C 213 -7.22 -61.95 -4.11
CA LYS C 213 -7.97 -63.16 -4.40
C LYS C 213 -7.20 -64.03 -5.38
N CYS C 214 -6.66 -63.41 -6.43
CA CYS C 214 -5.95 -64.12 -7.47
C CYS C 214 -4.45 -63.98 -7.33
N GLY C 215 -3.97 -63.18 -6.38
CA GLY C 215 -2.55 -62.99 -6.25
C GLY C 215 -1.89 -63.82 -5.17
N THR C 216 -2.52 -63.98 -4.02
CA THR C 216 -1.87 -64.64 -2.89
C THR C 216 -1.68 -66.12 -3.17
N LEU C 217 -1.07 -66.81 -2.20
CA LEU C 217 -0.81 -68.23 -2.30
C LEU C 217 -0.32 -68.76 -0.96
N GLN C 218 -0.75 -69.97 -0.61
CA GLN C 218 -0.21 -70.67 0.55
C GLN C 218 1.31 -70.77 0.48
N ASP C 219 1.92 -70.87 1.67
CA ASP C 219 3.36 -71.01 1.81
C ASP C 219 4.10 -69.85 1.16
N LEU C 220 3.45 -68.70 1.14
CA LEU C 220 4.04 -67.50 0.56
C LEU C 220 3.37 -66.31 1.20
N TYR C 221 4.17 -65.40 1.75
CA TYR C 221 3.62 -64.28 2.49
C TYR C 221 2.93 -63.33 1.52
N ALA C 222 1.92 -62.63 2.01
CA ALA C 222 1.11 -61.77 1.17
C ALA C 222 1.25 -60.32 1.62
N THR C 223 1.52 -59.42 0.67
CA THR C 223 1.54 -57.99 0.95
C THR C 223 0.81 -57.25 -0.16
N VAL C 224 0.51 -55.98 0.12
CA VAL C 224 -0.23 -55.10 -0.76
C VAL C 224 0.63 -53.87 -1.05
N ASP C 225 0.19 -53.09 -2.04
CA ASP C 225 0.74 -51.75 -2.23
C ASP C 225 -0.42 -50.76 -2.30
N PHE C 226 -0.11 -49.51 -1.93
CA PHE C 226 -1.07 -48.43 -1.99
C PHE C 226 -0.38 -47.12 -1.72
N GLY C 227 -0.92 -46.06 -2.31
CA GLY C 227 -0.41 -44.71 -2.11
C GLY C 227 -1.28 -43.87 -1.20
N THR C 228 -1.24 -42.55 -1.39
CA THR C 228 -1.88 -41.64 -0.46
C THR C 228 -3.39 -41.57 -0.64
N GLY C 229 -3.91 -42.10 -1.75
CA GLY C 229 -5.32 -42.07 -2.02
C GLY C 229 -6.03 -43.37 -1.68
N ASN C 230 -5.59 -44.02 -0.61
CA ASN C 230 -6.21 -45.25 -0.14
C ASN C 230 -6.40 -45.16 1.36
N ASN C 231 -7.53 -45.68 1.85
CA ASN C 231 -7.71 -45.78 3.30
C ASN C 231 -6.67 -46.73 3.87
N ILE C 232 -5.80 -46.19 4.72
CA ILE C 232 -4.69 -47.00 5.24
C ILE C 232 -5.22 -48.13 6.11
N THR C 233 -6.12 -47.78 7.03
CA THR C 233 -6.81 -48.78 7.84
C THR C 233 -7.43 -49.86 6.98
N GLN C 234 -8.18 -49.46 5.95
CA GLN C 234 -8.82 -50.43 5.09
C GLN C 234 -7.79 -51.27 4.35
N ALA C 235 -6.70 -50.66 3.91
CA ALA C 235 -5.67 -51.39 3.19
C ALA C 235 -5.05 -52.48 4.07
N PHE C 236 -4.65 -52.12 5.28
CA PHE C 236 -4.03 -53.13 6.13
C PHE C 236 -5.04 -54.12 6.67
N LEU C 237 -6.30 -53.73 6.84
CA LEU C 237 -7.34 -54.70 7.11
C LEU C 237 -7.45 -55.71 5.98
N VAL C 238 -7.37 -55.23 4.74
CA VAL C 238 -7.39 -56.11 3.59
C VAL C 238 -6.21 -57.07 3.64
N GLN C 239 -5.02 -56.56 3.96
CA GLN C 239 -3.87 -57.45 4.08
C GLN C 239 -4.09 -58.48 5.18
N ARG C 240 -4.56 -58.04 6.34
CA ARG C 240 -4.74 -58.93 7.49
C ARG C 240 -5.77 -60.00 7.23
N LYS C 241 -6.75 -59.70 6.37
CA LYS C 241 -7.69 -60.73 5.96
C LYS C 241 -6.99 -61.88 5.25
N PHE C 242 -5.82 -61.62 4.67
CA PHE C 242 -5.02 -62.65 4.04
C PHE C 242 -3.79 -63.05 4.85
N GLU C 243 -3.31 -62.19 5.73
CA GLU C 243 -2.22 -62.50 6.65
C GLU C 243 -2.66 -62.07 8.04
N PRO C 244 -3.38 -62.93 8.77
CA PRO C 244 -3.81 -62.55 10.11
C PRO C 244 -2.66 -62.22 11.04
N LYS C 245 -1.50 -62.83 10.84
CA LYS C 245 -0.36 -62.63 11.71
C LYS C 245 0.87 -62.29 10.88
N GLY C 246 1.70 -61.42 11.42
CA GLY C 246 2.89 -60.96 10.75
C GLY C 246 2.91 -59.48 10.47
N PRO C 247 4.04 -58.99 9.98
CA PRO C 247 4.19 -57.55 9.76
C PRO C 247 3.25 -57.04 8.69
N LEU C 248 2.71 -55.85 8.91
CA LEU C 248 2.01 -55.14 7.85
C LEU C 248 3.04 -54.61 6.86
N ILE C 249 2.78 -54.78 5.56
CA ILE C 249 3.75 -54.35 4.56
C ILE C 249 3.07 -53.72 3.36
N ASN C 250 3.52 -52.52 3.01
CA ASN C 250 3.20 -51.84 1.76
C ASN C 250 4.47 -51.86 0.93
N SER C 251 4.52 -52.71 -0.09
CA SER C 251 5.76 -52.87 -0.84
C SER C 251 6.01 -51.75 -1.84
N GLU C 252 4.97 -51.01 -2.22
CA GLU C 252 5.12 -49.89 -3.15
C GLU C 252 4.15 -48.80 -2.68
N PHE C 253 4.60 -48.01 -1.72
CA PHE C 253 3.86 -46.83 -1.31
C PHE C 253 4.29 -45.70 -2.23
N TYR C 254 3.40 -45.30 -3.13
CA TYR C 254 3.77 -44.42 -4.22
C TYR C 254 3.98 -43.00 -3.72
N THR C 255 5.19 -42.50 -3.94
CA THR C 255 5.63 -41.16 -3.57
C THR C 255 5.35 -40.15 -4.66
N GLY C 256 4.95 -40.62 -5.83
CA GLY C 256 4.79 -39.82 -7.02
C GLY C 256 4.02 -40.70 -7.99
N TRP C 257 4.22 -40.52 -9.29
CA TRP C 257 3.51 -41.39 -10.23
C TRP C 257 4.24 -41.38 -11.55
N LEU C 258 3.89 -42.34 -12.39
CA LEU C 258 4.49 -42.40 -13.71
C LEU C 258 3.90 -41.33 -14.61
N ASP C 259 4.56 -41.10 -15.73
CA ASP C 259 4.10 -40.18 -16.75
C ASP C 259 3.74 -40.92 -18.02
N HIS C 260 3.00 -40.22 -18.87
CA HIS C 260 2.85 -40.62 -20.26
C HIS C 260 3.13 -39.42 -21.15
N TRP C 261 3.65 -39.70 -22.34
CA TRP C 261 3.78 -38.66 -23.35
C TRP C 261 2.45 -37.95 -23.53
N GLY C 262 2.50 -36.63 -23.62
CA GLY C 262 1.27 -35.88 -23.82
C GLY C 262 0.48 -35.65 -22.56
N LYS C 263 0.31 -36.68 -21.76
CA LYS C 263 -0.36 -36.51 -20.47
C LYS C 263 0.47 -35.57 -19.61
N PRO C 264 -0.14 -34.64 -18.88
CA PRO C 264 0.64 -33.72 -18.06
C PRO C 264 1.44 -34.49 -17.03
N HIS C 265 2.61 -33.97 -16.71
CA HIS C 265 3.44 -34.60 -15.69
C HIS C 265 2.69 -34.68 -14.37
N SER C 266 2.66 -35.88 -13.78
CA SER C 266 2.00 -36.07 -12.52
C SER C 266 2.84 -35.44 -11.42
N THR C 267 2.21 -34.68 -10.54
CA THR C 267 2.88 -34.14 -9.37
C THR C 267 2.01 -34.34 -8.14
N VAL C 268 2.64 -34.87 -7.09
CA VAL C 268 2.00 -35.04 -5.79
C VAL C 268 2.76 -34.20 -4.79
N LYS C 269 2.04 -33.44 -3.98
CA LYS C 269 2.69 -32.56 -3.03
C LYS C 269 3.59 -33.35 -2.09
N THR C 270 4.79 -32.82 -1.87
CA THR C 270 5.75 -33.41 -0.94
C THR C 270 5.13 -33.72 0.42
N LYS C 271 4.66 -32.69 1.11
CA LYS C 271 4.26 -32.86 2.50
C LYS C 271 3.05 -33.76 2.65
N THR C 272 2.21 -33.89 1.61
CA THR C 272 1.14 -34.89 1.66
C THR C 272 1.72 -36.30 1.75
N LEU C 273 2.70 -36.58 0.90
CA LEU C 273 3.42 -37.85 0.98
C LEU C 273 4.07 -38.01 2.35
N ALA C 274 4.62 -36.93 2.88
CA ALA C 274 5.28 -37.00 4.18
C ALA C 274 4.29 -37.39 5.28
N THR C 275 3.13 -36.74 5.30
CA THR C 275 2.11 -37.04 6.29
C THR C 275 1.66 -38.48 6.17
N SER C 276 1.41 -38.94 4.94
CA SER C 276 0.98 -40.32 4.76
C SER C 276 2.05 -41.28 5.23
N LEU C 277 3.31 -40.99 4.90
CA LEU C 277 4.40 -41.86 5.32
C LEU C 277 4.46 -41.95 6.83
N TYR C 278 4.33 -40.82 7.52
CA TYR C 278 4.31 -40.83 8.98
C TYR C 278 3.18 -41.71 9.49
N ASN C 279 1.99 -41.59 8.88
CA ASN C 279 0.86 -42.41 9.29
C ASN C 279 1.18 -43.89 9.15
N LEU C 280 1.73 -44.28 8.00
CA LEU C 280 2.11 -45.67 7.78
C LEU C 280 3.12 -46.13 8.82
N LEU C 281 4.13 -45.30 9.09
CA LEU C 281 5.17 -45.68 10.02
C LEU C 281 4.62 -45.86 11.43
N ALA C 282 3.70 -44.99 11.82
CA ALA C 282 3.10 -45.09 13.14
C ALA C 282 2.38 -46.40 13.39
N ARG C 283 1.92 -47.09 12.35
CA ARG C 283 1.36 -48.41 12.59
C ARG C 283 2.43 -49.47 12.81
N GLY C 284 3.70 -49.15 12.59
CA GLY C 284 4.74 -50.13 12.76
C GLY C 284 4.93 -51.04 11.56
N ALA C 285 4.30 -50.72 10.44
CA ALA C 285 4.38 -51.56 9.25
C ALA C 285 5.76 -51.47 8.60
N ASN C 286 5.91 -52.22 7.50
CA ASN C 286 7.08 -52.15 6.63
C ASN C 286 6.67 -51.45 5.35
N VAL C 287 7.39 -50.38 5.00
CA VAL C 287 7.06 -49.61 3.82
C VAL C 287 8.30 -49.45 2.95
N ASN C 288 8.09 -49.53 1.64
CA ASN C 288 9.11 -49.24 0.64
C ASN C 288 8.61 -48.08 -0.21
N LEU C 289 9.44 -47.06 -0.39
CA LEU C 289 9.06 -45.91 -1.19
C LEU C 289 9.39 -46.17 -2.67
N TYR C 290 8.35 -46.34 -3.46
CA TYR C 290 8.42 -46.53 -4.91
C TYR C 290 7.99 -45.24 -5.59
N MET C 291 8.87 -44.62 -6.36
CA MET C 291 10.29 -44.90 -6.47
C MET C 291 11.04 -43.97 -5.53
N PHE C 292 12.23 -44.36 -5.13
CA PHE C 292 13.13 -43.46 -4.42
C PHE C 292 14.02 -42.68 -5.37
N ILE C 293 14.62 -43.38 -6.32
CA ILE C 293 15.13 -42.79 -7.56
C ILE C 293 14.45 -43.48 -8.73
N GLY C 294 14.08 -42.69 -9.73
CA GLY C 294 13.51 -43.21 -10.95
C GLY C 294 14.54 -43.53 -12.01
N GLY C 295 15.51 -42.66 -12.24
CA GLY C 295 16.46 -42.97 -13.28
C GLY C 295 15.97 -42.72 -14.70
N THR C 296 16.23 -43.64 -15.61
CA THR C 296 16.13 -43.33 -17.02
C THR C 296 15.52 -44.49 -17.79
N ASN C 297 14.73 -44.11 -18.79
CA ASN C 297 14.15 -44.96 -19.82
C ASN C 297 15.05 -44.95 -21.05
N PHE C 298 15.93 -45.95 -21.12
CA PHE C 298 16.91 -46.01 -22.19
C PHE C 298 16.21 -46.44 -23.47
N ALA C 299 16.97 -46.41 -24.56
CA ALA C 299 16.50 -46.71 -25.92
C ALA C 299 15.18 -47.41 -26.03
N TYR C 300 15.05 -48.68 -25.70
CA TYR C 300 13.72 -49.24 -25.89
C TYR C 300 13.15 -49.83 -24.60
N TRP C 301 13.64 -49.37 -23.46
CA TRP C 301 13.25 -50.00 -22.21
C TRP C 301 11.88 -49.55 -21.70
N ASN C 302 11.26 -48.55 -22.33
CA ASN C 302 9.97 -48.10 -21.85
C ASN C 302 8.90 -49.16 -22.04
N GLY C 303 7.85 -49.06 -21.24
CA GLY C 303 6.68 -49.90 -21.35
C GLY C 303 5.51 -49.15 -21.96
N ALA C 304 4.32 -49.69 -21.73
CA ALA C 304 3.11 -49.08 -22.27
C ALA C 304 1.91 -49.59 -21.47
N ASN C 305 0.85 -48.81 -21.49
CA ASN C 305 -0.44 -49.18 -20.95
C ASN C 305 -1.44 -49.41 -22.08
N THR C 306 -2.69 -49.65 -21.72
CA THR C 306 -3.78 -49.72 -22.67
C THR C 306 -4.94 -48.88 -22.12
N PRO C 307 -5.55 -48.03 -22.95
CA PRO C 307 -5.27 -47.80 -24.37
C PRO C 307 -3.91 -47.18 -24.59
N TYR C 308 -3.28 -47.55 -25.69
CA TYR C 308 -1.83 -47.41 -25.84
C TYR C 308 -1.36 -46.03 -25.41
N GLU C 309 -0.36 -46.00 -24.54
CA GLU C 309 0.21 -44.73 -24.10
C GLU C 309 1.61 -44.96 -23.57
N PRO C 310 2.64 -44.82 -24.41
CA PRO C 310 3.99 -45.14 -23.98
C PRO C 310 4.51 -44.15 -22.94
N GLN C 311 5.32 -44.66 -22.02
CA GLN C 311 5.99 -43.83 -21.04
C GLN C 311 7.19 -43.14 -21.67
N PRO C 312 7.51 -41.93 -21.23
CA PRO C 312 8.60 -41.20 -21.85
C PRO C 312 9.98 -41.67 -21.38
N THR C 313 11.00 -41.00 -21.92
CA THR C 313 12.39 -41.28 -21.56
C THR C 313 12.64 -40.99 -20.09
N SER C 314 12.24 -39.80 -19.63
CA SER C 314 12.40 -39.48 -18.22
C SER C 314 11.58 -40.44 -17.37
N TYR C 315 12.22 -40.97 -16.34
CA TYR C 315 11.51 -41.70 -15.30
C TYR C 315 11.67 -40.98 -13.98
N ASP C 316 11.74 -39.64 -14.02
CA ASP C 316 11.89 -38.84 -12.81
C ASP C 316 10.93 -39.27 -11.72
N TYR C 317 9.68 -39.54 -12.09
CA TYR C 317 8.66 -40.12 -11.22
C TYR C 317 8.20 -39.14 -10.16
N ASP C 318 8.74 -37.91 -10.12
CA ASP C 318 8.66 -37.06 -8.94
C ASP C 318 9.22 -37.74 -7.71
N ALA C 319 10.24 -38.57 -7.91
CA ALA C 319 10.84 -39.35 -6.84
C ALA C 319 11.61 -38.45 -5.87
N PRO C 320 11.90 -38.95 -4.67
CA PRO C 320 12.71 -38.15 -3.73
C PRO C 320 14.06 -37.74 -4.29
N LEU C 321 14.69 -38.62 -5.06
CA LEU C 321 15.86 -38.25 -5.83
C LEU C 321 15.44 -38.01 -7.27
N SER C 322 15.84 -36.86 -7.81
CA SER C 322 15.46 -36.51 -9.17
C SER C 322 16.17 -37.42 -10.15
N GLU C 323 15.75 -37.35 -11.43
CA GLU C 323 16.33 -38.23 -12.44
C GLU C 323 17.85 -38.17 -12.40
N ALA C 324 18.41 -36.98 -12.25
CA ALA C 324 19.85 -36.84 -12.21
C ALA C 324 20.38 -36.94 -10.80
N GLY C 325 19.53 -37.30 -9.85
CA GLY C 325 19.99 -37.59 -8.51
C GLY C 325 20.01 -36.41 -7.58
N ASP C 326 19.34 -35.32 -7.92
CA ASP C 326 19.40 -34.14 -7.07
C ASP C 326 18.65 -34.36 -5.77
N LEU C 327 19.19 -33.80 -4.70
CA LEU C 327 18.46 -33.71 -3.44
C LEU C 327 17.35 -32.70 -3.58
N THR C 328 16.11 -33.15 -3.40
CA THR C 328 14.94 -32.31 -3.53
C THR C 328 14.35 -32.05 -2.16
N LYS C 329 13.45 -31.07 -2.10
CA LYS C 329 12.75 -30.81 -0.85
C LYS C 329 12.10 -32.07 -0.33
N LYS C 330 11.62 -32.92 -1.24
CA LYS C 330 11.03 -34.19 -0.85
C LYS C 330 12.03 -35.07 -0.13
N TYR C 331 13.27 -35.11 -0.61
CA TYR C 331 14.29 -35.92 0.03
C TYR C 331 14.48 -35.54 1.49
N PHE C 332 14.77 -34.26 1.76
CA PHE C 332 14.96 -33.82 3.14
C PHE C 332 13.69 -34.02 3.98
N ALA C 333 12.51 -33.80 3.39
CA ALA C 333 11.28 -34.05 4.14
C ALA C 333 11.18 -35.50 4.56
N LEU C 334 11.51 -36.42 3.65
CA LEU C 334 11.37 -37.83 3.96
C LEU C 334 12.43 -38.28 4.96
N ARG C 335 13.67 -37.82 4.79
CA ARG C 335 14.69 -38.03 5.81
C ARG C 335 14.24 -37.56 7.18
N GLU C 336 13.63 -36.38 7.24
CA GLU C 336 13.15 -35.86 8.52
C GLU C 336 12.09 -36.79 9.09
N VAL C 337 11.17 -37.25 8.25
CA VAL C 337 10.12 -38.14 8.73
C VAL C 337 10.73 -39.44 9.24
N ILE C 338 11.65 -40.02 8.48
CA ILE C 338 12.22 -41.31 8.82
C ILE C 338 13.01 -41.23 10.12
N GLN C 339 13.77 -40.15 10.30
CA GLN C 339 14.52 -39.96 11.54
C GLN C 339 13.63 -40.00 12.78
N MET C 340 12.31 -39.92 12.63
CA MET C 340 11.44 -40.12 13.78
C MET C 340 11.56 -41.54 14.32
N PHE C 341 11.66 -42.52 13.42
CA PHE C 341 11.57 -43.92 13.82
C PHE C 341 12.91 -44.66 13.76
N LYS C 342 13.98 -44.03 13.32
CA LYS C 342 15.29 -44.67 13.38
C LYS C 342 16.36 -43.60 13.31
N GLU C 343 17.45 -43.84 14.03
CA GLU C 343 18.63 -43.00 13.88
C GLU C 343 19.08 -43.02 12.42
N VAL C 344 19.43 -41.84 11.91
CA VAL C 344 19.85 -41.74 10.51
C VAL C 344 21.37 -41.74 10.49
N PRO C 345 22.01 -42.23 9.43
CA PRO C 345 23.47 -42.31 9.43
C PRO C 345 24.11 -40.96 9.69
N GLU C 346 25.29 -40.98 10.28
CA GLU C 346 26.01 -39.75 10.54
C GLU C 346 26.78 -39.32 9.30
N GLY C 347 27.07 -38.02 9.25
CA GLY C 347 27.88 -37.48 8.19
C GLY C 347 27.09 -36.73 7.12
N PRO C 348 27.81 -35.92 6.36
CA PRO C 348 27.18 -35.16 5.28
C PRO C 348 26.68 -36.05 4.16
N ILE C 349 25.62 -35.60 3.50
CA ILE C 349 24.99 -36.37 2.45
C ILE C 349 25.63 -36.01 1.12
N PRO C 350 25.92 -36.99 0.25
CA PRO C 350 26.47 -36.68 -1.07
C PRO C 350 25.57 -35.71 -1.80
N PRO C 351 26.13 -34.76 -2.54
CA PRO C 351 25.34 -33.66 -3.05
C PRO C 351 24.65 -34.02 -4.36
N SER C 352 23.75 -33.14 -4.76
CA SER C 352 23.27 -33.10 -6.13
C SER C 352 24.46 -32.94 -7.05
N THR C 353 24.46 -33.66 -8.17
CA THR C 353 25.62 -33.62 -9.03
C THR C 353 25.73 -32.23 -9.66
N PRO C 354 26.94 -31.81 -10.00
CA PRO C 354 27.10 -30.59 -10.81
C PRO C 354 26.51 -30.77 -12.20
N LYS C 355 25.94 -29.69 -12.71
CA LYS C 355 25.41 -29.65 -14.06
C LYS C 355 26.11 -28.58 -14.89
N PHE C 356 26.30 -28.88 -16.18
CA PHE C 356 27.05 -28.01 -17.08
C PHE C 356 26.29 -27.78 -18.37
N ALA C 357 26.23 -26.51 -18.78
CA ALA C 357 25.54 -26.16 -20.03
C ALA C 357 26.60 -26.11 -21.12
N TYR C 358 26.78 -27.22 -21.85
CA TYR C 358 27.71 -27.19 -22.96
C TYR C 358 27.23 -26.29 -24.10
N GLY C 359 25.96 -25.92 -24.12
CA GLY C 359 25.50 -24.95 -25.10
C GLY C 359 25.06 -25.60 -26.40
N LYS C 360 25.05 -24.80 -27.47
CA LYS C 360 24.53 -25.27 -28.73
C LYS C 360 25.56 -26.07 -29.52
N VAL C 361 25.14 -27.22 -30.03
CA VAL C 361 25.95 -28.09 -30.88
C VAL C 361 25.18 -28.36 -32.17
N ALA C 362 25.83 -28.18 -33.30
CA ALA C 362 25.17 -28.35 -34.59
C ALA C 362 25.26 -29.80 -35.07
N LEU C 363 24.35 -30.14 -36.00
CA LEU C 363 24.34 -31.45 -36.64
C LEU C 363 24.33 -31.28 -38.15
N ARG C 364 24.25 -32.40 -38.86
CA ARG C 364 24.29 -32.41 -40.32
C ARG C 364 23.67 -33.70 -40.83
N LYS C 365 22.79 -33.57 -41.81
CA LYS C 365 22.17 -34.74 -42.44
C LYS C 365 23.23 -35.74 -42.90
N PHE C 366 23.17 -36.95 -42.36
CA PHE C 366 24.06 -38.01 -42.78
C PHE C 366 23.44 -38.91 -43.84
N LYS C 367 22.35 -39.60 -43.49
CA LYS C 367 21.71 -40.56 -44.38
C LYS C 367 20.43 -41.05 -43.74
N THR C 368 19.43 -41.31 -44.58
CA THR C 368 18.24 -42.00 -44.10
C THR C 368 18.56 -43.46 -43.81
N VAL C 369 17.68 -44.08 -43.03
CA VAL C 369 17.74 -45.52 -42.79
C VAL C 369 17.74 -46.28 -44.11
N ALA C 370 16.86 -45.90 -45.04
CA ALA C 370 16.73 -46.65 -46.28
C ALA C 370 18.04 -46.68 -47.04
N GLU C 371 18.73 -45.56 -47.12
CA GLU C 371 19.96 -45.45 -47.90
C GLU C 371 21.16 -46.03 -47.18
N ALA C 372 20.96 -46.70 -46.04
CA ALA C 372 22.08 -47.21 -45.27
C ALA C 372 21.80 -48.58 -44.67
N LEU C 373 20.77 -49.29 -45.18
CA LEU C 373 20.37 -50.54 -44.57
C LEU C 373 21.52 -51.55 -44.55
N GLY C 374 22.32 -51.61 -45.61
CA GLY C 374 23.46 -52.51 -45.61
C GLY C 374 24.39 -52.23 -44.46
N ILE C 375 24.70 -50.94 -44.23
CA ILE C 375 25.50 -50.59 -43.06
C ILE C 375 24.71 -50.87 -41.79
N LEU C 376 23.40 -50.63 -41.84
CA LEU C 376 22.55 -50.91 -40.70
C LEU C 376 22.32 -52.40 -40.48
N CYS C 377 22.34 -53.20 -41.55
CA CYS C 377 21.99 -54.62 -41.48
C CYS C 377 23.01 -55.45 -42.22
N PRO C 378 24.25 -55.50 -41.74
CA PRO C 378 25.32 -56.08 -42.56
C PRO C 378 25.22 -57.59 -42.71
N ASN C 379 24.52 -58.27 -41.80
CA ASN C 379 24.26 -59.68 -42.00
C ASN C 379 23.40 -59.92 -43.24
N GLY C 380 22.37 -59.10 -43.41
CA GLY C 380 21.53 -59.15 -44.58
C GLY C 380 20.06 -59.03 -44.23
N PRO C 381 19.24 -58.80 -45.24
CA PRO C 381 17.81 -58.51 -44.98
C PRO C 381 16.96 -59.77 -44.87
N VAL C 382 15.66 -59.59 -44.69
CA VAL C 382 14.72 -60.68 -44.55
C VAL C 382 13.66 -60.55 -45.65
N LYS C 383 13.21 -61.68 -46.17
CA LYS C 383 12.19 -61.70 -47.20
C LYS C 383 11.02 -62.56 -46.72
N SER C 384 9.80 -62.14 -47.06
CA SER C 384 8.60 -62.83 -46.60
C SER C 384 7.45 -62.56 -47.55
N LEU C 385 6.59 -63.58 -47.73
CA LEU C 385 5.40 -63.42 -48.55
C LEU C 385 4.49 -62.33 -48.02
N TYR C 386 4.16 -62.38 -46.74
CA TYR C 386 3.36 -61.33 -46.12
C TYR C 386 4.23 -60.66 -45.08
N PRO C 387 3.86 -59.48 -44.57
CA PRO C 387 4.73 -58.81 -43.60
C PRO C 387 4.88 -59.63 -42.33
N LEU C 388 6.05 -59.53 -41.72
CA LEU C 388 6.32 -60.12 -40.42
C LEU C 388 6.41 -59.04 -39.34
N THR C 389 6.10 -59.43 -38.10
CA THR C 389 6.17 -58.51 -36.98
C THR C 389 7.61 -58.31 -36.54
N PHE C 390 7.81 -57.31 -35.68
CA PHE C 390 9.10 -57.09 -35.04
C PHE C 390 9.66 -58.39 -34.46
N THR C 391 8.85 -59.13 -33.71
CA THR C 391 9.32 -60.40 -33.18
C THR C 391 9.57 -61.40 -34.32
N GLN C 392 8.64 -61.48 -35.26
CA GLN C 392 8.77 -62.42 -36.38
C GLN C 392 10.05 -62.20 -37.16
N VAL C 393 10.57 -60.97 -37.17
CA VAL C 393 11.79 -60.70 -37.90
C VAL C 393 13.01 -60.72 -36.97
N LYS C 394 12.81 -61.15 -35.72
CA LYS C 394 13.92 -61.38 -34.80
C LYS C 394 14.63 -60.07 -34.48
N GLN C 395 13.87 -58.99 -34.37
CA GLN C 395 14.38 -57.73 -33.86
C GLN C 395 13.52 -57.33 -32.68
N TYR C 396 14.11 -57.42 -31.48
CA TYR C 396 13.37 -57.26 -30.24
C TYR C 396 13.11 -55.81 -29.87
N PHE C 397 13.77 -54.87 -30.52
CA PHE C 397 13.62 -53.46 -30.23
C PHE C 397 13.80 -52.70 -31.53
N GLY C 398 14.11 -51.41 -31.42
CA GLY C 398 14.52 -50.66 -32.59
C GLY C 398 13.37 -50.38 -33.54
N TYR C 399 13.72 -50.29 -34.82
CA TYR C 399 12.78 -49.98 -35.88
C TYR C 399 13.00 -50.96 -37.02
N VAL C 400 11.96 -51.15 -37.83
CA VAL C 400 11.99 -52.15 -38.90
C VAL C 400 11.54 -51.53 -40.20
N LEU C 401 12.27 -51.83 -41.27
CA LEU C 401 11.94 -51.34 -42.60
C LEU C 401 11.11 -52.37 -43.36
N TYR C 402 9.93 -51.98 -43.81
CA TYR C 402 9.08 -52.83 -44.63
C TYR C 402 9.10 -52.29 -46.06
N ARG C 403 9.38 -53.16 -47.02
CA ARG C 403 9.52 -52.71 -48.40
C ARG C 403 8.65 -53.58 -49.27
N THR C 404 7.94 -52.94 -50.21
CA THR C 404 7.22 -53.68 -51.25
C THR C 404 7.21 -52.84 -52.52
N THR C 405 6.48 -53.33 -53.52
CA THR C 405 6.30 -52.63 -54.78
C THR C 405 4.83 -52.26 -54.92
N LEU C 406 4.56 -51.09 -55.47
CA LEU C 406 3.16 -50.69 -55.70
C LEU C 406 2.55 -51.51 -56.82
N PRO C 407 1.41 -52.19 -56.59
CA PRO C 407 0.82 -53.04 -57.63
C PRO C 407 -0.06 -52.26 -58.59
N GLN C 408 -0.40 -51.02 -58.27
CA GLN C 408 -1.28 -50.20 -59.07
C GLN C 408 -0.67 -48.81 -59.21
N ASP C 409 -0.99 -48.15 -60.32
CA ASP C 409 -0.64 -46.74 -60.47
C ASP C 409 -1.37 -45.91 -59.41
N CYS C 410 -0.62 -45.04 -58.75
CA CYS C 410 -1.22 -44.14 -57.77
C CYS C 410 -0.94 -42.69 -58.13
N SER C 411 -1.15 -42.33 -59.40
CA SER C 411 -1.01 -40.93 -59.80
C SER C 411 -2.01 -40.04 -59.05
N ASN C 412 -3.24 -40.52 -58.89
CA ASN C 412 -4.15 -39.86 -57.97
C ASN C 412 -3.96 -40.44 -56.57
N PRO C 413 -4.05 -39.60 -55.53
CA PRO C 413 -3.76 -40.08 -54.17
C PRO C 413 -4.64 -41.24 -53.76
N LYS C 414 -4.04 -42.39 -53.58
CA LYS C 414 -4.79 -43.55 -53.16
C LYS C 414 -4.69 -43.74 -51.65
N PRO C 415 -5.73 -44.27 -51.01
CA PRO C 415 -5.77 -44.33 -49.55
C PRO C 415 -5.05 -45.56 -49.00
N ILE C 416 -3.96 -45.32 -48.26
CA ILE C 416 -3.49 -46.29 -47.29
C ILE C 416 -4.49 -46.32 -46.14
N PHE C 417 -4.98 -47.51 -45.82
CA PHE C 417 -6.18 -47.62 -45.01
C PHE C 417 -6.08 -48.87 -44.15
N SER C 418 -7.22 -49.34 -43.66
CA SER C 418 -7.31 -50.48 -42.76
C SER C 418 -6.53 -51.68 -43.28
N SER C 419 -6.12 -52.52 -42.33
CA SER C 419 -5.67 -53.87 -42.59
C SER C 419 -6.77 -54.76 -42.02
N PRO C 420 -6.72 -56.09 -42.17
CA PRO C 420 -7.89 -56.90 -41.76
C PRO C 420 -8.32 -56.72 -40.32
N PHE C 421 -7.40 -56.51 -39.37
CA PHE C 421 -7.85 -56.31 -38.00
C PHE C 421 -7.07 -55.21 -37.30
N ASN C 422 -6.76 -54.11 -38.02
CA ASN C 422 -6.26 -52.89 -37.38
C ASN C 422 -5.00 -53.20 -36.57
N GLY C 423 -4.02 -53.77 -37.25
CA GLY C 423 -2.81 -54.28 -36.63
C GLY C 423 -1.50 -53.63 -37.00
N VAL C 424 -1.52 -52.33 -37.28
CA VAL C 424 -0.28 -51.54 -37.36
C VAL C 424 0.00 -50.91 -36.00
N ARG C 425 1.15 -51.23 -35.43
CA ARG C 425 1.55 -50.78 -34.10
C ARG C 425 3.06 -50.54 -34.07
N ASP C 426 3.49 -49.40 -33.54
CA ASP C 426 2.59 -48.40 -32.99
C ASP C 426 2.62 -47.14 -33.86
N ARG C 427 3.64 -47.00 -34.70
CA ARG C 427 3.78 -45.81 -35.53
C ARG C 427 4.54 -46.20 -36.78
N ALA C 428 4.08 -45.69 -37.93
CA ALA C 428 4.73 -45.94 -39.20
C ALA C 428 4.95 -44.64 -39.98
N TYR C 429 6.17 -44.42 -40.43
CA TYR C 429 6.49 -43.32 -41.33
C TYR C 429 6.53 -43.86 -42.75
N VAL C 430 5.68 -43.34 -43.62
CA VAL C 430 5.43 -43.92 -44.93
C VAL C 430 6.10 -43.09 -46.01
N SER C 431 6.74 -43.76 -46.97
CA SER C 431 7.39 -43.04 -48.06
C SER C 431 7.51 -43.98 -49.26
N VAL C 432 7.80 -43.39 -50.43
CA VAL C 432 8.01 -44.13 -51.66
C VAL C 432 9.25 -43.57 -52.34
N ASP C 433 10.28 -44.43 -52.50
CA ASP C 433 11.54 -44.04 -53.13
C ASP C 433 12.09 -42.73 -52.56
N GLY C 434 12.05 -42.62 -51.23
CA GLY C 434 12.62 -41.45 -50.58
C GLY C 434 11.75 -40.22 -50.65
N VAL C 435 10.44 -40.38 -50.84
CA VAL C 435 9.51 -39.25 -50.79
C VAL C 435 8.60 -39.46 -49.59
N PRO C 436 8.86 -38.78 -48.48
CA PRO C 436 8.04 -39.01 -47.27
C PRO C 436 6.59 -38.63 -47.49
N GLN C 437 5.69 -39.50 -47.01
CA GLN C 437 4.28 -39.34 -47.24
C GLN C 437 3.49 -38.99 -45.99
N GLY C 438 4.08 -39.12 -44.82
CA GLY C 438 3.40 -38.81 -43.58
C GLY C 438 3.43 -39.97 -42.61
N ILE C 439 2.53 -39.92 -41.63
CA ILE C 439 2.59 -40.75 -40.44
C ILE C 439 1.34 -41.60 -40.34
N LEU C 440 1.45 -42.66 -39.53
CA LEU C 440 0.34 -43.52 -39.18
C LEU C 440 0.55 -44.00 -37.76
N ASP C 441 -0.54 -44.15 -37.00
CA ASP C 441 -0.41 -44.64 -35.63
C ASP C 441 -1.73 -45.23 -35.18
N ARG C 442 -1.66 -45.95 -34.05
CA ARG C 442 -2.81 -46.69 -33.54
C ARG C 442 -3.72 -45.78 -32.73
N ASN C 443 -5.02 -45.84 -33.04
CA ASN C 443 -6.09 -45.07 -32.38
C ASN C 443 -6.07 -43.61 -32.80
N LEU C 444 -5.07 -43.19 -33.56
CA LEU C 444 -4.95 -41.78 -33.95
C LEU C 444 -5.09 -41.57 -35.44
N MET C 445 -4.26 -42.21 -36.27
CA MET C 445 -4.27 -41.99 -37.71
C MET C 445 -3.95 -43.32 -38.40
N THR C 446 -4.94 -43.88 -39.10
CA THR C 446 -4.76 -45.11 -39.87
C THR C 446 -5.02 -44.93 -41.36
N ALA C 447 -5.43 -43.74 -41.80
CA ALA C 447 -5.71 -43.47 -43.19
C ALA C 447 -4.82 -42.34 -43.69
N LEU C 448 -4.30 -42.48 -44.91
CA LEU C 448 -3.40 -41.47 -45.45
C LEU C 448 -3.36 -41.62 -46.97
N ASN C 449 -3.57 -40.52 -47.68
CA ASN C 449 -3.47 -40.54 -49.13
C ASN C 449 -2.00 -40.49 -49.56
N ILE C 450 -1.64 -41.35 -50.52
CA ILE C 450 -0.27 -41.46 -51.00
C ILE C 450 -0.28 -41.37 -52.52
N GLN C 451 0.89 -41.10 -53.09
CA GLN C 451 1.02 -40.92 -54.53
C GLN C 451 2.31 -41.56 -55.03
N GLY C 452 2.23 -42.31 -56.11
CA GLY C 452 3.42 -42.83 -56.77
C GLY C 452 3.02 -43.66 -57.97
N LYS C 453 4.02 -43.90 -58.83
CA LYS C 453 3.78 -44.69 -60.03
C LYS C 453 3.72 -46.18 -59.71
N ALA C 454 3.01 -46.93 -60.56
CA ALA C 454 2.97 -48.37 -60.42
C ALA C 454 4.37 -48.97 -60.46
N GLY C 455 4.61 -49.93 -59.57
CA GLY C 455 5.91 -50.55 -59.44
C GLY C 455 6.91 -49.79 -58.61
N ALA C 456 6.54 -48.62 -58.10
CA ALA C 456 7.42 -47.86 -57.23
C ALA C 456 7.66 -48.58 -55.91
N THR C 457 8.86 -48.41 -55.37
CA THR C 457 9.24 -49.04 -54.11
C THR C 457 8.61 -48.27 -52.96
N LEU C 458 7.76 -48.94 -52.19
CA LEU C 458 7.13 -48.37 -51.01
C LEU C 458 7.89 -48.83 -49.78
N ASP C 459 8.44 -47.88 -49.03
CA ASP C 459 9.15 -48.14 -47.79
C ASP C 459 8.38 -47.57 -46.60
N ILE C 460 8.15 -48.43 -45.61
CA ILE C 460 7.45 -48.07 -44.38
C ILE C 460 8.41 -48.32 -43.23
N LEU C 461 8.66 -47.28 -42.44
CA LEU C 461 9.52 -47.40 -41.27
C LEU C 461 8.65 -47.51 -40.03
N VAL C 462 8.71 -48.66 -39.37
CA VAL C 462 7.83 -48.96 -38.25
C VAL C 462 8.65 -48.86 -36.97
N GLU C 463 8.16 -48.07 -36.02
CA GLU C 463 8.79 -47.85 -34.74
C GLU C 463 8.09 -48.67 -33.66
N ASN C 464 8.87 -49.38 -32.86
CA ASN C 464 8.34 -49.97 -31.64
C ASN C 464 8.36 -48.90 -30.57
N MET C 465 7.18 -48.41 -30.21
CA MET C 465 7.07 -47.34 -29.22
C MET C 465 7.05 -47.88 -27.80
N GLY C 466 7.19 -49.19 -27.63
CA GLY C 466 7.23 -49.83 -26.32
C GLY C 466 6.19 -50.92 -26.15
N ARG C 467 6.64 -52.10 -25.75
CA ARG C 467 5.71 -53.20 -25.51
C ARG C 467 4.96 -52.95 -24.21
N VAL C 468 3.63 -53.13 -24.28
CA VAL C 468 2.80 -52.90 -23.10
C VAL C 468 3.33 -53.68 -21.90
N ASN C 469 3.37 -53.01 -20.76
CA ASN C 469 3.95 -53.58 -19.54
C ASN C 469 2.92 -53.89 -18.48
N TYR C 470 1.64 -53.58 -18.72
CA TYR C 470 0.60 -53.77 -17.71
C TYR C 470 -0.71 -54.10 -18.39
N GLY C 471 -1.44 -55.04 -17.81
CA GLY C 471 -2.77 -55.36 -18.27
C GLY C 471 -2.81 -56.72 -18.92
N ARG C 472 -3.80 -56.92 -19.79
CA ARG C 472 -3.88 -58.16 -20.55
C ARG C 472 -3.07 -58.10 -21.84
N PHE C 473 -3.04 -56.93 -22.47
CA PHE C 473 -2.51 -56.82 -23.82
C PHE C 473 -0.99 -56.94 -23.85
N ILE C 474 -0.50 -58.13 -23.51
CA ILE C 474 0.92 -58.45 -23.65
C ILE C 474 1.24 -59.06 -25.01
N ASN C 475 0.22 -59.50 -25.75
CA ASN C 475 0.41 -59.96 -27.12
C ASN C 475 0.52 -58.78 -28.09
N ASP C 476 1.60 -58.01 -27.88
CA ASP C 476 1.78 -56.69 -28.48
C ASP C 476 2.74 -56.94 -29.64
N PHE C 477 2.16 -57.14 -30.82
CA PHE C 477 2.93 -57.59 -31.97
C PHE C 477 4.02 -56.61 -32.39
N LYS C 478 3.68 -55.33 -32.59
CA LYS C 478 4.70 -54.34 -33.00
C LYS C 478 4.98 -54.33 -34.50
N GLY C 479 4.24 -53.50 -35.23
CA GLY C 479 4.39 -53.46 -36.67
C GLY C 479 3.28 -54.04 -37.51
N LEU C 480 3.61 -54.49 -38.72
CA LEU C 480 2.67 -55.26 -39.52
C LEU C 480 2.69 -56.73 -39.14
N ILE C 481 1.52 -57.25 -38.80
CA ILE C 481 1.27 -58.67 -38.70
C ILE C 481 0.36 -59.16 -39.82
N SER C 482 -0.74 -58.44 -40.05
CA SER C 482 -1.75 -58.88 -41.00
C SER C 482 -1.39 -58.42 -42.41
N ASN C 483 -2.21 -58.89 -43.36
CA ASN C 483 -1.95 -58.60 -44.77
C ASN C 483 -2.09 -57.11 -44.99
N MET C 484 -0.98 -56.42 -45.26
CA MET C 484 -1.03 -54.98 -45.44
C MET C 484 -1.88 -54.64 -46.67
N THR C 485 -2.79 -53.69 -46.50
CA THR C 485 -3.76 -53.35 -47.53
C THR C 485 -3.76 -51.85 -47.77
N ILE C 486 -3.83 -51.47 -49.04
CA ILE C 486 -4.01 -50.08 -49.45
C ILE C 486 -5.33 -50.00 -50.21
N ASN C 487 -6.25 -49.18 -49.71
CA ASN C 487 -7.61 -49.11 -50.26
C ASN C 487 -8.22 -50.50 -50.36
N SER C 488 -8.06 -51.27 -49.28
CA SER C 488 -8.55 -52.65 -49.21
C SER C 488 -8.02 -53.50 -50.36
N THR C 489 -6.73 -53.32 -50.68
CA THR C 489 -6.07 -54.13 -51.68
C THR C 489 -4.81 -54.75 -51.08
N VAL C 490 -4.71 -56.08 -51.17
CA VAL C 490 -3.69 -56.85 -50.48
C VAL C 490 -2.30 -56.50 -51.01
N LEU C 491 -1.27 -56.93 -50.28
CA LEU C 491 0.11 -56.65 -50.68
C LEU C 491 0.99 -57.82 -50.27
N THR C 492 1.68 -58.41 -51.24
CA THR C 492 2.59 -59.52 -51.00
C THR C 492 4.02 -59.09 -51.31
N ASN C 493 4.95 -60.04 -51.26
CA ASN C 493 6.34 -59.85 -51.66
C ASN C 493 7.01 -58.74 -50.85
N TRP C 494 7.12 -58.98 -49.54
CA TRP C 494 7.66 -57.99 -48.63
C TRP C 494 9.11 -58.31 -48.29
N THR C 495 9.92 -57.26 -48.16
CA THR C 495 11.28 -57.36 -47.67
C THR C 495 11.41 -56.52 -46.40
N VAL C 496 11.73 -57.15 -45.30
CA VAL C 496 11.89 -56.47 -44.02
C VAL C 496 13.37 -56.31 -43.74
N PHE C 497 13.68 -55.27 -42.97
CA PHE C 497 15.07 -54.91 -42.66
C PHE C 497 15.19 -54.62 -41.17
N PRO C 498 15.73 -55.55 -40.39
CA PRO C 498 16.13 -55.26 -39.01
C PRO C 498 17.34 -54.34 -38.99
N LEU C 499 17.36 -53.41 -38.04
CA LEU C 499 18.38 -52.36 -38.02
C LEU C 499 19.27 -52.53 -36.81
N ASP C 500 20.55 -52.80 -37.05
CA ASP C 500 21.59 -52.84 -36.00
C ASP C 500 22.03 -51.41 -35.70
N THR C 501 21.13 -50.66 -35.06
CA THR C 501 21.43 -49.26 -34.76
C THR C 501 22.57 -49.10 -33.77
N GLU C 502 22.74 -50.06 -32.85
CA GLU C 502 23.74 -49.87 -31.81
C GLU C 502 25.15 -50.02 -32.36
N ALA C 503 25.43 -51.15 -33.01
CA ALA C 503 26.75 -51.32 -33.61
C ALA C 503 27.01 -50.26 -34.67
N MET C 504 25.96 -49.89 -35.42
CA MET C 504 26.13 -48.87 -36.45
C MET C 504 26.59 -47.56 -35.85
N VAL C 505 25.98 -47.15 -34.73
CA VAL C 505 26.40 -45.91 -34.11
C VAL C 505 27.81 -46.06 -33.54
N ARG C 506 28.09 -47.21 -32.90
CA ARG C 506 29.41 -47.40 -32.30
C ARG C 506 30.53 -47.48 -33.33
N ASN C 507 30.22 -47.77 -34.60
CA ASN C 507 31.26 -47.88 -35.62
C ASN C 507 31.32 -46.67 -36.55
N HIS C 508 30.17 -46.21 -37.02
CA HIS C 508 30.07 -45.09 -37.96
C HIS C 508 30.86 -45.34 -39.24
N LEU C 509 30.70 -46.54 -39.79
CA LEU C 509 31.39 -46.96 -41.01
C LEU C 509 32.90 -46.82 -40.88
N TRP C 510 33.43 -47.16 -39.71
CA TRP C 510 34.86 -47.02 -39.47
C TRP C 510 35.46 -48.34 -38.99
N ASP C 530 5.75 -31.45 -45.40
CA ASP C 530 7.17 -31.14 -45.37
C ASP C 530 7.90 -31.96 -44.32
N LEU C 531 7.26 -33.03 -43.85
CA LEU C 531 7.88 -33.91 -42.88
C LEU C 531 9.08 -34.61 -43.51
N ILE C 532 10.21 -34.58 -42.82
CA ILE C 532 11.46 -35.08 -43.36
C ILE C 532 11.59 -36.56 -43.04
N LEU C 533 11.91 -37.34 -44.06
CA LEU C 533 12.20 -38.77 -43.99
C LEU C 533 13.07 -39.06 -42.77
N PRO C 534 12.84 -40.16 -42.06
CA PRO C 534 13.75 -40.54 -40.97
C PRO C 534 15.19 -40.61 -41.41
N THR C 535 16.01 -39.74 -40.82
CA THR C 535 17.36 -39.53 -41.28
C THR C 535 18.26 -39.28 -40.08
N PHE C 536 19.56 -39.49 -40.27
CA PHE C 536 20.55 -39.34 -39.22
C PHE C 536 21.31 -38.04 -39.38
N TYR C 537 21.42 -37.29 -38.28
CA TYR C 537 22.15 -36.04 -38.21
C TYR C 537 23.22 -36.20 -37.15
N VAL C 538 24.48 -36.11 -37.58
CA VAL C 538 25.63 -36.36 -36.73
C VAL C 538 26.33 -35.03 -36.47
N GLY C 539 26.52 -34.71 -35.20
CA GLY C 539 27.27 -33.54 -34.82
C GLY C 539 28.32 -33.91 -33.80
N ASN C 540 29.31 -33.04 -33.67
CA ASN C 540 30.39 -33.28 -32.74
C ASN C 540 30.48 -32.14 -31.75
N PHE C 541 31.00 -32.44 -30.56
CA PHE C 541 31.41 -31.39 -29.65
C PHE C 541 32.61 -31.88 -28.86
N SER C 542 33.44 -30.94 -28.47
CA SER C 542 34.67 -31.24 -27.75
C SER C 542 34.54 -30.72 -26.32
N ILE C 543 35.25 -31.37 -25.41
CA ILE C 543 35.24 -30.96 -24.02
C ILE C 543 36.69 -30.80 -23.61
N PRO C 544 37.06 -29.72 -22.96
CA PRO C 544 38.49 -29.52 -22.63
C PRO C 544 38.94 -30.54 -21.61
N SER C 545 40.20 -30.92 -21.74
CA SER C 545 40.88 -31.82 -20.83
C SER C 545 41.45 -31.07 -19.64
N GLY C 546 41.77 -31.81 -18.59
CA GLY C 546 42.42 -31.20 -17.46
C GLY C 546 41.55 -30.34 -16.59
N ILE C 547 40.24 -30.45 -16.70
CA ILE C 547 39.35 -29.72 -15.81
C ILE C 547 38.77 -30.72 -14.82
N PRO C 548 39.16 -30.66 -13.54
CA PRO C 548 38.79 -31.70 -12.58
C PRO C 548 37.29 -31.96 -12.54
N ASP C 549 36.50 -30.91 -12.69
CA ASP C 549 35.05 -30.98 -12.57
C ASP C 549 34.36 -30.99 -13.94
N LEU C 550 35.09 -31.36 -14.98
CA LEU C 550 34.53 -31.65 -16.29
C LEU C 550 35.01 -33.01 -16.74
N PRO C 551 34.17 -33.81 -17.42
CA PRO C 551 32.79 -33.58 -17.82
C PRO C 551 31.80 -33.65 -16.67
N GLN C 552 30.64 -33.02 -16.84
CA GLN C 552 29.54 -33.12 -15.89
C GLN C 552 28.28 -33.65 -16.56
N ASP C 553 27.39 -34.19 -15.74
CA ASP C 553 26.06 -34.55 -16.20
C ASP C 553 25.40 -33.35 -16.87
N THR C 554 24.48 -33.61 -17.80
CA THR C 554 23.84 -32.52 -18.51
C THR C 554 22.46 -32.96 -19.00
N PHE C 555 21.76 -32.05 -19.68
CA PHE C 555 20.44 -32.31 -20.22
C PHE C 555 20.42 -31.82 -21.65
N ILE C 556 19.94 -32.65 -22.57
CA ILE C 556 19.90 -32.30 -23.98
C ILE C 556 18.51 -31.90 -24.40
N GLN C 557 18.41 -30.80 -25.14
CA GLN C 557 17.15 -30.24 -25.59
C GLN C 557 17.19 -30.17 -27.12
N PHE C 558 16.01 -30.27 -27.73
CA PHE C 558 15.87 -30.39 -29.19
C PHE C 558 14.88 -29.37 -29.71
N PRO C 559 15.16 -28.07 -29.57
CA PRO C 559 14.19 -27.07 -30.03
C PRO C 559 14.09 -27.12 -31.54
N GLY C 560 12.86 -27.25 -32.04
CA GLY C 560 12.63 -27.32 -33.46
C GLY C 560 12.58 -28.73 -34.02
N TRP C 561 13.09 -29.71 -33.29
CA TRP C 561 12.96 -31.10 -33.68
C TRP C 561 11.57 -31.62 -33.29
N SER C 562 11.23 -32.81 -33.81
CA SER C 562 9.93 -33.39 -33.52
C SER C 562 10.02 -34.66 -32.71
N LYS C 563 10.76 -35.68 -33.18
CA LYS C 563 10.73 -36.98 -32.52
C LYS C 563 11.81 -37.90 -33.08
N GLY C 564 12.60 -38.53 -32.21
CA GLY C 564 13.51 -39.54 -32.66
C GLY C 564 14.32 -40.15 -31.53
N GLN C 565 15.46 -40.70 -31.92
CA GLN C 565 16.35 -41.44 -31.04
C GLN C 565 17.70 -40.72 -31.04
N VAL C 566 18.40 -40.76 -29.92
CA VAL C 566 19.68 -40.07 -29.81
C VAL C 566 20.73 -40.97 -29.14
N TRP C 567 21.93 -40.97 -29.69
CA TRP C 567 23.06 -41.68 -29.12
C TRP C 567 24.19 -40.69 -28.90
N ILE C 568 24.95 -40.88 -27.83
CA ILE C 568 26.24 -40.21 -27.68
C ILE C 568 27.32 -41.26 -27.47
N ASN C 569 28.36 -41.20 -28.29
CA ASN C 569 29.45 -42.18 -28.26
C ASN C 569 28.90 -43.60 -28.25
N GLY C 570 27.83 -43.82 -28.99
CA GLY C 570 27.24 -45.14 -29.13
C GLY C 570 26.30 -45.54 -28.02
N PHE C 571 26.17 -44.75 -26.96
CA PHE C 571 25.24 -45.04 -25.89
C PHE C 571 23.90 -44.41 -26.24
N ASN C 572 22.88 -45.26 -26.38
CA ASN C 572 21.53 -44.84 -26.76
C ASN C 572 20.83 -44.22 -25.55
N LEU C 573 20.68 -42.89 -25.56
CA LEU C 573 20.13 -42.20 -24.41
C LEU C 573 18.61 -42.35 -24.31
N GLY C 574 17.95 -42.77 -25.38
CA GLY C 574 16.51 -42.95 -25.37
C GLY C 574 15.74 -42.12 -26.37
N ARG C 575 14.44 -41.95 -26.16
CA ARG C 575 13.59 -41.30 -27.14
C ARG C 575 13.32 -39.86 -26.72
N TYR C 576 13.28 -38.95 -27.70
CA TYR C 576 12.88 -37.59 -27.43
C TYR C 576 11.61 -37.26 -28.21
N TRP C 577 10.82 -36.35 -27.64
CA TRP C 577 9.57 -35.95 -28.27
C TRP C 577 9.12 -34.61 -27.68
N PRO C 578 9.91 -33.54 -27.86
CA PRO C 578 9.50 -32.26 -27.26
C PRO C 578 8.17 -31.75 -27.75
N THR C 579 7.86 -31.93 -29.04
CA THR C 579 6.62 -31.42 -29.58
C THR C 579 5.41 -32.13 -28.98
N MET C 580 5.60 -33.33 -28.44
CA MET C 580 4.52 -34.00 -27.73
C MET C 580 4.57 -33.74 -26.23
N GLY C 581 5.77 -33.64 -25.66
CA GLY C 581 5.95 -33.46 -24.24
C GLY C 581 5.34 -34.58 -23.44
N PRO C 582 5.34 -34.45 -22.11
CA PRO C 582 5.75 -33.31 -21.28
C PRO C 582 7.26 -33.26 -21.10
N GLN C 583 7.92 -34.39 -21.37
CA GLN C 583 9.36 -34.43 -21.32
C GLN C 583 9.96 -33.61 -22.44
N LYS C 584 10.90 -32.73 -22.09
CA LYS C 584 11.69 -32.00 -23.08
C LYS C 584 13.16 -32.40 -23.02
N THR C 585 13.79 -32.27 -21.87
CA THR C 585 15.20 -32.56 -21.74
C THR C 585 15.44 -34.05 -21.62
N LEU C 586 16.63 -34.48 -22.01
CA LEU C 586 17.07 -35.85 -21.77
C LEU C 586 18.29 -35.84 -20.86
N PHE C 587 18.28 -36.74 -19.88
CA PHE C 587 19.42 -36.90 -18.97
C PHE C 587 20.64 -37.47 -19.67
N VAL C 588 21.77 -36.79 -19.52
CA VAL C 588 23.04 -37.27 -20.05
C VAL C 588 23.99 -37.50 -18.89
N PRO C 589 24.27 -38.74 -18.54
CA PRO C 589 25.25 -39.00 -17.48
C PRO C 589 26.66 -38.74 -17.96
N ARG C 590 27.48 -38.16 -17.09
CA ARG C 590 28.81 -37.72 -17.50
C ARG C 590 29.71 -38.87 -17.89
N ASN C 591 29.34 -40.11 -17.58
CA ASN C 591 30.20 -41.25 -17.86
C ASN C 591 30.50 -41.40 -19.34
N ILE C 592 29.58 -40.97 -20.20
CA ILE C 592 29.69 -41.21 -21.63
C ILE C 592 30.48 -40.15 -22.38
N LEU C 593 30.85 -39.06 -21.72
CA LEU C 593 31.65 -38.03 -22.37
C LEU C 593 33.13 -38.31 -22.16
N THR C 594 33.91 -38.11 -23.22
CA THR C 594 35.35 -38.34 -23.19
C THR C 594 36.07 -37.08 -23.61
N THR C 595 36.93 -36.57 -22.75
CA THR C 595 37.71 -35.38 -23.03
C THR C 595 38.86 -35.69 -23.96
N SER C 596 39.35 -34.65 -24.64
CA SER C 596 40.21 -34.74 -25.82
C SER C 596 39.57 -35.50 -26.98
N ALA C 597 39.10 -36.71 -26.74
CA ALA C 597 38.52 -37.48 -27.84
C ALA C 597 37.18 -36.84 -28.23
N PRO C 598 36.92 -36.65 -29.52
CA PRO C 598 35.70 -35.95 -29.93
C PRO C 598 34.43 -36.65 -29.48
N ASN C 599 33.47 -35.86 -29.02
CA ASN C 599 32.14 -36.37 -28.72
C ASN C 599 31.30 -36.37 -29.99
N ASN C 600 30.68 -37.51 -30.30
CA ASN C 600 30.01 -37.73 -31.57
C ASN C 600 28.54 -38.09 -31.33
N ILE C 601 27.69 -37.08 -31.33
CA ILE C 601 26.24 -37.26 -31.15
C ILE C 601 25.61 -37.67 -32.47
N THR C 602 24.76 -38.68 -32.42
CA THR C 602 23.99 -39.12 -33.58
C THR C 602 22.51 -39.03 -33.24
N VAL C 603 21.75 -38.35 -34.08
CA VAL C 603 20.30 -38.23 -33.92
C VAL C 603 19.62 -38.89 -35.11
N LEU C 604 18.71 -39.82 -34.82
CA LEU C 604 17.81 -40.37 -35.83
C LEU C 604 16.48 -39.66 -35.67
N GLU C 605 16.20 -38.73 -36.58
CA GLU C 605 14.96 -37.96 -36.54
C GLU C 605 13.93 -38.58 -37.46
N LEU C 606 12.73 -38.77 -36.93
CA LEU C 606 11.67 -39.50 -37.61
C LEU C 606 10.66 -38.58 -38.28
N GLU C 607 10.56 -37.33 -37.85
CA GLU C 607 9.47 -36.50 -38.32
C GLU C 607 9.91 -35.18 -38.95
N PHE C 608 10.88 -34.49 -38.34
CA PHE C 608 11.18 -33.14 -38.80
C PHE C 608 12.51 -32.63 -38.25
N ALA C 609 13.34 -32.04 -39.11
CA ALA C 609 14.58 -31.43 -38.67
C ALA C 609 14.71 -30.03 -39.25
N PRO C 610 15.25 -29.10 -38.49
CA PRO C 610 15.42 -27.72 -38.95
C PRO C 610 16.68 -27.50 -39.78
N CYS C 611 16.84 -28.29 -40.84
CA CYS C 611 18.16 -28.47 -41.43
C CYS C 611 18.15 -28.45 -42.95
N SER C 612 17.05 -28.09 -43.59
CA SER C 612 17.01 -28.04 -45.04
C SER C 612 17.48 -26.70 -45.59
N GLU C 613 17.09 -25.60 -44.94
CA GLU C 613 17.35 -24.26 -45.45
C GLU C 613 18.80 -23.86 -45.15
N GLY C 614 19.12 -22.60 -45.41
CA GLY C 614 20.45 -22.08 -45.23
C GLY C 614 20.76 -21.56 -43.83
N THR C 615 19.87 -21.76 -42.87
CA THR C 615 20.12 -21.33 -41.50
C THR C 615 20.73 -22.48 -40.72
N PRO C 616 22.01 -22.43 -40.37
CA PRO C 616 22.62 -23.54 -39.65
C PRO C 616 22.35 -23.52 -38.16
N GLU C 617 22.17 -22.31 -37.61
CA GLU C 617 21.90 -22.16 -36.18
C GLU C 617 20.67 -22.95 -35.75
N LEU C 618 19.69 -23.09 -36.64
CA LEU C 618 18.49 -23.83 -36.28
C LEU C 618 18.77 -25.32 -36.19
N CYS C 619 19.71 -25.82 -36.99
CA CYS C 619 20.07 -27.23 -37.00
C CYS C 619 21.01 -27.57 -35.85
N THR C 620 20.62 -27.21 -34.62
CA THR C 620 21.45 -27.45 -33.46
C THR C 620 20.60 -27.97 -32.31
N VAL C 621 21.21 -28.83 -31.51
CA VAL C 621 20.66 -29.23 -30.23
C VAL C 621 21.39 -28.44 -29.16
N GLU C 622 20.91 -28.51 -27.92
CA GLU C 622 21.57 -27.77 -26.85
C GLU C 622 21.81 -28.65 -25.64
N PHE C 623 22.90 -28.35 -24.92
CA PHE C 623 23.16 -28.90 -23.61
C PHE C 623 22.88 -27.83 -22.56
N VAL C 624 22.04 -28.17 -21.60
CA VAL C 624 21.60 -27.30 -20.52
C VAL C 624 21.94 -27.96 -19.19
N ASP C 625 21.92 -27.14 -18.14
CA ASP C 625 22.30 -27.59 -16.81
C ASP C 625 21.09 -27.91 -15.93
N THR C 626 20.04 -27.11 -15.99
CA THR C 626 18.85 -27.33 -15.17
C THR C 626 17.79 -28.04 -15.99
N PRO C 627 17.31 -29.20 -15.56
CA PRO C 627 16.31 -29.92 -16.37
C PRO C 627 15.02 -29.12 -16.46
N VAL C 628 14.35 -29.27 -17.59
CA VAL C 628 13.00 -28.77 -17.80
C VAL C 628 12.15 -29.93 -18.29
N ILE C 629 11.43 -30.57 -17.38
CA ILE C 629 10.58 -31.71 -17.72
C ILE C 629 9.12 -31.47 -17.42
N SER C 630 8.78 -30.41 -16.71
CA SER C 630 7.39 -30.07 -16.41
C SER C 630 7.29 -28.66 -15.84
N SER D 10 -2.06 -87.94 -18.15
CA SER D 10 -1.74 -87.91 -16.73
C SER D 10 -2.95 -87.52 -15.90
N ALA D 11 -2.81 -86.43 -15.14
CA ALA D 11 -3.89 -85.97 -14.29
C ALA D 11 -5.06 -85.49 -15.15
N PRO D 12 -6.28 -85.59 -14.64
CA PRO D 12 -7.45 -85.12 -15.40
C PRO D 12 -7.69 -83.63 -15.18
N ASP D 13 -7.32 -82.84 -16.19
CA ASP D 13 -7.48 -81.39 -16.12
C ASP D 13 -8.90 -80.98 -15.75
N GLN D 14 -9.90 -81.75 -16.17
CA GLN D 14 -11.28 -81.42 -15.84
C GLN D 14 -11.59 -81.60 -14.38
N ASP D 15 -10.72 -82.28 -13.63
CA ASP D 15 -10.91 -82.51 -12.20
C ASP D 15 -10.17 -81.51 -11.32
N GLU D 16 -9.07 -80.94 -11.83
CA GLU D 16 -8.28 -79.97 -11.07
C GLU D 16 -9.18 -78.89 -10.50
N ILE D 17 -8.83 -78.40 -9.32
CA ILE D 17 -9.57 -77.36 -8.65
C ILE D 17 -8.95 -76.02 -8.99
N ASP D 18 -9.71 -75.17 -9.69
CA ASP D 18 -9.23 -73.83 -9.98
C ASP D 18 -9.03 -73.03 -8.69
N ALA D 19 -9.98 -73.14 -7.76
CA ALA D 19 -9.94 -72.39 -6.51
C ALA D 19 -11.01 -72.96 -5.60
N LEU D 20 -10.93 -72.58 -4.32
CA LEU D 20 -11.97 -72.91 -3.36
C LEU D 20 -12.44 -71.64 -2.68
N PRO D 21 -13.70 -71.27 -2.82
CA PRO D 21 -14.21 -70.06 -2.17
C PRO D 21 -13.97 -70.09 -0.67
N GLY D 22 -14.15 -68.95 -0.03
CA GLY D 22 -13.98 -68.89 1.41
C GLY D 22 -12.54 -68.97 1.88
N LEU D 23 -11.61 -69.29 0.99
CA LEU D 23 -10.20 -69.36 1.31
C LEU D 23 -9.54 -68.08 0.83
N ALA D 24 -8.80 -67.42 1.72
CA ALA D 24 -8.17 -66.19 1.30
C ALA D 24 -6.93 -66.42 0.44
N LYS D 25 -6.09 -67.40 0.78
CA LYS D 25 -4.94 -67.70 -0.06
C LYS D 25 -4.99 -69.15 -0.55
N GLN D 26 -4.90 -69.31 -1.87
CA GLN D 26 -4.95 -70.61 -2.52
C GLN D 26 -3.86 -71.58 -2.06
N PRO D 27 -4.16 -72.88 -2.07
CA PRO D 27 -3.19 -73.88 -1.65
C PRO D 27 -1.91 -73.84 -2.47
N SER D 28 -0.82 -74.25 -1.83
CA SER D 28 0.50 -74.30 -2.44
C SER D 28 0.81 -75.66 -3.02
N PHE D 29 -0.14 -76.57 -2.95
CA PHE D 29 -0.02 -77.94 -3.42
C PHE D 29 -1.20 -78.18 -4.36
N ARG D 30 -1.04 -79.14 -5.26
CA ARG D 30 -2.13 -79.40 -6.17
C ARG D 30 -3.16 -80.30 -5.50
N GLN D 31 -4.42 -80.07 -5.84
CA GLN D 31 -5.52 -80.84 -5.29
C GLN D 31 -6.59 -81.04 -6.35
N TYR D 32 -7.09 -82.27 -6.41
CA TYR D 32 -8.09 -82.65 -7.39
C TYR D 32 -9.35 -83.12 -6.68
N SER D 33 -10.47 -83.02 -7.37
CA SER D 33 -11.75 -83.46 -6.86
C SER D 33 -12.55 -84.00 -8.02
N GLY D 34 -12.97 -85.25 -7.93
CA GLY D 34 -13.72 -85.81 -9.03
C GLY D 34 -14.39 -87.13 -8.70
N TYR D 35 -14.50 -88.02 -9.68
CA TYR D 35 -15.16 -89.30 -9.43
C TYR D 35 -14.30 -90.44 -9.92
N LEU D 36 -14.33 -91.54 -9.18
CA LEU D 36 -13.60 -92.75 -9.50
C LEU D 36 -14.60 -93.85 -9.85
N ARG D 37 -14.24 -94.67 -10.83
CA ARG D 37 -15.15 -95.68 -11.34
C ARG D 37 -15.35 -96.76 -10.28
N ALA D 38 -16.48 -96.69 -9.57
CA ALA D 38 -16.99 -97.83 -8.84
C ALA D 38 -17.70 -98.72 -9.84
N SER D 39 -18.49 -99.69 -9.37
CA SER D 39 -19.26 -100.52 -10.29
C SER D 39 -20.04 -99.64 -11.26
N ASP D 40 -20.20 -100.14 -12.50
CA ASP D 40 -20.54 -99.31 -13.66
C ASP D 40 -21.50 -98.18 -13.35
N SER D 41 -22.56 -98.47 -12.61
CA SER D 41 -23.52 -97.42 -12.26
C SER D 41 -22.97 -96.50 -11.18
N LYS D 42 -22.23 -97.05 -10.23
CA LYS D 42 -21.73 -96.28 -9.10
C LYS D 42 -20.44 -95.54 -9.45
N HIS D 43 -20.32 -94.31 -8.96
CA HIS D 43 -19.13 -93.49 -9.18
C HIS D 43 -18.78 -92.81 -7.86
N PHE D 44 -17.69 -93.27 -7.25
CA PHE D 44 -17.28 -92.72 -5.96
C PHE D 44 -16.79 -91.29 -6.11
N HIS D 45 -16.98 -90.49 -5.06
CA HIS D 45 -16.49 -89.12 -5.04
C HIS D 45 -15.12 -89.10 -4.36
N TYR D 46 -14.11 -88.60 -5.07
CA TYR D 46 -12.77 -88.49 -4.50
C TYR D 46 -12.33 -87.05 -4.34
N TRP D 47 -11.37 -86.89 -3.43
CA TRP D 47 -10.72 -85.60 -3.16
C TRP D 47 -9.26 -85.90 -2.84
N PHE D 48 -8.39 -85.68 -3.81
CA PHE D 48 -6.97 -85.97 -3.64
C PHE D 48 -6.24 -84.67 -3.33
N VAL D 49 -5.36 -84.68 -2.33
CA VAL D 49 -4.58 -83.51 -1.97
C VAL D 49 -3.10 -83.92 -1.95
N GLU D 50 -2.31 -83.26 -2.79
CA GLU D 50 -0.89 -83.59 -2.86
C GLU D 50 -0.12 -83.05 -1.67
N SER D 51 0.98 -83.73 -1.37
CA SER D 51 1.87 -83.34 -0.29
C SER D 51 2.31 -81.89 -0.44
N GLN D 52 2.55 -81.24 0.69
CA GLN D 52 2.98 -79.85 0.67
C GLN D 52 4.48 -79.71 0.51
N ASN D 53 5.18 -80.83 0.35
CA ASN D 53 6.63 -80.82 0.19
C ASN D 53 7.02 -82.06 -0.61
N ASP D 54 7.54 -81.85 -1.83
CA ASP D 54 7.98 -82.94 -2.70
C ASP D 54 6.87 -83.97 -2.96
N PRO D 55 5.70 -83.53 -3.43
CA PRO D 55 4.61 -84.50 -3.68
C PRO D 55 4.98 -85.61 -4.63
N LYS D 56 5.87 -85.36 -5.61
CA LYS D 56 6.20 -86.39 -6.58
C LYS D 56 6.71 -87.66 -5.91
N ASN D 57 7.40 -87.53 -4.77
CA ASN D 57 7.95 -88.67 -4.06
C ASN D 57 7.32 -88.84 -2.68
N SER D 58 6.15 -88.28 -2.48
CA SER D 58 5.62 -88.52 -1.15
C SER D 58 4.64 -89.69 -1.15
N PRO D 59 4.62 -90.48 -0.08
CA PRO D 59 3.71 -91.63 -0.03
C PRO D 59 2.26 -91.23 -0.22
N VAL D 60 1.47 -92.17 -0.76
CA VAL D 60 0.04 -92.01 -0.96
C VAL D 60 -0.72 -92.70 0.17
N VAL D 61 -1.54 -91.93 0.87
CA VAL D 61 -2.33 -92.41 2.00
C VAL D 61 -3.80 -92.26 1.65
N LEU D 62 -4.52 -93.38 1.63
CA LEU D 62 -5.94 -93.40 1.35
C LEU D 62 -6.68 -93.21 2.66
N TRP D 63 -7.71 -92.36 2.66
CA TRP D 63 -8.51 -92.15 3.87
C TRP D 63 -9.97 -92.45 3.64
N LEU D 64 -10.52 -93.29 4.53
CA LEU D 64 -11.92 -93.68 4.54
C LEU D 64 -12.53 -93.44 5.92
N ASN D 65 -13.70 -92.82 5.95
CA ASN D 65 -14.42 -92.63 7.20
C ASN D 65 -15.29 -93.85 7.43
N GLY D 66 -16.10 -93.82 8.49
CA GLY D 66 -16.88 -95.01 8.77
C GLY D 66 -18.37 -94.89 8.58
N GLY D 67 -19.11 -95.10 9.67
CA GLY D 67 -20.54 -95.07 9.62
C GLY D 67 -21.12 -96.38 10.10
N PRO D 68 -21.54 -97.24 9.17
CA PRO D 68 -21.52 -97.13 7.70
C PRO D 68 -22.46 -96.06 7.18
N GLY D 69 -22.06 -95.35 6.15
CA GLY D 69 -22.88 -94.31 5.58
C GLY D 69 -22.42 -92.89 5.83
N CYS D 70 -21.18 -92.69 6.25
CA CYS D 70 -20.66 -91.37 6.54
C CYS D 70 -19.55 -91.00 5.55
N SER D 71 -19.42 -89.70 5.34
CA SER D 71 -18.51 -89.16 4.34
C SER D 71 -17.07 -89.08 4.82
N SER D 72 -16.16 -89.46 3.93
CA SER D 72 -14.73 -89.39 4.22
C SER D 72 -14.23 -87.96 4.14
N LEU D 73 -15.10 -87.02 3.80
CA LEU D 73 -14.78 -85.60 3.73
C LEU D 73 -14.79 -84.97 5.11
N ASP D 74 -15.12 -85.77 6.14
CA ASP D 74 -15.11 -85.29 7.51
C ASP D 74 -13.67 -85.23 8.00
N GLY D 75 -12.91 -86.29 7.74
CA GLY D 75 -11.52 -86.27 8.13
C GLY D 75 -10.75 -85.15 7.44
N LEU D 76 -11.17 -84.79 6.23
CA LEU D 76 -10.52 -83.71 5.50
C LEU D 76 -10.95 -82.34 6.00
N LEU D 77 -12.23 -82.01 5.86
CA LEU D 77 -12.65 -80.68 6.24
C LEU D 77 -12.66 -80.41 7.74
N THR D 78 -12.69 -81.45 8.58
CA THR D 78 -12.75 -81.23 10.01
C THR D 78 -11.70 -81.94 10.85
N GLU D 79 -10.95 -82.91 10.33
CA GLU D 79 -9.98 -83.61 11.16
C GLU D 79 -8.53 -83.38 10.75
N HIS D 80 -8.08 -83.91 9.61
CA HIS D 80 -6.68 -83.75 9.24
C HIS D 80 -6.48 -83.33 7.80
N GLY D 81 -7.47 -82.70 7.18
CA GLY D 81 -7.35 -82.22 5.84
C GLY D 81 -6.45 -80.99 5.77
N PRO D 82 -6.09 -80.61 4.55
CA PRO D 82 -5.21 -79.45 4.38
C PRO D 82 -5.80 -78.15 4.86
N PHE D 83 -7.11 -78.09 5.05
CA PHE D 83 -7.73 -76.88 5.56
C PHE D 83 -8.94 -77.28 6.39
N LEU D 84 -9.33 -76.38 7.29
CA LEU D 84 -10.44 -76.64 8.19
C LEU D 84 -11.44 -75.50 8.15
N ILE D 85 -12.71 -75.87 8.29
CA ILE D 85 -13.83 -74.94 8.25
C ILE D 85 -13.94 -74.27 9.61
N GLN D 86 -13.88 -72.95 9.63
CA GLN D 86 -14.03 -72.22 10.86
C GLN D 86 -15.50 -72.26 11.27
N PRO D 87 -15.80 -71.87 12.51
CA PRO D 87 -17.21 -71.89 12.95
C PRO D 87 -18.15 -71.09 12.07
N ASP D 88 -17.68 -70.06 11.37
CA ASP D 88 -18.59 -69.31 10.51
C ASP D 88 -19.10 -70.11 9.33
N GLY D 89 -18.45 -71.23 9.01
CA GLY D 89 -18.89 -72.01 7.86
C GLY D 89 -18.74 -71.28 6.56
N VAL D 90 -17.81 -70.33 6.49
CA VAL D 90 -17.60 -69.54 5.28
C VAL D 90 -16.11 -69.48 4.98
N THR D 91 -15.31 -69.29 6.03
CA THR D 91 -13.88 -69.14 5.93
C THR D 91 -13.18 -70.48 6.11
N LEU D 92 -12.07 -70.65 5.42
CA LEU D 92 -11.27 -71.86 5.53
C LEU D 92 -9.88 -71.45 5.99
N GLU D 93 -9.39 -72.10 7.03
CA GLU D 93 -8.06 -71.78 7.55
C GLU D 93 -7.14 -72.97 7.39
N TYR D 94 -5.92 -72.69 6.95
CA TYR D 94 -4.94 -73.74 6.79
C TYR D 94 -4.69 -74.40 8.14
N ASN D 95 -4.34 -75.69 8.11
CA ASN D 95 -4.14 -76.37 9.37
C ASN D 95 -2.67 -76.67 9.54
N PRO D 96 -2.06 -76.15 10.60
CA PRO D 96 -0.64 -76.41 10.83
C PRO D 96 -0.38 -77.85 11.19
N TYR D 97 -1.43 -78.59 11.52
CA TYR D 97 -1.33 -79.98 11.92
C TYR D 97 -1.97 -80.90 10.90
N ALA D 98 -2.08 -80.46 9.65
CA ALA D 98 -2.70 -81.27 8.61
C ALA D 98 -1.81 -82.45 8.23
N TRP D 99 -2.45 -83.59 7.96
CA TRP D 99 -1.74 -84.77 7.49
C TRP D 99 -1.10 -84.56 6.14
N ASN D 100 -1.63 -83.65 5.35
CA ASN D 100 -1.08 -83.39 4.04
C ASN D 100 0.22 -82.64 4.07
N LEU D 101 0.80 -82.40 5.23
CA LEU D 101 2.09 -81.73 5.27
C LEU D 101 3.22 -82.65 4.80
N ILE D 102 3.08 -83.96 4.97
CA ILE D 102 4.14 -84.87 4.59
C ILE D 102 3.66 -86.04 3.73
N ALA D 103 2.41 -86.01 3.28
CA ALA D 103 1.93 -87.11 2.47
C ALA D 103 0.85 -86.64 1.50
N ASN D 104 0.66 -87.45 0.46
CA ASN D 104 -0.37 -87.22 -0.54
C ASN D 104 -1.60 -88.01 -0.07
N VAL D 105 -2.64 -87.31 0.38
CA VAL D 105 -3.81 -87.97 0.94
C VAL D 105 -4.97 -87.98 -0.03
N LEU D 106 -5.56 -89.16 -0.22
CA LEU D 106 -6.68 -89.36 -1.13
C LEU D 106 -7.88 -89.72 -0.26
N TYR D 107 -8.86 -88.82 -0.20
CA TYR D 107 -10.08 -89.07 0.57
C TYR D 107 -11.15 -89.62 -0.36
N ILE D 108 -11.80 -90.72 0.06
CA ILE D 108 -12.79 -91.36 -0.80
C ILE D 108 -14.13 -91.48 -0.07
N GLU D 109 -15.16 -90.83 -0.60
CA GLU D 109 -16.50 -91.00 -0.06
C GLU D 109 -17.07 -92.32 -0.56
N SER D 110 -17.11 -93.32 0.32
CA SER D 110 -17.60 -94.63 -0.04
C SER D 110 -18.49 -95.18 1.07
N PRO D 111 -19.50 -95.98 0.73
CA PRO D 111 -19.86 -96.44 -0.62
C PRO D 111 -20.71 -95.43 -1.40
N ALA D 112 -21.26 -95.87 -2.53
CA ALA D 112 -22.08 -95.00 -3.35
C ALA D 112 -23.28 -94.50 -2.58
N GLY D 113 -23.62 -93.22 -2.78
CA GLY D 113 -24.72 -92.60 -2.09
C GLY D 113 -24.31 -91.75 -0.91
N VAL D 114 -23.09 -91.95 -0.43
CA VAL D 114 -22.55 -91.20 0.69
C VAL D 114 -21.88 -89.95 0.16
N GLY D 115 -22.32 -88.79 0.65
CA GLY D 115 -21.73 -87.55 0.19
C GLY D 115 -22.10 -87.22 -1.24
N PHE D 116 -21.10 -87.18 -2.11
CA PHE D 116 -21.33 -86.91 -3.52
C PHE D 116 -21.25 -88.16 -4.38
N SER D 117 -21.19 -89.33 -3.77
CA SER D 117 -21.16 -90.58 -4.50
C SER D 117 -22.59 -90.92 -4.91
N TYR D 118 -22.71 -91.68 -6.00
CA TYR D 118 -24.05 -92.01 -6.49
C TYR D 118 -23.95 -93.20 -7.43
N SER D 119 -25.11 -93.57 -7.98
CA SER D 119 -25.21 -94.67 -8.94
C SER D 119 -26.34 -94.37 -9.91
N ASP D 120 -26.16 -94.86 -11.14
CA ASP D 120 -27.18 -94.66 -12.17
C ASP D 120 -28.53 -95.17 -11.70
N ASP D 121 -28.56 -96.41 -11.19
CA ASP D 121 -29.79 -97.01 -10.71
C ASP D 121 -30.26 -96.40 -9.39
N LYS D 122 -29.42 -95.61 -8.72
CA LYS D 122 -29.75 -94.96 -7.45
C LYS D 122 -30.10 -95.99 -6.37
N MET D 123 -29.45 -97.15 -6.42
CA MET D 123 -29.67 -98.20 -5.43
C MET D 123 -28.69 -98.00 -4.29
N TYR D 124 -29.09 -97.18 -3.32
CA TYR D 124 -28.21 -96.89 -2.20
C TYR D 124 -27.97 -98.10 -1.30
N VAL D 125 -28.85 -99.10 -1.35
CA VAL D 125 -28.65 -100.30 -0.54
C VAL D 125 -27.41 -101.03 -1.01
N THR D 126 -26.65 -101.58 -0.07
CA THR D 126 -25.42 -102.30 -0.38
C THR D 126 -25.03 -103.15 0.82
N ASN D 127 -23.82 -103.70 0.78
CA ASN D 127 -23.34 -104.59 1.83
C ASN D 127 -21.81 -104.59 1.81
N ASP D 128 -21.23 -105.22 2.84
CA ASP D 128 -19.79 -105.25 3.01
C ASP D 128 -19.05 -105.69 1.76
N THR D 129 -19.50 -106.78 1.13
CA THR D 129 -18.82 -107.28 -0.05
C THR D 129 -18.89 -106.30 -1.21
N GLU D 130 -20.08 -105.73 -1.46
CA GLU D 130 -20.21 -104.76 -2.54
C GLU D 130 -19.35 -103.52 -2.26
N VAL D 131 -19.33 -103.06 -1.01
CA VAL D 131 -18.53 -101.89 -0.68
C VAL D 131 -17.05 -102.18 -0.91
N ALA D 132 -16.61 -103.38 -0.52
CA ALA D 132 -15.20 -103.74 -0.72
C ALA D 132 -14.85 -103.82 -2.19
N GLU D 133 -15.72 -104.44 -2.99
CA GLU D 133 -15.45 -104.52 -4.43
C GLU D 133 -15.43 -103.13 -5.06
N ASN D 134 -16.36 -102.27 -4.66
CA ASN D 134 -16.41 -100.91 -5.20
C ASN D 134 -15.15 -100.13 -4.82
N ASN D 135 -14.69 -100.29 -3.57
CA ASN D 135 -13.47 -99.62 -3.15
C ASN D 135 -12.29 -100.11 -3.97
N TYR D 136 -12.20 -101.43 -4.21
CA TYR D 136 -11.09 -101.95 -4.99
C TYR D 136 -11.12 -101.42 -6.42
N GLU D 137 -12.31 -101.39 -7.02
CA GLU D 137 -12.42 -100.86 -8.39
C GLU D 137 -12.10 -99.37 -8.42
N ALA D 138 -12.44 -98.64 -7.37
CA ALA D 138 -12.12 -97.23 -7.32
C ALA D 138 -10.61 -97.04 -7.21
N LEU D 139 -9.94 -97.86 -6.41
CA LEU D 139 -8.49 -97.75 -6.29
C LEU D 139 -7.83 -98.05 -7.63
N LYS D 140 -8.31 -99.07 -8.33
CA LYS D 140 -7.76 -99.37 -9.66
C LYS D 140 -7.96 -98.19 -10.60
N ASP D 141 -9.16 -97.61 -10.61
CA ASP D 141 -9.40 -96.45 -11.46
C ASP D 141 -8.46 -95.31 -11.08
N PHE D 142 -8.33 -95.04 -9.79
CA PHE D 142 -7.42 -94.00 -9.31
C PHE D 142 -6.02 -94.20 -9.88
N PHE D 143 -5.50 -95.42 -9.76
CA PHE D 143 -4.16 -95.69 -10.26
C PHE D 143 -4.09 -95.60 -11.79
N ARG D 144 -5.24 -95.71 -12.47
CA ARG D 144 -5.24 -95.56 -13.91
C ARG D 144 -5.41 -94.10 -14.34
N LEU D 145 -5.96 -93.27 -13.46
CA LEU D 145 -6.14 -91.84 -13.68
C LEU D 145 -4.93 -91.03 -13.24
N PHE D 146 -4.18 -91.54 -12.27
CA PHE D 146 -2.98 -90.87 -11.75
C PHE D 146 -1.85 -91.88 -11.77
N PRO D 147 -1.43 -92.31 -12.96
CA PRO D 147 -0.34 -93.29 -13.05
C PRO D 147 0.93 -92.83 -12.40
N GLU D 148 1.15 -91.52 -12.28
CA GLU D 148 2.40 -91.04 -11.70
C GLU D 148 2.54 -91.39 -10.23
N TYR D 149 1.45 -91.72 -9.53
CA TYR D 149 1.57 -92.05 -8.11
C TYR D 149 1.51 -93.54 -7.84
N LYS D 150 1.51 -94.39 -8.87
CA LYS D 150 1.47 -95.82 -8.64
C LYS D 150 2.69 -96.29 -7.85
N ASP D 151 3.84 -95.67 -8.11
CA ASP D 151 5.08 -96.10 -7.46
C ASP D 151 5.14 -95.66 -6.00
N ASN D 152 4.46 -94.58 -5.65
CA ASN D 152 4.50 -94.06 -4.30
C ASN D 152 3.99 -95.09 -3.31
N LYS D 153 4.65 -95.14 -2.14
CA LYS D 153 4.24 -96.06 -1.09
C LYS D 153 2.79 -95.80 -0.72
N LEU D 154 1.98 -96.87 -0.70
CA LEU D 154 0.57 -96.74 -0.41
C LEU D 154 0.23 -97.27 0.98
N PHE D 155 -0.64 -96.53 1.67
CA PHE D 155 -1.13 -96.85 3.00
C PHE D 155 -2.64 -96.70 3.03
N LEU D 156 -3.34 -97.63 3.66
CA LEU D 156 -4.79 -97.59 3.78
C LEU D 156 -5.16 -97.21 5.21
N THR D 157 -5.85 -96.09 5.36
CA THR D 157 -6.25 -95.55 6.67
C THR D 157 -7.72 -95.21 6.68
N GLY D 158 -8.27 -95.17 7.88
CA GLY D 158 -9.68 -94.87 8.03
C GLY D 158 -10.03 -94.78 9.49
N GLU D 159 -11.33 -94.64 9.74
CA GLU D 159 -11.76 -94.48 11.12
C GLU D 159 -13.13 -95.11 11.34
N SER D 160 -13.35 -95.58 12.57
CA SER D 160 -14.62 -96.13 13.03
C SER D 160 -15.03 -97.40 12.29
N TYR D 161 -16.10 -97.29 11.51
CA TYR D 161 -16.58 -98.44 10.76
C TYR D 161 -15.58 -98.84 9.69
N ALA D 162 -14.69 -97.94 9.29
CA ALA D 162 -13.65 -98.24 8.33
C ALA D 162 -12.72 -99.29 8.93
N GLY D 163 -12.98 -99.69 10.18
CA GLY D 163 -12.17 -100.72 10.79
C GLY D 163 -12.50 -102.08 10.21
N ILE D 164 -13.67 -102.18 9.58
CA ILE D 164 -14.10 -103.37 8.86
C ILE D 164 -13.69 -103.20 7.41
N TYR D 165 -14.13 -102.10 6.80
CA TYR D 165 -13.82 -101.77 5.42
C TYR D 165 -12.35 -101.97 5.06
N ILE D 166 -11.47 -101.30 5.78
CA ILE D 166 -10.04 -101.35 5.49
C ILE D 166 -9.41 -102.74 5.43
N PRO D 167 -9.53 -103.59 6.46
CA PRO D 167 -8.87 -104.91 6.33
C PRO D 167 -9.45 -105.80 5.25
N THR D 168 -10.77 -105.81 5.05
CA THR D 168 -11.33 -106.64 3.98
C THR D 168 -10.84 -106.14 2.64
N LEU D 169 -10.80 -104.81 2.49
CA LEU D 169 -10.31 -104.21 1.27
C LEU D 169 -8.82 -104.49 1.15
N ALA D 170 -8.13 -104.51 2.30
CA ALA D 170 -6.70 -104.79 2.29
C ALA D 170 -6.46 -106.18 1.70
N VAL D 171 -7.34 -107.13 2.00
CA VAL D 171 -7.12 -108.47 1.44
C VAL D 171 -7.17 -108.39 -0.07
N LEU D 172 -8.03 -107.51 -0.59
CA LEU D 172 -8.12 -107.32 -2.02
C LEU D 172 -6.85 -106.63 -2.49
N VAL D 173 -6.44 -105.59 -1.75
CA VAL D 173 -5.22 -104.89 -2.09
C VAL D 173 -4.06 -105.87 -2.10
N MET D 174 -4.09 -106.86 -1.20
CA MET D 174 -2.99 -107.82 -1.17
C MET D 174 -2.94 -108.68 -2.43
N GLN D 175 -4.04 -108.79 -3.17
CA GLN D 175 -4.08 -109.56 -4.40
C GLN D 175 -3.62 -108.77 -5.63
N ASP D 176 -3.38 -107.46 -5.50
CA ASP D 176 -2.92 -106.65 -6.63
C ASP D 176 -1.45 -106.31 -6.52
N PRO D 177 -0.57 -106.94 -7.31
CA PRO D 177 0.86 -106.62 -7.24
C PRO D 177 1.18 -105.21 -7.70
N SER D 178 0.28 -104.57 -8.44
CA SER D 178 0.51 -103.22 -8.95
C SER D 178 0.41 -102.15 -7.86
N MET D 179 -0.25 -102.45 -6.75
CA MET D 179 -0.39 -101.47 -5.67
C MET D 179 0.74 -101.72 -4.67
N ASN D 180 1.52 -100.67 -4.42
CA ASN D 180 2.68 -100.73 -3.53
C ASN D 180 2.28 -100.60 -2.05
N LEU D 181 1.47 -101.55 -1.60
CA LEU D 181 1.02 -101.57 -0.22
C LEU D 181 2.22 -101.71 0.70
N GLN D 182 2.45 -100.70 1.53
CA GLN D 182 3.56 -100.69 2.46
C GLN D 182 3.15 -100.88 3.90
N GLY D 183 1.92 -100.54 4.25
CA GLY D 183 1.46 -100.69 5.62
C GLY D 183 0.02 -100.25 5.72
N LEU D 184 -0.51 -100.34 6.92
CA LEU D 184 -1.90 -99.97 7.12
C LEU D 184 -2.11 -99.44 8.53
N ALA D 185 -3.03 -98.49 8.67
CA ALA D 185 -3.33 -97.90 9.96
C ALA D 185 -4.82 -97.67 10.10
N VAL D 186 -5.37 -98.07 11.24
CA VAL D 186 -6.80 -97.94 11.48
C VAL D 186 -7.00 -97.23 12.82
N GLY D 187 -7.77 -96.14 12.80
CA GLY D 187 -8.05 -95.38 13.99
C GLY D 187 -9.40 -95.74 14.58
N ASN D 188 -9.37 -96.07 15.87
CA ASN D 188 -10.56 -96.48 16.64
C ASN D 188 -11.51 -97.35 15.83
N GLY D 189 -10.99 -98.46 15.32
CA GLY D 189 -11.80 -99.35 14.51
C GLY D 189 -12.54 -100.38 15.34
N LEU D 190 -13.65 -100.86 14.80
CA LEU D 190 -14.45 -101.89 15.47
C LEU D 190 -13.89 -103.24 15.07
N ALA D 191 -12.97 -103.76 15.88
CA ALA D 191 -12.34 -105.02 15.53
C ALA D 191 -13.28 -106.20 15.75
N SER D 192 -14.19 -106.09 16.71
CA SER D 192 -15.01 -107.23 17.12
C SER D 192 -16.20 -106.69 17.90
N TYR D 193 -17.41 -106.98 17.42
CA TYR D 193 -18.59 -106.51 18.14
C TYR D 193 -18.64 -107.12 19.53
N GLU D 194 -18.21 -108.37 19.67
CA GLU D 194 -18.22 -109.01 20.98
C GLU D 194 -17.21 -108.34 21.90
N GLN D 195 -15.97 -108.22 21.42
CA GLN D 195 -14.92 -107.59 22.21
C GLN D 195 -15.23 -106.12 22.46
N ASN D 196 -15.96 -105.49 21.54
CA ASN D 196 -16.32 -104.08 21.72
C ASN D 196 -17.40 -103.94 22.78
N ASP D 197 -18.47 -104.72 22.68
CA ASP D 197 -19.54 -104.63 23.66
C ASP D 197 -19.02 -104.97 25.06
N ASN D 198 -18.18 -106.00 25.17
CA ASN D 198 -17.66 -106.35 26.48
C ASN D 198 -16.80 -105.22 27.03
N SER D 199 -15.80 -104.78 26.25
CA SER D 199 -14.96 -103.69 26.73
C SER D 199 -15.79 -102.45 27.03
N LEU D 200 -16.87 -102.22 26.28
CA LEU D 200 -17.71 -101.05 26.53
C LEU D 200 -18.38 -101.15 27.89
N VAL D 201 -18.90 -102.34 28.22
CA VAL D 201 -19.56 -102.50 29.52
C VAL D 201 -18.55 -102.26 30.63
N TYR D 202 -17.34 -102.81 30.49
CA TYR D 202 -16.31 -102.56 31.49
C TYR D 202 -15.99 -101.07 31.56
N PHE D 203 -15.74 -100.44 30.41
CA PHE D 203 -15.47 -99.02 30.37
C PHE D 203 -16.52 -98.24 31.13
N ALA D 204 -17.79 -98.52 30.84
CA ALA D 204 -18.91 -97.84 31.48
C ALA D 204 -18.85 -97.99 32.98
N TYR D 205 -18.59 -99.20 33.48
CA TYR D 205 -18.53 -99.35 34.93
C TYR D 205 -17.35 -98.60 35.52
N TYR D 206 -16.17 -98.77 34.95
CA TYR D 206 -14.98 -98.12 35.49
C TYR D 206 -14.94 -96.62 35.23
N HIS D 207 -15.84 -96.10 34.40
CA HIS D 207 -15.90 -94.66 34.15
C HIS D 207 -17.12 -94.03 34.83
N GLY D 208 -17.71 -94.75 35.77
CA GLY D 208 -18.81 -94.22 36.56
C GLY D 208 -20.10 -94.08 35.81
N LEU D 209 -20.31 -94.89 34.77
CA LEU D 209 -21.52 -94.77 33.98
C LEU D 209 -22.60 -95.76 34.40
N LEU D 210 -22.22 -96.86 35.05
CA LEU D 210 -23.16 -97.91 35.41
C LEU D 210 -23.64 -97.83 36.87
N GLY D 211 -22.71 -97.81 37.81
CA GLY D 211 -23.06 -97.83 39.21
C GLY D 211 -22.95 -99.22 39.81
N ASN D 212 -22.79 -99.28 41.14
CA ASN D 212 -22.59 -100.58 41.76
C ASN D 212 -23.84 -101.45 41.70
N ARG D 213 -25.03 -100.86 41.70
CA ARG D 213 -26.24 -101.66 41.61
C ARG D 213 -26.28 -102.35 40.26
N LEU D 214 -26.09 -101.57 39.21
CA LEU D 214 -26.09 -102.10 37.85
C LEU D 214 -24.94 -103.06 37.66
N TRP D 215 -23.75 -102.70 38.11
CA TRP D 215 -22.59 -103.59 38.00
C TRP D 215 -22.86 -104.95 38.64
N THR D 216 -23.42 -104.94 39.85
CA THR D 216 -23.73 -106.21 40.53
C THR D 216 -24.74 -107.01 39.73
N SER D 217 -25.80 -106.36 39.25
CA SER D 217 -26.80 -107.08 38.47
C SER D 217 -26.19 -107.65 37.19
N LEU D 218 -25.34 -106.87 36.54
CA LEU D 218 -24.68 -107.31 35.32
C LEU D 218 -23.84 -108.55 35.58
N GLN D 219 -23.02 -108.51 36.63
CA GLN D 219 -22.20 -109.68 36.94
C GLN D 219 -23.06 -110.88 37.28
N THR D 220 -24.20 -110.66 37.91
CA THR D 220 -25.07 -111.78 38.30
C THR D 220 -25.78 -112.41 37.10
N HIS D 221 -26.34 -111.59 36.22
CA HIS D 221 -27.14 -112.08 35.09
C HIS D 221 -26.41 -112.25 33.76
N CYS D 222 -25.19 -111.74 33.60
CA CYS D 222 -24.52 -111.83 32.31
C CYS D 222 -23.16 -112.54 32.32
N CYS D 223 -22.64 -112.93 33.48
CA CYS D 223 -21.31 -113.52 33.51
C CYS D 223 -21.29 -114.91 34.14
N ALA D 224 -20.35 -115.73 33.64
CA ALA D 224 -19.83 -116.91 34.31
C ALA D 224 -18.85 -116.39 35.36
N GLN D 225 -17.97 -117.23 35.92
CA GLN D 225 -17.18 -116.69 37.02
C GLN D 225 -16.30 -115.56 36.48
N ASN D 226 -15.14 -115.82 35.88
CA ASN D 226 -14.44 -114.67 35.31
C ASN D 226 -14.82 -114.44 33.85
N LYS D 227 -15.92 -115.03 33.38
CA LYS D 227 -16.36 -114.87 32.00
C LYS D 227 -17.64 -114.05 31.92
N CYS D 228 -17.64 -112.97 31.14
CA CYS D 228 -18.85 -112.17 30.95
C CYS D 228 -19.29 -112.29 29.50
N ASN D 229 -20.60 -112.38 29.28
CA ASN D 229 -21.15 -112.43 27.92
C ASN D 229 -22.07 -111.24 27.69
N PHE D 230 -21.56 -110.20 27.05
CA PHE D 230 -22.34 -109.01 26.75
C PHE D 230 -22.68 -108.92 25.27
N TYR D 231 -22.40 -109.98 24.51
CA TYR D 231 -22.59 -110.04 23.06
C TYR D 231 -23.93 -110.65 22.65
N ASP D 232 -24.18 -111.89 23.06
CA ASP D 232 -25.42 -112.59 22.72
C ASP D 232 -26.07 -113.24 23.94
N ASN D 233 -25.99 -112.56 25.09
CA ASN D 233 -26.59 -113.09 26.30
C ASN D 233 -28.11 -113.00 26.19
N LYS D 234 -28.79 -114.07 26.61
CA LYS D 234 -30.24 -114.13 26.55
C LYS D 234 -30.93 -113.96 27.89
N ASP D 235 -30.19 -114.00 29.00
CA ASP D 235 -30.79 -113.84 30.31
C ASP D 235 -31.66 -112.59 30.33
N PRO D 236 -32.93 -112.71 30.75
CA PRO D 236 -33.86 -111.58 30.62
C PRO D 236 -33.41 -110.32 31.34
N GLU D 237 -33.17 -110.42 32.67
CA GLU D 237 -32.75 -109.21 33.37
C GLU D 237 -31.40 -108.74 32.88
N CYS D 238 -30.59 -109.63 32.32
CA CYS D 238 -29.31 -109.21 31.78
C CYS D 238 -29.55 -108.29 30.59
N VAL D 239 -30.46 -108.72 29.71
CA VAL D 239 -30.79 -107.93 28.54
C VAL D 239 -31.42 -106.60 28.95
N ASN D 240 -32.23 -106.61 30.01
CA ASN D 240 -32.80 -105.36 30.50
C ASN D 240 -31.71 -104.42 30.98
N ASN D 241 -30.73 -104.95 31.71
CA ASN D 241 -29.62 -104.11 32.18
C ASN D 241 -28.84 -103.54 31.00
N LEU D 242 -28.62 -104.37 29.97
CA LEU D 242 -27.90 -103.89 28.79
C LEU D 242 -28.69 -102.82 28.06
N LEU D 243 -30.02 -102.97 28.00
CA LEU D 243 -30.86 -101.95 27.39
C LEU D 243 -30.76 -100.64 28.17
N GLU D 244 -30.74 -100.72 29.49
CA GLU D 244 -30.56 -99.50 30.28
C GLU D 244 -29.20 -98.87 29.98
N VAL D 245 -28.16 -99.70 29.88
CA VAL D 245 -26.82 -99.19 29.55
C VAL D 245 -26.86 -98.44 28.23
N SER D 246 -27.51 -99.03 27.22
CA SER D 246 -27.57 -98.39 25.91
C SER D 246 -28.39 -97.11 25.95
N ARG D 247 -29.47 -97.09 26.74
CA ARG D 247 -30.23 -95.87 26.94
C ARG D 247 -29.36 -94.76 27.51
N ILE D 248 -28.54 -95.11 28.51
CA ILE D 248 -27.67 -94.12 29.15
C ILE D 248 -26.61 -93.62 28.17
N VAL D 249 -26.04 -94.53 27.38
CA VAL D 249 -24.99 -94.12 26.45
C VAL D 249 -25.58 -93.28 25.31
N GLY D 250 -26.73 -93.67 24.79
CA GLY D 250 -27.32 -92.94 23.69
C GLY D 250 -28.00 -91.64 24.07
N LYS D 251 -29.06 -91.73 24.88
CA LYS D 251 -29.92 -90.57 25.07
C LYS D 251 -30.02 -90.15 26.53
N SER D 252 -28.90 -90.07 27.24
CA SER D 252 -28.91 -89.43 28.55
C SER D 252 -28.08 -88.16 28.58
N GLY D 253 -27.42 -87.80 27.48
CA GLY D 253 -26.62 -86.60 27.42
C GLY D 253 -25.12 -86.79 27.27
N LEU D 254 -24.63 -88.02 27.27
CA LEU D 254 -23.20 -88.20 27.09
C LEU D 254 -22.82 -88.16 25.62
N ASN D 255 -21.59 -87.76 25.34
CA ASN D 255 -21.06 -87.71 23.98
C ASN D 255 -20.31 -89.01 23.75
N ILE D 256 -20.90 -89.93 22.98
CA ILE D 256 -20.24 -91.21 22.73
C ILE D 256 -18.90 -91.03 22.04
N TYR D 257 -18.65 -89.87 21.42
CA TYR D 257 -17.37 -89.67 20.76
C TYR D 257 -16.31 -89.06 21.65
N ASN D 258 -16.70 -88.45 22.78
CA ASN D 258 -15.72 -87.83 23.67
C ASN D 258 -16.40 -87.61 25.01
N LEU D 259 -16.16 -88.53 25.96
CA LEU D 259 -16.79 -88.43 27.27
C LEU D 259 -16.58 -87.07 27.93
N TYR D 260 -15.39 -86.53 27.78
CA TYR D 260 -14.96 -85.29 28.39
C TYR D 260 -15.17 -84.06 27.53
N ALA D 261 -16.09 -84.11 26.57
CA ALA D 261 -16.30 -82.94 25.74
C ALA D 261 -17.75 -82.49 25.78
N PRO D 262 -18.01 -81.23 25.42
CA PRO D 262 -19.38 -80.72 25.42
C PRO D 262 -20.21 -81.32 24.31
N CYS D 263 -21.51 -81.18 24.47
CA CYS D 263 -22.50 -81.66 23.51
C CYS D 263 -23.03 -80.48 22.70
N ALA D 264 -22.82 -80.53 21.39
CA ALA D 264 -23.27 -79.49 20.48
C ALA D 264 -24.79 -79.34 20.52
N GLY D 265 -25.24 -78.19 21.01
CA GLY D 265 -26.64 -77.84 21.16
C GLY D 265 -27.42 -78.64 22.19
N GLY D 266 -26.88 -79.74 22.70
CA GLY D 266 -27.63 -80.53 23.66
C GLY D 266 -28.59 -81.55 23.10
N VAL D 267 -28.46 -82.78 23.57
CA VAL D 267 -29.33 -83.88 23.16
C VAL D 267 -30.45 -84.17 24.17
N PRO D 268 -30.25 -84.10 25.48
CA PRO D 268 -31.36 -84.37 26.41
C PRO D 268 -32.37 -83.24 26.52
N GLY D 269 -32.25 -82.19 25.73
CA GLY D 269 -33.28 -81.16 25.70
C GLY D 269 -34.41 -81.55 24.77
N ARG D 270 -34.88 -80.62 23.95
CA ARG D 270 -35.86 -80.96 22.94
C ARG D 270 -35.22 -81.83 21.86
N HIS D 271 -36.00 -82.78 21.34
CA HIS D 271 -35.46 -83.69 20.34
C HIS D 271 -35.04 -82.95 19.09
N ARG D 272 -35.93 -82.13 18.53
CA ARG D 272 -35.62 -81.32 17.37
C ARG D 272 -36.33 -79.98 17.48
N TYR D 273 -35.79 -78.98 16.78
CA TYR D 273 -36.36 -77.64 16.78
C TYR D 273 -37.11 -77.31 15.50
N GLU D 274 -36.94 -78.13 14.45
CA GLU D 274 -37.61 -77.93 13.18
C GLU D 274 -38.13 -79.29 12.73
N ASP D 275 -38.57 -79.41 11.48
CA ASP D 275 -39.08 -80.67 10.98
C ASP D 275 -37.98 -81.55 10.40
N THR D 276 -36.76 -81.41 10.90
CA THR D 276 -35.62 -82.21 10.49
C THR D 276 -35.20 -83.07 11.67
N LEU D 277 -35.22 -84.38 11.50
CA LEU D 277 -34.91 -85.32 12.58
C LEU D 277 -33.45 -85.75 12.47
N VAL D 278 -32.75 -85.74 13.61
CA VAL D 278 -31.33 -86.08 13.67
C VAL D 278 -31.21 -87.44 14.34
N VAL D 279 -30.68 -88.40 13.60
CA VAL D 279 -30.45 -89.76 14.07
C VAL D 279 -28.96 -89.93 14.34
N GLN D 280 -28.62 -90.60 15.43
CA GLN D 280 -27.21 -90.76 15.79
C GLN D 280 -26.87 -92.20 16.10
N ASP D 281 -27.66 -93.14 15.60
CA ASP D 281 -27.42 -94.56 15.80
C ASP D 281 -26.88 -95.13 14.49
N PHE D 282 -25.61 -95.52 14.49
CA PHE D 282 -25.02 -96.16 13.32
C PHE D 282 -25.36 -97.64 13.26
N GLY D 283 -26.14 -98.12 14.23
CA GLY D 283 -26.59 -99.51 14.29
C GLY D 283 -25.49 -100.53 14.29
N ASN D 284 -24.33 -100.21 14.85
CA ASN D 284 -23.21 -101.13 14.90
C ASN D 284 -22.93 -101.63 16.31
N ILE D 285 -23.64 -101.10 17.30
CA ILE D 285 -23.43 -101.38 18.70
C ILE D 285 -24.67 -102.06 19.25
N PHE D 286 -24.48 -103.13 20.03
CA PHE D 286 -25.61 -103.84 20.64
C PHE D 286 -26.55 -104.40 19.58
N THR D 287 -25.99 -104.80 18.44
CA THR D 287 -26.79 -105.31 17.33
C THR D 287 -27.51 -106.60 17.69
N ARG D 288 -26.95 -107.43 18.56
CA ARG D 288 -27.59 -108.69 18.91
C ARG D 288 -28.59 -108.55 20.05
N LEU D 289 -28.78 -107.35 20.58
CA LEU D 289 -29.67 -107.01 21.67
C LEU D 289 -31.01 -106.54 21.10
N PRO D 290 -32.14 -106.95 21.68
CA PRO D 290 -33.42 -106.51 21.14
C PRO D 290 -33.74 -105.06 21.49
N LEU D 291 -33.54 -104.20 20.50
CA LEU D 291 -33.76 -102.77 20.61
C LEU D 291 -35.25 -102.45 20.44
N LYS D 292 -35.61 -101.24 20.82
CA LYS D 292 -36.99 -100.77 20.66
C LYS D 292 -37.09 -100.07 19.32
N ARG D 293 -38.14 -100.40 18.56
CA ARG D 293 -38.35 -99.85 17.23
C ARG D 293 -38.92 -98.43 17.36
N ARG D 294 -38.04 -97.49 17.69
CA ARG D 294 -38.40 -96.09 17.70
C ARG D 294 -38.40 -95.48 16.30
N PHE D 295 -37.78 -96.16 15.33
CA PHE D 295 -37.84 -95.70 13.95
C PHE D 295 -39.26 -95.68 13.40
N PRO D 296 -40.08 -96.73 13.56
CA PRO D 296 -41.49 -96.61 13.15
C PRO D 296 -42.24 -95.50 13.89
N GLU D 297 -41.83 -95.18 15.11
CA GLU D 297 -42.48 -94.10 15.85
C GLU D 297 -42.33 -92.76 15.14
N ALA D 298 -41.21 -92.54 14.46
CA ALA D 298 -41.02 -91.32 13.69
C ALA D 298 -41.99 -91.28 12.52
N LEU D 299 -42.55 -90.09 12.28
CA LEU D 299 -43.52 -89.92 11.21
C LEU D 299 -42.94 -90.33 9.87
N MET D 300 -43.71 -91.11 9.11
CA MET D 300 -43.33 -91.55 7.78
C MET D 300 -44.02 -90.73 6.68
N ARG D 301 -44.69 -89.64 7.05
CA ARG D 301 -45.45 -88.87 6.09
C ARG D 301 -44.54 -88.16 5.10
N SER D 302 -45.11 -87.83 3.94
CA SER D 302 -44.35 -87.16 2.89
C SER D 302 -43.80 -85.83 3.37
N GLY D 303 -42.59 -85.51 2.93
CA GLY D 303 -41.91 -84.30 3.31
C GLY D 303 -41.21 -84.31 4.64
N ASP D 304 -41.13 -85.47 5.31
CA ASP D 304 -40.44 -85.57 6.59
C ASP D 304 -38.97 -85.81 6.28
N LYS D 305 -38.17 -84.76 6.28
CA LYS D 305 -36.76 -84.89 6.01
C LYS D 305 -36.03 -85.44 7.22
N VAL D 306 -35.15 -86.42 6.97
CA VAL D 306 -34.38 -87.10 8.00
C VAL D 306 -32.92 -87.04 7.58
N ARG D 307 -32.02 -86.80 8.53
CA ARG D 307 -30.60 -86.83 8.24
C ARG D 307 -29.86 -87.51 9.37
N LEU D 308 -28.73 -88.13 9.02
CA LEU D 308 -27.88 -88.83 9.96
C LEU D 308 -26.69 -87.95 10.29
N ASP D 309 -26.55 -87.58 11.56
CA ASP D 309 -25.43 -86.80 12.03
C ASP D 309 -24.88 -87.48 13.28
N PRO D 310 -23.59 -87.31 13.58
CA PRO D 310 -23.05 -87.93 14.78
C PRO D 310 -23.63 -87.31 16.03
N PRO D 311 -23.74 -88.07 17.12
CA PRO D 311 -24.28 -87.53 18.37
C PRO D 311 -23.45 -86.37 18.92
N CYS D 312 -24.13 -85.26 19.21
CA CYS D 312 -23.50 -84.07 19.79
C CYS D 312 -22.44 -83.45 18.88
N THR D 313 -22.55 -83.64 17.57
CA THR D 313 -21.59 -83.12 16.62
C THR D 313 -22.35 -82.13 15.75
N ASN D 314 -21.82 -80.93 15.58
CA ASN D 314 -22.50 -79.95 14.75
C ASN D 314 -21.89 -79.97 13.36
N THR D 315 -22.60 -80.61 12.43
CA THR D 315 -22.22 -80.78 11.03
C THR D 315 -22.58 -79.58 10.17
N THR D 316 -23.20 -78.56 10.74
CA THR D 316 -23.64 -77.40 9.97
C THR D 316 -22.54 -76.81 9.08
N ALA D 317 -21.45 -76.36 9.70
CA ALA D 317 -20.32 -75.79 8.97
C ALA D 317 -19.90 -76.60 7.74
N PRO D 318 -19.52 -77.88 7.88
CA PRO D 318 -19.09 -78.62 6.69
C PRO D 318 -20.16 -78.70 5.62
N SER D 319 -21.42 -78.86 6.03
CA SER D 319 -22.50 -78.91 5.05
C SER D 319 -22.61 -77.59 4.30
N ASN D 320 -22.67 -76.48 5.05
CA ASN D 320 -22.81 -75.18 4.42
C ASN D 320 -21.64 -74.88 3.52
N TYR D 321 -20.48 -75.47 3.78
CA TYR D 321 -19.37 -75.28 2.85
C TYR D 321 -19.53 -76.12 1.59
N LEU D 322 -19.67 -77.45 1.75
CA LEU D 322 -19.78 -78.30 0.57
C LEU D 322 -21.03 -78.01 -0.24
N ASN D 323 -22.10 -77.55 0.40
CA ASN D 323 -23.35 -77.23 -0.26
C ASN D 323 -23.37 -75.81 -0.82
N ASN D 324 -22.26 -75.10 -0.75
CA ASN D 324 -22.23 -73.75 -1.27
C ASN D 324 -22.07 -73.81 -2.78
N PRO D 325 -23.01 -73.24 -3.55
CA PRO D 325 -22.93 -73.27 -5.02
C PRO D 325 -21.55 -73.02 -5.62
N TYR D 326 -20.82 -72.03 -5.14
CA TYR D 326 -19.51 -71.79 -5.73
C TYR D 326 -18.53 -72.92 -5.42
N VAL D 327 -18.67 -73.54 -4.25
CA VAL D 327 -17.77 -74.65 -3.93
C VAL D 327 -18.18 -75.89 -4.71
N ARG D 328 -19.48 -76.15 -4.79
CA ARG D 328 -19.95 -77.30 -5.55
C ARG D 328 -19.52 -77.17 -7.01
N LYS D 329 -19.64 -75.96 -7.56
CA LYS D 329 -19.22 -75.72 -8.94
C LYS D 329 -17.74 -76.01 -9.09
N ALA D 330 -16.92 -75.32 -8.28
CA ALA D 330 -15.48 -75.51 -8.32
C ALA D 330 -15.10 -76.98 -8.19
N LEU D 331 -15.79 -77.71 -7.33
CA LEU D 331 -15.47 -79.12 -7.12
C LEU D 331 -16.11 -80.05 -8.13
N HIS D 332 -16.57 -79.53 -9.26
CA HIS D 332 -17.01 -80.36 -10.38
C HIS D 332 -18.11 -81.35 -9.95
N ILE D 333 -19.03 -80.90 -9.11
CA ILE D 333 -20.09 -81.76 -8.60
C ILE D 333 -21.35 -81.50 -9.41
N PRO D 334 -21.90 -82.50 -10.09
CA PRO D 334 -23.12 -82.32 -10.88
C PRO D 334 -24.25 -81.65 -10.11
N GLU D 335 -24.75 -80.52 -10.62
CA GLU D 335 -25.81 -79.79 -9.94
C GLU D 335 -27.04 -80.66 -9.65
N SER D 336 -27.18 -81.79 -10.33
CA SER D 336 -28.34 -82.64 -10.14
C SER D 336 -28.41 -83.18 -8.71
N LEU D 337 -27.29 -83.60 -8.16
CA LEU D 337 -27.28 -84.30 -6.89
C LEU D 337 -27.84 -83.41 -5.78
N PRO D 338 -28.64 -83.97 -4.86
CA PRO D 338 -29.21 -83.17 -3.77
C PRO D 338 -28.21 -82.75 -2.70
N ARG D 339 -28.75 -82.17 -1.63
CA ARG D 339 -27.97 -81.57 -0.54
C ARG D 339 -26.96 -82.53 0.06
N TRP D 340 -25.96 -82.00 0.75
CA TRP D 340 -24.86 -82.78 1.27
C TRP D 340 -24.96 -82.93 2.79
N ASP D 341 -24.69 -84.14 3.26
CA ASP D 341 -24.66 -84.46 4.68
C ASP D 341 -23.43 -85.30 4.98
N MET D 342 -22.91 -85.17 6.21
CA MET D 342 -21.74 -85.94 6.61
C MET D 342 -22.02 -87.43 6.63
N CYS D 343 -23.24 -87.82 6.99
CA CYS D 343 -23.65 -89.21 7.02
C CYS D 343 -25.00 -89.30 6.33
N ASN D 344 -25.24 -90.39 5.61
CA ASN D 344 -26.54 -90.62 4.97
C ASN D 344 -27.39 -91.59 5.77
N PHE D 345 -28.50 -91.09 6.30
CA PHE D 345 -29.43 -91.92 7.08
C PHE D 345 -29.85 -93.15 6.29
N LEU D 346 -30.42 -92.93 5.10
CA LEU D 346 -30.88 -94.01 4.24
C LEU D 346 -29.80 -95.05 3.97
N VAL D 347 -28.57 -94.62 3.74
CA VAL D 347 -27.48 -95.57 3.51
C VAL D 347 -27.31 -96.47 4.73
N ASN D 348 -27.27 -95.88 5.92
CA ASN D 348 -27.12 -96.66 7.14
C ASN D 348 -28.29 -97.62 7.31
N LEU D 349 -29.51 -97.11 7.17
CA LEU D 349 -30.70 -97.94 7.29
C LEU D 349 -30.68 -99.12 6.33
N GLN D 350 -30.23 -98.91 5.09
CA GLN D 350 -30.24 -99.99 4.12
C GLN D 350 -28.93 -100.75 4.10
N TYR D 351 -27.97 -100.37 4.93
CA TYR D 351 -26.70 -101.07 4.96
C TYR D 351 -26.89 -102.49 5.47
N ARG D 352 -26.13 -103.42 4.92
CA ARG D 352 -26.19 -104.81 5.34
C ARG D 352 -24.81 -105.21 5.87
N ARG D 353 -24.72 -105.40 7.18
CA ARG D 353 -23.49 -105.84 7.79
C ARG D 353 -23.31 -107.33 7.55
N LEU D 354 -22.10 -107.73 7.18
CA LEU D 354 -21.83 -109.12 6.87
C LEU D 354 -20.75 -109.74 7.74
N TYR D 355 -19.69 -109.00 8.02
CA TYR D 355 -18.60 -109.51 8.84
C TYR D 355 -18.93 -109.45 10.32
N GLN D 356 -18.54 -110.49 11.04
CA GLN D 356 -18.74 -110.56 12.49
C GLN D 356 -17.51 -110.05 13.23
N SER D 357 -16.35 -110.68 13.03
CA SER D 357 -15.12 -110.23 13.64
C SER D 357 -14.05 -110.05 12.57
N MET D 358 -13.01 -109.30 12.92
CA MET D 358 -11.92 -109.03 12.00
C MET D 358 -10.78 -110.02 12.14
N ASN D 359 -10.97 -111.10 12.89
CA ASN D 359 -9.92 -112.09 13.12
C ASN D 359 -9.33 -112.61 11.82
N SER D 360 -10.18 -113.09 10.91
CA SER D 360 -9.69 -113.64 9.65
C SER D 360 -8.93 -112.60 8.82
N GLN D 361 -9.43 -111.37 8.78
CA GLN D 361 -8.78 -110.32 8.02
C GLN D 361 -7.39 -110.01 8.56
N TYR D 362 -7.29 -109.88 9.88
CA TYR D 362 -5.99 -109.59 10.48
C TYR D 362 -5.06 -110.76 10.33
N LEU D 363 -5.57 -112.00 10.39
CA LEU D 363 -4.70 -113.15 10.19
C LEU D 363 -4.17 -113.16 8.76
N LYS D 364 -5.03 -112.79 7.81
CA LYS D 364 -4.61 -112.74 6.42
C LYS D 364 -3.54 -111.68 6.22
N LEU D 365 -3.69 -110.53 6.89
CA LEU D 365 -2.68 -109.48 6.74
C LEU D 365 -1.38 -109.84 7.47
N LEU D 366 -1.47 -110.54 8.60
CA LEU D 366 -0.28 -110.90 9.36
C LEU D 366 0.50 -112.03 8.72
N SER D 367 -0.17 -112.89 7.96
CA SER D 367 0.52 -114.03 7.35
C SER D 367 1.62 -113.60 6.38
N SER D 368 1.45 -112.49 5.67
CA SER D 368 2.50 -112.08 4.75
C SER D 368 3.72 -111.53 5.47
N GLN D 369 3.52 -110.91 6.63
CA GLN D 369 4.59 -110.33 7.44
C GLN D 369 5.43 -109.31 6.67
N LYS D 370 4.82 -108.62 5.71
CA LYS D 370 5.54 -107.62 4.94
C LYS D 370 5.10 -106.19 5.22
N TYR D 371 3.90 -106.00 5.73
CA TYR D 371 3.31 -104.70 5.98
C TYR D 371 3.39 -104.29 7.45
N GLN D 372 3.57 -103.00 7.65
CA GLN D 372 3.62 -102.39 8.98
C GLN D 372 2.22 -101.90 9.29
N ILE D 373 1.61 -102.43 10.33
CA ILE D 373 0.24 -102.07 10.69
C ILE D 373 0.20 -101.52 12.11
N LEU D 374 -0.61 -100.46 12.28
CA LEU D 374 -0.79 -99.76 13.53
C LEU D 374 -2.26 -99.42 13.71
N LEU D 375 -2.77 -99.73 14.89
CA LEU D 375 -4.13 -99.42 15.31
C LEU D 375 -4.01 -98.44 16.47
N TYR D 376 -4.66 -97.30 16.35
CA TYR D 376 -4.58 -96.27 17.38
C TYR D 376 -5.99 -95.91 17.79
N ASN D 377 -6.18 -95.75 19.09
CA ASN D 377 -7.48 -95.48 19.67
C ASN D 377 -7.43 -94.31 20.64
N GLY D 378 -8.44 -93.44 20.53
CA GLY D 378 -8.60 -92.33 21.45
C GLY D 378 -9.16 -92.87 22.75
N ASP D 379 -8.51 -92.54 23.86
CA ASP D 379 -8.94 -93.10 25.15
C ASP D 379 -10.24 -92.51 25.70
N VAL D 380 -11.00 -91.66 25.02
CA VAL D 380 -12.24 -91.16 25.58
C VAL D 380 -13.43 -91.52 24.71
N ASP D 381 -13.22 -92.40 23.73
CA ASP D 381 -14.27 -92.88 22.84
C ASP D 381 -15.00 -94.07 23.43
N MET D 382 -16.30 -94.16 23.13
CA MET D 382 -17.11 -95.27 23.57
C MET D 382 -17.67 -96.05 22.40
N ALA D 383 -17.56 -95.53 21.17
CA ALA D 383 -18.05 -96.26 20.00
C ALA D 383 -17.11 -97.39 19.64
N CYS D 384 -15.81 -97.15 19.78
CA CYS D 384 -14.78 -98.15 19.54
C CYS D 384 -13.67 -97.95 20.57
N ASN D 385 -14.03 -98.06 21.85
CA ASN D 385 -13.11 -97.85 22.96
C ASN D 385 -11.78 -98.58 22.75
N PHE D 386 -10.72 -97.97 23.28
CA PHE D 386 -9.37 -98.52 23.15
C PHE D 386 -9.22 -99.92 23.73
N MET D 387 -10.02 -100.25 24.75
CA MET D 387 -9.86 -101.54 25.41
C MET D 387 -10.24 -102.68 24.48
N GLY D 388 -11.39 -102.56 23.82
CA GLY D 388 -11.79 -103.59 22.87
C GLY D 388 -10.74 -103.84 21.80
N ASP D 389 -10.07 -102.79 21.34
CA ASP D 389 -9.07 -103.04 20.32
C ASP D 389 -7.77 -103.57 20.91
N GLU D 390 -7.50 -103.27 22.18
CA GLU D 390 -6.29 -103.85 22.73
C GLU D 390 -6.53 -105.31 23.04
N TRP D 391 -7.75 -105.64 23.45
CA TRP D 391 -8.08 -107.04 23.70
C TRP D 391 -7.98 -107.82 22.41
N PHE D 392 -8.63 -107.31 21.35
CA PHE D 392 -8.56 -107.97 20.06
C PHE D 392 -7.10 -108.29 19.69
N VAL D 393 -6.27 -107.23 19.68
CA VAL D 393 -4.87 -107.40 19.30
C VAL D 393 -4.16 -108.38 20.22
N ASP D 394 -4.54 -108.43 21.49
CA ASP D 394 -3.89 -109.40 22.37
C ASP D 394 -4.36 -110.79 22.03
N SER D 395 -5.62 -110.91 21.64
CA SER D 395 -6.21 -112.19 21.24
C SER D 395 -5.62 -112.67 19.94
N LEU D 396 -4.88 -111.82 19.25
CA LEU D 396 -4.25 -112.25 18.00
C LEU D 396 -3.06 -113.17 18.28
N ASN D 397 -2.60 -113.22 19.52
CA ASN D 397 -1.49 -114.07 19.96
C ASN D 397 -0.24 -113.96 19.08
N GLN D 398 0.26 -112.74 18.95
CA GLN D 398 1.44 -112.53 18.12
C GLN D 398 2.68 -112.46 19.00
N LYS D 399 3.85 -112.53 18.37
CA LYS D 399 5.10 -112.43 19.10
C LYS D 399 5.31 -111.02 19.62
N MET D 400 5.54 -110.87 20.92
CA MET D 400 5.74 -109.54 21.47
C MET D 400 7.16 -109.06 21.13
N GLU D 401 7.26 -107.84 20.61
CA GLU D 401 8.57 -107.27 20.30
C GLU D 401 9.03 -106.24 21.30
N VAL D 402 8.09 -105.57 21.97
CA VAL D 402 8.39 -104.53 22.96
C VAL D 402 7.25 -104.54 23.97
N GLN D 403 7.60 -104.61 25.25
CA GLN D 403 6.57 -104.56 26.29
C GLN D 403 5.93 -103.18 26.32
N ARG D 404 4.62 -103.15 26.54
CA ARG D 404 3.84 -101.93 26.59
C ARG D 404 4.52 -100.84 27.40
N ARG D 405 4.47 -99.63 26.87
CA ARG D 405 5.11 -98.48 27.50
C ARG D 405 4.48 -97.22 26.92
N PRO D 406 4.69 -96.07 27.55
CA PRO D 406 4.12 -94.83 27.02
C PRO D 406 5.05 -94.18 26.01
N TRP D 407 4.46 -93.35 25.16
CA TRP D 407 5.20 -92.62 24.15
C TRP D 407 5.00 -91.13 24.36
N LEU D 408 6.04 -90.37 24.05
CA LEU D 408 6.08 -88.94 24.28
C LEU D 408 6.06 -88.11 23.00
N VAL D 409 5.65 -86.85 23.19
CA VAL D 409 5.56 -85.85 22.14
C VAL D 409 5.92 -84.52 22.76
N ASP D 410 6.66 -83.70 22.03
CA ASP D 410 7.15 -82.43 22.54
C ASP D 410 6.39 -81.29 21.86
N TYR D 411 5.91 -80.36 22.67
CA TYR D 411 5.25 -79.17 22.16
C TYR D 411 6.14 -77.97 22.36
N GLY D 412 6.00 -76.99 21.48
CA GLY D 412 6.72 -75.73 21.54
C GLY D 412 7.08 -75.31 22.95
N GLU D 413 8.37 -75.28 23.27
CA GLU D 413 8.87 -74.79 24.56
C GLU D 413 8.00 -75.19 25.74
N SER D 414 7.48 -76.43 25.75
CA SER D 414 6.63 -76.83 26.87
C SER D 414 6.97 -78.21 27.39
N GLY D 415 8.20 -78.69 27.18
CA GLY D 415 8.63 -79.99 27.64
C GLY D 415 7.97 -81.20 27.01
N GLU D 416 8.48 -82.37 27.36
CA GLU D 416 7.93 -83.63 26.87
C GLU D 416 6.60 -83.94 27.55
N GLN D 417 5.69 -84.54 26.81
CA GLN D 417 4.37 -84.88 27.33
C GLN D 417 4.02 -86.29 26.88
N VAL D 418 3.16 -86.95 27.66
CA VAL D 418 2.70 -88.29 27.32
C VAL D 418 1.56 -88.18 26.33
N ALA D 419 1.65 -88.95 25.24
CA ALA D 419 0.56 -88.99 24.28
C ALA D 419 -0.23 -90.29 24.31
N GLY D 420 0.30 -91.33 24.94
CA GLY D 420 -0.42 -92.59 25.01
C GLY D 420 0.53 -93.73 25.36
N PHE D 421 0.06 -94.95 25.12
CA PHE D 421 0.81 -96.17 25.36
C PHE D 421 0.90 -96.95 24.07
N VAL D 422 2.00 -97.69 23.89
CA VAL D 422 2.21 -98.45 22.66
C VAL D 422 2.65 -99.89 22.97
N LYS D 423 2.02 -100.84 22.29
CA LYS D 423 2.33 -102.26 22.34
C LYS D 423 2.83 -102.63 20.95
N GLU D 424 4.04 -103.17 20.85
CA GLU D 424 4.59 -103.56 19.56
C GLU D 424 4.80 -105.06 19.48
N CYS D 425 4.11 -105.70 18.53
CA CYS D 425 4.43 -107.02 18.03
C CYS D 425 4.92 -106.87 16.60
N SER D 426 5.66 -107.86 16.12
CA SER D 426 6.31 -107.70 14.83
C SER D 426 5.26 -107.50 13.74
N HIS D 427 5.34 -106.36 13.06
CA HIS D 427 4.50 -105.92 11.96
C HIS D 427 3.13 -105.38 12.41
N ILE D 428 2.78 -105.46 13.69
CA ILE D 428 1.51 -104.92 14.14
C ILE D 428 1.64 -104.30 15.52
N THR D 429 1.06 -103.11 15.68
CA THR D 429 1.23 -102.30 16.87
C THR D 429 -0.11 -101.71 17.29
N PHE D 430 -0.29 -101.60 18.60
CA PHE D 430 -1.43 -100.94 19.21
C PHE D 430 -0.97 -99.69 19.93
N LEU D 431 -1.75 -98.62 19.81
CA LEU D 431 -1.35 -97.36 20.41
C LEU D 431 -2.58 -96.60 20.87
N THR D 432 -2.44 -95.91 21.99
CA THR D 432 -3.52 -95.07 22.51
C THR D 432 -3.11 -93.62 22.36
N ILE D 433 -4.10 -92.76 22.22
CA ILE D 433 -3.87 -91.32 22.16
C ILE D 433 -4.61 -90.71 23.35
N LYS D 434 -3.84 -90.30 24.34
CA LYS D 434 -4.41 -89.75 25.57
C LYS D 434 -5.11 -88.42 25.30
N GLY D 435 -6.38 -88.35 25.66
CA GLY D 435 -7.17 -87.15 25.47
C GLY D 435 -7.92 -87.03 24.17
N ALA D 436 -7.78 -87.97 23.23
CA ALA D 436 -8.48 -87.87 21.98
C ALA D 436 -9.74 -88.73 21.95
N GLY D 437 -10.76 -88.23 21.27
CA GLY D 437 -12.02 -88.91 21.07
C GLY D 437 -12.08 -89.64 19.75
N HIS D 438 -13.31 -89.79 19.24
CA HIS D 438 -13.51 -90.49 17.98
C HIS D 438 -12.75 -89.82 16.86
N MET D 439 -12.74 -88.49 16.86
CA MET D 439 -12.04 -87.70 15.85
C MET D 439 -10.74 -87.18 16.46
N VAL D 440 -9.80 -88.10 16.59
CA VAL D 440 -8.48 -87.88 17.17
C VAL D 440 -7.86 -86.59 16.65
N PRO D 441 -7.88 -86.31 15.34
CA PRO D 441 -7.26 -85.06 14.88
C PRO D 441 -7.90 -83.81 15.45
N THR D 442 -9.21 -83.84 15.71
CA THR D 442 -9.85 -82.66 16.29
C THR D 442 -9.44 -82.44 17.73
N ASP D 443 -9.23 -83.50 18.50
CA ASP D 443 -8.91 -83.29 19.91
C ASP D 443 -7.42 -83.11 20.15
N LYS D 444 -6.58 -83.88 19.47
CA LYS D 444 -5.12 -83.80 19.64
C LYS D 444 -4.51 -83.68 18.26
N PRO D 445 -4.63 -82.53 17.61
CA PRO D 445 -4.07 -82.36 16.28
C PRO D 445 -2.58 -82.68 16.22
N ARG D 446 -1.78 -81.98 17.02
CA ARG D 446 -0.34 -82.11 16.91
C ARG D 446 0.14 -83.51 17.27
N ALA D 447 -0.43 -84.10 18.32
CA ALA D 447 -0.03 -85.46 18.67
C ALA D 447 -0.41 -86.42 17.54
N ALA D 448 -1.59 -86.21 16.96
CA ALA D 448 -2.02 -87.04 15.84
C ALA D 448 -1.04 -86.94 14.69
N PHE D 449 -0.53 -85.73 14.44
CA PHE D 449 0.40 -85.55 13.36
C PHE D 449 1.74 -86.22 13.66
N THR D 450 2.23 -86.08 14.88
CA THR D 450 3.51 -86.71 15.20
C THR D 450 3.43 -88.23 15.09
N MET D 451 2.34 -88.82 15.60
CA MET D 451 2.18 -90.27 15.49
C MET D 451 2.05 -90.69 14.03
N PHE D 452 1.24 -89.96 13.26
CA PHE D 452 1.06 -90.29 11.86
C PHE D 452 2.38 -90.22 11.12
N SER D 453 3.14 -89.15 11.34
CA SER D 453 4.44 -88.99 10.70
C SER D 453 5.39 -90.13 11.05
N ARG D 454 5.46 -90.51 12.33
CA ARG D 454 6.37 -91.60 12.64
C ARG D 454 5.87 -92.94 12.10
N PHE D 455 4.55 -93.08 11.95
CA PHE D 455 4.03 -94.32 11.37
C PHE D 455 4.43 -94.40 9.90
N LEU D 456 3.99 -93.42 9.12
CA LEU D 456 4.27 -93.36 7.69
C LEU D 456 5.76 -93.54 7.42
N ASN D 457 6.59 -92.83 8.18
CA ASN D 457 8.04 -92.91 7.97
C ASN D 457 8.64 -94.16 8.60
N LYS D 458 7.81 -95.00 9.24
CA LYS D 458 8.24 -96.23 9.91
C LYS D 458 9.32 -95.98 10.94
N GLU D 459 9.47 -94.75 11.40
CA GLU D 459 10.45 -94.47 12.43
C GLU D 459 9.93 -95.04 13.74
N PRO D 460 10.65 -95.96 14.37
CA PRO D 460 10.18 -96.51 15.65
C PRO D 460 10.06 -95.42 16.70
N TYR D 461 9.06 -95.55 17.55
CA TYR D 461 8.81 -94.56 18.58
C TYR D 461 9.89 -94.61 19.64
N THR E 12 -40.97 -55.14 24.59
CA THR E 12 -40.99 -53.69 24.79
C THR E 12 -40.36 -53.32 26.13
N GLN E 13 -39.92 -54.34 26.87
CA GLN E 13 -39.28 -54.09 28.16
C GLN E 13 -37.94 -53.39 27.97
N ARG E 14 -37.62 -52.48 28.88
CA ARG E 14 -36.44 -51.63 28.73
C ARG E 14 -35.27 -52.32 29.40
N THR E 15 -34.37 -52.86 28.58
CA THR E 15 -33.23 -53.64 29.05
C THR E 15 -31.96 -52.89 28.69
N PHE E 16 -31.47 -52.09 29.63
CA PHE E 16 -30.20 -51.39 29.48
C PHE E 16 -29.14 -52.08 30.33
N LYS E 17 -28.02 -52.45 29.71
CA LYS E 17 -26.92 -53.03 30.47
C LYS E 17 -25.64 -52.96 29.65
N LEU E 18 -24.51 -52.98 30.35
CA LEU E 18 -23.23 -52.91 29.69
C LEU E 18 -22.95 -54.19 28.90
N ASP E 19 -22.45 -54.02 27.68
CA ASP E 19 -22.10 -55.14 26.80
C ASP E 19 -20.58 -55.31 26.84
N TYR E 20 -20.14 -56.20 27.73
CA TYR E 20 -18.71 -56.47 27.88
C TYR E 20 -18.15 -57.08 26.60
N SER E 21 -18.89 -58.02 26.00
CA SER E 21 -18.46 -58.64 24.75
C SER E 21 -18.10 -57.60 23.69
N ARG E 22 -18.97 -56.61 23.48
CA ARG E 22 -18.77 -55.68 22.39
C ARG E 22 -18.39 -54.29 22.87
N ASP E 23 -17.88 -54.19 24.11
CA ASP E 23 -17.30 -52.96 24.63
C ASP E 23 -18.22 -51.75 24.47
N ARG E 24 -19.46 -51.87 24.94
CA ARG E 24 -20.40 -50.78 24.69
C ARG E 24 -21.50 -50.81 25.73
N PHE E 25 -22.57 -50.06 25.49
CA PHE E 25 -23.81 -50.25 26.21
C PHE E 25 -24.79 -50.95 25.28
N LEU E 26 -25.79 -51.60 25.86
CA LEU E 26 -26.92 -52.09 25.10
C LEU E 26 -28.19 -51.49 25.68
N LYS E 27 -28.96 -50.83 24.82
CA LYS E 27 -30.25 -50.27 25.15
C LYS E 27 -31.31 -50.96 24.33
N ASP E 28 -32.22 -51.66 25.00
CA ASP E 28 -33.23 -52.48 24.33
C ASP E 28 -32.60 -53.36 23.26
N GLY E 29 -31.47 -53.98 23.59
CA GLY E 29 -30.84 -54.89 22.68
C GLY E 29 -30.03 -54.24 21.58
N GLN E 30 -29.98 -52.92 21.54
CA GLN E 30 -29.27 -52.25 20.47
C GLN E 30 -27.98 -51.66 20.99
N PRO E 31 -26.91 -51.66 20.18
CA PRO E 31 -25.68 -51.05 20.63
C PRO E 31 -25.91 -49.58 20.90
N PHE E 32 -25.23 -49.07 21.91
CA PHE E 32 -25.48 -47.71 22.32
C PHE E 32 -24.20 -47.14 22.91
N ARG E 33 -23.92 -45.90 22.56
CA ARG E 33 -22.99 -45.08 23.30
C ARG E 33 -23.56 -43.67 23.39
N TYR E 34 -23.28 -43.02 24.51
CA TYR E 34 -23.87 -41.73 24.84
C TYR E 34 -22.89 -40.59 24.58
N ILE E 35 -23.45 -39.45 24.17
CA ILE E 35 -22.71 -38.21 23.99
C ILE E 35 -23.47 -37.20 24.84
N SER E 36 -22.90 -36.87 25.99
CA SER E 36 -23.58 -36.16 27.06
C SER E 36 -22.93 -34.81 27.31
N GLY E 37 -23.68 -33.94 27.97
CA GLY E 37 -23.13 -32.70 28.50
C GLY E 37 -23.59 -32.50 29.93
N SER E 38 -22.70 -31.94 30.74
CA SER E 38 -23.03 -31.61 32.11
C SER E 38 -23.89 -30.35 32.19
N ILE E 39 -24.94 -30.41 33.00
CA ILE E 39 -25.75 -29.26 33.34
C ILE E 39 -26.11 -29.36 34.81
N HIS E 40 -25.81 -28.32 35.58
CA HIS E 40 -26.17 -28.28 36.99
C HIS E 40 -27.46 -27.49 37.15
N TYR E 41 -28.55 -28.20 37.48
CA TYR E 41 -29.83 -27.53 37.65
C TYR E 41 -29.77 -26.49 38.75
N PHE E 42 -28.80 -26.61 39.63
CA PHE E 42 -28.69 -25.75 40.80
C PHE E 42 -27.86 -24.50 40.54
N ARG E 43 -26.88 -24.56 39.65
CA ARG E 43 -26.20 -23.33 39.27
C ARG E 43 -26.96 -22.52 38.24
N ILE E 44 -28.14 -22.96 37.82
CA ILE E 44 -28.99 -22.16 36.96
C ILE E 44 -30.39 -22.12 37.57
N PRO E 45 -31.07 -20.99 37.54
CA PRO E 45 -32.41 -20.93 38.12
C PRO E 45 -33.39 -21.83 37.38
N ARG E 46 -34.33 -22.39 38.13
CA ARG E 46 -35.32 -23.28 37.55
C ARG E 46 -36.11 -22.63 36.44
N PHE E 47 -36.36 -21.32 36.57
CA PHE E 47 -37.03 -20.56 35.53
C PHE E 47 -36.45 -20.86 34.15
N TYR E 48 -35.15 -21.10 34.09
CA TYR E 48 -34.41 -21.30 32.84
C TYR E 48 -33.99 -22.73 32.57
N TRP E 49 -34.34 -23.69 33.44
CA TRP E 49 -33.91 -25.07 33.23
C TRP E 49 -34.26 -25.57 31.84
N GLU E 50 -35.56 -25.62 31.53
CA GLU E 50 -35.99 -26.08 30.23
C GLU E 50 -35.11 -25.50 29.13
N ASP E 51 -34.87 -24.20 29.20
CA ASP E 51 -34.12 -23.52 28.14
C ASP E 51 -32.80 -24.21 27.87
N ARG E 52 -31.98 -24.34 28.91
CA ARG E 52 -30.68 -24.94 28.71
C ARG E 52 -30.83 -26.37 28.22
N LEU E 53 -31.76 -27.11 28.83
CA LEU E 53 -31.91 -28.51 28.46
C LEU E 53 -32.34 -28.63 27.02
N LEU E 54 -33.27 -27.77 26.58
CA LEU E 54 -33.64 -27.81 25.17
C LEU E 54 -32.44 -27.48 24.29
N LYS E 55 -31.64 -26.48 24.67
CA LYS E 55 -30.44 -26.22 23.90
C LYS E 55 -29.56 -27.45 23.89
N MET E 56 -29.48 -28.14 25.02
CA MET E 56 -28.68 -29.34 25.07
C MET E 56 -29.21 -30.37 24.09
N LYS E 57 -30.53 -30.58 24.08
CA LYS E 57 -31.09 -31.46 23.06
C LYS E 57 -30.76 -30.95 21.67
N MET E 58 -30.89 -29.64 21.45
CA MET E 58 -30.62 -29.16 20.11
C MET E 58 -29.15 -29.30 19.76
N ALA E 59 -28.27 -29.44 20.75
CA ALA E 59 -26.88 -29.67 20.41
C ALA E 59 -26.64 -31.09 19.95
N GLY E 60 -27.59 -31.98 20.18
CA GLY E 60 -27.50 -33.37 19.78
C GLY E 60 -27.12 -34.32 20.89
N LEU E 61 -26.96 -33.83 22.11
CA LEU E 61 -26.72 -34.71 23.25
C LEU E 61 -27.94 -35.57 23.52
N ASN E 62 -27.70 -36.83 23.87
CA ASN E 62 -28.77 -37.76 24.23
C ASN E 62 -28.81 -38.10 25.71
N ALA E 63 -27.93 -37.52 26.51
CA ALA E 63 -27.90 -37.76 27.95
C ALA E 63 -27.31 -36.53 28.63
N ILE E 64 -27.60 -36.38 29.92
CA ILE E 64 -26.87 -35.40 30.71
C ILE E 64 -26.18 -36.07 31.89
N GLN E 65 -25.14 -35.41 32.37
CA GLN E 65 -24.36 -35.82 33.53
C GLN E 65 -24.43 -34.70 34.56
N MET E 66 -25.12 -34.94 35.66
CA MET E 66 -25.38 -33.88 36.64
C MET E 66 -25.07 -34.39 38.04
N TYR E 67 -24.75 -33.44 38.91
CA TYR E 67 -24.45 -33.72 40.30
C TYR E 67 -25.67 -33.43 41.17
N VAL E 68 -25.81 -34.19 42.25
CA VAL E 68 -26.81 -33.87 43.27
C VAL E 68 -26.03 -33.33 44.46
N PRO E 69 -26.01 -32.03 44.69
CA PRO E 69 -25.31 -31.49 45.86
C PRO E 69 -26.12 -31.70 47.13
N TRP E 70 -25.57 -32.52 48.03
CA TRP E 70 -26.26 -32.86 49.27
C TRP E 70 -26.61 -31.61 50.05
N ASN E 71 -25.67 -30.67 50.14
CA ASN E 71 -25.86 -29.44 50.88
C ASN E 71 -26.94 -28.55 50.28
N PHE E 72 -27.23 -28.70 48.99
CA PHE E 72 -28.30 -27.91 48.38
C PHE E 72 -29.67 -28.31 48.89
N HIS E 73 -29.84 -29.56 49.30
CA HIS E 73 -31.15 -30.02 49.75
C HIS E 73 -31.28 -30.16 51.25
N GLU E 74 -30.18 -30.28 52.00
CA GLU E 74 -30.25 -30.41 53.46
C GLU E 74 -29.31 -29.42 54.13
N PRO E 75 -29.71 -28.15 54.20
CA PRO E 75 -28.81 -27.15 54.80
C PRO E 75 -28.59 -27.39 56.28
N GLN E 76 -29.58 -27.96 56.96
CA GLN E 76 -29.53 -28.30 58.37
C GLN E 76 -29.94 -29.75 58.54
N PRO E 77 -29.33 -30.47 59.50
CA PRO E 77 -29.55 -31.92 59.60
C PRO E 77 -31.02 -32.26 59.77
N GLY E 78 -31.53 -33.10 58.88
CA GLY E 78 -32.90 -33.53 58.96
C GLY E 78 -33.89 -32.57 58.36
N GLN E 79 -33.44 -31.42 57.85
CA GLN E 79 -34.28 -30.49 57.14
C GLN E 79 -34.00 -30.60 55.64
N TYR E 80 -35.03 -30.92 54.88
CA TYR E 80 -34.91 -31.22 53.46
C TYR E 80 -35.77 -30.27 52.64
N GLU E 81 -35.23 -29.81 51.52
CA GLU E 81 -35.95 -28.93 50.61
C GLU E 81 -35.95 -29.54 49.22
N PHE E 82 -37.14 -29.78 48.66
CA PHE E 82 -37.24 -30.47 47.38
C PHE E 82 -38.33 -29.92 46.47
N SER E 83 -38.81 -28.70 46.69
CA SER E 83 -39.93 -28.17 45.93
C SER E 83 -39.49 -26.92 45.18
N GLY E 84 -40.11 -26.69 44.02
CA GLY E 84 -39.81 -25.51 43.24
C GLY E 84 -38.36 -25.51 42.79
N ASP E 85 -37.64 -24.44 43.14
CA ASP E 85 -36.22 -24.38 42.83
C ASP E 85 -35.46 -25.52 43.46
N ARG E 86 -36.02 -26.13 44.50
CA ARG E 86 -35.39 -27.27 45.17
C ARG E 86 -35.82 -28.61 44.60
N ASP E 87 -36.62 -28.63 43.53
CA ASP E 87 -37.24 -29.88 43.07
C ASP E 87 -36.40 -30.55 41.99
N VAL E 88 -35.35 -31.24 42.44
CA VAL E 88 -34.46 -31.93 41.51
C VAL E 88 -35.25 -32.97 40.72
N GLU E 89 -36.17 -33.66 41.40
CA GLU E 89 -36.93 -34.72 40.75
C GLU E 89 -37.72 -34.17 39.57
N HIS E 90 -38.28 -32.97 39.74
CA HIS E 90 -38.95 -32.32 38.62
C HIS E 90 -37.98 -32.03 37.49
N PHE E 91 -36.73 -31.68 37.82
CA PHE E 91 -35.74 -31.42 36.79
C PHE E 91 -35.47 -32.67 35.97
N ILE E 92 -35.30 -33.80 36.65
CA ILE E 92 -35.08 -35.06 35.95
C ILE E 92 -36.30 -35.41 35.10
N GLN E 93 -37.49 -35.21 35.66
CA GLN E 93 -38.71 -35.50 34.89
C GLN E 93 -38.79 -34.63 33.65
N LEU E 94 -38.40 -33.37 33.77
CA LEU E 94 -38.41 -32.46 32.63
C LEU E 94 -37.44 -32.94 31.55
N ALA E 95 -36.24 -33.34 31.97
CA ALA E 95 -35.28 -33.88 31.02
C ALA E 95 -35.86 -35.08 30.30
N HIS E 96 -36.46 -36.00 31.04
CA HIS E 96 -37.12 -37.15 30.41
C HIS E 96 -38.18 -36.71 29.42
N GLU E 97 -38.95 -35.69 29.78
CA GLU E 97 -40.00 -35.21 28.88
C GLU E 97 -39.40 -34.65 27.60
N LEU E 98 -38.18 -34.11 27.67
CA LEU E 98 -37.53 -33.63 26.46
C LEU E 98 -36.88 -34.74 25.64
N GLY E 99 -36.93 -36.00 26.10
CA GLY E 99 -36.31 -37.09 25.38
C GLY E 99 -34.83 -37.23 25.62
N LEU E 100 -34.34 -36.70 26.73
CA LEU E 100 -32.94 -36.78 27.12
C LEU E 100 -32.75 -37.85 28.18
N LEU E 101 -31.67 -38.62 28.08
CA LEU E 101 -31.38 -39.56 29.15
C LEU E 101 -30.59 -38.84 30.24
N VAL E 102 -30.47 -39.48 31.40
CA VAL E 102 -29.78 -38.86 32.52
C VAL E 102 -28.74 -39.79 33.13
N ILE E 103 -27.53 -39.25 33.31
CA ILE E 103 -26.49 -39.86 34.11
C ILE E 103 -26.50 -39.12 35.45
N LEU E 104 -26.85 -39.81 36.53
CA LEU E 104 -26.97 -39.17 37.83
C LEU E 104 -25.69 -39.36 38.63
N ARG E 105 -25.20 -38.28 39.24
CA ARG E 105 -23.98 -38.30 40.03
C ARG E 105 -24.29 -37.75 41.43
N PRO E 106 -24.81 -38.59 42.32
CA PRO E 106 -25.30 -38.10 43.62
C PRO E 106 -24.25 -37.98 44.71
N GLY E 107 -22.98 -38.17 44.41
CA GLY E 107 -21.93 -37.92 45.35
C GLY E 107 -21.74 -39.10 46.28
N PRO E 108 -21.66 -38.86 47.59
CA PRO E 108 -22.07 -37.64 48.29
C PRO E 108 -21.12 -36.47 48.16
N TYR E 109 -19.89 -36.70 47.69
CA TYR E 109 -18.97 -35.61 47.37
C TYR E 109 -18.96 -35.41 45.87
N ILE E 110 -19.08 -34.16 45.43
CA ILE E 110 -19.15 -33.88 44.00
C ILE E 110 -18.02 -32.98 43.52
N CYS E 111 -17.24 -32.39 44.44
CA CYS E 111 -16.20 -31.44 44.06
C CYS E 111 -16.84 -30.25 43.37
N ALA E 112 -16.69 -30.18 42.05
CA ALA E 112 -17.55 -29.39 41.19
C ALA E 112 -17.40 -27.90 41.42
N GLU E 113 -16.31 -27.49 42.07
CA GLU E 113 -16.13 -26.10 42.48
C GLU E 113 -17.38 -25.62 43.20
N TRP E 114 -17.90 -26.48 44.06
CA TRP E 114 -19.11 -26.25 44.82
C TRP E 114 -18.79 -26.41 46.29
N ASP E 115 -19.56 -25.75 47.13
CA ASP E 115 -19.16 -25.59 48.53
C ASP E 115 -19.00 -26.93 49.23
N MET E 116 -17.81 -27.14 49.81
CA MET E 116 -17.48 -28.31 50.64
C MET E 116 -17.78 -29.62 49.91
N GLY E 117 -17.70 -29.57 48.58
CA GLY E 117 -17.96 -30.76 47.77
C GLY E 117 -19.34 -31.32 47.97
N GLY E 118 -20.29 -30.48 48.35
CA GLY E 118 -21.66 -30.90 48.51
C GLY E 118 -22.02 -31.33 49.92
N LEU E 119 -21.03 -31.55 50.76
CA LEU E 119 -21.26 -32.05 52.11
C LEU E 119 -21.74 -30.91 53.00
N PRO E 120 -22.72 -31.18 53.87
CA PRO E 120 -23.26 -30.12 54.71
C PRO E 120 -22.28 -29.71 55.79
N ALA E 121 -22.19 -28.40 56.02
CA ALA E 121 -21.21 -27.87 56.95
C ALA E 121 -21.45 -28.34 58.38
N TRP E 122 -22.70 -28.63 58.73
CA TRP E 122 -23.00 -29.11 60.07
C TRP E 122 -22.36 -30.47 60.39
N LEU E 123 -21.89 -31.20 59.38
CA LEU E 123 -21.08 -32.38 59.66
C LEU E 123 -19.90 -32.03 60.53
N LEU E 124 -19.36 -30.82 60.38
CA LEU E 124 -18.19 -30.35 61.11
C LEU E 124 -18.50 -30.04 62.57
N GLU E 125 -19.74 -30.24 63.03
CA GLU E 125 -20.04 -30.06 64.45
C GLU E 125 -19.26 -31.02 65.33
N LYS E 126 -18.87 -32.19 64.79
CA LYS E 126 -17.83 -33.00 65.41
C LYS E 126 -16.49 -32.51 64.89
N GLN E 127 -15.68 -31.95 65.79
CA GLN E 127 -14.50 -31.20 65.38
C GLN E 127 -13.51 -32.09 64.65
N SER E 128 -13.29 -33.30 65.15
CA SER E 128 -12.28 -34.19 64.56
C SER E 128 -12.86 -35.17 63.58
N ILE E 129 -14.15 -35.06 63.25
CA ILE E 129 -14.80 -35.98 62.33
C ILE E 129 -14.01 -36.00 61.02
N VAL E 130 -14.08 -37.11 60.29
CA VAL E 130 -13.37 -37.24 59.03
C VAL E 130 -14.39 -37.45 57.92
N LEU E 131 -14.29 -36.66 56.87
CA LEU E 131 -15.16 -36.82 55.70
C LEU E 131 -14.52 -37.75 54.70
N ARG E 132 -15.38 -38.42 53.92
CA ARG E 132 -14.95 -39.34 52.87
C ARG E 132 -14.02 -40.41 53.44
N SER E 133 -14.49 -41.06 54.51
CA SER E 133 -13.75 -42.12 55.18
C SER E 133 -14.77 -43.06 55.82
N SER E 134 -14.27 -44.04 56.57
CA SER E 134 -15.11 -44.96 57.32
C SER E 134 -15.50 -44.44 58.69
N ASP E 135 -15.29 -43.16 58.96
CA ASP E 135 -15.79 -42.54 60.17
C ASP E 135 -17.25 -42.91 60.43
N PRO E 136 -17.55 -43.56 61.56
CA PRO E 136 -18.91 -44.09 61.75
C PRO E 136 -19.98 -43.01 61.65
N ASP E 137 -19.68 -41.80 62.12
CA ASP E 137 -20.68 -40.73 62.07
C ASP E 137 -20.84 -40.22 60.66
N TYR E 138 -19.74 -40.16 59.92
CA TYR E 138 -19.81 -39.79 58.51
C TYR E 138 -20.61 -40.81 57.74
N LEU E 139 -20.31 -42.10 57.96
CA LEU E 139 -20.98 -43.14 57.22
C LEU E 139 -22.46 -43.15 57.55
N VAL E 140 -22.80 -42.90 58.82
CA VAL E 140 -24.21 -42.85 59.22
C VAL E 140 -24.91 -41.70 58.52
N ALA E 141 -24.29 -40.52 58.50
CA ALA E 141 -24.92 -39.37 57.87
C ALA E 141 -25.08 -39.57 56.36
N VAL E 142 -24.03 -40.05 55.71
CA VAL E 142 -24.11 -40.44 54.30
C VAL E 142 -25.26 -41.41 54.08
N ASP E 143 -25.33 -42.47 54.90
CA ASP E 143 -26.37 -43.46 54.73
C ASP E 143 -27.75 -42.82 54.83
N LYS E 144 -27.93 -41.92 55.79
CA LYS E 144 -29.23 -41.30 55.97
C LYS E 144 -29.59 -40.44 54.76
N TRP E 145 -28.61 -39.69 54.27
CA TRP E 145 -28.82 -38.88 53.08
C TRP E 145 -29.19 -39.74 51.89
N LEU E 146 -28.46 -40.83 51.67
CA LEU E 146 -28.80 -41.74 50.58
C LEU E 146 -30.21 -42.31 50.77
N ALA E 147 -30.53 -42.74 51.99
CA ALA E 147 -31.86 -43.29 52.25
C ALA E 147 -32.96 -42.29 52.00
N VAL E 148 -32.64 -41.00 52.02
CA VAL E 148 -33.61 -39.97 51.67
C VAL E 148 -33.64 -39.68 50.18
N LEU E 149 -32.47 -39.45 49.59
CA LEU E 149 -32.36 -39.06 48.18
C LEU E 149 -32.68 -40.18 47.22
N LEU E 150 -32.05 -41.35 47.39
CA LEU E 150 -32.17 -42.42 46.42
C LEU E 150 -33.58 -42.93 46.19
N PRO E 151 -34.46 -43.06 47.18
CA PRO E 151 -35.84 -43.47 46.84
C PRO E 151 -36.56 -42.47 45.96
N LYS E 152 -36.19 -41.18 46.03
CA LYS E 152 -36.73 -40.25 45.06
C LYS E 152 -36.23 -40.54 43.65
N MET E 153 -35.00 -41.00 43.51
CA MET E 153 -34.44 -41.30 42.19
C MET E 153 -34.90 -42.64 41.64
N LYS E 154 -35.29 -43.57 42.52
CA LYS E 154 -35.69 -44.91 42.09
C LYS E 154 -36.73 -44.92 40.97
N PRO E 155 -37.85 -44.20 41.06
CA PRO E 155 -38.81 -44.27 39.95
C PRO E 155 -38.27 -43.63 38.69
N LEU E 156 -37.24 -42.82 38.80
CA LEU E 156 -36.64 -42.17 37.65
C LEU E 156 -35.57 -43.04 36.98
N LEU E 157 -35.31 -44.23 37.50
CA LEU E 157 -34.33 -45.12 36.87
C LEU E 157 -34.86 -45.66 35.56
N TYR E 158 -33.93 -45.89 34.62
CA TYR E 158 -34.32 -46.31 33.27
C TYR E 158 -35.18 -47.56 33.32
N GLN E 159 -34.84 -48.50 34.20
CA GLN E 159 -35.56 -49.77 34.19
C GLN E 159 -36.93 -49.63 34.83
N ASN E 160 -37.19 -48.52 35.48
CA ASN E 160 -38.50 -48.21 36.03
C ASN E 160 -39.25 -47.22 35.17
N GLY E 161 -38.69 -46.88 34.01
CA GLY E 161 -39.33 -46.04 33.02
C GLY E 161 -38.87 -44.60 32.99
N GLY E 162 -37.85 -44.24 33.77
CA GLY E 162 -37.33 -42.90 33.76
C GLY E 162 -36.06 -42.74 32.93
N PRO E 163 -35.44 -41.58 33.04
CA PRO E 163 -34.24 -41.26 32.24
C PRO E 163 -32.90 -41.61 32.85
N ILE E 164 -32.84 -42.27 34.00
CA ILE E 164 -31.57 -42.49 34.70
C ILE E 164 -30.97 -43.81 34.24
N ILE E 165 -29.79 -43.73 33.62
CA ILE E 165 -29.18 -44.90 33.00
C ILE E 165 -27.91 -45.36 33.72
N THR E 166 -27.13 -44.44 34.31
CA THR E 166 -25.94 -44.79 35.05
C THR E 166 -25.81 -43.87 36.26
N VAL E 167 -25.05 -44.30 37.26
CA VAL E 167 -24.91 -43.55 38.49
C VAL E 167 -23.46 -43.54 38.94
N GLN E 168 -22.92 -42.34 39.14
CA GLN E 168 -21.58 -42.15 39.68
C GLN E 168 -21.61 -42.30 41.20
N VAL E 169 -20.61 -42.99 41.75
CA VAL E 169 -20.48 -43.09 43.19
C VAL E 169 -19.49 -42.11 43.82
N GLU E 170 -18.51 -41.62 43.07
CA GLU E 170 -17.54 -40.72 43.69
C GLU E 170 -17.09 -39.69 42.66
N ASN E 171 -15.93 -39.07 42.91
CA ASN E 171 -15.38 -38.10 41.99
C ASN E 171 -13.90 -37.96 42.30
N GLU E 172 -13.05 -38.43 41.39
CA GLU E 172 -11.60 -38.43 41.58
C GLU E 172 -11.23 -38.89 42.99
N TYR E 173 -11.78 -40.04 43.39
CA TYR E 173 -11.53 -40.53 44.74
C TYR E 173 -10.06 -40.82 44.94
N GLY E 174 -9.33 -41.06 43.86
CA GLY E 174 -7.91 -41.33 43.91
C GLY E 174 -7.07 -40.14 44.31
N SER E 175 -7.67 -38.95 44.27
CA SER E 175 -7.01 -37.74 44.70
C SER E 175 -7.15 -37.50 46.20
N TYR E 176 -7.99 -38.27 46.88
CA TYR E 176 -8.21 -38.06 48.30
C TYR E 176 -7.19 -38.90 49.06
N PHE E 177 -6.80 -38.41 50.25
CA PHE E 177 -5.72 -39.06 50.99
C PHE E 177 -6.11 -40.42 51.55
N ALA E 178 -7.39 -40.63 51.82
CA ALA E 178 -7.78 -41.76 52.66
C ALA E 178 -7.52 -43.10 51.99
N CYS E 179 -7.79 -43.21 50.68
CA CYS E 179 -7.63 -44.49 49.98
C CYS E 179 -8.39 -45.59 50.69
N ASP E 180 -9.60 -45.26 51.14
CA ASP E 180 -10.42 -46.20 51.88
C ASP E 180 -11.27 -46.99 50.90
N TYR E 181 -11.04 -48.29 50.85
CA TYR E 181 -11.89 -49.16 50.06
C TYR E 181 -13.04 -49.72 50.87
N ASP E 182 -12.93 -49.72 52.20
CA ASP E 182 -14.08 -50.04 53.03
C ASP E 182 -15.17 -48.98 52.84
N TYR E 183 -14.76 -47.71 52.72
CA TYR E 183 -15.71 -46.62 52.52
C TYR E 183 -16.47 -46.80 51.21
N LEU E 184 -15.74 -47.04 50.13
CA LEU E 184 -16.36 -47.30 48.84
C LEU E 184 -17.26 -48.52 48.88
N ARG E 185 -16.78 -49.61 49.49
CA ARG E 185 -17.65 -50.77 49.64
C ARG E 185 -18.92 -50.43 50.39
N PHE E 186 -18.83 -49.59 51.43
CA PHE E 186 -20.02 -49.24 52.19
C PHE E 186 -21.01 -48.46 51.33
N LEU E 187 -20.49 -47.48 50.61
CA LEU E 187 -21.33 -46.75 49.65
C LEU E 187 -21.97 -47.70 48.66
N VAL E 188 -21.18 -48.62 48.09
CA VAL E 188 -21.71 -49.47 47.04
C VAL E 188 -22.80 -50.38 47.57
N HIS E 189 -22.59 -50.94 48.77
CA HIS E 189 -23.62 -51.76 49.38
C HIS E 189 -24.90 -50.97 49.58
N ARG E 190 -24.77 -49.73 50.09
CA ARG E 190 -25.98 -48.95 50.33
C ARG E 190 -26.66 -48.55 49.03
N PHE E 191 -25.89 -48.24 47.99
CA PHE E 191 -26.50 -47.90 46.71
C PHE E 191 -27.21 -49.11 46.13
N ARG E 192 -26.59 -50.28 46.17
CA ARG E 192 -27.26 -51.47 45.68
C ARG E 192 -28.54 -51.75 46.48
N TYR E 193 -28.48 -51.53 47.80
CA TYR E 193 -29.63 -51.82 48.64
C TYR E 193 -30.80 -50.91 48.32
N HIS E 194 -30.56 -49.61 48.24
CA HIS E 194 -31.66 -48.68 48.00
C HIS E 194 -32.10 -48.65 46.55
N LEU E 195 -31.20 -48.85 45.59
CA LEU E 195 -31.53 -48.67 44.20
C LEU E 195 -31.73 -49.96 43.42
N GLY E 196 -31.26 -51.08 43.95
CA GLY E 196 -31.45 -52.35 43.29
C GLY E 196 -30.23 -52.76 42.47
N ASN E 197 -30.11 -54.06 42.22
CA ASN E 197 -28.98 -54.56 41.47
C ASN E 197 -28.99 -54.14 40.01
N ASP E 198 -30.13 -53.66 39.51
CA ASP E 198 -30.26 -53.41 38.08
C ASP E 198 -29.45 -52.20 37.65
N VAL E 199 -29.35 -51.19 38.51
CA VAL E 199 -28.65 -49.94 38.23
C VAL E 199 -27.25 -50.19 37.68
N ILE E 200 -26.78 -49.31 36.82
CA ILE E 200 -25.41 -49.34 36.35
C ILE E 200 -24.62 -48.30 37.13
N LEU E 201 -23.57 -48.74 37.81
CA LEU E 201 -22.79 -47.89 38.69
C LEU E 201 -21.39 -47.72 38.12
N PHE E 202 -20.87 -46.49 38.16
CA PHE E 202 -19.58 -46.22 37.58
C PHE E 202 -18.85 -45.22 38.47
N THR E 203 -17.53 -45.11 38.24
CA THR E 203 -16.71 -44.12 38.89
C THR E 203 -16.04 -43.22 37.86
N THR E 204 -15.57 -42.07 38.33
CA THR E 204 -14.79 -41.16 37.53
C THR E 204 -13.54 -40.76 38.30
N ASP E 205 -12.39 -40.83 37.64
CA ASP E 205 -11.14 -40.42 38.25
C ASP E 205 -10.24 -39.75 37.22
N GLY E 206 -9.21 -39.09 37.72
CA GLY E 206 -8.21 -38.53 36.85
C GLY E 206 -7.55 -39.59 35.99
N ALA E 207 -7.16 -39.21 34.78
CA ALA E 207 -6.70 -40.19 33.79
C ALA E 207 -5.23 -40.51 34.05
N SER E 208 -5.03 -41.28 35.13
CA SER E 208 -3.74 -41.86 35.47
C SER E 208 -4.01 -43.00 36.43
N GLU E 209 -3.35 -44.13 36.19
CA GLU E 209 -3.65 -45.33 36.95
C GLU E 209 -3.47 -45.12 38.45
N LYS E 210 -2.60 -44.18 38.83
CA LYS E 210 -2.36 -43.94 40.25
C LYS E 210 -3.64 -43.58 40.97
N MET E 211 -4.50 -42.79 40.33
CA MET E 211 -5.76 -42.41 40.95
C MET E 211 -6.75 -43.58 40.95
N LEU E 212 -6.84 -44.33 39.85
CA LEU E 212 -7.75 -45.45 39.83
C LEU E 212 -7.38 -46.48 40.89
N LYS E 213 -6.08 -46.53 41.24
CA LYS E 213 -5.60 -47.45 42.26
C LYS E 213 -6.46 -47.35 43.51
N CYS E 214 -6.77 -46.13 43.92
CA CYS E 214 -7.54 -45.89 45.13
C CYS E 214 -8.98 -45.54 44.83
N GLY E 215 -9.34 -45.40 43.55
CA GLY E 215 -10.70 -45.03 43.23
C GLY E 215 -11.61 -46.18 42.83
N THR E 216 -11.10 -47.13 42.07
CA THR E 216 -11.97 -48.17 41.53
C THR E 216 -12.46 -49.11 42.62
N LEU E 217 -13.27 -50.09 42.23
CA LEU E 217 -13.82 -51.06 43.16
C LEU E 217 -14.52 -52.17 42.38
N GLN E 218 -14.38 -53.40 42.85
CA GLN E 218 -15.15 -54.53 42.33
C GLN E 218 -16.63 -54.22 42.32
N ASP E 219 -17.35 -54.89 41.40
CA ASP E 219 -18.80 -54.77 41.28
C ASP E 219 -19.22 -53.33 41.04
N LEU E 220 -18.33 -52.58 40.41
CA LEU E 220 -18.60 -51.18 40.11
C LEU E 220 -17.74 -50.79 38.91
N TYR E 221 -18.37 -50.27 37.87
CA TYR E 221 -17.65 -49.97 36.65
C TYR E 221 -16.70 -48.80 36.89
N ALA E 222 -15.60 -48.77 36.15
CA ALA E 222 -14.56 -47.77 36.35
C ALA E 222 -14.41 -46.92 35.11
N THR E 223 -14.42 -45.60 35.30
CA THR E 223 -14.15 -44.66 34.22
C THR E 223 -13.19 -43.59 34.70
N VAL E 224 -12.66 -42.86 33.73
CA VAL E 224 -11.68 -41.80 33.94
C VAL E 224 -12.22 -40.50 33.37
N ASP E 225 -11.56 -39.40 33.71
CA ASP E 225 -11.78 -38.13 33.02
C ASP E 225 -10.45 -37.58 32.55
N PHE E 226 -10.50 -36.78 31.48
CA PHE E 226 -9.32 -36.13 30.94
C PHE E 226 -9.74 -35.13 29.88
N GLY E 227 -8.95 -34.07 29.74
CA GLY E 227 -9.16 -33.06 28.73
C GLY E 227 -8.21 -33.15 27.57
N THR E 228 -7.94 -32.02 26.92
CA THR E 228 -7.18 -32.02 25.67
C THR E 228 -5.70 -32.19 25.89
N GLY E 229 -5.22 -32.04 27.12
CA GLY E 229 -3.82 -32.16 27.43
C GLY E 229 -3.43 -33.51 27.99
N ASN E 230 -4.08 -34.56 27.50
CA ASN E 230 -3.78 -35.93 27.91
C ASN E 230 -3.68 -36.81 26.68
N ASN E 231 -2.75 -37.74 26.69
CA ASN E 231 -2.70 -38.73 25.63
C ASN E 231 -3.95 -39.58 25.67
N ILE E 232 -4.76 -39.50 24.61
CA ILE E 232 -6.04 -40.19 24.60
C ILE E 232 -5.84 -41.69 24.63
N THR E 233 -4.95 -42.18 23.76
CA THR E 233 -4.56 -43.59 23.76
C THR E 233 -4.12 -44.03 25.16
N GLN E 234 -3.23 -43.25 25.77
CA GLN E 234 -2.75 -43.62 27.10
C GLN E 234 -3.88 -43.61 28.11
N ALA E 235 -4.78 -42.62 28.02
CA ALA E 235 -5.89 -42.53 28.95
C ALA E 235 -6.79 -43.76 28.87
N PHE E 236 -7.18 -44.13 27.66
CA PHE E 236 -8.08 -45.27 27.56
C PHE E 236 -7.35 -46.59 27.80
N LEU E 237 -6.06 -46.65 27.51
CA LEU E 237 -5.26 -47.80 27.97
C LEU E 237 -5.30 -47.91 29.48
N VAL E 238 -5.18 -46.76 30.17
CA VAL E 238 -5.26 -46.76 31.62
C VAL E 238 -6.62 -47.27 32.08
N GLN E 239 -7.69 -46.82 31.43
CA GLN E 239 -9.00 -47.32 31.78
C GLN E 239 -9.10 -48.82 31.56
N ARG E 240 -8.63 -49.29 30.41
CA ARG E 240 -8.75 -50.70 30.04
C ARG E 240 -7.94 -51.58 30.97
N LYS E 241 -6.86 -51.05 31.54
CA LYS E 241 -6.14 -51.80 32.55
C LYS E 241 -7.02 -52.10 33.76
N PHE E 242 -8.05 -51.29 33.99
CA PHE E 242 -9.01 -51.52 35.06
C PHE E 242 -10.35 -52.06 34.56
N GLU E 243 -10.70 -51.82 33.30
CA GLU E 243 -11.90 -52.39 32.69
C GLU E 243 -11.49 -53.00 31.36
N PRO E 244 -11.02 -54.24 31.36
CA PRO E 244 -10.62 -54.87 30.09
C PRO E 244 -11.74 -54.93 29.07
N LYS E 245 -12.99 -55.02 29.51
CA LYS E 245 -14.13 -55.14 28.63
C LYS E 245 -15.19 -54.11 29.00
N GLY E 246 -15.85 -53.59 27.97
CA GLY E 246 -16.86 -52.57 28.14
C GLY E 246 -16.54 -51.26 27.46
N PRO E 247 -17.49 -50.35 27.48
CA PRO E 247 -17.31 -49.08 26.77
C PRO E 247 -16.20 -48.25 27.38
N LEU E 248 -15.44 -47.58 26.52
CA LEU E 248 -14.52 -46.55 26.98
C LEU E 248 -15.34 -45.33 27.37
N ILE E 249 -15.02 -44.73 28.52
CA ILE E 249 -15.81 -43.58 28.98
C ILE E 249 -14.91 -42.52 29.61
N ASN E 250 -15.05 -41.29 29.12
CA ASN E 250 -14.50 -40.08 29.73
C ASN E 250 -15.69 -39.32 30.31
N SER E 251 -15.84 -39.34 31.62
CA SER E 251 -17.02 -38.74 32.22
C SER E 251 -16.94 -37.22 32.32
N GLU E 252 -15.74 -36.65 32.25
CA GLU E 252 -15.58 -35.20 32.29
C GLU E 252 -14.45 -34.86 31.34
N PHE E 253 -14.78 -34.73 30.06
CA PHE E 253 -13.84 -34.24 29.07
C PHE E 253 -13.94 -32.72 29.09
N TYR E 254 -12.92 -32.08 29.63
CA TYR E 254 -13.01 -30.65 29.94
C TYR E 254 -12.95 -29.83 28.67
N THR E 255 -14.00 -29.05 28.45
CA THR E 255 -14.16 -28.15 27.31
C THR E 255 -13.60 -26.78 27.59
N GLY E 256 -13.22 -26.51 28.83
CA GLY E 256 -12.79 -25.22 29.30
C GLY E 256 -12.17 -25.47 30.65
N TRP E 257 -12.22 -24.51 31.56
CA TRP E 257 -11.65 -24.76 32.87
C TRP E 257 -12.25 -23.79 33.87
N LEU E 258 -12.06 -24.10 35.14
CA LEU E 258 -12.55 -23.22 36.18
C LEU E 258 -11.67 -21.98 36.29
N ASP E 259 -12.19 -20.98 36.99
CA ASP E 259 -11.46 -19.75 37.27
C ASP E 259 -11.17 -19.64 38.75
N HIS E 260 -10.24 -18.74 39.06
CA HIS E 260 -10.07 -18.25 40.41
C HIS E 260 -10.02 -16.73 40.37
N TRP E 261 -10.50 -16.11 41.44
CA TRP E 261 -10.33 -14.67 41.60
C TRP E 261 -8.86 -14.31 41.43
N GLY E 262 -8.62 -13.23 40.69
CA GLY E 262 -7.24 -12.80 40.47
C GLY E 262 -6.52 -13.55 39.40
N LYS E 263 -6.64 -14.87 39.40
CA LYS E 263 -6.05 -15.66 38.33
C LYS E 263 -6.73 -15.29 37.01
N PRO E 264 -5.98 -15.15 35.92
CA PRO E 264 -6.60 -14.76 34.66
C PRO E 264 -7.62 -15.81 34.25
N HIS E 265 -8.68 -15.35 33.59
CA HIS E 265 -9.70 -16.26 33.10
C HIS E 265 -9.09 -17.29 32.17
N SER E 266 -9.36 -18.56 32.43
CA SER E 266 -8.85 -19.62 31.58
C SER E 266 -9.62 -19.62 30.27
N THR E 267 -8.91 -19.71 29.16
CA THR E 267 -9.53 -19.85 27.86
C THR E 267 -8.83 -20.94 27.07
N VAL E 268 -9.62 -21.85 26.51
CA VAL E 268 -9.13 -22.91 25.64
C VAL E 268 -9.78 -22.70 24.27
N LYS E 269 -8.98 -22.76 23.22
CA LYS E 269 -9.50 -22.52 21.88
C LYS E 269 -10.61 -23.51 21.55
N THR E 270 -11.69 -22.97 20.97
CA THR E 270 -12.82 -23.78 20.53
C THR E 270 -12.39 -24.97 19.68
N LYS E 271 -11.75 -24.70 18.55
CA LYS E 271 -11.51 -25.76 17.58
C LYS E 271 -10.53 -26.81 18.09
N THR E 272 -9.67 -26.45 19.04
CA THR E 272 -8.84 -27.48 19.69
C THR E 272 -9.72 -28.49 20.43
N LEU E 273 -10.67 -27.97 21.21
CA LEU E 273 -11.64 -28.84 21.85
C LEU E 273 -12.42 -29.65 20.83
N ALA E 274 -12.76 -29.02 19.70
CA ALA E 274 -13.52 -29.73 18.67
C ALA E 274 -12.73 -30.90 18.11
N THR E 275 -11.46 -30.66 17.79
CA THR E 275 -10.61 -31.72 17.25
C THR E 275 -10.47 -32.85 18.25
N SER E 276 -10.22 -32.51 19.52
CA SER E 276 -10.09 -33.55 20.53
C SER E 276 -11.38 -34.34 20.66
N LEU E 277 -12.51 -33.65 20.65
CA LEU E 277 -13.79 -34.33 20.77
C LEU E 277 -13.99 -35.31 19.63
N TYR E 278 -13.68 -34.87 18.40
CA TYR E 278 -13.77 -35.77 17.26
C TYR E 278 -12.89 -37.00 17.47
N ASN E 279 -11.67 -36.80 17.96
CA ASN E 279 -10.78 -37.92 18.21
C ASN E 279 -11.40 -38.91 19.20
N LEU E 280 -11.92 -38.39 20.30
CA LEU E 280 -12.57 -39.24 21.29
C LEU E 280 -13.75 -39.99 20.68
N LEU E 281 -14.56 -39.31 19.89
CA LEU E 281 -15.74 -39.93 19.30
C LEU E 281 -15.34 -41.03 18.33
N ALA E 282 -14.27 -40.81 17.56
CA ALA E 282 -13.81 -41.81 16.62
C ALA E 282 -13.42 -43.13 17.27
N ARG E 283 -13.04 -43.12 18.55
CA ARG E 283 -12.81 -44.41 19.19
C ARG E 283 -14.09 -45.11 19.59
N GLY E 284 -15.24 -44.46 19.47
CA GLY E 284 -16.47 -45.09 19.87
C GLY E 284 -16.77 -45.02 21.35
N ALA E 285 -16.00 -44.23 22.09
CA ALA E 285 -16.16 -44.14 23.54
C ALA E 285 -17.45 -43.38 23.90
N ASN E 286 -17.67 -43.26 25.20
CA ASN E 286 -18.72 -42.42 25.76
C ASN E 286 -18.09 -41.20 26.39
N VAL E 287 -18.52 -40.02 25.98
CA VAL E 287 -17.94 -38.77 26.47
C VAL E 287 -19.05 -37.86 26.97
N ASN E 288 -18.77 -37.18 28.07
CA ASN E 288 -19.61 -36.13 28.62
C ASN E 288 -18.81 -34.84 28.63
N LEU E 289 -19.38 -33.77 28.09
CA LEU E 289 -18.71 -32.48 28.06
C LEU E 289 -18.97 -31.72 29.36
N TYR E 290 -17.93 -31.59 30.17
CA TYR E 290 -17.93 -30.85 31.43
C TYR E 290 -17.19 -29.55 31.21
N MET E 291 -17.86 -28.41 31.38
CA MET E 291 -19.28 -28.26 31.54
C MET E 291 -19.88 -27.94 30.18
N PHE E 292 -21.17 -28.22 30.01
CA PHE E 292 -21.90 -27.77 28.84
C PHE E 292 -22.53 -26.40 29.05
N ILE E 293 -23.19 -26.23 30.20
CA ILE E 293 -23.46 -24.92 30.78
C ILE E 293 -22.87 -24.89 32.17
N GLY E 294 -22.26 -23.76 32.51
CA GLY E 294 -21.72 -23.55 33.84
C GLY E 294 -22.71 -22.93 34.80
N GLY E 295 -23.44 -21.92 34.39
CA GLY E 295 -24.36 -21.31 35.34
C GLY E 295 -23.72 -20.38 36.33
N THR E 296 -24.10 -20.48 37.60
CA THR E 296 -23.83 -19.40 38.54
C THR E 296 -23.42 -19.95 39.89
N ASN E 297 -22.49 -19.24 40.51
CA ASN E 297 -22.04 -19.38 41.89
C ASN E 297 -22.82 -18.45 42.79
N PHE E 298 -23.89 -18.98 43.38
CA PHE E 298 -24.77 -18.16 44.20
C PHE E 298 -24.09 -17.86 45.53
N ALA E 299 -24.74 -17.01 46.32
CA ALA E 299 -24.25 -16.52 47.61
C ALA E 299 -23.09 -17.29 48.21
N TYR E 300 -23.27 -18.49 48.73
CA TYR E 300 -22.08 -19.09 49.32
C TYR E 300 -21.75 -20.44 48.69
N TRP E 301 -22.22 -20.68 47.47
CA TRP E 301 -22.06 -22.01 46.89
C TRP E 301 -20.68 -22.26 46.31
N ASN E 302 -19.81 -21.25 46.26
CA ASN E 302 -18.49 -21.48 45.69
C ASN E 302 -17.66 -22.39 46.57
N GLY E 303 -16.69 -23.05 45.94
CA GLY E 303 -15.71 -23.86 46.62
C GLY E 303 -14.37 -23.17 46.74
N ALA E 304 -13.34 -23.98 46.96
CA ALA E 304 -11.98 -23.46 47.11
C ALA E 304 -11.00 -24.58 46.87
N ASN E 305 -9.79 -24.20 46.48
CA ASN E 305 -8.65 -25.10 46.38
C ASN E 305 -7.65 -24.81 47.49
N THR E 306 -6.51 -25.49 47.44
CA THR E 306 -5.39 -25.20 48.32
C THR E 306 -4.13 -25.13 47.46
N PRO E 307 -3.27 -24.11 47.63
CA PRO E 307 -3.39 -23.02 48.60
C PRO E 307 -4.57 -22.12 48.30
N TYR E 308 -5.19 -21.59 49.36
CA TYR E 308 -6.56 -21.09 49.29
C TYR E 308 -6.75 -20.18 48.07
N GLU E 309 -7.79 -20.48 47.29
CA GLU E 309 -8.09 -19.65 46.14
C GLU E 309 -9.55 -19.83 45.75
N PRO E 310 -10.46 -19.00 46.26
CA PRO E 310 -11.87 -19.21 46.01
C PRO E 310 -12.24 -18.97 44.56
N GLN E 311 -13.21 -19.74 44.09
CA GLN E 311 -13.76 -19.56 42.76
C GLN E 311 -14.73 -18.39 42.75
N PRO E 312 -14.81 -17.65 41.65
CA PRO E 312 -15.68 -16.48 41.61
C PRO E 312 -17.15 -16.82 41.42
N THR E 313 -17.96 -15.76 41.38
CA THR E 313 -19.40 -15.90 41.16
C THR E 313 -19.70 -16.50 39.80
N SER E 314 -19.08 -15.96 38.75
CA SER E 314 -19.28 -16.53 37.42
C SER E 314 -18.75 -17.95 37.39
N TYR E 315 -19.56 -18.85 36.84
CA TYR E 315 -19.12 -20.19 36.51
C TYR E 315 -19.21 -20.41 35.01
N ASP E 316 -18.99 -19.33 34.24
CA ASP E 316 -19.05 -19.42 32.79
C ASP E 316 -18.29 -20.62 32.25
N TYR E 317 -17.11 -20.88 32.79
CA TYR E 317 -16.31 -22.06 32.54
C TYR E 317 -15.74 -22.06 31.12
N ASP E 318 -16.00 -21.03 30.32
CA ASP E 318 -15.81 -21.09 28.87
C ASP E 318 -16.61 -22.25 28.26
N ALA E 319 -17.77 -22.54 28.86
CA ALA E 319 -18.60 -23.66 28.43
C ALA E 319 -19.23 -23.38 27.07
N PRO E 320 -19.71 -24.43 26.39
CA PRO E 320 -20.40 -24.21 25.10
C PRO E 320 -21.59 -23.28 25.20
N LEU E 321 -22.33 -23.33 26.30
CA LEU E 321 -23.33 -22.33 26.61
C LEU E 321 -22.75 -21.37 27.63
N SER E 322 -22.85 -20.07 27.34
CA SER E 322 -22.31 -19.06 28.24
C SER E 322 -23.13 -19.02 29.52
N GLU E 323 -22.61 -18.28 30.51
CA GLU E 323 -23.28 -18.22 31.80
C GLU E 323 -24.75 -17.87 31.63
N ALA E 324 -25.04 -16.93 30.75
CA ALA E 324 -26.42 -16.53 30.53
C ALA E 324 -27.07 -17.35 29.43
N GLY E 325 -26.40 -18.39 28.96
CA GLY E 325 -27.00 -19.32 28.04
C GLY E 325 -26.83 -18.98 26.58
N ASP E 326 -25.93 -18.06 26.24
CA ASP E 326 -25.79 -17.66 24.85
C ASP E 326 -25.21 -18.79 24.00
N LEU E 327 -25.70 -18.89 22.78
CA LEU E 327 -25.07 -19.73 21.78
C LEU E 327 -23.75 -19.12 21.36
N THR E 328 -22.66 -19.85 21.57
CA THR E 328 -21.33 -19.37 21.26
C THR E 328 -20.80 -20.13 20.06
N LYS E 329 -19.72 -19.61 19.48
CA LYS E 329 -19.07 -20.32 18.37
C LYS E 329 -18.75 -21.74 18.78
N LYS E 330 -18.40 -21.94 20.05
CA LYS E 330 -18.13 -23.28 20.56
C LYS E 330 -19.35 -24.18 20.44
N TYR E 331 -20.53 -23.65 20.75
CA TYR E 331 -21.75 -24.44 20.66
C TYR E 331 -21.96 -24.98 19.26
N PHE E 332 -21.99 -24.10 18.25
CA PHE E 332 -22.17 -24.56 16.88
C PHE E 332 -21.06 -25.49 16.43
N ALA E 333 -19.82 -25.23 16.84
CA ALA E 333 -18.73 -26.13 16.49
C ALA E 333 -18.97 -27.52 17.05
N LEU E 334 -19.43 -27.61 18.30
CA LEU E 334 -19.61 -28.91 18.91
C LEU E 334 -20.82 -29.62 18.33
N ARG E 335 -21.91 -28.90 18.09
CA ARG E 335 -23.04 -29.45 17.33
C ARG E 335 -22.59 -30.03 16.00
N GLU E 336 -21.76 -29.28 15.27
CA GLU E 336 -21.27 -29.77 13.98
C GLU E 336 -20.48 -31.06 14.16
N VAL E 337 -19.61 -31.10 15.17
CA VAL E 337 -18.82 -32.30 15.41
C VAL E 337 -19.74 -33.48 15.74
N ILE E 338 -20.70 -33.25 16.64
CA ILE E 338 -21.57 -34.33 17.11
C ILE E 338 -22.42 -34.87 15.97
N GLN E 339 -22.94 -33.99 15.12
CA GLN E 339 -23.71 -34.44 13.97
C GLN E 339 -22.96 -35.41 13.07
N MET E 340 -21.64 -35.54 13.23
CA MET E 340 -20.92 -36.57 12.51
C MET E 340 -21.38 -37.96 12.94
N PHE E 341 -21.63 -38.16 14.22
CA PHE E 341 -21.88 -39.49 14.78
C PHE E 341 -23.33 -39.74 15.17
N LYS E 342 -24.20 -38.75 15.06
CA LYS E 342 -25.61 -38.99 15.30
C LYS E 342 -26.42 -37.90 14.63
N GLU E 343 -27.60 -38.28 14.14
CA GLU E 343 -28.56 -37.29 13.66
C GLU E 343 -28.88 -36.32 14.79
N VAL E 344 -28.94 -35.04 14.46
CA VAL E 344 -29.21 -34.03 15.47
C VAL E 344 -30.69 -33.68 15.38
N PRO E 345 -31.34 -33.27 16.47
CA PRO E 345 -32.78 -33.02 16.42
C PRO E 345 -33.12 -32.00 15.35
N GLU E 346 -34.32 -32.13 14.81
CA GLU E 346 -34.78 -31.19 13.81
C GLU E 346 -35.34 -29.94 14.47
N GLY E 347 -35.35 -28.85 13.72
CA GLY E 347 -35.94 -27.62 14.16
C GLY E 347 -34.93 -26.57 14.61
N PRO E 348 -35.39 -25.33 14.67
CA PRO E 348 -34.52 -24.23 15.12
C PRO E 348 -34.15 -24.34 16.58
N ILE E 349 -32.97 -23.82 16.90
CA ILE E 349 -32.44 -23.92 18.26
C ILE E 349 -32.89 -22.70 19.05
N PRO E 350 -33.32 -22.87 20.30
CA PRO E 350 -33.69 -21.71 21.13
C PRO E 350 -32.54 -20.72 21.18
N PRO E 351 -32.83 -19.43 21.15
CA PRO E 351 -31.78 -18.44 20.95
C PRO E 351 -31.08 -18.08 22.26
N SER E 352 -29.99 -17.35 22.10
CA SER E 352 -29.41 -16.60 23.20
C SER E 352 -30.48 -15.66 23.75
N THR E 353 -30.53 -15.54 25.08
CA THR E 353 -31.58 -14.73 25.65
C THR E 353 -31.35 -13.27 25.29
N PRO E 354 -32.40 -12.48 25.22
CA PRO E 354 -32.24 -11.02 25.11
C PRO E 354 -31.60 -10.44 26.36
N LYS E 355 -30.78 -9.42 26.16
CA LYS E 355 -30.15 -8.69 27.24
C LYS E 355 -30.54 -7.23 27.20
N PHE E 356 -30.69 -6.62 28.38
CA PHE E 356 -31.16 -5.26 28.53
C PHE E 356 -30.27 -4.46 29.47
N ALA E 357 -29.90 -3.26 29.03
CA ALA E 357 -29.08 -2.39 29.85
C ALA E 357 -30.01 -1.46 30.61
N TYR E 358 -30.36 -1.82 31.85
CA TYR E 358 -31.18 -0.93 32.65
C TYR E 358 -30.43 0.34 33.03
N GLY E 359 -29.10 0.36 32.91
CA GLY E 359 -28.38 1.60 33.14
C GLY E 359 -27.99 1.79 34.60
N LYS E 360 -27.72 3.05 34.96
CA LYS E 360 -27.22 3.34 36.28
C LYS E 360 -28.35 3.43 37.32
N VAL E 361 -28.15 2.76 38.45
CA VAL E 361 -29.06 2.79 39.59
C VAL E 361 -28.27 3.19 40.82
N ALA E 362 -28.77 4.16 41.57
CA ALA E 362 -28.07 4.66 42.75
C ALA E 362 -28.42 3.87 43.99
N LEU E 363 -27.55 3.96 45.00
CA LEU E 363 -27.77 3.34 46.31
C LEU E 363 -27.61 4.39 47.41
N ARG E 364 -27.73 3.94 48.65
CA ARG E 364 -27.65 4.82 49.80
C ARG E 364 -27.28 4.01 51.03
N LYS E 365 -26.33 4.51 51.81
CA LYS E 365 -25.92 3.87 53.05
C LYS E 365 -27.13 3.62 53.95
N PHE E 366 -27.37 2.33 54.25
CA PHE E 366 -28.45 1.98 55.17
C PHE E 366 -27.95 1.79 56.59
N LYS E 367 -27.07 0.82 56.81
CA LYS E 367 -26.59 0.49 58.15
C LYS E 367 -25.49 -0.57 58.03
N THR E 368 -24.50 -0.47 58.92
CA THR E 368 -23.53 -1.55 59.04
C THR E 368 -24.17 -2.77 59.68
N VAL E 369 -23.51 -3.92 59.49
CA VAL E 369 -23.91 -5.14 60.17
C VAL E 369 -23.96 -4.93 61.68
N ALA E 370 -22.96 -4.27 62.25
CA ALA E 370 -22.90 -4.12 63.69
C ALA E 370 -24.13 -3.40 64.23
N GLU E 371 -24.54 -2.34 63.56
CA GLU E 371 -25.66 -1.52 64.02
C GLU E 371 -27.01 -2.14 63.71
N ALA E 372 -27.04 -3.38 63.24
CA ALA E 372 -28.31 -4.00 62.85
C ALA E 372 -28.36 -5.47 63.23
N LEU E 373 -27.49 -5.92 64.13
CA LEU E 373 -27.41 -7.34 64.44
C LEU E 373 -28.75 -7.88 64.94
N GLY E 374 -29.45 -7.11 65.76
CA GLY E 374 -30.76 -7.55 66.23
C GLY E 374 -31.69 -7.83 65.08
N ILE E 375 -31.74 -6.93 64.10
CA ILE E 375 -32.53 -7.19 62.90
C ILE E 375 -31.92 -8.34 62.13
N LEU E 376 -30.59 -8.41 62.11
CA LEU E 376 -29.91 -9.50 61.43
C LEU E 376 -30.02 -10.82 62.18
N CYS E 377 -30.13 -10.78 63.51
CA CYS E 377 -30.09 -11.99 64.33
C CYS E 377 -31.22 -11.95 65.36
N PRO E 378 -32.47 -12.02 64.92
CA PRO E 378 -33.58 -11.73 65.84
C PRO E 378 -33.79 -12.82 66.87
N ASN E 379 -33.32 -14.05 66.63
CA ASN E 379 -33.36 -15.08 67.65
C ASN E 379 -32.49 -14.69 68.83
N GLY E 380 -31.28 -14.18 68.56
CA GLY E 380 -30.39 -13.69 69.57
C GLY E 380 -28.96 -14.12 69.33
N PRO E 381 -28.02 -13.52 70.05
CA PRO E 381 -26.61 -13.76 69.78
C PRO E 381 -26.06 -14.97 70.51
N VAL E 382 -24.76 -15.22 70.35
CA VAL E 382 -24.09 -16.36 70.97
C VAL E 382 -22.95 -15.82 71.83
N LYS E 383 -22.73 -16.47 72.97
CA LYS E 383 -21.64 -16.09 73.86
C LYS E 383 -20.72 -17.28 74.08
N SER E 384 -19.42 -17.02 74.18
CA SER E 384 -18.44 -18.10 74.33
C SER E 384 -17.20 -17.56 75.00
N LEU E 385 -16.57 -18.42 75.82
CA LEU E 385 -15.31 -18.06 76.46
C LEU E 385 -14.22 -17.74 75.44
N TYR E 386 -14.01 -18.63 74.48
CA TYR E 386 -13.06 -18.37 73.42
C TYR E 386 -13.83 -18.29 72.11
N PRO E 387 -13.25 -17.77 71.02
CA PRO E 387 -14.04 -17.66 69.79
C PRO E 387 -14.45 -19.03 69.28
N LEU E 388 -15.62 -19.08 68.65
CA LEU E 388 -16.11 -20.24 67.95
C LEU E 388 -16.06 -20.05 66.44
N THR E 389 -15.93 -21.17 65.72
CA THR E 389 -15.88 -21.13 64.27
C THR E 389 -17.28 -20.92 63.69
N PHE E 390 -17.31 -20.63 62.38
CA PHE E 390 -18.58 -20.58 61.66
C PHE E 390 -19.45 -21.79 61.94
N THR E 391 -18.87 -22.99 61.85
CA THR E 391 -19.65 -24.18 62.17
C THR E 391 -20.01 -24.21 63.65
N GLN E 392 -19.05 -23.90 64.52
CA GLN E 392 -19.30 -23.93 65.96
C GLN E 392 -20.43 -23.00 66.37
N VAL E 393 -20.68 -21.94 65.59
CA VAL E 393 -21.76 -21.02 65.92
C VAL E 393 -23.01 -21.34 65.10
N LYS E 394 -23.01 -22.47 64.39
CA LYS E 394 -24.21 -22.97 63.71
C LYS E 394 -24.65 -21.99 62.62
N GLN E 395 -23.68 -21.39 61.93
CA GLN E 395 -23.94 -20.62 60.72
C GLN E 395 -23.11 -21.22 59.61
N TYR E 396 -23.78 -21.89 58.67
CA TYR E 396 -23.13 -22.69 57.65
C TYR E 396 -22.59 -21.85 56.50
N PHE E 397 -22.99 -20.59 56.40
CA PHE E 397 -22.56 -19.73 55.31
C PHE E 397 -22.47 -18.31 55.87
N GLY E 398 -22.50 -17.32 54.98
CA GLY E 398 -22.65 -15.95 55.43
C GLY E 398 -21.40 -15.41 56.10
N TYR E 399 -21.62 -14.49 57.04
CA TYR E 399 -20.56 -13.81 57.76
C TYR E 399 -20.89 -13.84 59.24
N VAL E 400 -19.86 -13.71 60.07
CA VAL E 400 -20.04 -13.83 61.51
C VAL E 400 -19.36 -12.66 62.21
N LEU E 401 -20.06 -12.09 63.18
CA LEU E 401 -19.52 -10.97 63.95
C LEU E 401 -18.89 -11.49 65.25
N TYR E 402 -17.61 -11.16 65.46
CA TYR E 402 -16.89 -11.51 66.68
C TYR E 402 -16.70 -10.24 67.49
N ARG E 403 -17.09 -10.25 68.75
CA ARG E 403 -17.02 -9.05 69.56
C ARG E 403 -16.28 -9.38 70.85
N THR E 404 -15.39 -8.48 71.25
CA THR E 404 -14.77 -8.57 72.57
C THR E 404 -14.49 -7.16 73.07
N THR E 405 -13.80 -7.08 74.21
CA THR E 405 -13.38 -5.82 74.81
C THR E 405 -11.86 -5.77 74.79
N LEU E 406 -11.30 -4.60 74.54
CA LEU E 406 -9.85 -4.46 74.58
C LEU E 406 -9.33 -4.55 76.02
N PRO E 407 -8.40 -5.45 76.31
CA PRO E 407 -7.93 -5.60 77.70
C PRO E 407 -6.83 -4.62 78.07
N GLN E 408 -6.26 -3.93 77.07
CA GLN E 408 -5.16 -3.01 77.28
C GLN E 408 -5.44 -1.73 76.50
N ASP E 409 -4.90 -0.62 77.00
CA ASP E 409 -4.92 0.62 76.25
C ASP E 409 -4.12 0.47 74.96
N CYS E 410 -4.71 0.91 73.85
CA CYS E 410 -4.01 0.86 72.57
C CYS E 410 -3.94 2.24 71.97
N SER E 411 -3.56 3.25 72.76
CA SER E 411 -3.36 4.59 72.23
C SER E 411 -2.27 4.61 71.16
N ASN E 412 -1.18 3.88 71.41
CA ASN E 412 -0.22 3.62 70.35
C ASN E 412 -0.63 2.38 69.57
N PRO E 413 -0.44 2.37 68.24
CA PRO E 413 -0.94 1.24 67.44
C PRO E 413 -0.36 -0.09 67.88
N LYS E 414 -1.20 -0.95 68.39
CA LYS E 414 -0.75 -2.26 68.82
C LYS E 414 -1.02 -3.29 67.73
N PRO E 415 -0.16 -4.30 67.62
CA PRO E 415 -0.24 -5.25 66.50
C PRO E 415 -1.25 -6.36 66.75
N ILE E 416 -2.31 -6.39 65.95
CA ILE E 416 -3.05 -7.62 65.74
C ILE E 416 -2.19 -8.55 64.91
N PHE E 417 -1.98 -9.76 65.41
CA PHE E 417 -0.90 -10.59 64.91
C PHE E 417 -1.34 -12.05 64.98
N SER E 418 -0.36 -12.95 64.97
CA SER E 418 -0.59 -14.39 64.95
C SER E 418 -1.57 -14.83 66.03
N SER E 419 -2.21 -15.96 65.76
CA SER E 419 -2.92 -16.74 66.75
C SER E 419 -2.09 -18.01 66.91
N PRO E 420 -2.41 -18.93 67.83
CA PRO E 420 -1.48 -20.04 68.08
C PRO E 420 -1.14 -20.87 66.86
N PHE E 421 -2.05 -21.09 65.92
CA PHE E 421 -1.68 -21.86 64.74
C PHE E 421 -2.26 -21.27 63.47
N ASN E 422 -2.26 -19.93 63.35
CA ASN E 422 -2.54 -19.28 62.07
C ASN E 422 -3.89 -19.71 61.52
N GLY E 423 -4.92 -19.54 62.34
CA GLY E 423 -6.25 -20.04 62.07
C GLY E 423 -7.36 -19.04 61.87
N VAL E 424 -7.04 -17.87 61.30
CA VAL E 424 -8.06 -16.95 60.81
C VAL E 424 -8.31 -17.23 59.33
N ARG E 425 -9.55 -17.58 58.99
CA ARG E 425 -9.94 -17.94 57.62
C ARG E 425 -11.35 -17.45 57.36
N ASP E 426 -11.57 -16.80 56.21
CA ASP E 426 -10.52 -16.55 55.24
C ASP E 426 -10.21 -15.07 55.16
N ARG E 427 -11.12 -14.24 55.66
CA ARG E 427 -10.93 -12.80 55.59
C ARG E 427 -11.66 -12.16 56.76
N ALA E 428 -11.01 -11.18 57.40
CA ALA E 428 -11.61 -10.45 58.52
C ALA E 428 -11.47 -8.95 58.34
N TYR E 429 -12.58 -8.24 58.46
CA TYR E 429 -12.59 -6.79 58.49
C TYR E 429 -12.64 -6.33 59.94
N VAL E 430 -11.63 -5.58 60.37
CA VAL E 430 -11.41 -5.29 61.79
C VAL E 430 -11.81 -3.86 62.09
N SER E 431 -12.49 -3.66 63.22
CA SER E 431 -12.90 -2.31 63.61
C SER E 431 -13.12 -2.27 65.11
N VAL E 432 -13.19 -1.05 65.64
CA VAL E 432 -13.46 -0.82 67.06
C VAL E 432 -14.50 0.28 67.18
N ASP E 433 -15.66 -0.05 67.74
CA ASP E 433 -16.75 0.90 67.92
C ASP E 433 -17.06 1.67 66.64
N GLY E 434 -17.09 0.95 65.52
CA GLY E 434 -17.44 1.57 64.26
C GLY E 434 -16.33 2.37 63.62
N VAL E 435 -15.08 2.09 63.96
CA VAL E 435 -13.93 2.71 63.32
C VAL E 435 -13.18 1.63 62.56
N PRO E 436 -13.36 1.53 61.24
CA PRO E 436 -12.72 0.46 60.48
C PRO E 436 -11.20 0.56 60.53
N GLN E 437 -10.57 -0.59 60.74
CA GLN E 437 -9.12 -0.64 60.93
C GLN E 437 -8.38 -1.30 59.78
N GLY E 438 -9.07 -1.99 58.89
CA GLY E 438 -8.44 -2.64 57.77
C GLY E 438 -8.80 -4.11 57.69
N ILE E 439 -7.98 -4.85 56.96
CA ILE E 439 -8.32 -6.19 56.51
C ILE E 439 -7.28 -7.19 57.03
N LEU E 440 -7.68 -8.46 57.03
CA LEU E 440 -6.81 -9.58 57.35
C LEU E 440 -7.22 -10.76 56.49
N ASP E 441 -6.25 -11.56 56.07
CA ASP E 441 -6.58 -12.73 55.27
C ASP E 441 -5.46 -13.75 55.36
N ARG E 442 -5.77 -14.97 54.89
CA ARG E 442 -4.86 -16.09 55.03
C ARG E 442 -3.83 -16.08 53.90
N ASN E 443 -2.56 -16.22 54.27
CA ASN E 443 -1.41 -16.26 53.36
C ASN E 443 -1.07 -14.89 52.81
N LEU E 444 -1.90 -13.88 53.08
CA LEU E 444 -1.69 -12.55 52.53
C LEU E 444 -1.39 -11.51 53.59
N MET E 445 -2.27 -11.33 54.57
CA MET E 445 -2.10 -10.29 55.59
C MET E 445 -2.65 -10.81 56.92
N THR E 446 -1.75 -11.04 57.89
CA THR E 446 -2.13 -11.47 59.22
C THR E 446 -1.72 -10.49 60.31
N ALA E 447 -1.03 -9.41 59.97
CA ALA E 447 -0.60 -8.41 60.93
C ALA E 447 -1.19 -7.06 60.57
N LEU E 448 -1.63 -6.31 61.58
CA LEU E 448 -2.25 -5.02 61.36
C LEU E 448 -2.21 -4.20 62.64
N ASN E 449 -1.71 -2.98 62.55
CA ASN E 449 -1.70 -2.08 63.70
C ASN E 449 -3.09 -1.48 63.92
N ILE E 450 -3.54 -1.48 65.16
CA ILE E 450 -4.87 -0.98 65.52
C ILE E 450 -4.72 0.01 66.67
N GLN E 451 -5.76 0.81 66.87
CA GLN E 451 -5.74 1.85 67.90
C GLN E 451 -7.10 1.95 68.58
N GLY E 452 -7.09 2.01 69.90
CA GLY E 452 -8.31 2.27 70.65
C GLY E 452 -8.02 2.27 72.14
N LYS E 453 -8.97 2.82 72.89
CA LYS E 453 -8.82 2.89 74.34
C LYS E 453 -9.10 1.54 74.99
N ALA E 454 -8.52 1.33 76.16
CA ALA E 454 -8.80 0.13 76.94
C ALA E 454 -10.29 -0.01 77.23
N GLY E 455 -10.79 -1.23 77.10
CA GLY E 455 -12.19 -1.50 77.27
C GLY E 455 -13.07 -1.20 76.07
N ALA E 456 -12.50 -0.69 74.99
CA ALA E 456 -13.26 -0.44 73.78
C ALA E 456 -13.75 -1.75 73.15
N THR E 457 -14.92 -1.67 72.54
CA THR E 457 -15.53 -2.84 71.90
C THR E 457 -14.84 -3.08 70.55
N LEU E 458 -14.21 -4.25 70.42
CA LEU E 458 -13.56 -4.65 69.18
C LEU E 458 -14.50 -5.60 68.43
N ASP E 459 -14.88 -5.19 67.21
CA ASP E 459 -15.72 -5.98 66.34
C ASP E 459 -14.95 -6.44 65.11
N ILE E 460 -14.97 -7.75 64.85
CA ILE E 460 -14.31 -8.37 63.72
C ILE E 460 -15.38 -9.06 62.88
N LEU E 461 -15.47 -8.68 61.61
CA LEU E 461 -16.43 -9.29 60.69
C LEU E 461 -15.70 -10.31 59.83
N VAL E 462 -16.05 -11.58 60.01
CA VAL E 462 -15.34 -12.67 59.36
C VAL E 462 -16.22 -13.19 58.23
N GLU E 463 -15.63 -13.26 57.04
CA GLU E 463 -16.31 -13.75 55.84
C GLU E 463 -15.88 -15.18 55.53
N ASN E 464 -16.86 -16.03 55.27
CA ASN E 464 -16.56 -17.35 54.71
C ASN E 464 -16.43 -17.15 53.20
N MET E 465 -15.21 -17.25 52.70
CA MET E 465 -14.95 -17.06 51.29
C MET E 465 -15.15 -18.34 50.48
N GLY E 466 -15.57 -19.41 51.13
CA GLY E 466 -15.86 -20.70 50.48
C GLY E 466 -15.07 -21.84 51.08
N ARG E 467 -15.81 -22.89 51.44
CA ARG E 467 -15.17 -24.09 51.99
C ARG E 467 -14.47 -24.84 50.86
N VAL E 468 -13.22 -25.24 51.11
CA VAL E 468 -12.45 -25.95 50.10
C VAL E 468 -13.23 -27.16 49.59
N ASN E 469 -13.21 -27.34 48.27
CA ASN E 469 -13.99 -28.36 47.61
C ASN E 469 -13.12 -29.48 47.03
N TYR E 470 -11.80 -29.37 47.12
CA TYR E 470 -10.91 -30.35 46.52
C TYR E 470 -9.65 -30.48 47.34
N GLY E 471 -9.18 -31.71 47.51
CA GLY E 471 -7.92 -31.95 48.16
C GLY E 471 -8.13 -32.61 49.51
N ARG E 472 -7.14 -32.47 50.38
CA ARG E 472 -7.28 -32.98 51.74
C ARG E 472 -7.94 -31.96 52.67
N PHE E 473 -7.68 -30.68 52.46
CA PHE E 473 -8.08 -29.66 53.43
C PHE E 473 -9.57 -29.42 53.41
N ILE E 474 -10.34 -30.43 53.82
CA ILE E 474 -11.77 -30.28 54.03
C ILE E 474 -12.11 -29.85 55.45
N ASN E 475 -11.17 -29.96 56.38
CA ASN E 475 -11.35 -29.45 57.74
C ASN E 475 -11.12 -27.93 57.78
N ASP E 476 -12.01 -27.23 57.08
CA ASP E 476 -11.86 -25.83 56.73
C ASP E 476 -12.76 -25.11 57.73
N PHE E 477 -12.15 -24.67 58.84
CA PHE E 477 -12.91 -24.15 59.97
C PHE E 477 -13.73 -22.91 59.62
N LYS E 478 -13.12 -21.88 59.03
CA LYS E 478 -13.86 -20.66 58.68
C LYS E 478 -14.01 -19.68 59.84
N GLY E 479 -13.06 -18.75 59.98
CA GLY E 479 -13.08 -17.82 61.09
C GLY E 479 -12.06 -18.01 62.18
N LEU E 480 -12.39 -17.55 63.39
CA LEU E 480 -11.58 -17.86 64.56
C LEU E 480 -11.95 -19.20 65.15
N ILE E 481 -10.94 -20.07 65.27
CA ILE E 481 -11.02 -21.28 66.08
C ILE E 481 -10.15 -21.15 67.32
N SER E 482 -8.91 -20.71 67.15
CA SER E 482 -7.95 -20.69 68.24
C SER E 482 -8.07 -19.42 69.06
N ASN E 483 -7.32 -19.36 70.15
CA ASN E 483 -7.40 -18.24 71.07
C ASN E 483 -6.92 -16.99 70.34
N MET E 484 -7.84 -16.06 70.07
CA MET E 484 -7.46 -14.86 69.34
C MET E 484 -6.47 -14.04 70.18
N THR E 485 -5.39 -13.62 69.53
CA THR E 485 -4.30 -12.94 70.21
C THR E 485 -3.95 -11.64 69.49
N ILE E 486 -3.71 -10.60 70.28
CA ILE E 486 -3.20 -9.33 69.77
C ILE E 486 -1.85 -9.10 70.42
N ASN E 487 -0.81 -8.97 69.59
CA ASN E 487 0.57 -8.87 70.08
C ASN E 487 0.88 -10.01 71.05
N SER E 488 0.47 -11.22 70.65
CA SER E 488 0.65 -12.42 71.46
C SER E 488 0.03 -12.27 72.85
N THR E 489 -1.16 -11.67 72.91
CA THR E 489 -1.90 -11.53 74.14
C THR E 489 -3.30 -12.09 73.95
N VAL E 490 -3.68 -13.03 74.82
CA VAL E 490 -4.89 -13.83 74.67
C VAL E 490 -6.13 -12.94 74.77
N LEU E 491 -7.28 -13.48 74.39
CA LEU E 491 -8.53 -12.73 74.43
C LEU E 491 -9.67 -13.68 74.75
N THR E 492 -10.40 -13.40 75.82
CA THR E 492 -11.53 -14.19 76.25
C THR E 492 -12.81 -13.36 76.12
N ASN E 493 -13.93 -13.93 76.60
CA ASN E 493 -15.21 -13.24 76.70
C ASN E 493 -15.69 -12.74 75.33
N TRP E 494 -15.95 -13.68 74.43
CA TRP E 494 -16.32 -13.36 73.07
C TRP E 494 -17.83 -13.49 72.89
N THR E 495 -18.40 -12.58 72.10
CA THR E 495 -19.79 -12.67 71.67
C THR E 495 -19.83 -12.76 70.15
N VAL E 496 -20.36 -13.85 69.64
CA VAL E 496 -20.46 -14.06 68.20
C VAL E 496 -21.91 -13.79 67.76
N PHE E 497 -22.05 -13.38 66.50
CA PHE E 497 -23.34 -13.00 65.94
C PHE E 497 -23.50 -13.65 64.57
N PRO E 498 -24.29 -14.72 64.49
CA PRO E 498 -24.73 -15.24 63.19
C PRO E 498 -25.70 -14.29 62.52
N LEU E 499 -25.59 -14.14 61.21
CA LEU E 499 -26.36 -13.13 60.49
C LEU E 499 -27.36 -13.81 59.57
N ASP E 500 -28.65 -13.58 59.82
CA ASP E 500 -29.74 -14.03 58.95
C ASP E 500 -29.89 -13.01 57.81
N THR E 501 -28.90 -13.03 56.91
CA THR E 501 -28.91 -12.07 55.81
C THR E 501 -30.07 -12.30 54.85
N GLU E 502 -30.51 -13.54 54.68
CA GLU E 502 -31.52 -13.83 53.67
C GLU E 502 -32.88 -13.30 54.09
N ALA E 503 -33.35 -13.70 55.26
CA ALA E 503 -34.62 -13.19 55.75
C ALA E 503 -34.57 -11.69 55.94
N MET E 504 -33.42 -11.17 56.38
CA MET E 504 -33.28 -9.73 56.57
C MET E 504 -33.48 -8.98 55.28
N VAL E 505 -32.89 -9.48 54.18
CA VAL E 505 -33.09 -8.82 52.91
C VAL E 505 -34.52 -8.98 52.44
N ARG E 506 -35.10 -10.17 52.61
CA ARG E 506 -36.47 -10.40 52.16
C ARG E 506 -37.51 -9.61 52.94
N ASN E 507 -37.17 -9.12 54.14
CA ASN E 507 -38.13 -8.37 54.95
C ASN E 507 -37.84 -6.87 54.95
N HIS E 508 -36.58 -6.47 55.12
CA HIS E 508 -36.19 -5.06 55.19
C HIS E 508 -36.92 -4.32 56.31
N LEU E 509 -36.96 -4.94 57.48
CA LEU E 509 -37.64 -4.37 58.66
C LEU E 509 -39.09 -4.01 58.36
N TRP E 510 -39.77 -4.87 57.59
CA TRP E 510 -41.14 -4.60 57.23
C TRP E 510 -42.05 -5.76 57.59
N ASP E 530 -9.00 4.61 54.58
CA ASP E 530 -10.33 5.15 54.28
C ASP E 530 -11.30 4.04 53.88
N LEU E 531 -10.93 2.80 54.20
CA LEU E 531 -11.80 1.66 53.92
C LEU E 531 -13.06 1.77 54.76
N ILE E 532 -14.21 1.62 54.11
CA ILE E 532 -15.50 1.84 54.75
C ILE E 532 -15.97 0.54 55.39
N LEU E 533 -16.37 0.62 56.66
CA LEU E 533 -16.96 -0.46 57.43
C LEU E 533 -17.97 -1.21 56.58
N PRO E 534 -18.03 -2.54 56.71
CA PRO E 534 -19.07 -3.30 56.00
C PRO E 534 -20.47 -2.77 56.29
N THR E 535 -21.12 -2.28 55.24
CA THR E 535 -22.37 -1.54 55.37
C THR E 535 -23.27 -1.89 54.20
N PHE E 536 -24.57 -1.65 54.40
CA PHE E 536 -25.58 -1.97 53.40
C PHE E 536 -26.03 -0.70 52.68
N TYR E 537 -26.06 -0.78 51.36
CA TYR E 537 -26.51 0.31 50.49
C TYR E 537 -27.67 -0.23 49.67
N VAL E 538 -28.83 0.38 49.87
CA VAL E 538 -30.07 -0.08 49.26
C VAL E 538 -30.49 0.93 48.20
N GLY E 539 -30.70 0.45 46.99
CA GLY E 539 -31.22 1.28 45.92
C GLY E 539 -32.39 0.61 45.25
N ASN E 540 -33.18 1.41 44.56
CA ASN E 540 -34.36 0.90 43.89
C ASN E 540 -34.26 1.19 42.40
N PHE E 541 -34.93 0.36 41.61
CA PHE E 541 -35.16 0.70 40.22
C PHE E 541 -36.49 0.10 39.80
N SER E 542 -37.15 0.77 38.87
CA SER E 542 -38.45 0.37 38.39
C SER E 542 -38.33 -0.12 36.96
N ILE E 543 -39.23 -1.01 36.58
CA ILE E 543 -39.24 -1.54 35.22
C ILE E 543 -40.65 -1.37 34.70
N PRO E 544 -40.83 -0.84 33.50
CA PRO E 544 -42.19 -0.58 33.02
C PRO E 544 -42.94 -1.88 32.79
N SER E 545 -44.24 -1.82 33.04
CA SER E 545 -45.15 -2.92 32.81
C SER E 545 -45.64 -2.92 31.37
N GLY E 546 -46.19 -4.06 30.97
CA GLY E 546 -46.78 -4.13 29.66
C GLY E 546 -45.82 -4.20 28.50
N ILE E 547 -44.55 -4.50 28.76
CA ILE E 547 -43.60 -4.67 27.67
C ILE E 547 -43.33 -6.16 27.52
N PRO E 548 -43.79 -6.80 26.45
CA PRO E 548 -43.72 -8.26 26.35
C PRO E 548 -42.33 -8.81 26.58
N ASP E 549 -41.32 -8.09 26.12
CA ASP E 549 -39.93 -8.53 26.18
C ASP E 549 -39.17 -7.86 27.31
N LEU E 550 -39.87 -7.34 28.31
CA LEU E 550 -39.28 -6.90 29.56
C LEU E 550 -40.02 -7.56 30.71
N PRO E 551 -39.31 -7.95 31.79
CA PRO E 551 -37.89 -7.83 32.07
C PRO E 551 -37.02 -8.79 31.27
N GLN E 552 -35.75 -8.45 31.11
CA GLN E 552 -34.77 -9.35 30.49
C GLN E 552 -33.61 -9.62 31.43
N ASP E 553 -32.92 -10.73 31.18
CA ASP E 553 -31.67 -11.02 31.86
C ASP E 553 -30.72 -9.83 31.71
N THR E 554 -29.82 -9.67 32.67
CA THR E 554 -28.89 -8.55 32.61
C THR E 554 -27.62 -8.88 33.38
N PHE E 555 -26.69 -7.92 33.40
CA PHE E 555 -25.42 -8.08 34.09
C PHE E 555 -25.17 -6.85 34.92
N ILE E 556 -24.83 -7.04 36.19
CA ILE E 556 -24.60 -5.92 37.10
C ILE E 556 -23.12 -5.66 37.30
N GLN E 557 -22.73 -4.39 37.21
CA GLN E 557 -21.35 -3.96 37.34
C GLN E 557 -21.26 -2.97 38.50
N PHE E 558 -20.10 -2.94 39.13
CA PHE E 558 -19.87 -2.18 40.36
C PHE E 558 -18.64 -1.29 40.22
N PRO E 559 -18.65 -0.33 39.32
CA PRO E 559 -17.45 0.51 39.14
C PRO E 559 -17.25 1.36 40.38
N GLY E 560 -16.05 1.29 40.94
CA GLY E 560 -15.72 2.04 42.13
C GLY E 560 -15.94 1.30 43.43
N TRP E 561 -16.70 0.21 43.40
CA TRP E 561 -16.83 -0.65 44.57
C TRP E 561 -15.63 -1.58 44.67
N SER E 562 -15.51 -2.25 45.82
CA SER E 562 -14.39 -3.14 46.04
C SER E 562 -14.82 -4.60 46.17
N LYS E 563 -15.72 -4.93 47.09
CA LYS E 563 -16.03 -6.33 47.37
C LYS E 563 -17.24 -6.47 48.29
N GLY E 564 -18.19 -7.31 47.91
CA GLY E 564 -19.28 -7.61 48.84
C GLY E 564 -20.28 -8.57 48.24
N GLN E 565 -21.48 -8.52 48.80
CA GLN E 565 -22.57 -9.43 48.48
C GLN E 565 -23.72 -8.59 47.96
N VAL E 566 -24.51 -9.14 47.04
CA VAL E 566 -25.61 -8.41 46.44
C VAL E 566 -26.87 -9.27 46.38
N TRP E 567 -28.00 -8.67 46.74
CA TRP E 567 -29.30 -9.32 46.63
C TRP E 567 -30.19 -8.44 45.78
N ILE E 568 -31.05 -9.07 44.99
CA ILE E 568 -32.18 -8.38 44.37
C ILE E 568 -33.48 -9.06 44.76
N ASN E 569 -34.42 -8.30 45.30
CA ASN E 569 -35.69 -8.84 45.80
C ASN E 569 -35.46 -10.05 46.69
N GLY E 570 -34.41 -10.00 47.49
CA GLY E 570 -34.11 -11.06 48.43
C GLY E 570 -33.37 -12.24 47.86
N PHE E 571 -33.15 -12.30 46.55
CA PHE E 571 -32.38 -13.37 45.95
C PHE E 571 -30.92 -12.97 45.94
N ASN E 572 -30.10 -13.76 46.64
CA ASN E 572 -28.67 -13.50 46.78
C ASN E 572 -27.95 -13.90 45.50
N LEU E 573 -27.51 -12.91 44.72
CA LEU E 573 -26.92 -13.20 43.43
C LEU E 573 -25.48 -13.70 43.54
N GLY E 574 -24.84 -13.52 44.69
CA GLY E 574 -23.48 -13.99 44.90
C GLY E 574 -22.48 -12.90 45.24
N ARG E 575 -21.20 -13.18 45.07
CA ARG E 575 -20.14 -12.28 45.50
C ARG E 575 -19.60 -11.50 44.32
N TYR E 576 -19.31 -10.22 44.56
CA TYR E 576 -18.64 -9.41 43.55
C TYR E 576 -17.27 -8.97 44.05
N TRP E 577 -16.35 -8.78 43.12
CA TRP E 577 -15.00 -8.37 43.45
C TRP E 577 -14.32 -7.79 42.21
N PRO E 578 -14.83 -6.70 41.64
CA PRO E 578 -14.21 -6.16 40.42
C PRO E 578 -12.76 -5.76 40.60
N THR E 579 -12.41 -5.19 41.75
CA THR E 579 -11.05 -4.74 41.96
C THR E 579 -10.07 -5.90 42.01
N MET E 580 -10.54 -7.11 42.29
CA MET E 580 -9.70 -8.30 42.22
C MET E 580 -9.80 -8.99 40.86
N GLY E 581 -11.00 -8.99 40.26
CA GLY E 581 -11.25 -9.67 39.01
C GLY E 581 -10.96 -11.16 39.10
N PRO E 582 -11.04 -11.86 37.96
CA PRO E 582 -11.25 -11.39 36.60
C PRO E 582 -12.72 -11.14 36.31
N GLN E 583 -13.57 -11.70 37.15
CA GLN E 583 -15.01 -11.45 37.04
C GLN E 583 -15.32 -10.01 37.39
N LYS E 584 -16.08 -9.35 36.52
CA LYS E 584 -16.61 -8.03 36.80
C LYS E 584 -18.13 -8.05 36.89
N THR E 585 -18.80 -8.50 35.84
CA THR E 585 -20.25 -8.49 35.81
C THR E 585 -20.81 -9.66 36.61
N LEU E 586 -22.04 -9.50 37.10
CA LEU E 586 -22.78 -10.58 37.70
C LEU E 586 -24.03 -10.87 36.89
N PHE E 587 -24.29 -12.16 36.66
CA PHE E 587 -25.50 -12.58 35.95
C PHE E 587 -26.76 -12.33 36.76
N VAL E 588 -27.72 -11.66 36.16
CA VAL E 588 -29.01 -11.42 36.78
C VAL E 588 -30.08 -12.10 35.93
N PRO E 589 -30.66 -13.21 36.37
CA PRO E 589 -31.73 -13.84 35.61
C PRO E 589 -33.02 -13.04 35.75
N ARG E 590 -33.76 -12.93 34.64
CA ARG E 590 -34.93 -12.06 34.60
C ARG E 590 -36.03 -12.52 35.55
N ASN E 591 -35.96 -13.74 36.08
CA ASN E 591 -37.02 -14.25 36.92
C ASN E 591 -37.22 -13.40 38.17
N ILE E 592 -36.17 -12.75 38.65
CA ILE E 592 -36.22 -12.06 39.93
C ILE E 592 -36.71 -10.62 39.82
N LEU E 593 -36.88 -10.10 38.62
CA LEU E 593 -37.39 -8.74 38.45
C LEU E 593 -38.91 -8.76 38.36
N THR E 594 -39.54 -7.79 39.01
CA THR E 594 -41.00 -7.68 39.02
C THR E 594 -41.39 -6.29 38.54
N THR E 595 -42.19 -6.25 37.49
CA THR E 595 -42.67 -5.01 36.93
C THR E 595 -43.79 -4.42 37.79
N SER E 596 -43.98 -3.11 37.65
CA SER E 596 -44.75 -2.28 38.59
C SER E 596 -44.21 -2.29 40.01
N ALA E 597 -44.03 -3.47 40.59
CA ALA E 597 -43.54 -3.52 41.96
C ALA E 597 -42.08 -3.08 41.98
N PRO E 598 -41.68 -2.22 42.91
CA PRO E 598 -40.32 -1.69 42.90
C PRO E 598 -39.26 -2.77 43.06
N ASN E 599 -38.19 -2.67 42.28
CA ASN E 599 -37.02 -3.52 42.45
C ASN E 599 -36.10 -2.93 43.51
N ASN E 600 -35.74 -3.76 44.49
CA ASN E 600 -35.04 -3.31 45.69
C ASN E 600 -33.69 -4.05 45.82
N ILE E 601 -32.64 -3.46 45.27
CA ILE E 601 -31.29 -4.01 45.34
C ILE E 601 -30.67 -3.65 46.67
N THR E 602 -30.05 -4.65 47.31
CA THR E 602 -29.32 -4.46 48.55
C THR E 602 -27.88 -4.92 48.34
N VAL E 603 -26.92 -4.05 48.65
CA VAL E 603 -25.50 -4.36 48.55
C VAL E 603 -24.88 -4.30 49.94
N LEU E 604 -24.23 -5.38 50.34
CA LEU E 604 -23.40 -5.40 51.53
C LEU E 604 -21.96 -5.24 51.06
N GLU E 605 -21.42 -4.04 51.24
CA GLU E 605 -20.05 -3.73 50.86
C GLU E 605 -19.11 -3.88 52.03
N LEU E 606 -18.02 -4.60 51.80
CA LEU E 606 -17.09 -4.97 52.86
C LEU E 606 -15.86 -4.09 52.91
N GLU E 607 -15.53 -3.42 51.81
CA GLU E 607 -14.25 -2.73 51.76
C GLU E 607 -14.36 -1.25 51.43
N PHE E 608 -15.19 -0.87 50.47
CA PHE E 608 -15.16 0.51 49.99
C PHE E 608 -16.38 0.85 49.14
N ALA E 609 -17.00 2.00 49.42
CA ALA E 609 -18.11 2.47 48.60
C ALA E 609 -17.89 3.93 48.21
N PRO E 610 -18.28 4.30 47.00
CA PRO E 610 -18.09 5.68 46.52
C PRO E 610 -19.22 6.62 46.95
N CYS E 611 -19.46 6.68 48.26
CA CYS E 611 -20.75 7.19 48.74
C CYS E 611 -20.62 8.12 49.94
N SER E 612 -19.42 8.54 50.31
CA SER E 612 -19.25 9.46 51.43
C SER E 612 -19.40 10.91 51.01
N GLU E 613 -18.82 11.28 49.87
CA GLU E 613 -18.75 12.67 49.44
C GLU E 613 -20.09 13.10 48.86
N GLY E 614 -20.11 14.30 48.28
CA GLY E 614 -21.31 14.88 47.71
C GLY E 614 -21.61 14.51 46.28
N THR E 615 -20.86 13.56 45.70
CA THR E 615 -21.11 13.13 44.34
C THR E 615 -22.01 11.91 44.37
N PRO E 616 -23.27 12.01 43.98
CA PRO E 616 -24.17 10.86 44.04
C PRO E 616 -24.00 9.91 42.85
N GLU E 617 -23.61 10.47 41.69
CA GLU E 617 -23.44 9.66 40.50
C GLU E 617 -22.44 8.53 40.72
N LEU E 618 -21.44 8.75 41.58
CA LEU E 618 -20.46 7.70 41.82
C LEU E 618 -21.06 6.57 42.64
N CYS E 619 -22.03 6.88 43.51
CA CYS E 619 -22.68 5.88 44.35
C CYS E 619 -23.75 5.11 43.57
N THR E 620 -23.39 4.58 42.41
CA THR E 620 -24.34 3.87 41.57
C THR E 620 -23.71 2.59 41.04
N VAL E 621 -24.55 1.58 40.88
CA VAL E 621 -24.20 0.37 40.15
C VAL E 621 -24.82 0.49 38.77
N GLU E 622 -24.46 -0.41 37.87
CA GLU E 622 -25.03 -0.36 36.52
C GLU E 622 -25.55 -1.71 36.07
N PHE E 623 -26.59 -1.66 35.25
CA PHE E 623 -27.06 -2.83 34.52
C PHE E 623 -26.65 -2.70 33.06
N VAL E 624 -25.98 -3.74 32.56
CA VAL E 624 -25.44 -3.82 31.21
C VAL E 624 -26.01 -5.05 30.54
N ASP E 625 -25.90 -5.07 29.22
CA ASP E 625 -26.46 -6.13 28.39
C ASP E 625 -25.42 -7.16 27.98
N THR E 626 -24.22 -6.74 27.62
CA THR E 626 -23.18 -7.67 27.19
C THR E 626 -22.24 -7.95 28.34
N PRO E 627 -22.04 -9.20 28.75
CA PRO E 627 -21.17 -9.48 29.89
C PRO E 627 -19.74 -9.09 29.57
N VAL E 628 -19.03 -8.66 30.61
CA VAL E 628 -17.58 -8.44 30.56
C VAL E 628 -16.97 -9.22 31.72
N ILE E 629 -16.47 -10.42 31.43
CA ILE E 629 -15.88 -11.27 32.45
C ILE E 629 -14.42 -11.58 32.18
N SER E 630 -13.91 -11.27 30.99
CA SER E 630 -12.51 -11.50 30.65
C SER E 630 -12.16 -10.79 29.35
N SER F 10 -15.72 -56.82 67.73
CA SER F 10 -16.13 -57.60 66.57
C SER F 10 -14.93 -58.06 65.75
N ALA F 11 -14.89 -57.67 64.49
CA ALA F 11 -13.79 -58.05 63.62
C ALA F 11 -12.49 -57.41 64.09
N PRO F 12 -11.36 -58.08 63.84
CA PRO F 12 -10.07 -57.50 64.25
C PRO F 12 -9.52 -56.54 63.19
N ASP F 13 -9.63 -55.25 63.48
CA ASP F 13 -9.18 -54.21 62.56
C ASP F 13 -7.74 -54.43 62.12
N GLN F 14 -6.89 -54.98 63.00
CA GLN F 14 -5.51 -55.21 62.65
C GLN F 14 -5.35 -56.31 61.62
N ASP F 15 -6.40 -57.09 61.36
CA ASP F 15 -6.37 -58.18 60.39
C ASP F 15 -6.93 -57.78 59.04
N GLU F 16 -7.85 -56.81 59.01
CA GLU F 16 -8.46 -56.35 57.77
C GLU F 16 -7.38 -56.06 56.72
N ILE F 17 -7.72 -56.34 55.47
CA ILE F 17 -6.81 -56.10 54.36
C ILE F 17 -7.11 -54.73 53.77
N ASP F 18 -6.14 -53.83 53.87
CA ASP F 18 -6.30 -52.51 53.24
C ASP F 18 -6.41 -52.65 51.73
N ALA F 19 -5.57 -53.50 51.13
CA ALA F 19 -5.54 -53.67 49.69
C ALA F 19 -4.68 -54.89 49.38
N LEU F 20 -4.77 -55.35 48.13
CA LEU F 20 -3.91 -56.42 47.65
C LEU F 20 -3.22 -55.95 46.38
N PRO F 21 -1.90 -55.85 46.36
CA PRO F 21 -1.19 -55.43 45.16
C PRO F 21 -1.55 -56.31 43.97
N GLY F 22 -1.17 -55.87 42.78
CA GLY F 22 -1.42 -56.66 41.59
C GLY F 22 -2.87 -56.70 41.16
N LEU F 23 -3.78 -56.20 41.98
CA LEU F 23 -5.21 -56.14 41.67
C LEU F 23 -5.54 -54.73 41.23
N ALA F 24 -6.17 -54.61 40.06
CA ALA F 24 -6.49 -53.27 39.60
C ALA F 24 -7.68 -52.67 40.34
N LYS F 25 -8.74 -53.44 40.59
CA LYS F 25 -9.86 -52.91 41.36
C LYS F 25 -10.08 -53.74 42.62
N GLN F 26 -10.12 -53.05 43.75
CA GLN F 26 -10.29 -53.65 45.07
C GLN F 26 -11.60 -54.44 45.20
N PRO F 27 -11.58 -55.49 46.02
CA PRO F 27 -12.79 -56.31 46.23
C PRO F 27 -13.96 -55.50 46.75
N SER F 28 -15.16 -55.97 46.42
CA SER F 28 -16.41 -55.35 46.82
C SER F 28 -16.96 -55.98 48.09
N PHE F 29 -16.24 -56.93 48.66
CA PHE F 29 -16.62 -57.66 49.85
C PHE F 29 -15.46 -57.53 50.83
N ARG F 30 -15.75 -57.69 52.11
CA ARG F 30 -14.68 -57.56 53.08
C ARG F 30 -13.93 -58.88 53.17
N GLN F 31 -12.63 -58.78 53.40
CA GLN F 31 -11.76 -59.94 53.49
C GLN F 31 -10.68 -59.68 54.54
N TYR F 32 -10.45 -60.68 55.38
CA TYR F 32 -9.50 -60.60 56.46
C TYR F 32 -8.42 -61.66 56.27
N SER F 33 -7.25 -61.40 56.85
CA SER F 33 -6.13 -62.33 56.80
C SER F 33 -5.40 -62.20 58.11
N GLY F 34 -5.26 -63.31 58.83
CA GLY F 34 -4.57 -63.23 60.11
C GLY F 34 -4.23 -64.58 60.69
N TYR F 35 -4.23 -64.70 62.01
CA TYR F 35 -3.89 -65.96 62.63
C TYR F 35 -4.94 -66.36 63.65
N LEU F 36 -5.21 -67.65 63.72
CA LEU F 36 -6.14 -68.23 64.67
C LEU F 36 -5.39 -69.08 65.68
N ARG F 37 -5.84 -69.04 66.93
CA ARG F 37 -5.14 -69.71 68.01
C ARG F 37 -5.26 -71.21 67.84
N ALA F 38 -4.20 -71.82 67.32
CA ALA F 38 -3.99 -73.26 67.47
C ALA F 38 -3.41 -73.48 68.86
N SER F 39 -2.90 -74.68 69.14
CA SER F 39 -2.26 -74.92 70.42
C SER F 39 -1.23 -73.83 70.72
N ASP F 40 -1.11 -73.49 72.00
CA ASP F 40 -0.51 -72.23 72.45
C ASP F 40 0.65 -71.76 71.59
N SER F 41 1.57 -72.66 71.26
CA SER F 41 2.70 -72.27 70.43
C SER F 41 2.29 -72.10 68.97
N LYS F 42 1.37 -72.93 68.49
CA LYS F 42 0.98 -72.93 67.09
C LYS F 42 -0.10 -71.88 66.82
N HIS F 43 0.02 -71.20 65.68
CA HIS F 43 -0.93 -70.18 65.27
C HIS F 43 -1.24 -70.39 63.79
N PHE F 44 -2.44 -70.88 63.49
CA PHE F 44 -2.81 -71.15 62.12
C PHE F 44 -2.97 -69.85 61.34
N HIS F 45 -2.70 -69.92 60.04
CA HIS F 45 -2.88 -68.78 59.15
C HIS F 45 -4.26 -68.87 58.49
N TYR F 46 -5.08 -67.84 58.68
CA TYR F 46 -6.40 -67.84 58.05
C TYR F 46 -6.53 -66.73 57.02
N TRP F 47 -7.50 -66.94 56.13
CA TRP F 47 -7.86 -65.98 55.09
C TRP F 47 -9.38 -66.09 54.91
N PHE F 48 -10.11 -65.15 55.48
CA PHE F 48 -11.56 -65.17 55.40
C PHE F 48 -12.03 -64.21 54.32
N VAL F 49 -12.94 -64.65 53.48
CA VAL F 49 -13.49 -63.79 52.42
C VAL F 49 -15.01 -63.79 52.54
N GLU F 50 -15.59 -62.61 52.75
CA GLU F 50 -17.03 -62.51 52.90
C GLU F 50 -17.75 -62.66 51.57
N SER F 51 -18.98 -63.13 51.66
CA SER F 51 -19.85 -63.29 50.49
C SER F 51 -19.95 -62.00 49.70
N GLN F 52 -20.14 -62.13 48.40
CA GLN F 52 -20.25 -60.96 47.54
C GLN F 52 -21.67 -60.44 47.47
N ASN F 53 -22.58 -61.04 48.22
CA ASN F 53 -23.98 -60.62 48.24
C ASN F 53 -24.57 -61.00 49.59
N ASP F 54 -24.94 -60.00 50.39
CA ASP F 54 -25.53 -60.22 51.70
C ASP F 54 -24.66 -61.07 52.62
N PRO F 55 -23.39 -60.71 52.81
CA PRO F 55 -22.52 -61.53 53.67
C PRO F 55 -23.06 -61.73 55.08
N LYS F 56 -23.79 -60.76 55.63
CA LYS F 56 -24.27 -60.89 57.00
C LYS F 56 -25.10 -62.16 57.20
N ASN F 57 -25.82 -62.59 56.16
CA ASN F 57 -26.65 -63.78 56.26
C ASN F 57 -26.17 -64.89 55.32
N SER F 58 -24.92 -64.83 54.90
CA SER F 58 -24.56 -65.94 54.03
C SER F 58 -23.86 -67.04 54.82
N PRO F 59 -24.09 -68.30 54.45
CA PRO F 59 -23.45 -69.41 55.17
C PRO F 59 -21.93 -69.29 55.20
N VAL F 60 -21.33 -69.86 56.25
CA VAL F 60 -19.90 -69.92 56.42
C VAL F 60 -19.38 -71.29 56.00
N VAL F 61 -18.47 -71.31 55.04
CA VAL F 61 -17.89 -72.52 54.50
C VAL F 61 -16.39 -72.52 54.79
N LEU F 62 -15.93 -73.50 55.55
CA LEU F 62 -14.53 -73.66 55.89
C LEU F 62 -13.86 -74.47 54.78
N TRP F 63 -12.68 -74.05 54.35
CA TRP F 63 -11.95 -74.79 53.34
C TRP F 63 -10.56 -75.20 53.80
N LEU F 64 -10.28 -76.49 53.65
CA LEU F 64 -9.00 -77.10 53.98
C LEU F 64 -8.46 -77.88 52.79
N ASN F 65 -7.18 -77.67 52.47
CA ASN F 65 -6.53 -78.44 51.42
C ASN F 65 -5.96 -79.71 52.04
N GLY F 66 -5.25 -80.50 51.25
CA GLY F 66 -4.77 -81.75 51.80
C GLY F 66 -3.28 -81.86 51.99
N GLY F 67 -2.68 -82.83 51.32
CA GLY F 67 -1.27 -83.09 51.45
C GLY F 67 -1.03 -84.51 51.90
N PRO F 68 -0.74 -84.70 53.20
CA PRO F 68 -0.63 -83.72 54.28
C PRO F 68 0.57 -82.78 54.12
N GLY F 69 0.39 -81.53 54.48
CA GLY F 69 1.46 -80.56 54.37
C GLY F 69 1.30 -79.53 53.27
N CYS F 70 0.10 -79.36 52.72
CA CYS F 70 -0.15 -78.41 51.65
C CYS F 70 -1.06 -77.30 52.13
N SER F 71 -0.89 -76.14 51.50
CA SER F 71 -1.59 -74.92 51.89
C SER F 71 -3.01 -74.86 51.36
N SER F 72 -3.92 -74.41 52.22
CA SER F 72 -5.31 -74.21 51.84
C SER F 72 -5.48 -72.97 51.00
N LEU F 73 -4.41 -72.23 50.77
CA LEU F 73 -4.42 -71.04 49.94
C LEU F 73 -4.37 -71.40 48.47
N ASP F 74 -4.29 -72.69 48.15
CA ASP F 74 -4.30 -73.16 46.78
C ASP F 74 -5.72 -73.11 46.25
N GLY F 75 -6.67 -73.58 47.03
CA GLY F 75 -8.05 -73.51 46.62
C GLY F 75 -8.50 -72.07 46.41
N LEU F 76 -7.94 -71.15 47.20
CA LEU F 76 -8.28 -69.74 47.08
C LEU F 76 -7.61 -69.08 45.88
N LEU F 77 -6.28 -69.03 45.88
CA LEU F 77 -5.60 -68.32 44.81
C LEU F 77 -5.65 -69.04 43.46
N THR F 78 -5.91 -70.35 43.43
CA THR F 78 -5.90 -71.07 42.16
C THR F 78 -7.14 -71.89 41.85
N GLU F 79 -8.03 -72.16 42.79
CA GLU F 79 -9.20 -72.99 42.49
C GLU F 79 -10.53 -72.25 42.57
N HIS F 80 -10.99 -71.87 43.75
CA HIS F 80 -12.30 -71.22 43.85
C HIS F 80 -12.30 -69.97 44.72
N GLY F 81 -11.15 -69.34 44.89
CA GLY F 81 -11.08 -68.12 45.65
C GLY F 81 -11.68 -66.95 44.90
N PRO F 82 -11.86 -65.84 45.60
CA PRO F 82 -12.46 -64.65 44.97
C PRO F 82 -11.63 -64.08 43.85
N PHE F 83 -10.35 -64.44 43.76
CA PHE F 83 -9.52 -63.96 42.67
C PHE F 83 -8.49 -65.01 42.35
N LEU F 84 -7.98 -64.96 41.13
CA LEU F 84 -7.02 -65.94 40.65
C LEU F 84 -5.80 -65.26 40.07
N ILE F 85 -4.66 -65.90 40.28
CA ILE F 85 -3.38 -65.39 39.83
C ILE F 85 -3.22 -65.74 38.36
N GLN F 86 -2.98 -64.72 37.54
CA GLN F 86 -2.77 -64.95 36.13
C GLN F 86 -1.38 -65.54 35.94
N PRO F 87 -1.09 -66.07 34.75
CA PRO F 87 0.24 -66.64 34.52
C PRO F 87 1.40 -65.70 34.79
N ASP F 88 1.21 -64.38 34.69
CA ASP F 88 2.32 -63.48 34.98
C ASP F 88 2.72 -63.49 36.45
N GLY F 89 1.88 -64.01 37.33
CA GLY F 89 2.21 -64.01 38.73
C GLY F 89 2.33 -62.63 39.32
N VAL F 90 1.62 -61.66 38.73
CA VAL F 90 1.68 -60.28 39.19
C VAL F 90 0.26 -59.73 39.28
N THR F 91 -0.54 -60.06 38.28
CA THR F 91 -1.91 -59.56 38.15
C THR F 91 -2.89 -60.56 38.77
N LEU F 92 -3.96 -60.03 39.34
CA LEU F 92 -5.00 -60.84 39.92
C LEU F 92 -6.30 -60.51 39.21
N GLU F 93 -6.99 -61.53 38.73
CA GLU F 93 -8.25 -61.32 38.04
C GLU F 93 -9.40 -61.94 38.81
N TYR F 94 -10.49 -61.20 38.91
CA TYR F 94 -11.68 -61.70 39.59
C TYR F 94 -12.15 -62.96 38.90
N ASN F 95 -12.76 -63.85 39.66
CA ASN F 95 -13.19 -65.10 39.08
C ASN F 95 -14.70 -65.12 39.02
N PRO F 96 -15.27 -65.23 37.81
CA PRO F 96 -16.73 -65.26 37.68
C PRO F 96 -17.30 -66.53 38.25
N TYR F 97 -16.46 -67.52 38.51
CA TYR F 97 -16.89 -68.80 39.03
C TYR F 97 -16.40 -69.03 40.46
N ALA F 98 -16.10 -67.95 41.18
CA ALA F 98 -15.59 -68.09 42.53
C ALA F 98 -16.68 -68.56 43.49
N TRP F 99 -16.28 -69.41 44.44
CA TRP F 99 -17.20 -69.89 45.48
C TRP F 99 -17.69 -68.75 46.37
N ASN F 100 -16.92 -67.69 46.48
CA ASN F 100 -17.30 -66.58 47.33
C ASN F 100 -18.39 -65.75 46.75
N LEU F 101 -19.01 -66.15 45.63
CA LEU F 101 -20.12 -65.38 45.11
C LEU F 101 -21.38 -65.55 45.94
N ILE F 102 -21.53 -66.70 46.62
CA ILE F 102 -22.75 -66.94 47.40
C ILE F 102 -22.47 -67.40 48.82
N ALA F 103 -21.21 -67.39 49.25
CA ALA F 103 -20.92 -67.84 50.59
C ALA F 103 -19.70 -67.13 51.16
N ASN F 104 -19.61 -67.15 52.48
CA ASN F 104 -18.48 -66.60 53.22
C ASN F 104 -17.50 -67.75 53.41
N VAL F 105 -16.36 -67.71 52.72
CA VAL F 105 -15.40 -68.81 52.76
C VAL F 105 -14.21 -68.47 53.63
N LEU F 106 -13.88 -69.39 54.52
CA LEU F 106 -12.76 -69.23 55.45
C LEU F 106 -11.73 -70.29 55.08
N TYR F 107 -10.59 -69.86 54.55
CA TYR F 107 -9.52 -70.76 54.19
C TYR F 107 -8.52 -70.86 55.34
N ILE F 108 -8.15 -72.09 55.72
CA ILE F 108 -7.27 -72.27 56.86
C ILE F 108 -6.05 -73.09 56.45
N GLU F 109 -4.86 -72.49 56.56
CA GLU F 109 -3.62 -73.24 56.33
C GLU F 109 -3.33 -74.07 57.58
N SER F 110 -3.56 -75.37 57.49
CA SER F 110 -3.35 -76.28 58.61
C SER F 110 -2.67 -77.55 58.13
N PRO F 111 -1.84 -78.18 58.96
CA PRO F 111 -1.48 -77.79 60.33
C PRO F 111 -0.39 -76.73 60.40
N ALA F 112 0.14 -76.50 61.61
CA ALA F 112 1.18 -75.50 61.79
C ALA F 112 2.40 -75.85 60.97
N GLY F 113 3.02 -74.83 60.38
CA GLY F 113 4.18 -74.99 59.55
C GLY F 113 3.87 -74.97 58.07
N VAL F 114 2.61 -75.17 57.71
CA VAL F 114 2.16 -75.15 56.32
C VAL F 114 1.83 -73.73 55.94
N GLY F 115 2.46 -73.22 54.88
CA GLY F 115 2.19 -71.87 54.44
C GLY F 115 2.72 -70.84 55.41
N PHE F 116 1.82 -70.05 56.00
CA PHE F 116 2.21 -69.05 56.97
C PHE F 116 1.92 -69.46 58.41
N SER F 117 1.56 -70.71 58.62
CA SER F 117 1.32 -71.23 59.95
C SER F 117 2.66 -71.54 60.60
N TYR F 118 2.71 -71.50 61.92
CA TYR F 118 3.97 -71.74 62.62
C TYR F 118 3.68 -72.05 64.08
N SER F 119 4.77 -72.26 64.82
CA SER F 119 4.70 -72.54 66.25
C SER F 119 5.94 -71.96 66.93
N ASP F 120 5.75 -71.55 68.19
CA ASP F 120 6.85 -70.99 68.96
C ASP F 120 8.02 -71.96 69.00
N ASP F 121 7.75 -73.22 69.34
CA ASP F 121 8.79 -74.25 69.42
C ASP F 121 9.28 -74.67 68.05
N LYS F 122 8.58 -74.29 66.97
CA LYS F 122 8.95 -74.64 65.59
C LYS F 122 8.99 -76.15 65.39
N MET F 123 8.12 -76.88 66.08
CA MET F 123 8.03 -78.33 65.95
C MET F 123 7.03 -78.65 64.85
N TYR F 124 7.53 -78.70 63.62
CA TYR F 124 6.66 -78.97 62.49
C TYR F 124 6.09 -80.39 62.50
N VAL F 125 6.74 -81.32 63.19
CA VAL F 125 6.23 -82.68 63.26
C VAL F 125 4.90 -82.70 63.99
N THR F 126 3.98 -83.52 63.52
CA THR F 126 2.65 -83.61 64.11
C THR F 126 1.99 -84.91 63.64
N ASN F 127 0.69 -85.05 63.92
CA ASN F 127 -0.04 -86.26 63.59
C ASN F 127 -1.52 -85.92 63.49
N ASP F 128 -2.29 -86.90 63.02
CA ASP F 128 -3.73 -86.73 62.79
C ASP F 128 -4.45 -86.15 64.00
N THR F 129 -4.19 -86.69 65.18
CA THR F 129 -4.89 -86.21 66.37
C THR F 129 -4.52 -84.77 66.70
N GLU F 130 -3.22 -84.44 66.65
CA GLU F 130 -2.81 -83.07 66.92
C GLU F 130 -3.40 -82.11 65.89
N VAL F 131 -3.41 -82.51 64.62
CA VAL F 131 -3.96 -81.63 63.59
C VAL F 131 -5.44 -81.41 63.83
N ALA F 132 -6.17 -82.46 64.22
CA ALA F 132 -7.59 -82.32 64.48
C ALA F 132 -7.85 -81.40 65.67
N GLU F 133 -7.08 -81.57 66.75
CA GLU F 133 -7.26 -80.72 67.91
C GLU F 133 -6.93 -79.27 67.58
N ASN F 134 -5.86 -79.05 66.80
CA ASN F 134 -5.49 -77.69 66.41
C ASN F 134 -6.57 -77.06 65.54
N ASN F 135 -7.14 -77.84 64.61
CA ASN F 135 -8.22 -77.32 63.79
C ASN F 135 -9.42 -76.94 64.64
N TYR F 136 -9.77 -77.79 65.61
CA TYR F 136 -10.91 -77.48 66.47
C TYR F 136 -10.65 -76.22 67.29
N GLU F 137 -9.44 -76.07 67.84
CA GLU F 137 -9.12 -74.87 68.60
C GLU F 137 -9.12 -73.64 67.70
N ALA F 138 -8.70 -73.79 66.46
CA ALA F 138 -8.72 -72.66 65.53
C ALA F 138 -10.15 -72.26 65.22
N LEU F 139 -11.04 -73.24 65.04
CA LEU F 139 -12.43 -72.92 64.77
C LEU F 139 -13.05 -72.19 65.95
N LYS F 140 -12.75 -72.64 67.17
CA LYS F 140 -13.25 -71.95 68.35
C LYS F 140 -12.74 -70.52 68.40
N ASP F 141 -11.44 -70.33 68.15
CA ASP F 141 -10.90 -68.97 68.14
C ASP F 141 -11.59 -68.14 67.08
N PHE F 142 -11.76 -68.69 65.88
CA PHE F 142 -12.46 -67.99 64.81
C PHE F 142 -13.81 -67.49 65.27
N PHE F 143 -14.60 -68.38 65.87
CA PHE F 143 -15.92 -67.99 66.33
C PHE F 143 -15.85 -67.00 67.48
N ARG F 144 -14.71 -66.91 68.17
CA ARG F 144 -14.58 -65.92 69.23
C ARG F 144 -14.07 -64.59 68.70
N LEU F 145 -13.41 -64.60 67.54
CA LEU F 145 -12.91 -63.41 66.85
C LEU F 145 -13.96 -62.79 65.94
N PHE F 146 -14.86 -63.60 65.40
CA PHE F 146 -15.93 -63.15 64.51
C PHE F 146 -17.24 -63.67 65.04
N PRO F 147 -17.66 -63.19 66.22
CA PRO F 147 -18.92 -63.65 66.80
C PRO F 147 -20.11 -63.42 65.91
N GLU F 148 -20.04 -62.44 65.01
CA GLU F 148 -21.20 -62.16 64.17
C GLU F 148 -21.51 -63.29 63.19
N TYR F 149 -20.58 -64.20 62.92
CA TYR F 149 -20.87 -65.28 62.00
C TYR F 149 -21.16 -66.61 62.68
N LYS F 150 -21.26 -66.63 64.01
CA LYS F 150 -21.54 -67.88 64.70
C LYS F 150 -22.89 -68.44 64.26
N ASP F 151 -23.87 -67.58 64.01
CA ASP F 151 -25.20 -68.03 63.66
C ASP F 151 -25.27 -68.56 62.24
N ASN F 152 -24.41 -68.09 61.37
CA ASN F 152 -24.43 -68.50 59.97
C ASN F 152 -24.23 -70.00 59.85
N LYS F 153 -24.96 -70.61 58.91
CA LYS F 153 -24.85 -72.04 58.66
C LYS F 153 -23.40 -72.37 58.33
N LEU F 154 -22.84 -73.37 59.01
CA LEU F 154 -21.46 -73.76 58.80
C LEU F 154 -21.35 -75.08 58.06
N PHE F 155 -20.40 -75.12 57.13
CA PHE F 155 -20.08 -76.28 56.31
C PHE F 155 -18.57 -76.50 56.30
N LEU F 156 -18.15 -77.75 56.42
CA LEU F 156 -16.73 -78.11 56.41
C LEU F 156 -16.40 -78.75 55.08
N THR F 157 -15.48 -78.14 54.32
CA THR F 157 -15.08 -78.59 53.00
C THR F 157 -13.57 -78.66 52.89
N GLY F 158 -13.11 -79.48 51.96
CA GLY F 158 -11.70 -79.64 51.77
C GLY F 158 -11.43 -80.54 50.59
N GLU F 159 -10.16 -80.85 50.39
CA GLU F 159 -9.80 -81.67 49.24
C GLU F 159 -8.62 -82.57 49.56
N SER F 160 -8.59 -83.72 48.87
CA SER F 160 -7.52 -84.71 48.93
C SER F 160 -7.33 -85.31 50.31
N TYR F 161 -6.21 -84.98 50.96
CA TYR F 161 -5.94 -85.51 52.29
C TYR F 161 -6.92 -84.96 53.31
N ALA F 162 -7.56 -83.83 53.00
CA ALA F 162 -8.58 -83.27 53.87
C ALA F 162 -9.74 -84.23 53.96
N GLY F 163 -9.67 -85.34 53.23
CA GLY F 163 -10.72 -86.33 53.31
C GLY F 163 -10.66 -87.09 54.61
N ILE F 164 -9.49 -87.04 55.27
CA ILE F 164 -9.28 -87.61 56.59
C ILE F 164 -9.54 -86.51 57.61
N TYR F 165 -8.83 -85.39 57.45
CA TYR F 165 -8.96 -84.23 58.33
C TYR F 165 -10.41 -83.86 58.62
N ILE F 166 -11.18 -83.58 57.58
CA ILE F 166 -12.56 -83.14 57.73
C ILE F 166 -13.46 -84.05 58.57
N PRO F 167 -13.61 -85.34 58.28
CA PRO F 167 -14.52 -86.13 59.13
C PRO F 167 -14.07 -86.28 60.57
N THR F 168 -12.78 -86.45 60.83
CA THR F 168 -12.33 -86.56 62.22
C THR F 168 -12.61 -85.25 62.95
N LEU F 169 -12.35 -84.14 62.26
CA LEU F 169 -12.61 -82.84 62.82
C LEU F 169 -14.10 -82.66 62.98
N ALA F 170 -14.87 -83.22 62.03
CA ALA F 170 -16.31 -83.12 62.10
C ALA F 170 -16.81 -83.77 63.37
N VAL F 171 -16.18 -84.88 63.80
CA VAL F 171 -16.64 -85.52 65.03
C VAL F 171 -16.47 -84.54 66.18
N LEU F 172 -15.41 -83.75 66.13
CA LEU F 172 -15.17 -82.74 67.15
C LEU F 172 -16.22 -81.66 67.00
N VAL F 173 -16.45 -81.23 65.77
CA VAL F 173 -17.46 -80.23 65.51
C VAL F 173 -18.81 -80.73 66.03
N MET F 174 -19.05 -82.03 65.92
CA MET F 174 -20.33 -82.56 66.40
C MET F 174 -20.48 -82.43 67.91
N GLN F 175 -19.37 -82.30 68.64
CA GLN F 175 -19.41 -82.15 70.08
C GLN F 175 -19.60 -80.71 70.55
N ASP F 176 -19.57 -79.73 69.64
CA ASP F 176 -19.76 -78.34 70.01
C ASP F 176 -21.13 -77.82 69.60
N PRO F 177 -22.05 -77.64 70.54
CA PRO F 177 -23.39 -77.13 70.18
C PRO F 177 -23.36 -75.70 69.68
N SER F 178 -22.29 -74.95 69.94
CA SER F 178 -22.19 -73.56 69.50
C SER F 178 -21.94 -73.43 68.01
N MET F 179 -21.44 -74.47 67.34
CA MET F 179 -21.18 -74.41 65.91
C MET F 179 -22.39 -74.95 65.19
N ASN F 180 -22.95 -74.14 64.29
CA ASN F 180 -24.16 -74.48 63.54
C ASN F 180 -23.85 -75.36 62.32
N LEU F 181 -23.30 -76.53 62.60
CA LEU F 181 -22.96 -77.48 61.55
C LEU F 181 -24.23 -77.88 60.82
N GLN F 182 -24.29 -77.57 59.53
CA GLN F 182 -25.44 -77.88 58.70
C GLN F 182 -25.19 -78.99 57.71
N GLY F 183 -23.93 -79.21 57.31
CA GLY F 183 -23.63 -80.24 56.36
C GLY F 183 -22.14 -80.27 56.13
N LEU F 184 -21.72 -81.20 55.27
CA LEU F 184 -20.30 -81.32 54.98
C LEU F 184 -20.09 -81.82 53.57
N ALA F 185 -18.99 -81.37 52.96
CA ALA F 185 -18.68 -81.77 51.59
C ALA F 185 -17.18 -82.01 51.45
N VAL F 186 -16.81 -83.12 50.84
CA VAL F 186 -15.40 -83.47 50.67
C VAL F 186 -15.15 -83.77 49.21
N GLY F 187 -14.17 -83.09 48.62
CA GLY F 187 -13.82 -83.30 47.22
C GLY F 187 -12.63 -84.22 47.09
N ASN F 188 -12.81 -85.25 46.26
CA ASN F 188 -11.79 -86.28 45.99
C ASN F 188 -11.00 -86.67 47.22
N GLY F 189 -11.71 -87.10 48.26
CA GLY F 189 -11.06 -87.46 49.50
C GLY F 189 -10.63 -88.91 49.53
N LEU F 190 -9.60 -89.19 50.33
CA LEU F 190 -9.09 -90.56 50.47
C LEU F 190 -9.90 -91.22 51.59
N ALA F 191 -10.97 -91.91 51.18
CA ALA F 191 -11.84 -92.53 52.17
C ALA F 191 -11.20 -93.78 52.78
N SER F 192 -10.36 -94.47 52.02
CA SER F 192 -9.82 -95.76 52.44
C SER F 192 -8.61 -96.08 51.60
N TYR F 193 -7.45 -96.28 52.24
CA TYR F 193 -6.26 -96.60 51.48
C TYR F 193 -6.44 -97.92 50.75
N GLU F 194 -7.14 -98.87 51.37
CA GLU F 194 -7.36 -100.15 50.72
C GLU F 194 -8.27 -99.98 49.51
N GLN F 195 -9.41 -99.32 49.72
CA GLN F 195 -10.35 -99.10 48.64
C GLN F 195 -9.75 -98.20 47.57
N ASN F 196 -8.84 -97.31 47.96
CA ASN F 196 -8.21 -96.42 47.00
C ASN F 196 -7.20 -97.17 46.16
N ASP F 197 -6.32 -97.95 46.79
CA ASP F 197 -5.33 -98.71 46.04
C ASP F 197 -6.00 -99.70 45.11
N ASN F 198 -7.05 -100.38 45.57
CA ASN F 198 -7.73 -101.33 44.70
C ASN F 198 -8.36 -100.62 43.52
N SER F 199 -9.18 -99.59 43.80
CA SER F 199 -9.80 -98.87 42.69
C SER F 199 -8.75 -98.27 41.76
N LEU F 200 -7.59 -97.88 42.31
CA LEU F 200 -6.54 -97.32 41.46
C LEU F 200 -6.00 -98.36 40.51
N VAL F 201 -5.78 -99.58 40.98
CA VAL F 201 -5.28 -100.63 40.11
C VAL F 201 -6.28 -100.91 39.00
N TYR F 202 -7.57 -100.97 39.37
CA TYR F 202 -8.59 -101.17 38.34
C TYR F 202 -8.59 -100.01 37.36
N PHE F 203 -8.61 -98.79 37.87
CA PHE F 203 -8.56 -97.60 37.02
C PHE F 203 -7.43 -97.70 36.02
N ALA F 204 -6.23 -98.01 36.52
CA ALA F 204 -5.05 -98.11 35.69
C ALA F 204 -5.23 -99.14 34.57
N TYR F 205 -5.78 -100.30 34.90
CA TYR F 205 -5.98 -101.29 33.84
C TYR F 205 -7.02 -100.81 32.83
N TYR F 206 -8.16 -100.34 33.30
CA TYR F 206 -9.21 -99.92 32.38
C TYR F 206 -8.91 -98.60 31.68
N HIS F 207 -7.86 -97.89 32.08
CA HIS F 207 -7.47 -96.66 31.42
C HIS F 207 -6.21 -96.85 30.59
N GLY F 208 -5.85 -98.09 30.32
CA GLY F 208 -4.72 -98.40 29.47
C GLY F 208 -3.38 -98.11 30.07
N LEU F 209 -3.27 -98.15 31.40
CA LEU F 209 -2.02 -97.83 32.04
C LEU F 209 -1.21 -99.07 32.39
N LEU F 210 -1.85 -100.23 32.52
CA LEU F 210 -1.19 -101.47 32.93
C LEU F 210 -0.82 -102.39 31.77
N GLY F 211 -1.79 -102.75 30.93
CA GLY F 211 -1.56 -103.69 29.86
C GLY F 211 -2.00 -105.08 30.23
N ASN F 212 -2.27 -105.89 29.21
CA ASN F 212 -2.79 -107.23 29.48
C ASN F 212 -1.75 -108.13 30.16
N ARG F 213 -0.47 -107.93 29.88
CA ARG F 213 0.54 -108.75 30.53
C ARG F 213 0.54 -108.48 32.02
N LEU F 214 0.58 -107.19 32.37
CA LEU F 214 0.58 -106.77 33.76
C LEU F 214 -0.73 -107.16 34.42
N TRP F 215 -1.86 -106.89 33.74
CA TRP F 215 -3.17 -107.26 34.29
C TRP F 215 -3.23 -108.74 34.62
N THR F 216 -2.78 -109.60 33.70
CA THR F 216 -2.81 -111.03 33.95
C THR F 216 -1.94 -111.39 35.15
N SER F 217 -0.72 -110.83 35.21
CA SER F 217 0.15 -111.12 36.34
C SER F 217 -0.47 -110.65 37.65
N LEU F 218 -1.10 -109.47 37.63
CA LEU F 218 -1.73 -108.93 38.82
C LEU F 218 -2.84 -109.85 39.30
N GLN F 219 -3.70 -110.29 38.38
CA GLN F 219 -4.78 -111.19 38.77
C GLN F 219 -4.23 -112.50 39.31
N THR F 220 -3.11 -112.97 38.76
CA THR F 220 -2.55 -114.24 39.19
C THR F 220 -1.90 -114.15 40.58
N HIS F 221 -1.11 -113.11 40.82
CA HIS F 221 -0.36 -112.97 42.07
C HIS F 221 -1.01 -112.14 43.17
N CYS F 222 -2.07 -111.40 42.91
CA CYS F 222 -2.65 -110.54 43.93
C CYS F 222 -4.12 -110.79 44.24
N CYS F 223 -4.81 -111.68 43.52
CA CYS F 223 -6.23 -111.87 43.75
C CYS F 223 -6.60 -113.32 44.10
N ALA F 224 -7.65 -113.42 44.92
CA ALA F 224 -8.46 -114.63 45.06
C ALA F 224 -9.38 -114.66 43.85
N GLN F 225 -10.46 -115.45 43.85
CA GLN F 225 -11.19 -115.54 42.59
C GLN F 225 -11.75 -114.16 42.27
N ASN F 226 -12.90 -113.74 42.81
CA ASN F 226 -13.29 -112.37 42.52
C ASN F 226 -12.77 -111.38 43.56
N LYS F 227 -11.80 -111.78 44.38
CA LYS F 227 -11.23 -110.91 45.40
C LYS F 227 -9.80 -110.52 45.06
N CYS F 228 -9.52 -109.23 45.02
CA CYS F 228 -8.15 -108.75 44.78
C CYS F 228 -7.65 -108.05 46.03
N ASN F 229 -6.38 -108.27 46.36
CA ASN F 229 -5.75 -107.62 47.51
C ASN F 229 -4.58 -106.76 47.04
N PHE F 230 -4.80 -105.46 46.88
CA PHE F 230 -3.76 -104.53 46.45
C PHE F 230 -3.31 -103.65 47.60
N TYR F 231 -3.76 -103.94 48.82
CA TYR F 231 -3.47 -103.15 50.02
C TYR F 231 -2.28 -103.65 50.81
N ASP F 232 -2.33 -104.91 51.26
CA ASP F 232 -1.25 -105.50 52.06
C ASP F 232 -0.85 -106.87 51.53
N ASN F 233 -0.86 -107.04 50.20
CA ASN F 233 -0.47 -108.30 49.61
C ASN F 233 1.03 -108.49 49.75
N LYS F 234 1.44 -109.71 50.11
CA LYS F 234 2.84 -110.03 50.32
C LYS F 234 3.45 -110.86 49.20
N ASP F 235 2.64 -111.41 48.30
CA ASP F 235 3.15 -112.21 47.20
C ASP F 235 4.28 -111.45 46.50
N PRO F 236 5.47 -112.07 46.32
CA PRO F 236 6.62 -111.33 45.81
C PRO F 236 6.40 -110.71 44.44
N GLU F 237 6.05 -111.51 43.44
CA GLU F 237 5.85 -110.94 42.12
C GLU F 237 4.67 -109.98 42.11
N CYS F 238 3.73 -110.16 43.04
CA CYS F 238 2.61 -109.23 43.12
C CYS F 238 3.13 -107.86 43.53
N VAL F 239 4.00 -107.84 44.54
CA VAL F 239 4.57 -106.60 45.02
C VAL F 239 5.43 -105.97 43.94
N ASN F 240 6.15 -106.80 43.18
CA ASN F 240 6.94 -106.26 42.07
C ASN F 240 6.04 -105.59 41.02
N ASN F 241 4.92 -106.22 40.69
CA ASN F 241 3.99 -105.63 39.74
C ASN F 241 3.44 -104.32 40.28
N LEU F 242 3.12 -104.28 41.56
CA LEU F 242 2.61 -103.05 42.16
C LEU F 242 3.66 -101.94 42.15
N LEU F 243 4.92 -102.32 42.39
CA LEU F 243 6.01 -101.35 42.31
C LEU F 243 6.14 -100.80 40.90
N GLU F 244 6.00 -101.65 39.89
CA GLU F 244 6.03 -101.16 38.52
C GLU F 244 4.87 -100.21 38.27
N VAL F 245 3.68 -100.56 38.77
CA VAL F 245 2.52 -99.67 38.63
C VAL F 245 2.81 -98.31 39.22
N SER F 246 3.39 -98.28 40.42
CA SER F 246 3.68 -97.02 41.09
C SER F 246 4.75 -96.24 40.34
N ARG F 247 5.75 -96.93 39.78
CA ARG F 247 6.74 -96.27 38.94
C ARG F 247 6.07 -95.59 37.75
N ILE F 248 5.15 -96.29 37.10
CA ILE F 248 4.45 -95.74 35.94
C ILE F 248 3.62 -94.53 36.34
N VAL F 249 2.91 -94.63 37.47
CA VAL F 249 2.05 -93.52 37.88
C VAL F 249 2.89 -92.32 38.30
N GLY F 250 3.96 -92.54 39.05
CA GLY F 250 4.77 -91.44 39.52
C GLY F 250 5.68 -90.83 38.49
N LYS F 251 6.65 -91.61 37.98
CA LYS F 251 7.72 -91.03 37.19
C LYS F 251 7.81 -91.61 35.79
N SER F 252 6.68 -91.74 35.09
CA SER F 252 6.72 -92.04 33.67
C SER F 252 6.18 -90.91 32.81
N GLY F 253 5.70 -89.82 33.41
CA GLY F 253 5.18 -88.69 32.67
C GLY F 253 3.71 -88.43 32.80
N LEU F 254 2.95 -89.27 33.50
CA LEU F 254 1.54 -88.99 33.65
C LEU F 254 1.29 -87.99 34.77
N ASN F 255 0.19 -87.25 34.64
CA ASN F 255 -0.22 -86.28 35.65
C ASN F 255 -1.21 -86.97 36.56
N ILE F 256 -0.77 -87.33 37.77
CA ILE F 256 -1.68 -88.01 38.70
C ILE F 256 -2.90 -87.17 39.04
N TYR F 257 -2.84 -85.85 38.80
CA TYR F 257 -3.99 -85.03 39.12
C TYR F 257 -4.96 -84.87 37.95
N ASN F 258 -4.54 -85.18 36.72
CA ASN F 258 -5.43 -85.03 35.57
C ASN F 258 -4.81 -85.82 34.41
N LEU F 259 -5.31 -87.04 34.20
CA LEU F 259 -4.77 -87.90 33.16
C LEU F 259 -4.73 -87.22 31.80
N TYR F 260 -5.76 -86.45 31.49
CA TYR F 260 -5.96 -85.78 30.22
C TYR F 260 -5.42 -84.35 30.19
N ALA F 261 -4.47 -84.02 31.03
CA ALA F 261 -3.94 -82.67 31.01
C ALA F 261 -2.44 -82.65 30.82
N PRO F 262 -1.89 -81.53 30.35
CA PRO F 262 -0.45 -81.44 30.15
C PRO F 262 0.31 -81.38 31.46
N CYS F 263 1.60 -81.66 31.35
CA CYS F 263 2.52 -81.66 32.47
C CYS F 263 3.35 -80.39 32.43
N ALA F 264 3.23 -79.59 33.48
CA ALA F 264 3.96 -78.33 33.61
C ALA F 264 5.47 -78.57 33.61
N GLY F 265 6.12 -78.08 32.55
CA GLY F 265 7.55 -78.20 32.33
C GLY F 265 8.06 -79.60 32.06
N GLY F 266 7.26 -80.65 32.27
CA GLY F 266 7.76 -81.98 32.04
C GLY F 266 8.51 -82.62 33.19
N VAL F 267 8.09 -83.83 33.55
CA VAL F 267 8.72 -84.62 34.61
C VAL F 267 9.68 -85.69 34.07
N PRO F 268 9.39 -86.39 32.97
CA PRO F 268 10.35 -87.39 32.48
C PRO F 268 11.58 -86.82 31.78
N GLY F 269 11.74 -85.50 31.77
CA GLY F 269 12.97 -84.92 31.24
C GLY F 269 14.05 -84.90 32.30
N ARG F 270 14.77 -83.79 32.41
CA ARG F 270 15.73 -83.65 33.50
C ARG F 270 15.00 -83.52 34.83
N HIS F 271 15.58 -84.10 35.88
CA HIS F 271 14.94 -84.09 37.19
C HIS F 271 14.77 -82.66 37.70
N ARG F 272 15.86 -81.89 37.72
CA ARG F 272 15.81 -80.49 38.11
C ARG F 272 16.79 -79.69 37.26
N TYR F 273 16.53 -78.39 37.17
CA TYR F 273 17.37 -77.48 36.41
C TYR F 273 18.27 -76.61 37.28
N GLU F 274 18.00 -76.56 38.58
CA GLU F 274 18.79 -75.78 39.53
C GLU F 274 19.03 -76.67 40.74
N ASP F 275 19.53 -76.10 41.84
CA ASP F 275 19.78 -76.87 43.05
C ASP F 275 18.56 -76.96 43.96
N THR F 276 17.37 -76.88 43.38
CA THR F 276 16.11 -77.01 44.10
C THR F 276 15.43 -78.29 43.65
N LEU F 277 15.18 -79.19 44.59
CA LEU F 277 14.60 -80.49 44.28
C LEU F 277 13.10 -80.46 44.51
N VAL F 278 12.34 -80.98 43.56
CA VAL F 278 10.88 -80.97 43.61
C VAL F 278 10.42 -82.40 43.89
N VAL F 279 9.74 -82.58 45.02
CA VAL F 279 9.20 -83.85 45.45
C VAL F 279 7.70 -83.82 45.23
N GLN F 280 7.13 -84.93 44.75
CA GLN F 280 5.71 -84.96 44.44
C GLN F 280 5.04 -86.18 45.05
N ASP F 281 5.64 -86.77 46.08
CA ASP F 281 5.09 -87.93 46.76
C ASP F 281 4.54 -87.45 48.09
N PHE F 282 3.22 -87.47 48.24
CA PHE F 282 2.60 -87.13 49.51
C PHE F 282 2.60 -88.29 50.48
N GLY F 283 3.18 -89.43 50.07
CA GLY F 283 3.32 -90.62 50.89
C GLY F 283 2.03 -91.16 51.43
N ASN F 284 0.93 -91.02 50.69
CA ASN F 284 -0.37 -91.51 51.15
C ASN F 284 -0.84 -92.69 50.31
N ILE F 285 -0.12 -93.02 49.25
CA ILE F 285 -0.48 -94.05 48.30
C ILE F 285 0.55 -95.17 48.36
N PHE F 286 0.08 -96.41 48.37
CA PHE F 286 0.96 -97.58 48.41
C PHE F 286 1.85 -97.57 49.66
N THR F 287 1.29 -97.06 50.76
CA THR F 287 2.04 -96.95 52.02
C THR F 287 2.44 -98.31 52.57
N ARG F 288 1.66 -99.36 52.33
CA ARG F 288 1.99 -100.66 52.88
C ARG F 288 2.90 -101.47 51.96
N LEU F 289 3.31 -100.90 50.83
CA LEU F 289 4.18 -101.50 49.82
C LEU F 289 5.62 -101.09 50.09
N PRO F 290 6.58 -101.99 49.97
CA PRO F 290 7.98 -101.60 50.22
C PRO F 290 8.57 -100.77 49.09
N LEU F 291 8.63 -99.47 49.34
CA LEU F 291 9.15 -98.49 48.41
C LEU F 291 10.67 -98.47 48.46
N LYS F 292 11.27 -97.83 47.44
CA LYS F 292 12.71 -97.68 47.40
C LYS F 292 13.07 -96.35 48.04
N ARG F 293 14.07 -96.37 48.91
CA ARG F 293 14.49 -95.18 49.65
C ARG F 293 15.35 -94.30 48.74
N ARG F 294 14.66 -93.59 47.84
CA ARG F 294 15.32 -92.59 47.01
C ARG F 294 15.55 -91.29 47.76
N PHE F 295 14.86 -91.09 48.88
CA PHE F 295 15.12 -89.91 49.70
C PHE F 295 16.55 -89.87 50.24
N PRO F 296 17.12 -90.94 50.80
CA PRO F 296 18.54 -90.90 51.16
C PRO F 296 19.45 -90.67 49.97
N GLU F 297 19.04 -91.07 48.76
CA GLU F 297 19.85 -90.83 47.58
C GLU F 297 20.05 -89.34 47.32
N ALA F 298 19.05 -88.52 47.64
CA ALA F 298 19.18 -87.09 47.49
C ALA F 298 20.23 -86.55 48.46
N LEU F 299 21.05 -85.62 47.98
CA LEU F 299 22.10 -85.04 48.79
C LEU F 299 21.54 -84.42 50.06
N MET F 300 22.18 -84.72 51.20
CA MET F 300 21.81 -84.17 52.48
C MET F 300 22.73 -83.03 52.91
N ARG F 301 23.59 -82.55 52.01
CA ARG F 301 24.58 -81.55 52.36
C ARG F 301 23.91 -80.21 52.65
N SER F 302 24.62 -79.37 53.41
CA SER F 302 24.11 -78.06 53.78
C SER F 302 23.82 -77.22 52.55
N GLY F 303 22.74 -76.45 52.62
CA GLY F 303 22.32 -75.59 51.52
C GLY F 303 21.53 -76.27 50.43
N ASP F 304 21.16 -77.54 50.59
CA ASP F 304 20.37 -78.25 49.59
C ASP F 304 18.91 -77.94 49.87
N LYS F 305 18.36 -76.95 49.17
CA LYS F 305 16.98 -76.59 49.35
C LYS F 305 16.05 -77.59 48.68
N VAL F 306 15.01 -78.00 49.40
CA VAL F 306 14.04 -78.97 48.94
C VAL F 306 12.66 -78.36 49.14
N ARG F 307 11.77 -78.56 48.17
CA ARG F 307 10.39 -78.10 48.31
C ARG F 307 9.44 -79.15 47.77
N LEU F 308 8.24 -79.18 48.34
CA LEU F 308 7.19 -80.10 47.95
C LEU F 308 6.20 -79.36 47.06
N ASP F 309 6.06 -79.82 45.83
CA ASP F 309 5.10 -79.27 44.89
C ASP F 309 4.32 -80.42 44.27
N PRO F 310 3.08 -80.20 43.83
CA PRO F 310 2.33 -81.30 43.22
C PRO F 310 2.95 -81.69 41.90
N PRO F 311 2.81 -82.96 41.50
CA PRO F 311 3.36 -83.42 40.23
C PRO F 311 2.77 -82.69 39.03
N CYS F 312 3.64 -82.16 38.18
CA CYS F 312 3.24 -81.47 36.95
C CYS F 312 2.41 -80.21 37.21
N THR F 313 2.58 -79.59 38.38
CA THR F 313 1.82 -78.40 38.75
C THR F 313 2.83 -77.29 38.89
N ASN F 314 2.58 -76.15 38.25
CA ASN F 314 3.53 -75.04 38.36
C ASN F 314 3.04 -74.07 39.44
N THR F 315 3.64 -74.17 40.62
CA THR F 315 3.34 -73.37 41.79
C THR F 315 4.01 -72.00 41.79
N THR F 316 4.80 -71.69 40.76
CA THR F 316 5.54 -70.43 40.69
C THR F 316 4.65 -69.21 40.96
N ALA F 317 3.63 -69.01 40.12
CA ALA F 317 2.71 -67.88 40.26
C ALA F 317 2.23 -67.67 41.69
N PRO F 318 1.57 -68.65 42.33
CA PRO F 318 1.08 -68.41 43.70
C PRO F 318 2.18 -68.05 44.66
N SER F 319 3.34 -68.68 44.54
CA SER F 319 4.45 -68.37 45.42
C SER F 319 4.90 -66.93 45.22
N ASN F 320 5.15 -66.54 43.97
CA ASN F 320 5.60 -65.18 43.68
C ASN F 320 4.59 -64.16 44.13
N TYR F 321 3.32 -64.53 44.20
CA TYR F 321 2.35 -63.58 44.73
C TYR F 321 2.42 -63.49 46.25
N LEU F 322 2.26 -64.63 46.94
CA LEU F 322 2.25 -64.61 48.39
C LEU F 322 3.59 -64.15 48.96
N ASN F 323 4.68 -64.41 48.25
CA ASN F 323 6.02 -64.04 48.68
C ASN F 323 6.38 -62.62 48.26
N ASN F 324 5.46 -61.88 47.69
CA ASN F 324 5.76 -60.51 47.28
C ASN F 324 5.70 -59.62 48.51
N PRO F 325 6.78 -58.92 48.84
CA PRO F 325 6.81 -58.04 50.01
C PRO F 325 5.57 -57.18 50.23
N TYR F 326 5.04 -56.56 49.19
CA TYR F 326 3.85 -55.74 49.43
C TYR F 326 2.64 -56.58 49.79
N VAL F 327 2.54 -57.79 49.26
CA VAL F 327 1.41 -58.64 49.61
C VAL F 327 1.60 -59.21 51.01
N ARG F 328 2.82 -59.64 51.32
CA ARG F 328 3.08 -60.16 52.65
C ARG F 328 2.81 -59.09 53.69
N LYS F 329 3.22 -57.84 53.41
CA LYS F 329 2.96 -56.74 54.32
C LYS F 329 1.46 -56.55 54.50
N ALA F 330 0.75 -56.34 53.39
CA ALA F 330 -0.69 -56.14 53.43
C ALA F 330 -1.39 -57.27 54.19
N LEU F 331 -0.93 -58.51 54.00
CA LEU F 331 -1.55 -59.64 54.66
C LEU F 331 -1.07 -59.88 56.06
N HIS F 332 -0.42 -58.89 56.69
CA HIS F 332 -0.09 -58.95 58.11
C HIS F 332 0.73 -60.19 58.46
N ILE F 333 1.66 -60.56 57.58
CA ILE F 333 2.48 -61.75 57.78
C ILE F 333 3.82 -61.33 58.36
N PRO F 334 4.18 -61.80 59.54
CA PRO F 334 5.48 -61.46 60.15
C PRO F 334 6.65 -61.66 59.21
N GLU F 335 7.43 -60.59 58.98
CA GLU F 335 8.57 -60.66 58.08
C GLU F 335 9.55 -61.76 58.47
N SER F 336 9.49 -62.25 59.71
CA SER F 336 10.43 -63.27 60.15
C SER F 336 10.29 -64.57 59.37
N LEU F 337 9.05 -64.98 59.09
CA LEU F 337 8.81 -66.29 58.50
C LEU F 337 9.47 -66.40 57.13
N PRO F 338 10.05 -67.55 56.80
CA PRO F 338 10.70 -67.72 55.50
C PRO F 338 9.76 -67.83 54.32
N ARG F 339 10.32 -68.15 53.15
CA ARG F 339 9.61 -68.18 51.87
C ARG F 339 8.37 -69.07 51.90
N TRP F 340 7.46 -68.87 50.96
CA TRP F 340 6.18 -69.54 50.94
C TRP F 340 6.14 -70.60 49.84
N ASP F 341 5.58 -71.76 50.18
CA ASP F 341 5.39 -72.86 49.25
C ASP F 341 3.98 -73.42 49.42
N MET F 342 3.42 -73.95 48.33
CA MET F 342 2.09 -74.52 48.38
C MET F 342 2.03 -75.74 49.29
N CYS F 343 3.11 -76.52 49.33
CA CYS F 343 3.20 -77.70 50.18
C CYS F 343 4.55 -77.64 50.89
N ASN F 344 4.61 -78.09 52.15
CA ASN F 344 5.86 -78.15 52.89
C ASN F 344 6.43 -79.57 52.90
N PHE F 345 7.58 -79.75 52.26
CA PHE F 345 8.24 -81.04 52.21
C PHE F 345 8.45 -81.60 53.62
N LEU F 346 9.13 -80.83 54.48
CA LEU F 346 9.42 -81.24 55.84
C LEU F 346 8.16 -81.64 56.61
N VAL F 347 7.06 -80.90 56.43
CA VAL F 347 5.82 -81.25 57.11
C VAL F 347 5.37 -82.65 56.68
N ASN F 348 5.37 -82.91 55.37
CA ASN F 348 4.97 -84.22 54.86
C ASN F 348 5.89 -85.31 55.41
N LEU F 349 7.19 -85.09 55.31
CA LEU F 349 8.17 -86.06 55.80
C LEU F 349 7.96 -86.37 57.27
N GLN F 350 7.67 -85.37 58.09
CA GLN F 350 7.51 -85.61 59.51
C GLN F 350 6.07 -85.89 59.89
N TYR F 351 5.16 -85.90 58.93
CA TYR F 351 3.77 -86.18 59.23
C TYR F 351 3.61 -87.62 59.70
N ARG F 352 2.71 -87.83 60.65
CA ARG F 352 2.43 -89.17 61.16
C ARG F 352 0.97 -89.51 60.88
N ARG F 353 0.75 -90.43 59.95
CA ARG F 353 -0.60 -90.87 59.64
C ARG F 353 -1.07 -91.82 60.72
N LEU F 354 -2.31 -91.64 61.16
CA LEU F 354 -2.85 -92.46 62.23
C LEU F 354 -4.10 -93.23 61.84
N TYR F 355 -4.99 -92.60 61.08
CA TYR F 355 -6.22 -93.26 60.67
C TYR F 355 -5.99 -94.18 59.48
N GLN F 356 -6.65 -95.34 59.51
CA GLN F 356 -6.59 -96.30 58.42
C GLN F 356 -7.71 -96.09 57.43
N SER F 357 -8.96 -96.21 57.88
CA SER F 357 -10.11 -95.97 57.04
C SER F 357 -11.04 -94.96 57.70
N MET F 358 -11.91 -94.38 56.88
CA MET F 358 -12.85 -93.37 57.36
C MET F 358 -14.19 -93.97 57.77
N ASN F 359 -14.28 -95.30 57.84
CA ASN F 359 -15.54 -95.97 58.18
C ASN F 359 -16.13 -95.45 59.49
N SER F 360 -15.34 -95.44 60.56
CA SER F 360 -15.85 -95.00 61.86
C SER F 360 -16.30 -93.54 61.83
N GLN F 361 -15.54 -92.69 61.15
CA GLN F 361 -15.90 -91.27 61.07
C GLN F 361 -17.23 -91.07 60.35
N TYR F 362 -17.40 -91.75 59.21
CA TYR F 362 -18.63 -91.61 58.46
C TYR F 362 -19.79 -92.22 59.23
N LEU F 363 -19.56 -93.30 59.96
CA LEU F 363 -20.64 -93.88 60.75
C LEU F 363 -21.05 -92.92 61.85
N LYS F 364 -20.07 -92.24 62.44
CA LYS F 364 -20.36 -91.26 63.48
C LYS F 364 -21.16 -90.10 62.92
N LEU F 365 -20.81 -89.65 61.71
CA LEU F 365 -21.57 -88.56 61.11
C LEU F 365 -22.96 -88.98 60.64
N LEU F 366 -23.10 -90.23 60.19
CA LEU F 366 -24.40 -90.70 59.71
C LEU F 366 -25.36 -91.01 60.84
N SER F 367 -24.83 -91.37 62.02
CA SER F 367 -25.71 -91.71 63.14
C SER F 367 -26.61 -90.56 63.57
N SER F 368 -26.15 -89.32 63.47
CA SER F 368 -27.02 -88.22 63.88
C SER F 368 -28.15 -87.98 62.87
N GLN F 369 -27.90 -88.23 61.59
CA GLN F 369 -28.88 -88.07 60.52
C GLN F 369 -29.42 -86.64 60.46
N LYS F 370 -28.61 -85.65 60.84
CA LYS F 370 -29.05 -84.26 60.78
C LYS F 370 -28.33 -83.43 59.73
N TYR F 371 -27.15 -83.87 59.30
CA TYR F 371 -26.31 -83.15 58.36
C TYR F 371 -26.41 -83.71 56.95
N GLN F 372 -26.32 -82.80 55.99
CA GLN F 372 -26.34 -83.12 54.56
C GLN F 372 -24.88 -83.23 54.12
N ILE F 373 -24.48 -84.41 53.67
CA ILE F 373 -23.10 -84.64 53.27
C ILE F 373 -23.04 -85.08 51.82
N LEU F 374 -22.04 -84.56 51.11
CA LEU F 374 -21.80 -84.82 49.70
C LEU F 374 -20.31 -84.98 49.46
N LEU F 375 -19.97 -86.04 48.75
CA LEU F 375 -18.61 -86.36 48.33
C LEU F 375 -18.59 -86.28 46.82
N TYR F 376 -17.71 -85.47 46.26
CA TYR F 376 -17.63 -85.30 44.82
C TYR F 376 -16.21 -85.56 44.38
N ASN F 377 -16.09 -86.27 43.27
CA ASN F 377 -14.80 -86.69 42.74
C ASN F 377 -14.67 -86.37 41.26
N GLY F 378 -13.50 -85.86 40.90
CA GLY F 378 -13.17 -85.61 39.51
C GLY F 378 -12.82 -86.92 38.85
N ASP F 379 -13.47 -87.21 37.72
CA ASP F 379 -13.27 -88.51 37.08
C ASP F 379 -11.92 -88.67 36.38
N VAL F 380 -10.94 -87.77 36.46
CA VAL F 380 -9.66 -88.00 35.81
C VAL F 380 -8.52 -87.99 36.82
N ASP F 381 -8.84 -88.03 38.11
CA ASP F 381 -7.86 -88.08 39.17
C ASP F 381 -7.45 -89.51 39.48
N MET F 382 -6.19 -89.67 39.88
CA MET F 382 -5.66 -90.96 40.27
C MET F 382 -5.20 -90.97 41.71
N ALA F 383 -5.11 -89.81 42.35
CA ALA F 383 -4.70 -89.76 43.76
C ALA F 383 -5.84 -90.21 44.65
N CYS F 384 -7.07 -89.83 44.30
CA CYS F 384 -8.26 -90.22 45.02
C CYS F 384 -9.38 -90.45 44.00
N ASN F 385 -9.13 -91.39 43.08
CA ASN F 385 -10.07 -91.71 42.01
C ASN F 385 -11.50 -91.86 42.51
N PHE F 386 -12.45 -91.49 41.65
CA PHE F 386 -13.87 -91.53 41.98
C PHE F 386 -14.36 -92.93 42.34
N MET F 387 -13.72 -93.97 41.80
CA MET F 387 -14.21 -95.32 42.05
C MET F 387 -14.01 -95.72 43.51
N GLY F 388 -12.82 -95.47 44.05
CA GLY F 388 -12.58 -95.76 45.45
C GLY F 388 -13.58 -95.09 46.38
N ASP F 389 -13.99 -93.86 46.05
CA ASP F 389 -14.94 -93.21 46.94
C ASP F 389 -16.36 -93.70 46.69
N GLU F 390 -16.65 -94.19 45.48
CA GLU F 390 -17.99 -94.70 45.31
C GLU F 390 -18.09 -96.06 45.96
N TRP F 391 -17.00 -96.82 45.93
CA TRP F 391 -17.01 -98.12 46.59
C TRP F 391 -17.17 -97.90 48.09
N PHE F 392 -16.37 -97.02 48.67
CA PHE F 392 -16.48 -96.73 50.09
C PHE F 392 -17.94 -96.43 50.46
N VAL F 393 -18.52 -95.44 49.77
CA VAL F 393 -19.90 -95.04 50.06
C VAL F 393 -20.86 -96.19 49.88
N ASP F 394 -20.59 -97.10 48.93
CA ASP F 394 -21.49 -98.22 48.77
C ASP F 394 -21.31 -99.19 49.92
N SER F 395 -20.08 -99.31 50.40
CA SER F 395 -19.76 -100.17 51.52
C SER F 395 -20.35 -99.63 52.81
N LEU F 396 -20.83 -98.38 52.78
CA LEU F 396 -21.45 -97.83 53.97
C LEU F 396 -22.83 -98.44 54.24
N ASN F 397 -23.38 -99.15 53.24
CA ASN F 397 -24.67 -99.83 53.33
C ASN F 397 -25.79 -98.94 53.86
N GLN F 398 -26.01 -97.81 53.19
CA GLN F 398 -27.06 -96.89 53.63
C GLN F 398 -28.31 -97.11 52.80
N LYS F 399 -29.41 -96.53 53.26
CA LYS F 399 -30.67 -96.64 52.52
C LYS F 399 -30.60 -95.81 51.24
N MET F 400 -30.89 -96.43 50.11
CA MET F 400 -30.85 -95.71 48.84
C MET F 400 -32.09 -94.84 48.72
N GLU F 401 -31.89 -93.57 48.38
CA GLU F 401 -33.02 -92.67 48.19
C GLU F 401 -33.32 -92.39 46.72
N VAL F 402 -32.31 -92.47 45.86
CA VAL F 402 -32.45 -92.22 44.43
C VAL F 402 -31.41 -93.07 43.72
N GLN F 403 -31.86 -93.84 42.72
CA GLN F 403 -30.93 -94.63 41.95
C GLN F 403 -30.01 -93.74 41.13
N ARG F 404 -28.74 -94.15 41.04
CA ARG F 404 -27.71 -93.40 40.33
C ARG F 404 -28.21 -92.90 38.97
N ARG F 405 -27.85 -91.66 38.65
CA ARG F 405 -28.28 -91.03 37.42
C ARG F 405 -27.35 -89.85 37.16
N PRO F 406 -27.35 -89.31 35.94
CA PRO F 406 -26.50 -88.17 35.66
C PRO F 406 -27.19 -86.85 36.00
N TRP F 407 -26.38 -85.83 36.21
CA TRP F 407 -26.86 -84.50 36.51
C TRP F 407 -26.36 -83.52 35.45
N LEU F 408 -27.18 -82.54 35.16
CA LEU F 408 -26.93 -81.57 34.11
C LEU F 408 -26.64 -80.16 34.62
N VAL F 409 -25.98 -79.40 33.75
CA VAL F 409 -25.60 -78.02 33.98
C VAL F 409 -25.72 -77.30 32.65
N ASP F 410 -26.21 -76.07 32.68
CA ASP F 410 -26.45 -75.29 31.48
C ASP F 410 -25.42 -74.19 31.37
N TYR F 411 -24.79 -74.06 30.20
CA TYR F 411 -23.86 -72.99 29.94
C TYR F 411 -24.49 -72.00 28.98
N GLY F 412 -24.06 -70.73 29.09
CA GLY F 412 -24.51 -69.65 28.23
C GLY F 412 -24.86 -70.11 26.84
N GLU F 413 -26.14 -70.00 26.46
CA GLU F 413 -26.62 -70.30 25.12
C GLU F 413 -25.94 -71.52 24.49
N SER F 414 -25.70 -72.58 25.26
CA SER F 414 -25.05 -73.75 24.68
C SER F 414 -25.71 -75.05 25.09
N GLY F 415 -26.99 -75.02 25.44
CA GLY F 415 -27.73 -76.21 25.83
C GLY F 415 -27.29 -76.89 27.12
N GLU F 416 -28.07 -77.89 27.51
CA GLU F 416 -27.77 -78.68 28.70
C GLU F 416 -26.60 -79.61 28.45
N GLN F 417 -25.78 -79.82 29.47
CA GLN F 417 -24.62 -80.68 29.37
C GLN F 417 -24.54 -81.57 30.60
N VAL F 418 -23.90 -82.72 30.44
CA VAL F 418 -23.72 -83.63 31.56
C VAL F 418 -22.52 -83.20 32.37
N ALA F 419 -22.69 -83.11 33.69
CA ALA F 419 -21.57 -82.79 34.56
C ALA F 419 -21.09 -83.97 35.39
N GLY F 420 -21.87 -85.04 35.47
CA GLY F 420 -21.45 -86.20 36.24
C GLY F 420 -22.64 -87.08 36.57
N PHE F 421 -22.43 -87.98 37.54
CA PHE F 421 -23.44 -88.90 38.03
C PHE F 421 -23.61 -88.69 39.53
N VAL F 422 -24.82 -88.91 40.03
CA VAL F 422 -25.09 -88.71 41.45
C VAL F 422 -25.86 -89.89 42.04
N LYS F 423 -25.40 -90.34 43.20
CA LYS F 423 -26.02 -91.40 44.01
C LYS F 423 -26.48 -90.74 45.29
N GLU F 424 -27.77 -90.82 45.60
CA GLU F 424 -28.30 -90.22 46.82
C GLU F 424 -28.82 -91.28 47.78
N CYS F 425 -28.21 -91.35 48.97
CA CYS F 425 -28.78 -91.99 50.14
C CYS F 425 -29.10 -90.90 51.14
N SER F 426 -30.02 -91.20 52.06
CA SER F 426 -30.52 -90.16 52.95
C SER F 426 -29.38 -89.57 53.76
N HIS F 427 -29.15 -88.27 53.60
CA HIS F 427 -28.16 -87.44 54.27
C HIS F 427 -26.76 -87.60 53.69
N ILE F 428 -26.52 -88.52 52.76
CA ILE F 428 -25.19 -88.65 52.17
C ILE F 428 -25.29 -88.97 50.68
N THR F 429 -24.48 -88.28 49.89
CA THR F 429 -24.55 -88.36 48.45
C THR F 429 -23.16 -88.44 47.85
N PHE F 430 -23.05 -89.19 46.76
CA PHE F 430 -21.83 -89.30 45.97
C PHE F 430 -22.06 -88.68 44.60
N LEU F 431 -21.07 -87.96 44.10
CA LEU F 431 -21.23 -87.27 42.85
C LEU F 431 -19.90 -87.23 42.11
N THR F 432 -19.97 -87.34 40.79
CA THR F 432 -18.79 -87.26 39.95
C THR F 432 -18.86 -85.97 39.15
N ILE F 433 -17.69 -85.43 38.82
CA ILE F 433 -17.61 -84.25 37.98
C ILE F 433 -16.85 -84.65 36.74
N LYS F 434 -17.57 -84.77 35.63
CA LYS F 434 -16.98 -85.22 34.37
C LYS F 434 -16.00 -84.20 33.84
N GLY F 435 -14.77 -84.63 33.60
CA GLY F 435 -13.73 -83.76 33.09
C GLY F 435 -12.88 -83.03 34.10
N ALA F 436 -13.15 -83.17 35.40
CA ALA F 436 -12.36 -82.48 36.39
C ALA F 436 -11.31 -83.39 37.02
N GLY F 437 -10.16 -82.80 37.34
CA GLY F 437 -9.07 -83.49 38.00
C GLY F 437 -9.06 -83.26 39.49
N HIS F 438 -7.86 -83.33 40.08
CA HIS F 438 -7.73 -83.15 41.53
C HIS F 438 -8.25 -81.78 41.95
N MET F 439 -7.98 -80.77 41.14
CA MET F 439 -8.41 -79.40 41.41
C MET F 439 -9.61 -79.09 40.51
N VAL F 440 -10.73 -79.68 40.89
CA VAL F 440 -12.01 -79.56 40.19
C VAL F 440 -12.31 -78.14 39.78
N PRO F 441 -12.13 -77.14 40.65
CA PRO F 441 -12.42 -75.76 40.22
C PRO F 441 -11.57 -75.29 39.06
N THR F 442 -10.33 -75.76 38.97
CA THR F 442 -9.49 -75.33 37.85
C THR F 442 -9.94 -75.95 36.53
N ASP F 443 -10.43 -77.19 36.54
CA ASP F 443 -10.81 -77.81 35.28
C ASP F 443 -12.24 -77.49 34.87
N LYS F 444 -13.17 -77.50 35.81
CA LYS F 444 -14.58 -77.22 35.52
C LYS F 444 -15.05 -76.17 36.50
N PRO F 445 -14.63 -74.92 36.32
CA PRO F 445 -15.06 -73.86 37.23
C PRO F 445 -16.57 -73.75 37.36
N ARG F 446 -17.25 -73.54 36.24
CA ARG F 446 -18.68 -73.25 36.29
C ARG F 446 -19.47 -74.43 36.83
N ALA F 447 -19.12 -75.65 36.39
CA ALA F 447 -19.82 -76.82 36.91
C ALA F 447 -19.59 -76.94 38.41
N ALA F 448 -18.35 -76.69 38.85
CA ALA F 448 -18.03 -76.73 40.26
C ALA F 448 -18.88 -75.75 41.03
N PHE F 449 -19.09 -74.57 40.46
CA PHE F 449 -19.89 -73.56 41.14
C PHE F 449 -21.34 -73.97 41.21
N THR F 450 -21.89 -74.51 40.12
CA THR F 450 -23.30 -74.91 40.15
C THR F 450 -23.53 -76.02 41.16
N MET F 451 -22.63 -77.02 41.19
CA MET F 451 -22.79 -78.09 42.18
C MET F 451 -22.64 -77.56 43.60
N PHE F 452 -21.64 -76.71 43.82
CA PHE F 452 -21.43 -76.15 45.15
C PHE F 452 -22.66 -75.37 45.59
N SER F 453 -23.18 -74.52 44.71
CA SER F 453 -24.37 -73.73 45.02
C SER F 453 -25.55 -74.61 45.36
N ARG F 454 -25.80 -75.67 44.58
CA ARG F 454 -26.95 -76.49 44.92
C ARG F 454 -26.71 -77.29 46.20
N PHE F 455 -25.45 -77.60 46.51
CA PHE F 455 -25.16 -78.30 47.75
C PHE F 455 -25.46 -77.39 48.93
N LEU F 456 -24.76 -76.26 48.99
CA LEU F 456 -24.93 -75.29 50.06
C LEU F 456 -26.40 -74.93 50.27
N ASN F 457 -27.11 -74.68 49.18
CA ASN F 457 -28.52 -74.31 49.29
C ASN F 457 -29.42 -75.51 49.50
N LYS F 458 -28.84 -76.72 49.56
CA LYS F 458 -29.57 -77.97 49.75
C LYS F 458 -30.65 -78.18 48.70
N GLU F 459 -30.55 -77.48 47.59
CA GLU F 459 -31.51 -77.68 46.52
C GLU F 459 -31.24 -79.03 45.86
N PRO F 460 -32.19 -79.96 45.87
CA PRO F 460 -31.94 -81.25 45.23
C PRO F 460 -31.66 -81.08 43.74
N TYR F 461 -30.78 -81.92 43.23
CA TYR F 461 -30.39 -81.83 41.83
C TYR F 461 -31.53 -82.28 40.93
N THR G 12 -55.90 25.13 39.59
CA THR G 12 -55.50 23.81 39.14
C THR G 12 -56.32 23.38 37.92
N GLN G 13 -57.23 24.24 37.49
CA GLN G 13 -58.05 23.94 36.32
C GLN G 13 -57.19 23.92 35.06
N ARG G 14 -57.52 23.00 34.15
CA ARG G 14 -56.69 22.78 32.97
C ARG G 14 -57.18 23.68 31.85
N THR G 15 -56.44 24.73 31.57
CA THR G 15 -56.80 25.75 30.60
C THR G 15 -55.81 25.70 29.45
N PHE G 16 -56.14 24.95 28.41
CA PHE G 16 -55.35 24.89 27.20
C PHE G 16 -56.03 25.69 26.10
N LYS G 17 -55.30 26.63 25.50
CA LYS G 17 -55.86 27.38 24.38
C LYS G 17 -54.75 28.06 23.61
N LEU G 18 -55.02 28.35 22.34
CA LEU G 18 -54.02 28.99 21.49
C LEU G 18 -53.78 30.41 21.94
N ASP G 19 -52.50 30.80 21.98
CA ASP G 19 -52.10 32.16 22.35
C ASP G 19 -51.74 32.91 21.07
N TYR G 20 -52.73 33.62 20.55
CA TYR G 20 -52.53 34.40 19.34
C TYR G 20 -51.51 35.50 19.55
N SER G 21 -51.59 36.19 20.69
CA SER G 21 -50.63 37.23 21.03
C SER G 21 -49.19 36.76 20.89
N ARG G 22 -48.87 35.60 21.46
CA ARG G 22 -47.49 35.16 21.51
C ARG G 22 -47.23 33.96 20.61
N ASP G 23 -48.10 33.74 19.61
CA ASP G 23 -47.88 32.76 18.55
C ASP G 23 -47.54 31.38 19.10
N ARG G 24 -48.37 30.86 20.00
CA ARG G 24 -47.99 29.59 20.62
C ARG G 24 -49.24 28.90 21.15
N PHE G 25 -49.05 27.87 21.96
CA PHE G 25 -50.13 27.35 22.78
C PHE G 25 -49.91 27.81 24.21
N LEU G 26 -50.98 27.82 25.00
CA LEU G 26 -50.85 28.00 26.43
C LEU G 26 -51.49 26.81 27.11
N LYS G 27 -50.72 26.16 27.97
CA LYS G 27 -51.18 25.04 28.79
C LYS G 27 -51.06 25.44 30.25
N ASP G 28 -52.20 25.51 30.94
CA ASP G 28 -52.26 26.00 32.31
C ASP G 28 -51.50 27.31 32.46
N GLY G 29 -51.70 28.21 31.51
CA GLY G 29 -51.08 29.52 31.59
C GLY G 29 -49.62 29.56 31.19
N GLN G 30 -49.04 28.44 30.82
CA GLN G 30 -47.63 28.42 30.48
C GLN G 30 -47.44 28.29 28.99
N PRO G 31 -46.44 28.94 28.42
CA PRO G 31 -46.20 28.78 26.99
C PRO G 31 -45.92 27.33 26.69
N PHE G 32 -46.36 26.89 25.52
CA PHE G 32 -46.25 25.48 25.20
C PHE G 32 -46.14 25.36 23.69
N ARG G 33 -45.25 24.47 23.27
CA ARG G 33 -45.28 23.93 21.93
C ARG G 33 -44.96 22.44 22.00
N TYR G 34 -45.58 21.69 21.11
CA TYR G 34 -45.52 20.24 21.13
C TYR G 34 -44.54 19.70 20.10
N ILE G 35 -43.91 18.59 20.45
CA ILE G 35 -43.02 17.85 19.56
C ILE G 35 -43.58 16.44 19.58
N SER G 36 -44.25 16.07 18.50
CA SER G 36 -45.10 14.88 18.45
C SER G 36 -44.58 13.90 17.42
N GLY G 37 -45.03 12.66 17.55
CA GLY G 37 -44.81 11.66 16.51
C GLY G 37 -46.10 10.91 16.25
N SER G 38 -46.31 10.57 14.98
CA SER G 38 -47.47 9.77 14.59
C SER G 38 -47.28 8.31 14.96
N ILE G 39 -48.32 7.72 15.54
CA ILE G 39 -48.40 6.28 15.77
C ILE G 39 -49.82 5.85 15.48
N HIS G 40 -49.97 4.85 14.62
CA HIS G 40 -51.28 4.29 14.32
C HIS G 40 -51.49 3.04 15.16
N TYR G 41 -52.38 3.13 16.15
CA TYR G 41 -52.66 1.98 17.01
C TYR G 41 -53.17 0.80 16.20
N PHE G 42 -53.68 1.06 15.00
CA PHE G 42 -54.31 0.04 14.20
C PHE G 42 -53.34 -0.65 13.25
N ARG G 43 -52.29 0.04 12.80
CA ARG G 43 -51.26 -0.66 12.05
C ARG G 43 -50.28 -1.41 12.94
N ILE G 44 -50.45 -1.38 14.25
CA ILE G 44 -49.64 -2.20 15.13
C ILE G 44 -50.57 -2.96 16.07
N PRO G 45 -50.29 -4.22 16.36
CA PRO G 45 -51.18 -4.97 17.26
C PRO G 45 -51.19 -4.38 18.66
N ARG G 46 -52.36 -4.46 19.29
CA ARG G 46 -52.53 -3.93 20.64
C ARG G 46 -51.54 -4.53 21.62
N PHE G 47 -51.19 -5.79 21.43
CA PHE G 47 -50.19 -6.46 22.26
C PHE G 47 -48.94 -5.60 22.43
N TYR G 48 -48.59 -4.84 21.39
CA TYR G 48 -47.38 -4.04 21.35
C TYR G 48 -47.60 -2.54 21.49
N TRP G 49 -48.84 -2.08 21.67
CA TRP G 49 -49.08 -0.64 21.75
C TRP G 49 -48.19 0.03 22.79
N GLU G 50 -48.34 -0.37 24.05
CA GLU G 50 -47.52 0.20 25.11
C GLU G 50 -46.09 0.36 24.65
N ASP G 51 -45.54 -0.71 24.08
CA ASP G 51 -44.13 -0.72 23.71
C ASP G 51 -43.77 0.49 22.86
N ARG G 52 -44.48 0.66 21.75
CA ARG G 52 -44.15 1.76 20.87
C ARG G 52 -44.35 3.08 21.59
N LEU G 53 -45.45 3.19 22.32
CA LEU G 53 -45.75 4.44 22.99
C LEU G 53 -44.67 4.77 24.01
N LEU G 54 -44.24 3.75 24.77
CA LEU G 54 -43.14 4.03 25.70
C LEU G 54 -41.90 4.45 24.96
N LYS G 55 -41.58 3.80 23.84
CA LYS G 55 -40.44 4.27 23.06
C LYS G 55 -40.66 5.70 22.63
N MET G 56 -41.89 6.03 22.26
CA MET G 56 -42.18 7.40 21.88
C MET G 56 -41.91 8.34 23.03
N LYS G 57 -42.38 7.99 24.23
CA LYS G 57 -42.03 8.81 25.39
C LYS G 57 -40.52 8.86 25.55
N MET G 58 -39.85 7.73 25.41
CA MET G 58 -38.41 7.77 25.62
C MET G 58 -37.73 8.59 24.54
N ALA G 59 -38.36 8.80 23.40
CA ALA G 59 -37.74 9.65 22.40
C ALA G 59 -37.85 11.11 22.78
N GLY G 60 -38.69 11.45 23.73
CA GLY G 60 -38.88 12.80 24.20
C GLY G 60 -40.11 13.49 23.65
N LEU G 61 -40.92 12.81 22.86
CA LEU G 61 -42.18 13.37 22.40
C LEU G 61 -43.14 13.55 23.57
N ASN G 62 -43.88 14.66 23.56
CA ASN G 62 -44.88 14.94 24.57
C ASN G 62 -46.31 14.84 24.06
N ALA G 63 -46.51 14.46 22.79
CA ALA G 63 -47.83 14.30 22.22
C ALA G 63 -47.74 13.29 21.10
N ILE G 64 -48.89 12.69 20.75
CA ILE G 64 -48.95 11.91 19.52
C ILE G 64 -50.02 12.46 18.61
N GLN G 65 -49.86 12.18 17.32
CA GLN G 65 -50.78 12.54 16.26
C GLN G 65 -51.24 11.26 15.58
N MET G 66 -52.51 10.89 15.77
CA MET G 66 -53.00 9.61 15.28
C MET G 66 -54.32 9.79 14.56
N TYR G 67 -54.59 8.86 13.66
CA TYR G 67 -55.81 8.86 12.88
C TYR G 67 -56.81 7.89 13.47
N VAL G 68 -58.10 8.21 13.35
CA VAL G 68 -59.14 7.24 13.68
C VAL G 68 -59.73 6.77 12.36
N PRO G 69 -59.39 5.57 11.89
CA PRO G 69 -59.97 5.07 10.65
C PRO G 69 -61.40 4.59 10.84
N TRP G 70 -62.34 5.29 10.21
CA TRP G 70 -63.76 4.98 10.37
C TRP G 70 -64.04 3.53 10.00
N ASN G 71 -63.44 3.07 8.90
CA ASN G 71 -63.64 1.72 8.42
C ASN G 71 -63.09 0.66 9.38
N PHE G 72 -62.13 1.02 10.22
CA PHE G 72 -61.61 0.06 11.17
C PHE G 72 -62.62 -0.29 12.25
N HIS G 73 -63.53 0.63 12.57
CA HIS G 73 -64.50 0.39 13.62
C HIS G 73 -65.90 0.06 13.12
N GLU G 74 -66.26 0.41 11.89
CA GLU G 74 -67.59 0.10 11.37
C GLU G 74 -67.48 -0.56 10.00
N PRO G 75 -67.15 -1.85 9.97
CA PRO G 75 -66.99 -2.53 8.68
C PRO G 75 -68.30 -2.62 7.91
N GLN G 76 -69.42 -2.71 8.62
CA GLN G 76 -70.76 -2.77 8.07
C GLN G 76 -71.62 -1.71 8.73
N PRO G 77 -72.55 -1.10 8.00
CA PRO G 77 -73.29 0.06 8.53
C PRO G 77 -74.02 -0.29 9.82
N GLY G 78 -73.74 0.48 10.87
CA GLY G 78 -74.41 0.29 12.13
C GLY G 78 -73.80 -0.79 12.99
N GLN G 79 -72.77 -1.47 12.50
CA GLN G 79 -72.02 -2.44 13.28
C GLN G 79 -70.69 -1.83 13.71
N TYR G 80 -70.47 -1.77 15.03
CA TYR G 80 -69.33 -1.06 15.60
C TYR G 80 -68.51 -2.03 16.43
N GLU G 81 -67.18 -1.92 16.33
CA GLU G 81 -66.26 -2.74 17.12
C GLU G 81 -65.31 -1.82 17.86
N PHE G 82 -65.28 -1.95 19.19
CA PHE G 82 -64.50 -1.04 20.01
C PHE G 82 -63.81 -1.72 21.20
N SER G 83 -63.65 -3.04 21.19
CA SER G 83 -63.11 -3.75 22.34
C SER G 83 -61.84 -4.48 21.95
N GLY G 84 -60.94 -4.60 22.92
CA GLY G 84 -59.69 -5.31 22.69
C GLY G 84 -58.86 -4.61 21.63
N ASP G 85 -58.51 -5.34 20.57
CA ASP G 85 -57.79 -4.75 19.46
C ASP G 85 -58.56 -3.60 18.83
N ARG G 86 -59.87 -3.56 19.03
CA ARG G 86 -60.72 -2.50 18.51
C ARG G 86 -60.90 -1.34 19.49
N ASP G 87 -60.24 -1.37 20.64
CA ASP G 87 -60.53 -0.41 21.70
C ASP G 87 -59.62 0.81 21.61
N VAL G 88 -59.96 1.72 20.71
CA VAL G 88 -59.17 2.93 20.53
C VAL G 88 -59.15 3.72 21.82
N GLU G 89 -60.28 3.78 22.51
CA GLU G 89 -60.39 4.58 23.72
C GLU G 89 -59.39 4.09 24.77
N HIS G 90 -59.21 2.77 24.86
CA HIS G 90 -58.19 2.23 25.74
C HIS G 90 -56.80 2.67 25.31
N PHE G 91 -56.57 2.78 23.99
CA PHE G 91 -55.27 3.23 23.51
C PHE G 91 -54.99 4.65 23.97
N ILE G 92 -55.98 5.53 23.83
CA ILE G 92 -55.83 6.91 24.28
C ILE G 92 -55.60 6.94 25.78
N GLN G 93 -56.36 6.14 26.53
CA GLN G 93 -56.19 6.11 27.97
C GLN G 93 -54.79 5.65 28.34
N LEU G 94 -54.26 4.66 27.62
CA LEU G 94 -52.91 4.17 27.88
C LEU G 94 -51.88 5.27 27.63
N ALA G 95 -52.04 5.99 26.51
CA ALA G 95 -51.15 7.11 26.24
C ALA G 95 -51.18 8.12 27.38
N HIS G 96 -52.38 8.49 27.83
CA HIS G 96 -52.50 9.39 28.97
C HIS G 96 -51.79 8.83 30.19
N GLU G 97 -51.91 7.53 30.43
CA GLU G 97 -51.27 6.94 31.58
C GLU G 97 -49.75 7.03 31.46
N LEU G 98 -49.23 7.03 30.25
CA LEU G 98 -47.80 7.20 30.07
C LEU G 98 -47.34 8.65 30.16
N GLY G 99 -48.25 9.60 30.35
CA GLY G 99 -47.88 11.00 30.40
C GLY G 99 -47.70 11.66 29.05
N LEU G 100 -48.31 11.11 28.02
CA LEU G 100 -48.24 11.63 26.67
C LEU G 100 -49.54 12.36 26.33
N LEU G 101 -49.43 13.50 25.65
CA LEU G 101 -50.64 14.14 25.20
C LEU G 101 -51.06 13.56 23.86
N VAL G 102 -52.28 13.86 23.43
CA VAL G 102 -52.79 13.28 22.18
C VAL G 102 -53.36 14.35 21.27
N ILE G 103 -52.94 14.32 20.00
CA ILE G 103 -53.57 15.06 18.92
C ILE G 103 -54.42 14.06 18.16
N LEU G 104 -55.74 14.22 18.19
CA LEU G 104 -56.64 13.27 17.56
C LEU G 104 -57.01 13.75 16.16
N ARG G 105 -56.97 12.83 15.20
CA ARG G 105 -57.29 13.12 13.81
C ARG G 105 -58.36 12.15 13.33
N PRO G 106 -59.63 12.43 13.62
CA PRO G 106 -60.70 11.46 13.36
C PRO G 106 -61.28 11.49 11.95
N GLY G 107 -60.70 12.25 11.04
CA GLY G 107 -61.10 12.20 9.65
C GLY G 107 -62.32 13.06 9.42
N PRO G 108 -63.33 12.53 8.72
CA PRO G 108 -63.58 11.11 8.45
C PRO G 108 -62.70 10.51 7.36
N TYR G 109 -62.01 11.33 6.57
CA TYR G 109 -61.03 10.83 5.63
C TYR G 109 -59.64 11.06 6.20
N ILE G 110 -58.79 10.04 6.17
CA ILE G 110 -57.46 10.15 6.76
C ILE G 110 -56.35 9.94 5.75
N CYS G 111 -56.67 9.51 4.52
CA CYS G 111 -55.64 9.19 3.53
C CYS G 111 -54.76 8.08 4.06
N ALA G 112 -53.54 8.44 4.48
CA ALA G 112 -52.75 7.62 5.38
C ALA G 112 -52.29 6.32 4.75
N GLU G 113 -52.35 6.23 3.42
CA GLU G 113 -52.09 4.97 2.73
C GLU G 113 -52.90 3.84 3.36
N TRP G 114 -54.15 4.17 3.68
CA TRP G 114 -55.08 3.27 4.34
C TRP G 114 -56.32 3.15 3.47
N ASP G 115 -57.02 2.02 3.60
CA ASP G 115 -58.03 1.68 2.61
C ASP G 115 -59.13 2.73 2.53
N MET G 116 -59.35 3.23 1.31
CA MET G 116 -60.44 4.17 0.99
C MET G 116 -60.43 5.40 1.90
N GLY G 117 -59.24 5.74 2.39
CA GLY G 117 -59.10 6.89 3.28
C GLY G 117 -59.91 6.76 4.54
N GLY G 118 -60.19 5.55 4.98
CA GLY G 118 -60.92 5.32 6.20
C GLY G 118 -62.41 5.17 6.02
N LEU G 119 -62.93 5.55 4.86
CA LEU G 119 -64.36 5.52 4.62
C LEU G 119 -64.83 4.09 4.35
N PRO G 120 -65.98 3.70 4.90
CA PRO G 120 -66.44 2.33 4.72
C PRO G 120 -66.91 2.09 3.29
N ALA G 121 -66.55 0.91 2.77
CA ALA G 121 -66.84 0.60 1.38
C ALA G 121 -68.34 0.53 1.11
N TRP G 122 -69.13 0.19 2.12
CA TRP G 122 -70.58 0.13 1.91
C TRP G 122 -71.21 1.48 1.61
N LEU G 123 -70.49 2.58 1.82
CA LEU G 123 -70.97 3.87 1.32
C LEU G 123 -71.21 3.81 -0.18
N LEU G 124 -70.43 3.01 -0.89
CA LEU G 124 -70.53 2.87 -2.34
C LEU G 124 -71.75 2.08 -2.78
N GLU G 125 -72.61 1.64 -1.85
CA GLU G 125 -73.84 0.97 -2.26
C GLU G 125 -74.75 1.90 -3.05
N LYS G 126 -74.65 3.22 -2.84
CA LYS G 126 -75.19 4.18 -3.78
C LYS G 126 -74.13 4.44 -4.85
N GLN G 127 -74.45 4.03 -6.09
CA GLN G 127 -73.43 3.96 -7.12
C GLN G 127 -72.86 5.34 -7.43
N SER G 128 -73.71 6.36 -7.52
CA SER G 128 -73.25 7.68 -7.89
C SER G 128 -72.98 8.58 -6.70
N ILE G 129 -73.04 8.05 -5.48
CA ILE G 129 -72.82 8.84 -4.28
C ILE G 129 -71.46 9.53 -4.40
N VAL G 130 -71.29 10.66 -3.73
CA VAL G 130 -70.04 11.40 -3.77
C VAL G 130 -69.48 11.47 -2.36
N LEU G 131 -68.22 11.09 -2.20
CA LEU G 131 -67.55 11.20 -0.92
C LEU G 131 -66.86 12.54 -0.78
N ARG G 132 -66.71 12.99 0.47
CA ARG G 132 -66.05 14.26 0.79
C ARG G 132 -66.70 15.41 0.04
N SER G 133 -68.02 15.50 0.16
CA SER G 133 -68.80 16.55 -0.48
C SER G 133 -70.05 16.79 0.37
N SER G 134 -70.93 17.64 -0.12
CA SER G 134 -72.20 17.91 0.53
C SER G 134 -73.30 16.93 0.15
N ASP G 135 -72.95 15.82 -0.50
CA ASP G 135 -73.90 14.76 -0.75
C ASP G 135 -74.72 14.43 0.50
N PRO G 136 -76.04 14.57 0.44
CA PRO G 136 -76.83 14.43 1.69
C PRO G 136 -76.64 13.08 2.37
N ASP G 137 -76.46 12.02 1.58
CA ASP G 137 -76.30 10.69 2.17
C ASP G 137 -74.91 10.56 2.78
N TYR G 138 -73.92 11.16 2.14
CA TYR G 138 -72.58 11.17 2.69
C TYR G 138 -72.57 11.95 3.99
N LEU G 139 -73.18 13.14 3.97
CA LEU G 139 -73.17 13.98 5.16
C LEU G 139 -73.91 13.30 6.30
N VAL G 140 -75.01 12.61 5.98
CA VAL G 140 -75.76 11.88 7.00
C VAL G 140 -74.89 10.78 7.61
N ALA G 141 -74.22 10.01 6.76
CA ALA G 141 -73.40 8.91 7.28
C ALA G 141 -72.23 9.42 8.11
N VAL G 142 -71.54 10.44 7.60
CA VAL G 142 -70.52 11.13 8.39
C VAL G 142 -71.06 11.58 9.73
N ASP G 143 -72.21 12.26 9.73
CA ASP G 143 -72.78 12.75 10.97
C ASP G 143 -73.03 11.61 11.94
N LYS G 144 -73.55 10.48 11.44
CA LYS G 144 -73.85 9.36 12.33
C LYS G 144 -72.57 8.79 12.92
N TRP G 145 -71.53 8.67 12.08
CA TRP G 145 -70.25 8.19 12.55
C TRP G 145 -69.69 9.10 13.62
N LEU G 146 -69.72 10.41 13.37
CA LEU G 146 -69.25 11.37 14.37
C LEU G 146 -70.06 11.25 15.65
N ALA G 147 -71.38 11.16 15.54
CA ALA G 147 -72.23 11.05 16.71
C ALA G 147 -71.94 9.79 17.51
N VAL G 148 -71.34 8.79 16.88
CA VAL G 148 -70.93 7.58 17.58
C VAL G 148 -69.53 7.72 18.18
N LEU G 149 -68.58 8.15 17.36
CA LEU G 149 -67.17 8.23 17.74
C LEU G 149 -66.89 9.35 18.75
N LEU G 150 -67.31 10.56 18.44
CA LEU G 150 -66.95 11.71 19.24
C LEU G 150 -67.38 11.66 20.71
N PRO G 151 -68.55 11.15 21.07
CA PRO G 151 -68.84 11.04 22.51
C PRO G 151 -67.90 10.10 23.24
N LYS G 152 -67.33 9.12 22.56
CA LYS G 152 -66.27 8.34 23.19
C LYS G 152 -65.02 9.18 23.44
N MET G 153 -64.72 10.11 22.55
CA MET G 153 -63.54 10.95 22.72
C MET G 153 -63.74 12.09 23.71
N LYS G 154 -64.98 12.50 23.92
CA LYS G 154 -65.27 13.64 24.80
C LYS G 154 -64.64 13.52 26.18
N PRO G 155 -64.76 12.42 26.93
CA PRO G 155 -64.12 12.38 28.24
C PRO G 155 -62.61 12.38 28.15
N LEU G 156 -62.06 12.05 26.99
CA LEU G 156 -60.62 12.05 26.79
C LEU G 156 -60.07 13.41 26.38
N LEU G 157 -60.93 14.42 26.27
CA LEU G 157 -60.45 15.75 25.91
C LEU G 157 -59.69 16.37 27.09
N TYR G 158 -58.69 17.19 26.74
CA TYR G 158 -57.82 17.76 27.76
C TYR G 158 -58.62 18.51 28.83
N GLN G 159 -59.66 19.22 28.42
CA GLN G 159 -60.38 20.05 29.37
C GLN G 159 -61.30 19.21 30.25
N ASN G 160 -61.48 17.94 29.89
CA ASN G 160 -62.24 17.01 30.71
C ASN G 160 -61.31 16.07 31.46
N GLY G 161 -60.01 16.31 31.38
CA GLY G 161 -59.00 15.58 32.13
C GLY G 161 -58.27 14.51 31.36
N GLY G 162 -58.48 14.39 30.06
CA GLY G 162 -57.76 13.43 29.25
C GLY G 162 -56.62 14.03 28.46
N PRO G 163 -56.04 13.24 27.56
CA PRO G 163 -54.85 13.66 26.79
C PRO G 163 -55.13 14.35 25.47
N ILE G 164 -56.37 14.63 25.09
CA ILE G 164 -56.66 15.15 23.77
C ILE G 164 -56.63 16.68 23.80
N ILE G 165 -55.70 17.25 23.02
CA ILE G 165 -55.46 18.68 23.07
C ILE G 165 -55.88 19.40 21.79
N THR G 166 -55.78 18.75 20.62
CA THR G 166 -56.21 19.35 19.37
C THR G 166 -56.83 18.27 18.49
N VAL G 167 -57.63 18.69 17.53
CA VAL G 167 -58.36 17.76 16.68
C VAL G 167 -58.29 18.21 15.23
N GLN G 168 -57.83 17.33 14.35
CA GLN G 168 -57.81 17.56 12.91
C GLN G 168 -59.20 17.27 12.34
N VAL G 169 -59.64 18.14 11.42
CA VAL G 169 -60.90 17.88 10.72
C VAL G 169 -60.73 17.26 9.33
N GLU G 170 -59.59 17.43 8.68
CA GLU G 170 -59.47 16.86 7.33
C GLU G 170 -58.02 16.42 7.11
N ASN G 171 -57.64 16.29 5.83
CA ASN G 171 -56.28 15.90 5.49
C ASN G 171 -56.05 16.29 4.05
N GLU G 172 -55.20 17.28 3.82
CA GLU G 172 -54.93 17.82 2.49
C GLU G 172 -56.22 18.00 1.69
N TYR G 173 -57.19 18.67 2.31
CA TYR G 173 -58.47 18.85 1.64
C TYR G 173 -58.32 19.64 0.36
N GLY G 174 -57.27 20.44 0.26
CA GLY G 174 -56.98 21.23 -0.91
C GLY G 174 -56.61 20.41 -2.12
N SER G 175 -56.27 19.15 -1.91
CA SER G 175 -55.95 18.24 -2.99
C SER G 175 -57.19 17.57 -3.58
N TYR G 176 -58.34 17.72 -2.94
CA TYR G 176 -59.55 17.08 -3.41
C TYR G 176 -60.24 18.02 -4.39
N PHE G 177 -60.94 17.42 -5.36
CA PHE G 177 -61.51 18.23 -6.44
C PHE G 177 -62.67 19.11 -5.99
N ALA G 178 -63.38 18.72 -4.93
CA ALA G 178 -64.68 19.32 -4.65
C ALA G 178 -64.56 20.78 -4.23
N CYS G 179 -63.55 21.12 -3.42
CA CYS G 179 -63.41 22.48 -2.91
C CYS G 179 -64.71 22.94 -2.25
N ASP G 180 -65.32 22.04 -1.50
CA ASP G 180 -66.59 22.34 -0.86
C ASP G 180 -66.33 22.96 0.51
N TYR G 181 -66.73 24.20 0.67
CA TYR G 181 -66.66 24.83 1.98
C TYR G 181 -67.94 24.63 2.78
N ASP G 182 -69.05 24.33 2.11
CA ASP G 182 -70.24 23.92 2.84
C ASP G 182 -69.99 22.60 3.58
N TYR G 183 -69.24 21.69 2.94
CA TYR G 183 -68.92 20.40 3.55
C TYR G 183 -68.10 20.60 4.82
N LEU G 184 -67.03 21.39 4.71
CA LEU G 184 -66.21 21.71 5.87
C LEU G 184 -67.01 22.41 6.95
N ARG G 185 -67.82 23.40 6.57
CA ARG G 185 -68.70 24.03 7.57
C ARG G 185 -69.60 23.00 8.25
N PHE G 186 -70.12 22.04 7.50
CA PHE G 186 -71.00 21.04 8.11
C PHE G 186 -70.25 20.19 9.12
N LEU G 187 -69.07 19.73 8.73
CA LEU G 187 -68.20 19.02 9.66
C LEU G 187 -67.91 19.86 10.90
N VAL G 188 -67.56 21.12 10.70
CA VAL G 188 -67.16 21.95 11.84
C VAL G 188 -68.32 22.16 12.78
N HIS G 189 -69.51 22.40 12.24
CA HIS G 189 -70.68 22.55 13.10
C HIS G 189 -70.92 21.28 13.90
N ARG G 190 -70.83 20.12 13.25
CA ARG G 190 -71.08 18.88 13.97
C ARG G 190 -70.00 18.61 15.02
N PHE G 191 -68.75 18.92 14.71
CA PHE G 191 -67.69 18.73 15.69
C PHE G 191 -67.89 19.64 16.89
N ARG G 192 -68.21 20.91 16.64
CA ARG G 192 -68.48 21.81 17.75
C ARG G 192 -69.66 21.33 18.57
N TYR G 193 -70.69 20.81 17.91
CA TYR G 193 -71.89 20.37 18.61
C TYR G 193 -71.59 19.19 19.52
N HIS G 194 -70.93 18.16 19.00
CA HIS G 194 -70.69 16.98 19.80
C HIS G 194 -69.55 17.16 20.80
N LEU G 195 -68.54 17.96 20.47
CA LEU G 195 -67.35 18.03 21.31
C LEU G 195 -67.27 19.29 22.17
N GLY G 196 -68.03 20.33 21.83
CA GLY G 196 -68.03 21.54 22.62
C GLY G 196 -67.11 22.60 22.03
N ASN G 197 -67.40 23.85 22.39
CA ASN G 197 -66.61 24.95 21.85
C ASN G 197 -65.18 24.96 22.38
N ASP G 198 -64.91 24.22 23.46
CA ASP G 198 -63.60 24.33 24.11
C ASP G 198 -62.49 23.71 23.27
N VAL G 199 -62.80 22.64 22.54
CA VAL G 199 -61.85 21.91 21.72
C VAL G 199 -61.05 22.84 20.82
N ILE G 200 -59.81 22.49 20.54
CA ILE G 200 -58.99 23.19 19.57
C ILE G 200 -59.00 22.39 18.28
N LEU G 201 -59.46 23.02 17.20
CA LEU G 201 -59.64 22.36 15.92
C LEU G 201 -58.66 22.93 14.91
N PHE G 202 -58.04 22.06 14.12
CA PHE G 202 -57.03 22.48 13.17
C PHE G 202 -57.17 21.67 11.89
N THR G 203 -56.54 22.17 10.83
CA THR G 203 -56.44 21.46 9.57
C THR G 203 -54.99 21.21 9.20
N THR G 204 -54.79 20.27 8.29
CA THR G 204 -53.49 20.01 7.71
C THR G 204 -53.62 19.95 6.20
N ASP G 205 -52.72 20.65 5.50
CA ASP G 205 -52.71 20.65 4.05
C ASP G 205 -51.29 20.70 3.54
N GLY G 206 -51.14 20.39 2.26
CA GLY G 206 -49.84 20.54 1.61
C GLY G 206 -49.34 21.97 1.72
N ALA G 207 -48.02 22.11 1.78
CA ALA G 207 -47.43 23.42 2.07
C ALA G 207 -47.34 24.23 0.77
N SER G 208 -48.51 24.69 0.34
CA SER G 208 -48.65 25.63 -0.75
C SER G 208 -50.02 26.27 -0.63
N GLU G 209 -50.07 27.59 -0.79
CA GLU G 209 -51.31 28.32 -0.55
C GLU G 209 -52.46 27.79 -1.40
N LYS G 210 -52.14 27.22 -2.56
CA LYS G 210 -53.20 26.73 -3.45
C LYS G 210 -54.06 25.70 -2.74
N MET G 211 -53.45 24.84 -1.93
CA MET G 211 -54.23 23.84 -1.21
C MET G 211 -54.99 24.45 -0.05
N LEU G 212 -54.37 25.37 0.70
CA LEU G 212 -55.08 26.00 1.79
C LEU G 212 -56.29 26.75 1.29
N LYS G 213 -56.23 27.23 0.05
CA LYS G 213 -57.34 27.96 -0.57
C LYS G 213 -58.64 27.19 -0.38
N CYS G 214 -58.59 25.89 -0.62
CA CYS G 214 -59.77 25.04 -0.54
C CYS G 214 -59.80 24.24 0.74
N GLY G 215 -58.75 24.31 1.56
CA GLY G 215 -58.74 23.52 2.78
C GLY G 215 -59.13 24.26 4.04
N THR G 216 -58.71 25.51 4.19
CA THR G 216 -58.92 26.21 5.44
C THR G 216 -60.40 26.54 5.64
N LEU G 217 -60.69 27.17 6.77
CA LEU G 217 -62.06 27.55 7.11
C LEU G 217 -62.05 28.44 8.35
N GLN G 218 -62.91 29.46 8.35
CA GLN G 218 -63.15 30.28 9.54
C GLN G 218 -63.47 29.41 10.75
N ASP G 219 -63.16 29.95 11.93
CA ASP G 219 -63.44 29.30 13.21
C ASP G 219 -62.78 27.94 13.28
N LEU G 220 -61.66 27.79 12.59
CA LEU G 220 -60.91 26.55 12.58
C LEU G 220 -59.48 26.88 12.24
N TYR G 221 -58.55 26.44 13.09
CA TYR G 221 -57.15 26.80 12.91
C TYR G 221 -56.61 26.09 11.68
N ALA G 222 -55.63 26.72 11.04
CA ALA G 222 -55.08 26.20 9.78
C ALA G 222 -53.62 25.84 9.96
N THR G 223 -53.25 24.64 9.53
CA THR G 223 -51.85 24.22 9.51
C THR G 223 -51.55 23.53 8.19
N VAL G 224 -50.25 23.37 7.95
CA VAL G 224 -49.72 22.78 6.74
C VAL G 224 -48.85 21.58 7.10
N ASP G 225 -48.51 20.79 6.09
CA ASP G 225 -47.46 19.79 6.24
C ASP G 225 -46.43 19.96 5.13
N PHE G 226 -45.21 19.52 5.43
CA PHE G 226 -44.12 19.57 4.47
C PHE G 226 -42.93 18.81 5.02
N GLY G 227 -42.14 18.25 4.10
CA GLY G 227 -40.93 17.54 4.45
C GLY G 227 -39.67 18.32 4.15
N THR G 228 -38.57 17.62 3.91
CA THR G 228 -37.27 18.25 3.79
C THR G 228 -37.07 18.94 2.44
N GLY G 229 -37.93 18.67 1.47
CA GLY G 229 -37.82 19.27 0.15
C GLY G 229 -38.72 20.46 -0.05
N ASN G 230 -38.93 21.24 0.99
CA ASN G 230 -39.74 22.44 0.94
C ASN G 230 -39.01 23.58 1.61
N ASN G 231 -39.11 24.78 1.04
CA ASN G 231 -38.57 25.94 1.72
C ASN G 231 -39.34 26.17 3.01
N ILE G 232 -38.63 26.06 4.14
CA ILE G 232 -39.28 26.14 5.43
C ILE G 232 -39.85 27.53 5.66
N THR G 233 -39.04 28.56 5.39
CA THR G 233 -39.50 29.94 5.43
C THR G 233 -40.74 30.13 4.57
N GLN G 234 -40.70 29.65 3.33
CA GLN G 234 -41.84 29.81 2.45
C GLN G 234 -43.05 29.07 2.98
N ALA G 235 -42.83 27.88 3.54
CA ALA G 235 -43.95 27.09 4.06
C ALA G 235 -44.64 27.83 5.20
N PHE G 236 -43.87 28.32 6.17
CA PHE G 236 -44.52 28.99 7.29
C PHE G 236 -45.04 30.37 6.91
N LEU G 237 -44.43 31.02 5.93
CA LEU G 237 -45.03 32.21 5.35
C LEU G 237 -46.40 31.90 4.76
N VAL G 238 -46.49 30.76 4.07
CA VAL G 238 -47.76 30.34 3.51
C VAL G 238 -48.78 30.11 4.62
N GLN G 239 -48.36 29.45 5.70
CA GLN G 239 -49.28 29.27 6.83
C GLN G 239 -49.72 30.61 7.40
N ARG G 240 -48.75 31.51 7.62
CA ARG G 240 -49.04 32.79 8.25
C ARG G 240 -49.97 33.65 7.40
N LYS G 241 -49.92 33.47 6.08
CA LYS G 241 -50.87 34.14 5.22
C LYS G 241 -52.30 33.73 5.54
N PHE G 242 -52.49 32.53 6.12
CA PHE G 242 -53.80 32.07 6.55
C PHE G 242 -53.99 32.13 8.06
N GLU G 243 -52.91 32.12 8.84
CA GLU G 243 -52.97 32.30 10.29
C GLU G 243 -51.94 33.35 10.68
N PRO G 244 -52.30 34.63 10.60
CA PRO G 244 -51.34 35.68 10.97
C PRO G 244 -50.83 35.54 12.39
N LYS G 245 -51.62 35.00 13.29
CA LYS G 245 -51.26 34.89 14.69
C LYS G 245 -51.47 33.47 15.18
N GLY G 246 -50.59 33.01 16.05
CA GLY G 246 -50.63 31.67 16.57
C GLY G 246 -49.42 30.84 16.23
N PRO G 247 -49.35 29.64 16.81
CA PRO G 247 -48.17 28.80 16.61
C PRO G 247 -48.03 28.36 15.17
N LEU G 248 -46.78 28.32 14.70
CA LEU G 248 -46.48 27.66 13.43
C LEU G 248 -46.58 26.15 13.65
N ILE G 249 -47.23 25.45 12.72
CA ILE G 249 -47.40 24.00 12.89
C ILE G 249 -47.24 23.27 11.57
N ASN G 250 -46.37 22.26 11.57
CA ASN G 250 -46.23 21.27 10.52
C ASN G 250 -46.78 19.97 11.09
N SER G 251 -47.98 19.57 10.66
CA SER G 251 -48.61 18.41 11.26
C SER G 251 -48.06 17.09 10.74
N GLU G 252 -47.41 17.09 9.59
CA GLU G 252 -46.81 15.87 9.04
C GLU G 252 -45.50 16.28 8.38
N PHE G 253 -44.45 16.39 9.18
CA PHE G 253 -43.12 16.60 8.67
C PHE G 253 -42.55 15.23 8.33
N TYR G 254 -42.44 14.93 7.04
CA TYR G 254 -42.16 13.57 6.61
C TYR G 254 -40.70 13.21 6.89
N THR G 255 -40.52 12.16 7.69
CA THR G 255 -39.23 11.61 8.07
C THR G 255 -38.74 10.56 7.09
N GLY G 256 -39.60 10.15 6.16
CA GLY G 256 -39.35 9.07 5.25
C GLY G 256 -40.43 9.18 4.20
N TRP G 257 -40.84 8.07 3.59
CA TRP G 257 -41.90 8.17 2.60
C TRP G 257 -42.55 6.81 2.45
N LEU G 258 -43.72 6.82 1.81
CA LEU G 258 -44.41 5.58 1.56
C LEU G 258 -43.74 4.82 0.43
N ASP G 259 -44.09 3.55 0.30
CA ASP G 259 -43.62 2.70 -0.77
C ASP G 259 -44.77 2.31 -1.70
N HIS G 260 -44.39 1.82 -2.86
CA HIS G 260 -45.30 1.10 -3.73
C HIS G 260 -44.64 -0.21 -4.16
N TRP G 261 -45.46 -1.23 -4.37
CA TRP G 261 -44.97 -2.45 -4.97
C TRP G 261 -44.22 -2.14 -6.25
N GLY G 262 -43.08 -2.78 -6.44
CA GLY G 262 -42.30 -2.55 -7.65
C GLY G 262 -41.45 -1.30 -7.61
N LYS G 263 -42.02 -0.20 -7.16
CA LYS G 263 -41.23 1.01 -6.99
C LYS G 263 -40.16 0.77 -5.95
N PRO G 264 -38.93 1.24 -6.17
CA PRO G 264 -37.88 0.99 -5.18
C PRO G 264 -38.25 1.61 -3.85
N HIS G 265 -37.82 0.95 -2.78
CA HIS G 265 -38.08 1.46 -1.44
C HIS G 265 -37.50 2.87 -1.29
N SER G 266 -38.33 3.80 -0.83
CA SER G 266 -37.86 5.15 -0.62
C SER G 266 -36.98 5.19 0.60
N THR G 267 -35.83 5.86 0.48
CA THR G 267 -34.95 6.08 1.62
C THR G 267 -34.50 7.53 1.64
N VAL G 268 -34.62 8.15 2.81
CA VAL G 268 -34.14 9.50 3.04
C VAL G 268 -33.09 9.42 4.13
N LYS G 269 -31.95 10.08 3.90
CA LYS G 269 -30.85 10.02 4.86
C LYS G 269 -31.31 10.51 6.22
N THR G 270 -30.92 9.78 7.26
CA THR G 270 -31.20 10.14 8.64
C THR G 270 -30.82 11.59 8.95
N LYS G 271 -29.54 11.91 8.82
CA LYS G 271 -29.06 13.19 9.31
C LYS G 271 -29.63 14.36 8.52
N THR G 272 -30.05 14.15 7.27
CA THR G 272 -30.77 15.21 6.55
C THR G 272 -32.09 15.53 7.26
N LEU G 273 -32.84 14.49 7.62
CA LEU G 273 -34.04 14.68 8.41
C LEU G 273 -33.71 15.36 9.73
N ALA G 274 -32.59 14.97 10.35
CA ALA G 274 -32.21 15.56 11.64
C ALA G 274 -31.96 17.06 11.50
N THR G 275 -31.20 17.45 10.48
CA THR G 275 -30.91 18.86 10.26
C THR G 275 -32.20 19.64 10.01
N SER G 276 -33.08 19.10 9.17
CA SER G 276 -34.33 19.80 8.90
C SER G 276 -35.15 19.93 10.16
N LEU G 277 -35.21 18.87 10.96
CA LEU G 277 -35.97 18.91 12.20
C LEU G 277 -35.43 19.99 13.13
N TYR G 278 -34.11 20.06 13.26
CA TYR G 278 -33.51 21.13 14.07
C TYR G 278 -33.92 22.49 13.56
N ASN G 279 -33.90 22.68 12.23
CA ASN G 279 -34.30 23.97 11.65
C ASN G 279 -35.73 24.31 12.03
N LEU G 280 -36.63 23.34 11.88
CA LEU G 280 -38.03 23.56 12.24
C LEU G 280 -38.16 23.92 13.71
N LEU G 281 -37.45 23.19 14.57
CA LEU G 281 -37.55 23.42 16.00
C LEU G 281 -37.05 24.81 16.37
N ALA G 282 -35.96 25.24 15.72
CA ALA G 282 -35.41 26.57 16.00
C ALA G 282 -36.39 27.70 15.73
N ARG G 283 -37.37 27.50 14.85
CA ARG G 283 -38.37 28.56 14.72
C ARG G 283 -39.40 28.55 15.85
N GLY G 284 -39.38 27.54 16.71
CA GLY G 284 -40.34 27.49 17.79
C GLY G 284 -41.68 26.91 17.39
N ALA G 285 -41.78 26.33 16.19
CA ALA G 285 -43.03 25.80 15.69
C ALA G 285 -43.43 24.53 16.44
N ASN G 286 -44.58 23.98 16.04
CA ASN G 286 -45.04 22.67 16.48
C ASN G 286 -44.89 21.69 15.33
N VAL G 287 -44.19 20.60 15.57
CA VAL G 287 -43.94 19.61 14.54
C VAL G 287 -44.34 18.23 15.03
N ASN G 288 -44.93 17.45 14.14
CA ASN G 288 -45.23 16.05 14.35
C ASN G 288 -44.48 15.24 13.30
N LEU G 289 -43.76 14.22 13.74
CA LEU G 289 -43.01 13.37 12.83
C LEU G 289 -43.90 12.24 12.30
N TYR G 290 -44.23 12.34 11.02
CA TYR G 290 -45.02 11.35 10.28
C TYR G 290 -44.07 10.56 9.39
N MET G 291 -43.97 9.26 9.58
CA MET G 291 -44.48 8.50 10.71
C MET G 291 -43.36 8.35 11.72
N PHE G 292 -43.71 8.12 12.98
CA PHE G 292 -42.74 7.74 13.99
C PHE G 292 -42.56 6.24 14.07
N ILE G 293 -43.68 5.51 14.11
CA ILE G 293 -43.74 4.10 13.74
C ILE G 293 -44.75 3.95 12.62
N GLY G 294 -44.41 3.11 11.66
CA GLY G 294 -45.30 2.79 10.56
C GLY G 294 -46.18 1.59 10.84
N GLY G 295 -45.63 0.51 11.39
CA GLY G 295 -46.49 -0.63 11.60
C GLY G 295 -46.78 -1.46 10.38
N THR G 296 -48.03 -1.87 10.19
CA THR G 296 -48.31 -2.95 9.26
C THR G 296 -49.59 -2.66 8.48
N ASN G 297 -49.55 -3.08 7.23
CA ASN G 297 -50.66 -3.14 6.28
C ASN G 297 -51.30 -4.51 6.32
N PHE G 298 -52.35 -4.64 7.13
CA PHE G 298 -53.00 -5.93 7.32
C PHE G 298 -53.81 -6.26 6.08
N ALA G 299 -54.35 -7.49 6.08
CA ALA G 299 -55.12 -8.06 4.97
C ALA G 299 -55.60 -7.09 3.92
N TYR G 300 -56.59 -6.24 4.17
CA TYR G 300 -56.97 -5.40 3.05
C TYR G 300 -56.88 -3.92 3.41
N TRP G 301 -56.05 -3.57 4.39
CA TRP G 301 -56.04 -2.19 4.86
C TRP G 301 -55.24 -1.26 3.98
N ASN G 302 -54.51 -1.78 2.98
CA ASN G 302 -53.71 -0.89 2.15
C ASN G 302 -54.59 0.01 1.30
N GLY G 303 -54.02 1.14 0.91
CA GLY G 303 -54.64 2.06 -0.01
C GLY G 303 -54.06 1.98 -1.41
N ALA G 304 -54.26 3.04 -2.17
CA ALA G 304 -53.78 3.09 -3.54
C ALA G 304 -53.73 4.54 -3.99
N ASN G 305 -52.86 4.80 -4.98
CA ASN G 305 -52.80 6.07 -5.67
C ASN G 305 -53.32 5.92 -7.09
N THR G 306 -53.21 6.99 -7.86
CA THR G 306 -53.51 6.96 -9.28
C THR G 306 -52.36 7.64 -10.03
N PRO G 307 -51.84 7.04 -11.11
CA PRO G 307 -52.27 5.77 -11.72
C PRO G 307 -52.01 4.59 -10.81
N TYR G 308 -52.89 3.60 -10.88
CA TYR G 308 -53.04 2.63 -9.80
C TYR G 308 -51.69 2.09 -9.36
N GLU G 309 -51.45 2.13 -8.05
CA GLU G 309 -50.21 1.59 -7.51
C GLU G 309 -50.40 1.26 -6.04
N PRO G 310 -50.77 0.03 -5.70
CA PRO G 310 -51.08 -0.28 -4.31
C PRO G 310 -49.84 -0.25 -3.43
N GLN G 311 -50.03 0.16 -2.19
CA GLN G 311 -48.98 0.12 -1.20
C GLN G 311 -48.78 -1.29 -0.67
N PRO G 312 -47.57 -1.67 -0.32
CA PRO G 312 -47.32 -3.04 0.13
C PRO G 312 -47.74 -3.28 1.57
N THR G 313 -47.53 -4.53 2.01
CA THR G 313 -47.82 -4.93 3.38
C THR G 313 -46.99 -4.15 4.38
N SER G 314 -45.68 -4.09 4.16
CA SER G 314 -44.82 -3.33 5.04
C SER G 314 -45.20 -1.87 4.99
N TYR G 315 -45.35 -1.26 6.16
CA TYR G 315 -45.47 0.18 6.28
C TYR G 315 -44.28 0.74 7.05
N ASP G 316 -43.12 0.09 6.92
CA ASP G 316 -41.91 0.53 7.62
C ASP G 316 -41.71 2.04 7.50
N TYR G 317 -41.93 2.59 6.32
CA TYR G 317 -41.93 4.02 6.05
C TYR G 317 -40.54 4.63 6.16
N ASP G 318 -39.51 3.84 6.46
CA ASP G 318 -38.23 4.35 6.94
C ASP G 318 -38.42 5.21 8.19
N ALA G 319 -39.39 4.84 9.01
CA ALA G 319 -39.73 5.59 10.21
C ALA G 319 -38.63 5.46 11.26
N PRO G 320 -38.62 6.36 12.26
CA PRO G 320 -37.62 6.23 13.34
C PRO G 320 -37.69 4.91 14.07
N LEU G 321 -38.89 4.37 14.26
CA LEU G 321 -39.05 3.01 14.72
C LEU G 321 -39.37 2.12 13.52
N SER G 322 -38.63 1.03 13.39
CA SER G 322 -38.83 0.12 12.27
C SER G 322 -40.16 -0.59 12.41
N GLU G 323 -40.56 -1.28 11.35
CA GLU G 323 -41.86 -1.96 11.36
C GLU G 323 -42.02 -2.81 12.61
N ALA G 324 -40.97 -3.52 12.99
CA ALA G 324 -41.03 -4.37 14.16
C ALA G 324 -40.61 -3.62 15.41
N GLY G 325 -40.42 -2.31 15.31
CA GLY G 325 -40.19 -1.50 16.48
C GLY G 325 -38.74 -1.34 16.86
N ASP G 326 -37.80 -1.68 15.99
CA ASP G 326 -36.39 -1.61 16.35
C ASP G 326 -35.95 -0.16 16.52
N LEU G 327 -35.08 0.06 17.49
CA LEU G 327 -34.37 1.32 17.60
C LEU G 327 -33.36 1.43 16.47
N THR G 328 -33.50 2.45 15.64
CA THR G 328 -32.63 2.66 14.50
C THR G 328 -31.74 3.86 14.76
N LYS G 329 -30.70 3.99 13.93
CA LYS G 329 -29.85 5.16 14.04
C LYS G 329 -30.67 6.43 13.96
N LYS G 330 -31.73 6.41 13.17
CA LYS G 330 -32.63 7.55 13.08
C LYS G 330 -33.26 7.88 14.43
N TYR G 331 -33.68 6.85 15.17
CA TYR G 331 -34.29 7.07 16.47
C TYR G 331 -33.37 7.84 17.41
N PHE G 332 -32.15 7.34 17.61
CA PHE G 332 -31.21 8.02 18.48
C PHE G 332 -30.85 9.41 17.96
N ALA G 333 -30.72 9.57 16.64
CA ALA G 333 -30.47 10.90 16.10
C ALA G 333 -31.58 11.86 16.44
N LEU G 334 -32.82 11.42 16.32
CA LEU G 334 -33.94 12.32 16.57
C LEU G 334 -34.08 12.62 18.05
N ARG G 335 -33.92 11.61 18.90
CA ARG G 335 -33.83 11.83 20.34
C ARG G 335 -32.77 12.88 20.69
N GLU G 336 -31.59 12.76 20.08
CA GLU G 336 -30.53 13.73 20.34
C GLU G 336 -30.96 15.12 19.92
N VAL G 337 -31.59 15.24 18.76
CA VAL G 337 -32.05 16.55 18.30
C VAL G 337 -33.08 17.11 19.26
N ILE G 338 -34.06 16.29 19.64
CA ILE G 338 -35.17 16.76 20.47
C ILE G 338 -34.66 17.20 21.84
N GLN G 339 -33.73 16.44 22.42
CA GLN G 339 -33.15 16.82 23.70
C GLN G 339 -32.54 18.22 23.69
N MET G 340 -32.33 18.82 22.52
CA MET G 340 -31.90 20.21 22.49
C MET G 340 -32.98 21.13 23.07
N PHE G 341 -34.24 20.86 22.79
CA PHE G 341 -35.33 21.77 23.13
C PHE G 341 -36.21 21.29 24.27
N LYS G 342 -35.97 20.11 24.81
CA LYS G 342 -36.71 19.68 26.00
C LYS G 342 -35.94 18.58 26.69
N GLU G 343 -36.02 18.57 28.01
CA GLU G 343 -35.50 17.45 28.77
C GLU G 343 -36.18 16.17 28.32
N VAL G 344 -35.40 15.11 28.16
CA VAL G 344 -35.95 13.85 27.70
C VAL G 344 -36.17 12.97 28.92
N PRO G 345 -37.16 12.06 28.91
CA PRO G 345 -37.44 11.27 30.11
C PRO G 345 -36.21 10.53 30.58
N GLU G 346 -36.17 10.30 31.89
CA GLU G 346 -35.05 9.56 32.45
C GLU G 346 -35.29 8.06 32.32
N GLY G 347 -34.19 7.30 32.36
CA GLY G 347 -34.26 5.86 32.35
C GLY G 347 -33.93 5.24 31.01
N PRO G 348 -33.61 3.95 31.04
CA PRO G 348 -33.29 3.22 29.82
C PRO G 348 -34.48 3.08 28.89
N ILE G 349 -34.20 3.02 27.60
CA ILE G 349 -35.26 2.95 26.59
C ILE G 349 -35.58 1.49 26.31
N PRO G 350 -36.85 1.13 26.20
CA PRO G 350 -37.21 -0.25 25.84
C PRO G 350 -36.51 -0.67 24.56
N PRO G 351 -36.05 -1.91 24.48
CA PRO G 351 -35.16 -2.30 23.39
C PRO G 351 -35.93 -2.68 22.14
N SER G 352 -35.17 -2.83 21.06
CA SER G 352 -35.64 -3.55 19.90
C SER G 352 -36.06 -4.95 20.33
N THR G 353 -37.17 -5.43 19.79
CA THR G 353 -37.66 -6.71 20.23
C THR G 353 -36.69 -7.81 19.79
N PRO G 354 -36.63 -8.91 20.51
CA PRO G 354 -35.90 -10.08 20.03
C PRO G 354 -36.55 -10.66 18.79
N LYS G 355 -35.71 -11.17 17.89
CA LYS G 355 -36.16 -11.85 16.69
C LYS G 355 -35.65 -13.28 16.65
N PHE G 356 -36.48 -14.17 16.11
CA PHE G 356 -36.19 -15.60 16.10
C PHE G 356 -36.40 -16.19 14.72
N ALA G 357 -35.44 -16.98 14.26
CA ALA G 357 -35.54 -17.63 12.97
C ALA G 357 -36.11 -19.02 13.20
N TYR G 358 -37.43 -19.17 13.06
CA TYR G 358 -38.00 -20.50 13.19
C TYR G 358 -37.61 -21.42 12.04
N GLY G 359 -37.09 -20.88 10.94
CA GLY G 359 -36.57 -21.72 9.89
C GLY G 359 -37.62 -22.12 8.87
N LYS G 360 -37.34 -23.20 8.16
CA LYS G 360 -38.22 -23.62 7.08
C LYS G 360 -39.41 -24.42 7.58
N VAL G 361 -40.60 -24.06 7.10
CA VAL G 361 -41.85 -24.75 7.39
C VAL G 361 -42.52 -25.11 6.07
N ALA G 362 -42.93 -26.37 5.93
CA ALA G 362 -43.52 -26.84 4.68
C ALA G 362 -45.03 -26.62 4.67
N LEU G 363 -45.60 -26.63 3.46
CA LEU G 363 -47.04 -26.52 3.25
C LEU G 363 -47.51 -27.66 2.37
N ARG G 364 -48.80 -27.64 2.05
CA ARG G 364 -49.42 -28.70 1.26
C ARG G 364 -50.71 -28.17 0.63
N LYS G 365 -50.88 -28.43 -0.66
CA LYS G 365 -52.09 -28.04 -1.36
C LYS G 365 -53.33 -28.53 -0.64
N PHE G 366 -54.19 -27.60 -0.22
CA PHE G 366 -55.44 -27.96 0.41
C PHE G 366 -56.60 -27.98 -0.57
N LYS G 367 -56.92 -26.84 -1.17
CA LYS G 367 -58.05 -26.71 -2.07
C LYS G 367 -58.05 -25.31 -2.68
N THR G 368 -58.48 -25.23 -3.94
CA THR G 368 -58.72 -23.93 -4.54
C THR G 368 -59.96 -23.29 -3.94
N VAL G 369 -60.06 -21.97 -4.12
CA VAL G 369 -61.27 -21.24 -3.74
C VAL G 369 -62.50 -21.85 -4.40
N ALA G 370 -62.41 -22.18 -5.69
CA ALA G 370 -63.58 -22.67 -6.40
C ALA G 370 -64.13 -23.94 -5.76
N GLU G 371 -63.25 -24.86 -5.40
CA GLU G 371 -63.65 -26.15 -4.85
C GLU G 371 -64.05 -26.07 -3.39
N ALA G 372 -64.15 -24.87 -2.82
CA ALA G 372 -64.45 -24.73 -1.40
C ALA G 372 -65.38 -23.57 -1.12
N LEU G 373 -66.08 -23.06 -2.13
CA LEU G 373 -66.90 -21.86 -1.95
C LEU G 373 -67.95 -22.08 -0.88
N GLY G 374 -68.56 -23.25 -0.83
CA GLY G 374 -69.54 -23.52 0.23
C GLY G 374 -68.94 -23.34 1.60
N ILE G 375 -67.75 -23.89 1.81
CA ILE G 375 -67.06 -23.66 3.07
C ILE G 375 -66.67 -22.20 3.19
N LEU G 376 -66.28 -21.60 2.07
CA LEU G 376 -65.93 -20.19 2.06
C LEU G 376 -67.15 -19.28 2.19
N CYS G 377 -68.30 -19.71 1.70
CA CYS G 377 -69.49 -18.86 1.65
C CYS G 377 -70.71 -19.62 2.17
N PRO G 378 -70.73 -19.95 3.46
CA PRO G 378 -71.75 -20.89 3.95
C PRO G 378 -73.14 -20.31 3.97
N ASN G 379 -73.28 -18.98 4.00
CA ASN G 379 -74.60 -18.37 3.87
C ASN G 379 -75.19 -18.66 2.50
N GLY G 380 -74.39 -18.55 1.46
CA GLY G 380 -74.80 -18.90 0.11
C GLY G 380 -74.33 -17.88 -0.90
N PRO G 381 -74.42 -18.22 -2.18
CA PRO G 381 -73.84 -17.36 -3.22
C PRO G 381 -74.81 -16.27 -3.68
N VAL G 382 -74.37 -15.49 -4.67
CA VAL G 382 -75.16 -14.38 -5.21
C VAL G 382 -75.35 -14.62 -6.70
N LYS G 383 -76.52 -14.28 -7.22
CA LYS G 383 -76.81 -14.41 -8.64
C LYS G 383 -77.21 -13.05 -9.20
N SER G 384 -76.79 -12.79 -10.43
CA SER G 384 -77.05 -11.49 -11.05
C SER G 384 -77.04 -11.64 -12.58
N LEU G 385 -77.90 -10.85 -13.23
CA LEU G 385 -77.94 -10.83 -14.68
C LEU G 385 -76.60 -10.40 -15.28
N TYR G 386 -76.07 -9.28 -14.81
CA TYR G 386 -74.75 -8.83 -15.25
C TYR G 386 -73.83 -8.86 -14.04
N PRO G 387 -72.50 -8.78 -14.21
CA PRO G 387 -71.63 -8.88 -13.04
C PRO G 387 -71.87 -7.71 -12.09
N LEU G 388 -71.69 -7.97 -10.80
CA LEU G 388 -71.71 -6.97 -9.76
C LEU G 388 -70.31 -6.70 -9.22
N THR G 389 -70.10 -5.48 -8.72
CA THR G 389 -68.81 -5.11 -8.16
C THR G 389 -68.66 -5.69 -6.75
N PHE G 390 -67.43 -5.63 -6.24
CA PHE G 390 -67.16 -5.99 -4.85
C PHE G 390 -68.16 -5.35 -3.90
N THR G 391 -68.39 -4.05 -4.03
CA THR G 391 -69.38 -3.40 -3.19
C THR G 391 -70.78 -3.91 -3.49
N GLN G 392 -71.12 -4.04 -4.79
CA GLN G 392 -72.44 -4.49 -5.18
C GLN G 392 -72.76 -5.87 -4.62
N VAL G 393 -71.75 -6.69 -4.35
CA VAL G 393 -71.98 -8.02 -3.81
C VAL G 393 -71.78 -8.03 -2.29
N LYS G 394 -71.62 -6.85 -1.69
CA LYS G 394 -71.59 -6.72 -0.23
C LYS G 394 -70.40 -7.45 0.36
N GLN G 395 -69.28 -7.40 -0.34
CA GLN G 395 -68.00 -7.86 0.19
C GLN G 395 -67.03 -6.69 0.11
N TYR G 396 -66.69 -6.15 1.27
CA TYR G 396 -65.93 -4.91 1.36
C TYR G 396 -64.44 -5.10 1.16
N PHE G 397 -63.97 -6.34 1.21
CA PHE G 397 -62.55 -6.64 1.08
C PHE G 397 -62.43 -7.99 0.38
N GLY G 398 -61.28 -8.63 0.53
CA GLY G 398 -61.15 -10.01 0.09
C GLY G 398 -61.14 -10.16 -1.42
N TYR G 399 -61.64 -11.30 -1.87
CA TYR G 399 -61.66 -11.66 -3.28
C TYR G 399 -63.05 -12.17 -3.62
N VAL G 400 -63.41 -12.09 -4.90
CA VAL G 400 -64.75 -12.44 -5.33
C VAL G 400 -64.67 -13.37 -6.53
N LEU G 401 -65.50 -14.42 -6.51
CA LEU G 401 -65.55 -15.38 -7.59
C LEU G 401 -66.68 -15.01 -8.56
N TYR G 402 -66.35 -14.84 -9.83
CA TYR G 402 -67.33 -14.58 -10.88
C TYR G 402 -67.45 -15.83 -11.74
N ARG G 403 -68.66 -16.32 -11.94
CA ARG G 403 -68.85 -17.55 -12.67
C ARG G 403 -69.87 -17.32 -13.76
N THR G 404 -69.59 -17.85 -14.94
CA THR G 404 -70.57 -17.87 -16.02
C THR G 404 -70.36 -19.13 -16.86
N THR G 405 -71.10 -19.22 -17.96
CA THR G 405 -70.98 -20.32 -18.92
C THR G 405 -70.49 -19.74 -20.24
N LEU G 406 -69.63 -20.47 -20.93
CA LEU G 406 -69.17 -20.02 -22.23
C LEU G 406 -70.28 -20.12 -23.27
N PRO G 407 -70.62 -19.03 -23.96
CA PRO G 407 -71.73 -19.08 -24.92
C PRO G 407 -71.32 -19.59 -26.29
N GLN G 408 -70.02 -19.70 -26.54
CA GLN G 408 -69.48 -20.11 -27.83
C GLN G 408 -68.38 -21.14 -27.59
N ASP G 409 -68.21 -22.02 -28.57
CA ASP G 409 -67.06 -22.92 -28.56
C ASP G 409 -65.77 -22.11 -28.66
N CYS G 410 -64.81 -22.44 -27.79
CA CYS G 410 -63.52 -21.78 -27.83
C CYS G 410 -62.41 -22.80 -28.00
N SER G 411 -62.58 -23.74 -28.95
CA SER G 411 -61.52 -24.68 -29.25
C SER G 411 -60.26 -23.97 -29.74
N ASN G 412 -60.43 -22.97 -30.59
CA ASN G 412 -59.33 -22.07 -30.90
C ASN G 412 -59.29 -20.94 -29.88
N PRO G 413 -58.09 -20.50 -29.47
CA PRO G 413 -58.00 -19.50 -28.39
C PRO G 413 -58.74 -18.22 -28.73
N LYS G 414 -59.78 -17.94 -27.99
CA LYS G 414 -60.55 -16.73 -28.20
C LYS G 414 -60.11 -15.64 -27.24
N PRO G 415 -60.16 -14.37 -27.66
CA PRO G 415 -59.59 -13.29 -26.86
C PRO G 415 -60.57 -12.78 -25.79
N ILE G 416 -60.20 -12.98 -24.52
CA ILE G 416 -60.75 -12.14 -23.46
C ILE G 416 -60.15 -10.75 -23.62
N PHE G 417 -61.00 -9.74 -23.67
CA PHE G 417 -60.58 -8.45 -24.18
C PHE G 417 -61.37 -7.37 -23.44
N SER G 418 -61.42 -6.18 -24.03
CA SER G 418 -62.06 -5.01 -23.45
C SER G 418 -63.46 -5.31 -22.94
N SER G 419 -63.88 -4.52 -21.97
CA SER G 419 -65.27 -4.38 -21.57
C SER G 419 -65.66 -2.97 -22.02
N PRO G 420 -66.92 -2.56 -21.89
CA PRO G 420 -67.31 -1.27 -22.50
C PRO G 420 -66.49 -0.07 -22.06
N PHE G 421 -66.04 -0.01 -20.80
CA PHE G 421 -65.23 1.14 -20.41
C PHE G 421 -64.05 0.73 -19.53
N ASN G 422 -63.42 -0.41 -19.84
CA ASN G 422 -62.13 -0.76 -19.23
C ASN G 422 -62.25 -0.76 -17.70
N GLY G 423 -63.19 -1.56 -17.21
CA GLY G 423 -63.56 -1.58 -15.82
C GLY G 423 -63.32 -2.86 -15.04
N VAL G 424 -62.26 -3.60 -15.38
CA VAL G 424 -61.78 -4.68 -14.53
C VAL G 424 -60.69 -4.14 -13.62
N ARG G 425 -60.91 -4.25 -12.31
CA ARG G 425 -60.00 -3.72 -11.29
C ARG G 425 -60.00 -4.65 -10.09
N ASP G 426 -58.82 -4.99 -9.58
CA ASP G 426 -57.56 -4.53 -10.14
C ASP G 426 -56.79 -5.69 -10.77
N ARG G 427 -57.17 -6.92 -10.42
CA ARG G 427 -56.47 -8.09 -10.94
C ARG G 427 -57.44 -9.24 -10.98
N ALA G 428 -57.40 -10.01 -12.08
CA ALA G 428 -58.25 -11.18 -12.23
C ALA G 428 -57.44 -12.40 -12.68
N TYR G 429 -57.60 -13.51 -11.96
CA TYR G 429 -57.04 -14.79 -12.35
C TYR G 429 -58.13 -15.60 -13.05
N VAL G 430 -57.89 -15.96 -14.31
CA VAL G 430 -58.94 -16.49 -15.18
C VAL G 430 -58.73 -18.00 -15.36
N SER G 431 -59.83 -18.76 -15.30
CA SER G 431 -59.75 -20.20 -15.48
C SER G 431 -61.10 -20.72 -15.93
N VAL G 432 -61.09 -21.96 -16.43
CA VAL G 432 -62.30 -22.65 -16.87
C VAL G 432 -62.27 -24.06 -16.32
N ASP G 433 -63.24 -24.39 -15.47
CA ASP G 433 -63.34 -25.72 -14.85
C ASP G 433 -62.01 -26.17 -14.25
N GLY G 434 -61.35 -25.26 -13.55
CA GLY G 434 -60.12 -25.60 -12.87
C GLY G 434 -58.91 -25.69 -13.77
N VAL G 435 -58.95 -25.02 -14.92
CA VAL G 435 -57.78 -24.93 -15.80
C VAL G 435 -57.34 -23.47 -15.84
N PRO G 436 -56.30 -23.10 -15.09
CA PRO G 436 -55.88 -21.71 -15.03
C PRO G 436 -55.43 -21.19 -16.39
N GLN G 437 -55.86 -19.99 -16.72
CA GLN G 437 -55.62 -19.42 -18.04
C GLN G 437 -54.67 -18.23 -18.01
N GLY G 438 -54.38 -17.67 -16.85
CA GLY G 438 -53.49 -16.54 -16.74
C GLY G 438 -54.13 -15.39 -16.00
N ILE G 439 -53.55 -14.21 -16.19
CA ILE G 439 -53.80 -13.05 -15.36
C ILE G 439 -54.34 -11.90 -16.21
N LEU G 440 -54.97 -10.95 -15.52
CA LEU G 440 -55.44 -9.70 -16.11
C LEU G 440 -55.30 -8.61 -15.07
N ASP G 441 -54.97 -7.40 -15.51
CA ASP G 441 -54.83 -6.30 -14.56
C ASP G 441 -55.00 -4.97 -15.30
N ARG G 442 -55.18 -3.92 -14.51
CA ARG G 442 -55.46 -2.60 -15.06
C ARG G 442 -54.18 -1.89 -15.45
N ASN G 443 -54.16 -1.35 -16.67
CA ASN G 443 -53.06 -0.61 -17.28
C ASN G 443 -51.92 -1.53 -17.70
N LEU G 444 -52.01 -2.81 -17.37
CA LEU G 444 -50.93 -3.74 -17.67
C LEU G 444 -51.34 -4.82 -18.66
N MET G 445 -52.37 -5.60 -18.37
CA MET G 445 -52.78 -6.71 -19.23
C MET G 445 -54.30 -6.83 -19.19
N THR G 446 -54.95 -6.53 -20.32
CA THR G 446 -56.39 -6.66 -20.44
C THR G 446 -56.82 -7.64 -21.52
N ALA G 447 -55.88 -8.22 -22.26
CA ALA G 447 -56.18 -9.18 -23.32
C ALA G 447 -55.50 -10.51 -23.02
N LEU G 448 -56.20 -11.60 -23.27
CA LEU G 448 -55.67 -12.92 -22.98
C LEU G 448 -56.43 -13.96 -23.79
N ASN G 449 -55.72 -14.82 -24.51
CA ASN G 449 -56.35 -15.89 -25.24
C ASN G 449 -56.70 -17.04 -24.31
N ILE G 450 -57.92 -17.56 -24.44
CA ILE G 450 -58.43 -18.63 -23.59
C ILE G 450 -58.98 -19.74 -24.46
N GLN G 451 -59.14 -20.92 -23.87
CA GLN G 451 -59.61 -22.09 -24.61
C GLN G 451 -60.57 -22.90 -23.75
N GLY G 452 -61.68 -23.32 -24.33
CA GLY G 452 -62.59 -24.23 -23.68
C GLY G 452 -63.79 -24.51 -24.56
N LYS G 453 -64.50 -25.58 -24.21
CA LYS G 453 -65.68 -25.97 -24.98
C LYS G 453 -66.87 -25.08 -24.65
N ALA G 454 -67.79 -24.96 -25.61
CA ALA G 454 -69.02 -24.23 -25.38
C ALA G 454 -69.79 -24.80 -24.19
N GLY G 455 -70.31 -23.90 -23.36
CA GLY G 455 -71.01 -24.28 -22.14
C GLY G 455 -70.11 -24.57 -20.96
N ALA G 456 -68.79 -24.49 -21.12
CA ALA G 456 -67.88 -24.69 -20.02
C ALA G 456 -68.01 -23.58 -18.99
N THR G 457 -67.82 -23.95 -17.72
CA THR G 457 -67.91 -23.01 -16.62
C THR G 457 -66.65 -22.16 -16.57
N LEU G 458 -66.81 -20.85 -16.75
CA LEU G 458 -65.71 -19.90 -16.66
C LEU G 458 -65.72 -19.25 -15.28
N ASP G 459 -64.63 -19.42 -14.54
CA ASP G 459 -64.44 -18.85 -13.22
C ASP G 459 -63.33 -17.81 -13.25
N ILE G 460 -63.64 -16.61 -12.76
CA ILE G 460 -62.72 -15.49 -12.69
C ILE G 460 -62.59 -15.10 -11.22
N LEU G 461 -61.37 -15.13 -10.69
CA LEU G 461 -61.13 -14.74 -9.32
C LEU G 461 -60.58 -13.32 -9.31
N VAL G 462 -61.34 -12.39 -8.74
CA VAL G 462 -61.01 -10.97 -8.77
C VAL G 462 -60.51 -10.58 -7.40
N GLU G 463 -59.33 -9.96 -7.37
CA GLU G 463 -58.70 -9.48 -6.14
C GLU G 463 -58.87 -7.99 -6.01
N ASN G 464 -59.29 -7.55 -4.82
CA ASN G 464 -59.24 -6.14 -4.48
C ASN G 464 -57.82 -5.84 -4.01
N MET G 465 -57.06 -5.13 -4.82
CA MET G 465 -55.69 -4.82 -4.49
C MET G 465 -55.57 -3.57 -3.63
N GLY G 466 -56.69 -2.97 -3.25
CA GLY G 466 -56.73 -1.80 -2.38
C GLY G 466 -57.49 -0.64 -3.01
N ARG G 467 -58.44 -0.11 -2.24
CA ARG G 467 -59.19 1.05 -2.72
C ARG G 467 -58.31 2.29 -2.64
N VAL G 468 -58.32 3.08 -3.71
CA VAL G 468 -57.50 4.29 -3.76
C VAL G 468 -57.78 5.16 -2.54
N ASN G 469 -56.71 5.68 -1.95
CA ASN G 469 -56.79 6.45 -0.72
C ASN G 469 -56.48 7.92 -0.92
N TYR G 470 -56.11 8.34 -2.12
CA TYR G 470 -55.72 9.71 -2.37
C TYR G 470 -56.09 10.11 -3.78
N GLY G 471 -56.59 11.34 -3.93
CA GLY G 471 -56.88 11.89 -5.24
C GLY G 471 -58.37 12.02 -5.45
N ARG G 472 -58.77 12.05 -6.72
CA ARG G 472 -60.18 12.08 -7.04
C ARG G 472 -60.78 10.69 -7.14
N PHE G 473 -60.00 9.71 -7.62
CA PHE G 473 -60.55 8.41 -7.97
C PHE G 473 -60.89 7.60 -6.73
N ILE G 474 -61.88 8.07 -5.98
CA ILE G 474 -62.43 7.30 -4.87
C ILE G 474 -63.59 6.40 -5.30
N ASN G 475 -64.14 6.63 -6.49
CA ASN G 475 -65.16 5.75 -7.05
C ASN G 475 -64.52 4.49 -7.66
N ASP G 476 -63.90 3.71 -6.78
CA ASP G 476 -62.99 2.64 -7.13
C ASP G 476 -63.84 1.38 -6.99
N PHE G 477 -64.43 0.94 -8.10
CA PHE G 477 -65.43 -0.12 -8.06
C PHE G 477 -64.88 -1.43 -7.54
N LYS G 478 -63.75 -1.94 -8.10
CA LYS G 478 -63.20 -3.21 -7.63
C LYS G 478 -63.86 -4.44 -8.26
N GLY G 479 -63.31 -4.89 -9.39
CA GLY G 479 -63.89 -6.02 -10.09
C GLY G 479 -64.60 -5.74 -11.39
N LEU G 480 -65.55 -6.60 -11.75
CA LEU G 480 -66.44 -6.32 -12.86
C LEU G 480 -67.62 -5.44 -12.43
N ILE G 481 -67.76 -4.32 -13.13
CA ILE G 481 -68.96 -3.50 -13.09
C ILE G 481 -69.73 -3.58 -14.40
N SER G 482 -69.03 -3.43 -15.51
CA SER G 482 -69.66 -3.35 -16.82
C SER G 482 -69.89 -4.73 -17.40
N ASN G 483 -70.58 -4.77 -18.53
CA ASN G 483 -70.96 -6.02 -19.16
C ASN G 483 -69.68 -6.74 -19.59
N MET G 484 -69.35 -7.85 -18.93
CA MET G 484 -68.12 -8.55 -19.27
C MET G 484 -68.20 -9.09 -20.70
N THR G 485 -67.15 -8.85 -21.47
CA THR G 485 -67.14 -9.19 -22.88
C THR G 485 -65.90 -9.99 -23.22
N ILE G 486 -66.06 -11.01 -24.05
CA ILE G 486 -64.96 -11.79 -24.61
C ILE G 486 -65.03 -11.61 -26.12
N ASN G 487 -63.94 -11.08 -26.70
CA ASN G 487 -63.91 -10.75 -28.11
C ASN G 487 -65.11 -9.88 -28.49
N SER G 488 -65.38 -8.88 -27.65
CA SER G 488 -66.50 -7.97 -27.83
C SER G 488 -67.83 -8.73 -27.94
N THR G 489 -67.99 -9.75 -27.09
CA THR G 489 -69.24 -10.51 -27.01
C THR G 489 -69.72 -10.53 -25.57
N VAL G 490 -70.96 -10.09 -25.37
CA VAL G 490 -71.52 -9.84 -24.04
C VAL G 490 -71.63 -11.15 -23.26
N LEU G 491 -71.86 -11.04 -21.95
CA LEU G 491 -71.97 -12.20 -21.09
C LEU G 491 -72.99 -11.92 -19.99
N THR G 492 -74.01 -12.75 -19.90
CA THR G 492 -75.04 -12.63 -18.88
C THR G 492 -74.99 -13.84 -17.96
N ASN G 493 -75.97 -13.91 -17.04
CA ASN G 493 -76.16 -15.07 -16.16
C ASN G 493 -74.92 -15.33 -15.30
N TRP G 494 -74.61 -14.37 -14.45
CA TRP G 494 -73.42 -14.44 -13.61
C TRP G 494 -73.78 -14.89 -12.20
N THR G 495 -72.90 -15.69 -11.61
CA THR G 495 -72.98 -16.07 -10.20
C THR G 495 -71.72 -15.60 -9.50
N VAL G 496 -71.88 -14.73 -8.52
CA VAL G 496 -70.75 -14.20 -7.77
C VAL G 496 -70.70 -14.89 -6.42
N PHE G 497 -69.50 -14.97 -5.86
CA PHE G 497 -69.25 -15.67 -4.60
C PHE G 497 -68.38 -14.81 -3.70
N PRO G 498 -68.97 -14.17 -2.70
CA PRO G 498 -68.20 -13.54 -1.62
C PRO G 498 -67.53 -14.59 -0.75
N LEU G 499 -66.30 -14.32 -0.32
CA LEU G 499 -65.51 -15.33 0.37
C LEU G 499 -65.28 -14.89 1.82
N ASP G 500 -65.80 -15.68 2.76
CA ASP G 500 -65.56 -15.49 4.19
C ASP G 500 -64.21 -16.14 4.54
N THR G 501 -63.14 -15.48 4.07
CA THR G 501 -61.81 -16.03 4.30
C THR G 501 -61.43 -16.04 5.77
N GLU G 502 -61.91 -15.09 6.55
CA GLU G 502 -61.46 -14.98 7.94
C GLU G 502 -62.03 -16.10 8.78
N ALA G 503 -63.35 -16.25 8.79
CA ALA G 503 -63.95 -17.35 9.55
C ALA G 503 -63.49 -18.69 9.01
N MET G 504 -63.31 -18.79 7.69
CA MET G 504 -62.86 -20.05 7.11
C MET G 504 -61.49 -20.44 7.65
N VAL G 505 -60.58 -19.48 7.74
CA VAL G 505 -59.26 -19.79 8.28
C VAL G 505 -59.35 -20.10 9.76
N ARG G 506 -60.15 -19.34 10.50
CA ARG G 506 -60.28 -19.56 11.93
C ARG G 506 -60.95 -20.90 12.28
N ASN G 507 -61.68 -21.51 11.35
CA ASN G 507 -62.36 -22.77 11.62
C ASN G 507 -61.67 -23.97 10.99
N HIS G 508 -61.28 -23.85 9.71
CA HIS G 508 -60.66 -24.94 8.96
C HIS G 508 -61.53 -26.18 8.92
N LEU G 509 -62.82 -25.98 8.63
CA LEU G 509 -63.81 -27.06 8.55
C LEU G 509 -63.85 -27.87 9.84
N TRP G 510 -63.73 -27.19 10.97
CA TRP G 510 -63.72 -27.89 12.26
C TRP G 510 -64.79 -27.34 13.19
N ASP G 530 -47.99 -22.26 -16.83
CA ASP G 530 -47.91 -23.19 -15.70
C ASP G 530 -48.31 -22.49 -14.40
N LEU G 531 -48.97 -21.35 -14.51
CA LEU G 531 -49.45 -20.64 -13.34
C LEU G 531 -50.51 -21.46 -12.63
N ILE G 532 -50.36 -21.62 -11.33
CA ILE G 532 -51.22 -22.51 -10.55
C ILE G 532 -52.43 -21.73 -10.07
N LEU G 533 -53.62 -22.30 -10.29
CA LEU G 533 -54.91 -21.81 -9.82
C LEU G 533 -54.78 -21.32 -8.39
N PRO G 534 -55.44 -20.22 -8.03
CA PRO G 534 -55.46 -19.78 -6.62
C PRO G 534 -55.91 -20.89 -5.69
N THR G 535 -55.01 -21.30 -4.81
CA THR G 535 -55.20 -22.48 -3.98
C THR G 535 -54.60 -22.24 -2.60
N PHE G 536 -55.07 -23.02 -1.63
CA PHE G 536 -54.64 -22.89 -0.25
C PHE G 536 -53.65 -23.98 0.11
N TYR G 537 -52.54 -23.58 0.73
CA TYR G 537 -51.48 -24.46 1.18
C TYR G 537 -51.35 -24.26 2.69
N VAL G 538 -51.64 -25.30 3.45
CA VAL G 538 -51.66 -25.24 4.90
C VAL G 538 -50.47 -26.01 5.44
N GLY G 539 -49.68 -25.34 6.27
CA GLY G 539 -48.58 -26.00 6.95
C GLY G 539 -48.64 -25.71 8.44
N ASN G 540 -47.95 -26.54 9.19
CA ASN G 540 -47.94 -26.39 10.63
C ASN G 540 -46.50 -26.21 11.11
N PHE G 541 -46.36 -25.54 12.25
CA PHE G 541 -45.10 -25.56 12.96
C PHE G 541 -45.38 -25.47 14.44
N SER G 542 -44.50 -26.07 15.23
CA SER G 542 -44.65 -26.11 16.67
C SER G 542 -43.57 -25.25 17.30
N ILE G 543 -43.87 -24.73 18.48
CA ILE G 543 -42.92 -23.91 19.21
C ILE G 543 -42.82 -24.49 20.61
N PRO G 544 -41.63 -24.71 21.14
CA PRO G 544 -41.53 -25.36 22.44
C PRO G 544 -42.08 -24.46 23.54
N SER G 545 -42.66 -25.10 24.54
CA SER G 545 -43.19 -24.45 25.72
C SER G 545 -42.10 -24.25 26.76
N GLY G 546 -42.37 -23.37 27.71
CA GLY G 546 -41.44 -23.20 28.80
C GLY G 546 -40.19 -22.45 28.47
N ILE G 547 -40.14 -21.74 27.35
CA ILE G 547 -38.98 -20.91 27.05
C ILE G 547 -39.38 -19.46 27.28
N PRO G 548 -38.85 -18.80 28.30
CA PRO G 548 -39.33 -17.46 28.67
C PRO G 548 -39.34 -16.49 27.52
N ASP G 549 -38.33 -16.59 26.65
CA ASP G 549 -38.14 -15.66 25.55
C ASP G 549 -38.62 -16.23 24.23
N LEU G 550 -39.48 -17.24 24.26
CA LEU G 550 -40.21 -17.73 23.11
C LEU G 550 -41.69 -17.75 23.43
N PRO G 551 -42.56 -17.41 22.46
CA PRO G 551 -42.32 -17.02 21.07
C PRO G 551 -41.77 -15.62 20.93
N GLN G 552 -41.11 -15.35 19.81
CA GLN G 552 -40.63 -14.01 19.47
C GLN G 552 -41.20 -13.55 18.13
N ASP G 553 -41.22 -12.24 17.94
CA ASP G 553 -41.54 -11.67 16.65
C ASP G 553 -40.66 -12.28 15.58
N THR G 554 -41.15 -12.31 14.34
CA THR G 554 -40.36 -12.90 13.26
C THR G 554 -40.77 -12.30 11.93
N PHE G 555 -40.12 -12.77 10.86
CA PHE G 555 -40.39 -12.30 9.51
C PHE G 555 -40.54 -13.52 8.61
N ILE G 556 -41.60 -13.54 7.82
CA ILE G 556 -41.87 -14.67 6.94
C ILE G 556 -41.49 -14.35 5.51
N GLN G 557 -40.79 -15.28 4.87
CA GLN G 557 -40.30 -15.14 3.50
C GLN G 557 -40.88 -16.27 2.67
N PHE G 558 -41.06 -15.99 1.38
CA PHE G 558 -41.74 -16.90 0.46
C PHE G 558 -40.89 -17.15 -0.79
N PRO G 559 -39.72 -17.75 -0.65
CA PRO G 559 -38.88 -17.95 -1.82
C PRO G 559 -39.54 -18.95 -2.76
N GLY G 560 -39.68 -18.55 -4.02
CA GLY G 560 -40.30 -19.40 -5.01
C GLY G 560 -41.79 -19.18 -5.18
N TRP G 561 -42.45 -18.53 -4.22
CA TRP G 561 -43.83 -18.15 -4.38
C TRP G 561 -43.94 -16.87 -5.21
N SER G 562 -45.17 -16.55 -5.62
CA SER G 562 -45.38 -15.37 -6.44
C SER G 562 -46.20 -14.31 -5.73
N LYS G 563 -47.40 -14.63 -5.26
CA LYS G 563 -48.31 -13.59 -4.75
C LYS G 563 -49.52 -14.21 -4.06
N GLY G 564 -49.82 -13.77 -2.85
CA GLY G 564 -51.06 -14.18 -2.22
C GLY G 564 -51.25 -13.59 -0.85
N GLN G 565 -52.08 -14.26 -0.07
CA GLN G 565 -52.49 -13.83 1.25
C GLN G 565 -52.05 -14.88 2.24
N VAL G 566 -51.73 -14.47 3.46
CA VAL G 566 -51.24 -15.40 4.48
C VAL G 566 -51.93 -15.13 5.81
N TRP G 567 -52.34 -16.21 6.48
CA TRP G 567 -52.89 -16.14 7.82
C TRP G 567 -52.08 -17.04 8.73
N ILE G 568 -51.91 -16.63 9.98
CA ILE G 568 -51.44 -17.53 11.04
C ILE G 568 -52.44 -17.55 12.17
N ASN G 569 -52.88 -18.75 12.54
CA ASN G 569 -53.91 -18.92 13.57
C ASN G 569 -55.11 -18.00 13.32
N GLY G 570 -55.46 -17.83 12.05
CA GLY G 570 -56.61 -17.04 11.67
C GLY G 570 -56.37 -15.56 11.59
N PHE G 571 -55.19 -15.08 11.98
CA PHE G 571 -54.88 -13.66 11.87
C PHE G 571 -54.27 -13.42 10.49
N ASN G 572 -54.93 -12.59 9.70
CA ASN G 572 -54.52 -12.27 8.34
C ASN G 572 -53.36 -11.28 8.37
N LEU G 573 -52.15 -11.76 8.06
CA LEU G 573 -50.97 -10.93 8.17
C LEU G 573 -50.83 -9.94 7.02
N GLY G 574 -51.56 -10.15 5.93
CA GLY G 574 -51.52 -9.24 4.79
C GLY G 574 -51.08 -9.88 3.49
N ARG G 575 -50.65 -9.07 2.53
CA ARG G 575 -50.34 -9.55 1.20
C ARG G 575 -48.84 -9.71 1.02
N TYR G 576 -48.43 -10.78 0.33
CA TYR G 576 -47.03 -10.94 -0.03
C TYR G 576 -46.88 -10.91 -1.54
N TRP G 577 -45.72 -10.44 -1.99
CA TRP G 577 -45.43 -10.35 -3.41
C TRP G 577 -43.92 -10.25 -3.62
N PRO G 578 -43.15 -11.26 -3.23
CA PRO G 578 -41.69 -11.16 -3.38
C PRO G 578 -41.24 -10.96 -4.81
N THR G 579 -41.90 -11.63 -5.76
CA THR G 579 -41.49 -11.53 -7.15
C THR G 579 -41.70 -10.13 -7.71
N MET G 580 -42.57 -9.34 -7.08
CA MET G 580 -42.73 -7.94 -7.47
C MET G 580 -41.87 -7.02 -6.62
N GLY G 581 -41.72 -7.34 -5.34
CA GLY G 581 -40.99 -6.51 -4.40
C GLY G 581 -41.57 -5.12 -4.29
N PRO G 582 -40.90 -4.22 -3.56
CA PRO G 582 -39.60 -4.35 -2.91
C PRO G 582 -39.70 -5.09 -1.58
N GLN G 583 -40.91 -5.18 -1.06
CA GLN G 583 -41.15 -5.94 0.16
C GLN G 583 -40.96 -7.42 -0.10
N LYS G 584 -40.17 -8.07 0.75
CA LYS G 584 -40.04 -9.52 0.73
C LYS G 584 -40.58 -10.14 2.01
N THR G 585 -40.07 -9.74 3.16
CA THR G 585 -40.48 -10.32 4.42
C THR G 585 -41.80 -9.73 4.88
N LEU G 586 -42.53 -10.50 5.68
CA LEU G 586 -43.72 -10.01 6.35
C LEU G 586 -43.51 -10.05 7.86
N PHE G 587 -43.92 -8.96 8.53
CA PHE G 587 -43.84 -8.90 9.99
C PHE G 587 -44.82 -9.85 10.66
N VAL G 588 -44.32 -10.65 11.57
CA VAL G 588 -45.15 -11.55 12.36
C VAL G 588 -45.02 -11.17 13.83
N PRO G 589 -46.02 -10.55 14.43
CA PRO G 589 -45.95 -10.23 15.86
C PRO G 589 -46.12 -11.49 16.69
N ARG G 590 -45.36 -11.58 17.77
CA ARG G 590 -45.33 -12.80 18.57
C ARG G 590 -46.66 -13.10 19.23
N ASN G 591 -47.58 -12.14 19.27
CA ASN G 591 -48.85 -12.35 19.96
C ASN G 591 -49.65 -13.51 19.38
N ILE G 592 -49.47 -13.77 18.09
CA ILE G 592 -50.31 -14.75 17.40
C ILE G 592 -49.79 -16.17 17.49
N LEU G 593 -48.58 -16.38 18.01
CA LEU G 593 -48.05 -17.72 18.16
C LEU G 593 -48.43 -18.30 19.51
N THR G 594 -48.81 -19.58 19.52
CA THR G 594 -49.21 -20.26 20.74
C THR G 594 -48.36 -21.51 20.92
N THR G 595 -47.67 -21.59 22.05
CA THR G 595 -46.83 -22.73 22.36
C THR G 595 -47.68 -23.91 22.82
N SER G 596 -47.09 -25.10 22.67
CA SER G 596 -47.79 -26.39 22.72
C SER G 596 -48.86 -26.54 21.65
N ALA G 597 -49.79 -25.59 21.56
CA ALA G 597 -50.84 -25.72 20.57
C ALA G 597 -50.24 -25.51 19.18
N PRO G 598 -50.56 -26.36 18.21
CA PRO G 598 -49.92 -26.27 16.89
C PRO G 598 -50.19 -24.93 16.20
N ASN G 599 -49.14 -24.40 15.58
CA ASN G 599 -49.28 -23.22 14.73
C ASN G 599 -49.69 -23.64 13.32
N ASN G 600 -50.75 -23.03 12.81
CA ASN G 600 -51.39 -23.46 11.56
C ASN G 600 -51.40 -22.32 10.56
N ILE G 601 -50.37 -22.26 9.73
CA ILE G 601 -50.24 -21.25 8.68
C ILE G 601 -51.06 -21.66 7.47
N THR G 602 -51.83 -20.71 6.93
CA THR G 602 -52.60 -20.92 5.71
C THR G 602 -52.15 -19.87 4.69
N VAL G 603 -51.78 -20.34 3.50
CA VAL G 603 -51.40 -19.46 2.40
C VAL G 603 -52.39 -19.63 1.26
N LEU G 604 -52.97 -18.52 0.81
CA LEU G 604 -53.75 -18.50 -0.42
C LEU G 604 -52.84 -17.94 -1.50
N GLU G 605 -52.35 -18.82 -2.37
CA GLU G 605 -51.48 -18.42 -3.46
C GLU G 605 -52.28 -18.23 -4.74
N LEU G 606 -52.04 -17.09 -5.39
CA LEU G 606 -52.82 -16.69 -6.54
C LEU G 606 -52.12 -16.97 -7.86
N GLU G 607 -50.81 -17.14 -7.85
CA GLU G 607 -50.10 -17.20 -9.12
C GLU G 607 -49.25 -18.45 -9.29
N PHE G 608 -48.51 -18.86 -8.26
CA PHE G 608 -47.54 -19.93 -8.45
C PHE G 608 -47.04 -20.49 -7.13
N ALA G 609 -47.01 -21.83 -7.01
CA ALA G 609 -46.44 -22.46 -5.84
C ALA G 609 -45.45 -23.55 -6.24
N PRO G 610 -44.38 -23.71 -5.49
CA PRO G 610 -43.34 -24.71 -5.81
C PRO G 610 -43.69 -26.10 -5.28
N CYS G 611 -44.86 -26.61 -5.65
CA CYS G 611 -45.45 -27.70 -4.88
C CYS G 611 -46.08 -28.78 -5.75
N SER G 612 -45.86 -28.76 -7.06
CA SER G 612 -46.42 -29.80 -7.93
C SER G 612 -45.51 -31.02 -8.01
N GLU G 613 -44.20 -30.80 -8.12
CA GLU G 613 -43.25 -31.87 -8.37
C GLU G 613 -42.98 -32.64 -7.08
N GLY G 614 -41.99 -33.54 -7.12
CA GLY G 614 -41.64 -34.38 -6.01
C GLY G 614 -40.65 -33.79 -5.03
N THR G 615 -40.30 -32.51 -5.19
CA THR G 615 -39.38 -31.86 -4.27
C THR G 615 -40.17 -31.17 -3.18
N PRO G 616 -40.17 -31.66 -1.95
CA PRO G 616 -40.95 -31.03 -0.88
C PRO G 616 -40.27 -29.83 -0.27
N GLU G 617 -38.93 -29.85 -0.26
CA GLU G 617 -38.16 -28.74 0.31
C GLU G 617 -38.50 -27.41 -0.35
N LEU G 618 -38.85 -27.43 -1.63
CA LEU G 618 -39.20 -26.17 -2.30
C LEU G 618 -40.55 -25.64 -1.83
N CYS G 619 -41.46 -26.54 -1.45
CA CYS G 619 -42.79 -26.15 -0.98
C CYS G 619 -42.75 -25.71 0.48
N THR G 620 -41.85 -24.78 0.82
CA THR G 620 -41.70 -24.32 2.19
C THR G 620 -41.56 -22.81 2.21
N VAL G 621 -42.09 -22.21 3.28
CA VAL G 621 -41.84 -20.83 3.60
C VAL G 621 -40.79 -20.81 4.71
N GLU G 622 -40.27 -19.63 5.03
CA GLU G 622 -39.25 -19.56 6.07
C GLU G 622 -39.57 -18.46 7.07
N PHE G 623 -39.17 -18.70 8.31
CA PHE G 623 -39.15 -17.68 9.34
C PHE G 623 -37.71 -17.23 9.57
N VAL G 624 -37.49 -15.92 9.49
CA VAL G 624 -36.19 -15.27 9.62
C VAL G 624 -36.28 -14.24 10.74
N ASP G 625 -35.11 -13.83 11.21
CA ASP G 625 -35.01 -12.91 12.33
C ASP G 625 -34.75 -11.48 11.89
N THR G 626 -33.90 -11.26 10.89
CA THR G 626 -33.59 -9.91 10.42
C THR G 626 -34.41 -9.60 9.19
N PRO G 627 -35.21 -8.54 9.19
CA PRO G 627 -36.04 -8.24 8.02
C PRO G 627 -35.18 -7.92 6.81
N VAL G 628 -35.68 -8.29 5.64
CA VAL G 628 -35.12 -7.88 4.36
C VAL G 628 -36.25 -7.27 3.54
N ILE G 629 -36.33 -5.93 3.56
CA ILE G 629 -37.38 -5.22 2.83
C ILE G 629 -36.83 -4.29 1.77
N SER G 630 -35.52 -4.03 1.76
CA SER G 630 -34.89 -3.18 0.76
C SER G 630 -33.37 -3.31 0.82
N SER H 10 -86.17 25.26 -0.22
CA SER H 10 -85.61 26.08 0.84
C SER H 10 -84.73 27.19 0.27
N ALA H 11 -83.47 27.20 0.66
CA ALA H 11 -82.54 28.21 0.20
C ALA H 11 -82.29 28.06 -1.30
N PRO H 12 -81.99 29.15 -1.99
CA PRO H 12 -81.72 29.07 -3.43
C PRO H 12 -80.26 28.73 -3.71
N ASP H 13 -80.03 27.47 -4.08
CA ASP H 13 -78.67 26.99 -4.36
C ASP H 13 -77.94 27.88 -5.35
N GLN H 14 -78.67 28.47 -6.31
CA GLN H 14 -78.03 29.33 -7.30
C GLN H 14 -77.55 30.64 -6.70
N ASP H 15 -77.96 30.96 -5.48
CA ASP H 15 -77.54 32.19 -4.79
C ASP H 15 -76.39 31.97 -3.83
N GLU H 16 -76.25 30.76 -3.29
CA GLU H 16 -75.18 30.45 -2.36
C GLU H 16 -73.84 30.90 -2.91
N ILE H 17 -72.97 31.34 -2.01
CA ILE H 17 -71.64 31.80 -2.39
C ILE H 17 -70.67 30.64 -2.24
N ASP H 18 -70.09 30.20 -3.37
CA ASP H 18 -69.07 29.17 -3.31
C ASP H 18 -67.85 29.65 -2.53
N ALA H 19 -67.43 30.88 -2.77
CA ALA H 19 -66.23 31.43 -2.14
C ALA H 19 -66.21 32.93 -2.41
N LEU H 20 -65.35 33.63 -1.68
CA LEU H 20 -65.10 35.04 -1.93
C LEU H 20 -63.60 35.25 -2.11
N PRO H 21 -63.15 35.71 -3.27
CA PRO H 21 -61.72 35.94 -3.48
C PRO H 21 -61.16 36.89 -2.42
N GLY H 22 -59.83 36.97 -2.36
CA GLY H 22 -59.21 37.87 -1.42
C GLY H 22 -59.29 37.45 0.02
N LEU H 23 -60.08 36.42 0.33
CA LEU H 23 -60.21 35.88 1.67
C LEU H 23 -59.36 34.63 1.77
N ALA H 24 -58.50 34.58 2.78
CA ALA H 24 -57.66 33.39 2.90
C ALA H 24 -58.42 32.19 3.45
N LYS H 25 -59.26 32.37 4.46
CA LYS H 25 -60.05 31.26 4.96
C LYS H 25 -61.54 31.55 4.84
N GLN H 26 -62.26 30.63 4.20
CA GLN H 26 -63.69 30.74 3.94
C GLN H 26 -64.51 30.87 5.22
N PRO H 27 -65.65 31.56 5.14
CA PRO H 27 -66.52 31.75 6.31
C PRO H 27 -66.99 30.43 6.89
N SER H 28 -67.26 30.44 8.18
CA SER H 28 -67.75 29.29 8.92
C SER H 28 -69.26 29.27 9.03
N PHE H 29 -69.90 30.24 8.41
CA PHE H 29 -71.35 30.41 8.42
C PHE H 29 -71.78 30.51 6.98
N ARG H 30 -73.04 30.18 6.72
CA ARG H 30 -73.51 30.25 5.35
C ARG H 30 -73.89 31.68 5.01
N GLN H 31 -73.64 32.06 3.76
CA GLN H 31 -73.93 33.39 3.27
C GLN H 31 -74.42 33.32 1.84
N TYR H 32 -75.47 34.06 1.54
CA TYR H 32 -76.08 34.09 0.24
C TYR H 32 -76.02 35.50 -0.33
N SER H 33 -76.06 35.59 -1.66
CA SER H 33 -76.05 36.87 -2.35
C SER H 33 -76.92 36.70 -3.59
N GLY H 34 -77.94 37.54 -3.71
CA GLY H 34 -78.79 37.41 -4.87
C GLY H 34 -79.74 38.57 -5.06
N TYR H 35 -80.93 38.32 -5.58
CA TYR H 35 -81.87 39.39 -5.81
C TYR H 35 -83.23 39.04 -5.23
N LEU H 36 -83.90 40.06 -4.69
CA LEU H 36 -85.23 39.92 -4.13
C LEU H 36 -86.22 40.71 -4.99
N ARG H 37 -87.42 40.14 -5.14
CA ARG H 37 -88.41 40.73 -6.03
C ARG H 37 -88.90 42.04 -5.45
N ALA H 38 -88.38 43.15 -5.99
CA ALA H 38 -89.03 44.44 -5.84
C ALA H 38 -90.14 44.50 -6.87
N SER H 39 -90.71 45.68 -7.12
CA SER H 39 -91.72 45.80 -8.16
C SER H 39 -91.22 45.18 -9.46
N ASP H 40 -92.17 44.60 -10.21
CA ASP H 40 -91.86 43.62 -11.26
C ASP H 40 -90.57 43.90 -12.01
N SER H 41 -90.37 45.15 -12.44
CA SER H 41 -89.14 45.49 -13.16
C SER H 41 -87.95 45.56 -12.22
N LYS H 42 -88.16 46.05 -10.99
CA LYS H 42 -87.06 46.25 -10.06
C LYS H 42 -86.74 44.98 -9.29
N HIS H 43 -85.44 44.74 -9.09
CA HIS H 43 -84.96 43.58 -8.36
C HIS H 43 -83.86 44.04 -7.41
N PHE H 44 -84.17 44.06 -6.11
CA PHE H 44 -83.20 44.51 -5.13
C PHE H 44 -82.05 43.52 -5.01
N HIS H 45 -80.87 44.04 -4.67
CA HIS H 45 -79.70 43.20 -4.43
C HIS H 45 -79.58 42.90 -2.94
N TYR H 46 -79.58 41.62 -2.58
CA TYR H 46 -79.44 41.25 -1.19
C TYR H 46 -78.14 40.50 -0.93
N TRP H 47 -77.75 40.54 0.35
CA TRP H 47 -76.57 39.82 0.85
C TRP H 47 -76.92 39.36 2.27
N PHE H 48 -77.26 38.09 2.41
CA PHE H 48 -77.64 37.54 3.70
C PHE H 48 -76.45 36.80 4.30
N VAL H 49 -76.17 37.03 5.57
CA VAL H 49 -75.09 36.35 6.27
C VAL H 49 -75.67 35.70 7.52
N GLU H 50 -75.54 34.39 7.62
CA GLU H 50 -76.05 33.67 8.78
C GLU H 50 -75.19 33.87 10.00
N SER H 51 -75.83 33.75 11.17
CA SER H 51 -75.15 33.86 12.45
C SER H 51 -73.98 32.90 12.52
N GLN H 52 -72.96 33.28 13.28
CA GLN H 52 -71.79 32.45 13.44
C GLN H 52 -71.95 31.44 14.55
N ASN H 53 -73.12 31.39 15.18
CA ASN H 53 -73.38 30.46 16.27
C ASN H 53 -74.88 30.20 16.29
N ASP H 54 -75.27 28.96 16.01
CA ASP H 54 -76.68 28.55 16.01
C ASP H 54 -77.55 29.42 15.11
N PRO H 55 -77.19 29.55 13.83
CA PRO H 55 -78.00 30.39 12.92
C PRO H 55 -79.46 29.97 12.84
N LYS H 56 -79.76 28.68 12.98
CA LYS H 56 -81.15 28.23 12.84
C LYS H 56 -82.08 28.96 13.80
N ASN H 57 -81.57 29.32 14.98
CA ASN H 57 -82.38 30.01 15.98
C ASN H 57 -81.88 31.41 16.26
N SER H 58 -81.12 31.98 15.35
CA SER H 58 -80.70 33.33 15.71
C SER H 58 -81.61 34.36 15.05
N PRO H 59 -81.88 35.48 15.75
CA PRO H 59 -82.75 36.51 15.19
C PRO H 59 -82.26 37.01 13.83
N VAL H 60 -83.22 37.47 13.03
CA VAL H 60 -82.96 38.06 11.72
C VAL H 60 -83.00 39.58 11.83
N VAL H 61 -81.90 40.22 11.45
CA VAL H 61 -81.75 41.66 11.51
C VAL H 61 -81.54 42.18 10.10
N LEU H 62 -82.46 43.03 9.64
CA LEU H 62 -82.38 43.64 8.32
C LEU H 62 -81.55 44.91 8.44
N TRP H 63 -80.64 45.13 7.48
CA TRP H 63 -79.85 46.35 7.49
C TRP H 63 -80.00 47.14 6.19
N LEU H 64 -80.31 48.43 6.37
CA LEU H 64 -80.44 49.39 5.28
C LEU H 64 -79.57 50.61 5.54
N ASN H 65 -78.83 51.03 4.51
CA ASN H 65 -78.03 52.24 4.60
C ASN H 65 -78.91 53.42 4.19
N GLY H 66 -78.32 54.60 4.12
CA GLY H 66 -79.16 55.75 3.81
C GLY H 66 -78.92 56.40 2.47
N GLY H 67 -78.55 57.67 2.50
CA GLY H 67 -78.33 58.42 1.30
C GLY H 67 -79.23 59.64 1.27
N PRO H 68 -80.34 59.58 0.52
CA PRO H 68 -80.85 58.48 -0.30
C PRO H 68 -79.96 58.19 -1.52
N GLY H 69 -79.82 56.93 -1.86
CA GLY H 69 -79.01 56.54 -2.98
C GLY H 69 -77.70 55.86 -2.66
N CYS H 70 -77.52 55.38 -1.43
CA CYS H 70 -76.28 54.74 -1.01
C CYS H 70 -76.52 53.27 -0.72
N SER H 71 -75.46 52.49 -0.91
CA SER H 71 -75.53 51.04 -0.80
C SER H 71 -75.46 50.55 0.64
N SER H 72 -76.31 49.56 0.93
CA SER H 72 -76.33 48.93 2.23
C SER H 72 -75.15 47.99 2.42
N LEU H 73 -74.33 47.84 1.40
CA LEU H 73 -73.13 47.01 1.44
C LEU H 73 -71.98 47.74 2.12
N ASP H 74 -72.21 48.99 2.53
CA ASP H 74 -71.22 49.76 3.25
C ASP H 74 -71.16 49.29 4.69
N GLY H 75 -72.34 49.11 5.31
CA GLY H 75 -72.36 48.60 6.66
C GLY H 75 -71.74 47.22 6.75
N LEU H 76 -71.88 46.43 5.68
CA LEU H 76 -71.30 45.09 5.65
C LEU H 76 -69.80 45.11 5.41
N LEU H 77 -69.37 45.60 4.24
CA LEU H 77 -67.96 45.54 3.93
C LEU H 77 -67.10 46.51 4.74
N THR H 78 -67.67 47.55 5.33
CA THR H 78 -66.87 48.52 6.06
C THR H 78 -67.31 48.83 7.48
N GLU H 79 -68.51 48.45 7.92
CA GLU H 79 -68.93 48.79 9.28
C GLU H 79 -69.11 47.58 10.20
N HIS H 80 -70.11 46.74 9.99
CA HIS H 80 -70.32 45.62 10.90
C HIS H 80 -70.58 44.29 10.20
N GLY H 81 -70.13 44.16 8.95
CA GLY H 81 -70.28 42.92 8.23
C GLY H 81 -69.33 41.87 8.77
N PRO H 82 -69.54 40.62 8.33
CA PRO H 82 -68.70 39.52 8.80
C PRO H 82 -67.25 39.65 8.40
N PHE H 83 -66.93 40.50 7.44
CA PHE H 83 -65.54 40.70 7.06
C PHE H 83 -65.39 42.13 6.59
N LEU H 84 -64.15 42.62 6.66
CA LEU H 84 -63.84 43.99 6.31
C LEU H 84 -62.69 44.04 5.31
N ILE H 85 -62.79 45.01 4.41
CA ILE H 85 -61.80 45.20 3.35
C ILE H 85 -60.62 45.96 3.94
N GLN H 86 -59.44 45.39 3.81
CA GLN H 86 -58.26 46.05 4.30
C GLN H 86 -57.90 47.17 3.34
N PRO H 87 -57.00 48.07 3.74
CA PRO H 87 -56.63 49.18 2.84
C PRO H 87 -56.14 48.74 1.48
N ASP H 88 -55.57 47.55 1.33
CA ASP H 88 -55.12 47.12 0.01
C ASP H 88 -56.26 46.91 -0.97
N GLY H 89 -57.49 46.78 -0.48
CA GLY H 89 -58.61 46.54 -1.37
C GLY H 89 -58.52 45.22 -2.09
N VAL H 90 -57.83 44.25 -1.50
CA VAL H 90 -57.66 42.94 -2.10
C VAL H 90 -57.94 41.86 -1.07
N THR H 91 -57.46 42.09 0.15
CA THR H 91 -57.56 41.14 1.25
C THR H 91 -58.79 41.46 2.09
N LEU H 92 -59.38 40.40 2.63
CA LEU H 92 -60.54 40.54 3.50
C LEU H 92 -60.18 39.92 4.84
N GLU H 93 -60.40 40.66 5.92
CA GLU H 93 -60.09 40.15 7.24
C GLU H 93 -61.36 40.02 8.07
N TYR H 94 -61.48 38.90 8.77
CA TYR H 94 -62.62 38.69 9.64
C TYR H 94 -62.68 39.79 10.68
N ASN H 95 -63.88 40.12 11.11
CA ASN H 95 -64.01 41.18 12.07
C ASN H 95 -64.42 40.61 13.40
N PRO H 96 -63.60 40.80 14.43
CA PRO H 96 -63.94 40.28 15.77
C PRO H 96 -65.12 41.00 16.36
N TYR H 97 -65.49 42.13 15.78
CA TYR H 97 -66.59 42.94 16.28
C TYR H 97 -67.75 42.96 15.30
N ALA H 98 -67.86 41.95 14.45
CA ALA H 98 -68.93 41.91 13.46
C ALA H 98 -70.27 41.63 14.13
N TRP H 99 -71.33 42.27 13.60
CA TRP H 99 -72.68 42.03 14.08
C TRP H 99 -73.15 40.62 13.81
N ASN H 100 -72.59 39.98 12.82
CA ASN H 100 -72.98 38.62 12.49
C ASN H 100 -72.47 37.60 13.46
N LEU H 101 -71.86 38.01 14.57
CA LEU H 101 -71.43 37.02 15.55
C LEU H 101 -72.61 36.44 16.33
N ILE H 102 -73.70 37.20 16.47
CA ILE H 102 -74.84 36.71 17.25
C ILE H 102 -76.16 36.85 16.53
N ALA H 103 -76.14 37.23 15.25
CA ALA H 103 -77.40 37.38 14.55
C ALA H 103 -77.23 37.10 13.06
N ASN H 104 -78.36 36.80 12.42
CA ASN H 104 -78.42 36.57 10.98
C ASN H 104 -78.76 37.93 10.37
N VAL H 105 -77.79 38.53 9.67
CA VAL H 105 -77.99 39.87 9.12
C VAL H 105 -78.25 39.83 7.62
N LEU H 106 -79.29 40.53 7.19
CA LEU H 106 -79.68 40.60 5.80
C LEU H 106 -79.48 42.04 5.35
N TYR H 107 -78.50 42.26 4.47
CA TYR H 107 -78.23 43.58 3.94
C TYR H 107 -78.96 43.76 2.62
N ILE H 108 -79.67 44.87 2.47
CA ILE H 108 -80.46 45.10 1.26
C ILE H 108 -80.08 46.41 0.60
N GLU H 109 -79.56 46.34 -0.63
CA GLU H 109 -79.29 47.55 -1.40
C GLU H 109 -80.61 48.07 -1.97
N SER H 110 -81.14 49.14 -1.38
CA SER H 110 -82.40 49.71 -1.80
C SER H 110 -82.30 51.22 -1.83
N PRO H 111 -83.02 51.89 -2.75
CA PRO H 111 -83.94 51.32 -3.74
C PRO H 111 -83.24 50.82 -5.00
N ALA H 112 -84.02 50.51 -6.03
CA ALA H 112 -83.47 50.02 -7.27
C ALA H 112 -82.51 51.03 -7.89
N GLY H 113 -81.41 50.54 -8.44
CA GLY H 113 -80.41 51.38 -9.04
C GLY H 113 -79.22 51.63 -8.15
N VAL H 114 -79.37 51.38 -6.85
CA VAL H 114 -78.30 51.56 -5.87
C VAL H 114 -77.49 50.28 -5.80
N GLY H 115 -76.18 50.39 -6.03
CA GLY H 115 -75.34 49.21 -5.97
C GLY H 115 -75.61 48.26 -7.12
N PHE H 116 -76.07 47.05 -6.80
CA PHE H 116 -76.39 46.07 -7.83
C PHE H 116 -77.88 45.93 -8.09
N SER H 117 -78.68 46.84 -7.53
CA SER H 117 -80.11 46.81 -7.75
C SER H 117 -80.39 47.46 -9.11
N TYR H 118 -81.50 47.09 -9.73
CA TYR H 118 -81.81 47.62 -11.04
C TYR H 118 -83.28 47.39 -11.34
N SER H 119 -83.68 47.81 -12.54
CA SER H 119 -85.05 47.65 -13.01
C SER H 119 -85.03 47.46 -14.53
N ASP H 120 -86.01 46.69 -15.01
CA ASP H 120 -86.12 46.44 -16.45
C ASP H 120 -86.18 47.74 -17.21
N ASP H 121 -87.07 48.65 -16.79
CA ASP H 121 -87.23 49.94 -17.44
C ASP H 121 -86.06 50.88 -17.17
N LYS H 122 -85.21 50.56 -16.20
CA LYS H 122 -84.04 51.38 -15.84
C LYS H 122 -84.46 52.78 -15.39
N MET H 123 -85.62 52.87 -14.73
CA MET H 123 -86.12 54.13 -14.22
C MET H 123 -85.60 54.30 -12.79
N TYR H 124 -84.41 54.89 -12.68
CA TYR H 124 -83.80 55.07 -11.37
C TYR H 124 -84.56 56.08 -10.51
N VAL H 125 -85.33 56.97 -11.12
CA VAL H 125 -86.10 57.94 -10.35
C VAL H 125 -87.14 57.21 -9.50
N THR H 126 -87.35 57.70 -8.29
CA THR H 126 -88.29 57.07 -7.36
C THR H 126 -88.62 58.07 -6.26
N ASN H 127 -89.31 57.60 -5.22
CA ASN H 127 -89.74 58.45 -4.12
C ASN H 127 -89.96 57.58 -2.89
N ASP H 128 -90.17 58.26 -1.75
CA ASP H 128 -90.34 57.59 -0.46
C ASP H 128 -91.37 56.46 -0.51
N THR H 129 -92.53 56.72 -1.10
CA THR H 129 -93.58 55.71 -1.13
C THR H 129 -93.17 54.51 -1.98
N GLU H 130 -92.60 54.76 -3.16
CA GLU H 130 -92.16 53.65 -4.00
C GLU H 130 -91.05 52.85 -3.31
N VAL H 131 -90.12 53.54 -2.65
CA VAL H 131 -89.04 52.82 -1.97
C VAL H 131 -89.61 51.96 -0.85
N ALA H 132 -90.60 52.49 -0.12
CA ALA H 132 -91.19 51.72 0.97
C ALA H 132 -91.93 50.50 0.43
N GLU H 133 -92.70 50.67 -0.64
CA GLU H 133 -93.41 49.54 -1.21
C GLU H 133 -92.43 48.49 -1.74
N ASN H 134 -91.35 48.93 -2.39
CA ASN H 134 -90.36 48.00 -2.91
C ASN H 134 -89.68 47.25 -1.78
N ASN H 135 -89.36 47.94 -0.69
CA ASN H 135 -88.77 47.27 0.47
C ASN H 135 -89.71 46.23 1.04
N TYR H 136 -91.01 46.57 1.15
CA TYR H 136 -91.97 45.61 1.68
C TYR H 136 -92.07 44.39 0.78
N GLU H 137 -92.13 44.61 -0.54
CA GLU H 137 -92.21 43.48 -1.46
C GLU H 137 -90.94 42.64 -1.42
N ALA H 138 -89.79 43.28 -1.20
CA ALA H 138 -88.55 42.53 -1.09
C ALA H 138 -88.55 41.69 0.17
N LEU H 139 -89.05 42.24 1.28
CA LEU H 139 -89.11 41.46 2.51
C LEU H 139 -90.03 40.26 2.34
N LYS H 140 -91.17 40.45 1.68
CA LYS H 140 -92.06 39.33 1.42
C LYS H 140 -91.39 38.27 0.57
N ASP H 141 -90.70 38.70 -0.49
CA ASP H 141 -89.97 37.73 -1.31
C ASP H 141 -88.93 36.99 -0.49
N PHE H 142 -88.16 37.74 0.32
CA PHE H 142 -87.17 37.12 1.19
C PHE H 142 -87.77 36.02 2.04
N PHE H 143 -88.89 36.32 2.69
CA PHE H 143 -89.54 35.33 3.53
C PHE H 143 -90.10 34.17 2.71
N ARG H 144 -90.33 34.37 1.42
CA ARG H 144 -90.79 33.28 0.58
C ARG H 144 -89.64 32.46 0.01
N LEU H 145 -88.45 33.04 -0.06
CA LEU H 145 -87.23 32.38 -0.51
C LEU H 145 -86.49 31.67 0.61
N PHE H 146 -86.64 32.16 1.84
CA PHE H 146 -86.01 31.58 3.02
C PHE H 146 -87.08 31.35 4.07
N PRO H 147 -88.02 30.45 3.79
CA PRO H 147 -89.10 30.19 4.76
C PRO H 147 -88.59 29.75 6.11
N GLU H 148 -87.40 29.16 6.18
CA GLU H 148 -86.90 28.67 7.46
C GLU H 148 -86.62 29.79 8.45
N TYR H 149 -86.47 31.04 8.00
CA TYR H 149 -86.19 32.11 8.94
C TYR H 149 -87.41 32.97 9.24
N LYS H 150 -88.60 32.60 8.76
CA LYS H 150 -89.78 33.39 9.05
C LYS H 150 -90.05 33.46 10.55
N ASP H 151 -89.77 32.37 11.27
CA ASP H 151 -90.06 32.31 12.70
C ASP H 151 -89.07 33.14 13.52
N ASN H 152 -87.85 33.31 13.02
CA ASN H 152 -86.83 34.04 13.74
C ASN H 152 -87.27 35.47 14.02
N LYS H 153 -86.92 35.95 15.21
CA LYS H 153 -87.25 37.32 15.60
C LYS H 153 -86.66 38.29 14.59
N LEU H 154 -87.48 39.19 14.09
CA LEU H 154 -87.04 40.15 13.08
C LEU H 154 -86.90 41.55 13.66
N PHE H 155 -85.82 42.22 13.24
CA PHE H 155 -85.49 43.58 13.64
C PHE H 155 -85.12 44.38 12.40
N LEU H 156 -85.59 45.62 12.31
CA LEU H 156 -85.29 46.50 11.19
C LEU H 156 -84.30 47.56 11.64
N THR H 157 -83.12 47.59 11.01
CA THR H 157 -82.05 48.50 11.35
C THR H 157 -81.52 49.20 10.11
N GLY H 158 -80.91 50.35 10.34
CA GLY H 158 -80.38 51.12 9.24
C GLY H 158 -79.64 52.33 9.75
N GLU H 159 -79.22 53.16 8.82
CA GLU H 159 -78.44 54.33 9.22
C GLU H 159 -78.73 55.52 8.31
N SER H 160 -78.59 56.72 8.89
CA SER H 160 -78.71 57.99 8.19
C SER H 160 -80.10 58.23 7.61
N TYR H 161 -80.18 58.22 6.28
CA TYR H 161 -81.45 58.44 5.62
C TYR H 161 -82.41 57.28 5.88
N ALA H 162 -81.89 56.12 6.26
CA ALA H 162 -82.71 54.99 6.60
C ALA H 162 -83.53 55.33 7.84
N GLY H 163 -83.33 56.53 8.39
CA GLY H 163 -84.12 56.95 9.52
C GLY H 163 -85.53 57.29 9.11
N ILE H 164 -85.73 57.54 7.82
CA ILE H 164 -87.03 57.77 7.22
C ILE H 164 -87.55 56.44 6.71
N TYR H 165 -86.74 55.78 5.86
CA TYR H 165 -87.07 54.48 5.30
C TYR H 165 -87.61 53.50 6.32
N ILE H 166 -86.84 53.22 7.36
CA ILE H 166 -87.21 52.24 8.36
C ILE H 166 -88.56 52.44 9.03
N PRO H 167 -88.89 53.59 9.62
CA PRO H 167 -90.22 53.68 10.26
C PRO H 167 -91.38 53.62 9.30
N THR H 168 -91.29 54.21 8.11
CA THR H 168 -92.39 54.11 7.16
C THR H 168 -92.57 52.66 6.73
N LEU H 169 -91.46 51.98 6.51
CA LEU H 169 -91.49 50.59 6.15
C LEU H 169 -92.00 49.79 7.33
N ALA H 170 -91.65 50.23 8.53
CA ALA H 170 -92.11 49.54 9.72
C ALA H 170 -93.63 49.56 9.79
N VAL H 171 -94.25 50.67 9.36
CA VAL H 171 -95.71 50.71 9.40
C VAL H 171 -96.25 49.62 8.49
N LEU H 172 -95.56 49.36 7.39
CA LEU H 172 -95.97 48.32 6.48
C LEU H 172 -95.72 46.98 7.16
N VAL H 173 -94.54 46.84 7.77
CA VAL H 173 -94.23 45.62 8.49
C VAL H 173 -95.29 45.37 9.56
N MET H 174 -95.79 46.46 10.18
CA MET H 174 -96.81 46.27 11.21
C MET H 174 -98.11 45.70 10.65
N GLN H 175 -98.34 45.83 9.35
CA GLN H 175 -99.55 45.30 8.72
C GLN H 175 -99.41 43.84 8.31
N ASP H 176 -98.23 43.24 8.41
CA ASP H 176 -98.05 41.84 8.03
C ASP H 176 -97.89 40.94 9.25
N PRO H 177 -98.92 40.16 9.61
CA PRO H 177 -98.81 39.28 10.77
C PRO H 177 -97.78 38.16 10.59
N SER H 178 -97.39 37.88 9.35
CA SER H 178 -96.42 36.82 9.08
C SER H 178 -94.99 37.20 9.46
N MET H 179 -94.69 38.49 9.59
CA MET H 179 -93.35 38.93 9.96
C MET H 179 -93.31 39.11 11.48
N ASN H 180 -92.38 38.41 12.11
CA ASN H 180 -92.24 38.43 13.57
C ASN H 180 -91.45 39.64 14.06
N LEU H 181 -92.00 40.81 13.78
CA LEU H 181 -91.36 42.06 14.20
C LEU H 181 -91.28 42.10 15.71
N GLN H 182 -90.06 42.14 16.23
CA GLN H 182 -89.83 42.18 17.67
C GLN H 182 -89.33 43.51 18.17
N GLY H 183 -88.70 44.31 17.32
CA GLY H 183 -88.21 45.61 17.72
C GLY H 183 -87.56 46.28 16.55
N LEU H 184 -87.07 47.50 16.81
CA LEU H 184 -86.45 48.26 15.74
C LEU H 184 -85.36 49.15 16.30
N ALA H 185 -84.32 49.37 15.49
CA ALA H 185 -83.21 50.20 15.91
C ALA H 185 -82.73 51.05 14.74
N VAL H 186 -82.54 52.35 14.97
CA VAL H 186 -82.11 53.26 13.94
C VAL H 186 -80.89 54.03 14.43
N GLY H 187 -79.80 53.98 13.65
CA GLY H 187 -78.59 54.67 13.99
C GLY H 187 -78.48 56.00 13.28
N ASN H 188 -78.23 57.06 14.06
CA ASN H 188 -78.10 58.43 13.58
C ASN H 188 -79.09 58.76 12.47
N GLY H 189 -80.37 58.57 12.75
CA GLY H 189 -81.39 58.82 11.75
C GLY H 189 -81.86 60.27 11.75
N LEU H 190 -82.36 60.71 10.60
CA LEU H 190 -82.89 62.06 10.46
C LEU H 190 -84.35 62.02 10.86
N ALA H 191 -84.61 62.31 12.13
CA ALA H 191 -85.99 62.24 12.63
C ALA H 191 -86.82 63.41 12.15
N SER H 192 -86.19 64.57 11.93
CA SER H 192 -86.91 65.79 11.64
C SER H 192 -85.94 66.79 11.04
N TYR H 193 -86.22 67.25 9.82
CA TYR H 193 -85.34 68.22 9.20
C TYR H 193 -85.29 69.50 10.03
N GLU H 194 -86.42 69.88 10.62
CA GLU H 194 -86.45 71.09 11.42
C GLU H 194 -85.61 70.90 12.69
N GLN H 195 -85.87 69.81 13.41
CA GLN H 195 -85.13 69.53 14.63
C GLN H 195 -83.66 69.26 14.32
N ASN H 196 -83.37 68.74 13.13
CA ASN H 196 -81.98 68.48 12.75
C ASN H 196 -81.26 69.78 12.45
N ASP H 197 -81.85 70.64 11.63
CA ASP H 197 -81.20 71.90 11.29
C ASP H 197 -81.00 72.75 12.53
N ASN H 198 -82.00 72.80 13.42
CA ASN H 198 -81.83 73.59 14.64
C ASN H 198 -80.72 73.02 15.50
N SER H 199 -80.80 71.73 15.82
CA SER H 199 -79.74 71.13 16.63
C SER H 199 -78.38 71.29 15.96
N LEU H 200 -78.33 71.26 14.63
CA LEU H 200 -77.06 71.42 13.93
C LEU H 200 -76.49 72.81 14.15
N VAL H 201 -77.34 73.83 14.07
CA VAL H 201 -76.85 75.19 14.30
C VAL H 201 -76.31 75.33 15.72
N TYR H 202 -77.04 74.77 16.68
CA TYR H 202 -76.55 74.81 18.05
C TYR H 202 -75.23 74.05 18.17
N PHE H 203 -75.18 72.83 17.64
CA PHE H 203 -73.96 72.04 17.65
C PHE H 203 -72.79 72.85 17.12
N ALA H 204 -72.99 73.47 15.95
CA ALA H 204 -71.94 74.26 15.32
C ALA H 204 -71.45 75.38 16.23
N TYR H 205 -72.37 76.09 16.88
CA TYR H 205 -71.91 77.15 17.77
C TYR H 205 -71.16 76.60 18.97
N TYR H 206 -71.72 75.59 19.63
CA TYR H 206 -71.08 75.05 20.82
C TYR H 206 -69.85 74.20 20.50
N HIS H 207 -69.59 73.89 19.24
CA HIS H 207 -68.41 73.15 18.85
C HIS H 207 -67.39 74.05 18.17
N GLY H 208 -67.55 75.35 18.31
CA GLY H 208 -66.59 76.31 17.78
C GLY H 208 -66.59 76.44 16.29
N LEU H 209 -67.71 76.17 15.65
CA LEU H 209 -67.77 76.22 14.20
C LEU H 209 -68.32 77.54 13.68
N LEU H 210 -69.10 78.26 14.49
CA LEU H 210 -69.76 79.49 14.07
C LEU H 210 -69.00 80.75 14.49
N GLY H 211 -68.72 80.91 15.78
CA GLY H 211 -68.11 82.11 16.30
C GLY H 211 -69.13 83.06 16.89
N ASN H 212 -68.65 83.93 17.78
CA ASN H 212 -69.58 84.82 18.47
C ASN H 212 -70.21 85.83 17.52
N ARG H 213 -69.51 86.25 16.48
CA ARG H 213 -70.09 87.21 15.55
C ARG H 213 -71.27 86.56 14.84
N LEU H 214 -71.04 85.36 14.31
CA LEU H 214 -72.07 84.63 13.61
C LEU H 214 -73.19 84.25 14.56
N TRP H 215 -72.84 83.76 15.75
CA TRP H 215 -73.86 83.41 16.74
C TRP H 215 -74.77 84.58 17.06
N THR H 216 -74.18 85.75 17.29
CA THR H 216 -74.98 86.94 17.58
C THR H 216 -75.89 87.27 16.42
N SER H 217 -75.36 87.26 15.20
CA SER H 217 -76.18 87.57 14.04
C SER H 217 -77.32 86.55 13.89
N LEU H 218 -77.01 85.27 14.12
CA LEU H 218 -78.02 84.22 14.02
C LEU H 218 -79.13 84.46 15.01
N GLN H 219 -78.78 84.74 16.26
CA GLN H 219 -79.80 84.99 17.27
C GLN H 219 -80.63 86.21 16.92
N THR H 220 -80.01 87.22 16.31
CA THR H 220 -80.72 88.45 15.97
C THR H 220 -81.68 88.26 14.80
N HIS H 221 -81.23 87.60 13.73
CA HIS H 221 -82.03 87.45 12.51
C HIS H 221 -82.84 86.16 12.38
N CYS H 222 -82.63 85.15 13.22
CA CYS H 222 -83.35 83.89 13.05
C CYS H 222 -84.16 83.45 14.26
N CYS H 223 -84.11 84.13 15.38
CA CYS H 223 -84.82 83.67 16.57
C CYS H 223 -85.81 84.69 17.12
N ALA H 224 -86.89 84.14 17.71
CA ALA H 224 -87.74 84.83 18.68
C ALA H 224 -86.98 84.80 19.99
N GLN H 225 -87.63 85.06 21.14
CA GLN H 225 -86.80 85.18 22.33
C GLN H 225 -86.14 83.82 22.58
N ASN H 226 -86.78 82.86 23.24
CA ASN H 226 -86.09 81.58 23.33
C ASN H 226 -86.44 80.65 22.17
N LYS H 227 -87.01 81.17 21.09
CA LYS H 227 -87.37 80.38 19.92
C LYS H 227 -86.48 80.69 18.73
N CYS H 228 -85.84 79.68 18.16
CA CYS H 228 -85.03 79.89 16.96
C CYS H 228 -85.68 79.15 15.79
N ASN H 229 -85.67 79.76 14.61
CA ASN H 229 -86.21 79.13 13.41
C ASN H 229 -85.09 78.99 12.37
N PHE H 230 -84.50 77.80 12.28
CA PHE H 230 -83.44 77.52 11.32
C PHE H 230 -83.93 76.62 10.20
N TYR H 231 -85.24 76.36 10.15
CA TYR H 231 -85.87 75.47 9.17
C TYR H 231 -86.39 76.18 7.93
N ASP H 232 -87.31 77.14 8.12
CA ASP H 232 -87.90 77.88 7.01
C ASP H 232 -87.88 79.38 7.26
N ASN H 233 -86.81 79.88 7.87
CA ASN H 233 -86.69 81.30 8.14
C ASN H 233 -86.43 82.04 6.83
N LYS H 234 -87.11 83.17 6.65
CA LYS H 234 -87.00 83.95 5.44
C LYS H 234 -86.18 85.23 5.61
N ASP H 235 -85.87 85.62 6.84
CA ASP H 235 -85.08 86.82 7.08
C ASP H 235 -83.83 86.81 6.21
N PRO H 236 -83.58 87.87 5.43
CA PRO H 236 -82.48 87.84 4.45
C PRO H 236 -81.12 87.56 5.07
N GLU H 237 -80.68 88.40 6.00
CA GLU H 237 -79.37 88.16 6.59
C GLU H 237 -79.34 86.86 7.36
N CYS H 238 -80.50 86.38 7.82
CA CYS H 238 -80.53 85.09 8.50
C CYS H 238 -80.17 84.00 7.51
N VAL H 239 -80.78 84.07 6.33
CA VAL H 239 -80.52 83.08 5.29
C VAL H 239 -79.07 83.16 4.85
N ASN H 240 -78.52 84.38 4.77
CA ASN H 240 -77.11 84.52 4.42
C ASN H 240 -76.21 83.86 5.46
N ASN H 241 -76.52 84.05 6.74
CA ASN H 241 -75.74 83.41 7.79
C ASN H 241 -75.84 81.89 7.69
N LEU H 242 -77.03 81.39 7.41
CA LEU H 242 -77.20 79.94 7.26
C LEU H 242 -76.43 79.41 6.06
N LEU H 243 -76.40 80.18 4.97
CA LEU H 243 -75.62 79.78 3.81
C LEU H 243 -74.13 79.73 4.15
N GLU H 244 -73.66 80.70 4.93
CA GLU H 244 -72.26 80.64 5.36
C GLU H 244 -72.02 79.41 6.22
N VAL H 245 -72.95 79.09 7.12
CA VAL H 245 -72.82 77.89 7.95
C VAL H 245 -72.69 76.66 7.08
N SER H 246 -73.55 76.55 6.06
CA SER H 246 -73.52 75.38 5.19
C SER H 246 -72.23 75.34 4.37
N ARG H 247 -71.73 76.50 3.94
CA ARG H 247 -70.44 76.55 3.27
C ARG H 247 -69.34 76.00 4.16
N ILE H 248 -69.34 76.40 5.43
CA ILE H 248 -68.33 75.96 6.37
C ILE H 248 -68.44 74.46 6.61
N VAL H 249 -69.65 73.95 6.76
CA VAL H 249 -69.83 72.53 7.02
C VAL H 249 -69.46 71.69 5.80
N GLY H 250 -69.87 72.12 4.62
CA GLY H 250 -69.58 71.36 3.42
C GLY H 250 -68.16 71.48 2.91
N LYS H 251 -67.76 72.68 2.51
CA LYS H 251 -66.51 72.82 1.78
C LYS H 251 -65.51 73.73 2.45
N SER H 252 -65.30 73.58 3.75
CA SER H 252 -64.18 74.24 4.41
C SER H 252 -63.14 73.27 4.94
N GLY H 253 -63.37 71.96 4.80
CA GLY H 253 -62.44 70.96 5.26
C GLY H 253 -62.89 70.11 6.42
N LEU H 254 -64.06 70.33 6.99
CA LEU H 254 -64.50 69.49 8.08
C LEU H 254 -65.14 68.21 7.54
N ASN H 255 -65.07 67.15 8.34
CA ASN H 255 -65.67 65.87 8.01
C ASN H 255 -67.04 65.83 8.65
N ILE H 256 -68.10 66.00 7.86
CA ILE H 256 -69.44 65.99 8.42
C ILE H 256 -69.77 64.66 9.10
N TYR H 257 -69.02 63.59 8.81
CA TYR H 257 -69.30 62.32 9.45
C TYR H 257 -68.53 62.11 10.74
N ASN H 258 -67.46 62.88 10.99
CA ASN H 258 -66.67 62.70 12.20
C ASN H 258 -65.81 63.95 12.37
N LEU H 259 -66.27 64.87 13.22
CA LEU H 259 -65.56 66.12 13.43
C LEU H 259 -64.09 65.90 13.79
N TYR H 260 -63.83 64.89 14.62
CA TYR H 260 -62.52 64.56 15.15
C TYR H 260 -61.76 63.54 14.32
N ALA H 261 -62.07 63.41 13.05
CA ALA H 261 -61.34 62.44 12.24
C ALA H 261 -60.71 63.09 11.02
N PRO H 262 -59.69 62.46 10.45
CA PRO H 262 -59.03 63.01 9.27
C PRO H 262 -59.92 62.92 8.03
N CYS H 263 -59.55 63.71 7.04
CA CYS H 263 -60.24 63.79 5.76
C CYS H 263 -59.44 63.02 4.72
N ALA H 264 -60.05 61.98 4.17
CA ALA H 264 -59.43 61.15 3.14
C ALA H 264 -59.07 61.96 1.91
N GLY H 265 -57.76 62.08 1.66
CA GLY H 265 -57.19 62.83 0.57
C GLY H 265 -57.37 64.33 0.61
N GLY H 266 -58.21 64.86 1.48
CA GLY H 266 -58.41 66.30 1.52
C GLY H 266 -59.43 66.86 0.54
N VAL H 267 -60.35 67.65 1.07
CA VAL H 267 -61.40 68.30 0.29
C VAL H 267 -61.07 69.77 -0.01
N PRO H 268 -60.49 70.57 0.89
CA PRO H 268 -60.19 71.95 0.53
C PRO H 268 -58.98 72.14 -0.37
N GLY H 269 -58.38 71.05 -0.87
CA GLY H 269 -57.32 71.19 -1.85
C GLY H 269 -57.90 71.32 -3.25
N ARG H 270 -57.34 70.61 -4.21
CA ARG H 270 -57.92 70.58 -5.54
C ARG H 270 -59.24 69.82 -5.51
N HIS H 271 -60.20 70.28 -6.31
CA HIS H 271 -61.52 69.65 -6.33
C HIS H 271 -61.43 68.20 -6.78
N ARG H 272 -60.81 67.97 -7.93
CA ARG H 272 -60.61 66.61 -8.44
C ARG H 272 -59.25 66.54 -9.12
N TYR H 273 -58.73 65.32 -9.22
CA TYR H 273 -57.44 65.07 -9.86
C TYR H 273 -57.57 64.43 -11.24
N GLU H 274 -58.76 63.94 -11.58
CA GLU H 274 -59.02 63.31 -12.88
C GLU H 274 -60.36 63.87 -13.36
N ASP H 275 -60.91 63.28 -14.42
CA ASP H 275 -62.20 63.73 -14.95
C ASP H 275 -63.38 63.08 -14.25
N THR H 276 -63.22 62.68 -12.99
CA THR H 276 -64.28 62.09 -12.19
C THR H 276 -64.61 63.06 -11.07
N LEU H 277 -65.86 63.50 -11.01
CA LEU H 277 -66.29 64.49 -10.03
C LEU H 277 -66.94 63.78 -8.84
N VAL H 278 -66.55 64.19 -7.63
CA VAL H 278 -67.03 63.58 -6.40
C VAL H 278 -67.99 64.56 -5.74
N VAL H 279 -69.24 64.15 -5.60
CA VAL H 279 -70.30 64.93 -4.98
C VAL H 279 -70.55 64.35 -3.59
N GLN H 280 -70.75 65.22 -2.60
CA GLN H 280 -70.93 64.76 -1.23
C GLN H 280 -72.16 65.39 -0.58
N ASP H 281 -73.09 65.87 -1.38
CA ASP H 281 -74.32 66.48 -0.89
C ASP H 281 -75.45 65.49 -1.12
N PHE H 282 -75.98 64.93 -0.03
CA PHE H 282 -77.13 64.04 -0.13
C PHE H 282 -78.43 64.81 -0.24
N GLY H 283 -78.36 66.13 -0.26
CA GLY H 283 -79.51 67.01 -0.42
C GLY H 283 -80.60 66.83 0.62
N ASN H 284 -80.22 66.45 1.83
CA ASN H 284 -81.20 66.24 2.90
C ASN H 284 -81.10 67.30 3.99
N ILE H 285 -80.10 68.17 3.89
CA ILE H 285 -79.81 69.18 4.90
C ILE H 285 -80.00 70.56 4.28
N PHE H 286 -80.66 71.46 5.02
CA PHE H 286 -80.89 72.82 4.55
C PHE H 286 -81.70 72.83 3.24
N THR H 287 -82.61 71.87 3.11
CA THR H 287 -83.42 71.75 1.90
C THR H 287 -84.33 72.95 1.68
N ARG H 288 -84.78 73.61 2.74
CA ARG H 288 -85.68 74.74 2.57
C ARG H 288 -84.94 76.06 2.39
N LEU H 289 -83.62 76.03 2.38
CA LEU H 289 -82.73 77.17 2.22
C LEU H 289 -82.35 77.31 0.74
N PRO H 290 -82.31 78.53 0.21
CA PRO H 290 -81.95 78.69 -1.21
C PRO H 290 -80.47 78.50 -1.45
N LEU H 291 -80.13 77.33 -1.97
CA LEU H 291 -78.77 76.92 -2.28
C LEU H 291 -78.34 77.50 -3.62
N LYS H 292 -77.04 77.46 -3.87
CA LYS H 292 -76.50 77.92 -5.14
C LYS H 292 -76.41 76.72 -6.07
N ARG H 293 -76.87 76.92 -7.31
CA ARG H 293 -76.90 75.85 -8.31
C ARG H 293 -75.49 75.67 -8.89
N ARG H 294 -74.64 75.02 -8.10
CA ARG H 294 -73.31 74.63 -8.59
C ARG H 294 -73.37 73.38 -9.45
N PHE H 295 -74.46 72.62 -9.39
CA PHE H 295 -74.62 71.48 -10.29
C PHE H 295 -74.63 71.88 -11.76
N PRO H 296 -75.38 72.90 -12.20
CA PRO H 296 -75.23 73.34 -13.60
C PRO H 296 -73.84 73.82 -13.94
N GLU H 297 -73.09 74.33 -12.94
CA GLU H 297 -71.72 74.76 -13.20
C GLU H 297 -70.84 73.61 -13.67
N ALA H 298 -71.09 72.41 -13.16
CA ALA H 298 -70.34 71.24 -13.60
C ALA H 298 -70.65 70.93 -15.06
N LEU H 299 -69.60 70.57 -15.80
CA LEU H 299 -69.76 70.28 -17.22
C LEU H 299 -70.77 69.17 -17.45
N MET H 300 -71.68 69.39 -18.40
CA MET H 300 -72.67 68.41 -18.79
C MET H 300 -72.30 67.67 -20.07
N ARG H 301 -71.08 67.85 -20.55
CA ARG H 301 -70.67 67.27 -21.82
C ARG H 301 -70.58 65.75 -21.73
N SER H 302 -70.69 65.10 -22.89
CA SER H 302 -70.64 63.65 -22.95
C SER H 302 -69.32 63.12 -22.40
N GLY H 303 -69.39 61.99 -21.70
CA GLY H 303 -68.23 61.38 -21.11
C GLY H 303 -67.79 61.94 -19.77
N ASP H 304 -68.56 62.86 -19.18
CA ASP H 304 -68.23 63.43 -17.88
C ASP H 304 -68.79 62.49 -16.83
N LYS H 305 -67.94 61.60 -16.33
CA LYS H 305 -68.39 60.66 -15.29
C LYS H 305 -68.48 61.36 -13.95
N VAL H 306 -69.58 61.10 -13.25
CA VAL H 306 -69.88 61.68 -11.94
C VAL H 306 -70.21 60.53 -11.00
N ARG H 307 -69.73 60.61 -9.77
CA ARG H 307 -70.08 59.62 -8.77
C ARG H 307 -70.32 60.29 -7.43
N LEU H 308 -71.19 59.67 -6.64
CA LEU H 308 -71.54 60.17 -5.31
C LEU H 308 -70.79 59.36 -4.27
N ASP H 309 -69.95 60.03 -3.50
CA ASP H 309 -69.21 59.41 -2.41
C ASP H 309 -69.37 60.27 -1.17
N PRO H 310 -69.29 59.70 0.03
CA PRO H 310 -69.42 60.51 1.23
C PRO H 310 -68.25 61.47 1.37
N PRO H 311 -68.47 62.62 2.00
CA PRO H 311 -67.38 63.58 2.19
C PRO H 311 -66.24 63.03 3.02
N CYS H 312 -65.02 63.15 2.49
CA CYS H 312 -63.80 62.71 3.17
C CYS H 312 -63.77 61.21 3.44
N THR H 313 -64.47 60.42 2.63
CA THR H 313 -64.54 58.98 2.81
C THR H 313 -63.92 58.36 1.58
N ASN H 314 -62.98 57.45 1.76
CA ASN H 314 -62.34 56.82 0.60
C ASN H 314 -63.03 55.49 0.31
N THR H 315 -63.90 55.50 -0.70
CA THR H 315 -64.69 54.36 -1.15
C THR H 315 -63.92 53.44 -2.09
N THR H 316 -62.67 53.77 -2.42
CA THR H 316 -61.89 52.98 -3.36
C THR H 316 -61.88 51.49 -3.03
N ALA H 317 -61.39 51.11 -1.85
CA ALA H 317 -61.34 49.73 -1.42
C ALA H 317 -62.63 48.95 -1.67
N PRO H 318 -63.78 49.38 -1.11
CA PRO H 318 -65.00 48.60 -1.33
C PRO H 318 -65.37 48.47 -2.80
N SER H 319 -65.16 49.54 -3.57
CA SER H 319 -65.46 49.46 -4.99
C SER H 319 -64.56 48.44 -5.69
N ASN H 320 -63.26 48.54 -5.47
CA ASN H 320 -62.33 47.62 -6.10
C ASN H 320 -62.60 46.19 -5.70
N TYR H 321 -63.20 45.98 -4.52
CA TYR H 321 -63.57 44.62 -4.16
C TYR H 321 -64.83 44.16 -4.90
N LEU H 322 -65.92 44.90 -4.74
CA LEU H 322 -67.17 44.50 -5.38
C LEU H 322 -67.07 44.49 -6.91
N ASN H 323 -66.24 45.35 -7.47
CA ASN H 323 -66.04 45.45 -8.92
C ASN H 323 -65.01 44.47 -9.43
N ASN H 324 -64.50 43.59 -8.58
CA ASN H 324 -63.50 42.63 -9.02
C ASN H 324 -64.21 41.49 -9.74
N PRO H 325 -63.89 41.23 -11.01
CA PRO H 325 -64.53 40.15 -11.77
C PRO H 325 -64.77 38.85 -11.02
N TYR H 326 -63.77 38.37 -10.27
CA TYR H 326 -64.00 37.12 -9.57
C TYR H 326 -65.02 37.25 -8.46
N VAL H 327 -65.07 38.42 -7.82
CA VAL H 327 -66.07 38.62 -6.77
C VAL H 327 -67.44 38.81 -7.38
N ARG H 328 -67.52 39.60 -8.45
CA ARG H 328 -68.80 39.80 -9.11
C ARG H 328 -69.35 38.47 -9.61
N LYS H 329 -68.48 37.63 -10.16
CA LYS H 329 -68.90 36.31 -10.63
C LYS H 329 -69.44 35.49 -9.47
N ALA H 330 -68.60 35.32 -8.44
CA ALA H 330 -69.00 34.56 -7.26
C ALA H 330 -70.31 35.06 -6.68
N LEU H 331 -70.52 36.37 -6.66
CA LEU H 331 -71.74 36.94 -6.10
C LEU H 331 -72.90 36.97 -7.06
N HIS H 332 -72.84 36.20 -8.15
CA HIS H 332 -73.99 36.00 -9.03
C HIS H 332 -74.54 37.33 -9.56
N ILE H 333 -73.65 38.26 -9.88
CA ILE H 333 -74.05 39.58 -10.36
C ILE H 333 -73.98 39.60 -11.87
N PRO H 334 -75.09 39.84 -12.57
CA PRO H 334 -75.07 39.89 -14.04
C PRO H 334 -73.99 40.79 -14.60
N GLU H 335 -73.12 40.23 -15.45
CA GLU H 335 -72.03 41.00 -16.04
C GLU H 335 -72.51 42.26 -16.76
N SER H 336 -73.80 42.34 -17.11
CA SER H 336 -74.30 43.49 -17.84
C SER H 336 -74.19 44.77 -17.02
N LEU H 337 -74.50 44.70 -15.73
CA LEU H 337 -74.59 45.91 -14.92
C LEU H 337 -73.26 46.64 -14.86
N PRO H 338 -73.26 47.97 -14.92
CA PRO H 338 -72.00 48.73 -14.89
C PRO H 338 -71.32 48.76 -13.53
N ARG H 339 -70.27 49.59 -13.44
CA ARG H 339 -69.38 49.67 -12.27
C ARG H 339 -70.15 49.94 -10.98
N TRP H 340 -69.53 49.64 -9.84
CA TRP H 340 -70.18 49.72 -8.54
C TRP H 340 -69.66 50.92 -7.75
N ASP H 341 -70.59 51.62 -7.11
CA ASP H 341 -70.30 52.75 -6.25
C ASP H 341 -71.09 52.63 -4.96
N MET H 342 -70.54 53.16 -3.87
CA MET H 342 -71.22 53.11 -2.58
C MET H 342 -72.51 53.91 -2.60
N CYS H 343 -72.54 55.02 -3.33
CA CYS H 343 -73.71 55.86 -3.46
C CYS H 343 -73.89 56.16 -4.95
N ASN H 344 -75.13 56.24 -5.42
CA ASN H 344 -75.42 56.60 -6.80
C ASN H 344 -75.84 58.06 -6.92
N PHE H 345 -75.01 58.86 -7.59
CA PHE H 345 -75.29 60.27 -7.79
C PHE H 345 -76.67 60.47 -8.42
N LEU H 346 -76.89 59.85 -9.59
CA LEU H 346 -78.15 59.95 -10.30
C LEU H 346 -79.35 59.60 -9.43
N VAL H 347 -79.23 58.55 -8.61
CA VAL H 347 -80.34 58.17 -7.74
C VAL H 347 -80.67 59.33 -6.80
N ASN H 348 -79.64 59.90 -6.17
CA ASN H 348 -79.86 61.02 -5.26
C ASN H 348 -80.49 62.20 -5.98
N LEU H 349 -79.91 62.57 -7.13
CA LEU H 349 -80.43 63.67 -7.92
C LEU H 349 -81.90 63.47 -8.29
N GLN H 350 -82.28 62.26 -8.65
CA GLN H 350 -83.65 62.02 -9.06
C GLN H 350 -84.54 61.59 -7.90
N TYR H 351 -83.98 61.49 -6.70
CA TYR H 351 -84.78 61.08 -5.56
C TYR H 351 -85.81 62.15 -5.24
N ARG H 352 -86.99 61.73 -4.81
CA ARG H 352 -88.06 62.64 -4.43
C ARG H 352 -88.39 62.41 -2.96
N ARG H 353 -88.02 63.39 -2.13
CA ARG H 353 -88.35 63.32 -0.71
C ARG H 353 -89.81 63.67 -0.50
N LEU H 354 -90.49 62.90 0.32
CA LEU H 354 -91.92 63.10 0.55
C LEU H 354 -92.25 63.38 2.00
N TYR H 355 -91.63 62.67 2.93
CA TYR H 355 -91.90 62.86 4.35
C TYR H 355 -91.19 64.08 4.89
N GLN H 356 -91.88 64.81 5.77
CA GLN H 356 -91.30 65.98 6.44
C GLN H 356 -90.70 65.60 7.78
N SER H 357 -91.52 65.08 8.68
CA SER H 357 -91.04 64.64 9.99
C SER H 357 -91.48 63.20 10.23
N MET H 358 -90.82 62.55 11.17
CA MET H 358 -91.11 61.17 11.50
C MET H 358 -92.11 61.05 12.65
N ASN H 359 -92.73 62.15 13.06
CA ASN H 359 -93.67 62.13 14.17
C ASN H 359 -94.77 61.10 13.99
N SER H 360 -95.46 61.12 12.84
CA SER H 360 -96.54 60.18 12.61
C SER H 360 -96.07 58.73 12.63
N GLN H 361 -94.92 58.47 12.03
CA GLN H 361 -94.38 57.11 11.99
C GLN H 361 -94.08 56.59 13.40
N TYR H 362 -93.42 57.42 14.20
CA TYR H 362 -93.10 57.00 15.56
C TYR H 362 -94.35 56.86 16.40
N LEU H 363 -95.36 57.70 16.17
CA LEU H 363 -96.60 57.56 16.93
C LEU H 363 -97.28 56.26 16.55
N LYS H 364 -97.22 55.91 15.27
CA LYS H 364 -97.81 54.66 14.81
C LYS H 364 -97.10 53.47 15.43
N LEU H 365 -95.77 53.54 15.54
CA LEU H 365 -95.03 52.44 16.14
C LEU H 365 -95.23 52.37 17.65
N LEU H 366 -95.38 53.52 18.31
CA LEU H 366 -95.55 53.55 19.75
C LEU H 366 -96.95 53.13 20.18
N SER H 367 -97.95 53.33 19.32
CA SER H 367 -99.32 52.99 19.70
C SER H 367 -99.50 51.50 19.98
N SER H 368 -98.77 50.62 19.30
CA SER H 368 -98.93 49.20 19.58
C SER H 368 -98.32 48.80 20.91
N GLN H 369 -97.25 49.47 21.32
CA GLN H 369 -96.55 49.21 22.58
C GLN H 369 -96.08 47.76 22.69
N LYS H 370 -95.76 47.12 21.56
CA LYS H 370 -95.29 45.75 21.59
C LYS H 370 -93.83 45.59 21.19
N TYR H 371 -93.28 46.56 20.48
CA TYR H 371 -91.92 46.52 19.96
C TYR H 371 -90.95 47.34 20.80
N GLN H 372 -89.73 46.84 20.90
CA GLN H 372 -88.64 47.51 21.61
C GLN H 372 -87.87 48.30 20.58
N ILE H 373 -87.82 49.62 20.74
CA ILE H 373 -87.16 50.49 19.77
C ILE H 373 -86.06 51.29 20.46
N LEU H 374 -84.93 51.41 19.77
CA LEU H 374 -83.75 52.12 20.23
C LEU H 374 -83.16 52.92 19.09
N LEU H 375 -82.87 54.19 19.38
CA LEU H 375 -82.22 55.11 18.47
C LEU H 375 -80.88 55.47 19.09
N TYR H 376 -79.81 55.26 18.33
CA TYR H 376 -78.47 55.52 18.84
C TYR H 376 -77.77 56.45 17.88
N ASN H 377 -77.06 57.41 18.45
CA ASN H 377 -76.38 58.44 17.67
C ASN H 377 -74.94 58.61 18.11
N GLY H 378 -74.06 58.73 17.11
CA GLY H 378 -72.66 59.02 17.36
C GLY H 378 -72.51 60.48 17.69
N ASP H 379 -71.85 60.77 18.81
CA ASP H 379 -71.76 62.17 19.25
C ASP H 379 -70.81 63.05 18.43
N VAL H 380 -70.22 62.62 17.31
CA VAL H 380 -69.36 63.52 16.55
C VAL H 380 -69.89 63.70 15.13
N ASP H 381 -71.11 63.25 14.87
CA ASP H 381 -71.75 63.42 13.57
C ASP H 381 -72.48 64.75 13.47
N MET H 382 -72.50 65.29 12.26
CA MET H 382 -73.19 66.53 11.98
C MET H 382 -74.31 66.35 10.96
N ALA H 383 -74.36 65.20 10.30
CA ALA H 383 -75.43 64.93 9.34
C ALA H 383 -76.74 64.63 10.06
N CYS H 384 -76.65 63.90 11.17
CA CYS H 384 -77.79 63.57 11.99
C CYS H 384 -77.35 63.59 13.46
N ASN H 385 -76.85 64.76 13.89
CA ASN H 385 -76.34 64.95 15.24
C ASN H 385 -77.27 64.36 16.30
N PHE H 386 -76.65 63.88 17.39
CA PHE H 386 -77.39 63.25 18.49
C PHE H 386 -78.42 64.19 19.13
N MET H 387 -78.19 65.49 19.09
CA MET H 387 -79.09 66.42 19.76
C MET H 387 -80.44 66.46 19.07
N GLY H 388 -80.45 66.58 17.75
CA GLY H 388 -81.70 66.56 17.02
C GLY H 388 -82.54 65.31 17.31
N ASP H 389 -81.89 64.16 17.46
CA ASP H 389 -82.68 62.97 17.73
C ASP H 389 -83.10 62.90 19.19
N GLU H 390 -82.33 63.52 20.09
CA GLU H 390 -82.79 63.48 21.47
C GLU H 390 -83.94 64.45 21.63
N TRP H 391 -83.89 65.57 20.92
CA TRP H 391 -84.99 66.52 20.97
C TRP H 391 -86.24 65.87 20.43
N PHE H 392 -86.14 65.26 19.24
CA PHE H 392 -87.28 64.58 18.65
C PHE H 392 -87.91 63.64 19.67
N VAL H 393 -87.10 62.72 20.22
CA VAL H 393 -87.61 61.74 21.16
C VAL H 393 -88.21 62.40 22.38
N ASP H 394 -87.68 63.55 22.80
CA ASP H 394 -88.26 64.22 23.96
C ASP H 394 -89.59 64.83 23.56
N SER H 395 -89.69 65.31 22.32
CA SER H 395 -90.90 65.89 21.80
C SER H 395 -91.97 64.83 21.60
N LEU H 396 -91.60 63.56 21.70
CA LEU H 396 -92.59 62.51 21.57
C LEU H 396 -93.47 62.41 22.82
N ASN H 397 -93.07 63.07 23.90
CA ASN H 397 -93.82 63.13 25.18
C ASN H 397 -94.26 61.75 25.67
N GLN H 398 -93.29 60.85 25.84
CA GLN H 398 -93.62 59.51 26.31
C GLN H 398 -93.37 59.43 27.82
N LYS H 399 -93.86 58.34 28.42
CA LYS H 399 -93.64 58.12 29.84
C LYS H 399 -92.19 57.77 30.11
N MET H 400 -91.55 58.51 31.02
CA MET H 400 -90.16 58.23 31.32
C MET H 400 -90.08 57.00 32.21
N GLU H 401 -89.20 56.06 31.85
CA GLU H 401 -89.01 54.87 32.66
C GLU H 401 -87.72 54.88 33.47
N VAL H 402 -86.70 55.60 32.99
CA VAL H 402 -85.42 55.70 33.66
C VAL H 402 -84.83 57.06 33.30
N GLN H 403 -84.41 57.81 34.32
CA GLN H 403 -83.79 59.10 34.06
C GLN H 403 -82.44 58.90 33.37
N ARG H 404 -82.14 59.79 32.42
CA ARG H 404 -80.91 59.74 31.65
C ARG H 404 -79.70 59.47 32.51
N ARG H 405 -78.81 58.62 32.01
CA ARG H 405 -77.62 58.23 32.74
C ARG H 405 -76.63 57.64 31.74
N PRO H 406 -75.38 57.48 32.11
CA PRO H 406 -74.40 56.91 31.20
C PRO H 406 -74.37 55.39 31.30
N TRP H 407 -73.90 54.77 30.23
CA TRP H 407 -73.77 53.33 30.16
C TRP H 407 -72.32 52.96 29.92
N LEU H 408 -71.91 51.83 30.49
CA LEU H 408 -70.53 51.37 30.46
C LEU H 408 -70.32 50.13 29.62
N VAL H 409 -69.07 49.96 29.23
CA VAL H 409 -68.59 48.85 28.42
C VAL H 409 -67.18 48.53 28.91
N ASP H 410 -66.86 47.24 28.98
CA ASP H 410 -65.58 46.79 29.49
C ASP H 410 -64.73 46.26 28.35
N TYR H 411 -63.49 46.71 28.28
CA TYR H 411 -62.54 46.22 27.30
C TYR H 411 -61.51 45.35 27.99
N GLY H 412 -60.97 44.39 27.24
CA GLY H 412 -59.91 43.50 27.71
C GLY H 412 -59.00 44.13 28.73
N GLU H 413 -59.02 43.62 29.96
CA GLU H 413 -58.14 44.06 31.04
C GLU H 413 -57.87 45.56 31.04
N SER H 414 -58.90 46.37 30.79
CA SER H 414 -58.66 47.81 30.79
C SER H 414 -59.74 48.58 31.53
N GLY H 415 -60.42 47.94 32.48
CA GLY H 415 -61.47 48.58 33.26
C GLY H 415 -62.72 49.00 32.52
N GLU H 416 -63.71 49.46 33.29
CA GLU H 416 -64.96 49.95 32.74
C GLU H 416 -64.76 51.31 32.08
N GLN H 417 -65.48 51.55 30.98
CA GLN H 417 -65.38 52.80 30.25
C GLN H 417 -66.78 53.28 29.91
N VAL H 418 -66.92 54.58 29.72
CA VAL H 418 -68.20 55.16 29.34
C VAL H 418 -68.36 55.04 27.83
N ALA H 419 -69.51 54.54 27.39
CA ALA H 419 -69.79 54.48 25.97
C ALA H 419 -70.83 55.49 25.51
N GLY H 420 -71.58 56.09 26.44
CA GLY H 420 -72.58 57.07 26.06
C GLY H 420 -73.59 57.27 27.18
N PHE H 421 -74.71 57.88 26.81
CA PHE H 421 -75.82 58.14 27.73
C PHE H 421 -77.07 57.50 27.18
N VAL H 422 -77.97 57.07 28.06
CA VAL H 422 -79.20 56.40 27.65
C VAL H 422 -80.41 56.97 28.37
N LYS H 423 -81.46 57.25 27.60
CA LYS H 423 -82.77 57.71 28.07
C LYS H 423 -83.75 56.59 27.74
N GLU H 424 -84.45 56.07 28.75
CA GLU H 424 -85.41 55.00 28.52
C GLU H 424 -86.83 55.45 28.83
N CYS H 425 -87.70 55.44 27.83
CA CYS H 425 -89.14 55.46 27.98
C CYS H 425 -89.67 54.10 27.54
N SER H 426 -90.86 53.76 28.02
CA SER H 426 -91.35 52.41 27.79
C SER H 426 -91.48 52.14 26.30
N HIS H 427 -90.74 51.12 25.83
CA HIS H 427 -90.69 50.62 24.46
C HIS H 427 -89.82 51.49 23.54
N ILE H 428 -89.32 52.63 23.98
CA ILE H 428 -88.46 53.45 23.12
C ILE H 428 -87.34 54.08 23.93
N THR H 429 -86.12 54.02 23.38
CA THR H 429 -84.93 54.44 24.09
C THR H 429 -84.03 55.24 23.16
N PHE H 430 -83.35 56.22 23.74
CA PHE H 430 -82.35 57.03 23.06
C PHE H 430 -80.99 56.76 23.68
N LEU H 431 -79.97 56.66 22.84
CA LEU H 431 -78.64 56.33 23.32
C LEU H 431 -77.59 57.02 22.48
N THR H 432 -76.52 57.45 23.13
CA THR H 432 -75.41 58.08 22.45
C THR H 432 -74.22 57.14 22.51
N ILE H 433 -73.36 57.22 21.50
CA ILE H 433 -72.13 56.45 21.47
C ILE H 433 -71.00 57.45 21.46
N LYS H 434 -70.31 57.56 22.59
CA LYS H 434 -69.22 58.51 22.74
C LYS H 434 -68.04 58.16 21.85
N GLY H 435 -67.65 59.11 21.00
CA GLY H 435 -66.54 58.90 20.09
C GLY H 435 -66.86 58.34 18.73
N ALA H 436 -68.11 57.99 18.45
CA ALA H 436 -68.46 57.44 17.14
C ALA H 436 -69.05 58.50 16.22
N GLY H 437 -68.75 58.36 14.94
CA GLY H 437 -69.26 59.22 13.89
C GLY H 437 -70.45 58.62 13.19
N HIS H 438 -70.62 59.01 11.92
CA HIS H 438 -71.75 58.52 11.14
C HIS H 438 -71.73 57.00 11.04
N MET H 439 -70.54 56.45 10.88
CA MET H 439 -70.35 55.00 10.77
C MET H 439 -69.81 54.49 12.11
N VAL H 440 -70.72 54.44 13.07
CA VAL H 440 -70.46 54.02 14.44
C VAL H 440 -69.61 52.75 14.48
N PRO H 441 -69.91 51.71 13.70
CA PRO H 441 -69.07 50.52 13.78
C PRO H 441 -67.63 50.76 13.41
N THR H 442 -67.35 51.69 12.50
CA THR H 442 -65.96 51.97 12.13
C THR H 442 -65.20 52.67 13.26
N ASP H 443 -65.87 53.55 14.00
CA ASP H 443 -65.15 54.28 15.03
C ASP H 443 -65.09 53.54 16.36
N LYS H 444 -66.19 52.92 16.77
CA LYS H 444 -66.25 52.18 18.03
C LYS H 444 -66.82 50.80 17.74
N PRO H 445 -66.03 49.94 17.13
CA PRO H 445 -66.52 48.58 16.82
C PRO H 445 -67.05 47.85 18.04
N ARG H 446 -66.20 47.68 19.05
CA ARG H 446 -66.56 46.85 20.19
C ARG H 446 -67.74 47.42 20.95
N ALA H 447 -67.75 48.74 21.17
CA ALA H 447 -68.89 49.34 21.85
C ALA H 447 -70.15 49.14 21.05
N ALA H 448 -70.05 49.31 19.72
CA ALA H 448 -71.19 49.10 18.85
C ALA H 448 -71.72 47.68 18.99
N PHE H 449 -70.81 46.72 19.11
CA PHE H 449 -71.24 45.33 19.23
C PHE H 449 -71.90 45.08 20.58
N THR H 450 -71.34 45.63 21.66
CA THR H 450 -71.95 45.40 22.96
C THR H 450 -73.35 46.01 23.03
N MET H 451 -73.52 47.23 22.50
CA MET H 451 -74.84 47.85 22.51
C MET H 451 -75.80 47.07 21.62
N PHE H 452 -75.37 46.66 20.44
CA PHE H 452 -76.21 45.90 19.54
C PHE H 452 -76.65 44.61 20.20
N SER H 453 -75.71 43.88 20.80
CA SER H 453 -76.02 42.63 21.48
C SER H 453 -77.02 42.83 22.60
N ARG H 454 -76.85 43.87 23.43
CA ARG H 454 -77.82 44.04 24.50
C ARG H 454 -79.17 44.49 23.96
N PHE H 455 -79.19 45.18 22.83
CA PHE H 455 -80.45 45.58 22.23
C PHE H 455 -81.20 44.34 21.74
N LEU H 456 -80.58 43.63 20.80
CA LEU H 456 -81.17 42.42 20.23
C LEU H 456 -81.65 41.47 21.31
N ASN H 457 -80.82 41.25 22.33
CA ASN H 457 -81.19 40.32 23.39
C ASN H 457 -82.13 40.96 24.40
N LYS H 458 -82.49 42.23 24.20
CA LYS H 458 -83.37 42.98 25.09
C LYS H 458 -82.88 43.01 26.52
N GLU H 459 -81.61 42.73 26.73
CA GLU H 459 -81.07 42.81 28.07
C GLU H 459 -80.96 44.26 28.47
N PRO H 460 -81.63 44.71 29.53
CA PRO H 460 -81.52 46.11 29.94
C PRO H 460 -80.09 46.46 30.29
N TYR H 461 -79.71 47.69 29.97
CA TYR H 461 -78.36 48.15 30.22
C TYR H 461 -78.10 48.31 31.71
N THR I 12 -33.32 63.77 -12.15
CA THR I 12 -31.94 63.31 -12.25
C THR I 12 -31.13 63.76 -11.03
N GLN I 13 -31.79 64.46 -10.12
CA GLN I 13 -31.13 64.91 -8.90
C GLN I 13 -30.77 63.73 -8.01
N ARG I 14 -29.62 63.81 -7.36
CA ARG I 14 -29.08 62.68 -6.59
C ARG I 14 -29.60 62.79 -5.17
N THR I 15 -30.55 61.93 -4.83
CA THR I 15 -31.22 61.96 -3.53
C THR I 15 -30.88 60.67 -2.80
N PHE I 16 -29.83 60.73 -1.97
CA PHE I 16 -29.46 59.61 -1.11
C PHE I 16 -29.87 59.90 0.32
N LYS I 17 -30.62 58.99 0.92
CA LYS I 17 -30.98 59.16 2.32
C LYS I 17 -31.45 57.83 2.90
N LEU I 18 -31.34 57.70 4.21
CA LEU I 18 -31.74 56.48 4.88
C LEU I 18 -33.24 56.30 4.83
N ASP I 19 -33.69 55.08 4.51
CA ASP I 19 -35.11 54.73 4.46
C ASP I 19 -35.45 53.98 5.74
N TYR I 20 -35.94 54.73 6.72
CA TYR I 20 -36.34 54.15 7.99
C TYR I 20 -37.50 53.18 7.82
N SER I 21 -38.48 53.56 7.01
CA SER I 21 -39.62 52.69 6.73
C SER I 21 -39.18 51.31 6.28
N ARG I 22 -38.26 51.23 5.33
CA ARG I 22 -37.91 49.95 4.75
C ARG I 22 -36.51 49.49 5.14
N ASP I 23 -35.99 50.04 6.24
CA ASP I 23 -34.74 49.56 6.86
C ASP I 23 -33.60 49.46 5.85
N ARG I 24 -33.33 50.54 5.12
CA ARG I 24 -32.32 50.43 4.08
C ARG I 24 -31.76 51.81 3.76
N PHE I 25 -31.02 51.92 2.65
CA PHE I 25 -30.72 53.21 2.08
C PHE I 25 -31.59 53.39 0.85
N LEU I 26 -31.80 54.65 0.45
CA LEU I 26 -32.40 54.94 -0.84
C LEU I 26 -31.42 55.81 -1.61
N LYS I 27 -31.08 55.36 -2.82
CA LYS I 27 -30.24 56.09 -3.76
C LYS I 27 -31.07 56.39 -5.00
N ASP I 28 -31.28 57.67 -5.26
CA ASP I 28 -32.15 58.11 -6.36
C ASP I 28 -33.48 57.37 -6.33
N GLY I 29 -34.05 57.23 -5.14
CA GLY I 29 -35.35 56.60 -5.02
C GLY I 29 -35.34 55.10 -5.08
N GLN I 30 -34.18 54.47 -5.22
CA GLN I 30 -34.12 53.03 -5.35
C GLN I 30 -33.56 52.43 -4.08
N PRO I 31 -34.06 51.26 -3.67
CA PRO I 31 -33.49 50.62 -2.48
C PRO I 31 -32.03 50.33 -2.72
N PHE I 32 -31.25 50.45 -1.66
CA PHE I 32 -29.82 50.31 -1.80
C PHE I 32 -29.25 49.77 -0.50
N ARG I 33 -28.32 48.85 -0.65
CA ARG I 33 -27.41 48.50 0.41
C ARG I 33 -26.03 48.29 -0.18
N TYR I 34 -25.01 48.66 0.59
CA TYR I 34 -23.64 48.67 0.12
C TYR I 34 -22.87 47.46 0.62
N ILE I 35 -21.93 47.01 -0.20
CA ILE I 35 -21.00 45.94 0.12
C ILE I 35 -19.64 46.55 -0.13
N SER I 36 -18.94 46.90 0.93
CA SER I 36 -17.75 47.74 0.89
C SER I 36 -16.53 47.00 1.38
N GLY I 37 -15.37 47.52 1.03
CA GLY I 37 -14.12 47.06 1.61
C GLY I 37 -13.27 48.25 2.01
N SER I 38 -12.56 48.09 3.13
CA SER I 38 -11.64 49.12 3.58
C SER I 38 -10.35 49.12 2.77
N ILE I 39 -9.92 50.31 2.37
CA ILE I 39 -8.63 50.53 1.76
C ILE I 39 -8.05 51.82 2.31
N HIS I 40 -6.84 51.76 2.85
CA HIS I 40 -6.18 52.95 3.34
C HIS I 40 -5.20 53.46 2.28
N TYR I 41 -5.55 54.59 1.66
CA TYR I 41 -4.69 55.16 0.63
C TYR I 41 -3.31 55.48 1.17
N PHE I 42 -3.19 55.61 2.48
CA PHE I 42 -1.94 56.01 3.10
C PHE I 42 -1.04 54.84 3.47
N ARG I 43 -1.62 53.68 3.78
CA ARG I 43 -0.77 52.50 3.95
C ARG I 43 -0.36 51.86 2.64
N ILE I 44 -0.77 52.42 1.50
CA ILE I 44 -0.27 51.94 0.22
C ILE I 44 0.21 53.13 -0.57
N PRO I 45 1.31 53.02 -1.31
CA PRO I 45 1.80 54.17 -2.07
C PRO I 45 0.83 54.57 -3.17
N ARG I 46 0.77 55.87 -3.43
CA ARG I 46 -0.13 56.39 -4.44
C ARG I 46 0.11 55.77 -5.81
N PHE I 47 1.36 55.45 -6.11
CA PHE I 47 1.71 54.76 -7.35
C PHE I 47 0.79 53.58 -7.62
N TYR I 48 0.36 52.90 -6.56
CA TYR I 48 -0.44 51.69 -6.64
C TYR I 48 -1.91 51.87 -6.26
N TRP I 49 -2.35 53.09 -5.93
CA TRP I 49 -3.74 53.27 -5.50
C TRP I 49 -4.72 52.69 -6.51
N GLU I 50 -4.71 53.22 -7.73
CA GLU I 50 -5.59 52.73 -8.77
C GLU I 50 -5.67 51.21 -8.74
N ASP I 51 -4.50 50.57 -8.69
CA ASP I 51 -4.45 49.13 -8.77
C ASP I 51 -5.37 48.48 -7.75
N ARG I 52 -5.17 48.81 -6.48
CA ARG I 52 -5.98 48.19 -5.45
C ARG I 52 -7.44 48.53 -5.66
N LEU I 53 -7.73 49.79 -5.98
CA LEU I 53 -9.11 50.20 -6.12
C LEU I 53 -9.76 49.47 -7.27
N LEU I 54 -9.04 49.32 -8.39
CA LEU I 54 -9.61 48.54 -9.48
C LEU I 54 -9.85 47.11 -9.04
N LYS I 55 -8.91 46.51 -8.32
CA LYS I 55 -9.18 45.17 -7.80
C LYS I 55 -10.40 45.18 -6.93
N MET I 56 -10.55 46.23 -6.13
CA MET I 56 -11.73 46.32 -5.30
C MET I 56 -12.99 46.37 -6.15
N LYS I 57 -12.99 47.18 -7.20
CA LYS I 57 -14.13 47.14 -8.11
C LYS I 57 -14.30 45.75 -8.69
N MET I 58 -13.20 45.12 -9.09
CA MET I 58 -13.36 43.82 -9.70
C MET I 58 -13.85 42.80 -8.68
N ALA I 59 -13.68 43.06 -7.39
CA ALA I 59 -14.23 42.14 -6.42
C ALA I 59 -15.73 42.27 -6.29
N GLY I 60 -16.30 43.35 -6.83
CA GLY I 60 -17.72 43.60 -6.79
C GLY I 60 -18.17 44.57 -5.72
N LEU I 61 -17.25 45.16 -4.97
CA LEU I 61 -17.59 46.20 -4.02
C LEU I 61 -18.08 47.44 -4.74
N ASN I 62 -19.09 48.08 -4.19
CA ASN I 62 -19.62 49.33 -4.73
C ASN I 62 -19.31 50.55 -3.88
N ALA I 63 -18.58 50.38 -2.78
CA ALA I 63 -18.20 51.48 -1.92
C ALA I 63 -16.90 51.12 -1.22
N ILE I 64 -16.17 52.14 -0.75
CA ILE I 64 -15.07 51.88 0.16
C ILE I 64 -15.28 52.61 1.48
N GLN I 65 -14.64 52.08 2.51
CA GLN I 65 -14.63 52.64 3.86
C GLN I 65 -13.19 52.95 4.23
N MET I 66 -12.84 54.23 4.33
CA MET I 66 -11.46 54.62 4.53
C MET I 66 -11.36 55.65 5.63
N TYR I 67 -10.19 55.70 6.26
CA TYR I 67 -9.91 56.63 7.33
C TYR I 67 -9.11 57.81 6.80
N VAL I 68 -9.33 58.99 7.39
CA VAL I 68 -8.47 60.13 7.11
C VAL I 68 -7.59 60.32 8.35
N PRO I 69 -6.34 59.92 8.32
CA PRO I 69 -5.47 60.13 9.48
C PRO I 69 -5.01 61.58 9.57
N TRP I 70 -5.45 62.26 10.64
CA TRP I 70 -5.14 63.67 10.82
C TRP I 70 -3.64 63.89 10.81
N ASN I 71 -2.89 63.03 11.50
CA ASN I 71 -1.45 63.15 11.60
C ASN I 71 -0.75 62.95 10.26
N PHE I 72 -1.38 62.26 9.32
CA PHE I 72 -0.76 62.09 8.00
C PHE I 72 -0.71 63.40 7.22
N HIS I 73 -1.64 64.31 7.47
CA HIS I 73 -1.68 65.56 6.73
C HIS I 73 -1.17 66.77 7.49
N GLU I 74 -1.11 66.72 8.83
CA GLU I 74 -0.61 67.86 9.61
C GLU I 74 0.41 67.39 10.62
N PRO I 75 1.65 67.13 10.17
CA PRO I 75 2.67 66.63 11.11
C PRO I 75 3.03 67.66 12.16
N GLN I 76 2.95 68.95 11.82
CA GLN I 76 3.22 70.06 12.70
C GLN I 76 2.06 71.02 12.65
N PRO I 77 1.73 71.66 13.78
CA PRO I 77 0.50 72.47 13.85
C PRO I 77 0.48 73.56 12.79
N GLY I 78 -0.58 73.57 11.99
CA GLY I 78 -0.73 74.59 10.98
C GLY I 78 0.02 74.31 9.70
N GLN I 79 0.77 73.22 9.64
CA GLN I 79 1.43 72.77 8.42
C GLN I 79 0.67 71.60 7.81
N TYR I 80 0.21 71.77 6.58
CA TYR I 80 -0.67 70.82 5.93
C TYR I 80 -0.04 70.32 4.64
N GLU I 81 -0.17 69.02 4.38
CA GLU I 81 0.35 68.41 3.16
C GLU I 81 -0.79 67.68 2.46
N PHE I 82 -1.06 68.05 1.21
CA PHE I 82 -2.21 67.49 0.49
C PHE I 82 -1.93 67.22 -0.98
N SER I 83 -0.68 67.14 -1.41
CA SER I 83 -0.35 67.00 -2.82
C SER I 83 0.40 65.70 -3.06
N GLY I 84 0.20 65.13 -4.24
CA GLY I 84 0.88 63.90 -4.60
C GLY I 84 0.49 62.76 -3.68
N ASP I 85 1.49 62.16 -3.03
CA ASP I 85 1.22 61.11 -2.06
C ASP I 85 0.35 61.61 -0.93
N ARG I 86 0.30 62.92 -0.71
CA ARG I 86 -0.52 63.53 0.32
C ARG I 86 -1.90 63.92 -0.18
N ASP I 87 -2.25 63.64 -1.43
CA ASP I 87 -3.47 64.18 -2.03
C ASP I 87 -4.65 63.22 -1.86
N VAL I 88 -5.23 63.25 -0.66
CA VAL I 88 -6.36 62.36 -0.37
C VAL I 88 -7.51 62.69 -1.33
N GLU I 89 -7.71 63.98 -1.60
CA GLU I 89 -8.83 64.39 -2.44
C GLU I 89 -8.71 63.76 -3.82
N HIS I 90 -7.48 63.69 -4.35
CA HIS I 90 -7.28 63.00 -5.61
C HIS I 90 -7.63 61.52 -5.49
N PHE I 91 -7.35 60.92 -4.33
CA PHE I 91 -7.69 59.51 -4.15
C PHE I 91 -9.20 59.30 -4.23
N ILE I 92 -9.95 60.16 -3.55
CA ILE I 92 -11.40 60.08 -3.60
C ILE I 92 -11.90 60.30 -5.03
N GLN I 93 -11.32 61.30 -5.71
CA GLN I 93 -11.72 61.55 -7.10
C GLN I 93 -11.45 60.34 -7.98
N LEU I 94 -10.32 59.68 -7.76
CA LEU I 94 -9.98 58.49 -8.54
C LEU I 94 -11.00 57.38 -8.29
N ALA I 95 -11.34 57.17 -7.02
CA ALA I 95 -12.37 56.18 -6.71
C ALA I 95 -13.67 56.50 -7.44
N HIS I 96 -14.11 57.76 -7.38
CA HIS I 96 -15.29 58.16 -8.12
C HIS I 96 -15.16 57.87 -9.60
N GLU I 97 -13.98 58.12 -10.16
CA GLU I 97 -13.79 57.88 -11.58
C GLU I 97 -13.90 56.40 -11.90
N LEU I 98 -13.56 55.54 -10.93
CA LEU I 98 -13.73 54.10 -11.14
C LEU I 98 -15.16 53.62 -10.94
N GLY I 99 -16.08 54.50 -10.56
CA GLY I 99 -17.45 54.09 -10.31
C GLY I 99 -17.69 53.49 -8.95
N LEU I 100 -16.83 53.80 -7.99
CA LEU I 100 -16.95 53.31 -6.62
C LEU I 100 -17.48 54.42 -5.73
N LEU I 101 -18.37 54.06 -4.80
CA LEU I 101 -18.81 55.06 -3.84
C LEU I 101 -17.82 55.09 -2.67
N VAL I 102 -17.93 56.11 -1.83
CA VAL I 102 -17.01 56.27 -0.72
C VAL I 102 -17.73 56.50 0.59
N ILE I 103 -17.35 55.72 1.61
CA ILE I 103 -17.72 55.96 3.00
C ILE I 103 -16.50 56.60 3.65
N LEU I 104 -16.61 57.86 4.06
CA LEU I 104 -15.47 58.59 4.61
C LEU I 104 -15.50 58.51 6.14
N ARG I 105 -14.34 58.21 6.72
CA ARG I 105 -14.20 58.11 8.17
C ARG I 105 -13.09 59.04 8.63
N PRO I 106 -13.38 60.32 8.84
CA PRO I 106 -12.34 61.31 9.10
C PRO I 106 -11.92 61.46 10.55
N GLY I 107 -12.41 60.59 11.45
CA GLY I 107 -11.94 60.57 12.81
C GLY I 107 -12.63 61.63 13.63
N PRO I 108 -11.88 62.42 14.41
CA PRO I 108 -10.44 62.63 14.31
C PRO I 108 -9.58 61.50 14.86
N TYR I 109 -10.16 60.57 15.61
CA TYR I 109 -9.44 59.39 16.04
C TYR I 109 -9.89 58.22 15.18
N ILE I 110 -8.93 57.45 14.66
CA ILE I 110 -9.27 56.36 13.77
C ILE I 110 -8.83 55.00 14.30
N CYS I 111 -8.03 54.96 15.36
CA CYS I 111 -7.48 53.71 15.88
C CYS I 111 -6.61 53.08 14.80
N ALA I 112 -7.12 52.02 14.18
CA ALA I 112 -6.65 51.56 12.88
C ALA I 112 -5.24 51.01 12.95
N GLU I 113 -4.75 50.68 14.14
CA GLU I 113 -3.37 50.29 14.33
C GLU I 113 -2.44 51.31 13.66
N TRP I 114 -2.79 52.57 13.83
CA TRP I 114 -2.09 53.69 13.25
C TRP I 114 -1.67 54.63 14.36
N ASP I 115 -0.61 55.40 14.12
CA ASP I 115 0.06 56.09 15.22
C ASP I 115 -0.88 57.06 15.93
N MET I 116 -0.99 56.89 17.24
CA MET I 116 -1.75 57.79 18.13
C MET I 116 -3.18 57.98 17.65
N GLY I 117 -3.71 56.98 16.96
CA GLY I 117 -5.06 57.04 16.45
C GLY I 117 -5.29 58.20 15.52
N GLY I 118 -4.25 58.66 14.84
CA GLY I 118 -4.35 59.72 13.87
C GLY I 118 -4.10 61.09 14.43
N LEU I 119 -4.10 61.23 15.75
CA LEU I 119 -3.93 62.53 16.38
C LEU I 119 -2.48 62.97 16.35
N PRO I 120 -2.22 64.24 16.08
CA PRO I 120 -0.83 64.71 15.97
C PRO I 120 -0.16 64.74 17.33
N ALA I 121 1.10 64.31 17.35
CA ALA I 121 1.82 64.19 18.61
C ALA I 121 2.02 65.54 19.29
N TRP I 122 2.09 66.61 18.50
CA TRP I 122 2.27 67.94 19.09
C TRP I 122 1.09 68.37 19.96
N LEU I 123 -0.06 67.70 19.88
CA LEU I 123 -1.11 67.96 20.85
C LEU I 123 -0.61 67.75 22.26
N LEU I 124 0.34 66.83 22.45
CA LEU I 124 0.90 66.51 23.75
C LEU I 124 1.84 67.58 24.27
N GLU I 125 2.02 68.69 23.56
CA GLU I 125 2.82 69.79 24.09
C GLU I 125 2.21 70.37 25.35
N LYS I 126 0.90 70.27 25.51
CA LYS I 126 0.26 70.46 26.82
C LYS I 126 0.29 69.14 27.56
N GLN I 127 1.06 69.09 28.64
CA GLN I 127 1.38 67.81 29.28
C GLN I 127 0.14 67.12 29.80
N SER I 128 -0.77 67.86 30.42
CA SER I 128 -1.95 67.24 31.02
C SER I 128 -3.16 67.28 30.12
N ILE I 129 -3.01 67.74 28.86
CA ILE I 129 -4.13 67.83 27.94
C ILE I 129 -4.82 66.47 27.85
N VAL I 130 -6.10 66.44 27.53
CA VAL I 130 -6.85 65.20 27.41
C VAL I 130 -7.35 65.09 25.98
N LEU I 131 -7.09 63.94 25.36
CA LEU I 131 -7.60 63.68 24.02
C LEU I 131 -8.95 62.99 24.09
N ARG I 132 -9.74 63.20 23.04
CA ARG I 132 -11.08 62.61 22.93
C ARG I 132 -11.92 62.93 24.15
N SER I 133 -12.00 64.23 24.45
CA SER I 133 -12.78 64.74 25.56
C SER I 133 -13.20 66.16 25.23
N SER I 134 -13.83 66.83 26.18
CA SER I 134 -14.23 68.22 26.05
C SER I 134 -13.14 69.20 26.43
N ASP I 135 -11.91 68.73 26.59
CA ASP I 135 -10.77 69.61 26.79
C ASP I 135 -10.79 70.77 25.80
N PRO I 136 -10.86 72.02 26.27
CA PRO I 136 -11.06 73.14 25.34
C PRO I 136 -9.98 73.22 24.27
N ASP I 137 -8.73 72.88 24.61
CA ASP I 137 -7.65 72.96 23.64
C ASP I 137 -7.76 71.82 22.64
N TYR I 138 -8.18 70.66 23.11
CA TYR I 138 -8.42 69.54 22.21
C TYR I 138 -9.55 69.87 21.26
N LEU I 139 -10.65 70.39 21.80
CA LEU I 139 -11.80 70.69 20.97
C LEU I 139 -11.46 71.77 19.95
N VAL I 140 -10.66 72.75 20.36
CA VAL I 140 -10.24 73.80 19.43
C VAL I 140 -9.39 73.22 18.31
N ALA I 141 -8.44 72.35 18.66
CA ALA I 141 -7.58 71.78 17.62
C ALA I 141 -8.36 70.89 16.67
N VAL I 142 -9.22 70.01 17.22
CA VAL I 142 -10.15 69.24 16.42
C VAL I 142 -10.95 70.13 15.49
N ASP I 143 -11.54 71.20 16.03
CA ASP I 143 -12.35 72.09 15.21
C ASP I 143 -11.54 72.66 14.07
N LYS I 144 -10.30 73.07 14.34
CA LYS I 144 -9.48 73.66 13.30
C LYS I 144 -9.16 72.64 12.22
N TRP I 145 -8.84 71.42 12.63
CA TRP I 145 -8.57 70.36 11.68
C TRP I 145 -9.79 70.08 10.82
N LEU I 146 -10.97 69.97 11.44
CA LEU I 146 -12.19 69.78 10.67
C LEU I 146 -12.42 70.94 9.70
N ALA I 147 -12.25 72.16 10.18
CA ALA I 147 -12.44 73.33 9.32
C ALA I 147 -11.49 73.35 8.15
N VAL I 148 -10.37 72.63 8.26
CA VAL I 148 -9.45 72.51 7.14
C VAL I 148 -9.82 71.34 6.22
N LEU I 149 -10.02 70.16 6.81
CA LEU I 149 -10.27 68.93 6.06
C LEU I 149 -11.64 68.90 5.40
N LEU I 150 -12.70 69.16 6.17
CA LEU I 150 -14.06 68.99 5.66
C LEU I 150 -14.41 69.83 4.45
N PRO I 151 -13.98 71.09 4.31
CA PRO I 151 -14.29 71.79 3.05
C PRO I 151 -13.65 71.15 1.84
N LYS I 152 -12.53 70.46 2.00
CA LYS I 152 -12.02 69.66 0.89
C LYS I 152 -12.94 68.51 0.54
N MET I 153 -13.59 67.91 1.53
CA MET I 153 -14.49 66.79 1.27
C MET I 153 -15.84 67.23 0.76
N LYS I 154 -16.26 68.45 1.06
CA LYS I 154 -17.59 68.94 0.68
C LYS I 154 -17.91 68.74 -0.80
N PRO I 155 -17.07 69.12 -1.76
CA PRO I 155 -17.46 68.90 -3.16
C PRO I 155 -17.48 67.44 -3.52
N LEU I 156 -16.86 66.58 -2.72
CA LEU I 156 -16.86 65.15 -2.96
C LEU I 156 -18.06 64.44 -2.36
N LEU I 157 -18.95 65.17 -1.70
CA LEU I 157 -20.14 64.56 -1.14
C LEU I 157 -21.11 64.14 -2.24
N TYR I 158 -21.83 63.05 -1.98
CA TYR I 158 -22.72 62.48 -3.00
C TYR I 158 -23.70 63.52 -3.51
N GLN I 159 -24.22 64.36 -2.62
CA GLN I 159 -25.26 65.28 -3.03
C GLN I 159 -24.68 66.46 -3.81
N ASN I 160 -23.36 66.60 -3.81
CA ASN I 160 -22.68 67.60 -4.60
C ASN I 160 -22.04 66.99 -5.83
N GLY I 161 -22.29 65.70 -6.07
CA GLY I 161 -21.87 65.00 -7.26
C GLY I 161 -20.65 64.12 -7.10
N GLY I 162 -20.15 63.95 -5.87
CA GLY I 162 -19.03 63.08 -5.63
C GLY I 162 -19.42 61.72 -5.09
N PRO I 163 -18.41 60.95 -4.67
CA PRO I 163 -18.64 59.57 -4.20
C PRO I 163 -18.89 59.41 -2.71
N ILE I 164 -19.01 60.47 -1.92
CA ILE I 164 -19.10 60.34 -0.47
C ILE I 164 -20.56 60.23 -0.06
N ILE I 165 -20.92 59.10 0.53
CA ILE I 165 -22.31 58.81 0.85
C ILE I 165 -22.60 58.80 2.35
N THR I 166 -21.64 58.40 3.18
CA THR I 166 -21.82 58.40 4.63
C THR I 166 -20.51 58.78 5.28
N VAL I 167 -20.59 59.26 6.53
CA VAL I 167 -19.43 59.75 7.24
C VAL I 167 -19.43 59.24 8.68
N GLN I 168 -18.34 58.58 9.07
CA GLN I 168 -18.14 58.12 10.44
C GLN I 168 -17.65 59.29 11.29
N VAL I 169 -18.17 59.41 12.51
CA VAL I 169 -17.67 60.41 13.44
C VAL I 169 -16.69 59.88 14.47
N GLU I 170 -16.70 58.59 14.78
CA GLU I 170 -15.77 58.09 15.79
C GLU I 170 -15.35 56.68 15.46
N ASN I 171 -14.86 55.95 16.45
CA ASN I 171 -14.45 54.57 16.25
C ASN I 171 -14.40 53.91 17.62
N GLU I 172 -15.32 52.97 17.86
CA GLU I 172 -15.45 52.30 19.15
C GLU I 172 -15.33 53.29 20.31
N TYR I 173 -16.11 54.37 20.23
CA TYR I 173 -16.03 55.39 21.26
C TYR I 173 -16.42 54.83 22.62
N GLY I 174 -17.19 53.75 22.64
CA GLY I 174 -17.62 53.10 23.86
C GLY I 174 -16.50 52.42 24.60
N SER I 175 -15.36 52.23 23.94
CA SER I 175 -14.19 51.65 24.56
C SER I 175 -13.33 52.69 25.27
N TYR I 176 -13.61 53.97 25.07
CA TYR I 176 -12.80 55.02 25.65
C TYR I 176 -13.38 55.35 27.03
N PHE I 177 -12.51 55.76 27.94
CA PHE I 177 -12.93 55.94 29.33
C PHE I 177 -13.86 57.15 29.52
N ALA I 178 -13.76 58.15 28.65
CA ALA I 178 -14.37 59.44 28.96
C ALA I 178 -15.89 59.38 28.97
N CYS I 179 -16.49 58.64 28.04
CA CYS I 179 -17.96 58.58 27.93
C CYS I 179 -18.53 60.00 27.85
N ASP I 180 -17.87 60.85 27.08
CA ASP I 180 -18.28 62.24 26.95
C ASP I 180 -19.29 62.35 25.82
N TYR I 181 -20.51 62.72 26.16
CA TYR I 181 -21.50 63.01 25.13
C TYR I 181 -21.50 64.47 24.72
N ASP I 182 -20.96 65.36 25.57
CA ASP I 182 -20.73 66.72 25.12
C ASP I 182 -19.70 66.76 24.00
N TYR I 183 -18.68 65.92 24.09
CA TYR I 183 -17.64 65.85 23.07
C TYR I 183 -18.23 65.42 21.73
N LEU I 184 -19.01 64.34 21.75
CA LEU I 184 -19.69 63.87 20.55
C LEU I 184 -20.64 64.93 20.00
N ARG I 185 -21.44 65.54 20.87
CA ARG I 185 -22.29 66.63 20.41
C ARG I 185 -21.48 67.74 19.75
N PHE I 186 -20.31 68.08 20.30
CA PHE I 186 -19.50 69.14 19.72
C PHE I 186 -19.03 68.76 18.33
N LEU I 187 -18.52 67.53 18.20
CA LEU I 187 -18.15 67.01 16.89
C LEU I 187 -19.33 67.07 15.93
N VAL I 188 -20.49 66.62 16.38
CA VAL I 188 -21.62 66.52 15.47
C VAL I 188 -22.07 67.90 15.00
N HIS I 189 -22.09 68.86 15.92
CA HIS I 189 -22.42 70.23 15.54
C HIS I 189 -21.44 70.74 14.50
N ARG I 190 -20.14 70.53 14.73
CA ARG I 190 -19.17 71.04 13.78
C ARG I 190 -19.26 70.34 12.43
N PHE I 191 -19.51 69.02 12.43
CA PHE I 191 -19.67 68.31 11.17
C PHE I 191 -20.88 68.81 10.41
N ARG I 192 -22.01 68.98 11.10
CA ARG I 192 -23.19 69.53 10.44
C ARG I 192 -22.92 70.91 9.89
N TYR I 193 -22.18 71.73 10.65
CA TYR I 193 -21.92 73.10 10.23
C TYR I 193 -21.07 73.15 8.97
N HIS I 194 -19.97 72.41 8.95
CA HIS I 194 -19.08 72.47 7.79
C HIS I 194 -19.60 71.67 6.61
N LEU I 195 -20.31 70.57 6.84
CA LEU I 195 -20.68 69.68 5.75
C LEU I 195 -22.13 69.79 5.32
N GLY I 196 -22.99 70.37 6.15
CA GLY I 196 -24.37 70.54 5.79
C GLY I 196 -25.25 69.44 6.37
N ASN I 197 -26.54 69.75 6.50
CA ASN I 197 -27.47 68.79 7.07
C ASN I 197 -27.69 67.59 6.18
N ASP I 198 -27.32 67.67 4.90
CA ASP I 198 -27.67 66.61 3.96
C ASP I 198 -26.88 65.34 4.22
N VAL I 199 -25.63 65.47 4.66
CA VAL I 199 -24.73 64.35 4.89
C VAL I 199 -25.39 63.29 5.76
N ILE I 200 -25.01 62.03 5.54
CA ILE I 200 -25.44 60.93 6.40
C ILE I 200 -24.29 60.61 7.34
N LEU I 201 -24.56 60.69 8.63
CA LEU I 201 -23.54 60.51 9.66
C LEU I 201 -23.83 59.26 10.45
N PHE I 202 -22.78 58.48 10.73
CA PHE I 202 -22.96 57.21 11.42
C PHE I 202 -21.80 57.02 12.38
N THR I 203 -21.98 56.08 13.31
CA THR I 203 -20.94 55.66 14.23
C THR I 203 -20.67 54.17 14.07
N THR I 204 -19.51 53.76 14.57
CA THR I 204 -19.14 52.35 14.62
C THR I 204 -18.64 52.03 16.02
N ASP I 205 -19.14 50.94 16.59
CA ASP I 205 -18.69 50.51 17.91
C ASP I 205 -18.65 48.99 17.97
N GLY I 206 -17.99 48.48 19.00
CA GLY I 206 -18.00 47.06 19.26
C GLY I 206 -19.41 46.54 19.43
N ALA I 207 -19.63 45.28 19.03
CA ALA I 207 -20.98 44.74 18.97
C ALA I 207 -21.38 44.24 20.36
N SER I 208 -21.65 45.22 21.22
CA SER I 208 -22.21 44.97 22.54
C SER I 208 -22.80 46.29 23.02
N GLU I 209 -24.01 46.22 23.58
CA GLU I 209 -24.72 47.45 23.93
C GLU I 209 -23.93 48.31 24.88
N LYS I 210 -23.05 47.70 25.68
CA LYS I 210 -22.28 48.47 26.65
C LYS I 210 -21.47 49.56 25.97
N MET I 211 -20.91 49.25 24.79
CA MET I 211 -20.13 50.25 24.08
C MET I 211 -21.02 51.30 23.42
N LEU I 212 -22.15 50.87 22.84
CA LEU I 212 -23.04 51.85 22.22
C LEU I 212 -23.57 52.82 23.27
N LYS I 213 -23.65 52.36 24.52
CA LYS I 213 -24.13 53.21 25.61
C LYS I 213 -23.39 54.54 25.60
N CYS I 214 -22.08 54.50 25.42
CA CYS I 214 -21.24 55.68 25.46
C CYS I 214 -20.86 56.14 24.05
N GLY I 215 -21.20 55.37 23.02
CA GLY I 215 -20.81 55.75 21.69
C GLY I 215 -21.88 56.46 20.88
N THR I 216 -23.13 56.04 20.98
CA THR I 216 -24.16 56.57 20.10
C THR I 216 -24.47 58.02 20.46
N LEU I 217 -25.40 58.61 19.70
CA LEU I 217 -25.80 60.00 19.91
C LEU I 217 -27.02 60.29 19.03
N GLN I 218 -27.95 61.08 19.58
CA GLN I 218 -29.07 61.61 18.82
C GLN I 218 -28.59 62.31 17.55
N ASP I 219 -29.46 62.33 16.54
CA ASP I 219 -29.20 63.02 15.28
C ASP I 219 -27.95 62.48 14.61
N LEU I 220 -27.66 61.20 14.87
CA LEU I 220 -26.50 60.55 14.29
C LEU I 220 -26.77 59.06 14.28
N TYR I 221 -26.64 58.46 13.11
CA TYR I 221 -26.99 57.06 12.97
C TYR I 221 -25.98 56.20 13.72
N ALA I 222 -26.43 55.04 14.20
CA ALA I 222 -25.60 54.19 15.02
C ALA I 222 -25.36 52.86 14.31
N THR I 223 -24.10 52.43 14.26
CA THR I 223 -23.76 51.12 13.73
C THR I 223 -22.73 50.47 14.64
N VAL I 224 -22.55 49.16 14.44
CA VAL I 224 -21.65 48.33 15.22
C VAL I 224 -20.65 47.67 14.27
N ASP I 225 -19.61 47.08 14.86
CA ASP I 225 -18.74 46.18 14.12
C ASP I 225 -18.63 44.86 14.86
N PHE I 226 -18.35 43.80 14.12
CA PHE I 226 -18.15 42.47 14.69
C PHE I 226 -17.64 41.54 13.62
N GLY I 227 -16.87 40.54 14.04
CA GLY I 227 -16.35 39.52 13.16
C GLY I 227 -17.06 38.20 13.30
N THR I 228 -16.36 37.10 12.99
CA THR I 228 -16.98 35.80 12.89
C THR I 228 -17.25 35.18 14.25
N GLY I 229 -16.67 35.74 15.32
CA GLY I 229 -16.86 35.20 16.66
C GLY I 229 -17.89 35.95 17.46
N ASN I 230 -18.94 36.42 16.79
CA ASN I 230 -20.04 37.13 17.45
C ASN I 230 -21.35 36.57 16.95
N ASN I 231 -22.33 36.44 17.85
CA ASN I 231 -23.66 36.07 17.41
C ASN I 231 -24.23 37.16 16.53
N ILE I 232 -24.47 36.83 15.27
CA ILE I 232 -24.92 37.84 14.31
C ILE I 232 -26.29 38.37 14.69
N THR I 233 -27.22 37.47 14.98
CA THR I 233 -28.53 37.84 15.50
C THR I 233 -28.41 38.76 16.69
N GLN I 234 -27.59 38.38 17.67
CA GLN I 234 -27.43 39.20 18.86
C GLN I 234 -26.83 40.55 18.51
N ALA I 235 -25.86 40.57 17.59
CA ALA I 235 -25.23 41.83 17.21
C ALA I 235 -26.23 42.79 16.59
N PHE I 236 -27.01 42.32 15.63
CA PHE I 236 -27.96 43.23 14.99
C PHE I 236 -29.14 43.55 15.90
N LEU I 237 -29.51 42.64 16.81
CA LEU I 237 -30.45 42.99 17.85
C LEU I 237 -29.91 44.14 18.70
N VAL I 238 -28.63 44.08 19.03
CA VAL I 238 -27.99 45.15 19.78
C VAL I 238 -28.06 46.45 19.01
N GLN I 239 -27.77 46.41 17.70
CA GLN I 239 -27.89 47.62 16.89
C GLN I 239 -29.32 48.14 16.90
N ARG I 240 -30.29 47.25 16.69
CA ARG I 240 -31.68 47.65 16.57
C ARG I 240 -32.21 48.24 17.87
N LYS I 241 -31.65 47.81 19.01
CA LYS I 241 -32.00 48.43 20.27
C LYS I 241 -31.64 49.91 20.27
N PHE I 242 -30.67 50.31 19.44
CA PHE I 242 -30.30 51.72 19.30
C PHE I 242 -30.79 52.35 18.01
N GLU I 243 -31.05 51.55 16.98
CA GLU I 243 -31.64 52.02 15.73
C GLU I 243 -32.81 51.10 15.38
N PRO I 244 -33.99 51.37 15.93
CA PRO I 244 -35.14 50.50 15.62
C PRO I 244 -35.45 50.43 14.14
N LYS I 245 -35.17 51.49 13.40
CA LYS I 245 -35.49 51.55 11.98
C LYS I 245 -34.27 51.96 11.19
N GLY I 246 -34.13 51.39 10.00
CA GLY I 246 -33.00 51.66 9.14
C GLY I 246 -32.16 50.44 8.85
N PRO I 247 -31.18 50.60 7.96
CA PRO I 247 -30.38 49.45 7.54
C PRO I 247 -29.53 48.92 8.68
N LEU I 248 -29.40 47.60 8.73
CA LEU I 248 -28.42 46.97 9.59
C LEU I 248 -27.04 47.19 8.99
N ILE I 249 -26.07 47.58 9.81
CA ILE I 249 -24.73 47.86 9.29
C ILE I 249 -23.65 47.36 10.23
N ASN I 250 -22.72 46.58 9.67
CA ASN I 250 -21.47 46.20 10.30
C ASN I 250 -20.37 46.95 9.56
N SER I 251 -19.82 47.98 10.19
CA SER I 251 -18.86 48.82 9.49
C SER I 251 -17.47 48.21 9.40
N GLU I 252 -17.16 47.23 10.26
CA GLU I 252 -15.86 46.57 10.23
C GLU I 252 -16.11 45.10 10.57
N PHE I 253 -16.49 44.34 9.57
CA PHE I 253 -16.59 42.90 9.70
C PHE I 253 -15.21 42.32 9.44
N TYR I 254 -14.56 41.86 10.49
CA TYR I 254 -13.14 41.53 10.39
C TYR I 254 -12.94 40.24 9.61
N THR I 255 -12.18 40.36 8.52
CA THR I 255 -11.82 39.26 7.63
C THR I 255 -10.55 38.56 8.07
N GLY I 256 -9.86 39.11 9.05
CA GLY I 256 -8.55 38.66 9.49
C GLY I 256 -8.30 39.38 10.79
N TRP I 257 -7.06 39.66 11.14
CA TRP I 257 -6.82 40.37 12.38
C TRP I 257 -5.44 41.01 12.32
N LEU I 258 -5.21 41.93 13.24
CA LEU I 258 -3.92 42.58 13.30
C LEU I 258 -2.89 41.64 13.91
N ASP I 259 -1.63 42.02 13.77
CA ASP I 259 -0.52 41.28 14.35
C ASP I 259 0.17 42.12 15.40
N HIS I 260 0.96 41.45 16.22
CA HIS I 260 1.95 42.10 17.06
C HIS I 260 3.29 41.41 16.88
N TRP I 261 4.36 42.18 17.01
CA TRP I 261 5.69 41.59 17.05
C TRP I 261 5.73 40.49 18.09
N GLY I 262 6.36 39.37 17.74
CA GLY I 262 6.45 38.26 18.67
C GLY I 262 5.22 37.41 18.75
N LYS I 263 4.05 38.03 18.84
CA LYS I 263 2.82 37.27 18.81
C LYS I 263 2.70 36.56 17.47
N PRO I 264 2.26 35.30 17.45
CA PRO I 264 2.17 34.59 16.17
C PRO I 264 1.21 35.32 15.24
N HIS I 265 1.49 35.25 13.96
CA HIS I 265 0.62 35.86 12.96
C HIS I 265 -0.78 35.28 13.07
N SER I 266 -1.77 36.16 13.16
CA SER I 266 -3.15 35.71 13.24
C SER I 266 -3.58 35.22 11.88
N THR I 267 -4.23 34.07 11.84
CA THR I 267 -4.81 33.55 10.61
C THR I 267 -6.22 33.05 10.88
N VAL I 268 -7.15 33.48 10.04
CA VAL I 268 -8.54 33.03 10.08
C VAL I 268 -8.82 32.34 8.76
N LYS I 269 -9.43 31.16 8.83
CA LYS I 269 -9.71 30.40 7.62
C LYS I 269 -10.56 31.21 6.66
N THR I 270 -10.18 31.17 5.38
CA THR I 270 -10.92 31.83 4.31
C THR I 270 -12.40 31.49 4.35
N LYS I 271 -12.73 30.21 4.18
CA LYS I 271 -14.12 29.84 3.97
C LYS I 271 -14.98 30.08 5.20
N THR I 272 -14.40 30.14 6.40
CA THR I 272 -15.16 30.56 7.57
C THR I 272 -15.63 32.00 7.41
N LEU I 273 -14.71 32.88 7.00
CA LEU I 273 -15.08 34.25 6.70
C LEU I 273 -16.12 34.29 5.59
N ALA I 274 -15.98 33.42 4.58
CA ALA I 274 -16.94 33.41 3.48
C ALA I 274 -18.34 33.06 3.97
N THR I 275 -18.44 32.01 4.79
CA THR I 275 -19.73 31.60 5.32
C THR I 275 -20.34 32.72 6.15
N SER I 276 -19.55 33.34 7.01
CA SER I 276 -20.08 34.42 7.84
C SER I 276 -20.55 35.57 6.97
N LEU I 277 -19.77 35.91 5.94
CA LEU I 277 -20.14 37.00 5.06
C LEU I 277 -21.47 36.70 4.38
N TYR I 278 -21.63 35.47 3.89
CA TYR I 278 -22.91 35.09 3.28
C TYR I 278 -24.05 35.26 4.28
N ASN I 279 -23.83 34.85 5.52
CA ASN I 279 -24.88 34.99 6.55
C ASN I 279 -25.25 36.46 6.72
N LEU I 280 -24.25 37.33 6.85
CA LEU I 280 -24.51 38.75 6.99
C LEU I 280 -25.28 39.29 5.79
N LEU I 281 -24.86 38.90 4.59
CA LEU I 281 -25.51 39.41 3.39
C LEU I 281 -26.96 38.96 3.31
N ALA I 282 -27.23 37.72 3.72
CA ALA I 282 -28.59 37.21 3.68
C ALA I 282 -29.55 38.01 4.54
N ARG I 283 -29.07 38.69 5.57
CA ARG I 283 -29.99 39.57 6.30
C ARG I 283 -30.27 40.87 5.58
N GLY I 284 -29.57 41.15 4.49
CA GLY I 284 -29.79 42.39 3.79
C GLY I 284 -29.08 43.59 4.38
N ALA I 285 -28.16 43.35 5.32
CA ALA I 285 -27.45 44.43 5.98
C ALA I 285 -26.44 45.09 5.05
N ASN I 286 -25.75 46.09 5.59
CA ASN I 286 -24.61 46.73 4.94
C ASN I 286 -23.34 46.30 5.65
N VAL I 287 -22.40 45.76 4.90
CA VAL I 287 -21.16 45.25 5.48
C VAL I 287 -19.97 45.85 4.75
N ASN I 288 -18.94 46.19 5.50
CA ASN I 288 -17.65 46.61 4.99
C ASN I 288 -16.60 45.62 5.49
N LEU I 289 -15.79 45.11 4.56
CA LEU I 289 -14.73 44.18 4.93
C LEU I 289 -13.47 44.93 5.35
N TYR I 290 -13.17 44.85 6.64
CA TYR I 290 -11.99 45.45 7.24
C TYR I 290 -11.01 44.32 7.55
N MET I 291 -9.83 44.34 6.96
CA MET I 291 -9.40 45.19 5.86
C MET I 291 -9.61 44.43 4.57
N PHE I 292 -9.75 45.15 3.47
CA PHE I 292 -9.73 44.53 2.15
C PHE I 292 -8.31 44.46 1.58
N ILE I 293 -7.59 45.57 1.65
CA ILE I 293 -6.14 45.59 1.59
C ILE I 293 -5.61 46.24 2.87
N GLY I 294 -4.54 45.67 3.40
CA GLY I 294 -3.87 46.21 4.56
C GLY I 294 -2.78 47.20 4.22
N GLY I 295 -1.93 46.89 3.24
CA GLY I 295 -0.87 47.82 2.96
C GLY I 295 0.30 47.77 3.92
N THR I 296 0.80 48.94 4.34
CA THR I 296 2.11 48.99 4.95
C THR I 296 2.12 49.96 6.11
N ASN I 297 2.88 49.58 7.13
CA ASN I 297 3.27 50.37 8.30
C ASN I 297 4.59 51.05 8.04
N PHE I 298 4.52 52.30 7.58
CA PHE I 298 5.72 53.03 7.22
C PHE I 298 6.44 53.46 8.49
N ALA I 299 7.63 54.04 8.29
CA ALA I 299 8.54 54.46 9.34
C ALA I 299 7.95 54.57 10.74
N TYR I 300 7.10 55.55 11.04
CA TYR I 300 6.63 55.55 12.42
C TYR I 300 5.12 55.48 12.52
N TRP I 301 4.46 54.98 11.48
CA TRP I 301 3.01 55.04 11.45
C TRP I 301 2.34 53.96 12.28
N ASN I 302 3.10 53.01 12.83
CA ASN I 302 2.47 51.95 13.60
C ASN I 302 1.89 52.50 14.90
N GLY I 303 0.91 51.77 15.43
CA GLY I 303 0.32 52.06 16.72
C GLY I 303 0.79 51.09 17.78
N ALA I 304 0.01 51.02 18.86
CA ALA I 304 0.34 50.14 19.97
C ALA I 304 -0.91 49.90 20.80
N ASN I 305 -0.90 48.77 21.51
CA ASN I 305 -1.91 48.44 22.48
C ASN I 305 -1.33 48.54 23.90
N THR I 306 -2.12 48.15 24.88
CA THR I 306 -1.67 48.02 26.26
C THR I 306 -2.15 46.68 26.79
N PRO I 307 -1.28 45.89 27.45
CA PRO I 307 0.12 46.18 27.76
C PRO I 307 0.98 46.26 26.51
N TYR I 308 1.99 47.13 26.53
CA TYR I 308 2.60 47.64 25.32
C TYR I 308 2.92 46.50 24.35
N GLU I 309 2.50 46.65 23.10
CA GLU I 309 2.80 45.66 22.09
C GLU I 309 2.69 46.28 20.71
N PRO I 310 3.77 46.80 20.15
CA PRO I 310 3.68 47.51 18.88
C PRO I 310 3.34 46.58 17.73
N GLN I 311 2.60 47.11 16.77
CA GLN I 311 2.28 46.40 15.56
C GLN I 311 3.47 46.44 14.60
N PRO I 312 3.69 45.40 13.82
CA PRO I 312 4.85 45.36 12.93
C PRO I 312 4.67 46.20 11.68
N THR I 313 5.71 46.18 10.85
CA THR I 313 5.71 46.89 9.57
C THR I 313 4.65 46.34 8.64
N SER I 314 4.60 45.03 8.48
CA SER I 314 3.57 44.44 7.64
C SER I 314 2.20 44.71 8.23
N TYR I 315 1.29 45.16 7.38
CA TYR I 315 -0.12 45.24 7.74
C TYR I 315 -0.93 44.31 6.85
N ASP I 316 -0.32 43.19 6.45
CA ASP I 316 -1.00 42.23 5.58
C ASP I 316 -2.40 41.92 6.06
N TYR I 317 -2.57 41.75 7.37
CA TYR I 317 -3.86 41.61 8.04
C TYR I 317 -4.54 40.28 7.71
N ASP I 318 -3.90 39.43 6.90
CA ASP I 318 -4.60 38.33 6.23
C ASP I 318 -5.77 38.83 5.40
N ALA I 319 -5.63 40.02 4.84
CA ALA I 319 -6.68 40.66 4.06
C ALA I 319 -6.92 39.92 2.74
N PRO I 320 -8.06 40.16 2.10
CA PRO I 320 -8.31 39.53 0.79
C PRO I 320 -7.26 39.88 -0.25
N LEU I 321 -6.75 41.10 -0.23
CA LEU I 321 -5.57 41.45 -1.00
C LEU I 321 -4.36 41.46 -0.08
N SER I 322 -3.31 40.76 -0.50
CA SER I 322 -2.12 40.66 0.32
C SER I 322 -1.41 42.01 0.37
N GLU I 323 -0.42 42.11 1.26
CA GLU I 323 0.27 43.39 1.43
C GLU I 323 0.73 43.94 0.10
N ALA I 324 1.26 43.09 -0.78
CA ALA I 324 1.72 43.53 -2.07
C ALA I 324 0.62 43.47 -3.11
N GLY I 325 -0.61 43.19 -2.69
CA GLY I 325 -1.75 43.27 -3.57
C GLY I 325 -2.06 42.00 -4.31
N ASP I 326 -1.52 40.86 -3.89
CA ASP I 326 -1.76 39.62 -4.61
C ASP I 326 -3.21 39.17 -4.47
N LEU I 327 -3.74 38.62 -5.56
CA LEU I 327 -5.00 37.91 -5.49
C LEU I 327 -4.82 36.61 -4.73
N THR I 328 -5.54 36.46 -3.63
CA THR I 328 -5.44 35.28 -2.79
C THR I 328 -6.70 34.44 -2.94
N LYS I 329 -6.63 33.20 -2.45
CA LYS I 329 -7.82 32.36 -2.46
C LYS I 329 -8.98 33.07 -1.77
N LYS I 330 -8.68 33.85 -0.74
CA LYS I 330 -9.70 34.63 -0.06
C LYS I 330 -10.38 35.61 -1.01
N TYR I 331 -9.60 36.27 -1.85
CA TYR I 331 -10.17 37.23 -2.79
C TYR I 331 -11.21 36.58 -3.69
N PHE I 332 -10.84 35.50 -4.39
CA PHE I 332 -11.81 34.83 -5.26
C PHE I 332 -12.98 34.27 -4.49
N ALA I 333 -12.75 33.75 -3.27
CA ALA I 333 -13.87 33.28 -2.46
C ALA I 333 -14.85 34.40 -2.16
N LEU I 334 -14.34 35.57 -1.83
CA LEU I 334 -15.22 36.67 -1.45
C LEU I 334 -15.94 37.22 -2.67
N ARG I 335 -15.23 37.36 -3.79
CA ARG I 335 -15.88 37.70 -5.05
C ARG I 335 -17.01 36.73 -5.38
N GLU I 336 -16.77 35.44 -5.20
CA GLU I 336 -17.81 34.45 -5.47
C GLU I 336 -19.00 34.67 -4.56
N VAL I 337 -18.75 34.92 -3.27
CA VAL I 337 -19.84 35.16 -2.34
C VAL I 337 -20.63 36.41 -2.74
N ILE I 338 -19.91 37.48 -3.05
CA ILE I 338 -20.56 38.76 -3.34
C ILE I 338 -21.40 38.67 -4.60
N GLN I 339 -20.89 37.98 -5.62
CA GLN I 339 -21.66 37.78 -6.86
C GLN I 339 -23.01 37.13 -6.61
N MET I 340 -23.25 36.56 -5.43
CA MET I 340 -24.59 36.07 -5.13
C MET I 340 -25.59 37.22 -5.07
N PHE I 341 -25.19 38.37 -4.51
CA PHE I 341 -26.11 39.45 -4.24
C PHE I 341 -25.96 40.66 -5.15
N LYS I 342 -25.00 40.65 -6.06
CA LYS I 342 -24.91 41.71 -7.04
C LYS I 342 -24.10 41.23 -8.23
N GLU I 343 -24.48 41.71 -9.41
CA GLU I 343 -23.65 41.49 -10.58
C GLU I 343 -22.26 42.07 -10.34
N VAL I 344 -21.24 41.32 -10.75
CA VAL I 344 -19.87 41.77 -10.53
C VAL I 344 -19.38 42.39 -11.84
N PRO I 345 -18.47 43.37 -11.80
CA PRO I 345 -18.06 44.03 -13.03
C PRO I 345 -17.54 43.04 -14.05
N GLU I 346 -17.71 43.38 -15.32
CA GLU I 346 -17.21 42.52 -16.38
C GLU I 346 -15.74 42.78 -16.63
N GLY I 347 -15.08 41.79 -17.21
CA GLY I 347 -13.69 41.92 -17.60
C GLY I 347 -12.71 41.24 -16.66
N PRO I 348 -11.51 41.02 -17.17
CA PRO I 348 -10.46 40.38 -16.37
C PRO I 348 -10.01 41.25 -15.21
N ILE I 349 -9.57 40.61 -14.14
CA ILE I 349 -9.18 41.32 -12.94
C ILE I 349 -7.68 41.62 -13.01
N PRO I 350 -7.25 42.82 -12.63
CA PRO I 350 -5.82 43.12 -12.62
C PRO I 350 -5.06 42.10 -11.78
N PRO I 351 -3.88 41.69 -12.21
CA PRO I 351 -3.23 40.55 -11.59
C PRO I 351 -2.46 40.93 -10.34
N SER I 352 -2.03 39.90 -9.62
CA SER I 352 -0.98 40.04 -8.65
C SER I 352 0.25 40.63 -9.32
N THR I 353 0.92 41.55 -8.63
CA THR I 353 2.03 42.21 -9.27
C THR I 353 3.16 41.22 -9.47
N PRO I 354 4.00 41.42 -10.47
CA PRO I 354 5.23 40.64 -10.60
C PRO I 354 6.19 40.93 -9.45
N LYS I 355 6.90 39.88 -9.03
CA LYS I 355 7.91 40.00 -7.99
C LYS I 355 9.26 39.57 -8.53
N PHE I 356 10.31 40.24 -8.06
CA PHE I 356 11.67 40.03 -8.55
C PHE I 356 12.65 39.86 -7.41
N ALA I 357 13.50 38.84 -7.51
CA ALA I 357 14.51 38.59 -6.49
C ALA I 357 15.78 39.27 -6.94
N TYR I 358 16.02 40.50 -6.47
CA TYR I 358 17.28 41.15 -6.81
C TYR I 358 18.48 40.47 -6.15
N GLY I 359 18.26 39.63 -5.15
CA GLY I 359 19.36 38.87 -4.59
C GLY I 359 20.08 39.60 -3.47
N LYS I 360 21.31 39.18 -3.23
CA LYS I 360 22.07 39.72 -2.10
C LYS I 360 22.73 41.04 -2.44
N VAL I 361 22.58 42.02 -1.55
CA VAL I 361 23.21 43.33 -1.66
C VAL I 361 23.97 43.60 -0.37
N ALA I 362 25.23 44.01 -0.48
CA ALA I 362 26.06 44.23 0.68
C ALA I 362 25.93 45.66 1.20
N LEU I 363 26.31 45.84 2.48
CA LEU I 363 26.33 47.15 3.12
C LEU I 363 27.71 47.41 3.72
N ARG I 364 27.83 48.55 4.40
CA ARG I 364 29.10 48.95 4.99
C ARG I 364 28.83 49.96 6.10
N LYS I 365 29.46 49.76 7.25
CA LYS I 365 29.35 50.70 8.36
C LYS I 365 29.66 52.12 7.92
N PHE I 366 28.68 53.01 8.06
CA PHE I 366 28.90 54.42 7.75
C PHE I 366 29.25 55.23 8.99
N LYS I 367 28.35 55.30 9.96
CA LYS I 367 28.53 56.12 11.15
C LYS I 367 27.39 55.87 12.11
N THR I 368 27.69 55.90 13.41
CA THR I 368 26.64 55.90 14.41
C THR I 368 25.90 57.23 14.41
N VAL I 369 24.70 57.20 15.00
CA VAL I 369 23.95 58.43 15.22
C VAL I 369 24.77 59.44 16.00
N ALA I 370 25.46 58.99 17.05
CA ALA I 370 26.18 59.93 17.90
C ALA I 370 27.24 60.70 17.10
N GLU I 371 27.97 60.01 16.25
CA GLU I 371 29.06 60.62 15.49
C GLU I 371 28.57 61.43 14.29
N ALA I 372 27.26 61.63 14.17
CA ALA I 372 26.72 62.32 13.00
C ALA I 372 25.56 63.25 13.37
N LEU I 373 25.41 63.59 14.64
CA LEU I 373 24.25 64.36 15.07
C LEU I 373 24.17 65.70 14.34
N GLY I 374 25.31 66.35 14.13
CA GLY I 374 25.30 67.60 13.38
C GLY I 374 24.70 67.42 12.01
N ILE I 375 25.12 66.38 11.30
CA ILE I 375 24.50 66.08 10.02
C ILE I 375 23.05 65.67 10.22
N LEU I 376 22.79 64.94 11.31
CA LEU I 376 21.43 64.53 11.63
C LEU I 376 20.57 65.68 12.13
N CYS I 377 21.17 66.67 12.79
CA CYS I 377 20.43 67.75 13.44
C CYS I 377 21.05 69.09 13.11
N PRO I 378 20.99 69.51 11.84
CA PRO I 378 21.79 70.67 11.42
C PRO I 378 21.28 71.99 11.97
N ASN I 379 20.01 72.06 12.38
CA ASN I 379 19.53 73.25 13.07
C ASN I 379 20.24 73.43 14.41
N GLY I 380 20.40 72.34 15.15
CA GLY I 380 21.14 72.36 16.38
C GLY I 380 20.44 71.56 17.47
N PRO I 381 21.15 71.30 18.56
CA PRO I 381 20.61 70.41 19.59
C PRO I 381 19.76 71.13 20.61
N VAL I 382 19.28 70.39 21.61
CA VAL I 382 18.42 70.93 22.66
C VAL I 382 19.09 70.68 24.00
N LYS I 383 18.96 71.63 24.92
CA LYS I 383 19.51 71.50 26.25
C LYS I 383 18.40 71.65 27.28
N SER I 384 18.49 70.88 28.37
CA SER I 384 17.46 70.88 29.38
C SER I 384 18.03 70.43 30.72
N LEU I 385 17.52 71.02 31.80
CA LEU I 385 17.93 70.63 33.14
C LEU I 385 17.63 69.16 33.40
N TYR I 386 16.40 68.72 33.15
CA TYR I 386 16.05 67.32 33.30
C TYR I 386 15.69 66.80 31.92
N PRO I 387 15.61 65.48 31.70
CA PRO I 387 15.32 64.99 30.35
C PRO I 387 13.93 65.43 29.91
N LEU I 388 13.80 65.66 28.61
CA LEU I 388 12.53 65.94 27.96
C LEU I 388 12.06 64.75 27.13
N THR I 389 10.74 64.63 26.98
CA THR I 389 10.16 63.55 26.19
C THR I 389 10.30 63.85 24.70
N PHE I 390 10.03 62.82 23.89
CA PHE I 390 9.96 62.98 22.44
C PHE I 390 9.11 64.19 22.06
N THR I 391 7.92 64.31 22.63
CA THR I 391 7.09 65.47 22.34
C THR I 391 7.73 66.75 22.88
N GLN I 392 8.24 66.69 24.11
CA GLN I 392 8.85 67.86 24.74
C GLN I 392 10.01 68.40 23.92
N VAL I 393 10.67 67.55 23.14
CA VAL I 393 11.79 67.99 22.32
C VAL I 393 11.35 68.25 20.88
N LYS I 394 10.03 68.22 20.63
CA LYS I 394 9.48 68.61 19.33
C LYS I 394 9.96 67.68 18.23
N GLN I 395 10.07 66.39 18.56
CA GLN I 395 10.29 65.36 17.55
C GLN I 395 9.17 64.35 17.69
N TYR I 396 8.28 64.34 16.69
CA TYR I 396 7.04 63.59 16.75
C TYR I 396 7.23 62.11 16.44
N PHE I 397 8.37 61.73 15.89
CA PHE I 397 8.64 60.36 15.50
C PHE I 397 10.13 60.11 15.70
N GLY I 398 10.65 59.08 15.04
CA GLY I 398 12.09 58.90 15.00
C GLY I 398 12.68 58.45 16.32
N TYR I 399 13.92 58.85 16.55
CA TYR I 399 14.68 58.48 17.73
C TYR I 399 15.32 59.73 18.30
N VAL I 400 15.64 59.69 19.59
CA VAL I 400 16.15 60.86 20.28
C VAL I 400 17.40 60.48 21.07
N LEU I 401 18.42 61.33 20.98
CA LEU I 401 19.66 61.10 21.71
C LEU I 401 19.64 61.88 23.03
N TYR I 402 19.84 61.19 24.13
CA TYR I 402 19.94 61.79 25.45
C TYR I 402 21.39 61.72 25.90
N ARG I 403 21.97 62.84 26.30
CA ARG I 403 23.37 62.87 26.65
C ARG I 403 23.51 63.51 28.02
N THR I 404 24.36 62.92 28.86
CA THR I 404 24.74 63.55 30.12
C THR I 404 26.17 63.16 30.45
N THR I 405 26.62 63.54 31.64
CA THR I 405 27.94 63.20 32.16
C THR I 405 27.76 62.32 33.38
N LEU I 406 28.62 61.33 33.54
CA LEU I 406 28.55 60.49 34.72
C LEU I 406 29.00 61.25 35.96
N PRO I 407 28.18 61.31 37.02
CA PRO I 407 28.56 62.10 38.20
C PRO I 407 29.43 61.33 39.18
N GLN I 408 29.55 60.02 38.98
CA GLN I 408 30.30 59.15 39.88
C GLN I 408 31.17 58.22 39.04
N ASP I 409 32.30 57.80 39.61
CA ASP I 409 33.10 56.76 39.01
C ASP I 409 32.31 55.46 38.95
N CYS I 410 32.32 54.81 37.78
CA CYS I 410 31.65 53.53 37.64
C CYS I 410 32.63 52.47 37.17
N SER I 411 33.81 52.40 37.80
CA SER I 411 34.75 51.34 37.47
C SER I 411 34.17 49.97 37.77
N ASN I 412 33.47 49.84 38.89
CA ASN I 412 32.65 48.65 39.10
C ASN I 412 31.27 48.86 38.50
N PRO I 413 30.68 47.81 37.90
CA PRO I 413 29.41 47.99 37.19
C PRO I 413 28.32 48.54 38.08
N LYS I 414 27.87 49.74 37.80
CA LYS I 414 26.82 50.35 38.58
C LYS I 414 25.47 50.14 37.88
N PRO I 415 24.39 50.02 38.66
CA PRO I 415 23.09 49.66 38.09
C PRO I 415 22.34 50.87 37.55
N ILE I 416 22.14 50.91 36.23
CA ILE I 416 21.05 51.70 35.67
C ILE I 416 19.74 51.02 36.05
N PHE I 417 18.83 51.76 36.64
CA PHE I 417 17.73 51.16 37.36
C PHE I 417 16.51 52.07 37.24
N SER I 418 15.55 51.88 38.14
CA SER I 418 14.29 52.60 38.13
C SER I 418 14.49 54.11 38.00
N SER I 419 13.46 54.76 37.47
CA SER I 419 13.26 56.20 37.56
C SER I 419 12.08 56.37 38.50
N PRO I 420 11.69 57.60 38.88
CA PRO I 420 10.66 57.72 39.93
C PRO I 420 9.35 57.01 39.63
N PHE I 421 8.90 56.94 38.38
CA PHE I 421 7.65 56.22 38.12
C PHE I 421 7.74 55.39 36.85
N ASN I 422 8.89 54.75 36.61
CA ASN I 422 8.99 53.71 35.57
C ASN I 422 8.56 54.26 34.21
N GLY I 423 9.21 55.35 33.82
CA GLY I 423 8.82 56.12 32.64
C GLY I 423 9.82 56.18 31.50
N VAL I 424 10.58 55.11 31.27
CA VAL I 424 11.33 54.94 30.04
C VAL I 424 10.50 54.14 29.05
N ARG I 425 10.23 54.75 27.89
CA ARG I 425 9.39 54.15 26.85
C ARG I 425 9.92 54.54 25.48
N ASP I 426 10.06 53.58 24.57
CA ASP I 426 9.72 52.19 24.85
C ASP I 426 10.98 51.33 24.85
N ARG I 427 12.07 51.86 24.29
CA ARG I 427 13.31 51.10 24.21
C ARG I 427 14.46 52.07 24.20
N ALA I 428 15.51 51.74 24.96
CA ALA I 428 16.71 52.56 25.00
C ALA I 428 17.98 51.73 24.80
N TYR I 429 18.83 52.14 23.89
CA TYR I 429 20.15 51.55 23.70
C TYR I 429 21.17 52.43 24.42
N VAL I 430 21.87 51.85 25.39
CA VAL I 430 22.69 52.61 26.33
C VAL I 430 24.16 52.45 25.99
N SER I 431 24.91 53.54 26.03
CA SER I 431 26.34 53.48 25.75
C SER I 431 27.03 54.66 26.41
N VAL I 432 28.36 54.57 26.50
CA VAL I 432 29.19 55.63 27.05
C VAL I 432 30.38 55.84 26.13
N ASP I 433 30.49 57.03 25.54
CA ASP I 433 31.57 57.37 24.63
C ASP I 433 31.78 56.29 23.56
N GLY I 434 30.66 55.83 22.99
CA GLY I 434 30.75 54.87 21.90
C GLY I 434 31.05 53.45 22.34
N VAL I 435 30.75 53.11 23.59
CA VAL I 435 30.88 51.75 24.08
C VAL I 435 29.47 51.24 24.41
N PRO I 436 28.87 50.45 23.53
CA PRO I 436 27.49 50.00 23.76
C PRO I 436 27.38 49.14 25.01
N GLN I 437 26.35 49.40 25.81
CA GLN I 437 26.19 48.75 27.10
C GLN I 437 25.00 47.79 27.14
N GLY I 438 24.11 47.84 26.16
CA GLY I 438 22.96 46.96 26.14
C GLY I 438 21.67 47.74 25.98
N ILE I 439 20.57 47.06 26.34
CA ILE I 439 19.23 47.49 25.99
C ILE I 439 18.40 47.70 27.25
N LEU I 440 17.32 48.45 27.09
CA LEU I 440 16.33 48.68 28.14
C LEU I 440 14.97 48.79 27.47
N ASP I 441 13.93 48.29 28.13
CA ASP I 441 12.60 48.39 27.55
C ASP I 441 11.56 48.26 28.66
N ARG I 442 10.32 48.60 28.31
CA ARG I 442 9.24 48.66 29.28
C ARG I 442 8.63 47.28 29.46
N ASN I 443 8.47 46.89 30.73
CA ASN I 443 7.90 45.61 31.17
C ASN I 443 8.85 44.44 30.94
N LEU I 444 9.98 44.69 30.30
CA LEU I 444 10.91 43.61 29.98
C LEU I 444 12.25 43.76 30.69
N MET I 445 12.95 44.88 30.50
CA MET I 445 14.28 45.07 31.07
C MET I 445 14.45 46.54 31.45
N THR I 446 14.51 46.82 32.75
CA THR I 446 14.74 48.17 33.25
C THR I 446 16.01 48.31 34.07
N ALA I 447 16.75 47.22 34.30
CA ALA I 447 17.98 47.24 35.07
C ALA I 447 19.13 46.74 34.20
N LEU I 448 20.28 47.39 34.32
CA LEU I 448 21.44 47.04 33.51
C LEU I 448 22.69 47.57 34.16
N ASN I 449 23.69 46.72 34.35
CA ASN I 449 24.96 47.16 34.89
C ASN I 449 25.80 47.83 33.81
N ILE I 450 26.39 48.99 34.14
CA ILE I 450 27.18 49.77 33.20
C ILE I 450 28.52 50.09 33.83
N GLN I 451 29.48 50.47 32.99
CA GLN I 451 30.83 50.77 33.46
C GLN I 451 31.40 51.97 32.72
N GLY I 452 32.01 52.88 33.46
CA GLY I 452 32.73 53.99 32.87
C GLY I 452 33.31 54.88 33.94
N LYS I 453 34.26 55.72 33.52
CA LYS I 453 34.90 56.63 34.45
C LYS I 453 34.00 57.82 34.76
N ALA I 454 34.22 58.41 35.94
CA ALA I 454 33.50 59.63 36.31
C ALA I 454 33.72 60.73 35.27
N GLY I 455 32.65 61.44 34.95
CA GLY I 455 32.68 62.47 33.93
C GLY I 455 32.57 61.98 32.51
N ALA I 456 32.48 60.68 32.30
CA ALA I 456 32.31 60.14 30.96
C ALA I 456 30.95 60.51 30.38
N THR I 457 30.92 60.71 29.07
CA THR I 457 29.70 61.08 28.37
C THR I 457 28.83 59.84 28.20
N LEU I 458 27.64 59.89 28.80
CA LEU I 458 26.65 58.81 28.67
C LEU I 458 25.63 59.20 27.61
N ASP I 459 25.53 58.38 26.56
CA ASP I 459 24.59 58.56 25.48
C ASP I 459 23.56 57.44 25.48
N ILE I 460 22.28 57.82 25.49
CA ILE I 460 21.15 56.91 25.47
C ILE I 460 20.34 57.20 24.21
N LEU I 461 20.16 56.19 23.37
CA LEU I 461 19.37 56.34 22.15
C LEU I 461 17.99 55.75 22.40
N VAL I 462 16.97 56.60 22.39
CA VAL I 462 15.61 56.20 22.73
C VAL I 462 14.81 56.11 21.46
N GLU I 463 14.16 54.96 21.27
CA GLU I 463 13.33 54.69 20.10
C GLU I 463 11.86 54.83 20.46
N ASN I 464 11.11 55.56 19.64
CA ASN I 464 9.66 55.55 19.74
C ASN I 464 9.18 54.32 18.97
N MET I 465 8.71 53.31 19.69
CA MET I 465 8.26 52.08 19.08
C MET I 465 6.80 52.17 18.63
N GLY I 466 6.17 53.32 18.79
CA GLY I 466 4.79 53.55 18.36
C GLY I 466 3.89 54.03 19.48
N ARG I 467 3.20 55.14 19.24
CA ARG I 467 2.27 55.67 20.22
C ARG I 467 1.03 54.79 20.25
N VAL I 468 0.60 54.44 21.47
CA VAL I 468 -0.58 53.58 21.62
C VAL I 468 -1.75 54.16 20.85
N ASN I 469 -2.46 53.29 20.15
CA ASN I 469 -3.56 53.69 19.28
C ASN I 469 -4.92 53.26 19.79
N TYR I 470 -4.98 52.54 20.91
CA TYR I 470 -6.24 52.02 21.43
C TYR I 470 -6.19 51.95 22.94
N GLY I 471 -7.29 52.32 23.57
CA GLY I 471 -7.43 52.19 25.00
C GLY I 471 -7.42 53.53 25.69
N ARG I 472 -7.06 53.55 26.96
CA ARG I 472 -6.93 54.80 27.68
C ARG I 472 -5.55 55.41 27.54
N PHE I 473 -4.53 54.57 27.46
CA PHE I 473 -3.14 55.06 27.56
C PHE I 473 -2.71 55.78 26.29
N ILE I 474 -3.34 56.93 26.04
CA ILE I 474 -2.91 57.82 24.96
C ILE I 474 -1.89 58.84 25.44
N ASN I 475 -1.73 59.02 26.75
CA ASN I 475 -0.68 59.86 27.29
C ASN I 475 0.66 59.13 27.30
N ASP I 476 1.13 58.84 26.09
CA ASP I 476 2.22 57.92 25.82
C ASP I 476 3.41 58.83 25.56
N PHE I 477 4.18 59.09 26.63
CA PHE I 477 5.22 60.10 26.58
C PHE I 477 6.31 59.80 25.55
N LYS I 478 6.90 58.59 25.58
CA LYS I 478 7.96 58.25 24.63
C LYS I 478 9.34 58.75 25.02
N GLY I 479 10.09 57.92 25.75
CA GLY I 479 11.40 58.33 26.23
C GLY I 479 11.54 58.61 27.71
N LEU I 480 12.50 59.46 28.06
CA LEU I 480 12.61 59.97 29.42
C LEU I 480 11.69 61.16 29.64
N ILE I 481 10.83 61.05 30.64
CA ILE I 481 10.09 62.17 31.19
C ILE I 481 10.58 62.53 32.59
N SER I 482 10.73 61.51 33.44
CA SER I 482 11.07 61.74 34.84
C SER I 482 12.57 61.86 35.03
N ASN I 483 12.97 62.18 36.25
CA ASN I 483 14.37 62.42 36.57
C ASN I 483 15.12 61.10 36.37
N MET I 484 15.97 61.03 35.35
CA MET I 484 16.69 59.80 35.09
C MET I 484 17.63 59.48 36.25
N THR I 485 17.59 58.24 36.72
CA THR I 485 18.33 57.83 37.90
C THR I 485 19.14 56.58 37.60
N ILE I 486 20.36 56.55 38.10
CA ILE I 486 21.22 55.37 38.06
C ILE I 486 21.51 54.98 39.50
N ASN I 487 21.12 53.75 39.87
CA ASN I 487 21.22 53.29 41.25
C ASN I 487 20.55 54.28 42.19
N SER I 488 19.36 54.73 41.81
CA SER I 488 18.59 55.71 42.56
C SER I 488 19.40 56.98 42.82
N THR I 489 20.14 57.44 41.81
CA THR I 489 20.89 58.68 41.88
C THR I 489 20.50 59.57 40.71
N VAL I 490 20.07 60.79 41.02
CA VAL I 490 19.47 61.71 40.05
C VAL I 490 20.49 62.10 38.98
N LEU I 491 20.01 62.70 37.90
CA LEU I 491 20.88 63.12 36.81
C LEU I 491 20.32 64.39 36.19
N THR I 492 21.13 65.44 36.16
CA THR I 492 20.76 66.72 35.58
C THR I 492 21.64 67.00 34.36
N ASN I 493 21.49 68.21 33.79
CA ASN I 493 22.34 68.70 32.71
C ASN I 493 22.28 67.79 31.49
N TRP I 494 21.09 67.69 30.90
CA TRP I 494 20.87 66.80 29.77
C TRP I 494 20.90 67.58 28.47
N THR I 495 21.46 66.95 27.43
CA THR I 495 21.40 67.46 26.07
C THR I 495 20.69 66.44 25.19
N VAL I 496 19.58 66.83 24.61
CA VAL I 496 18.81 65.96 23.74
C VAL I 496 19.07 66.34 22.29
N PHE I 497 18.92 65.35 21.41
CA PHE I 497 19.22 65.52 19.99
C PHE I 497 18.10 64.91 19.17
N PRO I 498 17.21 65.75 18.62
CA PRO I 498 16.26 65.29 17.60
C PRO I 498 16.98 64.96 16.30
N LEU I 499 16.54 63.89 15.63
CA LEU I 499 17.26 63.40 14.46
C LEU I 499 16.42 63.59 13.21
N ASP I 500 16.91 64.40 12.28
CA ASP I 500 16.30 64.57 10.96
C ASP I 500 16.75 63.42 10.06
N THR I 501 16.23 62.23 10.36
CA THR I 501 16.63 61.06 9.60
C THR I 501 16.19 61.12 8.14
N GLU I 502 15.07 61.77 7.85
CA GLU I 502 14.54 61.74 6.50
C GLU I 502 15.37 62.58 5.56
N ALA I 503 15.58 63.85 5.90
CA ALA I 503 16.43 64.70 5.07
C ALA I 503 17.84 64.17 5.02
N MET I 504 18.33 63.61 6.14
CA MET I 504 19.68 63.07 6.17
C MET I 504 19.84 61.94 5.17
N VAL I 505 18.85 61.05 5.09
CA VAL I 505 18.93 59.97 4.12
C VAL I 505 18.81 60.51 2.71
N ARG I 506 17.88 61.46 2.50
CA ARG I 506 17.69 62.01 1.17
C ARG I 506 18.88 62.81 0.66
N ASN I 507 19.78 63.26 1.54
CA ASN I 507 20.92 64.06 1.13
C ASN I 507 22.23 63.26 1.15
N HIS I 508 22.47 62.53 2.22
CA HIS I 508 23.71 61.75 2.41
C HIS I 508 24.95 62.64 2.33
N LEU I 509 24.89 63.77 3.04
CA LEU I 509 25.99 64.74 3.08
C LEU I 509 26.39 65.20 1.68
N TRP I 510 25.39 65.40 0.82
CA TRP I 510 25.68 65.79 -0.56
C TRP I 510 24.92 67.06 -0.93
N ASP I 530 28.22 41.97 22.91
CA ASP I 530 28.76 42.26 21.58
C ASP I 530 27.74 42.99 20.73
N LEU I 531 26.71 43.53 21.36
CA LEU I 531 25.71 44.30 20.64
C LEU I 531 26.33 45.56 20.07
N ILE I 532 26.10 45.81 18.80
CA ILE I 532 26.74 46.89 18.08
C ILE I 532 25.91 48.16 18.23
N LEU I 533 26.57 49.26 18.61
CA LEU I 533 26.01 50.60 18.71
C LEU I 533 25.11 50.88 17.50
N PRO I 534 23.99 51.56 17.69
CA PRO I 534 23.16 51.96 16.56
C PRO I 534 23.96 52.73 15.51
N THR I 535 24.05 52.14 14.33
CA THR I 535 24.95 52.62 13.29
C THR I 535 24.28 52.45 11.93
N PHE I 536 24.76 53.21 10.96
CA PHE I 536 24.21 53.21 9.61
C PHE I 536 25.11 52.41 8.67
N TYR I 537 24.50 51.52 7.90
CA TYR I 537 25.16 50.70 6.91
C TYR I 537 24.52 50.99 5.57
N VAL I 538 25.30 51.54 4.65
CA VAL I 538 24.82 51.99 3.36
C VAL I 538 25.35 51.05 2.30
N GLY I 539 24.43 50.51 1.50
CA GLY I 539 24.80 49.69 0.37
C GLY I 539 24.10 50.16 -0.88
N ASN I 540 24.64 49.77 -2.02
CA ASN I 540 24.07 50.17 -3.29
C ASN I 540 23.69 48.94 -4.09
N PHE I 541 22.72 49.10 -4.97
CA PHE I 541 22.48 48.10 -6.00
C PHE I 541 21.96 48.80 -7.23
N SER I 542 22.26 48.22 -8.38
CA SER I 542 21.89 48.78 -9.66
C SER I 542 20.83 47.90 -10.31
N ILE I 543 20.01 48.51 -11.13
CA ILE I 543 18.96 47.78 -11.84
C ILE I 543 19.11 48.13 -13.31
N PRO I 544 19.10 47.15 -14.20
CA PRO I 544 19.34 47.47 -15.61
C PRO I 544 18.18 48.27 -16.18
N SER I 545 18.52 49.15 -17.11
CA SER I 545 17.57 49.97 -17.84
C SER I 545 17.04 49.22 -19.05
N GLY I 546 15.93 49.72 -19.57
CA GLY I 546 15.40 49.15 -20.79
C GLY I 546 14.72 47.81 -20.65
N ILE I 547 14.38 47.41 -19.43
CA ILE I 547 13.63 46.17 -19.25
C ILE I 547 12.19 46.55 -18.91
N PRO I 548 11.24 46.31 -19.80
CA PRO I 548 9.87 46.81 -19.61
C PRO I 548 9.28 46.44 -18.28
N ASP I 549 9.59 45.23 -17.81
CA ASP I 549 9.03 44.67 -16.59
C ASP I 549 9.99 44.77 -15.42
N LEU I 550 10.97 45.66 -15.49
CA LEU I 550 11.80 46.03 -14.37
C LEU I 550 11.79 47.54 -14.23
N PRO I 551 11.79 48.08 -13.00
CA PRO I 551 11.81 47.42 -11.69
C PRO I 551 10.49 46.78 -11.31
N GLN I 552 10.53 45.80 -10.41
CA GLN I 552 9.34 45.19 -9.84
C GLN I 552 9.32 45.32 -8.32
N ASP I 553 8.13 45.22 -7.76
CA ASP I 553 7.97 45.12 -6.32
C ASP I 553 8.84 43.98 -5.79
N THR I 554 9.25 44.09 -4.53
CA THR I 554 10.10 43.06 -3.96
C THR I 554 9.94 43.02 -2.44
N PHE I 555 10.67 42.11 -1.80
CA PHE I 555 10.63 41.95 -0.36
C PHE I 555 12.06 41.89 0.15
N ILE I 556 12.37 42.68 1.17
CA ILE I 556 13.72 42.72 1.72
C ILE I 556 13.81 41.92 3.00
N GLN I 557 14.86 41.12 3.11
CA GLN I 557 15.11 40.25 4.24
C GLN I 557 16.47 40.60 4.84
N PHE I 558 16.59 40.38 6.14
CA PHE I 558 17.75 40.81 6.92
C PHE I 558 18.32 39.65 7.73
N PRO I 559 18.80 38.60 7.08
CA PRO I 559 19.30 37.46 7.85
C PRO I 559 20.56 37.86 8.60
N GLY I 560 20.56 37.61 9.90
CA GLY I 560 21.68 37.95 10.74
C GLY I 560 21.59 39.31 11.40
N TRP I 561 20.71 40.19 10.91
CA TRP I 561 20.45 41.45 11.56
C TRP I 561 19.49 41.24 12.73
N SER I 562 19.35 42.28 13.56
CA SER I 562 18.47 42.17 14.72
C SER I 562 17.28 43.12 14.62
N LYS I 563 17.50 44.42 14.46
CA LYS I 563 16.40 45.38 14.56
C LYS I 563 16.83 46.78 14.11
N GLY I 564 16.07 47.40 13.23
CA GLY I 564 16.33 48.79 12.91
C GLY I 564 15.37 49.34 11.89
N GLN I 565 15.82 50.39 11.22
CA GLN I 565 15.03 51.16 10.27
C GLN I 565 15.73 51.09 8.92
N VAL I 566 14.96 51.10 7.85
CA VAL I 566 15.53 50.99 6.51
C VAL I 566 14.91 52.02 5.57
N TRP I 567 15.76 52.66 4.77
CA TRP I 567 15.32 53.58 3.73
C TRP I 567 15.88 53.10 2.40
N ILE I 568 15.11 53.30 1.34
CA ILE I 568 15.64 53.20 -0.02
C ILE I 568 15.36 54.50 -0.76
N ASN I 569 16.42 55.08 -1.33
CA ASN I 569 16.33 56.38 -2.01
C ASN I 569 15.57 57.40 -1.16
N GLY I 570 15.80 57.35 0.15
CA GLY I 570 15.20 58.30 1.06
C GLY I 570 13.80 57.97 1.50
N PHE I 571 13.18 56.94 0.94
CA PHE I 571 11.85 56.55 1.37
C PHE I 571 11.99 55.54 2.51
N ASN I 572 11.46 55.90 3.67
CA ASN I 572 11.54 55.10 4.88
C ASN I 572 10.55 53.94 4.80
N LEU I 573 11.04 52.73 4.58
CA LEU I 573 10.16 51.59 4.38
C LEU I 573 9.55 51.08 5.68
N GLY I 574 10.10 51.46 6.82
CA GLY I 574 9.58 51.03 8.11
C GLY I 574 10.55 50.26 8.98
N ARG I 575 10.04 49.53 9.96
CA ARG I 575 10.88 48.87 10.94
C ARG I 575 11.02 47.40 10.61
N TYR I 576 12.22 46.86 10.81
CA TYR I 576 12.42 45.43 10.68
C TYR I 576 12.83 44.84 12.02
N TRP I 577 12.47 43.57 12.22
CA TRP I 577 12.79 42.88 13.46
C TRP I 577 12.69 41.37 13.23
N PRO I 578 13.51 40.80 12.34
CA PRO I 578 13.40 39.35 12.09
C PRO I 578 13.61 38.50 13.32
N THR I 579 14.56 38.88 14.17
CA THR I 579 14.85 38.07 15.35
C THR I 579 13.69 38.04 16.32
N MET I 580 12.79 39.02 16.25
CA MET I 580 11.57 38.98 17.05
C MET I 580 10.40 38.37 16.30
N GLY I 581 10.32 38.63 14.99
CA GLY I 581 9.23 38.16 14.17
C GLY I 581 7.89 38.68 14.65
N PRO I 582 6.80 38.21 14.04
CA PRO I 582 6.67 37.16 13.03
C PRO I 582 6.99 37.68 11.65
N GLN I 583 6.96 39.00 11.49
CA GLN I 583 7.35 39.62 10.23
C GLN I 583 8.83 39.44 9.98
N LYS I 584 9.17 38.96 8.79
CA LYS I 584 10.55 38.90 8.34
C LYS I 584 10.79 39.83 7.16
N THR I 585 10.04 39.66 6.08
CA THR I 585 10.25 40.45 4.88
C THR I 585 9.60 41.82 5.02
N LEU I 586 10.14 42.79 4.28
CA LEU I 586 9.52 44.10 4.17
C LEU I 586 9.10 44.34 2.73
N PHE I 587 7.89 44.86 2.55
CA PHE I 587 7.39 45.22 1.22
C PHE I 587 8.14 46.39 0.62
N VAL I 588 8.62 46.22 -0.61
CA VAL I 588 9.28 47.29 -1.32
C VAL I 588 8.47 47.58 -2.58
N PRO I 589 7.75 48.69 -2.66
CA PRO I 589 7.02 49.02 -3.88
C PRO I 589 7.99 49.49 -4.96
N ARG I 590 7.72 49.09 -6.20
CA ARG I 590 8.64 49.35 -7.28
C ARG I 590 8.80 50.83 -7.59
N ASN I 591 7.91 51.68 -7.06
CA ASN I 591 7.95 53.10 -7.39
C ASN I 591 9.26 53.74 -6.96
N ILE I 592 9.89 53.21 -5.91
CA ILE I 592 11.07 53.86 -5.33
C ILE I 592 12.38 53.45 -5.98
N LEU I 593 12.37 52.47 -6.87
CA LEU I 593 13.59 52.07 -7.56
C LEU I 593 13.75 52.85 -8.84
N THR I 594 14.98 53.27 -9.12
CA THR I 594 15.29 54.05 -10.31
C THR I 594 16.39 53.35 -11.09
N THR I 595 16.11 53.04 -12.34
CA THR I 595 17.07 52.38 -13.22
C THR I 595 18.11 53.38 -13.72
N SER I 596 19.25 52.84 -14.11
CA SER I 596 20.50 53.57 -14.33
C SER I 596 21.00 54.29 -13.08
N ALA I 597 20.16 55.10 -12.45
CA ALA I 597 20.62 55.83 -11.27
C ALA I 597 20.81 54.83 -10.13
N PRO I 598 21.92 54.90 -9.40
CA PRO I 598 22.19 53.90 -8.36
C PRO I 598 21.13 53.89 -7.27
N ASN I 599 20.75 52.68 -6.85
CA ASN I 599 19.90 52.51 -5.69
C ASN I 599 20.73 52.50 -4.42
N ASN I 600 20.34 53.33 -3.45
CA ASN I 600 21.14 53.60 -2.26
C ASN I 600 20.35 53.26 -1.00
N ILE I 601 20.49 52.02 -0.54
CA ILE I 601 19.83 51.55 0.67
C ILE I 601 20.61 51.99 1.89
N THR I 602 19.90 52.52 2.89
CA THR I 602 20.49 52.91 4.16
C THR I 602 19.78 52.14 5.27
N VAL I 603 20.55 51.45 6.11
CA VAL I 603 20.02 50.73 7.26
C VAL I 603 20.56 51.34 8.53
N LEU I 604 19.67 51.71 9.43
CA LEU I 604 20.04 52.09 10.79
C LEU I 604 19.78 50.89 11.67
N GLU I 605 20.85 50.21 12.06
CA GLU I 605 20.77 49.03 12.91
C GLU I 605 20.99 49.40 14.37
N LEU I 606 20.08 48.93 15.22
CA LEU I 606 20.07 49.32 16.62
C LEU I 606 20.71 48.29 17.53
N GLU I 607 20.80 47.04 17.09
CA GLU I 607 21.21 45.99 18.01
C GLU I 607 22.42 45.19 17.55
N PHE I 608 22.47 44.81 16.28
CA PHE I 608 23.50 43.87 15.84
C PHE I 608 23.64 43.83 14.33
N ALA I 609 24.87 43.88 13.82
CA ALA I 609 25.11 43.72 12.40
C ALA I 609 26.22 42.71 12.16
N PRO I 610 26.11 41.91 11.11
CA PRO I 610 27.12 40.88 10.80
C PRO I 610 28.30 41.43 10.01
N CYS I 611 28.94 42.47 10.55
CA CYS I 611 29.78 43.31 9.70
C CYS I 611 31.10 43.71 10.35
N SER I 612 31.46 43.11 11.49
CA SER I 612 32.72 43.44 12.14
C SER I 612 33.88 42.60 11.60
N GLU I 613 33.65 41.31 11.37
CA GLU I 613 34.70 40.38 11.00
C GLU I 613 35.05 40.55 9.52
N GLY I 614 35.87 39.64 9.00
CA GLY I 614 36.34 39.66 7.64
C GLY I 614 35.44 38.97 6.64
N THR I 615 34.25 38.53 7.05
CA THR I 615 33.33 37.88 6.13
C THR I 615 32.38 38.94 5.58
N PRO I 616 32.48 39.32 4.31
CA PRO I 616 31.60 40.35 3.76
C PRO I 616 30.24 39.81 3.36
N GLU I 617 30.20 38.54 2.95
CA GLU I 617 28.94 37.93 2.53
C GLU I 617 27.88 37.99 3.62
N LEU I 618 28.29 37.95 4.88
CA LEU I 618 27.31 38.03 5.96
C LEU I 618 26.72 39.43 6.08
N CYS I 619 27.50 40.45 5.75
CA CYS I 619 27.04 41.83 5.82
C CYS I 619 26.20 42.21 4.61
N THR I 620 25.17 41.41 4.32
CA THR I 620 24.32 41.63 3.16
C THR I 620 22.86 41.44 3.55
N VAL I 621 22.00 42.23 2.90
CA VAL I 621 20.58 42.02 2.94
C VAL I 621 20.19 41.33 1.63
N GLU I 622 18.95 40.87 1.54
CA GLU I 622 18.53 40.21 0.31
C GLU I 622 17.20 40.75 -0.19
N PHE I 623 17.04 40.74 -1.50
CA PHE I 623 15.76 40.98 -2.15
C PHE I 623 15.21 39.65 -2.65
N VAL I 624 13.97 39.35 -2.26
CA VAL I 624 13.27 38.12 -2.57
C VAL I 624 11.95 38.48 -3.25
N ASP I 625 11.37 37.49 -3.90
CA ASP I 625 10.16 37.67 -4.69
C ASP I 625 8.91 37.23 -3.94
N THR I 626 8.96 36.11 -3.21
CA THR I 626 7.80 35.60 -2.49
C THR I 626 7.90 36.01 -1.03
N PRO I 627 6.91 36.73 -0.49
CA PRO I 627 7.02 37.16 0.91
C PRO I 627 7.03 35.97 1.85
N VAL I 628 7.74 36.12 2.96
CA VAL I 628 7.71 35.19 4.07
C VAL I 628 7.40 35.99 5.33
N ILE I 629 6.14 36.03 5.73
CA ILE I 629 5.72 36.77 6.91
C ILE I 629 5.11 35.89 7.99
N SER I 630 4.82 34.63 7.68
CA SER I 630 4.28 33.69 8.66
C SER I 630 4.32 32.27 8.12
N SER J 10 -20.45 80.98 33.01
CA SER J 10 -21.57 80.70 32.11
C SER J 10 -22.50 79.65 32.70
N ALA J 11 -22.67 78.55 31.96
CA ALA J 11 -23.54 77.49 32.41
C ALA J 11 -22.95 76.81 33.66
N PRO J 12 -23.81 76.28 34.53
CA PRO J 12 -23.31 75.59 35.73
C PRO J 12 -22.98 74.14 35.45
N ASP J 13 -21.68 73.86 35.35
CA ASP J 13 -21.20 72.51 35.07
C ASP J 13 -21.78 71.48 36.02
N GLN J 14 -22.03 71.86 37.27
CA GLN J 14 -22.59 70.92 38.24
C GLN J 14 -24.04 70.58 37.93
N ASP J 15 -24.69 71.32 37.03
CA ASP J 15 -26.07 71.06 36.66
C ASP J 15 -26.20 70.25 35.37
N GLU J 16 -25.20 70.33 34.49
CA GLU J 16 -25.23 69.60 33.23
C GLU J 16 -25.56 68.13 33.47
N ILE J 17 -26.28 67.54 32.52
CA ILE J 17 -26.66 66.14 32.61
C ILE J 17 -25.63 65.31 31.86
N ASP J 18 -24.92 64.46 32.58
CA ASP J 18 -23.99 63.55 31.93
C ASP J 18 -24.72 62.60 31.00
N ALA J 19 -25.84 62.05 31.45
CA ALA J 19 -26.61 61.08 30.69
C ALA J 19 -27.96 60.89 31.36
N LEU J 20 -28.88 60.25 30.66
CA LEU J 20 -30.16 59.88 31.23
C LEU J 20 -30.37 58.38 31.00
N PRO J 21 -30.48 57.59 32.06
CA PRO J 21 -30.71 56.15 31.89
C PRO J 21 -31.95 55.89 31.06
N GLY J 22 -32.10 54.63 30.63
CA GLY J 22 -33.26 54.26 29.86
C GLY J 22 -33.27 54.79 28.44
N LEU J 23 -32.35 55.68 28.09
CA LEU J 23 -32.22 56.23 26.75
C LEU J 23 -31.09 55.51 26.04
N ALA J 24 -31.37 54.98 24.86
CA ALA J 24 -30.32 54.27 24.15
C ALA J 24 -29.30 55.21 23.53
N LYS J 25 -29.74 56.31 22.91
CA LYS J 25 -28.79 57.27 22.35
C LYS J 25 -28.97 58.63 23.00
N GLN J 26 -27.87 59.17 23.52
CA GLN J 26 -27.84 60.46 24.20
C GLN J 26 -28.30 61.63 23.32
N PRO J 27 -28.90 62.65 23.93
CA PRO J 27 -29.38 63.80 23.18
C PRO J 27 -28.27 64.49 22.41
N SER J 28 -28.66 65.13 21.31
CA SER J 28 -27.75 65.86 20.44
C SER J 28 -27.71 67.34 20.78
N PHE J 29 -28.43 67.73 21.82
CA PHE J 29 -28.53 69.10 22.28
C PHE J 29 -28.17 69.09 23.76
N ARG J 30 -27.74 70.23 24.27
CA ARG J 30 -27.38 70.28 25.67
C ARG J 30 -28.63 70.47 26.51
N GLN J 31 -28.63 69.86 27.69
CA GLN J 31 -29.75 69.93 28.60
C GLN J 31 -29.23 69.96 30.03
N TYR J 32 -29.82 70.84 30.83
CA TYR J 32 -29.43 71.04 32.21
C TYR J 32 -30.62 70.75 33.12
N SER J 33 -30.30 70.39 34.35
CA SER J 33 -31.33 70.13 35.36
C SER J 33 -30.77 70.59 36.69
N GLY J 34 -31.48 71.49 37.36
CA GLY J 34 -30.99 71.97 38.62
C GLY J 34 -32.00 72.76 39.41
N TYR J 35 -31.55 73.76 40.16
CA TYR J 35 -32.47 74.54 40.97
C TYR J 35 -32.25 76.03 40.74
N LEU J 36 -33.35 76.77 40.74
CA LEU J 36 -33.34 78.21 40.59
C LEU J 36 -33.78 78.86 41.88
N ARG J 37 -33.16 79.98 42.21
CA ARG J 37 -33.40 80.65 43.49
C ARG J 37 -34.81 81.22 43.49
N ALA J 38 -35.73 80.52 44.15
CA ALA J 38 -36.98 81.12 44.59
C ALA J 38 -36.69 81.87 45.88
N SER J 39 -37.72 82.28 46.61
CA SER J 39 -37.49 82.94 47.89
C SER J 39 -36.54 82.12 48.75
N ASP J 40 -35.71 82.82 49.53
CA ASP J 40 -34.49 82.28 50.11
C ASP J 40 -34.58 80.80 50.50
N SER J 41 -35.66 80.43 51.18
CA SER J 41 -35.83 79.03 51.58
C SER J 41 -36.23 78.17 50.39
N LYS J 42 -37.04 78.69 49.50
CA LYS J 42 -37.55 77.92 48.38
C LYS J 42 -36.57 77.89 47.21
N HIS J 43 -36.46 76.72 46.58
CA HIS J 43 -35.58 76.54 45.43
C HIS J 43 -36.34 75.74 44.38
N PHE J 44 -36.73 76.41 43.29
CA PHE J 44 -37.49 75.75 42.24
C PHE J 44 -36.64 74.74 41.49
N HIS J 45 -37.28 73.69 41.00
CA HIS J 45 -36.60 72.68 40.19
C HIS J 45 -36.76 73.03 38.72
N TYR J 46 -35.64 73.19 38.01
CA TYR J 46 -35.70 73.48 36.59
C TYR J 46 -35.13 72.36 35.75
N TRP J 47 -35.55 72.36 34.49
CA TRP J 47 -35.07 71.42 33.47
C TRP J 47 -35.02 72.19 32.15
N PHE J 48 -33.84 72.61 31.74
CA PHE J 48 -33.67 73.38 30.53
C PHE J 48 -33.20 72.46 29.42
N VAL J 49 -33.81 72.56 28.24
CA VAL J 49 -33.41 71.77 27.10
C VAL J 49 -33.13 72.71 25.92
N GLU J 50 -31.91 72.67 25.41
CA GLU J 50 -31.55 73.55 24.31
C GLU J 50 -32.13 73.06 22.99
N SER J 51 -32.34 74.03 22.09
CA SER J 51 -32.85 73.76 20.76
C SER J 51 -32.01 72.70 20.06
N GLN J 52 -32.64 71.94 19.19
CA GLN J 52 -31.93 70.89 18.46
C GLN J 52 -31.29 71.42 17.19
N ASN J 53 -31.39 72.73 16.94
CA ASN J 53 -30.80 73.35 15.77
C ASN J 53 -30.50 74.80 16.10
N ASP J 54 -29.21 75.15 16.12
CA ASP J 54 -28.77 76.51 16.40
C ASP J 54 -29.29 77.04 17.75
N PRO J 55 -29.06 76.31 18.85
CA PRO J 55 -29.55 76.78 20.15
C PRO J 55 -29.07 78.17 20.53
N LYS J 56 -27.87 78.56 20.12
CA LYS J 56 -27.34 79.87 20.52
C LYS J 56 -28.28 80.99 20.12
N ASN J 57 -29.00 80.84 19.02
CA ASN J 57 -29.90 81.88 18.55
C ASN J 57 -31.36 81.42 18.55
N SER J 58 -31.66 80.40 19.33
CA SER J 58 -33.07 80.04 19.28
C SER J 58 -33.83 80.66 20.44
N PRO J 59 -35.08 81.06 20.21
CA PRO J 59 -35.86 81.68 21.28
C PRO J 59 -35.97 80.80 22.52
N VAL J 60 -36.12 81.45 23.67
CA VAL J 60 -36.32 80.79 24.95
C VAL J 60 -37.79 80.78 25.32
N VAL J 61 -38.33 79.59 25.52
CA VAL J 61 -39.75 79.39 25.84
C VAL J 61 -39.84 78.76 27.23
N LEU J 62 -40.48 79.45 28.16
CA LEU J 62 -40.67 78.97 29.52
C LEU J 62 -41.95 78.15 29.53
N TRP J 63 -41.92 76.99 30.20
CA TRP J 63 -43.12 76.17 30.32
C TRP J 63 -43.48 75.90 31.78
N LEU J 64 -44.75 76.17 32.09
CA LEU J 64 -45.35 75.95 33.39
C LEU J 64 -46.62 75.12 33.27
N ASN J 65 -46.75 74.09 34.10
CA ASN J 65 -47.97 73.31 34.14
C ASN J 65 -48.93 73.96 35.11
N GLY J 66 -50.07 73.34 35.36
CA GLY J 66 -51.03 73.98 36.22
C GLY J 66 -51.27 73.32 37.56
N GLY J 67 -52.51 72.92 37.79
CA GLY J 67 -52.88 72.32 39.05
C GLY J 67 -54.00 73.11 39.69
N PRO J 68 -53.68 73.94 40.68
CA PRO J 68 -52.36 74.24 41.26
C PRO J 68 -51.76 73.06 42.01
N GLY J 69 -50.46 72.89 41.92
CA GLY J 69 -49.79 71.81 42.59
C GLY J 69 -49.30 70.68 41.70
N CYS J 70 -49.21 70.89 40.39
CA CYS J 70 -48.76 69.87 39.46
C CYS J 70 -47.43 70.25 38.84
N SER J 71 -46.68 69.22 38.47
CA SER J 71 -45.33 69.38 37.95
C SER J 71 -45.28 69.77 36.49
N SER J 72 -44.40 70.71 36.17
CA SER J 72 -44.18 71.15 34.81
C SER J 72 -43.38 70.12 34.02
N LEU J 73 -42.97 69.04 34.66
CA LEU J 73 -42.25 67.94 34.04
C LEU J 73 -43.19 67.02 33.30
N ASP J 74 -44.50 67.30 33.36
CA ASP J 74 -45.48 66.52 32.63
C ASP J 74 -45.45 66.92 31.17
N GLY J 75 -45.42 68.22 30.89
CA GLY J 75 -45.33 68.66 29.52
C GLY J 75 -44.06 68.18 28.86
N LEU J 76 -42.99 68.02 29.63
CA LEU J 76 -41.73 67.54 29.10
C LEU J 76 -41.74 66.03 28.88
N LEU J 77 -41.88 65.25 29.96
CA LEU J 77 -41.79 63.81 29.81
C LEU J 77 -42.99 63.19 29.11
N THR J 78 -44.13 63.86 29.05
CA THR J 78 -45.30 63.26 28.43
C THR J 78 -46.00 64.08 27.36
N GLU J 79 -45.72 65.37 27.20
CA GLU J 79 -46.42 66.15 26.19
C GLU J 79 -45.54 66.65 25.05
N HIS J 80 -44.63 67.60 25.30
CA HIS J 80 -43.82 68.12 24.20
C HIS J 80 -42.34 68.21 24.53
N GLY J 81 -41.87 67.43 25.48
CA GLY J 81 -40.46 67.42 25.81
C GLY J 81 -39.65 66.73 24.74
N PRO J 82 -38.32 66.86 24.84
CA PRO J 82 -37.44 66.24 23.84
C PRO J 82 -37.52 64.74 23.80
N PHE J 83 -38.06 64.10 24.83
CA PHE J 83 -38.19 62.66 24.84
C PHE J 83 -39.43 62.30 25.63
N LEU J 84 -39.96 61.12 25.35
CA LEU J 84 -41.18 60.66 25.98
C LEU J 84 -40.99 59.26 26.56
N ILE J 85 -41.64 59.04 27.70
CA ILE J 85 -41.57 57.79 28.42
C ILE J 85 -42.50 56.79 27.77
N GLN J 86 -41.97 55.65 27.36
CA GLN J 86 -42.79 54.64 26.77
C GLN J 86 -43.59 53.96 27.87
N PRO J 87 -44.60 53.17 27.51
CA PRO J 87 -45.42 52.50 28.54
C PRO J 87 -44.62 51.65 29.51
N ASP J 88 -43.45 51.13 29.12
CA ASP J 88 -42.68 50.33 30.07
C ASP J 88 -42.14 51.14 31.23
N GLY J 89 -42.11 52.47 31.11
CA GLY J 89 -41.58 53.29 32.18
C GLY J 89 -40.10 53.05 32.41
N VAL J 90 -39.38 52.62 31.39
CA VAL J 90 -37.96 52.34 31.50
C VAL J 90 -37.23 52.96 30.33
N THR J 91 -37.82 52.85 29.14
CA THR J 91 -37.23 53.31 27.90
C THR J 91 -37.74 54.72 27.59
N LEU J 92 -36.87 55.50 26.96
CA LEU J 92 -37.19 56.85 26.55
C LEU J 92 -37.02 56.93 25.05
N GLU J 93 -38.03 57.42 24.35
CA GLU J 93 -37.95 57.54 22.91
C GLU J 93 -38.02 58.99 22.49
N TYR J 94 -37.15 59.37 21.56
CA TYR J 94 -37.15 60.73 21.05
C TYR J 94 -38.50 61.04 20.44
N ASN J 95 -38.89 62.30 20.49
CA ASN J 95 -40.19 62.65 19.97
C ASN J 95 -40.02 63.45 18.70
N PRO J 96 -40.54 62.97 17.58
CA PRO J 96 -40.42 63.71 16.32
C PRO J 96 -41.23 64.97 16.34
N TYR J 97 -42.12 65.11 17.31
CA TYR J 97 -43.00 66.25 17.42
C TYR J 97 -42.69 67.09 18.65
N ALA J 98 -41.47 66.98 19.16
CA ALA J 98 -41.09 67.72 20.36
C ALA J 98 -40.97 69.21 20.07
N TRP J 99 -41.39 70.02 21.05
CA TRP J 99 -41.24 71.47 20.95
C TRP J 99 -39.78 71.91 20.92
N ASN J 100 -38.90 71.11 21.47
CA ASN J 100 -37.49 71.46 21.48
C ASN J 100 -36.83 71.30 20.15
N LEU J 101 -37.57 71.02 19.08
CA LEU J 101 -36.93 70.96 17.77
C LEU J 101 -36.56 72.34 17.24
N ILE J 102 -37.29 73.38 17.65
CA ILE J 102 -37.00 74.71 17.13
C ILE J 102 -36.86 75.76 18.23
N ALA J 103 -36.85 75.35 19.50
CA ALA J 103 -36.74 76.35 20.55
C ALA J 103 -36.04 75.76 21.76
N ASN J 104 -35.52 76.67 22.59
CA ASN J 104 -34.88 76.31 23.85
C ASN J 104 -35.96 76.38 24.91
N VAL J 105 -36.38 75.24 25.44
CA VAL J 105 -37.49 75.19 26.39
C VAL J 105 -36.99 75.00 27.80
N LEU J 106 -37.49 75.83 28.71
CA LEU J 106 -37.13 75.80 30.12
C LEU J 106 -38.37 75.40 30.89
N TYR J 107 -38.38 74.20 31.47
CA TYR J 107 -39.50 73.72 32.26
C TYR J 107 -39.24 74.02 33.73
N ILE J 108 -40.24 74.60 34.39
CA ILE J 108 -40.06 74.99 35.80
C ILE J 108 -41.13 74.36 36.66
N GLU J 109 -40.73 73.51 37.61
CA GLU J 109 -41.67 72.98 38.59
C GLU J 109 -41.94 74.04 39.65
N SER J 110 -43.12 74.66 39.58
CA SER J 110 -43.48 75.72 40.51
C SER J 110 -44.93 75.53 40.95
N PRO J 111 -45.27 75.93 42.19
CA PRO J 111 -44.39 76.53 43.19
C PRO J 111 -43.56 75.52 43.98
N ALA J 112 -42.93 75.98 45.06
CA ALA J 112 -42.11 75.12 45.89
C ALA J 112 -42.95 73.98 46.46
N GLY J 113 -42.35 72.79 46.50
CA GLY J 113 -43.02 71.61 46.99
C GLY J 113 -43.58 70.72 45.90
N VAL J 114 -43.72 71.26 44.70
CA VAL J 114 -44.22 70.53 43.55
C VAL J 114 -43.05 69.83 42.87
N GLY J 115 -43.14 68.51 42.73
CA GLY J 115 -42.07 67.79 42.08
C GLY J 115 -40.81 67.74 42.91
N PHE J 116 -39.73 68.34 42.41
CA PHE J 116 -38.47 68.39 43.15
C PHE J 116 -38.22 69.74 43.78
N SER J 117 -39.20 70.63 43.78
CA SER J 117 -39.06 71.92 44.40
C SER J 117 -39.27 71.76 45.89
N TYR J 118 -38.69 72.67 46.67
CA TYR J 118 -38.78 72.54 48.12
C TYR J 118 -38.42 73.87 48.77
N SER J 119 -38.45 73.89 50.10
CA SER J 119 -38.10 75.06 50.89
C SER J 119 -37.47 74.60 52.19
N ASP J 120 -36.55 75.43 52.70
CA ASP J 120 -35.89 75.13 53.95
C ASP J 120 -36.91 74.90 55.07
N ASP J 121 -37.85 75.83 55.20
CA ASP J 121 -38.89 75.72 56.22
C ASP J 121 -39.92 74.65 55.91
N LYS J 122 -39.93 74.12 54.68
CA LYS J 122 -40.87 73.09 54.25
C LYS J 122 -42.32 73.55 54.36
N MET J 123 -42.55 74.84 54.13
CA MET J 123 -43.90 75.41 54.20
C MET J 123 -44.49 75.32 52.80
N TYR J 124 -45.14 74.19 52.52
CA TYR J 124 -45.72 73.99 51.19
C TYR J 124 -46.91 74.91 50.93
N VAL J 125 -47.55 75.43 51.97
CA VAL J 125 -48.67 76.34 51.79
C VAL J 125 -48.17 77.61 51.11
N THR J 126 -48.98 78.15 50.20
CA THR J 126 -48.63 79.35 49.46
C THR J 126 -49.89 79.94 48.84
N ASN J 127 -49.72 80.92 47.96
CA ASN J 127 -50.83 81.61 47.34
C ASN J 127 -50.36 82.24 46.03
N ASP J 128 -51.33 82.74 45.25
CA ASP J 128 -51.06 83.31 43.93
C ASP J 128 -49.93 84.32 43.95
N THR J 129 -49.96 85.26 44.91
CA THR J 129 -48.93 86.30 44.95
C THR J 129 -47.56 85.71 45.26
N GLU J 130 -47.48 84.80 46.23
CA GLU J 130 -46.19 84.19 46.54
C GLU J 130 -45.67 83.39 45.35
N VAL J 131 -46.56 82.65 44.68
CA VAL J 131 -46.13 81.86 43.53
C VAL J 131 -45.61 82.77 42.42
N ALA J 132 -46.28 83.90 42.20
CA ALA J 132 -45.84 84.83 41.17
C ALA J 132 -44.48 85.44 41.51
N GLU J 133 -44.31 85.84 42.77
CA GLU J 133 -43.02 86.41 43.16
C GLU J 133 -41.91 85.37 43.05
N ASN J 134 -42.20 84.13 43.45
CA ASN J 134 -41.18 83.07 43.36
C ASN J 134 -40.83 82.79 41.90
N ASN J 135 -41.83 82.78 41.02
CA ASN J 135 -41.55 82.58 39.61
C ASN J 135 -40.69 83.71 39.05
N TYR J 136 -40.99 84.95 39.44
CA TYR J 136 -40.19 86.07 38.95
C TYR J 136 -38.75 85.98 39.45
N GLU J 137 -38.57 85.63 40.72
CA GLU J 137 -37.22 85.48 41.26
C GLU J 137 -36.49 84.33 40.59
N ALA J 138 -37.21 83.27 40.24
CA ALA J 138 -36.59 82.14 39.56
C ALA J 138 -36.14 82.56 38.16
N LEU J 139 -36.96 83.34 37.47
CA LEU J 139 -36.59 83.79 36.14
C LEU J 139 -35.35 84.68 36.21
N LYS J 140 -35.30 85.57 37.21
CA LYS J 140 -34.11 86.40 37.38
C LYS J 140 -32.88 85.54 37.63
N ASP J 141 -33.00 84.56 38.52
CA ASP J 141 -31.87 83.67 38.78
C ASP J 141 -31.45 82.96 37.50
N PHE J 142 -32.43 82.42 36.76
CA PHE J 142 -32.14 81.75 35.49
C PHE J 142 -31.31 82.64 34.58
N PHE J 143 -31.75 83.89 34.40
CA PHE J 143 -31.02 84.80 33.53
C PHE J 143 -29.65 85.15 34.10
N ARG J 144 -29.45 84.97 35.41
CA ARG J 144 -28.14 85.23 35.99
C ARG J 144 -27.24 84.00 35.93
N LEU J 145 -27.83 82.81 35.81
CA LEU J 145 -27.12 81.55 35.67
C LEU J 145 -26.80 81.21 34.22
N PHE J 146 -27.62 81.69 33.29
CA PHE J 146 -27.44 81.46 31.86
C PHE J 146 -27.49 82.81 31.15
N PRO J 147 -26.51 83.67 31.42
CA PRO J 147 -26.50 84.99 30.78
C PRO J 147 -26.49 84.92 29.27
N GLU J 148 -25.99 83.83 28.69
CA GLU J 148 -25.93 83.76 27.24
C GLU J 148 -27.31 83.73 26.58
N TYR J 149 -28.37 83.39 27.31
CA TYR J 149 -29.68 83.35 26.69
C TYR J 149 -30.55 84.56 27.02
N LYS J 150 -30.00 85.57 27.70
CA LYS J 150 -30.79 86.75 28.01
C LYS J 150 -31.29 87.44 26.75
N ASP J 151 -30.48 87.43 25.70
CA ASP J 151 -30.83 88.13 24.47
C ASP J 151 -31.89 87.39 23.68
N ASN J 152 -31.96 86.07 23.83
CA ASN J 152 -32.90 85.27 23.08
C ASN J 152 -34.33 85.70 23.37
N LYS J 153 -35.17 85.69 22.32
CA LYS J 153 -36.57 86.06 22.47
C LYS J 153 -37.22 85.15 23.50
N LEU J 154 -37.90 85.75 24.47
CA LEU J 154 -38.54 84.99 25.53
C LEU J 154 -40.06 84.95 25.38
N PHE J 155 -40.61 83.76 25.63
CA PHE J 155 -42.04 83.49 25.58
C PHE J 155 -42.46 82.74 26.83
N LEU J 156 -43.59 83.11 27.41
CA LEU J 156 -44.12 82.46 28.61
C LEU J 156 -45.31 81.59 28.21
N THR J 157 -45.20 80.28 28.45
CA THR J 157 -46.22 79.31 28.09
C THR J 157 -46.54 78.40 29.27
N GLY J 158 -47.73 77.83 29.22
CA GLY J 158 -48.15 76.96 30.28
C GLY J 158 -49.50 76.35 29.95
N GLU J 159 -50.04 75.63 30.92
CA GLU J 159 -51.30 74.95 30.67
C GLU J 159 -52.16 74.90 31.93
N SER J 160 -53.47 74.88 31.72
CA SER J 160 -54.48 74.73 32.76
C SER J 160 -54.48 75.87 33.76
N TYR J 161 -54.08 75.55 35.00
CA TYR J 161 -54.03 76.57 36.05
C TYR J 161 -52.97 77.61 35.75
N ALA J 162 -52.00 77.28 34.91
CA ALA J 162 -50.99 78.23 34.50
C ALA J 162 -51.64 79.35 33.71
N GLY J 163 -52.96 79.27 33.51
CA GLY J 163 -53.66 80.34 32.84
C GLY J 163 -53.80 81.55 33.73
N ILE J 164 -53.66 81.33 35.03
CA ILE J 164 -53.64 82.39 36.04
C ILE J 164 -52.19 82.80 36.25
N TYR J 165 -51.36 81.82 36.60
CA TYR J 165 -49.93 82.04 36.83
C TYR J 165 -49.27 82.90 35.77
N ILE J 166 -49.34 82.47 34.52
CA ILE J 166 -48.68 83.17 33.41
C ILE J 166 -49.01 84.65 33.27
N PRO J 167 -50.28 85.08 33.16
CA PRO J 167 -50.50 86.52 33.01
C PRO J 167 -50.10 87.37 34.21
N THR J 168 -50.33 86.88 35.43
CA THR J 168 -49.91 87.67 36.59
C THR J 168 -48.40 87.79 36.61
N LEU J 169 -47.72 86.70 36.28
CA LEU J 169 -46.27 86.69 36.21
C LEU J 169 -45.84 87.56 35.05
N ALA J 170 -46.63 87.54 33.98
CA ALA J 170 -46.31 88.37 32.83
C ALA J 170 -46.29 89.84 33.23
N VAL J 171 -47.19 90.26 34.13
CA VAL J 171 -47.18 91.65 34.53
C VAL J 171 -45.85 91.97 35.20
N LEU J 172 -45.31 90.99 35.92
CA LEU J 172 -44.01 91.17 36.56
C LEU J 172 -42.96 91.20 35.48
N VAL J 173 -43.05 90.27 34.54
CA VAL J 173 -42.11 90.23 33.44
C VAL J 173 -42.15 91.56 32.69
N MET J 174 -43.34 92.19 32.61
CA MET J 174 -43.41 93.46 31.91
C MET J 174 -42.66 94.56 32.62
N GLN J 175 -42.39 94.41 33.92
CA GLN J 175 -41.65 95.40 34.68
C GLN J 175 -40.14 95.22 34.60
N ASP J 176 -39.65 94.15 33.98
CA ASP J 176 -38.21 93.93 33.85
C ASP J 176 -37.71 94.18 32.44
N PRO J 177 -37.04 95.30 32.20
CA PRO J 177 -36.54 95.58 30.83
C PRO J 177 -35.46 94.60 30.38
N SER J 178 -34.83 93.87 31.31
CA SER J 178 -33.79 92.92 30.97
C SER J 178 -34.33 91.66 30.30
N MET J 179 -35.61 91.35 30.47
CA MET J 179 -36.20 90.15 29.87
C MET J 179 -36.81 90.55 28.54
N ASN J 180 -36.37 89.89 27.47
CA ASN J 180 -36.82 90.17 26.11
C ASN J 180 -38.16 89.50 25.78
N LEU J 181 -39.17 89.88 26.55
CA LEU J 181 -40.51 89.35 26.35
C LEU J 181 -40.99 89.71 24.96
N GLN J 182 -41.25 88.69 24.14
CA GLN J 182 -41.70 88.89 22.78
C GLN J 182 -43.16 88.50 22.57
N GLY J 183 -43.69 87.61 23.39
CA GLY J 183 -45.07 87.19 23.25
C GLY J 183 -45.41 86.20 24.33
N LEU J 184 -46.65 85.75 24.31
CA LEU J 184 -47.09 84.80 25.32
C LEU J 184 -48.15 83.88 24.76
N ALA J 185 -48.16 82.64 25.24
CA ALA J 185 -49.14 81.66 24.78
C ALA J 185 -49.62 80.82 25.95
N VAL J 186 -50.93 80.64 26.06
CA VAL J 186 -51.52 79.88 27.15
C VAL J 186 -52.44 78.83 26.56
N GLY J 187 -52.21 77.58 26.95
CA GLY J 187 -53.03 76.47 26.47
C GLY J 187 -54.10 76.09 27.48
N ASN J 188 -55.33 76.03 27.01
CA ASN J 188 -56.51 75.71 27.81
C ASN J 188 -56.47 76.30 29.22
N GLY J 189 -56.30 77.62 29.28
CA GLY J 189 -56.20 78.29 30.56
C GLY J 189 -57.57 78.67 31.12
N LEU J 190 -57.63 78.79 32.45
CA LEU J 190 -58.86 79.18 33.12
C LEU J 190 -58.89 80.70 33.18
N ALA J 191 -59.51 81.31 32.17
CA ALA J 191 -59.54 82.77 32.11
C ALA J 191 -60.49 83.36 33.14
N SER J 192 -61.55 82.64 33.49
CA SER J 192 -62.61 83.19 34.33
C SER J 192 -63.42 82.04 34.89
N TYR J 193 -63.48 81.92 36.21
CA TYR J 193 -64.28 80.85 36.80
C TYR J 193 -65.73 80.98 36.41
N GLU J 194 -66.22 82.21 36.32
CA GLU J 194 -67.62 82.42 35.94
C GLU J 194 -67.84 82.01 34.50
N GLN J 195 -67.00 82.52 33.60
CA GLN J 195 -67.13 82.18 32.18
C GLN J 195 -66.85 80.70 31.95
N ASN J 196 -66.01 80.10 32.80
CA ASN J 196 -65.70 78.68 32.66
C ASN J 196 -66.89 77.83 33.10
N ASP J 197 -67.44 78.12 34.28
CA ASP J 197 -68.58 77.34 34.76
C ASP J 197 -69.76 77.46 33.82
N ASN J 198 -70.02 78.68 33.31
CA ASN J 198 -71.15 78.84 32.40
C ASN J 198 -70.90 78.06 31.12
N SER J 199 -69.75 78.29 30.47
CA SER J 199 -69.47 77.54 29.25
C SER J 199 -69.48 76.04 29.50
N LEU J 200 -69.07 75.60 30.69
CA LEU J 200 -69.06 74.18 31.00
C LEU J 200 -70.48 73.63 31.04
N VAL J 201 -71.40 74.37 31.66
CA VAL J 201 -72.78 73.90 31.70
C VAL J 201 -73.35 73.81 30.30
N TYR J 202 -73.07 74.80 29.47
CA TYR J 202 -73.54 74.73 28.09
C TYR J 202 -72.91 73.54 27.37
N PHE J 203 -71.58 73.41 27.48
CA PHE J 203 -70.88 72.27 26.88
C PHE J 203 -71.55 70.97 27.26
N ALA J 204 -71.79 70.79 28.56
CA ALA J 204 -72.39 69.57 29.06
C ALA J 204 -73.75 69.31 28.42
N TYR J 205 -74.59 70.35 28.30
CA TYR J 205 -75.88 70.11 27.68
C TYR J 205 -75.73 69.78 26.20
N TYR J 206 -74.95 70.56 25.46
CA TYR J 206 -74.80 70.32 24.03
C TYR J 206 -73.96 69.09 23.71
N HIS J 207 -73.30 68.49 24.70
CA HIS J 207 -72.53 67.28 24.48
C HIS J 207 -73.22 66.07 25.07
N GLY J 208 -74.50 66.19 25.37
CA GLY J 208 -75.31 65.08 25.84
C GLY J 208 -74.98 64.63 27.24
N LEU J 209 -74.48 65.53 28.08
CA LEU J 209 -74.11 65.15 29.43
C LEU J 209 -75.19 65.47 30.45
N LEU J 210 -76.08 66.41 30.14
CA LEU J 210 -77.12 66.85 31.08
C LEU J 210 -78.48 66.20 30.85
N GLY J 211 -79.01 66.31 29.64
CA GLY J 211 -80.33 65.80 29.35
C GLY J 211 -81.37 66.91 29.37
N ASN J 212 -82.49 66.67 28.68
CA ASN J 212 -83.51 67.72 28.60
C ASN J 212 -84.17 68.00 29.94
N ARG J 213 -84.30 67.00 30.81
CA ARG J 213 -84.91 67.23 32.11
C ARG J 213 -84.03 68.18 32.91
N LEU J 214 -82.74 67.86 32.97
CA LEU J 214 -81.78 68.68 33.69
C LEU J 214 -81.67 70.05 33.05
N TRP J 215 -81.56 70.09 31.73
CA TRP J 215 -81.46 71.36 31.00
C TRP J 215 -82.64 72.26 31.33
N THR J 216 -83.86 71.72 31.30
CA THR J 216 -85.04 72.51 31.61
C THR J 216 -84.99 73.03 33.04
N SER J 217 -84.63 72.15 33.99
CA SER J 217 -84.55 72.59 35.37
C SER J 217 -83.49 73.68 35.55
N LEU J 218 -82.35 73.51 34.88
CA LEU J 218 -81.28 74.50 34.96
C LEU J 218 -81.74 75.85 34.45
N GLN J 219 -82.39 75.85 33.29
CA GLN J 219 -82.89 77.12 32.76
C GLN J 219 -83.91 77.75 33.68
N THR J 220 -84.73 76.92 34.34
CA THR J 220 -85.76 77.45 35.22
C THR J 220 -85.20 78.03 36.52
N HIS J 221 -84.28 77.32 37.16
CA HIS J 221 -83.75 77.73 38.45
C HIS J 221 -82.44 78.52 38.44
N CYS J 222 -81.73 78.62 37.32
CA CYS J 222 -80.45 79.32 37.31
C CYS J 222 -80.34 80.48 36.32
N CYS J 223 -81.34 80.72 35.48
CA CYS J 223 -81.21 81.76 34.48
C CYS J 223 -82.31 82.82 34.57
N ALA J 224 -81.91 84.05 34.19
CA ALA J 224 -82.81 85.11 33.77
C ALA J 224 -83.21 84.78 32.33
N GLN J 225 -83.77 85.72 31.56
CA GLN J 225 -84.27 85.27 30.27
C GLN J 225 -83.08 84.78 29.44
N ASN J 226 -82.32 85.63 28.76
CA ASN J 226 -81.16 85.07 28.09
C ASN J 226 -79.91 85.10 28.97
N LYS J 227 -80.07 85.31 30.28
CA LYS J 227 -78.95 85.34 31.21
C LYS J 227 -78.93 84.13 32.13
N CYS J 228 -77.82 83.40 32.17
CA CYS J 228 -77.70 82.27 33.08
C CYS J 228 -76.63 82.57 34.11
N ASN J 229 -76.87 82.19 35.36
CA ASN J 229 -75.89 82.38 36.43
C ASN J 229 -75.49 81.03 37.00
N PHE J 230 -74.36 80.49 36.55
CA PHE J 230 -73.85 79.21 37.04
C PHE J 230 -72.63 79.40 37.94
N TYR J 231 -72.33 80.64 38.29
CA TYR J 231 -71.16 81.00 39.10
C TYR J 231 -71.46 81.10 40.60
N ASP J 232 -72.38 81.97 40.98
CA ASP J 232 -72.74 82.18 42.38
C ASP J 232 -74.25 82.16 42.59
N ASN J 233 -74.94 81.30 41.86
CA ASN J 233 -76.39 81.19 42.00
C ASN J 233 -76.72 80.52 43.33
N LYS J 234 -77.72 81.06 44.02
CA LYS J 234 -78.11 80.57 45.33
C LYS J 234 -79.42 79.77 45.30
N ASP J 235 -80.17 79.82 44.20
CA ASP J 235 -81.42 79.08 44.11
C ASP J 235 -81.20 77.63 44.53
N PRO J 236 -81.99 77.11 45.47
CA PRO J 236 -81.70 75.78 46.04
C PRO J 236 -81.68 74.67 45.00
N GLU J 237 -82.78 74.49 44.26
CA GLU J 237 -82.79 73.42 43.27
C GLU J 237 -81.76 73.67 42.18
N CYS J 238 -81.41 74.94 41.95
CA CYS J 238 -80.38 75.23 40.97
C CYS J 238 -79.05 74.65 41.44
N VAL J 239 -78.75 74.88 42.72
CA VAL J 239 -77.50 74.38 43.30
C VAL J 239 -77.51 72.86 43.30
N ASN J 240 -78.68 72.26 43.56
CA ASN J 240 -78.78 70.80 43.50
C ASN J 240 -78.48 70.28 42.10
N ASN J 241 -79.03 70.94 41.08
CA ASN J 241 -78.76 70.54 39.70
C ASN J 241 -77.28 70.67 39.38
N LEU J 242 -76.65 71.75 39.85
CA LEU J 242 -75.22 71.94 39.59
C LEU J 242 -74.40 70.88 40.31
N LEU J 243 -74.81 70.50 41.52
CA LEU J 243 -74.13 69.43 42.23
C LEU J 243 -74.24 68.12 41.47
N GLU J 244 -75.41 67.84 40.90
CA GLU J 244 -75.54 66.64 40.08
C GLU J 244 -74.62 66.71 38.86
N VAL J 245 -74.55 67.87 38.23
CA VAL J 245 -73.66 68.06 37.09
C VAL J 245 -72.23 67.74 37.48
N SER J 246 -71.79 68.27 38.62
CA SER J 246 -70.42 68.04 39.06
C SER J 246 -70.19 66.58 39.41
N ARG J 247 -71.19 65.92 40.01
CA ARG J 247 -71.09 64.48 40.25
C ARG J 247 -70.87 63.72 38.95
N ILE J 248 -71.64 64.08 37.91
CA ILE J 248 -71.53 63.40 36.63
C ILE J 248 -70.16 63.64 36.01
N VAL J 249 -69.67 64.88 36.08
CA VAL J 249 -68.38 65.19 35.47
C VAL J 249 -67.25 64.53 36.23
N GLY J 250 -67.29 64.54 37.55
CA GLY J 250 -66.23 63.96 38.33
C GLY J 250 -66.24 62.45 38.41
N LYS J 251 -67.29 61.89 39.01
CA LYS J 251 -67.25 60.47 39.36
C LYS J 251 -68.38 59.67 38.72
N SER J 252 -68.62 59.85 37.42
CA SER J 252 -69.49 58.96 36.69
C SER J 252 -68.76 58.17 35.62
N GLY J 253 -67.47 58.41 35.43
CA GLY J 253 -66.69 57.69 34.44
C GLY J 253 -66.18 58.51 33.27
N LEU J 254 -66.53 59.78 33.16
CA LEU J 254 -66.02 60.57 32.06
C LEU J 254 -64.61 61.07 32.35
N ASN J 255 -63.85 61.29 31.29
CA ASN J 255 -62.49 61.83 31.40
C ASN J 255 -62.59 63.34 31.21
N ILE J 256 -62.47 64.11 32.30
CA ILE J 256 -62.57 65.56 32.16
C ILE J 256 -61.49 66.14 31.26
N TYR J 257 -60.42 65.38 30.99
CA TYR J 257 -59.38 65.89 30.12
C TYR J 257 -59.60 65.55 28.65
N ASN J 258 -60.44 64.57 28.35
CA ASN J 258 -60.66 64.18 26.95
C ASN J 258 -61.94 63.35 26.91
N LEU J 259 -63.04 63.99 26.55
CA LEU J 259 -64.34 63.31 26.50
C LEU J 259 -64.29 62.03 25.68
N TYR J 260 -63.58 62.08 24.56
CA TYR J 260 -63.48 60.99 23.60
C TYR J 260 -62.30 60.07 23.82
N ALA J 261 -61.78 59.99 25.04
CA ALA J 261 -60.66 59.11 25.27
C ALA J 261 -60.94 58.12 26.38
N PRO J 262 -60.21 57.00 26.41
CA PRO J 262 -60.41 56.01 27.46
C PRO J 262 -59.93 56.50 28.81
N CYS J 263 -60.42 55.81 29.84
CA CYS J 263 -60.07 56.09 31.22
C CYS J 263 -59.07 55.06 31.72
N ALA J 264 -57.88 55.54 32.10
CA ALA J 264 -56.81 54.69 32.60
C ALA J 264 -57.25 53.94 33.85
N GLY J 265 -57.34 52.61 33.72
CA GLY J 265 -57.75 51.71 34.78
C GLY J 265 -59.20 51.82 35.24
N GLY J 266 -59.92 52.85 34.83
CA GLY J 266 -61.29 52.97 35.29
C GLY J 266 -61.50 53.64 36.63
N VAL J 267 -62.37 54.64 36.66
CA VAL J 267 -62.73 55.38 37.87
C VAL J 267 -64.05 54.91 38.48
N PRO J 268 -65.11 54.57 37.73
CA PRO J 268 -66.34 54.11 38.37
C PRO J 268 -66.29 52.68 38.89
N GLY J 269 -65.14 52.01 38.85
CA GLY J 269 -65.01 50.71 39.47
C GLY J 269 -64.71 50.84 40.95
N ARG J 270 -63.77 50.05 41.45
CA ARG J 270 -63.32 50.23 42.83
C ARG J 270 -62.55 51.54 42.96
N HIS J 271 -62.71 52.20 44.11
CA HIS J 271 -62.07 53.48 44.32
C HIS J 271 -60.54 53.34 44.29
N ARG J 272 -60.01 52.42 45.08
CA ARG J 272 -58.58 52.13 45.09
C ARG J 272 -58.36 50.64 45.29
N TYR J 273 -57.19 50.18 44.86
CA TYR J 273 -56.82 48.77 44.99
C TYR J 273 -55.80 48.53 46.09
N GLU J 274 -55.17 49.58 46.62
CA GLU J 274 -54.19 49.48 47.68
C GLU J 274 -54.52 50.58 48.68
N ASP J 275 -53.61 50.84 49.64
CA ASP J 275 -53.84 51.89 50.62
C ASP J 275 -53.37 53.25 50.15
N THR J 276 -53.38 53.49 48.85
CA THR J 276 -53.00 54.76 48.25
C THR J 276 -54.24 55.36 47.62
N LEU J 277 -54.62 56.56 48.06
CA LEU J 277 -55.84 57.20 47.58
C LEU J 277 -55.48 58.21 46.48
N VAL J 278 -56.25 58.17 45.39
CA VAL J 278 -56.01 59.02 44.24
C VAL J 278 -57.10 60.09 44.20
N VAL J 279 -56.69 61.34 44.32
CA VAL J 279 -57.58 62.49 44.29
C VAL J 279 -57.43 63.16 42.94
N GLN J 280 -58.55 63.60 42.35
CA GLN J 280 -58.49 64.21 41.03
C GLN J 280 -59.24 65.53 40.98
N ASP J 281 -59.42 66.17 42.13
CA ASP J 281 -60.09 67.45 42.22
C ASP J 281 -59.03 68.52 42.47
N PHE J 282 -58.81 69.36 41.48
CA PHE J 282 -57.88 70.48 41.64
C PHE J 282 -58.52 71.65 42.35
N GLY J 283 -59.79 71.51 42.73
CA GLY J 283 -60.52 72.52 43.47
C GLY J 283 -60.61 73.87 42.80
N ASN J 284 -60.62 73.89 41.47
CA ASN J 284 -60.70 75.15 40.73
C ASN J 284 -62.03 75.32 40.03
N ILE J 285 -62.89 74.30 40.06
CA ILE J 285 -64.16 74.26 39.36
C ILE J 285 -65.27 74.20 40.39
N PHE J 286 -66.32 74.99 40.18
CA PHE J 286 -67.48 75.01 41.08
C PHE J 286 -67.07 75.40 42.50
N THR J 287 -66.08 76.28 42.61
CA THR J 287 -65.56 76.71 43.90
C THR J 287 -66.61 77.45 44.73
N ARG J 288 -67.53 78.16 44.08
CA ARG J 288 -68.53 78.91 44.84
C ARG J 288 -69.76 78.10 45.17
N LEU J 289 -69.79 76.82 44.78
CA LEU J 289 -70.86 75.87 45.01
C LEU J 289 -70.59 75.07 46.28
N PRO J 290 -71.59 74.82 47.11
CA PRO J 290 -71.34 74.06 48.34
C PRO J 290 -71.15 72.57 48.07
N LEU J 291 -69.89 72.17 48.10
CA LEU J 291 -69.46 70.79 47.86
C LEU J 291 -69.65 69.95 49.12
N LYS J 292 -69.60 68.64 48.95
CA LYS J 292 -69.68 67.73 50.08
C LYS J 292 -68.27 67.42 50.55
N ARG J 293 -68.07 67.49 51.87
CA ARG J 293 -66.75 67.27 52.47
C ARG J 293 -66.47 65.78 52.53
N ARG J 294 -66.11 65.22 51.37
CA ARG J 294 -65.65 63.84 51.31
C ARG J 294 -64.21 63.69 51.75
N PHE J 295 -63.46 64.79 51.80
CA PHE J 295 -62.08 64.75 52.32
C PHE J 295 -62.03 64.30 53.78
N PRO J 296 -62.85 64.84 54.70
CA PRO J 296 -62.86 64.27 56.06
C PRO J 296 -63.29 62.81 56.10
N GLU J 297 -64.09 62.36 55.12
CA GLU J 297 -64.49 60.96 55.09
C GLU J 297 -63.29 60.04 54.90
N ALA J 298 -62.27 60.48 54.16
CA ALA J 298 -61.07 59.69 54.00
C ALA J 298 -60.33 59.57 55.33
N LEU J 299 -59.81 58.37 55.60
CA LEU J 299 -59.11 58.11 56.84
C LEU J 299 -57.93 59.08 57.03
N MET J 300 -57.83 59.65 58.23
CA MET J 300 -56.73 60.54 58.58
C MET J 300 -55.67 59.84 59.41
N ARG J 301 -55.75 58.52 59.55
CA ARG J 301 -54.83 57.79 60.41
C ARG J 301 -53.42 57.81 59.85
N SER J 302 -52.46 57.59 60.76
CA SER J 302 -51.05 57.60 60.37
C SER J 302 -50.77 56.52 59.32
N GLY J 303 -49.89 56.86 58.38
CA GLY J 303 -49.53 55.96 57.31
C GLY J 303 -50.48 55.90 56.14
N ASP J 304 -51.49 56.77 56.10
CA ASP J 304 -52.44 56.80 54.98
C ASP J 304 -51.82 57.69 53.91
N LYS J 305 -51.16 57.07 52.94
CA LYS J 305 -50.56 57.84 51.86
C LYS J 305 -51.61 58.30 50.86
N VAL J 306 -51.52 59.56 50.48
CA VAL J 306 -52.44 60.20 49.56
C VAL J 306 -51.61 60.85 48.46
N ARG J 307 -52.07 60.75 47.21
CA ARG J 307 -51.40 61.43 46.12
C ARG J 307 -52.43 62.03 45.17
N LEU J 308 -52.03 63.11 44.52
CA LEU J 308 -52.88 63.82 43.57
C LEU J 308 -52.45 63.44 42.16
N ASP J 309 -53.35 62.83 41.41
CA ASP J 309 -53.11 62.48 40.02
C ASP J 309 -54.29 62.95 39.20
N PRO J 310 -54.10 63.25 37.92
CA PRO J 310 -55.22 63.70 37.10
C PRO J 310 -56.23 62.57 36.90
N PRO J 311 -57.51 62.90 36.73
CA PRO J 311 -58.53 61.88 36.52
C PRO J 311 -58.29 61.05 35.26
N CYS J 312 -58.30 59.73 35.43
CA CYS J 312 -58.13 58.79 34.32
C CYS J 312 -56.78 58.92 33.63
N THR J 313 -55.76 59.38 34.34
CA THR J 313 -54.43 59.57 33.77
C THR J 313 -53.51 58.64 34.53
N ASN J 314 -52.72 57.84 33.82
CA ASN J 314 -51.82 56.93 34.50
C ASN J 314 -50.43 57.57 34.58
N THR J 315 -50.11 58.10 35.75
CA THR J 315 -48.85 58.77 36.06
C THR J 315 -47.73 57.81 36.42
N THR J 316 -48.00 56.50 36.45
CA THR J 316 -47.00 55.52 36.85
C THR J 316 -45.67 55.68 36.11
N ALA J 317 -45.68 55.57 34.78
CA ALA J 317 -44.48 55.73 33.96
C ALA J 317 -43.62 56.92 34.34
N PRO J 318 -44.15 58.16 34.29
CA PRO J 318 -43.28 59.30 34.63
C PRO J 318 -42.71 59.22 36.03
N SER J 319 -43.51 58.75 36.99
CA SER J 319 -43.01 58.62 38.35
C SER J 319 -41.87 57.61 38.42
N ASN J 320 -42.08 56.42 37.85
CA ASN J 320 -41.06 55.39 37.89
C ASN J 320 -39.80 55.84 37.18
N TYR J 321 -39.93 56.77 36.23
CA TYR J 321 -38.71 57.29 35.62
C TYR J 321 -38.01 58.30 36.52
N LEU J 322 -38.71 59.35 36.92
CA LEU J 322 -38.08 60.38 37.75
C LEU J 322 -37.63 59.84 39.10
N ASN J 323 -38.32 58.84 39.62
CA ASN J 323 -38.01 58.23 40.90
C ASN J 323 -36.95 57.13 40.78
N ASN J 324 -36.39 56.93 39.59
CA ASN J 324 -35.39 55.90 39.43
C ASN J 324 -34.05 56.43 39.95
N PRO J 325 -33.45 55.75 40.94
CA PRO J 325 -32.17 56.21 41.51
C PRO J 325 -31.13 56.70 40.51
N TYR J 326 -30.93 56.00 39.40
CA TYR J 326 -29.94 56.48 38.45
C TYR J 326 -30.36 57.77 37.78
N VAL J 327 -31.66 57.96 37.57
CA VAL J 327 -32.11 59.21 36.95
C VAL J 327 -32.05 60.33 37.97
N ARG J 328 -32.49 60.05 39.20
CA ARG J 328 -32.44 61.07 40.24
C ARG J 328 -31.00 61.52 40.46
N LYS J 329 -30.06 60.56 40.47
CA LYS J 329 -28.65 60.90 40.63
C LYS J 329 -28.19 61.78 39.48
N ALA J 330 -28.36 61.29 38.25
CA ALA J 330 -27.97 62.05 37.07
C ALA J 330 -28.56 63.46 37.09
N LEU J 331 -29.81 63.60 37.51
CA LEU J 331 -30.46 64.89 37.52
C LEU J 331 -30.16 65.72 38.75
N HIS J 332 -29.11 65.38 39.50
CA HIS J 332 -28.62 66.24 40.58
C HIS J 332 -29.71 66.54 41.60
N ILE J 333 -30.53 65.56 41.92
CA ILE J 333 -31.64 65.73 42.85
C ILE J 333 -31.21 65.21 44.22
N PRO J 334 -31.19 66.06 45.25
CA PRO J 334 -30.81 65.61 46.59
C PRO J 334 -31.54 64.36 47.06
N GLU J 335 -30.81 63.31 47.40
CA GLU J 335 -31.41 62.05 47.84
C GLU J 335 -32.37 62.25 49.01
N SER J 336 -32.29 63.37 49.73
CA SER J 336 -33.16 63.59 50.88
C SER J 336 -34.62 63.65 50.48
N LEU J 337 -34.92 64.33 49.38
CA LEU J 337 -36.31 64.60 49.02
C LEU J 337 -37.08 63.30 48.79
N PRO J 338 -38.34 63.22 49.23
CA PRO J 338 -39.12 62.00 49.06
C PRO J 338 -39.59 61.74 47.62
N ARG J 339 -40.44 60.73 47.47
CA ARG J 339 -40.90 60.22 46.18
C ARG J 339 -41.50 61.32 45.31
N TRP J 340 -41.58 61.07 44.00
CA TRP J 340 -42.02 62.07 43.03
C TRP J 340 -43.41 61.75 42.53
N ASP J 341 -44.23 62.79 42.42
CA ASP J 341 -45.58 62.70 41.87
C ASP J 341 -45.81 63.85 40.90
N MET J 342 -46.67 63.62 39.90
CA MET J 342 -46.96 64.66 38.92
C MET J 342 -47.67 65.84 39.56
N CYS J 343 -48.51 65.60 40.56
CA CYS J 343 -49.22 66.64 41.27
C CYS J 343 -49.07 66.36 42.75
N ASN J 344 -48.96 67.41 43.56
CA ASN J 344 -48.88 67.26 45.02
C ASN J 344 -50.22 67.55 45.67
N PHE J 345 -50.82 66.52 46.27
CA PHE J 345 -52.10 66.66 46.96
C PHE J 345 -52.04 67.78 48.00
N LEU J 346 -51.09 67.68 48.94
CA LEU J 346 -50.93 68.67 50.00
C LEU J 346 -50.79 70.09 49.45
N VAL J 347 -50.04 70.26 48.36
CA VAL J 347 -49.90 71.60 47.78
C VAL J 347 -51.26 72.13 47.35
N ASN J 348 -52.04 71.31 46.65
CA ASN J 348 -53.36 71.73 46.21
C ASN J 348 -54.26 72.06 47.41
N LEU J 349 -54.29 71.15 48.39
CA LEU J 349 -55.09 71.35 49.59
C LEU J 349 -54.73 72.66 50.30
N GLN J 350 -53.45 72.98 50.38
CA GLN J 350 -53.04 74.19 51.09
C GLN J 350 -52.94 75.38 50.17
N TYR J 351 -53.22 75.21 48.88
CA TYR J 351 -53.13 76.33 47.96
C TYR J 351 -54.21 77.36 48.29
N ARG J 352 -53.87 78.63 48.12
CA ARG J 352 -54.81 79.72 48.35
C ARG J 352 -55.03 80.48 47.06
N ARG J 353 -56.20 80.33 46.46
CA ARG J 353 -56.55 81.05 45.26
C ARG J 353 -56.88 82.49 45.60
N LEU J 354 -56.35 83.42 44.82
CA LEU J 354 -56.56 84.84 45.10
C LEU J 354 -57.24 85.58 43.96
N TYR J 355 -56.87 85.28 42.72
CA TYR J 355 -57.44 85.95 41.58
C TYR J 355 -58.80 85.36 41.22
N GLN J 356 -59.73 86.25 40.84
CA GLN J 356 -61.06 85.84 40.42
C GLN J 356 -61.13 85.69 38.90
N SER J 357 -60.87 86.76 38.17
CA SER J 357 -60.84 86.70 36.71
C SER J 357 -59.52 87.26 36.21
N MET J 358 -59.21 86.93 34.95
CA MET J 358 -57.98 87.38 34.33
C MET J 358 -58.15 88.68 33.55
N ASN J 359 -59.30 89.34 33.69
CA ASN J 359 -59.57 90.57 32.94
C ASN J 359 -58.47 91.61 33.13
N SER J 360 -58.14 91.93 34.37
CA SER J 360 -57.12 92.95 34.64
C SER J 360 -55.77 92.56 34.07
N GLN J 361 -55.39 91.29 34.18
CA GLN J 361 -54.10 90.85 33.65
C GLN J 361 -54.04 90.99 32.14
N TYR J 362 -55.09 90.56 31.45
CA TYR J 362 -55.10 90.67 30.01
C TYR J 362 -55.16 92.12 29.57
N LEU J 363 -55.87 92.97 30.32
CA LEU J 363 -55.90 94.39 29.97
C LEU J 363 -54.52 94.99 30.12
N LYS J 364 -53.80 94.57 31.17
CA LYS J 364 -52.44 95.07 31.39
C LYS J 364 -51.52 94.63 30.27
N LEU J 365 -51.68 93.39 29.81
CA LEU J 365 -50.83 92.91 28.71
C LEU J 365 -51.22 93.55 27.37
N LEU J 366 -52.50 93.83 27.15
CA LEU J 366 -52.94 94.42 25.90
C LEU J 366 -52.60 95.89 25.80
N SER J 367 -52.51 96.59 26.93
CA SER J 367 -52.23 98.01 26.91
C SER J 367 -50.89 98.35 26.25
N SER J 368 -49.88 97.50 26.41
CA SER J 368 -48.59 97.81 25.78
C SER J 368 -48.64 97.64 24.27
N GLN J 369 -49.44 96.69 23.78
CA GLN J 369 -49.60 96.41 22.35
C GLN J 369 -48.26 96.06 21.69
N LYS J 370 -47.33 95.47 22.44
CA LYS J 370 -46.04 95.09 21.87
C LYS J 370 -45.84 93.59 21.75
N TYR J 371 -46.58 92.79 22.52
CA TYR J 371 -46.44 91.35 22.57
C TYR J 371 -47.52 90.64 21.77
N GLN J 372 -47.13 89.52 21.19
CA GLN J 372 -48.01 88.66 20.40
C GLN J 372 -48.49 87.57 21.36
N ILE J 373 -49.80 87.51 21.58
CA ILE J 373 -50.38 86.55 22.51
C ILE J 373 -51.39 85.67 21.80
N LEU J 374 -51.35 84.38 22.14
CA LEU J 374 -52.21 83.36 21.58
C LEU J 374 -52.67 82.41 22.67
N LEU J 375 -53.97 82.17 22.69
CA LEU J 375 -54.62 81.24 23.60
C LEU J 375 -55.19 80.12 22.75
N TYR J 376 -54.82 78.88 23.06
CA TYR J 376 -55.27 77.75 22.27
C TYR J 376 -55.90 76.75 23.22
N ASN J 377 -57.02 76.19 22.78
CA ASN J 377 -57.80 75.26 23.58
C ASN J 377 -58.16 74.00 22.82
N GLY J 378 -58.01 72.86 23.50
CA GLY J 378 -58.42 71.58 22.94
C GLY J 378 -59.92 71.48 23.04
N ASP J 379 -60.55 71.15 21.91
CA ASP J 379 -62.01 71.13 21.88
C ASP J 379 -62.65 69.95 22.61
N VAL J 380 -61.95 69.07 23.32
CA VAL J 380 -62.61 67.99 24.03
C VAL J 380 -62.35 68.06 25.52
N ASP J 381 -61.80 69.16 26.00
CA ASP J 381 -61.54 69.40 27.41
C ASP J 381 -62.76 69.99 28.11
N MET J 382 -62.91 69.63 29.38
CA MET J 382 -63.99 70.15 30.20
C MET J 382 -63.46 70.93 31.39
N ALA J 383 -62.16 70.85 31.68
CA ALA J 383 -61.59 71.58 32.79
C ALA J 383 -61.46 73.06 32.43
N CYS J 384 -61.08 73.34 31.19
CA CYS J 384 -60.96 74.69 30.67
C CYS J 384 -61.44 74.69 29.21
N ASN J 385 -62.70 74.29 29.01
CA ASN J 385 -63.30 74.20 27.69
C ASN J 385 -63.01 75.42 26.82
N PHE J 386 -62.90 75.18 25.51
CA PHE J 386 -62.61 76.24 24.55
C PHE J 386 -63.63 77.36 24.55
N MET J 387 -64.88 77.05 24.90
CA MET J 387 -65.93 78.07 24.82
C MET J 387 -65.70 79.17 25.86
N GLY J 388 -65.43 78.77 27.10
CA GLY J 388 -65.14 79.76 28.12
C GLY J 388 -64.00 80.70 27.75
N ASP J 389 -62.98 80.17 27.08
CA ASP J 389 -61.88 81.07 26.71
C ASP J 389 -62.23 81.90 25.49
N GLU J 390 -63.12 81.41 24.63
CA GLU J 390 -63.47 82.25 23.50
C GLU J 390 -64.39 83.35 23.97
N TRP J 391 -65.25 83.03 24.94
CA TRP J 391 -66.13 84.05 25.49
C TRP J 391 -65.30 85.12 26.16
N PHE J 392 -64.37 84.70 27.03
CA PHE J 392 -63.50 85.66 27.70
C PHE J 392 -62.87 86.62 26.69
N VAL J 393 -62.19 86.03 25.69
CA VAL J 393 -61.51 86.85 24.69
C VAL J 393 -62.49 87.75 23.95
N ASP J 394 -63.72 87.29 23.75
CA ASP J 394 -64.67 88.17 23.07
C ASP J 394 -65.08 89.30 24.00
N SER J 395 -65.17 88.99 25.29
CA SER J 395 -65.52 89.98 26.30
C SER J 395 -64.41 90.98 26.47
N LEU J 396 -63.24 90.73 25.90
CA LEU J 396 -62.16 91.69 26.00
C LEU J 396 -62.40 92.90 25.11
N ASN J 397 -63.36 92.80 24.19
CA ASN J 397 -63.75 93.88 23.28
C ASN J 397 -62.57 94.51 22.54
N GLN J 398 -61.81 93.68 21.84
CA GLN J 398 -60.66 94.20 21.11
C GLN J 398 -61.02 94.41 19.65
N LYS J 399 -60.14 95.10 18.93
CA LYS J 399 -60.37 95.33 17.51
C LYS J 399 -60.17 94.04 16.74
N MET J 400 -61.16 93.65 15.94
CA MET J 400 -61.04 92.43 15.16
C MET J 400 -60.13 92.67 13.97
N GLU J 401 -59.16 91.77 13.77
CA GLU J 401 -58.27 91.90 12.62
C GLU J 401 -58.59 90.90 11.51
N VAL J 402 -59.17 89.76 11.86
CA VAL J 402 -59.53 88.71 10.91
C VAL J 402 -60.74 87.98 11.46
N GLN J 403 -61.77 87.85 10.63
CA GLN J 403 -62.95 87.11 11.07
C GLN J 403 -62.61 85.64 11.22
N ARG J 404 -63.20 85.03 12.26
CA ARG J 404 -62.97 83.63 12.60
C ARG J 404 -63.03 82.73 11.37
N ARG J 405 -62.10 81.79 11.31
CA ARG J 405 -61.98 80.88 10.18
C ARG J 405 -61.17 79.67 10.64
N PRO J 406 -61.19 78.59 9.87
CA PRO J 406 -60.41 77.41 10.26
C PRO J 406 -59.00 77.49 9.71
N TRP J 407 -58.10 76.76 10.36
CA TRP J 407 -56.71 76.68 9.96
C TRP J 407 -56.35 75.24 9.64
N LEU J 408 -55.45 75.08 8.67
CA LEU J 408 -55.07 73.78 8.16
C LEU J 408 -53.63 73.39 8.49
N VAL J 409 -53.41 72.08 8.44
CA VAL J 409 -52.13 71.44 8.70
C VAL J 409 -52.03 70.26 7.75
N ASP J 410 -50.84 70.04 7.21
CA ASP J 410 -50.62 68.98 6.23
C ASP J 410 -49.81 67.87 6.86
N TYR J 411 -50.28 66.64 6.69
CA TYR J 411 -49.55 65.47 7.16
C TYR J 411 -48.98 64.72 5.97
N GLY J 412 -47.85 64.04 6.22
CA GLY J 412 -47.19 63.22 5.23
C GLY J 412 -48.13 62.62 4.21
N GLU J 413 -48.00 63.02 2.94
CA GLU J 413 -48.77 62.47 1.84
C GLU J 413 -50.21 62.14 2.19
N SER J 414 -50.87 63.00 2.97
CA SER J 414 -52.25 62.71 3.32
C SER J 414 -53.17 63.92 3.19
N GLY J 415 -52.80 64.88 2.34
CA GLY J 415 -53.60 66.08 2.12
C GLY J 415 -53.74 67.04 3.28
N GLU J 416 -54.36 68.18 3.01
CA GLU J 416 -54.61 69.19 4.03
C GLU J 416 -55.73 68.74 4.97
N GLN J 417 -55.60 69.10 6.24
CA GLN J 417 -56.59 68.72 7.24
C GLN J 417 -56.87 69.94 8.11
N VAL J 418 -58.06 69.96 8.70
CA VAL J 418 -58.46 71.03 9.61
C VAL J 418 -57.90 70.75 10.99
N ALA J 419 -57.23 71.75 11.58
CA ALA J 419 -56.74 71.59 12.94
C ALA J 419 -57.53 72.41 13.95
N GLY J 420 -58.34 73.36 13.51
CA GLY J 420 -59.13 74.16 14.44
C GLY J 420 -59.60 75.44 13.77
N PHE J 421 -60.03 76.38 14.61
CA PHE J 421 -60.50 77.69 14.18
C PHE J 421 -59.67 78.76 14.87
N VAL J 422 -59.49 79.89 14.19
CA VAL J 422 -58.68 80.98 14.75
C VAL J 422 -59.38 82.32 14.61
N LYS J 423 -59.37 83.09 15.70
CA LYS J 423 -59.89 84.45 15.79
C LYS J 423 -58.69 85.34 16.05
N GLU J 424 -58.46 86.33 15.20
CA GLU J 424 -57.32 87.24 15.37
C GLU J 424 -57.80 88.66 15.63
N CYS J 425 -57.46 89.19 16.81
CA CYS J 425 -57.47 90.61 17.09
C CYS J 425 -56.01 91.05 17.25
N SER J 426 -55.77 92.35 17.06
CA SER J 426 -54.39 92.82 17.02
C SER J 426 -53.69 92.51 18.33
N HIS J 427 -52.62 91.72 18.25
CA HIS J 427 -51.74 91.29 19.33
C HIS J 427 -52.34 90.16 20.17
N ILE J 428 -53.58 89.74 19.95
CA ILE J 428 -54.13 88.63 20.72
C ILE J 428 -55.02 87.76 19.83
N THR J 429 -54.86 86.46 19.96
CA THR J 429 -55.51 85.50 19.09
C THR J 429 -56.04 84.33 19.90
N PHE J 430 -57.18 83.81 19.47
CA PHE J 430 -57.79 82.61 20.03
C PHE J 430 -57.76 81.51 18.99
N LEU J 431 -57.47 80.29 19.42
CA LEU J 431 -57.36 79.18 18.49
C LEU J 431 -57.81 77.90 19.15
N THR J 432 -58.46 77.06 18.37
CA THR J 432 -58.91 75.75 18.84
C THR J 432 -58.07 74.68 18.16
N ILE J 433 -57.90 73.56 18.85
CA ILE J 433 -57.19 72.42 18.29
C ILE J 433 -58.20 71.28 18.26
N LYS J 434 -58.66 70.95 17.06
CA LYS J 434 -59.66 69.91 16.89
C LYS J 434 -59.11 68.54 17.25
N GLY J 435 -59.78 67.87 18.18
CA GLY J 435 -59.37 66.55 18.62
C GLY J 435 -58.41 66.48 19.79
N ALA J 436 -57.95 67.62 20.31
CA ALA J 436 -57.03 67.58 21.44
C ALA J 436 -57.74 67.82 22.76
N GLY J 437 -57.25 67.17 23.80
CA GLY J 437 -57.74 67.30 25.15
C GLY J 437 -56.90 68.27 25.97
N HIS J 438 -56.89 68.05 27.28
CA HIS J 438 -56.15 68.92 28.18
C HIS J 438 -54.67 68.94 27.82
N MET J 439 -54.14 67.79 27.45
CA MET J 439 -52.74 67.64 27.07
C MET J 439 -52.67 67.54 25.55
N VAL J 440 -52.87 68.70 24.93
CA VAL J 440 -52.87 68.88 23.48
C VAL J 440 -51.71 68.14 22.82
N PRO J 441 -50.49 68.24 23.33
CA PRO J 441 -49.39 67.52 22.65
C PRO J 441 -49.58 66.02 22.62
N THR J 442 -50.22 65.45 23.64
CA THR J 442 -50.43 64.00 23.65
C THR J 442 -51.46 63.58 22.61
N ASP J 443 -52.49 64.39 22.39
CA ASP J 443 -53.53 63.96 21.45
C ASP J 443 -53.21 64.34 20.01
N LYS J 444 -52.69 65.53 19.78
CA LYS J 444 -52.36 66.00 18.44
C LYS J 444 -50.93 66.52 18.46
N PRO J 445 -49.95 65.63 18.54
CA PRO J 445 -48.56 66.08 18.57
C PRO J 445 -48.19 66.97 17.40
N ARG J 446 -48.36 66.47 16.18
CA ARG J 446 -47.88 67.19 15.01
C ARG J 446 -48.61 68.52 14.83
N ALA J 447 -49.93 68.52 15.01
CA ALA J 447 -50.66 69.77 14.90
C ALA J 447 -50.18 70.76 15.96
N ALA J 448 -49.95 70.26 17.17
CA ALA J 448 -49.45 71.11 18.24
C ALA J 448 -48.12 71.72 17.85
N PHE J 449 -47.26 70.94 17.20
CA PHE J 449 -45.96 71.45 16.80
C PHE J 449 -46.10 72.49 15.71
N THR J 450 -46.95 72.24 14.72
CA THR J 450 -47.10 73.22 13.65
C THR J 450 -47.64 74.54 14.17
N MET J 451 -48.65 74.49 15.06
CA MET J 451 -49.17 75.73 15.63
C MET J 451 -48.13 76.43 16.49
N PHE J 452 -47.42 75.67 17.31
CA PHE J 452 -46.39 76.26 18.15
C PHE J 452 -45.33 76.94 17.30
N SER J 453 -44.85 76.23 16.27
CA SER J 453 -43.85 76.80 15.37
C SER J 453 -44.32 78.08 14.71
N ARG J 454 -45.56 78.11 14.21
CA ARG J 454 -45.99 79.34 13.58
C ARG J 454 -46.21 80.45 14.60
N PHE J 455 -46.54 80.10 15.84
CA PHE J 455 -46.70 81.11 16.87
C PHE J 455 -45.34 81.74 17.18
N LEU J 456 -44.40 80.91 17.63
CA LEU J 456 -43.06 81.35 17.97
C LEU J 456 -42.45 82.18 16.84
N ASN J 457 -42.56 81.70 15.62
CA ASN J 457 -41.99 82.41 14.49
C ASN J 457 -42.85 83.58 14.03
N LYS J 458 -43.99 83.81 14.69
CA LYS J 458 -44.93 84.87 14.37
C LYS J 458 -45.40 84.82 12.92
N GLU J 459 -45.26 83.69 12.28
CA GLU J 459 -45.74 83.55 10.92
C GLU J 459 -47.26 83.49 10.95
N PRO J 460 -47.96 84.42 10.31
CA PRO J 460 -49.42 84.37 10.32
C PRO J 460 -49.93 83.09 9.68
N TYR J 461 -51.02 82.58 10.23
CA TYR J 461 -51.58 81.33 9.74
C TYR J 461 -52.20 81.52 8.36
N THR K 12 47.12 49.01 -26.48
CA THR K 12 45.68 49.02 -26.23
C THR K 12 44.90 48.80 -27.52
N GLN K 13 45.63 48.63 -28.62
CA GLN K 13 45.00 48.40 -29.91
C GLN K 13 44.33 47.03 -29.93
N ARG K 14 43.17 46.95 -30.58
CA ARG K 14 42.34 45.74 -30.54
C ARG K 14 42.77 44.84 -31.69
N THR K 15 43.49 43.78 -31.38
CA THR K 15 44.05 42.87 -32.37
C THR K 15 43.38 41.51 -32.20
N PHE K 16 42.32 41.27 -32.97
CA PHE K 16 41.64 39.98 -33.00
C PHE K 16 42.00 39.26 -34.28
N LYS K 17 42.49 38.02 -34.14
CA LYS K 17 42.78 37.23 -35.34
C LYS K 17 42.89 35.76 -34.95
N LEU K 18 42.67 34.90 -35.92
CA LEU K 18 42.74 33.46 -35.68
C LEU K 18 44.18 33.04 -35.42
N ASP K 19 44.36 32.19 -34.41
CA ASP K 19 45.67 31.65 -34.05
C ASP K 19 45.76 30.23 -34.58
N TYR K 20 46.32 30.11 -35.77
CA TYR K 20 46.49 28.81 -36.41
C TYR K 20 47.42 27.92 -35.59
N SER K 21 48.52 28.49 -35.11
CA SER K 21 49.46 27.75 -34.27
C SER K 21 48.77 27.04 -33.11
N ARG K 22 47.93 27.76 -32.38
CA ARG K 22 47.35 27.20 -31.17
C ARG K 22 45.86 26.92 -31.31
N ASP K 23 45.38 26.79 -32.56
CA ASP K 23 44.03 26.32 -32.85
C ASP K 23 42.96 27.10 -32.07
N ARG K 24 43.00 28.43 -32.17
CA ARG K 24 42.06 29.19 -31.35
C ARG K 24 41.83 30.56 -31.97
N PHE K 25 41.23 31.47 -31.22
CA PHE K 25 41.26 32.87 -31.56
C PHE K 25 42.24 33.57 -30.63
N LEU K 26 42.72 34.73 -31.07
CA LEU K 26 43.47 35.61 -30.18
C LEU K 26 42.78 36.95 -30.16
N LYS K 27 42.43 37.41 -28.95
CA LYS K 27 41.85 38.72 -28.71
C LYS K 27 42.80 39.51 -27.85
N ASP K 28 43.31 40.62 -28.40
CA ASP K 28 44.32 41.42 -27.73
C ASP K 28 45.46 40.55 -27.21
N GLY K 29 45.91 39.61 -28.03
CA GLY K 29 47.02 38.77 -27.65
C GLY K 29 46.68 37.65 -26.69
N GLN K 30 45.44 37.51 -26.28
CA GLN K 30 45.08 36.50 -25.33
C GLN K 30 44.30 35.39 -26.00
N PRO K 31 44.51 34.14 -25.58
CA PRO K 31 43.73 33.06 -26.18
C PRO K 31 42.26 33.29 -25.92
N PHE K 32 41.45 32.90 -26.89
CA PHE K 32 40.04 33.20 -26.80
C PHE K 32 39.27 32.12 -27.54
N ARG K 33 38.17 31.70 -26.93
CA ARG K 33 37.13 30.99 -27.64
C ARG K 33 35.79 31.49 -27.14
N TYR K 34 34.83 31.52 -28.06
CA TYR K 34 33.52 32.11 -27.79
C TYR K 34 32.47 31.04 -27.51
N ILE K 35 31.52 31.41 -26.65
CA ILE K 35 30.36 30.58 -26.34
C ILE K 35 29.19 31.51 -26.60
N SER K 36 28.50 31.28 -27.71
CA SER K 36 27.54 32.21 -28.27
C SER K 36 26.15 31.61 -28.30
N GLY K 37 25.15 32.48 -28.42
CA GLY K 37 23.79 32.04 -28.70
C GLY K 37 23.20 32.88 -29.80
N SER K 38 22.39 32.25 -30.64
CA SER K 38 21.68 32.96 -31.69
C SER K 38 20.49 33.73 -31.15
N ILE K 39 20.36 34.98 -31.58
CA ILE K 39 19.18 35.79 -31.32
C ILE K 39 18.87 36.57 -32.58
N HIS K 40 17.64 36.46 -33.06
CA HIS K 40 17.20 37.22 -34.23
C HIS K 40 16.46 38.46 -33.76
N TYR K 41 17.07 39.63 -33.94
CA TYR K 41 16.44 40.88 -33.52
C TYR K 41 15.12 41.08 -34.24
N PHE K 42 14.93 40.42 -35.37
CA PHE K 42 13.76 40.63 -36.20
C PHE K 42 12.62 39.69 -35.86
N ARG K 43 12.89 38.50 -35.34
CA ARG K 43 11.81 37.68 -34.84
C ARG K 43 11.36 38.07 -33.44
N ILE K 44 11.96 39.09 -32.84
CA ILE K 44 11.48 39.60 -31.57
C ILE K 44 11.32 41.11 -31.70
N PRO K 45 10.28 41.70 -31.14
CA PRO K 45 10.11 43.15 -31.26
C PRO K 45 11.22 43.91 -30.56
N ARG K 46 11.58 45.06 -31.14
CA ARG K 46 12.64 45.88 -30.58
C ARG K 46 12.38 46.29 -29.14
N PHE K 47 11.11 46.48 -28.80
CA PHE K 47 10.71 46.78 -27.44
C PHE K 47 11.38 45.84 -26.44
N TYR K 48 11.57 44.59 -26.84
CA TYR K 48 12.10 43.53 -25.98
C TYR K 48 13.53 43.12 -26.28
N TRP K 49 14.21 43.76 -27.25
CA TRP K 49 15.56 43.34 -27.58
C TRP K 49 16.46 43.29 -26.36
N GLU K 50 16.66 44.45 -25.72
CA GLU K 50 17.50 44.50 -24.53
C GLU K 50 17.24 43.31 -23.63
N ASP K 51 15.95 43.04 -23.37
CA ASP K 51 15.59 41.99 -22.44
C ASP K 51 16.28 40.68 -22.79
N ARG K 52 16.07 40.21 -24.01
CA ARG K 52 16.64 38.93 -24.38
C ARG K 52 18.15 39.00 -24.32
N LEU K 53 18.72 40.10 -24.81
CA LEU K 53 20.16 40.21 -24.84
C LEU K 53 20.73 40.20 -23.44
N LEU K 54 20.07 40.91 -22.52
CA LEU K 54 20.54 40.86 -21.14
C LEU K 54 20.44 39.44 -20.60
N LYS K 55 19.34 38.74 -20.89
CA LYS K 55 19.27 37.36 -20.46
C LYS K 55 20.41 36.56 -21.07
N MET K 56 20.72 36.85 -22.32
CA MET K 56 21.83 36.17 -22.96
C MET K 56 23.12 36.44 -22.21
N LYS K 57 23.37 37.70 -21.87
CA LYS K 57 24.54 37.99 -21.05
C LYS K 57 24.45 37.23 -19.73
N MET K 58 23.27 37.23 -19.10
CA MET K 58 23.20 36.56 -17.83
C MET K 58 23.38 35.06 -17.98
N ALA K 59 23.17 34.51 -19.18
CA ALA K 59 23.43 33.10 -19.35
C ALA K 59 24.93 32.81 -19.42
N GLY K 60 25.74 33.83 -19.61
CA GLY K 60 27.18 33.69 -19.68
C GLY K 60 27.75 33.70 -21.08
N LEU K 61 26.92 33.88 -22.09
CA LEU K 61 27.41 34.03 -23.46
C LEU K 61 28.21 35.32 -23.60
N ASN K 62 29.29 35.26 -24.35
CA ASN K 62 30.11 36.43 -24.64
C ASN K 62 30.01 36.91 -26.08
N ALA K 63 29.18 36.28 -26.89
CA ALA K 63 28.99 36.68 -28.28
C ALA K 63 27.59 36.26 -28.71
N ILE K 64 27.07 36.91 -29.75
CA ILE K 64 25.87 36.40 -30.40
C ILE K 64 26.14 36.12 -31.87
N GLN K 65 25.32 35.22 -32.42
CA GLN K 65 25.34 34.84 -33.83
C GLN K 65 23.98 35.16 -34.41
N MET K 66 23.90 36.16 -35.28
CA MET K 66 22.62 36.63 -35.79
C MET K 66 22.67 36.78 -37.29
N TYR K 67 21.50 36.69 -37.91
CA TYR K 67 21.35 36.81 -39.34
C TYR K 67 20.86 38.22 -39.69
N VAL K 68 21.29 38.71 -40.85
CA VAL K 68 20.71 39.93 -41.38
C VAL K 68 19.82 39.53 -42.55
N PRO K 69 18.51 39.51 -42.38
CA PRO K 69 17.62 39.16 -43.49
C PRO K 69 17.48 40.31 -44.47
N TRP K 70 17.97 40.09 -45.69
CA TRP K 70 17.96 41.12 -46.72
C TRP K 70 16.55 41.64 -46.95
N ASN K 71 15.59 40.71 -47.03
CA ASN K 71 14.20 41.05 -47.29
C ASN K 71 13.57 41.87 -46.16
N PHE K 72 14.11 41.77 -44.95
CA PHE K 72 13.57 42.58 -43.85
C PHE K 72 13.86 44.06 -44.03
N HIS K 73 14.95 44.40 -44.71
CA HIS K 73 15.31 45.80 -44.88
C HIS K 73 15.01 46.37 -46.25
N GLU K 74 14.85 45.54 -47.28
CA GLU K 74 14.56 46.06 -48.63
C GLU K 74 13.37 45.30 -49.22
N PRO K 75 12.15 45.64 -48.80
CA PRO K 75 10.98 44.91 -49.31
C PRO K 75 10.77 45.14 -50.79
N GLN K 76 11.16 46.32 -51.29
CA GLN K 76 11.06 46.70 -52.69
C GLN K 76 12.41 47.21 -53.15
N PRO K 77 12.79 46.95 -54.41
CA PRO K 77 14.16 47.26 -54.86
C PRO K 77 14.49 48.74 -54.68
N GLY K 78 15.57 49.00 -53.97
CA GLY K 78 16.02 50.35 -53.76
C GLY K 78 15.33 51.07 -52.64
N GLN K 79 14.36 50.44 -52.00
CA GLN K 79 13.71 50.98 -50.81
C GLN K 79 14.25 50.28 -49.56
N TYR K 80 14.82 51.06 -48.66
CA TYR K 80 15.52 50.53 -47.50
C TYR K 80 14.89 51.07 -46.22
N GLU K 81 14.76 50.21 -45.22
CA GLU K 81 14.21 50.59 -43.92
C GLU K 81 15.21 50.20 -42.83
N PHE K 82 15.64 51.19 -42.05
CA PHE K 82 16.69 50.95 -41.06
C PHE K 82 16.48 51.69 -39.75
N SER K 83 15.28 52.15 -39.45
CA SER K 83 15.03 52.97 -38.27
C SER K 83 14.04 52.28 -37.36
N GLY K 84 14.20 52.52 -36.06
CA GLY K 84 13.29 51.94 -35.07
C GLY K 84 13.35 50.43 -35.09
N ASP K 85 12.21 49.80 -35.31
CA ASP K 85 12.17 48.34 -35.43
C ASP K 85 13.05 47.85 -36.56
N ARG K 86 13.35 48.71 -37.52
CA ARG K 86 14.21 48.37 -38.65
C ARG K 86 15.68 48.68 -38.40
N ASP K 87 16.05 49.14 -37.20
CA ASP K 87 17.40 49.66 -36.96
C ASP K 87 18.32 48.56 -36.43
N VAL K 88 18.81 47.73 -37.35
CA VAL K 88 19.70 46.64 -36.96
C VAL K 88 20.96 47.21 -36.31
N GLU K 89 21.45 48.33 -36.86
CA GLU K 89 22.69 48.90 -36.36
C GLU K 89 22.55 49.29 -34.90
N HIS K 90 21.38 49.81 -34.53
CA HIS K 90 21.11 50.10 -33.13
C HIS K 90 21.13 48.82 -32.30
N PHE K 91 20.64 47.71 -32.87
CA PHE K 91 20.66 46.44 -32.15
C PHE K 91 22.08 46.01 -31.84
N ILE K 92 22.95 46.11 -32.85
CA ILE K 92 24.36 45.76 -32.65
C ILE K 92 24.99 46.68 -31.62
N GLN K 93 24.69 47.98 -31.72
CA GLN K 93 25.24 48.92 -30.75
C GLN K 93 24.78 48.59 -29.33
N LEU K 94 23.52 48.21 -29.19
CA LEU K 94 22.99 47.83 -27.88
C LEU K 94 23.73 46.61 -27.33
N ALA K 95 23.92 45.61 -28.18
CA ALA K 95 24.68 44.43 -27.76
C ALA K 95 26.06 44.84 -27.28
N HIS K 96 26.76 45.68 -28.05
CA HIS K 96 28.06 46.18 -27.62
C HIS K 96 27.98 46.87 -26.28
N GLU K 97 26.92 47.66 -26.07
CA GLU K 97 26.78 48.38 -24.81
C GLU K 97 26.60 47.41 -23.66
N LEU K 98 26.02 46.24 -23.93
CA LEU K 98 25.89 45.23 -22.88
C LEU K 98 27.16 44.43 -22.65
N GLY K 99 28.22 44.68 -23.41
CA GLY K 99 29.44 43.92 -23.26
C GLY K 99 29.45 42.59 -23.96
N LEU K 100 28.61 42.42 -24.97
CA LEU K 100 28.51 41.20 -25.76
C LEU K 100 29.21 41.39 -27.09
N LEU K 101 29.91 40.36 -27.54
CA LEU K 101 30.49 40.45 -28.87
C LEU K 101 29.46 39.98 -29.89
N VAL K 102 29.73 40.23 -31.17
CA VAL K 102 28.77 39.88 -32.20
C VAL K 102 29.43 39.09 -33.33
N ILE K 103 28.82 37.98 -33.70
CA ILE K 103 29.12 37.24 -34.92
C ILE K 103 28.02 37.60 -35.91
N LEU K 104 28.37 38.29 -36.99
CA LEU K 104 27.38 38.75 -37.95
C LEU K 104 27.27 37.77 -39.11
N ARG K 105 26.04 37.44 -39.49
CA ARG K 105 25.77 36.52 -40.58
C ARG K 105 24.85 37.18 -41.60
N PRO K 106 25.42 37.98 -42.51
CA PRO K 106 24.59 38.82 -43.39
C PRO K 106 24.10 38.13 -44.66
N GLY K 107 24.32 36.83 -44.81
CA GLY K 107 23.76 36.09 -45.91
C GLY K 107 24.61 36.25 -47.16
N PRO K 108 23.98 36.54 -48.30
CA PRO K 108 22.64 37.08 -48.47
C PRO K 108 21.52 36.07 -48.27
N TYR K 109 21.82 34.78 -48.28
CA TYR K 109 20.84 33.76 -47.94
C TYR K 109 21.09 33.29 -46.53
N ILE K 110 20.03 33.22 -45.72
CA ILE K 110 20.18 32.85 -44.31
C ILE K 110 19.42 31.59 -43.95
N CYS K 111 18.56 31.08 -44.83
CA CYS K 111 17.72 29.93 -44.53
C CYS K 111 16.81 30.28 -43.36
N ALA K 112 17.13 29.75 -42.18
CA ALA K 112 16.66 30.28 -40.92
C ALA K 112 15.16 30.12 -40.73
N GLU K 113 14.53 29.25 -41.52
CA GLU K 113 13.08 29.13 -41.53
C GLU K 113 12.46 30.52 -41.68
N TRP K 114 13.05 31.31 -42.56
CA TRP K 114 12.66 32.68 -42.82
C TRP K 114 12.37 32.81 -44.31
N ASP K 115 11.52 33.77 -44.66
CA ASP K 115 10.94 33.79 -46.00
C ASP K 115 12.01 33.90 -47.08
N MET K 116 11.99 32.95 -48.02
CA MET K 116 12.84 32.93 -49.21
C MET K 116 14.32 33.06 -48.83
N GLY K 117 14.67 32.60 -47.64
CA GLY K 117 16.04 32.66 -47.17
C GLY K 117 16.58 34.07 -47.12
N GLY K 118 15.71 35.05 -46.93
CA GLY K 118 16.12 36.43 -46.81
C GLY K 118 16.12 37.20 -48.10
N LEU K 119 16.06 36.51 -49.23
CA LEU K 119 16.13 37.15 -50.52
C LEU K 119 14.81 37.82 -50.87
N PRO K 120 14.86 39.02 -51.44
CA PRO K 120 13.62 39.74 -51.74
C PRO K 120 12.86 39.09 -52.89
N ALA K 121 11.54 39.02 -52.74
CA ALA K 121 10.72 38.32 -53.71
C ALA K 121 10.76 38.99 -55.08
N TRP K 122 10.99 40.30 -55.12
CA TRP K 122 11.06 41.00 -56.40
C TRP K 122 12.23 40.56 -57.26
N LEU K 123 13.21 39.85 -56.71
CA LEU K 123 14.22 39.22 -57.55
C LEU K 123 13.58 38.32 -58.58
N LEU K 124 12.45 37.70 -58.25
CA LEU K 124 11.74 36.79 -59.13
C LEU K 124 11.02 37.49 -60.26
N GLU K 125 11.13 38.82 -60.38
CA GLU K 125 10.55 39.51 -61.52
C GLU K 125 11.18 39.06 -62.84
N LYS K 126 12.43 38.60 -62.80
CA LYS K 126 12.98 37.82 -63.91
C LYS K 126 12.62 36.37 -63.69
N GLN K 127 11.78 35.84 -64.59
CA GLN K 127 11.14 34.55 -64.34
C GLN K 127 12.16 33.43 -64.23
N SER K 128 13.16 33.43 -65.11
CA SER K 128 14.13 32.33 -65.12
C SER K 128 15.40 32.65 -64.35
N ILE K 129 15.43 33.78 -63.63
CA ILE K 129 16.62 34.18 -62.88
C ILE K 129 16.99 33.04 -61.94
N VAL K 130 18.26 32.94 -61.57
CA VAL K 130 18.73 31.90 -60.66
C VAL K 130 19.29 32.57 -59.43
N LEU K 131 18.85 32.12 -58.26
CA LEU K 131 19.37 32.62 -56.99
C LEU K 131 20.54 31.75 -56.54
N ARG K 132 21.44 32.37 -55.77
CA ARG K 132 22.62 31.71 -55.23
C ARG K 132 23.42 31.04 -56.33
N SER K 133 23.75 31.83 -57.35
CA SER K 133 24.54 31.38 -58.49
C SER K 133 25.29 32.58 -59.05
N SER K 134 25.98 32.37 -60.16
CA SER K 134 26.67 33.43 -60.86
C SER K 134 25.79 34.19 -61.84
N ASP K 135 24.48 34.00 -61.78
CA ASP K 135 23.55 34.80 -62.55
C ASP K 135 23.89 36.29 -62.47
N PRO K 136 24.19 36.95 -63.59
CA PRO K 136 24.69 38.32 -63.52
C PRO K 136 23.75 39.26 -62.80
N ASP K 137 22.43 39.06 -62.96
CA ASP K 137 21.47 39.95 -62.31
C ASP K 137 21.39 39.66 -60.82
N TYR K 138 21.53 38.39 -60.46
CA TYR K 138 21.58 38.02 -59.05
C TYR K 138 22.82 38.61 -58.42
N LEU K 139 23.97 38.45 -59.08
CA LEU K 139 25.21 38.93 -58.51
C LEU K 139 25.18 40.44 -58.39
N VAL K 140 24.59 41.13 -59.37
CA VAL K 140 24.47 42.58 -59.29
C VAL K 140 23.61 42.99 -58.11
N ALA K 141 22.47 42.33 -57.94
CA ALA K 141 21.59 42.70 -56.84
C ALA K 141 22.23 42.42 -55.48
N VAL K 142 22.83 41.25 -55.33
CA VAL K 142 23.63 40.93 -54.15
C VAL K 142 24.67 42.01 -53.90
N ASP K 143 25.44 42.36 -54.92
CA ASP K 143 26.48 43.36 -54.76
C ASP K 143 25.90 44.67 -54.25
N LYS K 144 24.75 45.09 -54.81
CA LYS K 144 24.16 46.36 -54.41
C LYS K 144 23.71 46.30 -52.95
N TRP K 145 23.10 45.18 -52.57
CA TRP K 145 22.69 44.98 -51.19
C TRP K 145 23.87 45.05 -50.25
N LEU K 146 24.95 44.33 -50.59
CA LEU K 146 26.16 44.38 -49.77
C LEU K 146 26.70 45.79 -49.68
N ALA K 147 26.76 46.50 -50.82
CA ALA K 147 27.27 47.86 -50.84
C ALA K 147 26.43 48.79 -49.98
N VAL K 148 25.18 48.42 -49.72
CA VAL K 148 24.34 49.21 -48.82
C VAL K 148 24.52 48.78 -47.37
N LEU K 149 24.41 47.47 -47.11
CA LEU K 149 24.45 46.94 -45.75
C LEU K 149 25.82 47.01 -45.10
N LEU K 150 26.85 46.52 -45.79
CA LEU K 150 28.17 46.40 -45.18
C LEU K 150 28.79 47.70 -44.70
N PRO K 151 28.66 48.84 -45.39
CA PRO K 151 29.20 50.09 -44.79
C PRO K 151 28.53 50.46 -43.49
N LYS K 152 27.27 50.08 -43.29
CA LYS K 152 26.68 50.25 -41.96
C LYS K 152 27.36 49.37 -40.91
N MET K 153 27.79 48.17 -41.29
CA MET K 153 28.45 47.28 -40.35
C MET K 153 29.90 47.63 -40.10
N LYS K 154 30.55 48.29 -41.05
CA LYS K 154 31.97 48.61 -40.94
C LYS K 154 32.36 49.28 -39.63
N PRO K 155 31.70 50.34 -39.16
CA PRO K 155 32.13 50.93 -37.89
C PRO K 155 31.86 50.03 -36.72
N LEU K 156 31.01 49.02 -36.87
CA LEU K 156 30.71 48.08 -35.82
C LEU K 156 31.68 46.91 -35.78
N LEU K 157 32.67 46.87 -36.68
CA LEU K 157 33.65 45.80 -36.66
C LEU K 157 34.58 45.94 -35.47
N TYR K 158 35.03 44.79 -34.95
CA TYR K 158 35.85 44.79 -33.74
C TYR K 158 37.06 45.68 -33.89
N GLN K 159 37.69 45.67 -35.07
CA GLN K 159 38.92 46.40 -35.22
C GLN K 159 38.68 47.90 -35.35
N ASN K 160 37.42 48.29 -35.55
CA ASN K 160 37.03 49.69 -35.58
C ASN K 160 36.37 50.09 -34.27
N GLY K 161 36.36 49.20 -33.29
CA GLY K 161 35.88 49.47 -31.95
C GLY K 161 34.49 48.97 -31.64
N GLY K 162 33.87 48.20 -32.54
CA GLY K 162 32.57 47.63 -32.29
C GLY K 162 32.62 46.18 -31.87
N PRO K 163 31.45 45.55 -31.80
CA PRO K 163 31.34 44.16 -31.33
C PRO K 163 31.43 43.08 -32.40
N ILE K 164 31.72 43.39 -33.65
CA ILE K 164 31.67 42.39 -34.72
C ILE K 164 33.03 41.75 -34.87
N ILE K 165 33.10 40.44 -34.63
CA ILE K 165 34.37 39.73 -34.59
C ILE K 165 34.53 38.75 -35.75
N THR K 166 33.46 38.14 -36.25
CA THR K 166 33.53 37.24 -37.38
C THR K 166 32.28 37.42 -38.23
N VAL K 167 32.37 37.00 -39.50
CA VAL K 167 31.28 37.21 -40.44
C VAL K 167 31.08 35.94 -41.27
N GLN K 168 29.84 35.43 -41.26
CA GLN K 168 29.46 34.30 -42.10
C GLN K 168 29.16 34.79 -43.52
N VAL K 169 29.61 34.03 -44.51
CA VAL K 169 29.27 34.34 -45.89
C VAL K 169 28.10 33.52 -46.46
N GLU K 170 27.83 32.34 -45.93
CA GLU K 170 26.73 31.55 -46.50
C GLU K 170 26.04 30.77 -45.41
N ASN K 171 25.33 29.71 -45.80
CA ASN K 171 24.65 28.86 -44.83
C ASN K 171 24.36 27.53 -45.51
N GLU K 172 25.04 26.48 -45.07
CA GLU K 172 24.93 25.15 -45.68
C GLU K 172 24.94 25.24 -47.20
N TYR K 173 25.94 25.93 -47.74
CA TYR K 173 26.00 26.11 -49.18
C TYR K 173 26.16 24.78 -49.89
N GLY K 174 26.67 23.78 -49.19
CA GLY K 174 26.86 22.45 -49.73
C GLY K 174 25.57 21.71 -49.99
N SER K 175 24.47 22.21 -49.43
CA SER K 175 23.15 21.66 -49.66
C SER K 175 22.50 22.21 -50.91
N TYR K 176 23.06 23.25 -51.51
CA TYR K 176 22.46 23.87 -52.67
C TYR K 176 22.99 23.16 -53.91
N PHE K 177 22.15 23.11 -54.96
CA PHE K 177 22.51 22.33 -56.14
C PHE K 177 23.65 22.94 -56.94
N ALA K 178 23.84 24.25 -56.87
CA ALA K 178 24.68 24.92 -57.85
C ALA K 178 26.15 24.54 -57.71
N CYS K 179 26.65 24.41 -56.48
CA CYS K 179 28.07 24.11 -56.26
C CYS K 179 28.94 25.12 -57.00
N ASP K 180 28.55 26.37 -56.96
CA ASP K 180 29.26 27.44 -57.67
C ASP K 180 30.34 27.99 -56.76
N TYR K 181 31.59 27.81 -57.16
CA TYR K 181 32.69 28.43 -56.45
C TYR K 181 33.03 29.80 -57.01
N ASP K 182 32.64 30.08 -58.26
CA ASP K 182 32.74 31.45 -58.75
C ASP K 182 31.84 32.38 -57.95
N TYR K 183 30.64 31.89 -57.59
CA TYR K 183 29.70 32.69 -56.81
C TYR K 183 30.28 33.04 -55.45
N LEU K 184 30.80 32.04 -54.75
CA LEU K 184 31.45 32.25 -53.47
C LEU K 184 32.64 33.19 -53.60
N ARG K 185 33.49 32.96 -54.62
CA ARG K 185 34.59 33.89 -54.84
C ARG K 185 34.09 35.32 -55.05
N PHE K 186 32.99 35.48 -55.77
CA PHE K 186 32.47 36.83 -56.02
C PHE K 186 32.03 37.48 -54.72
N LEU K 187 31.27 36.73 -53.91
CA LEU K 187 30.91 37.21 -52.59
C LEU K 187 32.12 37.57 -51.77
N VAL K 188 33.13 36.71 -51.76
CA VAL K 188 34.28 36.93 -50.90
C VAL K 188 35.05 38.18 -51.34
N HIS K 189 35.21 38.36 -52.64
CA HIS K 189 35.86 39.57 -53.14
C HIS K 189 35.09 40.80 -52.70
N ARG K 190 33.76 40.78 -52.85
CA ARG K 190 32.99 41.96 -52.47
C ARG K 190 33.03 42.22 -50.98
N PHE K 191 32.99 41.15 -50.17
CA PHE K 191 33.08 41.33 -48.73
C PHE K 191 34.43 41.91 -48.34
N ARG K 192 35.51 41.39 -48.90
CA ARG K 192 36.82 41.95 -48.62
C ARG K 192 36.90 43.41 -49.05
N TYR K 193 36.31 43.73 -50.19
CA TYR K 193 36.38 45.09 -50.71
C TYR K 193 35.65 46.07 -49.81
N HIS K 194 34.42 45.75 -49.42
CA HIS K 194 33.66 46.69 -48.61
C HIS K 194 34.07 46.68 -47.15
N LEU K 195 34.51 45.55 -46.61
CA LEU K 195 34.77 45.44 -45.18
C LEU K 195 36.23 45.47 -44.81
N GLY K 196 37.13 45.23 -45.75
CA GLY K 196 38.56 45.28 -45.46
C GLY K 196 39.13 43.90 -45.19
N ASN K 197 40.43 43.78 -45.39
CA ASN K 197 41.08 42.49 -45.19
C ASN K 197 41.11 42.06 -43.73
N ASP K 198 40.85 42.98 -42.80
CA ASP K 198 41.03 42.67 -41.39
C ASP K 198 39.97 41.71 -40.88
N VAL K 199 38.75 41.81 -41.40
CA VAL K 199 37.62 41.00 -40.97
C VAL K 199 37.97 39.52 -40.97
N ILE K 200 37.35 38.77 -40.07
CA ILE K 200 37.46 37.32 -40.05
C ILE K 200 36.20 36.75 -40.68
N LEU K 201 36.38 35.98 -41.74
CA LEU K 201 35.29 35.44 -42.53
C LEU K 201 35.23 33.93 -42.37
N PHE K 202 34.02 33.39 -42.20
CA PHE K 202 33.87 31.96 -41.96
C PHE K 202 32.63 31.48 -42.69
N THR K 203 32.53 30.17 -42.85
CA THR K 203 31.36 29.51 -43.39
C THR K 203 30.79 28.53 -42.39
N THR K 204 29.53 28.17 -42.62
CA THR K 204 28.86 27.13 -41.84
C THR K 204 28.20 26.15 -42.79
N ASP K 205 28.41 24.85 -42.56
CA ASP K 205 27.79 23.83 -43.37
C ASP K 205 27.42 22.64 -42.50
N GLY K 206 26.59 21.77 -43.06
CA GLY K 206 26.27 20.53 -42.40
C GLY K 206 27.51 19.70 -42.12
N ALA K 207 27.49 18.94 -41.02
CA ALA K 207 28.69 18.27 -40.55
C ALA K 207 28.86 16.97 -41.31
N SER K 208 29.27 17.12 -42.58
CA SER K 208 29.67 16.02 -43.43
C SER K 208 30.49 16.61 -44.56
N GLU K 209 31.61 15.97 -44.88
CA GLU K 209 32.55 16.53 -45.83
C GLU K 209 31.90 16.79 -47.19
N LYS K 210 30.85 16.03 -47.51
CA LYS K 210 30.19 16.20 -48.81
C LYS K 210 29.69 17.62 -48.97
N MET K 211 29.17 18.22 -47.91
CA MET K 211 28.67 19.59 -47.99
C MET K 211 29.83 20.59 -48.04
N LEU K 212 30.87 20.38 -47.23
CA LEU K 212 31.99 21.30 -47.28
C LEU K 212 32.64 21.31 -48.65
N LYS K 213 32.53 20.17 -49.37
CA LYS K 213 33.09 20.06 -50.71
C LYS K 213 32.66 21.24 -51.56
N CYS K 214 31.38 21.60 -51.49
CA CYS K 214 30.83 22.68 -52.29
C CYS K 214 30.65 23.95 -51.49
N GLY K 215 30.91 23.91 -50.18
CA GLY K 215 30.70 25.10 -49.37
C GLY K 215 31.95 25.91 -49.08
N THR K 216 33.08 25.25 -48.81
CA THR K 216 34.26 25.96 -48.37
C THR K 216 34.85 26.79 -49.50
N LEU K 217 35.93 27.50 -49.19
CA LEU K 217 36.61 28.35 -50.16
C LEU K 217 37.93 28.84 -49.57
N GLN K 218 38.97 28.91 -50.41
CA GLN K 218 40.22 29.54 -50.03
C GLN K 218 40.01 30.94 -49.49
N ASP K 219 40.93 31.39 -48.64
CA ASP K 219 40.92 32.73 -48.08
C ASP K 219 39.63 32.98 -47.31
N LEU K 220 39.05 31.92 -46.78
CA LEU K 220 37.82 32.02 -46.01
C LEU K 220 37.77 30.83 -45.06
N TYR K 221 37.60 31.10 -43.78
CA TYR K 221 37.65 30.04 -42.80
C TYR K 221 36.43 29.15 -42.95
N ALA K 222 36.57 27.88 -42.59
CA ALA K 222 35.51 26.89 -42.79
C ALA K 222 35.05 26.36 -41.45
N THR K 223 33.74 26.34 -41.24
CA THR K 223 33.16 25.73 -40.06
C THR K 223 31.94 24.91 -40.46
N VAL K 224 31.51 24.07 -39.52
CA VAL K 224 30.40 23.15 -39.69
C VAL K 224 29.35 23.44 -38.62
N ASP K 225 28.17 22.85 -38.81
CA ASP K 225 27.17 22.80 -37.75
C ASP K 225 26.72 21.35 -37.54
N PHE K 226 26.28 21.06 -36.33
CA PHE K 226 25.76 19.74 -35.99
C PHE K 226 25.15 19.78 -34.61
N GLY K 227 24.15 18.93 -34.41
CA GLY K 227 23.48 18.80 -33.13
C GLY K 227 23.88 17.54 -32.38
N THR K 228 22.98 17.04 -31.53
CA THR K 228 23.31 15.95 -30.62
C THR K 228 23.34 14.61 -31.31
N GLY K 229 22.82 14.51 -32.52
CA GLY K 229 22.79 13.26 -33.26
C GLY K 229 23.89 13.12 -34.27
N ASN K 230 25.07 13.65 -33.95
CA ASN K 230 26.24 13.56 -34.81
C ASN K 230 27.44 13.14 -33.98
N ASN K 231 28.29 12.29 -34.54
CA ASN K 231 29.54 11.99 -33.87
C ASN K 231 30.39 13.24 -33.79
N ILE K 232 30.66 13.69 -32.56
CA ILE K 232 31.38 14.95 -32.38
C ILE K 232 32.79 14.84 -32.91
N THR K 233 33.48 13.75 -32.51
CA THR K 233 34.81 13.46 -33.06
C THR K 233 34.80 13.46 -34.57
N GLN K 234 33.84 12.76 -35.18
CA GLN K 234 33.78 12.70 -36.64
C GLN K 234 33.51 14.07 -37.21
N ALA K 235 32.65 14.86 -36.57
CA ALA K 235 32.32 16.19 -37.08
C ALA K 235 33.56 17.08 -37.09
N PHE K 236 34.29 17.13 -35.99
CA PHE K 236 35.45 18.01 -35.96
C PHE K 236 36.60 17.45 -36.79
N LEU K 237 36.69 16.13 -36.93
CA LEU K 237 37.61 15.56 -37.91
C LEU K 237 37.27 16.04 -39.31
N VAL K 238 35.99 16.08 -39.63
CA VAL K 238 35.55 16.58 -40.92
C VAL K 238 35.96 18.03 -41.09
N GLN K 239 35.76 18.84 -40.06
CA GLN K 239 36.20 20.24 -40.14
C GLN K 239 37.70 20.32 -40.35
N ARG K 240 38.46 19.56 -39.57
CA ARG K 240 39.92 19.63 -39.62
C ARG K 240 40.46 19.18 -40.96
N LYS K 241 39.74 18.30 -41.64
CA LYS K 241 40.12 17.93 -43.00
C LYS K 241 40.09 19.14 -43.92
N PHE K 242 39.29 20.16 -43.59
CA PHE K 242 39.24 21.40 -44.35
C PHE K 242 39.96 22.56 -43.66
N GLU K 243 40.12 22.51 -42.34
CA GLU K 243 40.89 23.50 -41.60
C GLU K 243 41.85 22.75 -40.68
N PRO K 244 43.01 22.37 -41.19
CA PRO K 244 43.96 21.65 -40.33
C PRO K 244 44.37 22.42 -39.09
N LYS K 245 44.38 23.75 -39.16
CA LYS K 245 44.80 24.57 -38.05
C LYS K 245 43.76 25.65 -37.77
N GLY K 246 43.59 25.96 -36.49
CA GLY K 246 42.61 26.92 -36.05
C GLY K 246 41.55 26.34 -35.14
N PRO K 247 40.71 27.22 -34.61
CA PRO K 247 39.70 26.77 -33.65
C PRO K 247 38.68 25.85 -34.29
N LEU K 248 38.26 24.84 -33.53
CA LEU K 248 37.10 24.05 -33.92
C LEU K 248 35.85 24.88 -33.67
N ILE K 249 34.93 24.89 -34.64
CA ILE K 249 33.73 25.72 -34.49
C ILE K 249 32.50 24.99 -35.00
N ASN K 250 31.47 24.93 -34.16
CA ASN K 250 30.12 24.52 -34.53
C ASN K 250 29.27 25.79 -34.48
N SER K 251 28.91 26.32 -35.64
CA SER K 251 28.20 27.59 -35.66
C SER K 251 26.73 27.48 -35.33
N GLU K 252 26.15 26.28 -35.44
CA GLU K 252 24.75 26.07 -35.11
C GLU K 252 24.65 24.69 -34.47
N PHE K 253 24.93 24.63 -33.18
CA PHE K 253 24.71 23.42 -32.40
C PHE K 253 23.26 23.44 -31.95
N TYR K 254 22.44 22.59 -32.55
CA TYR K 254 20.99 22.70 -32.39
C TYR K 254 20.57 22.23 -31.01
N THR K 255 19.94 23.13 -30.27
CA THR K 255 19.42 22.91 -28.93
C THR K 255 18.01 22.38 -28.93
N GLY K 256 17.37 22.38 -30.10
CA GLY K 256 15.98 22.04 -30.28
C GLY K 256 15.80 21.85 -31.76
N TRP K 257 14.61 22.12 -32.29
CA TRP K 257 14.44 21.97 -33.73
C TRP K 257 13.25 22.80 -34.17
N LEU K 258 13.16 23.00 -35.47
CA LEU K 258 12.04 23.73 -36.02
C LEU K 258 10.78 22.86 -36.01
N ASP K 259 9.65 23.51 -36.21
CA ASP K 259 8.36 22.85 -36.31
C ASP K 259 7.80 22.99 -37.71
N HIS K 260 6.82 22.16 -38.00
CA HIS K 260 5.94 22.36 -39.13
C HIS K 260 4.49 22.23 -38.67
N TRP K 261 3.61 22.97 -39.32
CA TRP K 261 2.19 22.79 -39.10
C TRP K 261 1.82 21.31 -39.26
N GLY K 262 1.00 20.82 -38.34
CA GLY K 262 0.59 19.42 -38.42
C GLY K 262 1.61 18.45 -37.88
N LYS K 263 2.88 18.62 -38.24
CA LYS K 263 3.91 17.78 -37.67
C LYS K 263 3.98 18.03 -36.16
N PRO K 264 4.13 16.98 -35.34
CA PRO K 264 4.16 17.20 -33.90
C PRO K 264 5.32 18.10 -33.54
N HIS K 265 5.13 18.89 -32.49
CA HIS K 265 6.19 19.77 -32.01
C HIS K 265 7.41 18.96 -31.65
N SER K 266 8.56 19.37 -32.18
CA SER K 266 9.81 18.68 -31.86
C SER K 266 10.22 19.03 -30.45
N THR K 267 10.61 18.02 -29.68
CA THR K 267 11.15 18.24 -28.34
C THR K 267 12.39 17.40 -28.16
N VAL K 268 13.45 18.03 -27.68
CA VAL K 268 14.70 17.36 -27.34
C VAL K 268 14.93 17.57 -25.85
N LYS K 269 15.27 16.50 -25.15
CA LYS K 269 15.45 16.59 -23.71
C LYS K 269 16.53 17.60 -23.37
N THR K 270 16.24 18.43 -22.36
CA THR K 270 17.19 19.42 -21.87
C THR K 270 18.56 18.82 -21.57
N LYS K 271 18.60 17.87 -20.65
CA LYS K 271 19.90 17.41 -20.16
C LYS K 271 20.70 16.67 -21.22
N THR K 272 20.05 16.11 -22.23
CA THR K 272 20.80 15.56 -23.36
C THR K 272 21.58 16.66 -24.07
N LEU K 273 20.90 17.78 -24.35
CA LEU K 273 21.58 18.94 -24.91
C LEU K 273 22.69 19.42 -23.98
N ALA K 274 22.44 19.39 -22.67
CA ALA K 274 23.44 19.84 -21.72
C ALA K 274 24.70 18.97 -21.78
N THR K 275 24.51 17.65 -21.80
CA THR K 275 25.64 16.74 -21.87
C THR K 275 26.43 16.95 -23.16
N SER K 276 25.71 17.07 -24.28
CA SER K 276 26.41 17.29 -25.54
C SER K 276 27.17 18.60 -25.51
N LEU K 277 26.56 19.65 -24.97
CA LEU K 277 27.24 20.94 -24.90
C LEU K 277 28.52 20.84 -24.08
N TYR K 278 28.44 20.15 -22.94
CA TYR K 278 29.64 19.95 -22.14
C TYR K 278 30.72 19.24 -22.94
N ASN K 279 30.33 18.20 -23.69
CA ASN K 279 31.29 17.48 -24.51
C ASN K 279 31.96 18.40 -25.52
N LEU K 280 31.16 19.22 -26.20
CA LEU K 280 31.72 20.16 -27.17
C LEU K 280 32.67 21.14 -26.49
N LEU K 281 32.27 21.66 -25.33
CA LEU K 281 33.10 22.63 -24.63
C LEU K 281 34.41 22.02 -24.19
N ALA K 282 34.39 20.77 -23.74
CA ALA K 282 35.61 20.11 -23.31
C ALA K 282 36.65 19.98 -24.41
N ARG K 283 36.25 20.00 -25.68
CA ARG K 283 37.28 20.02 -26.71
C ARG K 283 37.89 21.40 -26.90
N GLY K 284 37.35 22.43 -26.27
CA GLY K 284 37.89 23.76 -26.44
C GLY K 284 37.40 24.47 -27.68
N ALA K 285 36.39 23.91 -28.36
CA ALA K 285 35.88 24.49 -29.59
C ALA K 285 35.11 25.78 -29.32
N ASN K 286 34.62 26.38 -30.41
CA ASN K 286 33.70 27.50 -30.36
C ASN K 286 32.32 27.02 -30.76
N VAL K 287 31.33 27.26 -29.91
CA VAL K 287 29.98 26.79 -30.15
C VAL K 287 29.00 27.94 -30.02
N ASN K 288 28.01 27.96 -30.90
CA ASN K 288 26.90 28.88 -30.85
C ASN K 288 25.62 28.06 -30.72
N LEU K 289 24.78 28.39 -29.74
CA LEU K 289 23.53 27.69 -29.54
C LEU K 289 22.43 28.27 -30.42
N TYR K 290 22.03 27.51 -31.42
CA TYR K 290 20.95 27.85 -32.35
C TYR K 290 19.73 27.01 -31.99
N MET K 291 18.63 27.65 -31.62
CA MET K 291 18.49 29.05 -31.29
C MET K 291 18.62 29.20 -29.79
N PHE K 292 18.99 30.39 -29.33
CA PHE K 292 18.93 30.72 -27.92
C PHE K 292 17.59 31.33 -27.53
N ILE K 293 17.12 32.28 -28.32
CA ILE K 293 15.71 32.65 -28.39
C ILE K 293 15.24 32.49 -29.83
N GLY K 294 14.04 31.96 -29.98
CA GLY K 294 13.43 31.82 -31.29
C GLY K 294 12.59 33.01 -31.68
N GLY K 295 11.77 33.54 -30.80
CA GLY K 295 10.95 34.66 -31.21
C GLY K 295 9.75 34.30 -32.03
N THR K 296 9.48 35.04 -33.10
CA THR K 296 8.17 35.00 -33.71
C THR K 296 8.28 35.05 -35.23
N ASN K 297 7.37 34.30 -35.85
CA ASN K 297 7.09 34.28 -37.29
C ASN K 297 5.97 35.25 -37.60
N PHE K 298 6.34 36.47 -37.98
CA PHE K 298 5.36 37.51 -38.23
C PHE K 298 4.65 37.23 -39.55
N ALA K 299 3.64 38.04 -39.83
CA ALA K 299 2.76 37.93 -40.99
C ALA K 299 3.27 37.04 -42.12
N TYR K 300 4.27 37.41 -42.89
CA TYR K 300 4.62 36.48 -43.95
C TYR K 300 6.08 36.05 -43.86
N TRP K 301 6.69 36.15 -42.69
CA TRP K 301 8.11 35.90 -42.59
C TRP K 301 8.48 34.42 -42.56
N ASN K 302 7.49 33.52 -42.46
CA ASN K 302 7.82 32.11 -42.40
C ASN K 302 8.40 31.62 -43.72
N GLY K 303 9.17 30.54 -43.62
CA GLY K 303 9.71 29.85 -44.77
C GLY K 303 8.95 28.56 -45.07
N ALA K 304 9.62 27.68 -45.81
CA ALA K 304 9.02 26.41 -46.20
C ALA K 304 10.13 25.46 -46.60
N ASN K 305 9.82 24.17 -46.49
CA ASN K 305 10.66 23.10 -46.99
C ASN K 305 10.01 22.45 -48.21
N THR K 306 10.64 21.38 -48.70
CA THR K 306 10.06 20.55 -49.75
C THR K 306 10.19 19.10 -49.31
N PRO K 307 9.13 18.28 -49.43
CA PRO K 307 7.81 18.62 -49.95
C PRO K 307 7.09 19.62 -49.07
N TYR K 308 6.29 20.49 -49.69
CA TYR K 308 5.89 21.75 -49.07
C TYR K 308 5.40 21.53 -47.65
N GLU K 309 5.95 22.30 -46.72
CA GLU K 309 5.50 22.22 -45.34
C GLU K 309 5.86 23.52 -44.61
N PRO K 310 4.95 24.48 -44.56
CA PRO K 310 5.29 25.78 -43.98
C PRO K 310 5.51 25.68 -42.48
N GLN K 311 6.41 26.51 -42.00
CA GLN K 311 6.66 26.64 -40.57
C GLN K 311 5.57 27.50 -39.93
N PRO K 312 5.20 27.23 -38.69
CA PRO K 312 4.13 27.99 -38.05
C PRO K 312 4.58 29.35 -37.55
N THR K 313 3.61 30.05 -36.96
CA THR K 313 3.86 31.37 -36.37
C THR K 313 4.85 31.29 -35.23
N SER K 314 4.63 30.37 -34.30
CA SER K 314 5.56 30.20 -33.20
C SER K 314 6.91 29.76 -33.74
N TYR K 315 7.96 30.41 -33.27
CA TYR K 315 9.32 29.96 -33.50
C TYR K 315 9.97 29.61 -32.17
N ASP K 316 9.17 29.13 -31.21
CA ASP K 316 9.68 28.76 -29.90
C ASP K 316 10.95 27.93 -29.98
N TYR K 317 10.99 26.98 -30.91
CA TYR K 317 12.16 26.18 -31.25
C TYR K 317 12.55 25.23 -30.14
N ASP K 318 11.82 25.20 -29.03
CA ASP K 318 12.30 24.60 -27.78
C ASP K 318 13.62 25.24 -27.34
N ALA K 319 13.76 26.53 -27.62
CA ALA K 319 14.99 27.25 -27.31
C ALA K 319 15.16 27.44 -25.82
N PRO K 320 16.38 27.76 -25.36
CA PRO K 320 16.57 28.03 -23.92
C PRO K 320 15.70 29.14 -23.39
N LEU K 321 15.46 30.17 -24.18
CA LEU K 321 14.46 31.17 -23.87
C LEU K 321 13.21 30.87 -24.69
N SER K 322 12.06 30.82 -24.02
CA SER K 322 10.81 30.51 -24.69
C SER K 322 10.43 31.67 -25.61
N GLU K 323 9.42 31.42 -26.45
CA GLU K 323 9.00 32.44 -27.40
C GLU K 323 8.78 33.78 -26.71
N ALA K 324 8.15 33.76 -25.56
CA ALA K 324 7.89 34.98 -24.83
C ALA K 324 9.03 35.32 -23.88
N GLY K 325 10.13 34.59 -23.95
CA GLY K 325 11.31 34.95 -23.21
C GLY K 325 11.41 34.34 -21.83
N ASP K 326 10.60 33.34 -21.52
CA ASP K 326 10.62 32.78 -20.18
C ASP K 326 11.92 32.03 -19.91
N LEU K 327 12.40 32.14 -18.68
CA LEU K 327 13.48 31.29 -18.21
C LEU K 327 12.95 29.88 -18.03
N THR K 328 13.54 28.94 -18.76
CA THR K 328 13.12 27.54 -18.73
C THR K 328 14.18 26.72 -18.00
N LYS K 329 13.80 25.49 -17.65
CA LYS K 329 14.78 24.60 -17.05
C LYS K 329 16.01 24.48 -17.93
N LYS K 330 15.81 24.52 -19.25
CA LYS K 330 16.93 24.47 -20.18
C LYS K 330 17.87 25.65 -19.98
N TYR K 331 17.32 26.85 -19.76
CA TYR K 331 18.16 28.03 -19.55
C TYR K 331 19.10 27.84 -18.38
N PHE K 332 18.55 27.53 -17.19
CA PHE K 332 19.41 27.32 -16.03
C PHE K 332 20.37 26.16 -16.21
N ALA K 333 19.95 25.09 -16.87
CA ALA K 333 20.88 24.00 -17.15
C ALA K 333 22.06 24.46 -17.99
N LEU K 334 21.78 25.26 -19.01
CA LEU K 334 22.85 25.68 -19.90
C LEU K 334 23.76 26.69 -19.23
N ARG K 335 23.18 27.63 -18.47
CA ARG K 335 23.98 28.52 -17.62
C ARG K 335 24.90 27.72 -16.70
N GLU K 336 24.37 26.68 -16.07
CA GLU K 336 25.19 25.87 -15.18
C GLU K 336 26.33 25.22 -15.95
N VAL K 337 26.05 24.69 -17.15
CA VAL K 337 27.09 24.07 -17.94
C VAL K 337 28.15 25.09 -18.32
N ILE K 338 27.71 26.26 -18.79
CA ILE K 338 28.64 27.28 -19.28
C ILE K 338 29.53 27.79 -18.15
N GLN K 339 28.96 27.99 -16.97
CA GLN K 339 29.75 28.42 -15.82
C GLN K 339 30.92 27.48 -15.51
N MET K 340 30.94 26.27 -16.09
CA MET K 340 32.11 25.43 -15.94
C MET K 340 33.33 26.06 -16.61
N PHE K 341 33.15 26.68 -17.76
CA PHE K 341 34.27 27.15 -18.57
C PHE K 341 34.44 28.66 -18.59
N LYS K 342 33.57 29.41 -17.93
CA LYS K 342 33.80 30.84 -17.81
C LYS K 342 32.98 31.37 -16.64
N GLU K 343 33.54 32.36 -15.96
CA GLU K 343 32.77 33.08 -14.95
C GLU K 343 31.54 33.68 -15.60
N VAL K 344 30.40 33.57 -14.90
CA VAL K 344 29.16 34.09 -15.45
C VAL K 344 28.91 35.46 -14.82
N PRO K 345 28.23 36.38 -15.51
CA PRO K 345 28.06 37.72 -14.96
C PRO K 345 27.42 37.69 -13.59
N GLU K 346 27.75 38.68 -12.79
CA GLU K 346 27.16 38.77 -11.46
C GLU K 346 25.80 39.44 -11.53
N GLY K 347 24.98 39.17 -10.52
CA GLY K 347 23.70 39.81 -10.39
C GLY K 347 22.52 38.93 -10.79
N PRO K 348 21.34 39.33 -10.35
CA PRO K 348 20.11 38.58 -10.68
C PRO K 348 19.78 38.66 -12.16
N ILE K 349 19.15 37.61 -12.65
CA ILE K 349 18.82 37.50 -14.06
C ILE K 349 17.44 38.10 -14.30
N PRO K 350 17.24 38.88 -15.36
CA PRO K 350 15.91 39.42 -15.66
C PRO K 350 14.90 38.29 -15.75
N PRO K 351 13.69 38.50 -15.26
CA PRO K 351 12.76 37.39 -15.10
C PRO K 351 12.01 37.09 -16.38
N SER K 352 11.31 35.96 -16.35
CA SER K 352 10.24 35.70 -17.30
C SER K 352 9.22 36.83 -17.21
N THR K 353 8.72 37.26 -18.37
CA THR K 353 7.83 38.40 -18.34
C THR K 353 6.53 38.00 -17.65
N PRO K 354 5.84 38.95 -17.05
CA PRO K 354 4.48 38.69 -16.58
C PRO K 354 3.52 38.41 -17.73
N LYS K 355 2.58 37.52 -17.48
CA LYS K 355 1.53 37.20 -18.44
C LYS K 355 0.16 37.49 -17.86
N PHE K 356 -0.74 37.95 -18.72
CA PHE K 356 -2.08 38.38 -18.31
C PHE K 356 -3.15 37.76 -19.18
N ALA K 357 -4.19 37.23 -18.54
CA ALA K 357 -5.30 36.64 -19.28
C ALA K 357 -6.38 37.70 -19.43
N TYR K 358 -6.36 38.41 -20.55
CA TYR K 358 -7.43 39.39 -20.77
C TYR K 358 -8.79 38.73 -20.97
N GLY K 359 -8.83 37.43 -21.25
CA GLY K 359 -10.10 36.75 -21.31
C GLY K 359 -10.73 36.79 -22.69
N LYS K 360 -12.05 36.58 -22.72
CA LYS K 360 -12.74 36.48 -23.99
C LYS K 360 -13.08 37.85 -24.57
N VAL K 361 -12.78 38.02 -25.86
CA VAL K 361 -13.11 39.22 -26.63
C VAL K 361 -13.89 38.81 -27.87
N ALA K 362 -15.01 39.47 -28.11
CA ALA K 362 -15.87 39.11 -29.24
C ALA K 362 -15.46 39.86 -30.51
N LEU K 363 -15.89 39.32 -31.64
CA LEU K 363 -15.66 39.94 -32.95
C LEU K 363 -16.99 40.06 -33.68
N ARG K 364 -16.92 40.56 -34.92
CA ARG K 364 -18.12 40.78 -35.73
C ARG K 364 -17.72 40.83 -37.20
N LYS K 365 -18.47 40.12 -38.03
CA LYS K 365 -18.24 40.13 -39.48
C LYS K 365 -18.20 41.55 -40.00
N PHE K 366 -17.07 41.94 -40.59
CA PHE K 366 -16.94 43.26 -41.21
C PHE K 366 -17.21 43.21 -42.70
N LYS K 367 -16.39 42.48 -43.45
CA LYS K 367 -16.48 42.43 -44.90
C LYS K 367 -15.49 41.40 -45.42
N THR K 368 -15.88 40.71 -46.50
CA THR K 368 -14.92 39.88 -47.21
C THR K 368 -13.92 40.73 -47.96
N VAL K 369 -12.80 40.10 -48.32
CA VAL K 369 -11.81 40.73 -49.18
C VAL K 369 -12.46 41.22 -50.47
N ALA K 370 -13.30 40.40 -51.09
CA ALA K 370 -13.87 40.76 -52.38
C ALA K 370 -14.66 42.05 -52.30
N GLU K 371 -15.46 42.20 -51.26
CA GLU K 371 -16.33 43.36 -51.11
C GLU K 371 -15.60 44.59 -50.61
N ALA K 372 -14.27 44.55 -50.53
CA ALA K 372 -13.51 45.67 -49.98
C ALA K 372 -12.21 45.90 -50.75
N LEU K 373 -12.09 45.36 -51.96
CA LEU K 373 -10.82 45.44 -52.68
C LEU K 373 -10.40 46.89 -52.90
N GLY K 374 -11.35 47.76 -53.22
CA GLY K 374 -11.01 49.17 -53.38
C GLY K 374 -10.36 49.74 -52.14
N ILE K 375 -10.94 49.45 -50.97
CA ILE K 375 -10.30 49.87 -49.73
C ILE K 375 -9.00 49.11 -49.54
N LEU K 376 -8.99 47.84 -49.94
CA LEU K 376 -7.77 47.05 -49.84
C LEU K 376 -6.73 47.44 -50.87
N CYS K 377 -7.15 47.93 -52.04
CA CYS K 377 -6.24 48.20 -53.16
C CYS K 377 -6.53 49.57 -53.75
N PRO K 378 -6.29 50.64 -53.00
CA PRO K 378 -6.79 51.95 -53.42
C PRO K 378 -6.05 52.51 -54.62
N ASN K 379 -4.82 52.05 -54.89
CA ASN K 379 -4.14 52.44 -56.12
C ASN K 379 -4.90 51.93 -57.34
N GLY K 380 -5.35 50.68 -57.29
CA GLY K 380 -6.15 50.10 -58.33
C GLY K 380 -5.73 48.69 -58.66
N PRO K 381 -6.56 47.97 -59.41
CA PRO K 381 -6.30 46.55 -59.65
C PRO K 381 -5.38 46.30 -60.84
N VAL K 382 -5.16 45.03 -61.14
CA VAL K 382 -4.28 44.62 -62.24
C VAL K 382 -5.09 43.77 -63.20
N LYS K 383 -4.82 43.92 -64.49
CA LYS K 383 -5.49 43.12 -65.51
C LYS K 383 -4.45 42.37 -66.34
N SER K 384 -4.79 41.14 -66.73
CA SER K 384 -3.85 40.30 -67.47
C SER K 384 -4.61 39.28 -68.30
N LEU K 385 -4.06 38.97 -69.47
CA LEU K 385 -4.64 37.93 -70.32
C LEU K 385 -4.69 36.58 -69.62
N TYR K 386 -3.57 36.15 -69.07
CA TYR K 386 -3.54 34.91 -68.31
C TYR K 386 -3.20 35.26 -66.87
N PRO K 387 -3.39 34.36 -65.90
CA PRO K 387 -3.11 34.75 -64.52
C PRO K 387 -1.64 35.06 -64.33
N LEU K 388 -1.36 35.99 -63.42
CA LEU K 388 -0.01 36.32 -62.99
C LEU K 388 0.24 35.80 -61.57
N THR K 389 1.51 35.52 -61.28
CA THR K 389 1.91 35.05 -59.96
C THR K 389 1.94 36.20 -58.97
N PHE K 390 2.04 35.84 -57.68
CA PHE K 390 2.26 36.84 -56.63
C PHE K 390 3.37 37.81 -56.99
N THR K 391 4.52 37.29 -57.43
CA THR K 391 5.59 38.18 -57.85
C THR K 391 5.20 38.97 -59.09
N GLN K 392 4.61 38.28 -60.08
CA GLN K 392 4.22 38.94 -61.32
C GLN K 392 3.26 40.10 -61.08
N VAL K 393 2.49 40.07 -60.00
CA VAL K 393 1.56 41.15 -59.70
C VAL K 393 2.16 42.11 -58.69
N LYS K 394 3.45 41.96 -58.37
CA LYS K 394 4.17 42.92 -57.54
C LYS K 394 3.58 42.98 -56.14
N GLN K 395 3.18 41.83 -55.62
CA GLN K 395 2.81 41.69 -54.22
C GLN K 395 3.68 40.59 -53.63
N TYR K 396 4.60 40.99 -52.77
CA TYR K 396 5.64 40.11 -52.26
C TYR K 396 5.17 39.22 -51.14
N PHE K 397 4.01 39.50 -50.56
CA PHE K 397 3.48 38.74 -49.44
C PHE K 397 1.97 38.74 -49.56
N GLY K 398 1.29 38.47 -48.46
CA GLY K 398 -0.15 38.67 -48.41
C GLY K 398 -0.91 37.65 -49.24
N TYR K 399 -2.06 38.09 -49.75
CA TYR K 399 -2.96 37.25 -50.52
C TYR K 399 -3.36 38.01 -51.78
N VAL K 400 -3.77 37.26 -52.79
CA VAL K 400 -4.08 37.86 -54.09
C VAL K 400 -5.42 37.35 -54.58
N LEU K 401 -6.23 38.28 -55.09
CA LEU K 401 -7.54 37.95 -55.63
C LEU K 401 -7.45 37.73 -57.15
N TYR K 402 -7.88 36.58 -57.62
CA TYR K 402 -7.94 36.26 -59.04
C TYR K 402 -9.41 36.25 -59.45
N ARG K 403 -9.75 37.00 -60.50
CA ARG K 403 -11.14 37.11 -60.89
C ARG K 403 -11.24 36.80 -62.38
N THR K 404 -12.25 36.02 -62.75
CA THR K 404 -12.58 35.82 -64.15
C THR K 404 -14.08 35.63 -64.29
N THR K 405 -14.52 35.30 -65.50
CA THR K 405 -15.93 35.02 -65.79
C THR K 405 -16.03 33.55 -66.22
N LEU K 406 -17.09 32.89 -65.81
CA LEU K 406 -17.30 31.51 -66.23
C LEU K 406 -17.66 31.44 -67.71
N PRO K 407 -16.92 30.68 -68.52
CA PRO K 407 -17.20 30.64 -69.97
C PRO K 407 -18.30 29.66 -70.33
N GLN K 408 -18.69 28.79 -69.40
CA GLN K 408 -19.67 27.74 -69.64
C GLN K 408 -20.66 27.72 -68.48
N ASP K 409 -21.88 27.30 -68.76
CA ASP K 409 -22.85 27.05 -67.71
C ASP K 409 -22.35 25.92 -66.82
N CYS K 410 -22.41 26.13 -65.51
CA CYS K 410 -22.03 25.09 -64.56
C CYS K 410 -23.18 24.78 -63.62
N SER K 411 -24.39 24.59 -64.17
CA SER K 411 -25.52 24.19 -63.34
C SER K 411 -25.26 22.82 -62.69
N ASN K 412 -24.68 21.90 -63.45
CA ASN K 412 -24.17 20.67 -62.85
C ASN K 412 -22.73 20.90 -62.39
N PRO K 413 -22.34 20.34 -61.24
CA PRO K 413 -21.02 20.62 -60.69
C PRO K 413 -19.90 20.27 -61.66
N LYS K 414 -19.19 21.27 -62.11
CA LYS K 414 -18.09 21.03 -63.02
C LYS K 414 -16.77 21.01 -62.26
N PRO K 415 -15.80 20.20 -62.71
CA PRO K 415 -14.57 20.01 -61.94
C PRO K 415 -13.54 21.09 -62.20
N ILE K 416 -13.23 21.88 -61.17
CA ILE K 416 -11.96 22.58 -61.12
C ILE K 416 -10.86 21.55 -60.89
N PHE K 417 -9.86 21.56 -61.76
CA PHE K 417 -8.96 20.43 -61.88
C PHE K 417 -7.58 20.94 -62.24
N SER K 418 -6.75 20.03 -62.78
CA SER K 418 -5.37 20.32 -63.11
C SER K 418 -5.22 21.59 -63.93
N SER K 419 -4.04 22.20 -63.83
CA SER K 419 -3.55 23.20 -64.75
C SER K 419 -2.43 22.51 -65.51
N PRO K 420 -1.81 23.14 -66.53
CA PRO K 420 -0.85 22.38 -67.36
C PRO K 420 0.29 21.72 -66.60
N PHE K 421 0.81 22.34 -65.53
CA PHE K 421 1.88 21.67 -64.80
C PHE K 421 1.70 21.82 -63.29
N ASN K 422 0.47 21.73 -62.80
CA ASN K 422 0.22 21.58 -61.36
C ASN K 422 0.87 22.73 -60.59
N GLY K 423 0.49 23.95 -60.97
CA GLY K 423 1.12 25.15 -60.48
C GLY K 423 0.25 26.11 -59.68
N VAL K 424 -0.70 25.59 -58.91
CA VAL K 424 -1.39 26.38 -57.90
C VAL K 424 -0.68 26.18 -56.56
N ARG K 425 -0.20 27.28 -55.98
CA ARG K 425 0.57 27.28 -54.74
C ARG K 425 0.24 28.52 -53.94
N ASP K 426 -0.03 28.37 -52.64
CA ASP K 426 -0.02 27.07 -51.99
C ASP K 426 -1.44 26.67 -51.58
N ARG K 427 -2.34 27.65 -51.52
CA ARG K 427 -3.70 27.38 -51.09
C ARG K 427 -4.62 28.39 -51.75
N ALA K 428 -5.77 27.91 -52.24
CA ALA K 428 -6.77 28.76 -52.86
C ALA K 428 -8.16 28.51 -52.29
N TYR K 429 -8.83 29.58 -51.88
CA TYR K 429 -10.23 29.52 -51.47
C TYR K 429 -11.08 29.98 -52.64
N VAL K 430 -11.97 29.10 -53.12
CA VAL K 430 -12.66 29.29 -54.39
C VAL K 430 -14.11 29.69 -54.12
N SER K 431 -14.61 30.66 -54.88
CA SER K 431 -16.00 31.09 -54.72
C SER K 431 -16.46 31.75 -56.00
N VAL K 432 -17.78 31.91 -56.11
CA VAL K 432 -18.40 32.57 -57.26
C VAL K 432 -19.45 33.54 -56.74
N ASP K 433 -19.25 34.83 -57.01
CA ASP K 433 -20.17 35.88 -56.56
C ASP K 433 -20.51 35.76 -55.08
N GLY K 434 -19.49 35.50 -54.26
CA GLY K 434 -19.70 35.44 -52.83
C GLY K 434 -20.33 34.15 -52.34
N VAL K 435 -20.20 33.08 -53.11
CA VAL K 435 -20.65 31.76 -52.68
C VAL K 435 -19.43 30.86 -52.53
N PRO K 436 -18.94 30.66 -51.31
CA PRO K 436 -17.71 29.88 -51.12
C PRO K 436 -17.90 28.44 -51.58
N GLN K 437 -16.88 27.94 -52.29
CA GLN K 437 -16.96 26.62 -52.91
C GLN K 437 -16.02 25.61 -52.28
N GLY K 438 -15.07 26.04 -51.46
CA GLY K 438 -14.14 25.14 -50.82
C GLY K 438 -12.71 25.55 -51.08
N ILE K 439 -11.80 24.57 -50.87
CA ILE K 439 -10.38 24.82 -50.75
C ILE K 439 -9.64 24.04 -51.83
N LEU K 440 -8.40 24.49 -52.08
CA LEU K 440 -7.47 23.80 -52.96
C LEU K 440 -6.06 24.00 -52.40
N ASP K 441 -5.21 22.99 -52.54
CA ASP K 441 -3.86 23.13 -52.05
C ASP K 441 -2.95 22.14 -52.77
N ARG K 442 -1.64 22.35 -52.61
CA ARG K 442 -0.65 21.57 -53.33
C ARG K 442 -0.36 20.27 -52.60
N ASN K 443 -0.39 19.16 -53.36
CA ASN K 443 -0.14 17.79 -52.88
C ASN K 443 -1.30 17.24 -52.07
N LEU K 444 -2.30 18.06 -51.78
CA LEU K 444 -3.42 17.63 -50.95
C LEU K 444 -4.73 17.62 -51.71
N MET K 445 -5.17 18.74 -52.28
CA MET K 445 -6.47 18.82 -52.95
C MET K 445 -6.33 19.76 -54.15
N THR K 446 -6.44 19.19 -55.36
CA THR K 446 -6.41 19.98 -56.59
C THR K 446 -7.67 19.86 -57.41
N ALA K 447 -8.64 19.05 -56.99
CA ALA K 447 -9.89 18.87 -57.70
C ALA K 447 -11.05 19.25 -56.80
N LEU K 448 -12.04 19.94 -57.38
CA LEU K 448 -13.19 20.40 -56.60
C LEU K 448 -14.35 20.70 -57.54
N ASN K 449 -15.52 20.13 -57.25
CA ASN K 449 -16.70 20.42 -58.04
C ASN K 449 -17.28 21.77 -57.65
N ILE K 450 -17.63 22.59 -58.65
CA ILE K 450 -18.16 23.92 -58.44
C ILE K 450 -19.45 24.07 -59.23
N GLN K 451 -20.24 25.09 -58.87
CA GLN K 451 -21.52 25.32 -59.51
C GLN K 451 -21.77 26.81 -59.70
N GLY K 452 -22.21 27.19 -60.88
CA GLY K 452 -22.63 28.57 -61.14
C GLY K 452 -23.08 28.72 -62.57
N LYS K 453 -23.79 29.82 -62.81
CA LYS K 453 -24.28 30.10 -64.16
C LYS K 453 -23.17 30.62 -65.06
N ALA K 454 -23.35 30.41 -66.36
CA ALA K 454 -22.41 30.97 -67.34
C ALA K 454 -22.32 32.49 -67.21
N GLY K 455 -21.09 32.99 -67.29
CA GLY K 455 -20.82 34.40 -67.11
C GLY K 455 -20.72 34.87 -65.68
N ALA K 456 -20.90 33.97 -64.71
CA ALA K 456 -20.75 34.34 -63.32
C ALA K 456 -19.30 34.68 -62.99
N THR K 457 -19.13 35.62 -62.06
CA THR K 457 -17.81 36.06 -61.64
C THR K 457 -17.21 35.02 -60.70
N LEU K 458 -16.10 34.44 -61.10
CA LEU K 458 -15.36 33.47 -60.28
C LEU K 458 -14.20 34.20 -59.60
N ASP K 459 -14.21 34.19 -58.27
CA ASP K 459 -13.16 34.78 -57.45
C ASP K 459 -12.40 33.69 -56.69
N ILE K 460 -11.08 33.71 -56.84
CA ILE K 460 -10.18 32.78 -56.19
C ILE K 460 -9.23 33.58 -55.31
N LEU K 461 -9.21 33.28 -54.01
CA LEU K 461 -8.33 33.95 -53.08
C LEU K 461 -7.13 33.06 -52.82
N VAL K 462 -5.95 33.50 -53.24
CA VAL K 462 -4.74 32.69 -53.17
C VAL K 462 -3.88 33.22 -52.05
N GLU K 463 -3.48 32.32 -51.16
CA GLU K 463 -2.64 32.63 -50.01
C GLU K 463 -1.21 32.19 -50.28
N ASN K 464 -0.27 33.10 -50.00
CA ASN K 464 1.14 32.71 -49.96
C ASN K 464 1.40 32.14 -48.58
N MET K 465 1.59 30.82 -48.51
CA MET K 465 1.81 30.15 -47.24
C MET K 465 3.27 30.17 -46.82
N GLY K 466 4.13 30.82 -47.60
CA GLY K 466 5.55 30.96 -47.30
C GLY K 466 6.44 30.45 -48.42
N ARG K 467 7.38 31.30 -48.84
CA ARG K 467 8.31 30.91 -49.87
C ARG K 467 9.33 29.95 -49.27
N VAL K 468 9.59 28.86 -49.99
CA VAL K 468 10.54 27.86 -49.51
C VAL K 468 11.87 28.51 -49.16
N ASN K 469 12.43 28.11 -48.02
CA ASN K 469 13.64 28.71 -47.50
C ASN K 469 14.84 27.77 -47.56
N TYR K 470 14.66 26.53 -47.99
CA TYR K 470 15.73 25.55 -47.99
C TYR K 470 15.56 24.59 -49.15
N GLY K 471 16.66 24.24 -49.80
CA GLY K 471 16.65 23.25 -50.84
C GLY K 471 16.89 23.88 -52.20
N ARG K 472 16.46 23.19 -53.24
CA ARG K 472 16.55 23.74 -54.58
C ARG K 472 15.34 24.60 -54.93
N PHE K 473 14.16 24.23 -54.45
CA PHE K 473 12.93 24.83 -54.92
C PHE K 473 12.76 26.25 -54.39
N ILE K 474 13.63 27.15 -54.83
CA ILE K 474 13.49 28.57 -54.55
C ILE K 474 12.67 29.29 -55.62
N ASN K 475 12.46 28.66 -56.77
CA ASN K 475 11.58 29.21 -57.80
C ASN K 475 10.11 28.94 -57.46
N ASP K 476 9.69 29.55 -56.36
CA ASP K 476 8.44 29.23 -55.67
C ASP K 476 7.50 30.35 -56.10
N PHE K 477 6.72 30.07 -57.16
CA PHE K 477 5.93 31.10 -57.81
C PHE K 477 4.89 31.73 -56.89
N LYS K 478 4.05 30.90 -56.23
CA LYS K 478 3.01 31.46 -55.34
C LYS K 478 1.76 31.90 -56.07
N GLY K 479 0.79 30.99 -56.21
CA GLY K 479 -0.43 31.29 -56.92
C GLY K 479 -0.62 30.64 -58.27
N LEU K 480 -1.40 31.29 -59.14
CA LEU K 480 -1.49 30.87 -60.53
C LEU K 480 -0.36 31.47 -61.36
N ILE K 481 0.39 30.58 -62.02
CA ILE K 481 1.31 30.94 -63.08
C ILE K 481 0.79 30.48 -64.44
N SER K 482 0.37 29.23 -64.52
CA SER K 482 -0.01 28.63 -65.78
C SER K 482 -1.47 28.92 -66.11
N ASN K 483 -1.87 28.52 -67.31
CA ASN K 483 -3.21 28.81 -67.80
C ASN K 483 -4.21 28.08 -66.91
N MET K 484 -4.98 28.84 -66.13
CA MET K 484 -5.93 28.20 -65.23
C MET K 484 -7.00 27.46 -66.03
N THR K 485 -7.25 26.22 -65.64
CA THR K 485 -8.15 25.34 -66.38
C THR K 485 -9.19 24.74 -65.45
N ILE K 486 -10.43 24.68 -65.92
CA ILE K 486 -11.51 23.98 -65.24
C ILE K 486 -11.98 22.88 -66.17
N ASN K 487 -11.90 21.64 -65.68
CA ASN K 487 -12.19 20.46 -66.50
C ASN K 487 -11.40 20.50 -67.81
N SER K 488 -10.12 20.84 -67.68
CA SER K 488 -9.21 20.96 -68.82
C SER K 488 -9.75 21.95 -69.86
N THR K 489 -10.28 23.07 -69.38
CA THR K 489 -10.75 24.14 -70.25
C THR K 489 -10.10 25.44 -69.82
N VAL K 490 -9.44 26.10 -70.78
CA VAL K 490 -8.59 27.26 -70.52
C VAL K 490 -9.42 28.43 -69.98
N LEU K 491 -8.74 29.44 -69.46
CA LEU K 491 -9.41 30.61 -68.91
C LEU K 491 -8.55 31.84 -69.15
N THR K 492 -9.11 32.83 -69.82
CA THR K 492 -8.42 34.09 -70.11
C THR K 492 -9.12 35.23 -69.37
N ASN K 493 -8.68 36.46 -69.64
CA ASN K 493 -9.32 37.68 -69.15
C ASN K 493 -9.37 37.70 -67.62
N TRP K 494 -8.19 37.74 -67.01
CA TRP K 494 -8.08 37.69 -65.56
C TRP K 494 -7.85 39.08 -65.00
N THR K 495 -8.46 39.34 -63.84
CA THR K 495 -8.19 40.55 -63.06
C THR K 495 -7.65 40.14 -61.70
N VAL K 496 -6.44 40.56 -61.39
CA VAL K 496 -5.81 40.24 -60.12
C VAL K 496 -5.88 41.47 -59.21
N PHE K 497 -5.88 41.22 -57.91
CA PHE K 497 -6.03 42.28 -56.91
C PHE K 497 -5.00 42.05 -55.81
N PRO K 498 -3.93 42.83 -55.81
CA PRO K 498 -3.03 42.90 -54.65
C PRO K 498 -3.70 43.58 -53.48
N LEU K 499 -3.46 43.08 -52.27
CA LEU K 499 -4.17 43.57 -51.10
C LEU K 499 -3.22 44.28 -50.16
N ASP K 500 -3.45 45.57 -49.95
CA ASP K 500 -2.73 46.37 -48.96
C ASP K 500 -3.35 46.14 -47.59
N THR K 501 -3.11 44.94 -47.06
CA THR K 501 -3.70 44.57 -45.78
C THR K 501 -3.16 45.40 -44.62
N GLU K 502 -1.90 45.84 -44.71
CA GLU K 502 -1.29 46.52 -43.57
C GLU K 502 -1.86 47.92 -43.40
N ALA K 503 -1.80 48.73 -44.46
CA ALA K 503 -2.38 50.06 -44.37
C ALA K 503 -3.87 49.99 -44.12
N MET K 504 -4.55 48.99 -44.71
CA MET K 504 -5.99 48.85 -44.51
C MET K 504 -6.31 48.62 -43.04
N VAL K 505 -5.53 47.77 -42.36
CA VAL K 505 -5.78 47.55 -40.95
C VAL K 505 -5.43 48.79 -40.15
N ARG K 506 -4.32 49.45 -40.48
CA ARG K 506 -3.91 50.64 -39.74
C ARG K 506 -4.85 51.81 -39.92
N ASN K 507 -5.69 51.82 -40.97
CA ASN K 507 -6.60 52.93 -41.19
C ASN K 507 -8.04 52.59 -40.83
N HIS K 508 -8.53 51.42 -41.25
CA HIS K 508 -9.91 51.00 -41.02
C HIS K 508 -10.92 51.99 -41.59
N LEU K 509 -10.68 52.41 -42.83
CA LEU K 509 -11.53 53.36 -43.54
C LEU K 509 -11.72 54.65 -42.73
N TRP K 510 -10.65 55.10 -42.10
CA TRP K 510 -10.74 56.30 -41.26
C TRP K 510 -9.70 57.34 -41.67
N ASP K 530 -20.11 24.39 -45.63
CA ASP K 530 -20.47 25.54 -44.81
C ASP K 530 -19.25 26.40 -44.49
N LEU K 531 -18.18 26.21 -45.26
CA LEU K 531 -16.98 27.02 -45.07
C LEU K 531 -17.28 28.46 -45.43
N ILE K 532 -16.90 29.37 -44.54
CA ILE K 532 -17.23 30.78 -44.68
C ILE K 532 -16.16 31.46 -45.51
N LEU K 533 -16.60 32.23 -46.51
CA LEU K 533 -15.78 33.08 -47.36
C LEU K 533 -14.75 33.83 -46.52
N PRO K 534 -13.52 33.98 -47.00
CA PRO K 534 -12.54 34.81 -46.27
C PRO K 534 -13.08 36.20 -45.97
N THR K 535 -13.20 36.49 -44.69
CA THR K 535 -13.90 37.67 -44.22
C THR K 535 -13.19 38.22 -42.98
N PHE K 536 -13.41 39.50 -42.71
CA PHE K 536 -12.78 40.19 -41.60
C PHE K 536 -13.76 40.34 -40.44
N TYR K 537 -13.29 40.00 -39.25
CA TYR K 537 -14.06 40.10 -38.01
C TYR K 537 -13.25 41.00 -37.08
N VAL K 538 -13.85 42.15 -36.74
CA VAL K 538 -13.17 43.18 -35.96
C VAL K 538 -13.81 43.21 -34.58
N GLY K 539 -12.98 43.07 -33.55
CA GLY K 539 -13.45 43.22 -32.19
C GLY K 539 -12.55 44.18 -31.43
N ASN K 540 -13.09 44.69 -30.33
CA ASN K 540 -12.35 45.64 -29.52
C ASN K 540 -12.19 45.10 -28.11
N PHE K 541 -11.14 45.55 -27.44
CA PHE K 541 -11.04 45.34 -26.01
C PHE K 541 -10.30 46.52 -25.42
N SER K 542 -10.63 46.84 -24.17
CA SER K 542 -10.05 47.96 -23.47
C SER K 542 -9.16 47.45 -22.35
N ILE K 543 -8.16 48.23 -22.00
CA ILE K 543 -7.26 47.88 -20.92
C ILE K 543 -7.22 49.06 -19.98
N PRO K 544 -7.36 48.86 -18.68
CA PRO K 544 -7.41 50.00 -17.77
C PRO K 544 -6.06 50.71 -17.72
N SER K 545 -6.14 52.02 -17.55
CA SER K 545 -4.99 52.88 -17.39
C SER K 545 -4.54 52.93 -15.94
N GLY K 546 -3.31 53.38 -15.74
CA GLY K 546 -2.83 53.57 -14.40
C GLY K 546 -2.48 52.32 -13.66
N ILE K 547 -2.32 51.19 -14.34
CA ILE K 547 -1.86 49.97 -13.68
C ILE K 547 -0.42 49.75 -14.08
N PRO K 548 0.53 49.90 -13.15
CA PRO K 548 1.96 49.88 -13.50
C PRO K 548 2.35 48.64 -14.29
N ASP K 549 1.76 47.51 -13.95
CA ASP K 549 2.10 46.22 -14.54
C ASP K 549 1.09 45.79 -15.61
N LEU K 550 0.34 46.73 -16.15
CA LEU K 550 -0.48 46.52 -17.33
C LEU K 550 -0.15 47.59 -18.36
N PRO K 551 -0.13 47.25 -19.66
CA PRO K 551 -0.38 45.96 -20.30
C PRO K 551 0.73 44.96 -20.11
N GLN K 552 0.40 43.67 -20.23
CA GLN K 552 1.40 42.61 -20.24
C GLN K 552 1.33 41.79 -21.51
N ASP K 553 2.44 41.11 -21.81
CA ASP K 553 2.46 40.12 -22.87
C ASP K 553 1.33 39.12 -22.67
N THR K 554 0.85 38.53 -23.76
CA THR K 554 -0.24 37.57 -23.65
C THR K 554 -0.20 36.59 -24.82
N PHE K 555 -1.17 35.67 -24.84
CA PHE K 555 -1.25 34.66 -25.88
C PHE K 555 -2.69 34.62 -26.35
N ILE K 556 -2.91 34.67 -27.67
CA ILE K 556 -4.25 34.66 -28.23
C ILE K 556 -4.61 33.29 -28.76
N GLN K 557 -5.81 32.84 -28.43
CA GLN K 557 -6.32 31.54 -28.83
C GLN K 557 -7.61 31.75 -29.61
N PHE K 558 -7.87 30.81 -30.52
CA PHE K 558 -8.97 30.92 -31.50
C PHE K 558 -9.83 29.66 -31.48
N PRO K 559 -10.48 29.36 -30.35
CA PRO K 559 -11.29 28.13 -30.30
C PRO K 559 -12.47 28.25 -31.24
N GLY K 560 -12.62 27.26 -32.13
CA GLY K 560 -13.70 27.27 -33.08
C GLY K 560 -13.36 27.90 -34.41
N TRP K 561 -12.29 28.66 -34.50
CA TRP K 561 -11.81 29.19 -35.76
C TRP K 561 -11.00 28.12 -36.48
N SER K 562 -10.70 28.38 -37.76
CA SER K 562 -9.96 27.41 -38.55
C SER K 562 -8.59 27.92 -38.96
N LYS K 563 -8.51 29.07 -39.64
CA LYS K 563 -7.24 29.52 -40.21
C LYS K 563 -7.32 30.94 -40.73
N GLY K 564 -6.38 31.79 -40.35
CA GLY K 564 -6.32 33.11 -40.96
C GLY K 564 -5.17 33.94 -40.41
N GLN K 565 -5.34 35.24 -40.55
CA GLN K 565 -4.34 36.24 -40.20
C GLN K 565 -4.93 37.14 -39.14
N VAL K 566 -4.10 37.64 -38.24
CA VAL K 566 -4.58 38.49 -37.15
C VAL K 566 -3.69 39.71 -36.99
N TRP K 567 -4.31 40.87 -36.80
CA TRP K 567 -3.61 42.11 -36.50
C TRP K 567 -4.16 42.67 -35.21
N ILE K 568 -3.29 43.30 -34.42
CA ILE K 568 -3.73 44.16 -33.32
C ILE K 568 -3.13 45.55 -33.50
N ASN K 569 -3.98 46.56 -33.49
CA ASN K 569 -3.56 47.94 -33.73
C ASN K 569 -2.67 48.05 -34.95
N GLY K 570 -3.00 47.27 -35.98
CA GLY K 570 -2.28 47.32 -37.24
C GLY K 570 -1.02 46.50 -37.28
N PHE K 571 -0.58 45.91 -36.18
CA PHE K 571 0.59 45.06 -36.17
C PHE K 571 0.14 43.63 -36.48
N ASN K 572 0.66 43.10 -37.58
CA ASN K 572 0.31 41.77 -38.06
C ASN K 572 1.04 40.71 -37.22
N LEU K 573 0.31 40.02 -36.35
CA LEU K 573 0.93 39.09 -35.43
C LEU K 573 1.32 37.77 -36.11
N GLY K 574 0.78 37.49 -37.29
CA GLY K 574 1.11 36.27 -38.01
C GLY K 574 -0.07 35.37 -38.30
N ARG K 575 0.20 34.11 -38.60
CA ARG K 575 -0.84 33.19 -39.05
C ARG K 575 -1.27 32.28 -37.91
N TYR K 576 -2.57 32.01 -37.82
CA TYR K 576 -3.07 31.03 -36.87
C TYR K 576 -3.69 29.85 -37.60
N TRP K 577 -3.63 28.69 -36.97
CA TRP K 577 -4.19 27.48 -37.54
C TRP K 577 -4.40 26.44 -36.45
N PRO K 578 -5.25 26.71 -35.46
CA PRO K 578 -5.43 25.73 -34.38
C PRO K 578 -5.92 24.38 -34.86
N THR K 579 -6.82 24.36 -35.84
CA THR K 579 -7.37 23.09 -36.29
C THR K 579 -6.31 22.23 -36.97
N MET K 580 -5.22 22.83 -37.44
CA MET K 580 -4.11 22.05 -37.96
C MET K 580 -3.05 21.79 -36.90
N GLY K 581 -2.81 22.75 -36.02
CA GLY K 581 -1.78 22.66 -35.00
C GLY K 581 -0.41 22.48 -35.60
N PRO K 582 0.61 22.25 -34.75
CA PRO K 582 0.57 22.03 -33.30
C PRO K 582 0.48 23.34 -32.54
N GLN K 583 0.79 24.43 -33.22
CA GLN K 583 0.65 25.75 -32.62
C GLN K 583 -0.81 26.09 -32.42
N LYS K 584 -1.16 26.52 -31.21
CA LYS K 584 -2.48 27.05 -30.92
C LYS K 584 -2.43 28.53 -30.57
N THR K 585 -1.66 28.89 -29.55
CA THR K 585 -1.59 30.26 -29.09
C THR K 585 -0.69 31.08 -29.99
N LEU K 586 -0.94 32.38 -30.03
CA LEU K 586 -0.04 33.33 -30.68
C LEU K 586 0.52 34.30 -29.66
N PHE K 587 1.82 34.54 -29.74
CA PHE K 587 2.48 35.50 -28.88
C PHE K 587 2.06 36.93 -29.16
N VAL K 588 1.64 37.65 -28.13
CA VAL K 588 1.29 39.05 -28.25
C VAL K 588 2.23 39.86 -27.36
N PRO K 589 3.17 40.58 -27.93
CA PRO K 589 4.05 41.44 -27.10
C PRO K 589 3.29 42.66 -26.60
N ARG K 590 3.55 43.03 -25.36
CA ARG K 590 2.79 44.10 -24.72
C ARG K 590 2.98 45.44 -25.39
N ASN K 591 3.99 45.59 -26.25
CA ASN K 591 4.28 46.88 -26.85
C ASN K 591 3.11 47.39 -27.68
N ILE K 592 2.30 46.49 -28.24
CA ILE K 592 1.26 46.88 -29.18
C ILE K 592 -0.06 47.25 -28.51
N LEU K 593 -0.20 47.05 -27.21
CA LEU K 593 -1.42 47.40 -26.51
C LEU K 593 -1.31 48.83 -25.99
N THR K 594 -2.40 49.58 -26.11
CA THR K 594 -2.44 50.97 -25.66
C THR K 594 -3.61 51.14 -24.70
N THR K 595 -3.31 51.59 -23.49
CA THR K 595 -4.32 51.83 -22.48
C THR K 595 -5.07 53.12 -22.76
N SER K 596 -6.29 53.19 -22.20
CA SER K 596 -7.32 54.16 -22.57
C SER K 596 -7.74 54.06 -24.04
N ALA K 597 -6.80 54.12 -24.96
CA ALA K 597 -7.18 54.06 -26.36
C ALA K 597 -7.66 52.64 -26.68
N PRO K 598 -8.78 52.49 -27.39
CA PRO K 598 -9.34 51.15 -27.63
C PRO K 598 -8.39 50.25 -28.40
N ASN K 599 -8.31 49.00 -27.98
CA ASN K 599 -7.60 47.97 -28.72
C ASN K 599 -8.51 47.38 -29.80
N ASN K 600 -8.02 47.36 -31.03
CA ASN K 600 -8.84 47.02 -32.20
C ASN K 600 -8.22 45.82 -32.93
N ILE K 601 -8.67 44.62 -32.56
CA ILE K 601 -8.21 43.38 -33.19
C ILE K 601 -8.97 43.15 -34.48
N THR K 602 -8.24 42.81 -35.54
CA THR K 602 -8.83 42.45 -36.83
C THR K 602 -8.37 41.05 -37.18
N VAL K 603 -9.34 40.18 -37.49
CA VAL K 603 -9.07 38.80 -37.92
C VAL K 603 -9.55 38.63 -39.34
N LEU K 604 -8.67 38.16 -40.22
CA LEU K 604 -9.04 37.72 -41.55
C LEU K 604 -9.12 36.20 -41.50
N GLU K 605 -10.34 35.68 -41.47
CA GLU K 605 -10.57 34.25 -41.43
C GLU K 605 -10.82 33.70 -42.82
N LEU K 606 -10.10 32.63 -43.15
CA LEU K 606 -10.10 32.07 -44.49
C LEU K 606 -11.02 30.87 -44.64
N GLU K 607 -11.35 30.20 -43.54
CA GLU K 607 -12.04 28.93 -43.67
C GLU K 607 -13.35 28.86 -42.91
N PHE K 608 -13.40 29.35 -41.67
CA PHE K 608 -14.58 29.12 -40.84
C PHE K 608 -14.60 30.03 -39.62
N ALA K 609 -15.75 30.64 -39.34
CA ALA K 609 -15.92 31.44 -38.13
C ALA K 609 -17.20 31.03 -37.42
N PRO K 610 -17.19 31.04 -36.09
CA PRO K 610 -18.37 30.66 -35.31
C PRO K 610 -19.34 31.81 -35.09
N CYS K 611 -19.78 32.42 -36.19
CA CYS K 611 -20.35 33.76 -36.10
C CYS K 611 -21.59 33.95 -36.96
N SER K 612 -22.16 32.88 -37.51
CA SER K 612 -23.37 33.02 -38.32
C SER K 612 -24.63 32.96 -37.47
N GLU K 613 -24.66 32.06 -36.50
CA GLU K 613 -25.87 31.79 -35.71
C GLU K 613 -26.06 32.89 -34.67
N GLY K 614 -27.03 32.67 -33.78
CA GLY K 614 -27.37 33.62 -32.75
C GLY K 614 -26.57 33.50 -31.47
N THR K 615 -25.54 32.67 -31.43
CA THR K 615 -24.72 32.52 -30.24
C THR K 615 -23.51 33.46 -30.38
N PRO K 616 -23.45 34.55 -29.61
CA PRO K 616 -22.32 35.47 -29.74
C PRO K 616 -21.09 35.01 -28.98
N GLU K 617 -21.29 34.28 -27.88
CA GLU K 617 -20.17 33.79 -27.08
C GLU K 617 -19.20 32.96 -27.91
N LEU K 618 -19.70 32.24 -28.93
CA LEU K 618 -18.81 31.43 -29.75
C LEU K 618 -17.95 32.31 -30.65
N CYS K 619 -18.46 33.46 -31.06
CA CYS K 619 -17.72 34.38 -31.92
C CYS K 619 -16.73 35.22 -31.12
N THR K 620 -15.88 34.56 -30.33
CA THR K 620 -14.92 35.25 -29.49
C THR K 620 -13.56 34.55 -29.58
N VAL K 621 -12.52 35.35 -29.48
CA VAL K 621 -11.17 34.87 -29.27
C VAL K 621 -10.84 35.05 -27.80
N GLU K 622 -9.72 34.48 -27.35
CA GLU K 622 -9.38 34.63 -25.95
C GLU K 622 -7.93 35.06 -25.77
N PHE K 623 -7.67 35.82 -24.71
CA PHE K 623 -6.33 36.10 -24.25
C PHE K 623 -6.04 35.27 -23.00
N VAL K 624 -4.94 34.54 -23.05
CA VAL K 624 -4.49 33.64 -22.01
C VAL K 624 -3.08 34.04 -21.59
N ASP K 625 -2.68 33.55 -20.42
CA ASP K 625 -1.40 33.90 -19.82
C ASP K 625 -0.33 32.84 -20.06
N THR K 626 -0.68 31.55 -19.96
CA THR K 626 0.28 30.48 -20.14
C THR K 626 0.17 29.93 -21.55
N PRO K 627 1.24 29.94 -22.35
CA PRO K 627 1.13 29.45 -23.72
C PRO K 627 0.80 27.97 -23.74
N VAL K 628 0.04 27.57 -24.76
CA VAL K 628 -0.21 26.17 -25.09
C VAL K 628 0.17 25.95 -26.55
N ILE K 629 1.38 25.46 -26.79
CA ILE K 629 1.87 25.24 -28.14
C ILE K 629 2.19 23.77 -28.41
N SER K 630 2.22 22.92 -27.39
CA SER K 630 2.47 21.50 -27.56
C SER K 630 2.16 20.75 -26.27
N SER L 10 34.95 37.62 -73.70
CA SER L 10 36.05 37.71 -72.74
C SER L 10 36.68 36.34 -72.50
N ALA L 11 36.66 35.91 -71.25
CA ALA L 11 37.25 34.63 -70.89
C ALA L 11 36.45 33.49 -71.52
N PRO L 12 37.10 32.38 -71.82
CA PRO L 12 36.38 31.23 -72.40
C PRO L 12 35.76 30.35 -71.32
N ASP L 13 34.44 30.48 -71.18
CA ASP L 13 33.70 29.72 -70.17
C ASP L 13 33.98 28.23 -70.26
N GLN L 14 34.22 27.71 -71.47
CA GLN L 14 34.49 26.29 -71.62
C GLN L 14 35.84 25.89 -71.05
N ASP L 15 36.70 26.86 -70.74
CA ASP L 15 38.02 26.59 -70.19
C ASP L 15 38.06 26.73 -68.67
N GLU L 16 37.18 27.53 -68.09
CA GLU L 16 37.13 27.72 -66.64
C GLU L 16 37.12 26.39 -65.93
N ILE L 17 37.75 26.35 -64.77
CA ILE L 17 37.82 25.15 -63.96
C ILE L 17 36.69 25.18 -62.94
N ASP L 18 35.76 24.24 -63.04
CA ASP L 18 34.70 24.15 -62.05
C ASP L 18 35.28 23.81 -60.68
N ALA L 19 36.22 22.89 -60.63
CA ALA L 19 36.81 22.43 -59.37
C ALA L 19 38.04 21.59 -59.70
N LEU L 20 38.84 21.33 -58.68
CA LEU L 20 39.97 20.42 -58.81
C LEU L 20 39.88 19.37 -57.71
N PRO L 21 39.73 18.09 -58.07
CA PRO L 21 39.65 17.04 -57.05
C PRO L 21 40.87 17.08 -56.13
N GLY L 22 40.77 16.34 -55.02
CA GLY L 22 41.87 16.28 -54.10
C GLY L 22 42.11 17.54 -53.29
N LEU L 23 41.42 18.63 -53.62
CA LEU L 23 41.51 19.88 -52.90
C LEU L 23 40.31 20.00 -51.99
N ALA L 24 40.56 20.26 -50.70
CA ALA L 24 39.43 20.37 -49.80
C ALA L 24 38.68 21.68 -49.95
N LYS L 25 39.38 22.80 -50.09
CA LYS L 25 38.71 24.08 -50.30
C LYS L 25 39.14 24.70 -51.62
N GLN L 26 38.14 25.04 -52.45
CA GLN L 26 38.34 25.62 -53.77
C GLN L 26 39.11 26.94 -53.73
N PRO L 27 39.87 27.22 -54.79
CA PRO L 27 40.64 28.47 -54.86
C PRO L 27 39.76 29.71 -54.75
N SER L 28 40.36 30.77 -54.23
CA SER L 28 39.70 32.05 -54.05
C SER L 28 39.95 32.98 -55.21
N PHE L 29 40.65 32.51 -56.23
CA PHE L 29 41.01 33.25 -57.41
C PHE L 29 40.56 32.43 -58.60
N ARG L 30 40.35 33.09 -59.72
CA ARG L 30 39.91 32.35 -60.90
C ARG L 30 41.11 31.72 -61.58
N GLN L 31 40.89 30.54 -62.14
CA GLN L 31 41.93 29.80 -62.83
C GLN L 31 41.34 29.08 -64.03
N TYR L 32 42.03 29.15 -65.14
CA TYR L 32 41.60 28.55 -66.38
C TYR L 32 42.63 27.52 -66.84
N SER L 33 42.17 26.57 -67.63
CA SER L 33 43.03 25.53 -68.19
C SER L 33 42.49 25.21 -69.57
N GLY L 34 43.34 25.34 -70.58
CA GLY L 34 42.86 25.05 -71.93
C GLY L 34 43.96 24.97 -72.94
N TYR L 35 43.70 25.37 -74.18
CA TYR L 35 44.71 25.28 -75.22
C TYR L 35 44.82 26.61 -75.95
N LEU L 36 46.04 26.95 -76.31
CA LEU L 36 46.36 28.15 -77.07
C LEU L 36 46.84 27.77 -78.46
N ARG L 37 46.45 28.57 -79.45
CA ARG L 37 46.74 28.25 -80.83
C ARG L 37 48.24 28.39 -81.08
N ALA L 38 48.94 27.26 -81.11
CA ALA L 38 50.25 27.18 -81.72
C ALA L 38 50.04 27.05 -83.22
N SER L 39 51.08 26.70 -83.98
CA SER L 39 50.91 26.47 -85.41
C SER L 39 49.73 25.53 -85.66
N ASP L 40 49.04 25.77 -86.77
CA ASP L 40 47.68 25.27 -86.98
C ASP L 40 47.43 23.88 -86.40
N SER L 41 48.35 22.95 -86.63
CA SER L 41 48.18 21.60 -86.10
C SER L 41 48.46 21.57 -84.60
N LYS L 42 49.43 22.34 -84.14
CA LYS L 42 49.85 22.31 -82.75
C LYS L 42 48.98 23.20 -81.88
N HIS L 43 48.66 22.71 -80.68
CA HIS L 43 47.84 23.46 -79.73
C HIS L 43 48.49 23.32 -78.36
N PHE L 44 49.09 24.41 -77.87
CA PHE L 44 49.76 24.37 -76.58
C PHE L 44 48.76 24.23 -75.45
N HIS L 45 49.20 23.58 -74.36
CA HIS L 45 48.37 23.45 -73.17
C HIS L 45 48.71 24.57 -72.20
N TYR L 46 47.71 25.36 -71.81
CA TYR L 46 47.94 26.43 -70.86
C TYR L 46 47.18 26.21 -69.56
N TRP L 47 47.68 26.88 -68.53
CA TRP L 47 47.09 26.87 -67.20
C TRP L 47 47.30 28.26 -66.61
N PHE L 48 46.27 29.09 -66.64
CA PHE L 48 46.37 30.45 -66.15
C PHE L 48 45.78 30.52 -64.75
N VAL L 49 46.48 31.18 -63.83
CA VAL L 49 45.99 31.34 -62.47
C VAL L 49 46.02 32.83 -62.13
N GLU L 50 44.86 33.38 -61.79
CA GLU L 50 44.77 34.80 -61.48
C GLU L 50 45.33 35.09 -60.09
N SER L 51 45.80 36.33 -59.95
CA SER L 51 46.34 36.83 -58.69
C SER L 51 45.33 36.62 -57.56
N GLN L 52 45.85 36.41 -56.35
CA GLN L 52 44.99 36.21 -55.20
C GLN L 52 44.57 37.53 -54.57
N ASN L 53 44.97 38.65 -55.15
CA ASN L 53 44.61 39.96 -54.63
C ASN L 53 44.60 40.94 -55.80
N ASP L 54 43.43 41.48 -56.12
CA ASP L 54 43.27 42.44 -57.20
C ASP L 54 43.79 41.93 -58.55
N PRO L 55 43.34 40.75 -58.99
CA PRO L 55 43.83 40.22 -60.28
C PRO L 55 43.63 41.16 -61.45
N LYS L 56 42.57 41.97 -61.45
CA LYS L 56 42.31 42.84 -62.60
C LYS L 56 43.50 43.74 -62.90
N ASN L 57 44.24 44.15 -61.87
CA ASN L 57 45.38 45.03 -62.06
C ASN L 57 46.69 44.35 -61.67
N SER L 58 46.72 43.04 -61.65
CA SER L 58 48.02 42.48 -61.28
C SER L 58 48.81 42.11 -62.52
N PRO L 59 50.12 42.28 -62.49
CA PRO L 59 50.94 41.94 -63.65
C PRO L 59 50.77 40.49 -64.09
N VAL L 60 50.98 40.26 -65.39
CA VAL L 60 50.93 38.94 -66.00
C VAL L 60 52.34 38.39 -66.17
N VAL L 61 52.60 37.24 -65.56
CA VAL L 61 53.91 36.59 -65.60
C VAL L 61 53.76 35.24 -66.30
N LEU L 62 54.46 35.09 -67.42
CA LEU L 62 54.46 33.85 -68.19
C LEU L 62 55.52 32.93 -67.61
N TRP L 63 55.20 31.65 -67.43
CA TRP L 63 56.18 30.69 -66.94
C TRP L 63 56.37 29.53 -67.91
N LEU L 64 57.65 29.28 -68.23
CA LEU L 64 58.08 28.19 -69.08
C LEU L 64 59.15 27.36 -68.39
N ASN L 65 58.99 26.04 -68.42
CA ASN L 65 60.00 25.15 -67.88
C ASN L 65 61.02 24.85 -68.98
N GLY L 66 61.97 23.98 -68.70
CA GLY L 66 62.99 23.75 -69.71
C GLY L 66 62.98 22.38 -70.35
N GLY L 67 64.08 21.66 -70.20
CA GLY L 67 64.23 20.36 -70.81
C GLY L 67 65.45 20.35 -71.70
N PRO L 68 65.24 20.45 -73.02
CA PRO L 68 63.98 20.62 -73.76
C PRO L 68 63.09 19.39 -73.70
N GLY L 69 61.79 19.59 -73.61
CA GLY L 69 60.85 18.49 -73.53
C GLY L 69 60.20 18.28 -72.20
N CYS L 70 60.25 19.24 -71.29
CA CYS L 70 59.66 19.11 -69.97
C CYS L 70 58.49 20.08 -69.80
N SER L 71 57.57 19.67 -68.94
CA SER L 71 56.32 20.40 -68.74
C SER L 71 56.46 21.59 -67.81
N SER L 72 55.82 22.69 -68.19
CA SER L 72 55.80 23.90 -67.40
C SER L 72 54.86 23.75 -66.21
N LEU L 73 54.19 22.62 -66.10
CA LEU L 73 53.29 22.32 -64.99
C LEU L 73 54.06 21.85 -63.78
N ASP L 74 55.38 21.75 -63.90
CA ASP L 74 56.23 21.38 -62.77
C ASP L 74 56.40 22.58 -61.85
N GLY L 75 56.66 23.75 -62.43
CA GLY L 75 56.77 24.94 -61.62
C GLY L 75 55.47 25.23 -60.89
N LEU L 76 54.34 24.87 -61.50
CA LEU L 76 53.04 25.11 -60.87
C LEU L 76 52.74 24.07 -59.79
N LEU L 77 52.64 22.81 -60.17
CA LEU L 77 52.25 21.81 -59.19
C LEU L 77 53.32 21.49 -58.15
N THR L 78 54.60 21.79 -58.42
CA THR L 78 55.65 21.46 -57.48
C THR L 78 56.58 22.58 -57.07
N GLU L 79 56.59 23.73 -57.74
CA GLU L 79 57.52 24.80 -57.37
C GLU L 79 56.85 26.05 -56.84
N HIS L 80 56.16 26.82 -57.67
CA HIS L 80 55.56 28.06 -57.17
C HIS L 80 54.11 28.26 -57.60
N GLY L 81 53.41 27.18 -57.92
CA GLY L 81 52.02 27.27 -58.28
C GLY L 81 51.16 27.57 -57.08
N PRO L 82 49.89 27.88 -57.33
CA PRO L 82 48.97 28.21 -56.24
C PRO L 82 48.72 27.06 -55.29
N PHE L 83 49.04 25.84 -55.69
CA PHE L 83 48.85 24.70 -54.81
C PHE L 83 49.92 23.68 -55.13
N LEU L 84 50.21 22.83 -54.15
CA LEU L 84 51.25 21.82 -54.29
C LEU L 84 50.72 20.44 -53.92
N ILE L 85 51.22 19.46 -54.64
CA ILE L 85 50.82 18.07 -54.46
C ILE L 85 51.57 17.50 -53.27
N GLN L 86 50.84 16.99 -52.30
CA GLN L 86 51.46 16.39 -51.15
C GLN L 86 52.02 15.03 -51.55
N PRO L 87 52.86 14.42 -50.72
CA PRO L 87 53.43 13.12 -51.07
C PRO L 87 52.40 12.05 -51.38
N ASP L 88 51.19 12.13 -50.85
CA ASP L 88 50.18 11.11 -51.18
C ASP L 88 49.75 11.16 -52.63
N GLY L 89 50.02 12.24 -53.34
CA GLY L 89 49.60 12.35 -54.72
C GLY L 89 48.10 12.34 -54.88
N VAL L 90 47.38 12.78 -53.85
CA VAL L 90 45.92 12.80 -53.88
C VAL L 90 45.44 14.15 -53.39
N THR L 91 46.06 14.64 -52.33
CA THR L 91 45.68 15.89 -51.68
C THR L 91 46.49 17.04 -52.23
N LEU L 92 45.86 18.21 -52.28
CA LEU L 92 46.51 19.42 -52.74
C LEU L 92 46.46 20.43 -51.61
N GLU L 93 47.59 21.00 -51.27
CA GLU L 93 47.65 21.99 -50.21
C GLU L 93 48.05 23.35 -50.75
N TYR L 94 47.36 24.38 -50.30
CA TYR L 94 47.69 25.72 -50.72
C TYR L 94 49.12 26.05 -50.32
N ASN L 95 49.76 26.90 -51.09
CA ASN L 95 51.15 27.20 -50.79
C ASN L 95 51.25 28.63 -50.29
N PRO L 96 51.72 28.82 -49.06
CA PRO L 96 51.85 30.16 -48.52
C PRO L 96 52.91 30.95 -49.24
N TYR L 97 53.75 30.28 -50.02
CA TYR L 97 54.85 30.91 -50.73
C TYR L 97 54.63 30.86 -52.24
N ALA L 98 53.37 30.74 -52.67
CA ALA L 98 53.08 30.67 -54.10
C ALA L 98 53.31 32.01 -54.78
N TRP L 99 53.82 31.95 -56.01
CA TRP L 99 54.00 33.15 -56.81
C TRP L 99 52.68 33.82 -57.17
N ASN L 100 51.61 33.07 -57.19
CA ASN L 100 50.31 33.63 -57.52
C ASN L 100 49.73 34.45 -56.42
N LEU L 101 50.46 34.73 -55.34
CA LEU L 101 49.92 35.60 -54.31
C LEU L 101 49.90 37.06 -54.76
N ILE L 102 50.79 37.46 -55.66
CA ILE L 102 50.84 38.86 -56.07
C ILE L 102 50.86 39.04 -57.58
N ALA L 103 50.67 37.96 -58.34
CA ALA L 103 50.70 38.10 -59.78
C ALA L 103 49.80 37.07 -60.44
N ASN L 104 49.44 37.37 -61.69
CA ASN L 104 48.63 36.47 -62.53
C ASN L 104 49.64 35.66 -63.33
N VAL L 105 49.76 34.37 -63.02
CA VAL L 105 50.77 33.53 -63.66
C VAL L 105 50.14 32.63 -64.71
N LEU L 106 50.73 32.62 -65.89
CA LEU L 106 50.28 31.82 -67.02
C LEU L 106 51.35 30.77 -67.30
N TYR L 107 51.05 29.51 -67.03
CA TYR L 107 51.98 28.41 -67.28
C TYR L 107 51.70 27.81 -68.64
N ILE L 108 52.74 27.64 -69.46
CA ILE L 108 52.56 27.14 -70.82
C ILE L 108 53.40 25.89 -71.04
N GLU L 109 52.76 24.77 -71.31
CA GLU L 109 53.48 23.55 -71.69
C GLU L 109 53.91 23.67 -73.15
N SER L 110 55.18 23.94 -73.39
CA SER L 110 55.71 24.11 -74.73
C SER L 110 57.04 23.39 -74.86
N PRO L 111 57.36 22.87 -76.06
CA PRO L 111 56.58 22.92 -77.29
C PRO L 111 55.49 21.84 -77.36
N ALA L 112 54.90 21.68 -78.54
CA ALA L 112 53.86 20.69 -78.74
C ALA L 112 54.39 19.29 -78.44
N GLY L 113 53.55 18.48 -77.79
CA GLY L 113 53.91 17.14 -77.43
C GLY L 113 54.34 16.99 -75.98
N VAL L 114 54.68 18.10 -75.34
CA VAL L 114 55.08 18.13 -73.94
C VAL L 114 53.85 18.25 -73.07
N GLY L 115 53.65 17.31 -72.16
CA GLY L 115 52.51 17.38 -71.29
C GLY L 115 51.21 17.11 -72.02
N PHE L 116 50.33 18.09 -72.07
CA PHE L 116 49.06 17.96 -72.78
C PHE L 116 49.05 18.68 -74.12
N SER L 117 50.20 19.15 -74.57
CA SER L 117 50.30 19.80 -75.86
C SER L 117 50.36 18.72 -76.93
N TYR L 118 49.94 19.07 -78.14
CA TYR L 118 49.91 18.08 -79.21
C TYR L 118 49.80 18.79 -80.55
N SER L 119 49.73 17.99 -81.61
CA SER L 119 49.58 18.49 -82.96
C SER L 119 48.79 17.48 -83.79
N ASP L 120 48.03 18.01 -84.75
CA ASP L 120 47.23 17.15 -85.62
C ASP L 120 48.10 16.09 -86.29
N ASP L 121 49.20 16.52 -86.89
CA ASP L 121 50.12 15.60 -87.55
C ASP L 121 50.91 14.74 -86.57
N LYS L 122 50.90 15.08 -85.28
CA LYS L 122 51.61 14.34 -84.25
C LYS L 122 53.12 14.32 -84.50
N MET L 123 53.64 15.40 -85.09
CA MET L 123 55.06 15.51 -85.38
C MET L 123 55.73 16.16 -84.17
N TYR L 124 56.13 15.32 -83.21
CA TYR L 124 56.75 15.84 -81.99
C TYR L 124 58.13 16.45 -82.25
N VAL L 125 58.78 16.08 -83.35
CA VAL L 125 60.08 16.66 -83.66
C VAL L 125 59.93 18.15 -83.93
N THR L 126 60.90 18.93 -83.47
CA THR L 126 60.87 20.38 -83.63
C THR L 126 62.27 20.93 -83.41
N ASN L 127 62.37 22.25 -83.32
CA ASN L 127 63.66 22.93 -83.15
C ASN L 127 63.42 24.29 -82.52
N ASP L 128 64.53 24.94 -82.14
CA ASP L 128 64.48 26.23 -81.46
C ASP L 128 63.60 27.25 -82.18
N THR L 129 63.76 27.38 -83.50
CA THR L 129 62.98 28.37 -84.23
C THR L 129 61.50 28.04 -84.22
N GLU L 130 61.15 26.77 -84.46
CA GLU L 130 59.75 26.38 -84.43
C GLU L 130 59.15 26.59 -83.04
N VAL L 131 59.90 26.25 -81.99
CA VAL L 131 59.39 26.43 -80.64
C VAL L 131 59.16 27.91 -80.35
N ALA L 132 60.08 28.76 -80.80
CA ALA L 132 59.93 30.19 -80.57
C ALA L 132 58.72 30.74 -81.32
N GLU L 133 58.53 30.34 -82.57
CA GLU L 133 57.38 30.80 -83.32
C GLU L 133 56.08 30.31 -82.70
N ASN L 134 56.05 29.05 -82.25
CA ASN L 134 54.86 28.52 -81.60
C ASN L 134 54.55 29.25 -80.31
N ASN L 135 55.58 29.57 -79.53
CA ASN L 135 55.38 30.34 -78.30
C ASN L 135 54.81 31.72 -78.61
N TYR L 136 55.35 32.37 -79.65
CA TYR L 136 54.85 33.70 -80.00
C TYR L 136 53.40 33.63 -80.45
N GLU L 137 53.05 32.63 -81.26
CA GLU L 137 51.67 32.49 -81.70
C GLU L 137 50.75 32.16 -80.53
N ALA L 138 51.24 31.40 -79.56
CA ALA L 138 50.44 31.09 -78.38
C ALA L 138 50.21 32.34 -77.56
N LEU L 139 51.23 33.19 -77.41
CA LEU L 139 51.05 34.42 -76.66
C LEU L 139 50.04 35.32 -77.35
N LYS L 140 50.10 35.42 -78.67
CA LYS L 140 49.11 36.20 -79.41
C LYS L 140 47.71 35.66 -79.19
N ASP L 141 47.55 34.34 -79.29
CA ASP L 141 46.24 33.76 -79.04
C ASP L 141 45.78 34.06 -77.63
N PHE L 142 46.66 33.89 -76.65
CA PHE L 142 46.33 34.20 -75.26
C PHE L 142 45.78 35.61 -75.13
N PHE L 143 46.48 36.58 -75.71
CA PHE L 143 46.03 37.96 -75.63
C PHE L 143 44.74 38.19 -76.39
N ARG L 144 44.41 37.30 -77.34
CA ARG L 144 43.14 37.42 -78.05
C ARG L 144 42.01 36.71 -77.33
N LEU L 145 42.33 35.74 -76.47
CA LEU L 145 41.37 35.02 -75.65
C LEU L 145 41.10 35.70 -74.33
N PHE L 146 42.07 36.45 -73.81
CA PHE L 146 41.94 37.18 -72.55
C PHE L 146 42.33 38.64 -72.81
N PRO L 147 41.54 39.34 -73.61
CA PRO L 147 41.86 40.74 -73.90
C PRO L 147 41.95 41.61 -72.66
N GLU L 148 41.28 41.24 -71.58
CA GLU L 148 41.30 42.07 -70.39
C GLU L 148 42.68 42.14 -69.74
N TYR L 149 43.59 41.21 -70.04
CA TYR L 149 44.91 41.27 -69.42
C TYR L 149 45.98 41.82 -70.35
N LYS L 150 45.61 42.30 -71.54
CA LYS L 150 46.62 42.85 -72.45
C LYS L 150 47.34 44.03 -71.82
N ASP L 151 46.62 44.84 -71.05
CA ASP L 151 47.20 46.04 -70.46
C ASP L 151 48.14 45.72 -69.30
N ASN L 152 47.92 44.61 -68.62
CA ASN L 152 48.72 44.24 -67.46
C ASN L 152 50.18 44.09 -67.85
N LYS L 153 51.07 44.54 -66.96
CA LYS L 153 52.50 44.43 -67.19
C LYS L 153 52.86 42.97 -67.40
N LEU L 154 53.59 42.69 -68.49
CA LEU L 154 53.96 41.33 -68.82
C LEU L 154 55.44 41.06 -68.56
N PHE L 155 55.71 39.89 -68.00
CA PHE L 155 57.05 39.41 -67.69
C PHE L 155 57.21 37.98 -68.19
N LEU L 156 58.35 37.68 -68.80
CA LEU L 156 58.63 36.33 -69.31
C LEU L 156 59.63 35.66 -68.38
N THR L 157 59.22 34.53 -67.78
CA THR L 157 60.03 33.78 -66.83
C THR L 157 60.07 32.31 -67.20
N GLY L 158 61.11 31.64 -66.73
CA GLY L 158 61.26 30.24 -67.01
C GLY L 158 62.46 29.68 -66.28
N GLU L 159 62.76 28.43 -66.58
CA GLU L 159 63.86 27.79 -65.86
C GLU L 159 64.59 26.80 -66.77
N SER L 160 65.88 26.63 -66.50
CA SER L 160 66.76 25.67 -67.15
C SER L 160 66.93 25.94 -68.63
N TYR L 161 66.39 25.04 -69.46
CA TYR L 161 66.48 25.20 -70.90
C TYR L 161 65.69 26.40 -71.38
N ALA L 162 64.73 26.86 -70.58
CA ALA L 162 63.98 28.06 -70.91
C ALA L 162 64.92 29.26 -70.92
N GLY L 163 66.20 29.03 -70.60
CA GLY L 163 67.16 30.10 -70.66
C GLY L 163 67.49 30.46 -72.09
N ILE L 164 67.22 29.55 -73.01
CA ILE L 164 67.36 29.76 -74.44
C ILE L 164 66.02 30.25 -74.98
N TYR L 165 64.97 29.46 -74.71
CA TYR L 165 63.61 29.79 -75.13
C TYR L 165 63.23 31.25 -74.86
N ILE L 166 63.30 31.66 -73.61
CA ILE L 166 62.89 32.99 -73.21
C ILE L 166 63.54 34.14 -73.96
N PRO L 167 64.87 34.26 -74.04
CA PRO L 167 65.40 35.43 -74.77
C PRO L 167 65.12 35.43 -76.27
N THR L 168 65.15 34.28 -76.93
CA THR L 168 64.82 34.27 -78.36
C THR L 168 63.37 34.68 -78.55
N LEU L 169 62.51 34.18 -77.68
CA LEU L 169 61.10 34.52 -77.73
C LEU L 169 60.95 35.99 -77.38
N ALA L 170 61.79 36.46 -76.46
CA ALA L 170 61.74 37.85 -76.07
C ALA L 170 62.01 38.74 -77.27
N VAL L 171 62.91 38.33 -78.16
CA VAL L 171 63.18 39.16 -79.33
C VAL L 171 61.90 39.28 -80.15
N LEU L 172 61.12 38.21 -80.18
CA LEU L 172 59.85 38.24 -80.89
C LEU L 172 58.90 39.14 -80.13
N VAL L 173 58.86 38.97 -78.81
CA VAL L 173 58.02 39.81 -77.99
C VAL L 173 58.40 41.28 -78.20
N MET L 174 59.69 41.55 -78.42
CA MET L 174 60.09 42.93 -78.62
C MET L 174 59.54 43.50 -79.92
N GLN L 175 59.16 42.66 -80.87
CA GLN L 175 58.59 43.11 -82.14
C GLN L 175 57.08 43.35 -82.07
N ASP L 176 56.42 43.01 -80.97
CA ASP L 176 54.98 43.23 -80.85
C ASP L 176 54.66 44.39 -79.92
N PRO L 177 54.26 45.54 -80.45
CA PRO L 177 53.92 46.68 -79.58
C PRO L 177 52.70 46.43 -78.71
N SER L 178 51.87 45.45 -79.05
CA SER L 178 50.67 45.16 -78.28
C SER L 178 50.97 44.47 -76.95
N MET L 179 52.13 43.85 -76.80
CA MET L 179 52.49 43.17 -75.56
C MET L 179 53.27 44.15 -74.69
N ASN L 180 52.78 44.39 -73.48
CA ASN L 180 53.37 45.33 -72.54
C ASN L 180 54.55 44.72 -71.78
N LEU L 181 55.57 44.34 -72.55
CA LEU L 181 56.77 43.76 -71.96
C LEU L 181 57.42 44.78 -71.03
N GLN L 182 57.50 44.44 -69.75
CA GLN L 182 58.09 45.31 -68.75
C GLN L 182 59.44 44.83 -68.25
N GLY L 183 59.70 43.54 -68.32
CA GLY L 183 60.96 43.00 -67.85
C GLY L 183 60.99 41.51 -68.08
N LEU L 184 62.12 40.91 -67.69
CA LEU L 184 62.26 39.48 -67.90
C LEU L 184 63.14 38.89 -66.80
N ALA L 185 62.85 37.64 -66.44
CA ALA L 185 63.62 36.96 -65.42
C ALA L 185 63.82 35.50 -65.80
N VAL L 186 65.06 35.02 -65.67
CA VAL L 186 65.39 33.65 -66.04
C VAL L 186 66.10 33.00 -64.86
N GLY L 187 65.58 31.85 -64.43
CA GLY L 187 66.17 31.12 -63.32
C GLY L 187 67.05 29.99 -63.81
N ASN L 188 68.28 29.97 -63.31
CA ASN L 188 69.29 28.98 -63.66
C ASN L 188 69.28 28.61 -65.14
N GLY L 189 69.41 29.61 -65.99
CA GLY L 189 69.36 29.37 -67.42
C GLY L 189 70.73 29.03 -67.99
N LEU L 190 70.72 28.31 -69.11
CA LEU L 190 71.96 27.94 -69.79
C LEU L 190 72.30 29.06 -70.75
N ALA L 191 73.12 29.99 -70.28
CA ALA L 191 73.47 31.15 -71.11
C ALA L 191 74.44 30.78 -72.21
N SER L 192 75.31 29.79 -71.97
CA SER L 192 76.38 29.47 -72.89
C SER L 192 76.89 28.08 -72.57
N TYR L 193 76.84 27.17 -73.55
CA TYR L 193 77.32 25.83 -73.30
C TYR L 193 78.81 25.85 -72.96
N GLU L 194 79.56 26.74 -73.60
CA GLU L 194 80.98 26.83 -73.32
C GLU L 194 81.22 27.34 -71.91
N GLN L 195 80.57 28.45 -71.57
CA GLN L 195 80.72 29.03 -70.23
C GLN L 195 80.14 28.09 -69.18
N ASN L 196 79.14 27.29 -69.55
CA ASN L 196 78.54 26.36 -68.60
C ASN L 196 79.48 25.19 -68.35
N ASP L 197 80.00 24.57 -69.41
CA ASP L 197 80.90 23.44 -69.24
C ASP L 197 82.16 23.86 -68.48
N ASN L 198 82.70 25.03 -68.79
CA ASN L 198 83.89 25.48 -68.09
C ASN L 198 83.58 25.70 -66.62
N SER L 199 82.56 26.51 -66.32
CA SER L 199 82.21 26.74 -64.93
C SER L 199 81.87 25.43 -64.21
N LEU L 200 81.29 24.47 -64.93
CA LEU L 200 80.97 23.19 -64.32
C LEU L 200 82.21 22.44 -63.90
N VAL L 201 83.24 22.43 -64.77
CA VAL L 201 84.47 21.76 -64.42
C VAL L 201 85.10 22.40 -63.21
N TYR L 202 85.11 23.73 -63.18
CA TYR L 202 85.64 24.41 -62.00
C TYR L 202 84.82 24.06 -60.76
N PHE L 203 83.50 24.17 -60.86
CA PHE L 203 82.61 23.82 -59.76
C PHE L 203 82.95 22.45 -59.22
N ALA L 204 83.06 21.48 -60.12
CA ALA L 204 83.35 20.11 -59.74
C ALA L 204 84.66 20.00 -58.97
N TYR L 205 85.71 20.69 -59.44
CA TYR L 205 86.97 20.62 -58.71
C TYR L 205 86.85 21.27 -57.33
N TYR L 206 86.31 22.48 -57.29
CA TYR L 206 86.22 23.21 -56.02
C TYR L 206 85.15 22.64 -55.08
N HIS L 207 84.31 21.73 -55.56
CA HIS L 207 83.30 21.09 -54.71
C HIS L 207 83.68 19.66 -54.38
N GLY L 208 84.94 19.30 -54.61
CA GLY L 208 85.44 17.98 -54.26
C GLY L 208 84.93 16.86 -55.12
N LEU L 209 84.58 17.16 -56.36
CA LEU L 209 84.04 16.13 -57.23
C LEU L 209 85.09 15.53 -58.15
N LEU L 210 86.18 16.24 -58.41
CA LEU L 210 87.22 15.79 -59.34
C LEU L 210 88.42 15.14 -58.66
N GLY L 211 89.04 15.84 -57.73
CA GLY L 211 90.25 15.34 -57.09
C GLY L 211 91.50 15.96 -57.70
N ASN L 212 92.59 15.94 -56.92
CA ASN L 212 93.80 16.59 -57.41
C ASN L 212 94.42 15.84 -58.59
N ARG L 213 94.25 14.52 -58.66
CA ARG L 213 94.81 13.80 -59.80
C ARG L 213 94.11 14.22 -61.07
N LEU L 214 92.77 14.22 -61.02
CA LEU L 214 91.97 14.62 -62.16
C LEU L 214 92.20 16.08 -62.49
N TRP L 215 92.20 16.94 -61.47
CA TRP L 215 92.43 18.36 -61.68
C TRP L 215 93.75 18.60 -62.39
N THR L 216 94.81 17.94 -61.95
CA THR L 216 96.12 18.11 -62.58
C THR L 216 96.08 17.65 -64.04
N SER L 217 95.48 16.48 -64.28
CA SER L 217 95.39 16.00 -65.66
C SER L 217 94.57 16.95 -66.52
N LEU L 218 93.48 17.48 -65.98
CA LEU L 218 92.64 18.42 -66.72
C LEU L 218 93.43 19.66 -67.09
N GLN L 219 94.15 20.23 -66.13
CA GLN L 219 94.94 21.42 -66.43
C GLN L 219 96.01 21.12 -67.47
N THR L 220 96.57 19.92 -67.43
CA THR L 220 97.63 19.56 -68.36
C THR L 220 97.12 19.34 -69.79
N HIS L 221 96.02 18.61 -69.95
CA HIS L 221 95.50 18.26 -71.26
C HIS L 221 94.40 19.16 -71.83
N CYS L 222 93.81 20.06 -71.04
CA CYS L 222 92.72 20.88 -71.56
C CYS L 222 92.92 22.38 -71.48
N CYS L 223 94.01 22.87 -70.89
CA CYS L 223 94.18 24.30 -70.74
C CYS L 223 95.47 24.83 -71.37
N ALA L 224 95.38 26.07 -71.83
CA ALA L 224 96.52 26.95 -72.07
C ALA L 224 96.93 27.48 -70.70
N GLN L 225 97.73 28.55 -70.61
CA GLN L 225 98.22 28.88 -69.28
C GLN L 225 97.01 29.25 -68.42
N ASN L 226 96.50 30.48 -68.45
CA ASN L 226 95.30 30.71 -67.67
C ASN L 226 94.03 30.47 -68.48
N LYS L 227 94.13 29.79 -69.63
CA LYS L 227 92.98 29.51 -70.48
C LYS L 227 92.65 28.02 -70.47
N CYS L 228 91.40 27.68 -70.15
CA CYS L 228 90.97 26.29 -70.20
C CYS L 228 89.92 26.13 -71.28
N ASN L 229 89.98 25.03 -72.02
CA ASN L 229 88.99 24.73 -73.05
C ASN L 229 88.27 23.43 -72.72
N PHE L 230 87.09 23.54 -72.14
CA PHE L 230 86.29 22.37 -71.78
C PHE L 230 85.07 22.23 -72.70
N TYR L 231 85.02 23.04 -73.76
CA TYR L 231 83.90 23.07 -74.70
C TYR L 231 84.11 22.18 -75.93
N ASP L 232 85.17 22.43 -76.69
CA ASP L 232 85.47 21.66 -77.89
C ASP L 232 86.91 21.19 -77.94
N ASN L 233 87.46 20.82 -76.78
CA ASN L 233 88.83 20.35 -76.73
C ASN L 233 88.91 18.96 -77.35
N LYS L 234 89.94 18.75 -78.16
CA LYS L 234 90.14 17.48 -78.85
C LYS L 234 91.23 16.61 -78.25
N ASP L 235 92.05 17.15 -77.35
CA ASP L 235 93.12 16.37 -76.74
C ASP L 235 92.56 15.05 -76.21
N PRO L 236 93.15 13.91 -76.59
CA PRO L 236 92.55 12.61 -76.24
C PRO L 236 92.37 12.39 -74.76
N GLU L 237 93.45 12.47 -73.98
CA GLU L 237 93.29 12.24 -72.55
C GLU L 237 92.43 13.32 -71.92
N CYS L 238 92.36 14.50 -72.53
CA CYS L 238 91.50 15.54 -72.00
C CYS L 238 90.05 15.10 -72.13
N VAL L 239 89.70 14.57 -73.30
CA VAL L 239 88.35 14.09 -73.55
C VAL L 239 88.03 12.92 -72.63
N ASN L 240 89.01 12.06 -72.39
CA ASN L 240 88.79 10.95 -71.46
C ASN L 240 88.50 11.47 -70.05
N ASN L 241 89.25 12.47 -69.61
CA ASN L 241 89.00 13.05 -68.29
C ASN L 241 87.60 13.67 -68.22
N LEU L 242 87.20 14.35 -69.30
CA LEU L 242 85.87 14.95 -69.32
C LEU L 242 84.78 13.88 -69.30
N LEU L 243 85.02 12.77 -70.01
CA LEU L 243 84.07 11.66 -69.97
C LEU L 243 83.94 11.09 -68.57
N GLU L 244 85.07 10.97 -67.86
CA GLU L 244 84.99 10.53 -66.47
C GLU L 244 84.21 11.50 -65.62
N VAL L 245 84.43 12.81 -65.83
CA VAL L 245 83.68 13.83 -65.10
C VAL L 245 82.19 13.66 -65.33
N SER L 246 81.80 13.46 -66.59
CA SER L 246 80.38 13.31 -66.90
C SER L 246 79.82 12.02 -66.31
N ARG L 247 80.61 10.95 -66.31
CA ARG L 247 80.18 9.72 -65.64
C ARG L 247 79.90 9.97 -64.17
N ILE L 248 80.79 10.71 -63.51
CA ILE L 248 80.63 10.99 -62.08
C ILE L 248 79.41 11.84 -61.84
N VAL L 249 79.19 12.85 -62.68
CA VAL L 249 78.04 13.73 -62.48
C VAL L 249 76.73 13.01 -62.78
N GLY L 250 76.69 12.21 -63.83
CA GLY L 250 75.47 11.53 -64.18
C GLY L 250 75.16 10.31 -63.33
N LYS L 251 76.01 9.29 -63.39
CA LYS L 251 75.65 8.01 -62.81
C LYS L 251 76.61 7.53 -61.72
N SER L 252 76.97 8.41 -60.80
CA SER L 252 77.68 7.98 -59.61
C SER L 252 76.87 8.17 -58.33
N GLY L 253 75.68 8.75 -58.42
CA GLY L 253 74.84 8.97 -57.26
C GLY L 253 74.61 10.41 -56.87
N LEU L 254 75.23 11.38 -57.52
CA LEU L 254 74.98 12.76 -57.16
C LEU L 254 73.70 13.27 -57.82
N ASN L 255 73.08 14.24 -57.16
CA ASN L 255 71.87 14.88 -57.67
C ASN L 255 72.30 16.14 -58.42
N ILE L 256 72.28 16.10 -59.76
CA ILE L 256 72.69 17.26 -60.53
C ILE L 256 71.84 18.48 -60.23
N TYR L 257 70.65 18.30 -59.65
CA TYR L 257 69.82 19.45 -59.35
C TYR L 257 70.05 20.02 -57.96
N ASN L 258 70.68 19.27 -57.06
CA ASN L 258 70.91 19.77 -55.70
C ASN L 258 71.97 18.88 -55.07
N LEU L 259 73.22 19.35 -55.09
CA LEU L 259 74.34 18.58 -54.55
C LEU L 259 74.07 18.11 -53.12
N TYR L 260 73.47 18.97 -52.32
CA TYR L 260 73.21 18.74 -50.90
C TYR L 260 71.85 18.15 -50.62
N ALA L 261 71.23 17.48 -51.57
CA ALA L 261 69.93 16.90 -51.30
C ALA L 261 69.91 15.40 -51.56
N PRO L 262 68.96 14.68 -50.98
CA PRO L 262 68.86 13.25 -51.19
C PRO L 262 68.40 12.90 -52.60
N CYS L 263 68.65 11.65 -52.96
CA CYS L 263 68.28 11.10 -54.25
C CYS L 263 67.04 10.24 -54.09
N ALA L 264 65.97 10.62 -54.77
CA ALA L 264 64.70 9.89 -54.75
C ALA L 264 64.87 8.47 -55.25
N GLY L 265 64.69 7.51 -54.34
CA GLY L 265 64.83 6.09 -54.60
C GLY L 265 66.22 5.60 -54.92
N GLY L 266 67.18 6.47 -55.18
CA GLY L 266 68.51 5.99 -55.51
C GLY L 266 68.76 5.65 -56.96
N VAL L 267 69.82 6.22 -57.51
CA VAL L 267 70.24 5.97 -58.89
C VAL L 267 71.38 4.95 -58.99
N PRO L 268 72.39 4.93 -58.11
CA PRO L 268 73.44 3.92 -58.24
C PRO L 268 73.06 2.52 -57.80
N GLY L 269 71.79 2.29 -57.45
CA GLY L 269 71.34 0.93 -57.17
C GLY L 269 70.98 0.21 -58.45
N ARG L 270 69.85 -0.50 -58.44
CA ARG L 270 69.36 -1.10 -59.67
C ARG L 270 68.87 -0.02 -60.62
N HIS L 271 69.10 -0.24 -61.92
CA HIS L 271 68.72 0.76 -62.92
C HIS L 271 67.22 0.99 -62.92
N ARG L 272 66.44 -0.08 -63.03
CA ARG L 272 64.98 0.01 -62.97
C ARG L 272 64.43 -1.21 -62.25
N TYR L 273 63.23 -1.06 -61.72
CA TYR L 273 62.55 -2.13 -61.00
C TYR L 273 61.43 -2.77 -61.81
N GLU L 274 61.01 -2.14 -62.90
CA GLU L 274 59.95 -2.65 -63.76
C GLU L 274 60.44 -2.48 -65.20
N ASP L 275 59.56 -2.66 -66.18
CA ASP L 275 59.92 -2.52 -67.58
C ASP L 275 59.79 -1.07 -68.06
N THR L 276 59.94 -0.10 -67.17
CA THR L 276 59.89 1.31 -67.50
C THR L 276 61.28 1.89 -67.26
N LEU L 277 61.88 2.45 -68.30
CA LEU L 277 63.24 2.98 -68.23
C LEU L 277 63.19 4.48 -67.98
N VAL L 278 64.00 4.96 -67.03
CA VAL L 278 64.04 6.36 -66.66
C VAL L 278 65.33 6.96 -67.18
N VAL L 279 65.19 7.94 -68.07
CA VAL L 279 66.31 8.65 -68.67
C VAL L 279 66.40 10.02 -68.02
N GLN L 280 67.62 10.47 -67.73
CA GLN L 280 67.80 11.74 -67.04
C GLN L 280 68.82 12.62 -67.75
N ASP L 281 69.04 12.38 -69.04
CA ASP L 281 69.98 13.17 -69.83
C ASP L 281 69.15 14.06 -70.76
N PHE L 282 69.18 15.36 -70.50
CA PHE L 282 68.51 16.32 -71.37
C PHE L 282 69.34 16.65 -72.59
N GLY L 283 70.51 16.03 -72.72
CA GLY L 283 71.41 16.21 -73.86
C GLY L 283 71.83 17.62 -74.13
N ASN L 284 71.94 18.45 -73.09
CA ASN L 284 72.33 19.84 -73.25
C ASN L 284 73.72 20.11 -72.70
N ILE L 285 74.32 19.12 -72.05
CA ILE L 285 75.60 19.25 -71.37
C ILE L 285 76.61 18.34 -72.07
N PHE L 286 77.82 18.86 -72.29
CA PHE L 286 78.87 18.08 -72.93
C PHE L 286 78.47 17.61 -74.32
N THR L 287 77.68 18.43 -75.02
CA THR L 287 77.18 18.08 -76.34
C THR L 287 78.29 17.92 -77.37
N ARG L 288 79.39 18.66 -77.22
CA ARG L 288 80.48 18.57 -78.19
C ARG L 288 81.48 17.48 -77.87
N LEU L 289 81.25 16.73 -76.79
CA LEU L 289 82.08 15.63 -76.31
C LEU L 289 81.55 14.31 -76.86
N PRO L 290 82.42 13.40 -77.29
CA PRO L 290 81.91 12.12 -77.82
C PRO L 290 81.43 11.19 -76.72
N LEU L 291 80.11 11.13 -76.60
CA LEU L 291 79.42 10.31 -75.62
C LEU L 291 79.33 8.87 -76.10
N LYS L 292 79.00 7.98 -75.17
CA LYS L 292 78.81 6.57 -75.51
C LYS L 292 77.33 6.36 -75.82
N ARG L 293 77.06 5.65 -76.91
CA ARG L 293 75.69 5.41 -77.35
C ARG L 293 75.09 4.28 -76.53
N ARG L 294 74.70 4.63 -75.29
CA ARG L 294 73.96 3.71 -74.45
C ARG L 294 72.48 3.65 -74.81
N PHE L 295 71.99 4.62 -75.57
CA PHE L 295 70.61 4.56 -76.05
C PHE L 295 70.35 3.35 -76.95
N PRO L 296 71.20 3.03 -77.94
CA PRO L 296 71.00 1.77 -78.68
C PRO L 296 71.09 0.54 -77.80
N GLU L 297 71.85 0.60 -76.69
CA GLU L 297 71.94 -0.53 -75.78
C GLU L 297 70.58 -0.87 -75.18
N ALA L 298 69.75 0.13 -74.94
CA ALA L 298 68.40 -0.11 -74.42
C ALA L 298 67.57 -0.85 -75.46
N LEU L 299 66.79 -1.82 -74.99
CA LEU L 299 65.95 -2.62 -75.87
C LEU L 299 65.00 -1.74 -76.69
N MET L 300 64.94 -2.01 -77.99
CA MET L 300 64.04 -1.30 -78.90
C MET L 300 62.80 -2.11 -79.22
N ARG L 301 62.58 -3.22 -78.52
CA ARG L 301 61.48 -4.11 -78.83
C ARG L 301 60.13 -3.46 -78.51
N SER L 302 59.09 -3.95 -79.17
CA SER L 302 57.75 -3.41 -78.97
C SER L 302 57.32 -3.55 -77.52
N GLY L 303 56.60 -2.54 -77.03
CA GLY L 303 56.12 -2.50 -75.67
C GLY L 303 57.12 -2.05 -74.63
N ASP L 304 58.29 -1.57 -75.04
CA ASP L 304 59.31 -1.08 -74.11
C ASP L 304 58.98 0.39 -73.84
N LYS L 305 58.26 0.65 -72.75
CA LYS L 305 57.92 2.01 -72.41
C LYS L 305 59.11 2.74 -71.81
N VAL L 306 59.33 3.97 -72.28
CA VAL L 306 60.43 4.81 -71.85
C VAL L 306 59.85 6.16 -71.45
N ARG L 307 60.36 6.73 -70.36
CA ARG L 307 59.93 8.06 -69.95
C ARG L 307 61.13 8.86 -69.49
N LEU L 308 61.02 10.18 -69.65
CA LEU L 308 62.07 11.11 -69.25
C LEU L 308 61.67 11.77 -67.94
N ASP L 309 62.47 11.56 -66.91
CA ASP L 309 62.26 12.17 -65.62
C ASP L 309 63.57 12.79 -65.17
N PRO L 310 63.54 13.83 -64.33
CA PRO L 310 64.79 14.42 -63.87
C PRO L 310 65.54 13.47 -62.96
N PRO L 311 66.86 13.55 -62.92
CA PRO L 311 67.65 12.67 -62.06
C PRO L 311 67.33 12.85 -60.59
N CYS L 312 67.04 11.73 -59.92
CA CYS L 312 66.76 11.71 -58.48
C CYS L 312 65.52 12.53 -58.12
N THR L 313 64.57 12.68 -59.03
CA THR L 313 63.36 13.45 -58.81
C THR L 313 62.20 12.47 -58.91
N ASN L 314 61.32 12.45 -57.92
CA ASN L 314 60.19 11.54 -57.98
C ASN L 314 58.98 12.27 -58.54
N THR L 315 58.69 12.04 -59.81
CA THR L 315 57.60 12.64 -60.56
C THR L 315 56.27 11.93 -60.35
N THR L 316 56.24 10.85 -59.56
CA THR L 316 55.03 10.07 -59.36
C THR L 316 53.81 10.93 -58.97
N ALA L 317 53.91 11.64 -57.85
CA ALA L 317 52.83 12.51 -57.38
C ALA L 317 52.22 13.38 -58.48
N PRO L 318 53.00 14.25 -59.14
CA PRO L 318 52.39 15.11 -60.17
C PRO L 318 51.72 14.32 -61.28
N SER L 319 52.32 13.21 -61.69
CA SER L 319 51.71 12.40 -62.73
C SER L 319 50.37 11.84 -62.26
N ASN L 320 50.37 11.21 -61.08
CA ASN L 320 49.14 10.62 -60.56
C ASN L 320 48.07 11.67 -60.37
N TYR L 321 48.45 12.92 -60.16
CA TYR L 321 47.43 13.95 -60.09
C TYR L 321 46.90 14.33 -61.46
N LEU L 322 47.78 14.75 -62.37
CA LEU L 322 47.33 15.17 -63.69
C LEU L 322 46.68 14.04 -64.47
N ASN L 323 47.10 12.80 -64.22
CA ASN L 323 46.56 11.62 -64.90
C ASN L 323 45.32 11.08 -64.22
N ASN L 324 44.81 11.77 -63.20
CA ASN L 324 43.61 11.30 -62.52
C ASN L 324 42.40 11.67 -63.35
N PRO L 325 41.60 10.69 -63.78
CA PRO L 325 40.40 10.96 -64.60
C PRO L 325 39.58 12.17 -64.18
N TYR L 326 39.30 12.35 -62.89
CA TYR L 326 38.50 13.50 -62.51
C TYR L 326 39.25 14.81 -62.73
N VAL L 327 40.56 14.81 -62.57
CA VAL L 327 41.32 16.03 -62.80
C VAL L 327 41.44 16.29 -64.30
N ARG L 328 41.72 15.24 -65.07
CA ARG L 328 41.80 15.41 -66.51
C ARG L 328 40.49 15.92 -67.06
N LYS L 329 39.37 15.39 -66.57
CA LYS L 329 38.06 15.84 -67.00
C LYS L 329 37.88 17.32 -66.66
N ALA L 330 38.04 17.65 -65.38
CA ALA L 330 37.89 19.03 -64.93
C ALA L 330 38.77 19.98 -65.75
N LEU L 331 39.99 19.55 -66.08
CA LEU L 331 40.91 20.40 -66.82
C LEU L 331 40.70 20.36 -68.31
N HIS L 332 39.54 19.87 -68.78
CA HIS L 332 39.17 19.98 -70.18
C HIS L 332 40.23 19.36 -71.10
N ILE L 333 40.79 18.24 -70.69
CA ILE L 333 41.85 17.57 -71.45
C ILE L 333 41.22 16.44 -72.26
N PRO L 334 41.31 16.46 -73.59
CA PRO L 334 40.74 15.39 -74.41
C PRO L 334 41.17 14.00 -73.97
N GLU L 335 40.19 13.14 -73.67
CA GLU L 335 40.47 11.78 -73.21
C GLU L 335 41.38 11.02 -74.19
N SER L 336 41.48 11.46 -75.43
CA SER L 336 42.29 10.75 -76.42
C SER L 336 43.76 10.73 -76.03
N LEU L 337 44.28 11.85 -75.53
CA LEU L 337 45.72 11.98 -75.32
C LEU L 337 46.21 10.95 -74.29
N PRO L 338 47.37 10.35 -74.50
CA PRO L 338 47.89 9.35 -73.56
C PRO L 338 48.39 9.92 -72.23
N ARG L 339 49.01 9.05 -71.43
CA ARG L 339 49.44 9.35 -70.07
C ARG L 339 50.33 10.58 -70.00
N TRP L 340 50.45 11.16 -68.81
CA TRP L 340 51.15 12.42 -68.60
C TRP L 340 52.48 12.19 -67.91
N ASP L 341 53.51 12.87 -68.38
CA ASP L 341 54.85 12.86 -67.79
C ASP L 341 55.38 14.27 -67.70
N MET L 342 56.23 14.51 -66.70
CA MET L 342 56.82 15.84 -66.53
C MET L 342 57.71 16.21 -67.69
N CYS L 343 58.41 15.23 -68.27
CA CYS L 343 59.28 15.46 -69.42
C CYS L 343 58.96 14.38 -70.43
N ASN L 344 59.02 14.71 -71.72
CA ASN L 344 58.81 13.73 -72.78
C ASN L 344 60.13 13.28 -73.39
N PHE L 345 60.46 11.99 -73.19
CA PHE L 345 61.68 11.41 -73.73
C PHE L 345 61.80 11.66 -75.24
N LEU L 346 60.79 11.21 -75.98
CA LEU L 346 60.75 11.36 -77.44
C LEU L 346 60.96 12.81 -77.87
N VAL L 347 60.35 13.77 -77.17
CA VAL L 347 60.55 15.17 -77.52
C VAL L 347 62.01 15.55 -77.41
N ASN L 348 62.65 15.17 -76.29
CA ASN L 348 64.06 15.47 -76.09
C ASN L 348 64.91 14.82 -77.18
N LEU L 349 64.68 13.52 -77.40
CA LEU L 349 65.42 12.78 -78.42
C LEU L 349 65.30 13.43 -79.80
N GLN L 350 64.11 13.90 -80.15
CA GLN L 350 63.93 14.49 -81.48
C GLN L 350 64.15 15.99 -81.48
N TYR L 351 64.48 16.58 -80.33
CA TYR L 351 64.71 18.01 -80.29
C TYR L 351 65.95 18.37 -81.08
N ARG L 352 65.91 19.52 -81.75
CA ARG L 352 67.05 20.00 -82.52
C ARG L 352 67.51 21.32 -81.93
N ARG L 353 68.67 21.31 -81.28
CA ARG L 353 69.24 22.53 -80.73
C ARG L 353 69.85 23.35 -81.85
N LEU L 354 69.60 24.65 -81.83
CA LEU L 354 70.08 25.52 -82.89
C LEU L 354 70.99 26.64 -82.38
N TYR L 355 70.65 27.24 -81.25
CA TYR L 355 71.44 28.31 -80.70
C TYR L 355 72.67 27.79 -79.97
N GLN L 356 73.78 28.50 -80.13
CA GLN L 356 75.02 28.16 -79.43
C GLN L 356 75.16 28.94 -78.13
N SER L 357 75.18 30.27 -78.22
CA SER L 357 75.26 31.11 -77.04
C SER L 357 74.13 32.12 -77.07
N MET L 358 73.85 32.70 -75.91
CA MET L 358 72.78 33.68 -75.77
C MET L 358 73.28 35.11 -75.92
N ASN L 359 74.54 35.28 -76.34
CA ASN L 359 75.13 36.62 -76.47
C ASN L 359 74.27 37.55 -77.33
N SER L 360 73.92 37.11 -78.54
CA SER L 360 73.13 37.94 -79.44
C SER L 360 71.77 38.30 -78.86
N GLN L 361 71.12 37.33 -78.21
CA GLN L 361 69.81 37.57 -77.63
C GLN L 361 69.88 38.62 -76.52
N TYR L 362 70.86 38.47 -75.63
CA TYR L 362 71.00 39.43 -74.55
C TYR L 362 71.41 40.80 -75.07
N LEU L 363 72.22 40.85 -76.13
CA LEU L 363 72.58 42.14 -76.70
C LEU L 363 71.36 42.81 -77.29
N LYS L 364 70.50 42.01 -77.92
CA LYS L 364 69.27 42.55 -78.50
C LYS L 364 68.36 43.08 -77.41
N LEU L 365 68.28 42.38 -76.29
CA LEU L 365 67.42 42.85 -75.19
C LEU L 365 68.03 44.07 -74.49
N LEU L 366 69.36 44.14 -74.39
CA LEU L 366 70.00 45.25 -73.71
C LEU L 366 70.01 46.52 -74.55
N SER L 367 69.97 46.39 -75.88
CA SER L 367 70.01 47.56 -76.73
C SER L 367 68.83 48.50 -76.53
N SER L 368 67.64 47.96 -76.21
CA SER L 368 66.51 48.86 -76.00
C SER L 368 66.62 49.63 -74.69
N GLN L 369 67.23 49.03 -73.67
CA GLN L 369 67.42 49.64 -72.36
C GLN L 369 66.10 50.06 -71.72
N LYS L 370 65.01 49.36 -72.03
CA LYS L 370 63.71 49.68 -71.44
C LYS L 370 63.21 48.64 -70.46
N TYR L 371 63.70 47.42 -70.54
CA TYR L 371 63.25 46.31 -69.71
C TYR L 371 64.20 46.01 -68.57
N GLN L 372 63.62 45.59 -67.46
CA GLN L 372 64.35 45.21 -66.25
C GLN L 372 64.51 43.70 -66.31
N ILE L 373 65.76 43.24 -66.36
CA ILE L 373 66.05 41.83 -66.47
C ILE L 373 66.90 41.36 -65.29
N LEU L 374 66.55 40.17 -64.79
CA LEU L 374 67.21 39.54 -63.66
C LEU L 374 67.37 38.05 -63.92
N LEU L 375 68.59 37.57 -63.70
CA LEU L 375 68.95 36.17 -63.80
C LEU L 375 69.33 35.70 -62.41
N TYR L 376 68.67 34.65 -61.93
CA TYR L 376 68.92 34.15 -60.59
C TYR L 376 69.26 32.68 -60.69
N ASN L 377 70.26 32.28 -59.91
CA ASN L 377 70.76 30.91 -59.94
C ASN L 377 70.89 30.33 -58.54
N GLY L 378 70.45 29.09 -58.41
CA GLY L 378 70.61 28.35 -57.17
C GLY L 378 72.05 27.89 -57.05
N ASP L 379 72.67 28.19 -55.93
CA ASP L 379 74.10 27.87 -55.77
C ASP L 379 74.41 26.39 -55.59
N VAL L 380 73.49 25.43 -55.68
CA VAL L 380 73.83 24.03 -55.54
C VAL L 380 73.49 23.24 -56.79
N ASP L 381 73.16 23.93 -57.87
CA ASP L 381 72.86 23.30 -59.14
C ASP L 381 74.12 23.07 -59.97
N MET L 382 74.11 22.00 -60.75
CA MET L 382 75.21 21.67 -61.64
C MET L 382 74.77 21.66 -63.09
N ALA L 383 73.47 21.70 -63.36
CA ALA L 383 73.00 21.72 -64.74
C ALA L 383 73.21 23.09 -65.35
N CYS L 384 73.00 24.14 -64.56
CA CYS L 384 73.21 25.52 -64.97
C CYS L 384 73.78 26.30 -63.79
N ASN L 385 74.93 25.84 -63.30
CA ASN L 385 75.59 26.43 -62.14
C ASN L 385 75.64 27.95 -62.22
N PHE L 386 75.58 28.59 -61.04
CA PHE L 386 75.57 30.05 -60.93
C PHE L 386 76.82 30.68 -61.53
N MET L 387 77.94 29.98 -61.53
CA MET L 387 79.19 30.58 -62.01
C MET L 387 79.13 30.84 -63.50
N GLY L 388 78.69 29.85 -64.27
CA GLY L 388 78.55 30.05 -65.71
C GLY L 388 77.67 31.24 -66.06
N ASP L 389 76.61 31.47 -65.29
CA ASP L 389 75.76 32.61 -65.62
C ASP L 389 76.36 33.91 -65.12
N GLU L 390 77.19 33.85 -64.08
CA GLU L 390 77.79 35.11 -63.66
C GLU L 390 78.90 35.48 -64.63
N TRP L 391 79.60 34.46 -65.15
CA TRP L 391 80.63 34.73 -66.13
C TRP L 391 80.00 35.31 -67.37
N PHE L 392 78.95 34.67 -67.88
CA PHE L 392 78.25 35.18 -69.05
C PHE L 392 77.93 36.65 -68.87
N VAL L 393 77.20 36.97 -67.78
CA VAL L 393 76.79 38.34 -67.53
C VAL L 393 77.99 39.27 -67.42
N ASP L 394 79.11 38.78 -66.89
CA ASP L 394 80.28 39.66 -66.80
C ASP L 394 80.85 39.87 -68.19
N SER L 395 80.78 38.84 -69.03
CA SER L 395 81.26 38.90 -70.39
C SER L 395 80.39 39.82 -71.23
N LEU L 396 79.23 40.21 -70.70
CA LEU L 396 78.38 41.12 -71.45
C LEU L 396 78.94 42.53 -71.45
N ASN L 397 79.92 42.82 -70.59
CA ASN L 397 80.60 44.11 -70.49
C ASN L 397 79.63 45.29 -70.37
N GLN L 398 78.76 45.24 -69.38
CA GLN L 398 77.80 46.33 -69.20
C GLN L 398 78.31 47.30 -68.13
N LYS L 399 77.65 48.45 -68.05
CA LYS L 399 78.02 49.43 -67.04
C LYS L 399 77.61 48.96 -65.66
N MET L 400 78.55 48.93 -64.73
CA MET L 400 78.23 48.49 -63.38
C MET L 400 77.48 49.58 -62.65
N GLU L 401 76.36 49.23 -62.02
CA GLU L 401 75.59 50.20 -61.25
C GLU L 401 75.76 50.05 -59.75
N VAL L 402 76.06 48.83 -59.29
CA VAL L 402 76.24 48.53 -57.87
C VAL L 402 77.23 47.38 -57.78
N GLN L 403 78.26 47.55 -56.96
CA GLN L 403 79.23 46.47 -56.77
C GLN L 403 78.57 45.32 -56.03
N ARG L 404 78.93 44.09 -56.45
CA ARG L 404 78.39 42.86 -55.88
C ARG L 404 78.33 42.91 -54.36
N ARG L 405 77.23 42.42 -53.81
CA ARG L 405 77.00 42.42 -52.38
C ARG L 405 75.92 41.42 -52.07
N PRO L 406 75.75 41.02 -50.81
CA PRO L 406 74.71 40.07 -50.47
C PRO L 406 73.39 40.76 -50.19
N TRP L 407 72.32 39.99 -50.33
CA TRP L 407 70.97 40.48 -50.07
C TRP L 407 70.33 39.64 -48.97
N LEU L 408 69.50 40.29 -48.17
CA LEU L 408 68.88 39.69 -47.01
C LEU L 408 67.37 39.50 -47.15
N VAL L 409 66.87 38.57 -46.33
CA VAL L 409 65.47 38.20 -46.25
C VAL L 409 65.19 37.88 -44.80
N ASP L 410 64.02 38.30 -44.32
CA ASP L 410 63.64 38.14 -42.93
C ASP L 410 62.57 37.07 -42.81
N TYR L 411 62.77 36.12 -41.90
CA TYR L 411 61.78 35.10 -41.62
C TYR L 411 61.14 35.37 -40.28
N GLY L 412 59.88 34.94 -40.14
CA GLY L 412 59.13 35.05 -38.91
C GLY L 412 59.99 35.00 -37.66
N GLU L 413 60.04 36.11 -36.91
CA GLU L 413 60.74 36.19 -35.64
C GLU L 413 62.05 35.41 -35.62
N SER L 414 62.83 35.46 -36.70
CA SER L 414 64.09 34.73 -36.71
C SER L 414 65.26 35.54 -37.26
N GLY L 415 65.16 36.87 -37.20
CA GLY L 415 66.21 37.75 -37.68
C GLY L 415 66.47 37.75 -39.18
N GLU L 416 67.35 38.66 -39.60
CA GLU L 416 67.73 38.76 -41.00
C GLU L 416 68.66 37.61 -41.39
N GLN L 417 68.52 37.14 -42.63
CA GLN L 417 69.33 36.04 -43.12
C GLN L 417 69.81 36.38 -44.52
N VAL L 418 70.93 35.78 -44.91
CA VAL L 418 71.47 35.99 -46.24
C VAL L 418 70.77 35.05 -47.21
N ALA L 419 70.30 35.60 -48.33
CA ALA L 419 69.70 34.77 -49.36
C ALA L 419 70.57 34.61 -50.59
N GLY L 420 71.59 35.44 -50.77
CA GLY L 420 72.47 35.32 -51.92
C GLY L 420 73.25 36.60 -52.13
N PHE L 421 73.82 36.72 -53.33
CA PHE L 421 74.58 37.88 -53.75
C PHE L 421 73.96 38.47 -54.99
N VAL L 422 74.07 39.78 -55.16
CA VAL L 422 73.48 40.46 -56.31
C VAL L 422 74.47 41.42 -56.97
N LYS L 423 74.54 41.35 -58.30
CA LYS L 423 75.33 42.22 -59.14
C LYS L 423 74.34 43.01 -59.98
N GLU L 424 74.39 44.34 -59.91
CA GLU L 424 73.47 45.17 -60.69
C GLU L 424 74.22 46.01 -61.72
N CYS L 425 73.92 45.78 -62.99
CA CYS L 425 74.20 46.69 -64.08
C CYS L 425 72.88 47.25 -64.59
N SER L 426 72.93 48.40 -65.24
CA SER L 426 71.70 49.08 -65.59
C SER L 426 70.86 48.21 -66.50
N HIS L 427 69.65 47.88 -66.04
CA HIS L 427 68.62 47.09 -66.70
C HIS L 427 68.89 45.59 -66.65
N ILE L 428 70.04 45.13 -66.13
CA ILE L 428 70.28 43.70 -66.02
C ILE L 428 71.03 43.37 -64.73
N THR L 429 70.56 42.33 -64.05
CA THR L 429 71.07 41.98 -62.74
C THR L 429 71.27 40.47 -62.63
N PHE L 430 72.29 40.10 -61.89
CA PHE L 430 72.59 38.71 -61.56
C PHE L 430 72.40 38.49 -60.07
N LEU L 431 71.82 37.36 -59.69
CA LEU L 431 71.54 37.10 -58.30
C LEU L 431 71.66 35.62 -58.01
N THR L 432 72.16 35.30 -56.83
CA THR L 432 72.28 33.92 -56.39
C THR L 432 71.29 33.69 -55.27
N ILE L 433 70.82 32.45 -55.15
CA ILE L 433 69.93 32.06 -54.06
C ILE L 433 70.66 30.99 -53.28
N LYS L 434 71.13 31.37 -52.10
CA LYS L 434 71.90 30.46 -51.25
C LYS L 434 71.03 29.31 -50.76
N GLY L 435 71.47 28.08 -51.04
CA GLY L 435 70.75 26.90 -50.62
C GLY L 435 69.73 26.34 -51.59
N ALA L 436 69.49 27.00 -52.72
CA ALA L 436 68.51 26.49 -53.66
C ALA L 436 69.15 25.73 -54.80
N GLY L 437 68.45 24.70 -55.26
CA GLY L 437 68.87 23.89 -56.39
C GLY L 437 68.21 24.31 -57.68
N HIS L 438 68.05 23.34 -58.59
CA HIS L 438 67.45 23.63 -59.89
C HIS L 438 66.05 24.18 -59.73
N MET L 439 65.30 23.63 -58.77
CA MET L 439 63.94 24.05 -58.49
C MET L 439 63.95 24.91 -57.23
N VAL L 440 64.44 26.13 -57.42
CA VAL L 440 64.59 27.13 -56.38
C VAL L 440 63.35 27.22 -55.49
N PRO L 441 62.13 27.26 -56.04
CA PRO L 441 60.98 27.35 -55.16
C PRO L 441 60.83 26.17 -54.22
N THR L 442 61.24 24.97 -54.64
CA THR L 442 61.14 23.83 -53.75
C THR L 442 62.13 23.90 -52.59
N ASP L 443 63.33 24.43 -52.82
CA ASP L 443 64.31 24.45 -51.74
C ASP L 443 64.19 25.67 -50.86
N LYS L 444 63.95 26.85 -51.44
CA LYS L 444 63.82 28.10 -50.68
C LYS L 444 62.55 28.78 -51.12
N PRO L 445 61.40 28.27 -50.72
CA PRO L 445 60.13 28.89 -51.11
C PRO L 445 60.04 30.36 -50.75
N ARG L 446 60.20 30.67 -49.47
CA ARG L 446 59.97 32.04 -49.01
C ARG L 446 60.98 33.00 -49.62
N ALA L 447 62.25 32.61 -49.66
CA ALA L 447 63.24 33.49 -50.28
C ALA L 447 62.91 33.71 -51.75
N ALA L 448 62.49 32.64 -52.43
CA ALA L 448 62.11 32.76 -53.83
C ALA L 448 60.97 33.75 -53.99
N PHE L 449 60.02 33.72 -53.07
CA PHE L 449 58.89 34.63 -53.16
C PHE L 449 59.33 36.06 -52.90
N THR L 450 60.18 36.28 -51.91
CA THR L 450 60.60 37.66 -51.64
C THR L 450 61.38 38.23 -52.81
N MET L 451 62.28 37.45 -53.40
CA MET L 451 63.02 37.93 -54.56
C MET L 451 62.10 38.18 -55.75
N PHE L 452 61.18 37.25 -55.99
CA PHE L 452 60.25 37.41 -57.10
C PHE L 452 59.42 38.68 -56.92
N SER L 453 58.88 38.87 -55.71
CA SER L 453 58.09 40.05 -55.41
C SER L 453 58.88 41.33 -55.62
N ARG L 454 60.12 41.39 -55.14
CA ARG L 454 60.86 42.63 -55.36
C ARG L 454 61.23 42.82 -56.82
N PHE L 455 61.40 41.72 -57.57
CA PHE L 455 61.68 41.85 -58.99
C PHE L 455 60.48 42.43 -59.71
N LEU L 456 59.36 41.72 -59.64
CA LEU L 456 58.12 42.15 -60.29
C LEU L 456 57.79 43.59 -59.94
N ASN L 457 57.89 43.95 -58.66
CA ASN L 457 57.55 45.30 -58.24
C ASN L 457 58.69 46.28 -58.51
N LYS L 458 59.79 45.81 -59.09
CA LYS L 458 60.96 46.62 -59.41
C LYS L 458 61.51 47.36 -58.20
N GLU L 459 61.17 46.90 -57.01
CA GLU L 459 61.71 47.52 -55.82
C GLU L 459 63.17 47.12 -55.69
N PRO L 460 64.10 48.08 -55.69
CA PRO L 460 65.52 47.73 -55.56
C PRO L 460 65.77 47.01 -54.24
N TYR L 461 66.69 46.06 -54.27
CA TYR L 461 67.01 45.27 -53.09
C TYR L 461 67.74 46.13 -52.07
#